data_6QCM
#
_entry.id   6QCM
#
_cell.length_a   1.00
_cell.length_b   1.00
_cell.length_c   1.00
_cell.angle_alpha   90.00
_cell.angle_beta   90.00
_cell.angle_gamma   90.00
#
_symmetry.space_group_name_H-M   'P 1'
#
loop_
_entity.id
_entity.type
_entity.pdbx_description
1 polymer 'RsbR protein'
2 polymer 'RsbR protein'
3 polymer 'RsbS protein'
4 polymer 'RsbR protein,RsbR protein'
5 polymer 'RsbR protein'
#
loop_
_entity_poly.entity_id
_entity_poly.type
_entity_poly.pdbx_seq_one_letter_code
_entity_poly.pdbx_strand_id
1 'polypeptide(L)'
;SALQELSAPLLPIFEKISVMPLIGTIDTERAKLIIENLLIGVVKNRSEVVLIDITGVPVVDTMVAHHIIQASEAVRLVGC
QAMLVGIRPEIAQTIVNLGIELDQIITTNTMKKGMERALALTNREIVE
;
AB,BC,DC,EB,FA,FB,FC,GC,HC,IC,K,KB,L,LB,M,OB,P,PB,Q,SB,T,TB,U,UB,V,VB,W,X,Y,Z
2 'polypeptide(L)'
;KSALQELSAPLLPIFEKISVMPLIGTIDTERAKLIIENLLIGVVKNRSEVVLIDITGVPVVDTMVAHHIIQASEAVRLVG
CQAMLVGIRPEIAQTIVNLGIELDQIITTNTMKKGMERALALTNREIVE
;
CB,DB,E,F,GB,IB
3 'polypeptide(L)'
;MGIPILKLGECLLISIQSELDDHTAVEFQEDLLAKIHETSARGVVIDITSIDFIDSFIAKILGDVVSMSKLMGAKVVVTG
IQPAVAITLIELGITFSGVLSAMDLESGLEKLKQELGE
;
A,B,C,D,I,J,N,O,R,S,a,b,c,d,e,f,g,h,i,j
4 'polypeptide(L)'
;EKTVSIQKSALQELSAPLLPIFEKISVMPLIGTIDTERAKLIIENLLIGVVKNRSEVVLIDITGVPVVDTMVAHHIIQAS
EAVRLVGCQAMLVGIRPEQIITTNTMKKGMERALALTNREIVE
;
AD
5 'polypeptide(L)'
;EKTVSIQKSALQELSAPLLPIFEKISVMPLIGTIDTERAKLIIENLLIGVVKNRSEVVLIDITGVPVVDTMVAHHIIQAS
EAVRLVGCQAMLVGIRPEIAQTIVNLGIELDQIITTNTMKKGMERALALTNREIVE
;
CD,FD,HD
#
# COMPACT_ATOMS: atom_id res chain seq x y z
N SER A 1 25.69 11.90 -76.27
CA SER A 1 24.83 12.68 -75.38
C SER A 1 23.38 12.28 -75.53
N ALA A 2 23.14 10.99 -75.79
CA ALA A 2 21.78 10.46 -75.95
C ALA A 2 21.23 9.94 -74.62
N LEU A 3 21.33 10.77 -73.58
CA LEU A 3 20.92 10.44 -72.22
C LEU A 3 20.84 11.73 -71.42
N GLN A 4 19.75 11.93 -70.67
CA GLN A 4 19.70 13.12 -69.84
C GLN A 4 20.44 12.89 -68.52
N GLU A 5 19.86 12.09 -67.63
CA GLU A 5 20.43 11.72 -66.33
C GLU A 5 19.71 10.46 -65.84
N LEU A 6 20.03 10.06 -64.60
CA LEU A 6 19.32 9.11 -63.75
C LEU A 6 20.02 9.07 -62.39
N SER A 7 19.28 8.63 -61.37
CA SER A 7 19.82 8.28 -60.06
C SER A 7 18.84 7.30 -59.43
N ALA A 8 19.25 6.68 -58.31
CA ALA A 8 18.46 5.58 -57.76
C ALA A 8 18.74 5.24 -56.30
N PRO A 9 18.04 5.85 -55.35
CA PRO A 9 18.08 5.36 -53.96
C PRO A 9 17.06 4.28 -53.65
N LEU A 10 16.18 3.96 -54.60
CA LEU A 10 15.36 2.76 -54.72
C LEU A 10 14.20 2.62 -53.72
N LEU A 11 14.15 3.40 -52.64
CA LEU A 11 12.90 3.33 -51.90
C LEU A 11 11.93 4.40 -52.45
N PRO A 12 12.33 5.72 -52.55
CA PRO A 12 11.87 6.49 -53.71
C PRO A 12 12.94 6.45 -54.79
N ILE A 13 12.75 7.18 -55.88
CA ILE A 13 13.80 7.30 -56.88
C ILE A 13 13.76 8.68 -57.54
N PHE A 14 14.84 9.44 -57.46
CA PHE A 14 14.84 10.77 -58.04
C PHE A 14 15.76 10.82 -59.26
N GLU A 15 15.73 11.98 -59.92
CA GLU A 15 16.29 12.13 -61.26
C GLU A 15 16.45 13.62 -61.54
N LYS A 16 17.68 14.04 -61.83
CA LYS A 16 17.99 15.43 -62.14
C LYS A 16 17.77 15.65 -63.63
N ILE A 17 17.51 16.89 -64.02
CA ILE A 17 17.36 17.25 -65.43
C ILE A 17 18.13 18.54 -65.68
N SER A 18 19.03 18.52 -66.66
CA SER A 18 19.74 19.70 -67.13
C SER A 18 19.06 20.22 -68.41
N VAL A 19 19.63 21.28 -68.97
CA VAL A 19 18.96 22.07 -70.00
C VAL A 19 18.86 21.28 -71.30
N MET A 20 17.63 21.09 -71.78
CA MET A 20 17.34 20.44 -73.06
C MET A 20 16.72 21.42 -74.03
N PRO A 21 17.53 22.07 -74.89
CA PRO A 21 16.99 23.03 -75.87
C PRO A 21 16.50 22.38 -77.15
N LEU A 22 15.71 21.30 -77.03
CA LEU A 22 15.32 20.50 -78.17
C LEU A 22 14.13 19.62 -77.80
N ILE A 23 13.29 19.34 -78.79
CA ILE A 23 12.26 18.33 -78.62
C ILE A 23 12.81 16.94 -78.90
N GLY A 24 13.98 16.87 -79.53
CA GLY A 24 14.60 15.60 -79.89
C GLY A 24 15.05 14.75 -78.72
N THR A 25 15.12 15.32 -77.52
CA THR A 25 15.36 14.52 -76.31
C THR A 25 14.01 14.09 -75.73
N ILE A 26 13.36 13.17 -76.46
CA ILE A 26 12.18 12.48 -75.95
C ILE A 26 12.57 11.32 -75.04
N ASP A 27 13.88 11.03 -74.94
CA ASP A 27 14.39 9.97 -74.08
C ASP A 27 14.59 10.43 -72.64
N THR A 28 13.99 11.56 -72.25
CA THR A 28 13.70 11.82 -70.85
C THR A 28 12.39 11.17 -70.42
N GLU A 29 11.65 10.62 -71.37
CA GLU A 29 10.39 9.92 -71.15
C GLU A 29 10.49 8.44 -71.40
N ARG A 30 11.18 8.04 -72.47
CA ARG A 30 11.36 6.62 -72.78
C ARG A 30 12.28 5.97 -71.76
N ALA A 31 13.39 6.61 -71.43
CA ALA A 31 14.38 5.99 -70.55
C ALA A 31 13.92 5.94 -69.11
N LYS A 32 13.05 6.86 -68.69
CA LYS A 32 12.59 6.86 -67.31
C LYS A 32 11.48 5.83 -67.10
N LEU A 33 10.54 5.75 -68.04
CA LEU A 33 9.45 4.78 -67.93
C LEU A 33 9.92 3.35 -68.11
N ILE A 34 11.09 3.11 -68.69
CA ILE A 34 11.63 1.76 -68.73
C ILE A 34 12.18 1.36 -67.37
N ILE A 35 12.86 2.29 -66.68
CA ILE A 35 13.40 1.97 -65.36
C ILE A 35 12.35 2.04 -64.27
N GLU A 36 11.16 2.57 -64.57
CA GLU A 36 10.10 2.68 -63.57
C GLU A 36 9.51 1.31 -63.22
N ASN A 37 9.63 0.34 -64.12
CA ASN A 37 9.22 -1.03 -63.80
C ASN A 37 10.39 -1.99 -63.64
N LEU A 38 11.58 -1.64 -64.17
CA LEU A 38 12.73 -2.52 -64.01
C LEU A 38 13.21 -2.56 -62.57
N LEU A 39 12.99 -1.48 -61.83
CA LEU A 39 12.99 -1.51 -60.38
C LEU A 39 11.62 -1.03 -59.93
N ILE A 40 11.23 -1.40 -58.71
CA ILE A 40 9.89 -1.07 -58.21
C ILE A 40 10.02 0.29 -57.55
N GLY A 41 9.95 1.34 -58.36
CA GLY A 41 9.91 2.69 -57.84
C GLY A 41 8.53 3.03 -57.30
N VAL A 42 8.51 4.03 -56.41
CA VAL A 42 7.27 4.51 -55.82
C VAL A 42 7.10 6.01 -56.05
N VAL A 43 8.09 6.81 -55.68
CA VAL A 43 8.07 8.25 -55.87
C VAL A 43 9.14 8.63 -56.87
N LYS A 44 8.73 9.32 -57.94
CA LYS A 44 9.65 9.84 -58.94
C LYS A 44 9.74 11.35 -58.77
N ASN A 45 10.94 11.90 -58.93
CA ASN A 45 11.14 13.33 -58.95
C ASN A 45 11.52 13.79 -60.35
N ARG A 46 11.50 15.10 -60.56
CA ARG A 46 11.88 15.68 -61.83
C ARG A 46 13.07 16.62 -61.72
N SER A 47 13.06 17.51 -60.71
CA SER A 47 14.19 18.36 -60.32
C SER A 47 14.67 19.25 -61.47
N GLU A 48 13.73 19.94 -62.11
CA GLU A 48 14.05 20.86 -63.19
C GLU A 48 14.37 22.26 -62.64
N VAL A 49 15.40 22.29 -61.79
CA VAL A 49 15.71 23.52 -61.06
C VAL A 49 16.42 24.54 -61.94
N VAL A 50 17.28 24.10 -62.85
CA VAL A 50 18.00 25.02 -63.74
C VAL A 50 17.64 24.65 -65.18
N LEU A 51 16.57 25.27 -65.67
CA LEU A 51 16.14 25.17 -67.06
C LEU A 51 15.53 26.48 -67.48
N ILE A 52 16.03 27.04 -68.58
CA ILE A 52 15.41 28.20 -69.20
C ILE A 52 15.58 28.08 -70.73
N ASP A 53 14.50 27.82 -71.46
CA ASP A 53 13.14 27.65 -70.95
C ASP A 53 12.46 26.46 -71.63
N ILE A 54 11.14 26.39 -71.49
CA ILE A 54 10.32 25.37 -72.11
C ILE A 54 9.27 26.08 -72.96
N THR A 55 9.23 25.76 -74.25
CA THR A 55 8.39 26.46 -75.20
C THR A 55 7.28 25.58 -75.77
N GLY A 56 7.62 24.46 -76.38
CA GLY A 56 6.62 23.59 -76.98
C GLY A 56 6.69 22.20 -76.42
N VAL A 57 7.46 22.02 -75.35
CA VAL A 57 7.58 20.73 -74.70
C VAL A 57 7.14 20.77 -73.22
N PRO A 58 5.91 21.30 -72.86
CA PRO A 58 5.32 20.78 -71.62
C PRO A 58 4.29 19.68 -71.87
N VAL A 59 3.90 19.50 -73.13
CA VAL A 59 2.95 18.44 -73.46
C VAL A 59 3.65 17.08 -73.44
N VAL A 60 4.98 17.07 -73.52
CA VAL A 60 5.74 15.90 -73.13
C VAL A 60 6.01 15.92 -71.63
N ASP A 61 6.34 17.10 -71.08
CA ASP A 61 6.83 17.17 -69.71
C ASP A 61 5.72 17.02 -68.68
N THR A 62 4.57 17.66 -68.88
CA THR A 62 3.50 17.51 -67.89
C THR A 62 2.75 16.21 -68.09
N MET A 63 2.67 15.71 -69.32
CA MET A 63 1.98 14.45 -69.54
C MET A 63 2.81 13.24 -69.13
N VAL A 64 4.14 13.36 -69.11
CA VAL A 64 4.95 12.32 -68.48
C VAL A 64 4.87 12.42 -66.96
N ALA A 65 4.41 13.55 -66.43
CA ALA A 65 4.05 13.63 -65.02
C ALA A 65 2.65 13.10 -64.73
N HIS A 66 2.00 12.50 -65.72
CA HIS A 66 0.79 11.72 -65.49
C HIS A 66 0.99 10.24 -65.78
N HIS A 67 1.97 9.88 -66.62
CA HIS A 67 2.18 8.48 -66.96
C HIS A 67 2.77 7.69 -65.80
N ILE A 68 3.52 8.34 -64.91
CA ILE A 68 4.08 7.64 -63.78
C ILE A 68 3.05 7.46 -62.68
N ILE A 69 1.93 8.19 -62.74
CA ILE A 69 0.81 7.89 -61.85
C ILE A 69 0.22 6.54 -62.18
N GLN A 70 -0.10 6.31 -63.46
CA GLN A 70 -0.65 5.03 -63.86
C GLN A 70 0.39 3.94 -63.97
N ALA A 71 1.68 4.28 -64.10
CA ALA A 71 2.70 3.24 -64.13
C ALA A 71 2.91 2.70 -62.73
N SER A 72 3.45 3.51 -61.82
CA SER A 72 3.44 3.13 -60.41
C SER A 72 2.65 4.11 -59.55
N GLU A 73 3.16 5.33 -59.33
CA GLU A 73 2.64 6.28 -58.36
C GLU A 73 3.43 7.59 -58.42
N ALA A 74 2.75 8.70 -58.10
CA ALA A 74 3.23 9.78 -57.24
C ALA A 74 4.53 10.41 -57.72
N VAL A 75 4.44 11.10 -58.85
CA VAL A 75 5.55 11.92 -59.32
C VAL A 75 5.37 13.33 -58.75
N ARG A 76 6.45 14.10 -58.71
CA ARG A 76 6.38 15.50 -58.34
C ARG A 76 7.42 16.30 -59.12
N LEU A 77 7.16 17.60 -59.25
CA LEU A 77 7.94 18.50 -60.09
C LEU A 77 8.73 19.44 -59.17
N VAL A 78 9.98 19.07 -58.90
CA VAL A 78 10.78 19.78 -57.90
C VAL A 78 11.37 21.04 -58.53
N GLY A 79 10.95 22.19 -58.02
CA GLY A 79 11.64 23.43 -58.29
C GLY A 79 11.50 24.02 -59.68
N CYS A 80 10.28 24.42 -60.04
CA CYS A 80 10.09 25.17 -61.28
C CYS A 80 10.70 26.56 -61.14
N GLN A 81 11.25 27.05 -62.25
CA GLN A 81 11.85 28.37 -62.28
C GLN A 81 10.76 29.45 -62.23
N ALA A 82 11.16 30.65 -61.82
CA ALA A 82 10.21 31.76 -61.75
C ALA A 82 9.80 32.25 -63.13
N MET A 83 10.68 32.13 -64.12
CA MET A 83 10.38 32.56 -65.48
C MET A 83 9.76 31.45 -66.32
N LEU A 84 10.21 30.20 -66.09
CA LEU A 84 9.71 29.05 -66.83
C LEU A 84 8.22 28.81 -66.60
N VAL A 85 7.74 29.11 -65.39
CA VAL A 85 6.31 28.97 -65.09
C VAL A 85 5.49 30.08 -65.72
N GLY A 86 6.14 31.13 -66.24
CA GLY A 86 5.46 32.30 -66.77
C GLY A 86 4.54 32.05 -67.95
N ILE A 87 4.69 30.91 -68.62
CA ILE A 87 3.82 30.53 -69.73
C ILE A 87 3.03 29.31 -69.26
N ARG A 88 1.83 29.54 -68.74
CA ARG A 88 0.89 28.47 -68.40
C ARG A 88 -0.48 28.74 -69.01
N PRO A 89 -0.70 28.35 -70.26
CA PRO A 89 -2.07 28.27 -70.79
C PRO A 89 -2.71 26.91 -70.65
N GLU A 90 -2.04 25.96 -70.00
CA GLU A 90 -2.57 24.60 -69.84
C GLU A 90 -2.23 24.04 -68.46
N GLN A 104 -4.36 18.64 -59.48
CA GLN A 104 -3.66 18.28 -60.69
C GLN A 104 -2.46 17.41 -60.31
N ILE A 105 -1.27 18.02 -60.21
CA ILE A 105 -0.08 17.33 -59.73
C ILE A 105 0.39 18.02 -58.45
N ILE A 106 1.35 17.37 -57.79
CA ILE A 106 1.94 17.87 -56.56
C ILE A 106 3.34 18.35 -56.86
N THR A 107 3.72 19.50 -56.30
CA THR A 107 5.03 20.08 -56.53
C THR A 107 5.63 20.55 -55.21
N THR A 108 6.82 21.13 -55.30
CA THR A 108 7.55 21.60 -54.13
C THR A 108 8.50 22.71 -54.57
N ASN A 109 9.40 23.11 -53.68
CA ASN A 109 10.33 24.21 -53.93
C ASN A 109 11.76 23.73 -54.11
N THR A 110 12.29 22.96 -53.16
CA THR A 110 13.65 22.45 -53.23
C THR A 110 13.63 20.93 -53.14
N MET A 111 14.81 20.33 -53.33
CA MET A 111 14.96 18.90 -53.16
C MET A 111 14.92 18.48 -51.71
N LYS A 112 15.05 19.43 -50.78
CA LYS A 112 15.08 19.08 -49.36
C LYS A 112 13.66 18.86 -48.81
N LYS A 113 12.82 19.89 -48.87
CA LYS A 113 11.49 19.78 -48.30
C LYS A 113 10.51 19.05 -49.20
N GLY A 114 10.88 18.77 -50.46
CA GLY A 114 10.08 17.90 -51.28
C GLY A 114 10.33 16.44 -51.00
N MET A 115 11.56 16.11 -50.59
CA MET A 115 11.87 14.74 -50.20
C MET A 115 11.18 14.37 -48.89
N GLU A 116 10.96 15.34 -48.00
CA GLU A 116 10.29 15.07 -46.74
C GLU A 116 8.82 14.71 -46.95
N ARG A 117 8.13 15.49 -47.78
CA ARG A 117 6.74 15.15 -48.11
C ARG A 117 6.64 13.97 -49.05
N ALA A 118 7.73 13.56 -49.70
CA ALA A 118 7.74 12.31 -50.44
C ALA A 118 7.66 11.12 -49.50
N LEU A 119 8.50 11.11 -48.46
CA LEU A 119 8.47 10.03 -47.49
C LEU A 119 7.24 10.09 -46.60
N ALA A 120 6.72 11.31 -46.35
CA ALA A 120 5.48 11.45 -45.61
C ALA A 120 4.29 10.96 -46.42
N LEU A 121 4.42 10.96 -47.75
CA LEU A 121 3.40 10.34 -48.58
C LEU A 121 3.49 8.82 -48.56
N THR A 122 4.70 8.28 -48.37
CA THR A 122 4.92 6.84 -48.35
C THR A 122 5.22 6.32 -46.94
N ASN A 123 4.57 6.95 -45.95
CA ASN A 123 4.57 6.61 -44.51
C ASN A 123 5.96 6.26 -43.95
N ARG A 124 6.94 7.09 -44.30
CA ARG A 124 8.29 6.98 -43.74
C ARG A 124 8.72 8.36 -43.24
N GLU A 125 9.68 8.36 -42.31
CA GLU A 125 10.09 9.58 -41.65
C GLU A 125 11.61 9.66 -41.60
N ILE A 126 12.11 10.88 -41.38
CA ILE A 126 13.52 11.12 -41.09
C ILE A 126 13.61 11.68 -39.68
N VAL A 127 13.82 10.79 -38.70
CA VAL A 127 13.87 11.15 -37.30
C VAL A 127 15.23 10.71 -36.75
N GLU A 128 15.88 11.59 -36.00
CA GLU A 128 17.16 11.28 -35.39
C GLU A 128 16.97 10.30 -34.24
N SER B 1 38.94 -32.43 -61.36
CA SER B 1 39.89 -33.52 -61.09
C SER B 1 39.69 -34.09 -59.69
N ALA B 2 40.73 -34.00 -58.86
CA ALA B 2 40.70 -34.55 -57.51
C ALA B 2 40.40 -33.44 -56.50
N LEU B 3 39.15 -32.98 -56.54
CA LEU B 3 38.70 -31.91 -55.65
C LEU B 3 37.18 -31.93 -55.56
N GLN B 4 36.66 -31.73 -54.34
CA GLN B 4 35.24 -31.59 -54.11
C GLN B 4 34.86 -30.45 -53.18
N GLU B 5 35.82 -29.88 -52.43
CA GLU B 5 35.68 -28.64 -51.67
C GLU B 5 34.59 -28.72 -50.59
N LEU B 6 34.83 -29.60 -49.62
CA LEU B 6 33.98 -29.72 -48.44
C LEU B 6 34.70 -29.20 -47.21
N SER B 7 33.99 -28.42 -46.40
CA SER B 7 34.40 -28.09 -45.03
C SER B 7 33.14 -27.76 -44.23
N ALA B 8 33.33 -27.17 -43.05
CA ALA B 8 32.23 -26.99 -42.09
C ALA B 8 32.16 -25.55 -41.61
N PRO B 9 31.26 -24.72 -42.17
CA PRO B 9 31.12 -23.34 -41.69
C PRO B 9 30.58 -23.25 -40.26
N LEU B 10 29.41 -23.80 -40.04
CA LEU B 10 28.83 -23.99 -38.72
C LEU B 10 29.09 -25.44 -38.30
N LEU B 11 28.37 -25.89 -37.26
CA LEU B 11 28.26 -27.32 -37.02
C LEU B 11 27.66 -28.11 -38.19
N PRO B 12 26.70 -27.59 -38.97
CA PRO B 12 26.45 -28.19 -40.29
C PRO B 12 27.62 -28.01 -41.24
N ILE B 13 27.51 -28.69 -42.38
CA ILE B 13 28.63 -28.83 -43.32
C ILE B 13 28.18 -28.37 -44.69
N PHE B 14 28.91 -27.42 -45.26
CA PHE B 14 28.60 -27.03 -46.64
C PHE B 14 29.24 -28.02 -47.60
N GLU B 15 28.69 -28.07 -48.81
CA GLU B 15 29.27 -28.86 -49.89
C GLU B 15 28.74 -28.28 -51.19
N LYS B 16 29.62 -28.03 -52.14
CA LYS B 16 29.25 -27.45 -53.42
C LYS B 16 29.59 -28.42 -54.53
N ILE B 17 28.61 -28.74 -55.35
CA ILE B 17 28.83 -29.52 -56.57
C ILE B 17 28.75 -28.54 -57.74
N SER B 18 29.91 -28.24 -58.33
CA SER B 18 30.01 -27.42 -59.52
C SER B 18 29.71 -28.26 -60.76
N VAL B 19 30.07 -27.77 -61.94
CA VAL B 19 29.78 -28.49 -63.17
C VAL B 19 30.68 -29.72 -63.23
N MET B 20 30.15 -30.85 -62.80
CA MET B 20 30.83 -32.15 -62.86
C MET B 20 29.88 -33.19 -63.43
N PRO B 21 29.54 -33.10 -64.73
CA PRO B 21 28.61 -34.08 -65.31
C PRO B 21 29.32 -35.33 -65.83
N LEU B 22 29.70 -36.22 -64.91
CA LEU B 22 30.45 -37.42 -65.27
C LEU B 22 30.19 -38.52 -64.26
N ILE B 23 30.12 -39.75 -64.75
CA ILE B 23 29.91 -40.92 -63.89
C ILE B 23 31.21 -41.41 -63.26
N GLY B 24 32.35 -40.91 -63.72
CA GLY B 24 33.63 -41.30 -63.15
C GLY B 24 33.85 -40.81 -61.73
N THR B 25 33.17 -39.75 -61.33
CA THR B 25 33.27 -39.23 -59.97
C THR B 25 32.25 -39.92 -59.08
N ILE B 26 32.54 -41.18 -58.77
CA ILE B 26 31.84 -41.88 -57.72
C ILE B 26 32.34 -41.37 -56.36
N ASP B 27 33.53 -40.76 -56.35
CA ASP B 27 34.20 -40.32 -55.12
C ASP B 27 33.46 -39.20 -54.40
N THR B 28 32.49 -38.54 -55.04
CA THR B 28 31.64 -37.60 -54.30
C THR B 28 30.71 -38.33 -53.32
N GLU B 29 30.50 -39.63 -53.51
CA GLU B 29 29.95 -40.50 -52.49
C GLU B 29 31.03 -41.00 -51.54
N ARG B 30 32.17 -41.39 -52.09
CA ARG B 30 33.22 -42.01 -51.28
C ARG B 30 33.92 -40.98 -50.40
N ALA B 31 34.55 -39.98 -51.02
CA ALA B 31 35.38 -39.03 -50.29
C ALA B 31 34.57 -38.03 -49.47
N LYS B 32 33.25 -38.04 -49.58
CA LYS B 32 32.44 -37.24 -48.67
C LYS B 32 32.14 -38.01 -47.39
N LEU B 33 31.85 -39.30 -47.51
CA LEU B 33 31.55 -40.12 -46.34
C LEU B 33 32.76 -40.32 -45.43
N ILE B 34 33.97 -40.38 -46.00
CA ILE B 34 35.16 -40.49 -45.17
C ILE B 34 35.38 -39.22 -44.38
N ILE B 35 35.16 -38.06 -45.01
CA ILE B 35 35.29 -36.78 -44.32
C ILE B 35 33.98 -36.39 -43.62
N GLU B 36 32.92 -37.20 -43.76
CA GLU B 36 31.72 -36.96 -42.99
C GLU B 36 31.96 -37.24 -41.50
N ASN B 37 32.37 -38.47 -41.18
CA ASN B 37 32.61 -38.86 -39.80
C ASN B 37 34.01 -38.48 -39.32
N LEU B 38 34.83 -37.87 -40.17
CA LEU B 38 36.13 -37.37 -39.73
C LEU B 38 35.97 -36.24 -38.72
N LEU B 39 34.92 -35.46 -38.83
CA LEU B 39 34.52 -34.50 -37.83
C LEU B 39 33.06 -34.77 -37.47
N ILE B 40 32.50 -33.93 -36.59
CA ILE B 40 31.11 -34.07 -36.19
C ILE B 40 30.25 -33.28 -37.19
N GLY B 41 29.71 -33.97 -38.17
CA GLY B 41 28.80 -33.36 -39.11
C GLY B 41 27.38 -33.83 -38.90
N VAL B 42 26.53 -32.97 -38.35
CA VAL B 42 25.17 -33.36 -38.06
C VAL B 42 24.32 -33.37 -39.33
N VAL B 43 24.13 -32.21 -39.94
CA VAL B 43 23.44 -32.14 -41.23
C VAL B 43 24.40 -31.52 -42.24
N LYS B 44 24.05 -31.67 -43.51
CA LYS B 44 24.86 -31.09 -44.58
C LYS B 44 23.99 -30.84 -45.79
N ASN B 45 24.50 -30.01 -46.69
CA ASN B 45 23.79 -29.59 -47.89
C ASN B 45 24.49 -30.12 -49.12
N ARG B 46 23.83 -29.98 -50.26
CA ARG B 46 24.35 -30.49 -51.53
C ARG B 46 24.63 -29.39 -52.54
N SER B 47 23.65 -28.52 -52.80
CA SER B 47 23.80 -27.29 -53.58
C SER B 47 24.27 -27.56 -55.01
N GLU B 48 23.42 -28.24 -55.77
CA GLU B 48 23.67 -28.44 -57.19
C GLU B 48 22.94 -27.35 -57.97
N VAL B 49 23.56 -26.17 -58.02
CA VAL B 49 22.90 -25.02 -58.61
C VAL B 49 22.86 -25.12 -60.13
N VAL B 50 23.94 -25.55 -60.76
CA VAL B 50 23.94 -25.77 -62.21
C VAL B 50 24.76 -27.00 -62.58
N LEU B 51 24.06 -28.08 -62.91
CA LEU B 51 24.75 -29.29 -63.36
C LEU B 51 23.96 -30.02 -64.46
N ILE B 52 23.06 -29.31 -65.13
CA ILE B 52 21.87 -29.80 -65.83
C ILE B 52 22.19 -30.89 -66.86
N ASP B 53 21.20 -31.74 -67.13
CA ASP B 53 21.30 -32.94 -67.98
C ASP B 53 22.34 -33.91 -67.41
N ILE B 54 22.00 -34.45 -66.24
CA ILE B 54 22.70 -35.59 -65.67
C ILE B 54 21.79 -36.81 -65.75
N THR B 55 22.33 -37.88 -66.35
CA THR B 55 21.68 -39.19 -66.48
C THR B 55 21.81 -39.97 -65.17
N GLY B 56 21.74 -41.30 -65.24
CA GLY B 56 21.56 -42.22 -64.13
C GLY B 56 22.32 -42.09 -62.82
N VAL B 57 23.15 -41.06 -62.69
CA VAL B 57 23.83 -40.59 -61.47
C VAL B 57 22.94 -40.61 -60.22
N PRO B 58 21.57 -40.39 -60.28
CA PRO B 58 20.71 -40.76 -59.15
C PRO B 58 20.84 -42.16 -58.56
N VAL B 59 21.38 -43.15 -59.29
CA VAL B 59 21.68 -44.43 -58.64
C VAL B 59 22.83 -44.26 -57.65
N VAL B 60 23.70 -43.29 -57.87
CA VAL B 60 24.61 -42.84 -56.83
C VAL B 60 23.98 -41.71 -56.00
N ASP B 61 23.44 -40.69 -56.66
CA ASP B 61 23.08 -39.44 -56.01
C ASP B 61 21.75 -39.49 -55.26
N THR B 62 21.10 -40.64 -55.15
CA THR B 62 20.01 -40.80 -54.21
C THR B 62 20.31 -41.80 -53.11
N MET B 63 21.11 -42.84 -53.42
CA MET B 63 21.61 -43.71 -52.36
C MET B 63 22.62 -43.00 -51.49
N VAL B 64 23.31 -41.99 -52.01
CA VAL B 64 24.15 -41.16 -51.16
C VAL B 64 23.29 -40.24 -50.30
N ALA B 65 22.05 -39.97 -50.70
CA ALA B 65 21.11 -39.26 -49.84
C ALA B 65 20.47 -40.17 -48.81
N HIS B 66 20.78 -41.47 -48.84
CA HIS B 66 20.30 -42.42 -47.84
C HIS B 66 21.38 -42.81 -46.85
N HIS B 67 22.66 -42.66 -47.21
CA HIS B 67 23.74 -43.01 -46.29
C HIS B 67 23.91 -41.95 -45.21
N ILE B 68 23.66 -40.68 -45.53
CA ILE B 68 23.79 -39.63 -44.53
C ILE B 68 22.68 -39.71 -43.50
N ILE B 69 21.55 -40.34 -43.84
CA ILE B 69 20.53 -40.62 -42.83
C ILE B 69 21.05 -41.64 -41.82
N GLN B 70 21.93 -42.54 -42.25
CA GLN B 70 22.43 -43.58 -41.35
C GLN B 70 23.66 -43.13 -40.58
N ALA B 71 24.66 -42.58 -41.26
CA ALA B 71 25.88 -42.19 -40.58
C ALA B 71 25.72 -40.91 -39.75
N SER B 72 24.71 -40.10 -40.04
CA SER B 72 24.52 -38.83 -39.36
C SER B 72 23.04 -38.49 -39.36
N GLU B 73 22.74 -37.20 -39.13
CA GLU B 73 21.39 -36.66 -39.24
C GLU B 73 21.17 -36.29 -40.72
N ALA B 74 19.98 -35.78 -41.05
CA ALA B 74 19.45 -35.73 -42.40
C ALA B 74 20.24 -34.78 -43.31
N VAL B 75 19.84 -34.77 -44.58
CA VAL B 75 20.58 -34.11 -45.65
C VAL B 75 19.58 -33.44 -46.56
N ARG B 76 19.99 -32.34 -47.18
CA ARG B 76 19.07 -31.48 -47.93
C ARG B 76 19.61 -31.21 -49.32
N LEU B 77 18.89 -31.68 -50.33
CA LEU B 77 19.16 -31.26 -51.69
C LEU B 77 18.78 -29.79 -51.84
N VAL B 78 19.68 -29.00 -52.41
CA VAL B 78 19.53 -27.55 -52.45
C VAL B 78 19.47 -27.09 -53.89
N GLY B 79 18.28 -26.70 -54.34
CA GLY B 79 18.13 -26.00 -55.61
C GLY B 79 18.36 -26.83 -56.85
N CYS B 80 17.48 -27.79 -57.11
CA CYS B 80 17.50 -28.50 -58.38
C CYS B 80 17.02 -27.60 -59.50
N GLN B 81 17.48 -27.87 -60.71
CA GLN B 81 17.11 -27.05 -61.86
C GLN B 81 15.79 -27.53 -62.44
N ALA B 82 15.38 -26.90 -63.54
CA ALA B 82 14.08 -27.23 -64.14
C ALA B 82 14.13 -28.57 -64.87
N MET B 83 15.13 -28.76 -65.73
CA MET B 83 15.24 -29.98 -66.50
C MET B 83 15.73 -31.16 -65.67
N LEU B 84 16.33 -30.89 -64.51
CA LEU B 84 16.79 -31.96 -63.63
C LEU B 84 15.61 -32.70 -63.03
N VAL B 85 14.58 -31.98 -62.58
CA VAL B 85 13.42 -32.62 -61.98
C VAL B 85 12.53 -33.26 -63.04
N GLY B 86 12.69 -32.87 -64.30
CA GLY B 86 12.04 -33.58 -65.39
C GLY B 86 12.55 -35.00 -65.58
N ILE B 87 13.74 -35.30 -65.07
CA ILE B 87 14.26 -36.68 -65.11
C ILE B 87 13.80 -37.34 -63.81
N ARG B 88 12.58 -37.87 -63.84
CA ARG B 88 12.06 -38.72 -62.78
C ARG B 88 11.54 -40.01 -63.41
N PRO B 89 12.42 -40.99 -63.62
CA PRO B 89 11.93 -42.30 -64.09
C PRO B 89 11.20 -43.06 -63.00
N GLU B 90 11.70 -42.99 -61.78
CA GLU B 90 11.08 -43.67 -60.64
C GLU B 90 10.39 -42.68 -59.73
N GLN B 104 10.16 -39.04 -47.91
CA GLN B 104 11.33 -39.30 -48.73
C GLN B 104 12.51 -38.45 -48.26
N ILE B 105 12.95 -37.52 -49.09
CA ILE B 105 14.06 -36.65 -48.77
C ILE B 105 13.54 -35.22 -48.69
N ILE B 106 14.29 -34.36 -48.00
CA ILE B 106 13.89 -32.98 -47.75
C ILE B 106 14.71 -32.05 -48.63
N THR B 107 14.04 -31.11 -49.28
CA THR B 107 14.65 -30.22 -50.25
C THR B 107 14.35 -28.76 -49.88
N THR B 108 14.89 -27.84 -50.67
CA THR B 108 14.75 -26.41 -50.43
C THR B 108 14.93 -25.68 -51.75
N ASN B 109 15.00 -24.35 -51.69
CA ASN B 109 15.09 -23.53 -52.89
C ASN B 109 16.50 -23.02 -53.16
N THR B 110 17.15 -22.40 -52.18
CA THR B 110 18.52 -21.94 -52.35
C THR B 110 19.25 -22.05 -51.02
N MET B 111 20.56 -21.86 -51.07
CA MET B 111 21.45 -22.21 -49.97
C MET B 111 21.38 -21.20 -48.82
N LYS B 112 20.72 -20.07 -49.01
CA LYS B 112 20.56 -19.13 -47.90
C LYS B 112 19.30 -19.36 -47.09
N LYS B 113 18.36 -20.16 -47.61
CA LYS B 113 17.20 -20.58 -46.83
C LYS B 113 17.22 -22.06 -46.47
N GLY B 114 17.91 -22.89 -47.24
CA GLY B 114 18.08 -24.27 -46.85
C GLY B 114 18.98 -24.42 -45.65
N MET B 115 20.00 -23.57 -45.55
CA MET B 115 20.84 -23.53 -44.35
C MET B 115 20.05 -23.04 -43.15
N GLU B 116 19.07 -22.14 -43.37
CA GLU B 116 18.29 -21.60 -42.27
C GLU B 116 17.36 -22.65 -41.68
N ARG B 117 16.73 -23.47 -42.53
CA ARG B 117 15.90 -24.55 -42.00
C ARG B 117 16.74 -25.71 -41.49
N ALA B 118 18.02 -25.78 -41.86
CA ALA B 118 18.92 -26.75 -41.26
C ALA B 118 19.23 -26.38 -39.82
N LEU B 119 19.45 -25.09 -39.56
CA LEU B 119 19.61 -24.62 -38.19
C LEU B 119 18.31 -24.70 -37.40
N ALA B 120 17.16 -24.66 -38.09
CA ALA B 120 15.89 -24.84 -37.41
C ALA B 120 15.69 -26.26 -36.92
N LEU B 121 16.37 -27.22 -37.53
CA LEU B 121 16.30 -28.60 -37.04
C LEU B 121 17.14 -28.77 -35.77
N THR B 122 18.38 -28.28 -35.80
CA THR B 122 19.27 -28.39 -34.65
C THR B 122 19.09 -27.25 -33.65
N ASN B 123 17.97 -26.51 -33.75
CA ASN B 123 17.50 -25.55 -32.75
C ASN B 123 18.47 -24.39 -32.54
N ARG B 124 18.73 -23.66 -33.63
CA ARG B 124 19.45 -22.40 -33.59
C ARG B 124 18.87 -21.46 -34.64
N GLU B 125 18.99 -20.16 -34.39
CA GLU B 125 18.48 -19.15 -35.30
C GLU B 125 19.39 -17.93 -35.26
N ILE B 126 19.31 -17.12 -36.30
CA ILE B 126 20.10 -15.90 -36.38
C ILE B 126 19.42 -14.82 -35.53
N VAL B 127 20.24 -14.08 -34.77
CA VAL B 127 19.74 -13.10 -33.80
C VAL B 127 20.31 -11.73 -34.14
N GLU B 128 19.41 -10.73 -34.19
CA GLU B 128 19.75 -9.30 -34.24
C GLU B 128 20.55 -8.89 -35.48
N LYS C 1 -3.03 56.42 -56.89
CA LYS C 1 -2.24 57.64 -56.84
C LYS C 1 -1.07 57.47 -55.88
N SER C 2 0.07 58.09 -56.22
CA SER C 2 1.31 57.92 -55.48
C SER C 2 1.44 58.87 -54.28
N ALA C 3 0.34 59.44 -53.79
CA ALA C 3 0.35 60.30 -52.62
C ALA C 3 -0.05 59.57 -51.35
N LEU C 4 0.19 58.26 -51.30
CA LEU C 4 -0.13 57.42 -50.15
C LEU C 4 1.00 56.42 -49.95
N GLN C 5 1.47 56.27 -48.72
CA GLN C 5 2.58 55.35 -48.54
C GLN C 5 2.11 53.91 -48.40
N GLU C 6 1.53 53.56 -47.24
CA GLU C 6 1.14 52.19 -46.91
C GLU C 6 0.25 52.23 -45.66
N LEU C 7 -0.22 51.05 -45.26
CA LEU C 7 -1.03 50.70 -44.09
C LEU C 7 -1.21 49.18 -44.13
N SER C 8 -1.44 48.59 -42.96
CA SER C 8 -1.87 47.19 -42.88
C SER C 8 -2.63 46.99 -41.58
N ALA C 9 -3.09 45.75 -41.34
CA ALA C 9 -3.94 45.49 -40.18
C ALA C 9 -4.00 44.03 -39.76
N PRO C 10 -3.01 43.49 -39.05
CA PRO C 10 -3.17 42.18 -38.39
C PRO C 10 -3.82 42.24 -37.02
N LEU C 11 -4.27 43.43 -36.62
CA LEU C 11 -5.31 43.74 -35.63
C LEU C 11 -4.97 43.56 -34.15
N LEU C 12 -3.94 42.79 -33.78
CA LEU C 12 -3.35 43.18 -32.49
C LEU C 12 -2.12 44.06 -32.72
N PRO C 13 -1.12 43.69 -33.59
CA PRO C 13 -0.15 44.71 -33.99
C PRO C 13 -0.57 45.41 -35.27
N ILE C 14 0.30 46.24 -35.82
CA ILE C 14 0.10 46.82 -37.14
C ILE C 14 1.45 47.04 -37.82
N PHE C 15 1.74 46.28 -38.87
CA PHE C 15 2.96 46.53 -39.61
C PHE C 15 2.69 47.43 -40.80
N GLU C 16 3.78 47.92 -41.38
CA GLU C 16 3.71 48.97 -42.39
C GLU C 16 5.01 48.98 -43.19
N LYS C 17 4.91 49.21 -44.49
CA LYS C 17 6.06 49.26 -45.38
C LYS C 17 6.40 50.72 -45.72
N ILE C 18 7.67 50.98 -46.02
CA ILE C 18 8.14 52.33 -46.33
C ILE C 18 9.13 52.23 -47.49
N SER C 19 8.86 52.96 -48.57
CA SER C 19 9.75 53.11 -49.70
C SER C 19 10.54 54.41 -49.57
N VAL C 20 11.26 54.79 -50.62
CA VAL C 20 12.12 55.96 -50.56
C VAL C 20 11.28 57.24 -50.71
N MET C 21 11.15 57.99 -49.61
CA MET C 21 10.41 59.25 -49.59
C MET C 21 11.12 60.23 -48.66
N PRO C 22 12.25 60.82 -49.09
CA PRO C 22 12.95 61.80 -48.24
C PRO C 22 12.52 63.23 -48.50
N LEU C 23 11.31 63.58 -48.07
CA LEU C 23 10.75 64.90 -48.34
C LEU C 23 9.73 65.24 -47.27
N ILE C 24 9.16 66.45 -47.39
CA ILE C 24 8.13 66.91 -46.47
C ILE C 24 6.75 66.80 -47.11
N GLY C 25 6.66 66.57 -48.42
CA GLY C 25 5.39 66.32 -49.07
C GLY C 25 4.74 65.02 -48.65
N THR C 26 5.52 64.07 -48.15
CA THR C 26 4.98 62.85 -47.55
C THR C 26 4.86 63.03 -46.02
N ILE C 27 4.11 64.07 -45.64
CA ILE C 27 3.82 64.32 -44.23
C ILE C 27 2.62 63.51 -43.77
N ASP C 28 1.92 62.85 -44.69
CA ASP C 28 0.69 62.14 -44.35
C ASP C 28 0.96 60.86 -43.57
N THR C 29 2.12 60.22 -43.79
CA THR C 29 2.43 59.01 -43.03
C THR C 29 2.80 59.31 -41.59
N GLU C 30 3.08 60.58 -41.25
CA GLU C 30 3.09 61.00 -39.86
C GLU C 30 1.69 61.19 -39.30
N ARG C 31 0.68 61.32 -40.16
CA ARG C 31 -0.69 61.57 -39.75
C ARG C 31 -1.60 60.38 -40.01
N ALA C 32 -1.65 59.87 -41.25
CA ALA C 32 -2.55 58.77 -41.59
C ALA C 32 -2.18 57.47 -40.89
N LYS C 33 -0.92 57.32 -40.47
CA LYS C 33 -0.58 56.22 -39.58
C LYS C 33 -1.09 56.50 -38.17
N LEU C 34 -0.94 57.74 -37.69
CA LEU C 34 -1.53 58.12 -36.41
C LEU C 34 -3.05 58.21 -36.47
N ILE C 35 -3.63 58.42 -37.65
CA ILE C 35 -5.08 58.46 -37.77
C ILE C 35 -5.66 57.05 -37.60
N ILE C 36 -5.04 56.06 -38.23
CA ILE C 36 -5.53 54.70 -38.10
C ILE C 36 -5.12 54.09 -36.76
N GLU C 37 -4.17 54.70 -36.04
CA GLU C 37 -3.62 54.09 -34.84
C GLU C 37 -4.62 54.06 -33.70
N ASN C 38 -5.48 55.06 -33.59
CA ASN C 38 -6.60 54.97 -32.64
C ASN C 38 -7.90 54.52 -33.29
N LEU C 39 -7.96 54.46 -34.63
CA LEU C 39 -9.14 53.94 -35.30
C LEU C 39 -9.31 52.45 -35.01
N LEU C 40 -8.33 51.64 -35.40
CA LEU C 40 -8.22 50.32 -34.83
C LEU C 40 -7.47 50.42 -33.51
N ILE C 41 -7.41 49.32 -32.78
CA ILE C 41 -6.73 49.28 -31.49
C ILE C 41 -5.42 48.54 -31.70
N GLY C 42 -4.36 49.29 -32.00
CA GLY C 42 -3.04 48.74 -32.06
C GLY C 42 -2.34 48.82 -30.73
N VAL C 43 -1.35 47.95 -30.52
CA VAL C 43 -0.53 48.01 -29.32
C VAL C 43 0.91 48.21 -29.73
N VAL C 44 1.47 47.27 -30.48
CA VAL C 44 2.82 47.38 -30.97
C VAL C 44 2.74 47.57 -32.48
N LYS C 45 3.81 48.07 -33.08
CA LYS C 45 3.81 48.34 -34.51
C LYS C 45 5.22 48.31 -35.05
N ASN C 46 5.31 48.19 -36.37
CA ASN C 46 6.59 48.06 -37.06
C ASN C 46 6.64 49.02 -38.24
N ARG C 47 7.85 49.40 -38.62
CA ARG C 47 8.05 50.35 -39.70
C ARG C 47 8.72 49.77 -40.94
N SER C 48 9.61 48.79 -40.77
CA SER C 48 10.13 47.91 -41.84
C SER C 48 10.83 48.70 -42.95
N GLU C 49 11.63 49.69 -42.58
CA GLU C 49 12.29 50.55 -43.56
C GLU C 49 13.60 49.96 -44.10
N VAL C 50 13.52 48.71 -44.55
CA VAL C 50 14.70 48.03 -45.10
C VAL C 50 14.97 48.51 -46.53
N VAL C 51 13.96 49.01 -47.22
CA VAL C 51 14.14 49.57 -48.55
C VAL C 51 13.95 51.10 -48.43
N LEU C 52 15.07 51.77 -48.17
CA LEU C 52 15.10 53.24 -48.09
C LEU C 52 16.55 53.66 -48.22
N ILE C 53 16.89 54.35 -49.30
CA ILE C 53 18.16 55.05 -49.45
C ILE C 53 17.84 56.41 -50.07
N ASP C 54 17.93 57.50 -49.29
CA ASP C 54 18.25 57.54 -47.87
C ASP C 54 17.46 58.67 -47.20
N ILE C 55 17.87 59.08 -46.01
CA ILE C 55 17.31 60.25 -45.33
C ILE C 55 18.45 61.23 -45.09
N THR C 56 18.26 62.49 -45.48
CA THR C 56 19.32 63.47 -45.49
C THR C 56 19.16 64.53 -44.40
N GLY C 57 18.01 65.20 -44.34
CA GLY C 57 17.88 66.33 -43.44
C GLY C 57 16.80 66.20 -42.41
N VAL C 58 15.85 65.30 -42.63
CA VAL C 58 14.76 65.12 -41.67
C VAL C 58 14.64 63.70 -41.12
N PRO C 59 15.54 63.25 -40.24
CA PRO C 59 15.20 62.12 -39.37
C PRO C 59 14.60 62.54 -38.04
N VAL C 60 14.54 63.86 -37.79
CA VAL C 60 13.95 64.39 -36.57
C VAL C 60 12.44 64.20 -36.60
N VAL C 61 11.85 64.15 -37.79
CA VAL C 61 10.42 63.85 -37.90
C VAL C 61 10.15 62.40 -37.55
N ASP C 62 11.14 61.51 -37.75
CA ASP C 62 11.02 60.13 -37.31
C ASP C 62 11.30 59.95 -35.83
N THR C 63 11.80 60.99 -35.16
CA THR C 63 11.92 61.02 -33.71
C THR C 63 10.69 61.67 -33.07
N MET C 64 10.16 62.71 -33.70
CA MET C 64 8.92 63.34 -33.28
C MET C 64 7.69 62.62 -33.81
N VAL C 65 7.83 61.38 -34.27
CA VAL C 65 6.69 60.50 -34.50
C VAL C 65 6.80 59.21 -33.71
N ALA C 66 7.98 58.87 -33.21
CA ALA C 66 8.14 57.65 -32.42
C ALA C 66 7.50 57.79 -31.05
N HIS C 67 7.89 58.82 -30.29
CA HIS C 67 7.27 59.05 -29.00
C HIS C 67 5.84 59.58 -29.13
N HIS C 68 5.50 60.15 -30.28
CA HIS C 68 4.13 60.57 -30.50
C HIS C 68 3.20 59.38 -30.77
N ILE C 69 3.75 58.23 -31.12
CA ILE C 69 2.96 57.01 -31.18
C ILE C 69 2.63 56.53 -29.77
N ILE C 70 3.61 56.62 -28.85
CA ILE C 70 3.49 56.03 -27.52
C ILE C 70 2.35 56.67 -26.74
N GLN C 71 2.16 57.98 -26.90
CA GLN C 71 1.02 58.61 -26.25
C GLN C 71 -0.30 58.29 -26.93
N ALA C 72 -0.28 57.86 -28.19
CA ALA C 72 -1.54 57.44 -28.81
C ALA C 72 -1.95 56.07 -28.29
N SER C 73 -1.18 55.02 -28.60
CA SER C 73 -1.37 53.74 -27.92
C SER C 73 -0.13 53.29 -27.16
N GLU C 74 0.93 52.87 -27.85
CA GLU C 74 2.10 52.21 -27.27
C GLU C 74 3.14 51.92 -28.35
N ALA C 75 4.40 51.83 -27.91
CA ALA C 75 5.41 50.88 -28.34
C ALA C 75 5.59 50.79 -29.86
N VAL C 76 6.14 51.85 -30.43
CA VAL C 76 6.62 51.80 -31.80
C VAL C 76 7.97 51.08 -31.81
N ARG C 77 8.33 50.50 -32.95
CA ARG C 77 9.67 49.97 -33.13
C ARG C 77 10.06 50.04 -34.60
N LEU C 78 11.36 50.11 -34.85
CA LEU C 78 11.91 50.28 -36.18
C LEU C 78 12.61 48.99 -36.61
N VAL C 79 12.24 48.47 -37.76
CA VAL C 79 12.68 47.15 -38.21
C VAL C 79 13.69 47.31 -39.33
N GLY C 80 14.96 47.06 -39.00
CA GLY C 80 15.99 46.84 -40.01
C GLY C 80 16.38 48.04 -40.85
N CYS C 81 17.00 49.04 -40.23
CA CYS C 81 17.57 50.14 -40.99
C CYS C 81 18.79 49.65 -41.76
N GLN C 82 19.09 50.32 -42.87
CA GLN C 82 20.24 49.94 -43.68
C GLN C 82 21.52 50.49 -43.04
N ALA C 83 22.66 50.11 -43.62
CA ALA C 83 23.93 50.55 -43.06
C ALA C 83 24.28 51.97 -43.49
N MET C 84 23.93 52.34 -44.72
CA MET C 84 24.27 53.68 -45.20
C MET C 84 23.39 54.75 -44.56
N LEU C 85 22.19 54.38 -44.11
CA LEU C 85 21.29 55.34 -43.48
C LEU C 85 21.78 55.73 -42.09
N VAL C 86 22.16 54.73 -41.28
CA VAL C 86 22.47 54.98 -39.87
C VAL C 86 23.84 55.60 -39.66
N GLY C 87 24.60 55.86 -40.72
CA GLY C 87 25.76 56.73 -40.59
C GLY C 87 25.37 58.14 -40.23
N ILE C 88 24.18 58.57 -40.66
CA ILE C 88 23.62 59.86 -40.28
C ILE C 88 23.11 59.79 -38.85
N ARG C 89 23.91 60.28 -37.90
CA ARG C 89 23.49 60.39 -36.51
C ARG C 89 23.87 61.76 -35.95
N PRO C 90 23.03 62.78 -36.18
CA PRO C 90 23.20 64.03 -35.44
C PRO C 90 22.66 63.90 -34.02
N GLU C 91 21.65 63.05 -33.86
CA GLU C 91 21.00 62.83 -32.58
C GLU C 91 21.12 61.38 -32.14
N GLN C 105 16.03 54.70 -25.45
CA GLN C 105 15.53 55.37 -26.63
C GLN C 105 14.40 54.55 -27.26
N ILE C 106 14.55 54.19 -28.53
CA ILE C 106 13.55 53.45 -29.28
C ILE C 106 14.00 52.00 -29.41
N ILE C 107 13.08 51.08 -29.12
CA ILE C 107 13.36 49.66 -29.30
C ILE C 107 13.39 49.36 -30.79
N THR C 108 14.33 48.51 -31.21
CA THR C 108 14.48 48.18 -32.62
C THR C 108 14.87 46.72 -32.76
N THR C 109 15.13 46.32 -33.99
CA THR C 109 15.41 44.92 -34.33
C THR C 109 16.17 44.90 -35.65
N ASN C 110 16.29 43.72 -36.24
CA ASN C 110 17.06 43.55 -37.47
C ASN C 110 16.26 42.98 -38.63
N THR C 111 15.23 42.18 -38.36
CA THR C 111 14.43 41.60 -39.42
C THR C 111 12.98 41.49 -38.97
N MET C 112 12.09 41.30 -39.95
CA MET C 112 10.66 41.36 -39.68
C MET C 112 10.16 40.12 -38.94
N LYS C 113 10.84 38.99 -39.07
CA LYS C 113 10.38 37.80 -38.38
C LYS C 113 10.73 37.85 -36.90
N LYS C 114 11.99 38.16 -36.57
CA LYS C 114 12.40 38.22 -35.18
C LYS C 114 12.04 39.54 -34.54
N GLY C 115 11.74 40.57 -35.33
CA GLY C 115 11.09 41.74 -34.79
C GLY C 115 9.67 41.44 -34.36
N MET C 116 8.99 40.57 -35.11
CA MET C 116 7.68 40.09 -34.68
C MET C 116 7.80 39.15 -33.49
N GLU C 117 8.94 38.48 -33.35
CA GLU C 117 9.14 37.56 -32.22
C GLU C 117 9.25 38.31 -30.89
N ARG C 118 9.67 39.58 -30.91
CA ARG C 118 9.60 40.40 -29.72
C ARG C 118 8.38 41.32 -29.70
N ALA C 119 7.64 41.38 -30.82
CA ALA C 119 6.33 42.01 -30.78
C ALA C 119 5.36 41.20 -29.93
N LEU C 120 5.44 39.88 -30.03
CA LEU C 120 4.65 39.00 -29.20
C LEU C 120 5.19 38.88 -27.78
N ALA C 121 6.40 39.40 -27.52
CA ALA C 121 6.98 39.39 -26.19
C ALA C 121 6.51 40.54 -25.32
N LEU C 122 5.45 41.24 -25.73
CA LEU C 122 4.74 42.18 -24.88
C LEU C 122 3.30 41.75 -24.69
N THR C 123 3.01 40.47 -24.96
CA THR C 123 1.65 39.92 -24.91
C THR C 123 1.62 38.55 -24.22
N ASN C 124 2.77 37.92 -24.03
CA ASN C 124 2.92 36.50 -23.66
C ASN C 124 2.15 35.61 -24.63
N ARG C 125 2.57 35.68 -25.89
CA ARG C 125 2.07 34.81 -26.95
C ARG C 125 3.25 34.22 -27.68
N GLU C 126 3.19 32.91 -27.93
CA GLU C 126 4.27 32.22 -28.63
C GLU C 126 3.71 31.41 -29.78
N ILE C 127 4.52 31.23 -30.81
CA ILE C 127 4.26 30.24 -31.85
C ILE C 127 4.93 28.93 -31.41
N VAL C 128 4.18 27.83 -31.46
CA VAL C 128 4.63 26.57 -30.91
C VAL C 128 4.35 25.47 -31.93
N GLU C 129 4.68 24.23 -31.54
CA GLU C 129 4.32 22.99 -32.23
C GLU C 129 4.86 22.91 -33.66
N LYS D 1 9.66 57.09 -60.44
CA LYS D 1 8.92 55.94 -60.90
C LYS D 1 7.86 55.51 -59.89
N SER D 2 6.60 55.50 -60.33
CA SER D 2 5.49 55.08 -59.48
C SER D 2 5.19 53.59 -59.65
N ALA D 3 6.23 52.76 -59.50
CA ALA D 3 6.11 51.32 -59.57
C ALA D 3 6.54 50.76 -58.21
N LEU D 4 5.57 50.53 -57.34
CA LEU D 4 5.85 50.04 -56.00
C LEU D 4 4.62 49.29 -55.49
N GLN D 5 4.81 48.05 -55.09
CA GLN D 5 3.75 47.26 -54.46
C GLN D 5 4.12 46.83 -53.05
N GLU D 6 5.26 46.16 -52.88
CA GLU D 6 5.65 45.62 -51.59
C GLU D 6 7.13 45.28 -51.62
N LEU D 7 7.69 45.12 -50.43
CA LEU D 7 8.91 44.35 -50.24
C LEU D 7 8.87 43.58 -48.92
N SER D 8 7.66 43.21 -48.49
CA SER D 8 7.47 42.54 -47.20
C SER D 8 7.97 41.11 -47.28
N ALA D 9 9.06 40.82 -46.58
CA ALA D 9 9.64 39.48 -46.48
C ALA D 9 9.62 39.06 -45.01
N PRO D 10 8.46 38.68 -44.50
CA PRO D 10 8.34 38.36 -43.07
C PRO D 10 8.75 36.94 -42.75
N LEU D 11 8.37 36.50 -41.55
CA LEU D 11 8.30 35.08 -41.20
C LEU D 11 7.57 34.28 -42.27
N LEU D 12 7.91 32.99 -42.36
CA LEU D 12 7.73 32.03 -43.45
C LEU D 12 6.42 32.11 -44.23
N PRO D 13 5.23 32.39 -43.63
CA PRO D 13 4.11 32.85 -44.46
C PRO D 13 4.32 34.27 -44.96
N ILE D 14 4.64 34.43 -46.24
CA ILE D 14 5.05 35.71 -46.79
C ILE D 14 3.82 36.55 -47.14
N PHE D 15 3.35 37.39 -46.21
CA PHE D 15 2.22 38.22 -46.60
C PHE D 15 2.68 39.36 -47.50
N GLU D 16 1.71 40.00 -48.14
CA GLU D 16 1.96 40.86 -49.28
C GLU D 16 0.76 41.75 -49.47
N LYS D 17 0.95 43.06 -49.50
CA LYS D 17 -0.17 43.97 -49.74
C LYS D 17 -0.24 44.34 -51.22
N ILE D 18 -1.43 44.72 -51.66
CA ILE D 18 -1.64 45.39 -52.93
C ILE D 18 -2.49 46.63 -52.66
N SER D 19 -1.97 47.80 -53.00
CA SER D 19 -2.67 49.06 -52.79
C SER D 19 -3.66 49.28 -53.94
N VAL D 20 -4.16 50.51 -54.06
CA VAL D 20 -5.11 50.84 -55.12
C VAL D 20 -4.35 50.90 -56.44
N MET D 21 -4.39 49.81 -57.20
CA MET D 21 -3.80 49.73 -58.53
C MET D 21 -4.83 49.13 -59.48
N PRO D 22 -5.87 49.90 -59.84
CA PRO D 22 -7.00 49.33 -60.57
C PRO D 22 -6.82 49.39 -62.09
N LEU D 23 -5.73 48.80 -62.58
CA LEU D 23 -5.38 48.95 -63.99
C LEU D 23 -4.73 47.67 -64.51
N ILE D 24 -4.94 47.44 -65.82
CA ILE D 24 -4.30 46.34 -66.53
C ILE D 24 -2.85 46.67 -66.87
N GLY D 25 -2.49 47.95 -66.85
CA GLY D 25 -1.15 48.39 -67.22
C GLY D 25 -0.04 47.89 -66.32
N THR D 26 -0.36 47.51 -65.08
CA THR D 26 0.61 46.88 -64.20
C THR D 26 0.53 45.36 -64.35
N ILE D 27 1.67 44.76 -64.69
CA ILE D 27 1.79 43.32 -64.82
C ILE D 27 3.04 42.94 -64.03
N ASP D 28 3.74 43.97 -63.54
CA ASP D 28 4.97 43.77 -62.79
C ASP D 28 4.71 43.08 -61.46
N THR D 29 3.53 43.28 -60.88
CA THR D 29 3.16 42.61 -59.63
C THR D 29 2.99 41.10 -59.78
N GLU D 30 2.91 40.59 -61.01
CA GLU D 30 3.07 39.16 -61.24
C GLU D 30 4.55 38.80 -61.31
N ARG D 31 5.33 39.60 -62.02
CA ARG D 31 6.75 39.30 -62.20
C ARG D 31 7.54 39.54 -60.91
N ALA D 32 7.42 40.75 -60.34
CA ALA D 32 8.21 41.10 -59.16
C ALA D 32 7.76 40.41 -57.89
N LYS D 33 6.69 39.63 -57.93
CA LYS D 33 6.28 38.79 -56.80
C LYS D 33 6.79 37.36 -56.94
N LEU D 34 6.75 36.80 -58.15
CA LEU D 34 7.33 35.48 -58.35
C LEU D 34 8.85 35.50 -58.26
N ILE D 35 9.47 36.66 -58.48
CA ILE D 35 10.92 36.77 -58.33
C ILE D 35 11.31 36.62 -56.87
N ILE D 36 10.52 37.18 -55.95
CA ILE D 36 10.84 37.05 -54.53
C ILE D 36 10.48 35.68 -53.99
N GLU D 37 9.73 34.87 -54.74
CA GLU D 37 9.19 33.62 -54.22
C GLU D 37 10.25 32.55 -54.07
N ASN D 38 11.33 32.62 -54.83
CA ASN D 38 12.46 31.72 -54.60
C ASN D 38 13.62 32.39 -53.89
N LEU D 39 13.59 33.71 -53.74
CA LEU D 39 14.66 34.40 -53.02
C LEU D 39 14.61 34.05 -51.54
N LEU D 40 13.49 34.32 -50.87
CA LEU D 40 13.25 33.67 -49.60
C LEU D 40 12.43 32.41 -49.83
N ILE D 41 12.24 31.63 -48.76
CA ILE D 41 11.64 30.31 -48.88
C ILE D 41 10.14 30.49 -49.07
N GLY D 42 9.63 30.01 -50.21
CA GLY D 42 8.22 30.13 -50.50
C GLY D 42 7.36 29.06 -49.86
N VAL D 43 6.51 29.48 -48.92
CA VAL D 43 5.36 28.71 -48.44
C VAL D 43 4.25 29.74 -48.57
N VAL D 44 3.07 29.50 -47.97
CA VAL D 44 1.80 30.20 -48.20
C VAL D 44 1.90 31.72 -48.10
N LYS D 45 1.01 32.42 -48.80
CA LYS D 45 1.15 33.85 -48.96
C LYS D 45 -0.21 34.47 -49.22
N ASN D 46 -0.34 35.74 -48.85
CA ASN D 46 -1.62 36.44 -48.85
C ASN D 46 -1.64 37.53 -49.92
N ARG D 47 -2.78 38.20 -50.03
CA ARG D 47 -2.97 39.28 -50.97
C ARG D 47 -3.36 40.60 -50.31
N SER D 48 -4.23 40.56 -49.30
CA SER D 48 -4.57 41.69 -48.41
C SER D 48 -5.07 42.91 -49.18
N GLU D 49 -5.80 42.68 -50.27
CA GLU D 49 -6.16 43.74 -51.22
C GLU D 49 -7.54 44.29 -50.96
N VAL D 50 -7.90 44.43 -49.67
CA VAL D 50 -9.18 44.99 -49.26
C VAL D 50 -9.33 46.42 -49.77
N VAL D 51 -8.26 47.20 -49.74
CA VAL D 51 -8.31 48.56 -50.28
C VAL D 51 -7.92 48.46 -51.75
N LEU D 52 -8.89 48.04 -52.56
CA LEU D 52 -8.75 47.99 -54.02
C LEU D 52 -10.15 47.92 -54.61
N ILE D 53 -10.57 49.00 -55.26
CA ILE D 53 -11.86 49.08 -55.93
C ILE D 53 -11.65 49.90 -57.20
N ASP D 54 -11.95 49.32 -58.37
CA ASP D 54 -12.31 47.92 -58.56
C ASP D 54 -11.52 47.40 -59.75
N ILE D 55 -11.87 46.21 -60.25
CA ILE D 55 -11.10 45.57 -61.30
C ILE D 55 -12.04 45.14 -62.42
N THR D 56 -11.75 45.60 -63.64
CA THR D 56 -12.34 45.05 -64.85
C THR D 56 -11.32 44.77 -65.95
N GLY D 57 -10.13 45.38 -65.89
CA GLY D 57 -9.15 45.17 -66.94
C GLY D 57 -8.42 43.85 -66.84
N VAL D 58 -8.33 43.28 -65.65
CA VAL D 58 -7.68 41.99 -65.48
C VAL D 58 -8.70 40.98 -64.92
N PRO D 59 -9.46 40.31 -65.78
CA PRO D 59 -10.40 39.29 -65.31
C PRO D 59 -9.81 37.89 -65.23
N VAL D 60 -8.60 37.68 -65.74
CA VAL D 60 -8.04 36.34 -65.90
C VAL D 60 -6.71 36.23 -65.19
N VAL D 61 -5.81 37.19 -65.45
CA VAL D 61 -4.41 37.07 -65.05
C VAL D 61 -4.21 37.18 -63.54
N ASP D 62 -5.15 37.83 -62.83
CA ASP D 62 -5.07 37.86 -61.37
C ASP D 62 -5.38 36.52 -60.73
N THR D 63 -5.96 35.57 -61.47
CA THR D 63 -6.03 34.19 -61.03
C THR D 63 -4.92 33.34 -61.62
N MET D 64 -4.32 33.77 -62.71
CA MET D 64 -3.13 33.10 -63.23
C MET D 64 -1.94 33.31 -62.29
N VAL D 65 -1.86 34.50 -61.68
CA VAL D 65 -0.86 34.73 -60.64
C VAL D 65 -1.25 34.00 -59.36
N ALA D 66 -2.51 33.61 -59.23
CA ALA D 66 -2.96 32.69 -58.19
C ALA D 66 -2.84 31.24 -58.62
N HIS D 67 -2.10 30.96 -59.68
CA HIS D 67 -1.87 29.59 -60.12
C HIS D 67 -0.40 29.25 -60.36
N HIS D 68 0.45 30.24 -60.66
CA HIS D 68 1.88 29.98 -60.71
C HIS D 68 2.41 29.63 -59.33
N ILE D 69 1.87 30.28 -58.30
CA ILE D 69 2.34 30.10 -56.93
C ILE D 69 1.97 28.71 -56.40
N ILE D 70 0.87 28.13 -56.90
CA ILE D 70 0.57 26.75 -56.55
C ILE D 70 1.58 25.82 -57.20
N GLN D 71 2.12 26.19 -58.35
CA GLN D 71 3.16 25.41 -59.00
C GLN D 71 4.56 25.83 -58.56
N ALA D 72 4.75 27.08 -58.18
CA ALA D 72 6.07 27.48 -57.70
C ALA D 72 6.29 26.95 -56.29
N SER D 73 5.56 27.47 -55.31
CA SER D 73 5.72 26.97 -53.94
C SER D 73 4.43 26.42 -53.32
N GLU D 74 3.45 27.28 -53.00
CA GLU D 74 2.35 26.85 -52.13
C GLU D 74 1.23 27.88 -51.98
N ALA D 75 -0.02 27.44 -52.21
CA ALA D 75 -1.26 27.89 -51.56
C ALA D 75 -1.45 29.39 -51.29
N VAL D 76 -1.57 30.21 -52.34
CA VAL D 76 -1.96 31.60 -52.14
C VAL D 76 -3.41 31.66 -51.67
N ARG D 77 -3.77 32.75 -51.00
CA ARG D 77 -5.14 32.97 -50.55
C ARG D 77 -5.48 34.45 -50.65
N LEU D 78 -6.58 34.76 -51.34
CA LEU D 78 -7.02 36.14 -51.46
C LEU D 78 -7.69 36.59 -50.17
N VAL D 79 -7.24 37.71 -49.64
CA VAL D 79 -7.69 38.21 -48.34
C VAL D 79 -8.59 39.41 -48.59
N GLY D 80 -9.89 39.24 -48.33
CA GLY D 80 -10.81 40.36 -48.34
C GLY D 80 -11.12 40.97 -49.68
N CYS D 81 -11.82 40.25 -50.54
CA CYS D 81 -12.34 40.88 -51.74
C CYS D 81 -13.51 41.81 -51.38
N GLN D 82 -13.85 42.68 -52.32
CA GLN D 82 -14.85 43.70 -52.08
C GLN D 82 -16.20 43.30 -52.65
N ALA D 83 -17.25 44.00 -52.21
CA ALA D 83 -18.61 43.61 -52.54
C ALA D 83 -18.91 43.81 -54.02
N MET D 84 -18.51 44.96 -54.58
CA MET D 84 -18.70 45.18 -56.01
C MET D 84 -17.63 44.47 -56.85
N LEU D 85 -16.55 44.02 -56.22
CA LEU D 85 -15.52 43.30 -56.98
C LEU D 85 -15.99 41.89 -57.34
N VAL D 86 -16.59 41.18 -56.38
CA VAL D 86 -17.18 39.88 -56.66
C VAL D 86 -18.50 40.01 -57.41
N GLY D 87 -19.06 41.21 -57.51
CA GLY D 87 -20.08 41.46 -58.51
C GLY D 87 -19.58 41.24 -59.93
N ILE D 88 -18.30 41.51 -60.18
CA ILE D 88 -17.68 41.17 -61.45
C ILE D 88 -17.11 39.77 -61.29
N ARG D 89 -17.99 38.77 -61.45
CA ARG D 89 -17.58 37.39 -61.67
C ARG D 89 -18.46 36.79 -62.77
N PRO D 90 -18.24 37.20 -64.02
CA PRO D 90 -19.07 36.67 -65.11
C PRO D 90 -18.49 35.47 -65.84
N GLU D 91 -17.39 34.90 -65.36
CA GLU D 91 -16.72 33.80 -66.06
C GLU D 91 -16.59 32.58 -65.15
N GLN D 105 -11.36 25.43 -55.99
CA GLN D 105 -11.03 26.40 -57.03
C GLN D 105 -9.84 27.26 -56.58
N ILE D 106 -10.12 28.29 -55.79
CA ILE D 106 -9.11 29.19 -55.26
C ILE D 106 -9.47 29.53 -53.83
N ILE D 107 -8.61 29.14 -52.88
CA ILE D 107 -8.90 29.31 -51.47
C ILE D 107 -8.77 30.79 -51.09
N THR D 108 -9.67 31.26 -50.24
CA THR D 108 -9.72 32.66 -49.82
C THR D 108 -10.17 32.74 -48.37
N THR D 109 -10.26 33.96 -47.87
CA THR D 109 -10.66 34.22 -46.49
C THR D 109 -11.39 35.56 -46.42
N ASN D 110 -11.54 36.09 -45.20
CA ASN D 110 -12.36 37.26 -44.98
C ASN D 110 -11.57 38.51 -44.64
N THR D 111 -10.69 38.46 -43.64
CA THR D 111 -9.85 39.60 -43.29
C THR D 111 -8.48 39.11 -42.88
N MET D 112 -7.60 40.06 -42.54
CA MET D 112 -6.17 39.79 -42.52
C MET D 112 -5.77 38.93 -41.34
N LYS D 113 -6.39 39.13 -40.17
CA LYS D 113 -5.97 38.38 -38.99
C LYS D 113 -6.43 36.94 -39.06
N LYS D 114 -7.67 36.71 -39.49
CA LYS D 114 -8.13 35.33 -39.62
C LYS D 114 -7.60 34.65 -40.87
N GLY D 115 -7.07 35.41 -41.82
CA GLY D 115 -6.32 34.80 -42.90
C GLY D 115 -5.00 34.22 -42.42
N MET D 116 -4.38 34.85 -41.43
CA MET D 116 -3.15 34.33 -40.85
C MET D 116 -3.39 33.13 -39.96
N GLU D 117 -4.62 32.94 -39.46
CA GLU D 117 -4.89 31.82 -38.58
C GLU D 117 -4.90 30.50 -39.35
N ARG D 118 -5.60 30.45 -40.48
CA ARG D 118 -5.60 29.26 -41.30
C ARG D 118 -4.38 29.17 -42.20
N ALA D 119 -3.59 30.25 -42.30
CA ALA D 119 -2.27 30.15 -42.92
C ALA D 119 -1.33 29.31 -42.07
N LEU D 120 -1.25 29.63 -40.78
CA LEU D 120 -0.44 28.84 -39.87
C LEU D 120 -1.04 27.45 -39.63
N ALA D 121 -2.37 27.33 -39.71
CA ALA D 121 -3.00 26.04 -39.56
C ALA D 121 -2.80 25.13 -40.76
N LEU D 122 -2.31 25.66 -41.88
CA LEU D 122 -1.91 24.81 -43.00
C LEU D 122 -0.50 24.30 -42.80
N THR D 123 0.35 25.05 -42.08
CA THR D 123 1.72 24.66 -41.83
C THR D 123 1.98 24.34 -40.36
N ASN D 124 0.91 24.12 -39.59
CA ASN D 124 0.95 23.59 -38.21
C ASN D 124 1.75 24.49 -37.26
N ARG D 125 1.24 25.69 -37.05
CA ARG D 125 1.72 26.56 -35.98
C ARG D 125 0.52 27.15 -35.26
N GLU D 126 0.54 27.12 -33.93
CA GLU D 126 -0.55 27.59 -33.11
C GLU D 126 -0.10 28.74 -32.22
N ILE D 127 -1.04 29.59 -31.84
CA ILE D 127 -0.80 30.68 -30.92
C ILE D 127 -1.31 30.26 -29.53
N VAL D 128 -0.61 30.74 -28.50
CA VAL D 128 -0.90 30.35 -27.12
C VAL D 128 -1.14 31.62 -26.29
N GLU D 129 -2.18 31.57 -25.46
CA GLU D 129 -2.49 32.57 -24.42
C GLU D 129 -2.72 33.97 -24.96
N SER E 1 38.28 -27.00 -66.88
CA SER E 1 38.29 -26.86 -65.42
C SER E 1 38.30 -25.39 -65.03
N ALA E 2 37.75 -24.54 -65.90
CA ALA E 2 37.74 -23.10 -65.67
C ALA E 2 36.56 -22.72 -64.78
N LEU E 3 36.68 -23.08 -63.50
CA LEU E 3 35.68 -22.85 -62.46
C LEU E 3 36.32 -23.16 -61.12
N GLN E 4 36.02 -22.35 -60.09
CA GLN E 4 36.41 -22.74 -58.74
C GLN E 4 35.21 -22.91 -57.82
N GLU E 5 34.52 -21.83 -57.44
CA GLU E 5 33.55 -21.84 -56.33
C GLU E 5 32.75 -20.55 -56.33
N LEU E 6 31.63 -20.60 -55.59
CA LEU E 6 30.76 -19.48 -55.24
C LEU E 6 29.75 -20.00 -54.23
N SER E 7 29.10 -19.08 -53.52
CA SER E 7 28.11 -19.44 -52.51
C SER E 7 27.28 -18.21 -52.15
N ALA E 8 26.34 -18.39 -51.20
CA ALA E 8 25.52 -17.32 -50.65
C ALA E 8 24.85 -17.68 -49.32
N PRO E 9 25.50 -17.47 -48.16
CA PRO E 9 24.79 -17.52 -46.86
C PRO E 9 24.16 -16.18 -46.46
N LEU E 10 23.47 -15.56 -47.40
CA LEU E 10 22.46 -14.49 -47.39
C LEU E 10 22.95 -13.08 -47.07
N LEU E 11 23.99 -12.89 -46.28
CA LEU E 11 24.76 -11.67 -46.49
C LEU E 11 26.10 -11.93 -47.16
N PRO E 12 27.02 -12.83 -46.63
CA PRO E 12 28.33 -12.93 -47.25
C PRO E 12 28.39 -13.99 -48.34
N ILE E 13 29.59 -14.27 -48.82
CA ILE E 13 29.86 -15.36 -49.75
C ILE E 13 31.13 -16.05 -49.27
N PHE E 14 31.00 -17.24 -48.71
CA PHE E 14 32.23 -17.99 -48.47
C PHE E 14 32.68 -18.65 -49.76
N GLU E 15 33.99 -18.81 -49.89
CA GLU E 15 34.58 -19.31 -51.11
C GLU E 15 35.67 -20.29 -50.73
N LYS E 16 35.91 -21.28 -51.59
CA LYS E 16 36.87 -22.32 -51.30
C LYS E 16 37.89 -22.42 -52.43
N ILE E 17 39.14 -22.68 -52.08
CA ILE E 17 40.19 -22.84 -53.07
C ILE E 17 40.92 -24.15 -52.78
N SER E 18 40.66 -25.16 -53.60
CA SER E 18 41.56 -26.30 -53.65
C SER E 18 42.80 -25.94 -54.47
N VAL E 19 43.83 -26.79 -54.36
CA VAL E 19 45.19 -26.38 -54.68
C VAL E 19 45.36 -26.18 -56.20
N MET E 20 45.76 -24.97 -56.59
CA MET E 20 46.12 -24.66 -57.97
C MET E 20 47.16 -23.55 -57.96
N PRO E 21 48.44 -23.90 -57.73
CA PRO E 21 49.49 -22.88 -57.56
C PRO E 21 50.12 -22.44 -58.88
N LEU E 22 49.31 -21.86 -59.75
CA LEU E 22 49.77 -21.46 -61.07
C LEU E 22 49.17 -20.10 -61.41
N ILE E 23 49.25 -19.71 -62.68
CA ILE E 23 48.75 -18.43 -63.15
C ILE E 23 47.29 -18.58 -63.59
N GLY E 24 46.72 -19.74 -63.32
CA GLY E 24 45.28 -19.96 -63.47
C GLY E 24 44.42 -19.23 -62.46
N THR E 25 45.02 -18.49 -61.53
CA THR E 25 44.33 -17.61 -60.59
C THR E 25 43.70 -16.39 -61.25
N ILE E 26 43.96 -16.16 -62.54
CA ILE E 26 43.28 -15.08 -63.27
C ILE E 26 41.80 -15.39 -63.45
N ASP E 27 41.39 -16.65 -63.29
CA ASP E 27 39.97 -16.97 -63.17
C ASP E 27 39.41 -16.42 -61.86
N THR E 28 39.96 -16.88 -60.72
CA THR E 28 39.42 -16.50 -59.42
C THR E 28 39.72 -15.05 -59.05
N GLU E 29 40.64 -14.39 -59.76
CA GLU E 29 40.76 -12.94 -59.64
C GLU E 29 39.57 -12.25 -60.29
N ARG E 30 39.12 -12.77 -61.43
CA ARG E 30 38.08 -12.15 -62.24
C ARG E 30 36.70 -12.69 -61.91
N ALA E 31 36.54 -14.01 -61.84
CA ALA E 31 35.22 -14.62 -61.65
C ALA E 31 34.68 -14.45 -60.24
N LYS E 32 35.48 -13.95 -59.30
CA LYS E 32 35.00 -13.64 -57.97
C LYS E 32 34.63 -12.18 -57.81
N LEU E 33 35.24 -11.28 -58.61
CA LEU E 33 34.80 -9.90 -58.59
C LEU E 33 33.44 -9.72 -59.26
N ILE E 34 33.14 -10.53 -60.28
CA ILE E 34 31.89 -10.37 -61.02
C ILE E 34 30.69 -10.85 -60.21
N ILE E 35 30.90 -11.63 -59.16
CA ILE E 35 29.79 -11.99 -58.29
C ILE E 35 29.43 -10.88 -57.33
N GLU E 36 30.28 -9.86 -57.19
CA GLU E 36 30.06 -8.83 -56.19
C GLU E 36 29.01 -7.81 -56.61
N ASN E 37 28.76 -7.66 -57.91
CA ASN E 37 27.63 -6.87 -58.38
C ASN E 37 26.51 -7.75 -58.92
N LEU E 38 26.65 -9.07 -58.80
CA LEU E 38 25.55 -9.98 -59.07
C LEU E 38 24.64 -10.17 -57.87
N LEU E 39 25.15 -9.93 -56.66
CA LEU E 39 24.35 -9.90 -55.45
C LEU E 39 25.08 -9.02 -54.43
N ILE E 40 24.35 -8.68 -53.37
CA ILE E 40 24.88 -7.71 -52.38
C ILE E 40 25.67 -8.51 -51.37
N GLY E 41 26.93 -8.77 -51.70
CA GLY E 41 27.83 -9.47 -50.81
C GLY E 41 28.67 -8.51 -50.00
N VAL E 42 28.45 -8.45 -48.68
CA VAL E 42 29.25 -7.57 -47.85
C VAL E 42 30.60 -8.20 -47.54
N VAL E 43 30.59 -9.38 -46.94
CA VAL E 43 31.82 -10.04 -46.49
C VAL E 43 32.12 -11.17 -47.47
N LYS E 44 33.40 -11.51 -47.64
CA LYS E 44 33.74 -12.78 -48.25
C LYS E 44 34.95 -13.39 -47.56
N ASN E 45 34.96 -14.71 -47.48
CA ASN E 45 36.03 -15.47 -46.85
C ASN E 45 36.75 -16.27 -47.92
N ARG E 46 38.09 -16.24 -47.91
CA ARG E 46 38.84 -16.85 -48.97
C ARG E 46 39.03 -18.35 -48.75
N SER E 47 39.36 -18.74 -47.52
CA SER E 47 39.45 -20.14 -47.06
C SER E 47 40.43 -20.96 -47.90
N GLU E 48 41.70 -20.55 -47.86
CA GLU E 48 42.76 -21.37 -48.43
C GLU E 48 43.36 -22.30 -47.38
N VAL E 49 42.48 -23.04 -46.70
CA VAL E 49 42.91 -23.95 -45.64
C VAL E 49 43.60 -25.17 -46.24
N VAL E 50 43.26 -25.51 -47.47
CA VAL E 50 43.91 -26.61 -48.18
C VAL E 50 44.60 -26.00 -49.40
N LEU E 51 45.83 -25.55 -49.21
CA LEU E 51 46.67 -25.04 -50.28
C LEU E 51 48.11 -25.03 -49.78
N ILE E 52 48.95 -25.87 -50.35
CA ILE E 52 50.40 -25.83 -50.12
C ILE E 52 51.07 -26.01 -51.47
N ASP E 53 51.71 -24.96 -51.99
CA ASP E 53 51.82 -23.64 -51.37
C ASP E 53 51.62 -22.58 -52.43
N ILE E 54 51.98 -21.33 -52.12
CA ILE E 54 51.93 -20.23 -53.07
C ILE E 54 53.35 -19.96 -53.54
N THR E 55 53.59 -20.09 -54.85
CA THR E 55 54.94 -20.01 -55.38
C THR E 55 55.39 -18.57 -55.58
N GLY E 56 54.70 -17.85 -56.47
CA GLY E 56 55.12 -16.51 -56.83
C GLY E 56 53.97 -15.56 -57.07
N VAL E 57 52.76 -16.01 -56.77
CA VAL E 57 51.59 -15.16 -56.95
C VAL E 57 50.78 -14.88 -55.67
N PRO E 58 51.32 -14.19 -54.66
CA PRO E 58 50.44 -13.51 -53.71
C PRO E 58 50.16 -12.07 -54.09
N VAL E 59 50.89 -11.53 -55.08
CA VAL E 59 50.58 -10.22 -55.64
C VAL E 59 49.21 -10.23 -56.28
N VAL E 60 48.88 -11.33 -56.98
CA VAL E 60 47.52 -11.53 -57.46
C VAL E 60 46.58 -11.74 -56.29
N ASP E 61 47.06 -12.34 -55.19
CA ASP E 61 46.18 -12.61 -54.07
C ASP E 61 46.00 -11.41 -53.16
N THR E 62 46.91 -10.43 -53.19
CA THR E 62 46.70 -9.26 -52.33
C THR E 62 45.88 -8.18 -53.03
N MET E 63 45.91 -8.13 -54.36
CA MET E 63 45.04 -7.20 -55.08
C MET E 63 43.59 -7.63 -54.97
N VAL E 64 43.34 -8.94 -55.08
CA VAL E 64 41.99 -9.46 -54.89
C VAL E 64 41.60 -9.45 -53.41
N ALA E 65 42.57 -9.33 -52.51
CA ALA E 65 42.30 -9.01 -51.12
C ALA E 65 42.35 -7.52 -50.86
N HIS E 66 42.37 -6.71 -51.91
CA HIS E 66 42.18 -5.27 -51.79
C HIS E 66 41.17 -4.70 -52.76
N HIS E 67 40.83 -5.43 -53.82
CA HIS E 67 39.76 -5.00 -54.72
C HIS E 67 38.42 -5.03 -54.01
N ILE E 68 38.22 -6.00 -53.12
CA ILE E 68 36.95 -6.14 -52.42
C ILE E 68 36.80 -5.07 -51.37
N ILE E 69 37.91 -4.53 -50.87
CA ILE E 69 37.84 -3.45 -49.88
C ILE E 69 37.35 -2.16 -50.55
N GLN E 70 37.58 -2.01 -51.84
CA GLN E 70 37.03 -0.90 -52.59
C GLN E 70 35.85 -1.30 -53.47
N ALA E 71 35.43 -2.56 -53.43
CA ALA E 71 34.18 -2.94 -54.11
C ALA E 71 33.02 -2.89 -53.12
N SER E 72 33.02 -3.76 -52.11
CA SER E 72 32.08 -3.61 -51.01
C SER E 72 32.76 -3.50 -49.65
N GLU E 73 33.39 -4.58 -49.16
CA GLU E 73 33.76 -4.71 -47.75
C GLU E 73 34.51 -6.02 -47.47
N ALA E 74 35.34 -6.02 -46.42
CA ALA E 74 35.66 -7.15 -45.53
C ALA E 74 36.02 -8.44 -46.24
N VAL E 75 37.15 -8.41 -46.93
CA VAL E 75 37.81 -9.66 -47.29
C VAL E 75 38.56 -10.15 -46.07
N ARG E 76 38.72 -11.48 -45.97
CA ARG E 76 39.53 -12.05 -44.89
C ARG E 76 40.11 -13.39 -45.32
N LEU E 77 41.32 -13.65 -44.90
CA LEU E 77 42.00 -14.90 -45.21
C LEU E 77 41.77 -15.89 -44.07
N VAL E 78 41.37 -17.11 -44.42
CA VAL E 78 40.94 -18.11 -43.45
C VAL E 78 41.90 -19.29 -43.52
N GLY E 79 42.72 -19.45 -42.49
CA GLY E 79 43.51 -20.65 -42.34
C GLY E 79 44.71 -20.78 -43.24
N CYS E 80 45.69 -19.90 -43.06
CA CYS E 80 46.96 -20.09 -43.73
C CYS E 80 47.73 -21.24 -43.06
N GLN E 81 48.76 -21.71 -43.73
CA GLN E 81 49.56 -22.83 -43.23
C GLN E 81 50.92 -22.34 -42.75
N ALA E 82 51.63 -23.23 -42.07
CA ALA E 82 52.97 -22.90 -41.59
C ALA E 82 53.96 -22.83 -42.74
N MET E 83 53.87 -23.76 -43.69
CA MET E 83 54.72 -23.73 -44.86
C MET E 83 54.30 -22.61 -45.82
N LEU E 84 53.03 -22.23 -45.79
CA LEU E 84 52.49 -21.29 -46.77
C LEU E 84 52.99 -19.87 -46.54
N VAL E 85 53.17 -19.47 -45.28
CA VAL E 85 53.46 -18.08 -44.96
C VAL E 85 54.92 -17.70 -45.08
N GLY E 86 55.79 -18.64 -45.48
CA GLY E 86 57.24 -18.64 -45.28
C GLY E 86 58.06 -17.36 -45.35
N ILE E 87 57.85 -16.55 -46.39
CA ILE E 87 58.54 -15.27 -46.53
C ILE E 87 57.50 -14.21 -46.90
N ARG E 88 57.46 -13.13 -46.12
CA ARG E 88 56.50 -12.06 -46.38
C ARG E 88 57.22 -10.85 -46.95
N PRO E 89 57.08 -10.57 -48.25
CA PRO E 89 57.76 -9.38 -48.81
C PRO E 89 57.09 -8.08 -48.42
N GLU E 90 55.76 -8.04 -48.42
CA GLU E 90 55.03 -6.80 -48.15
C GLU E 90 55.09 -6.42 -46.68
N GLN E 104 46.90 -4.19 -41.92
CA GLN E 104 47.01 -4.74 -43.26
C GLN E 104 45.68 -5.37 -43.67
N ILE E 105 45.63 -6.70 -43.73
CA ILE E 105 44.43 -7.45 -44.07
C ILE E 105 44.03 -8.30 -42.88
N ILE E 106 42.74 -8.28 -42.54
CA ILE E 106 42.26 -9.05 -41.40
C ILE E 106 42.22 -10.54 -41.76
N THR E 107 42.67 -11.37 -40.83
CA THR E 107 42.66 -12.82 -41.01
C THR E 107 41.93 -13.50 -39.86
N THR E 108 41.89 -14.82 -39.92
CA THR E 108 41.35 -15.64 -38.86
C THR E 108 42.09 -16.97 -38.87
N ASN E 109 41.63 -17.91 -38.06
CA ASN E 109 42.31 -19.18 -37.87
C ASN E 109 41.57 -20.36 -38.47
N THR E 110 40.31 -20.56 -38.08
CA THR E 110 39.52 -21.69 -38.54
C THR E 110 38.39 -21.20 -39.42
N MET E 111 37.80 -22.13 -40.18
CA MET E 111 36.65 -21.80 -41.01
C MET E 111 35.43 -21.51 -40.16
N LYS E 112 35.31 -22.15 -39.01
CA LYS E 112 34.15 -21.95 -38.15
C LYS E 112 34.17 -20.57 -37.51
N LYS E 113 35.30 -20.19 -36.91
CA LYS E 113 35.35 -18.95 -36.14
C LYS E 113 35.49 -17.72 -37.02
N GLY E 114 35.98 -17.88 -38.25
CA GLY E 114 35.99 -16.76 -39.18
C GLY E 114 34.60 -16.32 -39.59
N MET E 115 33.67 -17.27 -39.68
CA MET E 115 32.29 -16.94 -40.04
C MET E 115 31.60 -16.13 -38.95
N GLU E 116 31.94 -16.38 -37.68
CA GLU E 116 31.29 -15.67 -36.59
C GLU E 116 31.72 -14.22 -36.52
N ARG E 117 33.01 -13.95 -36.70
CA ARG E 117 33.47 -12.57 -36.65
C ARG E 117 33.12 -11.80 -37.92
N ALA E 118 32.70 -12.49 -38.98
CA ALA E 118 32.03 -11.81 -40.08
C ALA E 118 30.72 -11.19 -39.63
N LEU E 119 29.93 -11.95 -38.87
CA LEU E 119 28.71 -11.42 -38.30
C LEU E 119 28.96 -10.40 -37.20
N ALA E 120 30.16 -10.41 -36.61
CA ALA E 120 30.51 -9.38 -35.64
C ALA E 120 30.85 -8.06 -36.30
N LEU E 121 31.22 -8.07 -37.58
CA LEU E 121 31.42 -6.85 -38.35
C LEU E 121 30.16 -6.40 -39.06
N THR E 122 29.08 -7.19 -38.98
CA THR E 122 27.78 -6.81 -39.48
C THR E 122 26.70 -6.92 -38.40
N ASN E 123 27.14 -7.00 -37.14
CA ASN E 123 26.30 -6.94 -35.94
C ASN E 123 25.26 -8.07 -35.89
N ARG E 124 25.77 -9.30 -35.86
CA ARG E 124 24.92 -10.48 -35.65
C ARG E 124 25.69 -11.54 -34.89
N GLU E 125 24.95 -12.53 -34.40
CA GLU E 125 25.46 -13.65 -33.60
C GLU E 125 24.36 -14.70 -33.54
N ILE E 126 24.75 -15.98 -33.57
CA ILE E 126 23.80 -17.08 -33.64
C ILE E 126 23.68 -17.73 -32.26
N VAL E 127 22.51 -17.54 -31.62
CA VAL E 127 22.11 -18.24 -30.40
C VAL E 127 20.61 -18.53 -30.50
N GLU E 128 20.12 -19.34 -29.57
CA GLU E 128 18.68 -19.48 -29.34
C GLU E 128 18.44 -19.98 -27.92
N LYS F 1 -76.31 17.02 -30.46
CA LYS F 1 -76.35 17.41 -29.05
C LYS F 1 -75.22 16.75 -28.27
N SER F 2 -75.49 15.55 -27.76
CA SER F 2 -74.51 14.81 -26.96
C SER F 2 -73.67 13.88 -27.81
N ALA F 3 -73.05 14.41 -28.87
CA ALA F 3 -72.08 13.67 -29.68
C ALA F 3 -70.75 14.39 -29.53
N LEU F 4 -70.06 14.11 -28.42
CA LEU F 4 -68.86 14.84 -28.05
C LEU F 4 -67.81 13.98 -27.37
N GLN F 5 -68.04 12.67 -27.20
CA GLN F 5 -67.99 12.02 -25.89
C GLN F 5 -66.83 12.42 -24.98
N GLU F 6 -65.61 11.98 -25.27
CA GLU F 6 -64.47 12.14 -24.38
C GLU F 6 -63.19 11.80 -25.14
N LEU F 7 -62.09 12.41 -24.71
CA LEU F 7 -60.72 12.08 -25.09
C LEU F 7 -59.79 12.89 -24.21
N SER F 8 -58.57 12.38 -24.04
CA SER F 8 -57.48 13.13 -23.44
C SER F 8 -56.17 12.54 -23.94
N ALA F 9 -55.06 13.19 -23.58
CA ALA F 9 -53.76 12.78 -24.11
C ALA F 9 -52.60 13.22 -23.23
N PRO F 10 -52.29 12.47 -22.15
CA PRO F 10 -51.08 12.76 -21.36
C PRO F 10 -49.80 12.31 -22.06
N LEU F 11 -48.70 12.27 -21.28
CA LEU F 11 -47.47 11.62 -21.71
C LEU F 11 -47.74 10.20 -22.22
N LEU F 12 -46.85 9.75 -23.13
CA LEU F 12 -47.03 8.74 -24.20
C LEU F 12 -47.98 7.57 -23.93
N PRO F 13 -48.00 6.92 -22.73
CA PRO F 13 -49.17 6.08 -22.45
C PRO F 13 -50.39 6.93 -22.18
N ILE F 14 -51.26 7.05 -23.18
CA ILE F 14 -52.42 7.93 -23.11
C ILE F 14 -53.54 7.24 -22.33
N PHE F 15 -54.62 7.96 -22.08
CA PHE F 15 -55.85 7.32 -21.60
C PHE F 15 -57.03 7.97 -22.29
N GLU F 16 -58.21 7.40 -22.06
CA GLU F 16 -59.45 7.96 -22.58
C GLU F 16 -60.54 7.70 -21.54
N LYS F 17 -61.03 8.78 -20.93
CA LYS F 17 -62.09 8.68 -19.96
C LYS F 17 -63.39 8.23 -20.62
N ILE F 18 -64.27 7.59 -19.85
CA ILE F 18 -65.62 7.25 -20.29
C ILE F 18 -66.56 7.59 -19.14
N SER F 19 -67.43 8.56 -19.36
CA SER F 19 -68.47 8.91 -18.39
C SER F 19 -69.72 8.10 -18.70
N VAL F 20 -70.85 8.48 -18.11
CA VAL F 20 -72.07 7.68 -18.21
C VAL F 20 -72.69 7.84 -19.59
N MET F 21 -72.72 6.74 -20.36
CA MET F 21 -73.65 6.61 -21.49
C MET F 21 -73.98 5.13 -21.67
N PRO F 22 -75.12 4.68 -21.12
CA PRO F 22 -75.55 3.28 -21.27
C PRO F 22 -76.44 3.03 -22.49
N LEU F 23 -76.02 3.51 -23.66
CA LEU F 23 -76.86 3.43 -24.84
C LEU F 23 -76.37 2.33 -25.79
N ILE F 24 -77.09 2.16 -26.90
CA ILE F 24 -76.69 1.23 -27.95
C ILE F 24 -76.11 1.96 -29.16
N GLY F 25 -76.25 3.29 -29.23
CA GLY F 25 -75.55 4.09 -30.20
C GLY F 25 -74.21 4.56 -29.68
N THR F 26 -73.53 3.69 -28.91
CA THR F 26 -72.22 3.95 -28.36
C THR F 26 -71.10 3.51 -29.30
N ILE F 27 -71.39 3.42 -30.60
CA ILE F 27 -70.38 3.04 -31.60
C ILE F 27 -69.34 4.13 -31.81
N ASP F 28 -69.59 5.34 -31.30
CA ASP F 28 -68.63 6.43 -31.45
C ASP F 28 -67.36 6.16 -30.65
N THR F 29 -67.49 5.72 -29.40
CA THR F 29 -66.30 5.39 -28.63
C THR F 29 -65.66 4.08 -29.07
N GLU F 30 -66.37 3.27 -29.86
CA GLU F 30 -65.71 2.19 -30.58
C GLU F 30 -64.84 2.74 -31.71
N ARG F 31 -65.25 3.86 -32.30
CA ARG F 31 -64.60 4.44 -33.47
C ARG F 31 -63.63 5.56 -33.10
N ALA F 32 -64.11 6.57 -32.37
CA ALA F 32 -63.30 7.76 -32.10
C ALA F 32 -62.15 7.50 -31.14
N LYS F 33 -62.17 6.39 -30.42
CA LYS F 33 -61.01 6.01 -29.61
C LYS F 33 -59.90 5.46 -30.50
N LEU F 34 -60.25 4.62 -31.47
CA LEU F 34 -59.27 4.05 -32.38
C LEU F 34 -58.71 5.07 -33.35
N ILE F 35 -59.40 6.21 -33.55
CA ILE F 35 -58.90 7.24 -34.45
C ILE F 35 -57.65 7.89 -33.87
N ILE F 36 -57.68 8.23 -32.58
CA ILE F 36 -56.52 8.86 -31.96
C ILE F 36 -55.40 7.86 -31.68
N GLU F 37 -55.68 6.56 -31.79
CA GLU F 37 -54.67 5.54 -31.57
C GLU F 37 -53.58 5.56 -32.64
N ASN F 38 -53.87 6.10 -33.82
CA ASN F 38 -52.84 6.32 -34.82
C ASN F 38 -52.78 7.74 -35.34
N LEU F 39 -53.69 8.64 -34.91
CA LEU F 39 -53.48 10.06 -35.15
C LEU F 39 -52.28 10.56 -34.36
N LEU F 40 -52.17 10.14 -33.11
CA LEU F 40 -50.92 10.19 -32.37
C LEU F 40 -50.49 8.77 -32.06
N ILE F 41 -49.20 8.59 -31.85
CA ILE F 41 -48.63 7.27 -31.59
C ILE F 41 -48.71 7.06 -30.09
N GLY F 42 -49.79 6.45 -29.64
CA GLY F 42 -49.94 6.04 -28.26
C GLY F 42 -49.86 4.54 -28.18
N VAL F 43 -48.93 4.05 -27.35
CA VAL F 43 -48.70 2.61 -27.27
C VAL F 43 -49.81 1.93 -26.48
N VAL F 44 -49.97 2.29 -25.21
CA VAL F 44 -50.93 1.66 -24.33
C VAL F 44 -51.90 2.72 -23.83
N LYS F 45 -53.19 2.40 -23.85
CA LYS F 45 -54.19 3.35 -23.39
C LYS F 45 -55.07 2.68 -22.33
N ASN F 46 -56.04 3.44 -21.83
CA ASN F 46 -56.92 3.00 -20.76
C ASN F 46 -58.38 3.16 -21.18
N ARG F 47 -59.28 2.84 -20.27
CA ARG F 47 -60.70 3.01 -20.56
C ARG F 47 -61.37 3.82 -19.46
N SER F 48 -60.92 3.61 -18.22
CA SER F 48 -61.21 4.48 -17.06
C SER F 48 -62.69 4.64 -16.76
N GLU F 49 -63.49 3.61 -17.02
CA GLU F 49 -64.93 3.70 -16.80
C GLU F 49 -65.33 3.34 -15.36
N VAL F 50 -64.69 4.02 -14.40
CA VAL F 50 -64.96 3.79 -13.00
C VAL F 50 -66.29 4.39 -12.57
N VAL F 51 -66.80 5.36 -13.31
CA VAL F 51 -68.18 5.84 -13.14
C VAL F 51 -68.86 5.59 -14.48
N LEU F 52 -69.43 4.39 -14.62
CA LEU F 52 -70.28 4.04 -15.74
C LEU F 52 -71.11 2.85 -15.28
N ILE F 53 -72.39 3.08 -15.01
CA ILE F 53 -73.29 2.03 -14.56
C ILE F 53 -74.60 2.20 -15.33
N ASP F 54 -74.95 1.21 -16.16
CA ASP F 54 -74.20 -0.01 -16.42
C ASP F 54 -74.25 -0.34 -17.91
N ILE F 55 -73.87 -1.55 -18.28
CA ILE F 55 -74.07 -2.00 -19.65
C ILE F 55 -75.28 -2.93 -19.67
N THR F 56 -76.02 -2.90 -20.77
CA THR F 56 -77.27 -3.66 -20.83
C THR F 56 -77.02 -5.11 -21.22
N GLY F 57 -76.57 -5.35 -22.44
CA GLY F 57 -76.30 -6.69 -22.90
C GLY F 57 -75.17 -6.78 -23.89
N VAL F 58 -74.33 -5.74 -23.97
CA VAL F 58 -73.37 -5.65 -25.06
C VAL F 58 -71.94 -5.46 -24.57
N PRO F 59 -71.25 -6.53 -24.17
CA PRO F 59 -69.79 -6.47 -24.06
C PRO F 59 -69.10 -6.64 -25.41
N VAL F 60 -69.83 -7.03 -26.44
CA VAL F 60 -69.25 -7.21 -27.78
C VAL F 60 -68.81 -5.86 -28.34
N VAL F 61 -69.51 -4.79 -27.98
CA VAL F 61 -69.04 -3.45 -28.33
C VAL F 61 -68.18 -2.83 -27.24
N ASP F 62 -67.85 -3.60 -26.19
CA ASP F 62 -67.09 -3.09 -25.06
C ASP F 62 -65.84 -3.89 -24.75
N THR F 63 -65.78 -5.17 -25.13
CA THR F 63 -64.60 -6.00 -24.88
C THR F 63 -63.95 -6.54 -26.14
N MET F 64 -64.70 -6.72 -27.23
CA MET F 64 -64.07 -6.98 -28.50
C MET F 64 -63.39 -5.72 -29.04
N VAL F 65 -63.86 -4.54 -28.62
CA VAL F 65 -63.14 -3.30 -28.90
C VAL F 65 -61.85 -3.22 -28.09
N ALA F 66 -61.72 -4.02 -27.03
CA ALA F 66 -60.45 -4.18 -26.33
C ALA F 66 -59.57 -5.26 -26.97
N HIS F 67 -59.92 -5.69 -28.18
CA HIS F 67 -59.06 -6.55 -28.99
C HIS F 67 -58.57 -5.88 -30.27
N HIS F 68 -59.25 -4.83 -30.73
CA HIS F 68 -58.72 -4.05 -31.84
C HIS F 68 -57.44 -3.34 -31.45
N ILE F 69 -57.41 -2.77 -30.24
CA ILE F 69 -56.25 -2.03 -29.78
C ILE F 69 -55.10 -2.98 -29.43
N ILE F 70 -55.39 -4.26 -29.22
CA ILE F 70 -54.34 -5.26 -29.12
C ILE F 70 -53.63 -5.39 -30.47
N GLN F 71 -54.36 -5.25 -31.58
CA GLN F 71 -53.76 -5.34 -32.89
C GLN F 71 -53.61 -3.99 -33.59
N ALA F 72 -54.17 -2.91 -33.04
CA ALA F 72 -53.89 -1.60 -33.62
C ALA F 72 -52.51 -1.13 -33.18
N SER F 73 -52.33 -0.85 -31.88
CA SER F 73 -50.98 -0.68 -31.34
C SER F 73 -50.68 -1.67 -30.22
N GLU F 74 -51.27 -1.53 -29.03
CA GLU F 74 -50.87 -2.35 -27.88
C GLU F 74 -51.84 -2.28 -26.70
N ALA F 75 -52.48 -3.42 -26.37
CA ALA F 75 -52.94 -3.81 -25.03
C ALA F 75 -53.61 -2.77 -24.14
N VAL F 76 -54.80 -2.29 -24.50
CA VAL F 76 -55.61 -1.48 -23.59
C VAL F 76 -55.99 -2.31 -22.35
N ARG F 77 -56.22 -1.62 -21.24
CA ARG F 77 -56.65 -2.27 -20.01
C ARG F 77 -57.83 -1.51 -19.41
N LEU F 78 -58.74 -2.26 -18.77
CA LEU F 78 -59.89 -1.67 -18.12
C LEU F 78 -59.49 -1.15 -16.74
N VAL F 79 -59.84 0.10 -16.45
CA VAL F 79 -59.49 0.72 -15.18
C VAL F 79 -60.78 0.79 -14.35
N GLY F 80 -60.99 -0.24 -13.54
CA GLY F 80 -62.05 -0.24 -12.56
C GLY F 80 -63.41 -0.61 -13.12
N CYS F 81 -64.08 -1.55 -12.48
CA CYS F 81 -65.46 -1.88 -12.78
C CYS F 81 -66.25 -1.90 -11.49
N GLN F 82 -67.49 -1.41 -11.55
CA GLN F 82 -68.35 -1.47 -10.39
C GLN F 82 -68.80 -2.91 -10.16
N ALA F 83 -69.05 -3.25 -8.90
CA ALA F 83 -69.33 -4.64 -8.52
C ALA F 83 -70.65 -5.14 -9.09
N MET F 84 -71.67 -4.28 -9.16
CA MET F 84 -72.93 -4.68 -9.77
C MET F 84 -72.89 -4.64 -11.29
N LEU F 85 -71.92 -3.94 -11.88
CA LEU F 85 -71.72 -4.01 -13.32
C LEU F 85 -71.24 -5.41 -13.73
N VAL F 86 -70.11 -5.85 -13.17
CA VAL F 86 -69.58 -7.17 -13.49
C VAL F 86 -70.23 -8.28 -12.69
N GLY F 87 -71.26 -7.98 -11.89
CA GLY F 87 -71.93 -8.99 -11.11
C GLY F 87 -72.67 -10.04 -11.91
N ILE F 88 -72.93 -9.77 -13.19
CA ILE F 88 -73.53 -10.73 -14.10
C ILE F 88 -72.56 -10.96 -15.25
N ARG F 89 -72.10 -12.21 -15.40
CA ARG F 89 -71.13 -12.56 -16.42
C ARG F 89 -71.45 -13.91 -17.04
N PRO F 90 -72.40 -13.95 -17.99
CA PRO F 90 -72.56 -15.14 -18.84
C PRO F 90 -71.73 -15.02 -20.12
N GLU F 91 -70.44 -14.80 -19.97
CA GLU F 91 -69.56 -14.56 -21.12
C GLU F 91 -68.49 -15.64 -21.24
N GLN F 105 -57.32 -13.56 -20.30
CA GLN F 105 -58.37 -12.78 -20.95
C GLN F 105 -57.90 -11.36 -21.23
N ILE F 106 -58.22 -10.45 -20.33
CA ILE F 106 -57.88 -9.04 -20.49
C ILE F 106 -57.33 -8.51 -19.17
N ILE F 107 -56.20 -7.79 -19.25
CA ILE F 107 -55.59 -7.21 -18.07
C ILE F 107 -56.44 -6.04 -17.58
N THR F 108 -56.62 -5.95 -16.26
CA THR F 108 -57.36 -4.85 -15.66
C THR F 108 -56.71 -4.42 -14.36
N THR F 109 -57.20 -3.32 -13.81
CA THR F 109 -56.71 -2.76 -12.57
C THR F 109 -57.88 -2.19 -11.78
N ASN F 110 -57.59 -1.63 -10.61
CA ASN F 110 -58.63 -1.13 -9.72
C ASN F 110 -58.87 0.36 -9.89
N THR F 111 -57.86 1.19 -9.68
CA THR F 111 -58.00 2.64 -9.79
C THR F 111 -56.96 3.19 -10.75
N MET F 112 -57.11 4.46 -11.09
CA MET F 112 -56.19 5.09 -12.05
C MET F 112 -54.81 5.33 -11.45
N LYS F 113 -54.73 5.57 -10.14
CA LYS F 113 -53.45 5.90 -9.53
C LYS F 113 -52.54 4.68 -9.40
N LYS F 114 -53.09 3.48 -9.48
CA LYS F 114 -52.27 2.26 -9.54
C LYS F 114 -52.38 1.55 -10.88
N GLY F 115 -53.27 2.00 -11.76
CA GLY F 115 -53.30 1.51 -13.12
C GLY F 115 -52.27 2.20 -13.97
N MET F 116 -52.04 3.49 -13.70
CA MET F 116 -51.00 4.23 -14.40
C MET F 116 -49.61 3.87 -13.92
N GLU F 117 -49.49 3.16 -12.79
CA GLU F 117 -48.19 2.68 -12.36
C GLU F 117 -47.68 1.56 -13.25
N ARG F 118 -48.51 0.53 -13.47
CA ARG F 118 -48.12 -0.58 -14.33
C ARG F 118 -48.23 -0.25 -15.81
N ALA F 119 -48.85 0.88 -16.16
CA ALA F 119 -48.77 1.37 -17.53
C ALA F 119 -47.35 1.80 -17.87
N LEU F 120 -46.66 2.42 -16.91
CA LEU F 120 -45.27 2.81 -17.12
C LEU F 120 -44.33 1.62 -17.05
N ALA F 121 -44.74 0.53 -16.38
CA ALA F 121 -43.91 -0.66 -16.34
C ALA F 121 -43.86 -1.35 -17.70
N LEU F 122 -44.99 -1.40 -18.39
CA LEU F 122 -45.05 -2.00 -19.72
C LEU F 122 -44.46 -1.09 -20.80
N THR F 123 -44.16 0.17 -20.48
CA THR F 123 -43.59 1.09 -21.45
C THR F 123 -42.36 1.77 -20.85
N ASN F 124 -41.72 1.10 -19.88
CA ASN F 124 -40.35 1.37 -19.42
C ASN F 124 -40.18 2.78 -18.85
N ARG F 125 -40.94 3.07 -17.80
CA ARG F 125 -40.81 4.32 -17.05
C ARG F 125 -40.99 4.04 -15.57
N GLU F 126 -40.32 4.85 -14.74
CA GLU F 126 -40.35 4.69 -13.30
C GLU F 126 -40.44 6.08 -12.66
N ILE F 127 -41.56 6.35 -11.98
CA ILE F 127 -41.82 7.67 -11.40
C ILE F 127 -41.38 7.62 -9.94
N VAL F 128 -40.11 7.93 -9.71
CA VAL F 128 -39.54 7.96 -8.37
C VAL F 128 -38.62 9.17 -8.22
N GLU F 129 -38.61 9.73 -7.01
CA GLU F 129 -37.59 10.69 -6.57
C GLU F 129 -37.60 10.75 -5.05
N SER G 1 -20.13 76.42 -15.98
CA SER G 1 -19.96 76.66 -14.55
C SER G 1 -18.61 76.15 -14.07
N ALA G 2 -18.60 75.55 -12.88
CA ALA G 2 -17.39 75.01 -12.28
C ALA G 2 -17.37 73.48 -12.30
N LEU G 3 -18.11 72.86 -13.20
CA LEU G 3 -18.18 71.39 -13.26
C LEU G 3 -16.89 70.84 -13.85
N GLN G 4 -16.08 70.22 -12.99
CA GLN G 4 -14.83 69.56 -13.36
C GLN G 4 -14.74 68.22 -12.64
N GLU G 5 -15.80 67.42 -12.81
CA GLU G 5 -16.21 66.32 -11.94
C GLU G 5 -15.11 65.30 -11.72
N LEU G 6 -15.10 64.71 -10.53
CA LEU G 6 -14.15 63.67 -10.18
C LEU G 6 -14.73 62.27 -10.40
N SER G 7 -15.80 61.92 -9.68
CA SER G 7 -16.55 60.66 -9.79
C SER G 7 -15.63 59.44 -9.58
N ALA G 8 -15.10 59.35 -8.36
CA ALA G 8 -14.05 58.37 -8.10
C ALA G 8 -14.62 57.05 -7.60
N PRO G 9 -14.06 55.92 -8.05
CA PRO G 9 -14.33 54.63 -7.39
C PRO G 9 -13.45 54.39 -6.17
N LEU G 10 -12.62 55.38 -5.85
CA LEU G 10 -12.01 55.64 -4.54
C LEU G 10 -10.90 54.67 -4.13
N LEU G 11 -10.74 53.54 -4.81
CA LEU G 11 -9.44 52.89 -4.67
C LEU G 11 -8.51 53.44 -5.75
N PRO G 12 -8.91 53.53 -7.06
CA PRO G 12 -8.28 54.55 -7.91
C PRO G 12 -9.17 55.78 -7.98
N ILE G 13 -8.69 56.87 -8.55
CA ILE G 13 -9.46 58.10 -8.69
C ILE G 13 -9.39 58.48 -10.16
N PHE G 14 -10.30 57.97 -10.97
CA PHE G 14 -10.28 58.43 -12.35
C PHE G 14 -11.12 59.69 -12.45
N GLU G 15 -11.04 60.34 -13.61
CA GLU G 15 -11.62 61.67 -13.74
C GLU G 15 -11.90 61.91 -15.22
N LYS G 16 -13.02 62.55 -15.52
CA LYS G 16 -13.45 62.79 -16.89
C LYS G 16 -13.35 64.26 -17.23
N ILE G 17 -12.69 64.57 -18.34
CA ILE G 17 -12.61 65.92 -18.87
C ILE G 17 -13.54 66.04 -20.07
N SER G 18 -14.52 66.92 -19.97
CA SER G 18 -15.29 67.31 -21.13
C SER G 18 -14.64 68.55 -21.75
N VAL G 19 -15.09 68.91 -22.96
CA VAL G 19 -14.36 69.89 -23.76
C VAL G 19 -14.59 71.30 -23.18
N MET G 20 -13.51 71.86 -22.61
CA MET G 20 -13.40 73.24 -22.17
C MET G 20 -11.93 73.68 -22.10
N PRO G 21 -11.17 73.61 -23.20
CA PRO G 21 -9.70 73.74 -23.11
C PRO G 21 -9.17 75.16 -23.20
N LEU G 22 -9.22 75.89 -22.08
CA LEU G 22 -8.68 77.24 -22.02
C LEU G 22 -7.76 77.37 -20.81
N ILE G 23 -6.79 78.29 -20.93
CA ILE G 23 -5.70 78.38 -19.97
C ILE G 23 -6.18 78.92 -18.63
N GLY G 24 -7.18 79.81 -18.63
CA GLY G 24 -7.68 80.42 -17.41
C GLY G 24 -8.44 79.48 -16.48
N THR G 25 -8.81 78.28 -16.96
CA THR G 25 -9.41 77.26 -16.13
C THR G 25 -8.30 76.33 -15.64
N ILE G 26 -7.66 76.75 -14.54
CA ILE G 26 -6.66 75.92 -13.87
C ILE G 26 -7.32 74.89 -12.94
N ASP G 27 -8.64 74.94 -12.80
CA ASP G 27 -9.40 74.06 -11.90
C ASP G 27 -9.42 72.61 -12.33
N THR G 28 -8.82 72.25 -13.48
CA THR G 28 -8.49 70.85 -13.70
C THR G 28 -7.27 70.42 -12.89
N GLU G 29 -6.54 71.35 -12.30
CA GLU G 29 -5.42 71.08 -11.43
C GLU G 29 -5.66 71.54 -10.00
N ARG G 30 -6.04 72.81 -9.81
CA ARG G 30 -6.21 73.35 -8.47
C ARG G 30 -7.44 72.76 -7.78
N ALA G 31 -8.52 72.55 -8.54
CA ALA G 31 -9.69 71.84 -8.01
C ALA G 31 -9.64 70.35 -8.32
N LYS G 32 -8.44 69.80 -8.45
CA LYS G 32 -8.22 68.36 -8.45
C LYS G 32 -7.32 67.92 -7.32
N LEU G 33 -6.22 68.64 -7.09
CA LEU G 33 -5.25 68.26 -6.07
C LEU G 33 -5.83 68.38 -4.66
N ILE G 34 -6.72 69.34 -4.45
CA ILE G 34 -7.39 69.44 -3.15
C ILE G 34 -8.33 68.26 -2.95
N ILE G 35 -9.05 67.87 -4.00
CA ILE G 35 -9.89 66.67 -3.93
C ILE G 35 -9.08 65.40 -4.18
N GLU G 36 -7.80 65.52 -4.51
CA GLU G 36 -6.95 64.33 -4.63
C GLU G 36 -6.66 63.74 -3.26
N ASN G 37 -6.15 64.55 -2.34
CA ASN G 37 -5.86 64.08 -0.99
C ASN G 37 -7.06 64.21 -0.07
N LEU G 38 -8.22 64.61 -0.59
CA LEU G 38 -9.45 64.57 0.20
C LEU G 38 -9.84 63.13 0.55
N LEU G 39 -9.47 62.19 -0.30
CA LEU G 39 -9.47 60.77 0.02
C LEU G 39 -8.04 60.26 -0.08
N ILE G 40 -7.85 59.00 0.32
CA ILE G 40 -6.54 58.37 0.17
C ILE G 40 -6.26 58.12 -1.30
N GLY G 41 -5.12 58.59 -1.77
CA GLY G 41 -4.85 58.68 -3.19
C GLY G 41 -3.93 57.59 -3.69
N VAL G 42 -4.39 56.88 -4.71
CA VAL G 42 -3.61 55.88 -5.44
C VAL G 42 -3.78 56.32 -6.89
N VAL G 43 -3.38 55.47 -7.86
CA VAL G 43 -3.33 55.69 -9.31
C VAL G 43 -4.59 56.36 -9.86
N LYS G 44 -4.39 57.35 -10.74
CA LYS G 44 -5.45 58.21 -11.21
C LYS G 44 -5.40 58.34 -12.73
N ASN G 45 -6.49 58.83 -13.31
CA ASN G 45 -6.64 58.92 -14.77
C ASN G 45 -7.01 60.33 -15.18
N ARG G 46 -6.94 60.60 -16.48
CA ARG G 46 -7.26 61.91 -17.03
C ARG G 46 -8.40 61.85 -18.05
N SER G 47 -8.33 60.95 -19.02
CA SER G 47 -9.38 60.64 -20.00
C SER G 47 -9.80 61.87 -20.80
N GLU G 48 -8.85 62.40 -21.57
CA GLU G 48 -9.13 63.52 -22.47
C GLU G 48 -9.51 63.02 -23.86
N VAL G 49 -10.48 62.12 -23.92
CA VAL G 49 -10.87 61.54 -25.20
C VAL G 49 -11.76 62.50 -25.99
N VAL G 50 -12.37 63.48 -25.33
CA VAL G 50 -13.11 64.54 -26.02
C VAL G 50 -12.47 65.88 -25.62
N LEU G 51 -11.46 66.27 -26.41
CA LEU G 51 -10.81 67.58 -26.26
C LEU G 51 -10.09 67.83 -27.57
N ILE G 52 -10.57 68.78 -28.36
CA ILE G 52 -9.92 69.20 -29.59
C ILE G 52 -9.94 70.72 -29.61
N ASP G 53 -8.78 71.35 -29.37
CA ASP G 53 -7.51 70.71 -29.06
C ASP G 53 -6.79 71.54 -27.99
N ILE G 54 -5.64 71.03 -27.51
CA ILE G 54 -4.80 71.81 -26.62
C ILE G 54 -4.18 72.95 -27.43
N THR G 55 -4.39 74.19 -26.97
CA THR G 55 -4.12 75.34 -27.83
C THR G 55 -2.64 75.64 -27.92
N GLY G 56 -2.03 76.07 -26.81
CA GLY G 56 -0.60 76.32 -26.82
C GLY G 56 0.07 76.00 -25.50
N VAL G 57 -0.71 75.56 -24.52
CA VAL G 57 -0.18 75.35 -23.18
C VAL G 57 -0.62 74.00 -22.62
N PRO G 58 0.14 72.95 -22.85
CA PRO G 58 0.01 71.72 -22.07
C PRO G 58 0.92 71.66 -20.86
N VAL G 59 1.63 72.76 -20.56
CA VAL G 59 2.46 72.84 -19.37
C VAL G 59 1.60 72.75 -18.12
N VAL G 60 0.39 73.32 -18.18
CA VAL G 60 -0.61 73.09 -17.14
C VAL G 60 -1.01 71.63 -17.11
N ASP G 61 -1.11 70.99 -18.27
CA ASP G 61 -1.57 69.62 -18.36
C ASP G 61 -0.45 68.58 -18.24
N THR G 62 0.82 69.00 -18.25
CA THR G 62 1.90 68.05 -18.07
C THR G 62 2.68 68.23 -16.79
N MET G 63 2.70 69.42 -16.20
CA MET G 63 3.21 69.53 -14.83
C MET G 63 2.22 68.94 -13.85
N VAL G 64 0.93 68.93 -14.19
CA VAL G 64 -0.05 68.20 -13.40
C VAL G 64 0.15 66.69 -13.54
N ALA G 65 0.85 66.25 -14.59
CA ALA G 65 1.30 64.87 -14.64
C ALA G 65 2.53 64.63 -13.78
N HIS G 66 3.14 65.68 -13.24
CA HIS G 66 4.20 65.55 -12.27
C HIS G 66 3.86 66.14 -10.92
N HIS G 67 2.72 66.82 -10.78
CA HIS G 67 2.21 67.26 -9.50
C HIS G 67 1.35 66.21 -8.83
N ILE G 68 1.30 65.00 -9.37
CA ILE G 68 0.56 63.89 -8.79
C ILE G 68 1.50 62.83 -8.25
N ILE G 69 2.64 62.61 -8.92
CA ILE G 69 3.68 61.70 -8.43
C ILE G 69 4.27 62.20 -7.11
N GLN G 70 4.22 63.51 -6.87
CA GLN G 70 4.59 64.05 -5.56
C GLN G 70 3.56 63.67 -4.50
N ALA G 71 2.27 63.77 -4.82
CA ALA G 71 1.23 63.60 -3.81
C ALA G 71 0.67 62.20 -3.74
N SER G 72 0.76 61.41 -4.81
CA SER G 72 0.08 60.11 -4.84
C SER G 72 0.78 59.23 -5.88
N GLU G 73 0.11 58.15 -6.28
CA GLU G 73 0.63 57.20 -7.26
C GLU G 73 0.52 57.80 -8.66
N ALA G 74 0.83 57.01 -9.68
CA ALA G 74 1.06 57.52 -11.03
C ALA G 74 -0.24 57.96 -11.70
N VAL G 75 -0.16 59.08 -12.41
CA VAL G 75 -1.21 59.57 -13.28
C VAL G 75 -1.06 58.82 -14.60
N ARG G 76 -2.07 58.88 -15.46
CA ARG G 76 -1.90 58.45 -16.83
C ARG G 76 -2.81 59.26 -17.74
N LEU G 77 -2.40 59.40 -18.98
CA LEU G 77 -3.15 60.14 -19.99
C LEU G 77 -3.89 59.13 -20.86
N VAL G 78 -5.21 59.23 -20.87
CA VAL G 78 -6.07 58.20 -21.44
C VAL G 78 -6.71 58.76 -22.70
N GLY G 79 -6.32 58.21 -23.85
CA GLY G 79 -7.01 58.48 -25.10
C GLY G 79 -6.78 59.84 -25.69
N CYS G 80 -5.55 60.12 -26.11
CA CYS G 80 -5.29 61.34 -26.86
C CYS G 80 -5.81 61.19 -28.29
N GLN G 81 -5.88 62.31 -28.99
CA GLN G 81 -6.32 62.33 -30.38
C GLN G 81 -5.13 62.08 -31.29
N ALA G 82 -5.35 62.20 -32.60
CA ALA G 82 -4.27 62.04 -33.57
C ALA G 82 -3.53 63.34 -33.81
N MET G 83 -4.25 64.38 -34.22
CA MET G 83 -3.65 65.69 -34.46
C MET G 83 -3.25 66.40 -33.17
N LEU G 84 -3.78 65.95 -32.02
CA LEU G 84 -3.42 66.54 -30.73
C LEU G 84 -1.94 66.27 -30.39
N VAL G 85 -1.38 65.19 -30.90
CA VAL G 85 -0.03 64.77 -30.55
C VAL G 85 0.84 65.09 -31.77
N GLY G 86 0.46 66.14 -32.49
CA GLY G 86 1.14 66.56 -33.71
C GLY G 86 2.61 66.94 -33.54
N ILE G 87 2.89 68.04 -32.86
CA ILE G 87 4.26 68.46 -32.57
C ILE G 87 4.31 68.81 -31.09
N ARG G 88 4.96 67.96 -30.30
CA ARG G 88 5.16 68.22 -28.88
C ARG G 88 6.65 68.48 -28.66
N PRO G 89 7.08 69.75 -28.57
CA PRO G 89 8.49 70.05 -28.36
C PRO G 89 8.94 70.01 -26.90
N GLU G 90 8.00 69.87 -25.97
CA GLU G 90 8.33 69.80 -24.56
C GLU G 90 9.01 68.48 -24.21
N GLN G 104 7.80 59.98 -21.26
CA GLN G 104 7.69 60.98 -20.20
C GLN G 104 6.85 60.45 -19.05
N ILE G 105 5.60 60.13 -19.36
CA ILE G 105 4.61 59.68 -18.38
C ILE G 105 3.84 58.53 -18.99
N ILE G 106 3.41 57.58 -18.14
CA ILE G 106 2.71 56.39 -18.61
C ILE G 106 1.34 56.80 -19.19
N THR G 107 0.88 56.01 -20.17
CA THR G 107 -0.36 56.33 -20.86
C THR G 107 -0.99 55.03 -21.36
N THR G 108 -2.10 55.19 -22.08
CA THR G 108 -2.89 54.05 -22.54
C THR G 108 -3.70 54.50 -23.75
N ASN G 109 -4.62 53.66 -24.19
CA ASN G 109 -5.41 53.93 -25.38
C ASN G 109 -6.85 54.32 -25.08
N THR G 110 -7.52 53.65 -24.16
CA THR G 110 -8.89 53.98 -23.81
C THR G 110 -9.17 53.56 -22.38
N MET G 111 -10.39 53.85 -21.91
CA MET G 111 -10.72 53.67 -20.50
C MET G 111 -10.89 52.20 -20.12
N LYS G 112 -11.31 51.35 -21.07
CA LYS G 112 -11.60 49.96 -20.73
C LYS G 112 -10.34 49.15 -20.45
N LYS G 113 -9.17 49.62 -20.87
CA LYS G 113 -7.93 48.91 -20.64
C LYS G 113 -6.91 49.71 -19.85
N GLY G 114 -7.01 51.03 -19.82
CA GLY G 114 -6.17 51.81 -18.93
C GLY G 114 -6.52 51.58 -17.48
N MET G 115 -7.81 51.38 -17.19
CA MET G 115 -8.26 51.09 -15.84
C MET G 115 -7.80 49.71 -15.38
N GLU G 116 -7.73 48.75 -16.31
CA GLU G 116 -7.30 47.40 -15.96
C GLU G 116 -5.83 47.37 -15.58
N ARG G 117 -4.97 48.00 -16.38
CA ARG G 117 -3.56 48.05 -16.04
C ARG G 117 -3.25 49.05 -14.95
N ALA G 118 -4.18 49.94 -14.61
CA ALA G 118 -4.05 50.70 -13.37
C ALA G 118 -4.22 49.80 -12.17
N LEU G 119 -5.11 48.81 -12.27
CA LEU G 119 -5.22 47.79 -11.25
C LEU G 119 -4.06 46.80 -11.29
N ALA G 120 -3.34 46.73 -12.41
CA ALA G 120 -2.16 45.90 -12.52
C ALA G 120 -0.88 46.63 -12.13
N LEU G 121 -1.00 47.81 -11.53
CA LEU G 121 0.09 48.47 -10.82
C LEU G 121 -0.06 48.38 -9.31
N THR G 122 -1.24 47.99 -8.82
CA THR G 122 -1.46 47.74 -7.39
C THR G 122 -2.02 46.34 -7.16
N ASN G 123 -1.92 45.47 -8.16
CA ASN G 123 -2.17 44.02 -8.06
C ASN G 123 -3.61 43.70 -7.63
N ARG G 124 -4.56 44.09 -8.48
CA ARG G 124 -5.93 43.60 -8.38
C ARG G 124 -6.44 43.33 -9.79
N GLU G 125 -7.45 42.47 -9.89
CA GLU G 125 -7.95 42.08 -11.20
C GLU G 125 -9.41 41.65 -11.06
N ILE G 126 -10.13 41.69 -12.18
CA ILE G 126 -11.54 41.31 -12.25
C ILE G 126 -11.66 40.17 -13.26
N VAL G 127 -11.61 38.93 -12.77
CA VAL G 127 -11.74 37.75 -13.60
C VAL G 127 -13.05 37.05 -13.26
N GLU G 128 -13.44 36.11 -14.12
CA GLU G 128 -14.71 35.43 -13.98
C GLU G 128 -14.59 34.13 -13.20
N LYS H 1 -80.69 13.66 -18.84
CA LYS H 1 -80.02 14.95 -18.68
C LYS H 1 -78.51 14.78 -18.73
N SER H 2 -77.83 15.72 -19.40
CA SER H 2 -76.38 15.71 -19.53
C SER H 2 -75.76 16.24 -18.23
N ALA H 3 -75.76 15.38 -17.21
CA ALA H 3 -75.22 15.73 -15.90
C ALA H 3 -73.75 15.31 -15.83
N LEU H 4 -72.95 15.94 -16.69
CA LEU H 4 -71.52 15.71 -16.77
C LEU H 4 -70.89 16.91 -17.48
N GLN H 5 -69.72 17.33 -17.00
CA GLN H 5 -68.86 18.20 -17.78
C GLN H 5 -67.58 17.47 -18.15
N GLU H 6 -66.75 17.13 -17.15
CA GLU H 6 -65.88 15.97 -16.99
C GLU H 6 -65.13 16.15 -15.67
N LEU H 7 -64.69 15.06 -15.05
CA LEU H 7 -63.70 15.09 -13.97
C LEU H 7 -63.08 13.72 -13.81
N SER H 8 -61.75 13.67 -13.87
CA SER H 8 -60.99 12.45 -13.67
C SER H 8 -60.33 12.48 -12.30
N ALA H 9 -59.82 11.33 -11.85
CA ALA H 9 -59.12 11.23 -10.57
C ALA H 9 -57.94 10.28 -10.68
N PRO H 10 -56.82 10.72 -11.28
CA PRO H 10 -55.59 9.91 -11.27
C PRO H 10 -54.80 10.10 -10.00
N LEU H 11 -53.53 9.68 -10.02
CA LEU H 11 -52.52 10.05 -9.03
C LEU H 11 -52.46 11.58 -8.84
N LEU H 12 -51.92 12.02 -7.68
CA LEU H 12 -52.11 13.30 -6.98
C LEU H 12 -52.32 14.55 -7.83
N PRO H 13 -51.62 14.77 -8.97
CA PRO H 13 -52.14 15.78 -9.91
C PRO H 13 -53.41 15.30 -10.58
N ILE H 14 -54.56 15.78 -10.13
CA ILE H 14 -55.86 15.31 -10.60
C ILE H 14 -56.39 16.31 -11.62
N PHE H 15 -56.17 16.01 -12.90
CA PHE H 15 -56.51 16.95 -13.95
C PHE H 15 -57.97 16.78 -14.36
N GLU H 16 -58.34 17.38 -15.49
CA GLU H 16 -59.73 17.59 -15.84
C GLU H 16 -59.81 17.75 -17.35
N LYS H 17 -61.02 17.60 -17.89
CA LYS H 17 -61.25 17.75 -19.32
C LYS H 17 -62.44 18.67 -19.54
N ILE H 18 -62.38 19.51 -20.56
CA ILE H 18 -63.44 20.45 -20.88
C ILE H 18 -63.63 20.47 -22.39
N SER H 19 -64.83 20.16 -22.84
CA SER H 19 -65.20 20.17 -24.26
C SER H 19 -65.69 21.58 -24.63
N VAL H 20 -66.37 21.72 -25.76
CA VAL H 20 -66.94 23.00 -26.13
C VAL H 20 -68.22 23.17 -25.30
N MET H 21 -68.09 23.86 -24.17
CA MET H 21 -69.22 24.21 -23.31
C MET H 21 -69.14 25.70 -23.00
N PRO H 22 -69.33 26.57 -24.01
CA PRO H 22 -69.00 27.99 -23.87
C PRO H 22 -70.17 28.85 -23.41
N LEU H 23 -70.79 28.49 -22.30
CA LEU H 23 -71.98 29.20 -21.86
C LEU H 23 -71.94 29.40 -20.35
N ILE H 24 -72.50 30.53 -19.91
CA ILE H 24 -72.38 30.96 -18.52
C ILE H 24 -73.21 30.07 -17.59
N GLY H 25 -74.23 29.40 -18.13
CA GLY H 25 -75.03 28.46 -17.35
C GLY H 25 -74.29 27.24 -16.87
N THR H 26 -73.10 26.95 -17.43
CA THR H 26 -72.24 25.89 -16.92
C THR H 26 -71.41 26.41 -15.74
N ILE H 27 -72.13 26.71 -14.65
CA ILE H 27 -71.49 26.97 -13.37
C ILE H 27 -71.23 25.68 -12.61
N ASP H 28 -71.73 24.55 -13.14
CA ASP H 28 -71.54 23.23 -12.56
C ASP H 28 -70.08 22.77 -12.55
N THR H 29 -69.21 23.41 -13.34
CA THR H 29 -67.78 23.13 -13.34
C THR H 29 -67.04 23.78 -12.17
N GLU H 30 -67.76 24.29 -11.17
CA GLU H 30 -67.13 24.89 -10.00
C GLU H 30 -67.31 24.03 -8.76
N ARG H 31 -68.55 23.70 -8.39
CA ARG H 31 -68.76 22.86 -7.20
C ARG H 31 -68.32 21.43 -7.44
N ALA H 32 -68.44 20.93 -8.68
CA ALA H 32 -67.87 19.63 -9.02
C ALA H 32 -66.35 19.65 -8.94
N LYS H 33 -65.72 20.81 -9.07
CA LYS H 33 -64.28 20.94 -8.89
C LYS H 33 -63.91 21.16 -7.42
N LEU H 34 -64.72 21.92 -6.70
CA LEU H 34 -64.41 22.25 -5.31
C LEU H 34 -64.60 21.04 -4.39
N ILE H 35 -65.67 20.26 -4.61
CA ILE H 35 -65.98 19.15 -3.70
C ILE H 35 -64.94 18.03 -3.80
N ILE H 36 -64.35 17.83 -4.97
CA ILE H 36 -63.31 16.81 -5.07
C ILE H 36 -62.00 17.31 -4.48
N GLU H 37 -61.83 18.62 -4.31
CA GLU H 37 -60.55 19.15 -3.88
C GLU H 37 -60.27 18.90 -2.40
N ASN H 38 -61.28 18.54 -1.62
CA ASN H 38 -61.05 17.99 -0.29
C ASN H 38 -61.54 16.54 -0.17
N LEU H 39 -62.10 15.98 -1.23
CA LEU H 39 -62.39 14.54 -1.23
C LEU H 39 -61.11 13.75 -1.26
N LEU H 40 -60.28 13.97 -2.27
CA LEU H 40 -58.85 13.71 -2.19
C LEU H 40 -58.15 15.06 -2.25
N ILE H 41 -56.82 15.04 -2.08
CA ILE H 41 -56.17 16.28 -1.70
C ILE H 41 -55.76 17.09 -2.93
N GLY H 42 -54.75 16.60 -3.66
CA GLY H 42 -54.36 17.28 -4.87
C GLY H 42 -53.36 18.38 -4.56
N VAL H 43 -52.09 18.20 -4.90
CA VAL H 43 -51.10 19.25 -4.68
C VAL H 43 -50.91 20.13 -5.91
N VAL H 44 -51.46 19.72 -7.06
CA VAL H 44 -51.49 20.53 -8.27
C VAL H 44 -52.58 19.92 -9.13
N LYS H 45 -53.11 20.68 -10.07
CA LYS H 45 -54.10 20.13 -10.98
C LYS H 45 -54.11 20.93 -12.27
N ASN H 46 -54.54 20.29 -13.36
CA ASN H 46 -54.60 20.90 -14.68
C ASN H 46 -56.06 21.04 -15.10
N ARG H 47 -56.26 21.73 -16.23
CA ARG H 47 -57.59 21.94 -16.76
C ARG H 47 -57.79 21.35 -18.16
N SER H 48 -56.80 21.50 -19.04
CA SER H 48 -56.76 20.92 -20.39
C SER H 48 -57.97 21.34 -21.23
N GLU H 49 -58.10 22.65 -21.43
CA GLU H 49 -59.15 23.18 -22.28
C GLU H 49 -58.67 23.34 -23.73
N VAL H 50 -58.17 22.25 -24.29
CA VAL H 50 -57.63 22.28 -25.65
C VAL H 50 -58.73 22.34 -26.71
N VAL H 51 -59.98 22.06 -26.34
CA VAL H 51 -61.11 22.12 -27.26
C VAL H 51 -62.18 23.01 -26.65
N LEU H 52 -62.18 24.29 -27.04
CA LEU H 52 -63.18 25.25 -26.57
C LEU H 52 -63.16 26.42 -27.54
N ILE H 53 -64.31 26.70 -28.17
CA ILE H 53 -64.48 27.88 -29.02
C ILE H 53 -65.87 28.42 -28.75
N ASP H 54 -65.97 29.60 -28.12
CA ASP H 54 -64.93 30.35 -27.42
C ASP H 54 -65.55 30.90 -26.15
N ILE H 55 -64.73 31.35 -25.20
CA ILE H 55 -65.26 32.05 -24.03
C ILE H 55 -65.84 33.38 -24.48
N THR H 56 -67.13 33.60 -24.19
CA THR H 56 -67.85 34.73 -24.74
C THR H 56 -67.45 36.05 -24.09
N GLY H 57 -67.75 36.20 -22.81
CA GLY H 57 -67.33 37.37 -22.07
C GLY H 57 -67.05 37.06 -20.62
N VAL H 58 -66.97 35.78 -20.29
CA VAL H 58 -66.91 35.36 -18.89
C VAL H 58 -65.68 34.52 -18.57
N PRO H 59 -64.52 35.14 -18.34
CA PRO H 59 -63.45 34.45 -17.64
C PRO H 59 -63.56 34.54 -16.13
N VAL H 60 -64.54 35.30 -15.62
CA VAL H 60 -64.74 35.47 -14.18
C VAL H 60 -65.34 34.25 -13.51
N VAL H 61 -65.62 33.20 -14.28
CA VAL H 61 -65.85 31.87 -13.73
C VAL H 61 -64.68 30.95 -14.04
N ASP H 62 -63.84 31.29 -15.02
CA ASP H 62 -62.70 30.47 -15.39
C ASP H 62 -61.40 30.93 -14.73
N THR H 63 -60.97 32.17 -14.98
CA THR H 63 -59.69 32.63 -14.43
C THR H 63 -59.83 33.29 -13.07
N MET H 64 -61.05 33.64 -12.65
CA MET H 64 -61.23 34.19 -11.31
C MET H 64 -61.13 33.13 -10.24
N VAL H 65 -61.72 31.96 -10.49
CA VAL H 65 -61.68 30.87 -9.53
C VAL H 65 -60.33 30.18 -9.48
N ALA H 66 -59.43 30.48 -10.42
CA ALA H 66 -58.10 29.89 -10.42
C ALA H 66 -57.28 30.38 -9.23
N HIS H 67 -57.55 31.59 -8.74
CA HIS H 67 -57.00 32.03 -7.46
C HIS H 67 -57.96 31.80 -6.31
N HIS H 68 -59.20 31.41 -6.58
CA HIS H 68 -60.11 30.94 -5.54
C HIS H 68 -60.03 29.43 -5.39
N ILE H 69 -59.01 28.80 -5.94
CA ILE H 69 -58.76 27.37 -5.79
C ILE H 69 -57.31 27.21 -5.36
N ILE H 70 -56.56 28.32 -5.39
CA ILE H 70 -55.25 28.35 -4.75
C ILE H 70 -55.42 28.23 -3.24
N GLN H 71 -56.57 28.68 -2.71
CA GLN H 71 -56.93 28.51 -1.32
C GLN H 71 -56.98 27.04 -0.89
N ALA H 72 -57.24 26.12 -1.82
CA ALA H 72 -57.24 24.71 -1.49
C ALA H 72 -56.25 23.90 -2.32
N SER H 73 -56.25 24.05 -3.65
CA SER H 73 -55.67 23.06 -4.55
C SER H 73 -54.21 23.30 -4.90
N GLU H 74 -53.60 24.37 -4.39
CA GLU H 74 -52.16 24.67 -4.56
C GLU H 74 -51.73 24.81 -6.02
N ALA H 75 -52.07 25.96 -6.61
CA ALA H 75 -51.56 26.42 -7.90
C ALA H 75 -51.98 25.59 -9.10
N VAL H 76 -53.28 25.65 -9.42
CA VAL H 76 -53.86 25.18 -10.68
C VAL H 76 -53.13 25.79 -11.88
N ARG H 77 -53.15 25.08 -13.01
CA ARG H 77 -52.54 25.62 -14.23
C ARG H 77 -53.40 25.27 -15.44
N LEU H 78 -53.42 26.20 -16.39
CA LEU H 78 -54.11 25.99 -17.64
C LEU H 78 -53.23 25.22 -18.61
N VAL H 79 -53.84 24.35 -19.41
CA VAL H 79 -53.12 23.50 -20.34
C VAL H 79 -53.72 23.70 -21.72
N GLY H 80 -52.92 24.24 -22.65
CA GLY H 80 -53.29 24.29 -24.05
C GLY H 80 -54.42 25.22 -24.39
N CYS H 81 -54.23 26.52 -24.22
CA CYS H 81 -55.20 27.48 -24.71
C CYS H 81 -55.15 27.54 -26.22
N GLN H 82 -56.31 27.68 -26.85
CA GLN H 82 -56.40 27.71 -28.31
C GLN H 82 -55.84 29.02 -28.86
N ALA H 83 -55.77 29.09 -30.18
CA ALA H 83 -55.23 30.27 -30.85
C ALA H 83 -56.16 31.47 -30.70
N MET H 84 -57.39 31.34 -31.18
CA MET H 84 -58.35 32.44 -31.15
C MET H 84 -58.95 32.70 -29.78
N LEU H 85 -58.78 31.76 -28.84
CA LEU H 85 -59.36 31.93 -27.51
C LEU H 85 -58.67 33.03 -26.71
N VAL H 86 -57.36 33.19 -26.90
CA VAL H 86 -56.60 34.21 -26.17
C VAL H 86 -56.78 35.59 -26.78
N GLY H 87 -57.52 35.71 -27.88
CA GLY H 87 -57.95 37.02 -28.35
C GLY H 87 -58.87 37.73 -27.37
N ILE H 88 -59.55 36.97 -26.51
CA ILE H 88 -60.28 37.51 -25.38
C ILE H 88 -59.29 38.13 -24.40
N ARG H 89 -59.34 39.44 -24.24
CA ARG H 89 -58.50 40.14 -23.27
C ARG H 89 -59.27 41.26 -22.56
N PRO H 90 -59.96 40.93 -21.47
CA PRO H 90 -60.46 41.98 -20.58
C PRO H 90 -59.32 42.68 -19.86
N GLU H 91 -58.43 41.89 -19.28
CA GLU H 91 -57.27 42.41 -18.58
C GLU H 91 -56.07 41.48 -18.75
N GLN H 105 -49.80 36.32 -12.93
CA GLN H 105 -51.11 35.69 -12.92
C GLN H 105 -50.99 34.18 -12.69
N ILE H 106 -51.65 33.39 -13.54
CA ILE H 106 -51.70 31.94 -13.39
C ILE H 106 -50.66 31.29 -14.29
N ILE H 107 -50.05 30.22 -13.78
CA ILE H 107 -49.10 29.43 -14.55
C ILE H 107 -49.83 28.71 -15.67
N THR H 108 -49.23 28.69 -16.86
CA THR H 108 -49.79 27.99 -18.00
C THR H 108 -48.67 27.18 -18.68
N THR H 109 -49.03 26.45 -19.73
CA THR H 109 -48.09 25.60 -20.44
C THR H 109 -48.58 25.42 -21.87
N ASN H 110 -47.92 24.52 -22.61
CA ASN H 110 -48.22 24.32 -24.03
C ASN H 110 -49.22 23.21 -24.25
N THR H 111 -48.96 22.03 -23.69
CA THR H 111 -49.87 20.89 -23.82
C THR H 111 -49.65 19.96 -22.63
N MET H 112 -50.37 18.83 -22.66
CA MET H 112 -50.39 17.94 -21.50
C MET H 112 -49.06 17.22 -21.29
N LYS H 113 -48.43 16.77 -22.37
CA LYS H 113 -47.22 15.95 -22.26
C LYS H 113 -46.02 16.74 -21.75
N LYS H 114 -46.02 18.06 -21.89
CA LYS H 114 -45.03 18.92 -21.25
C LYS H 114 -45.68 19.89 -20.27
N GLY H 115 -46.89 19.58 -19.82
CA GLY H 115 -47.51 20.30 -18.73
C GLY H 115 -47.57 19.42 -17.50
N MET H 116 -47.77 18.12 -17.72
CA MET H 116 -47.77 17.15 -16.63
C MET H 116 -46.38 17.02 -16.02
N GLU H 117 -45.34 17.12 -16.83
CA GLU H 117 -43.97 16.94 -16.35
C GLU H 117 -43.56 18.05 -15.39
N ARG H 118 -43.86 19.30 -15.74
CA ARG H 118 -43.60 20.39 -14.80
C ARG H 118 -44.62 20.42 -13.67
N ALA H 119 -45.78 19.78 -13.84
CA ALA H 119 -46.67 19.56 -12.72
C ALA H 119 -46.22 18.39 -11.85
N LEU H 120 -45.33 17.55 -12.36
CA LEU H 120 -44.67 16.57 -11.52
C LEU H 120 -43.45 17.14 -10.81
N ALA H 121 -42.88 18.22 -11.35
CA ALA H 121 -41.74 18.85 -10.71
C ALA H 121 -42.13 19.54 -9.41
N LEU H 122 -43.39 20.00 -9.32
CA LEU H 122 -43.88 20.68 -8.13
C LEU H 122 -44.34 19.71 -7.05
N THR H 123 -44.10 18.40 -7.22
CA THR H 123 -44.49 17.42 -6.22
C THR H 123 -43.42 16.35 -6.02
N ASN H 124 -42.14 16.72 -6.26
CA ASN H 124 -40.96 15.89 -5.97
C ASN H 124 -40.97 14.57 -6.73
N ARG H 125 -41.26 14.65 -8.03
CA ARG H 125 -41.36 13.46 -8.88
C ARG H 125 -40.78 13.79 -10.25
N GLU H 126 -39.70 13.09 -10.61
CA GLU H 126 -39.07 13.26 -11.92
C GLU H 126 -39.15 11.95 -12.70
N ILE H 127 -39.24 12.08 -14.01
CA ILE H 127 -39.33 10.90 -14.89
C ILE H 127 -37.94 10.31 -15.04
N VAL H 128 -37.77 9.07 -14.60
CA VAL H 128 -36.48 8.37 -14.64
C VAL H 128 -36.72 7.01 -15.28
N GLU H 129 -35.86 6.64 -16.23
CA GLU H 129 -36.00 5.38 -16.95
C GLU H 129 -34.83 4.44 -16.66
N SER I 1 48.65 6.61 65.01
CA SER I 1 48.27 5.88 63.81
C SER I 1 46.89 5.23 63.98
N ALA I 2 45.95 6.01 64.50
CA ALA I 2 44.58 5.53 64.72
C ALA I 2 43.68 5.97 63.57
N LEU I 3 44.00 5.48 62.37
CA LEU I 3 43.23 5.80 61.17
C LEU I 3 43.12 4.52 60.34
N GLN I 4 41.92 3.95 60.27
CA GLN I 4 41.78 2.67 59.57
C GLN I 4 41.69 2.90 58.06
N GLU I 5 40.55 3.43 57.60
CA GLU I 5 40.24 3.87 56.24
C GLU I 5 38.81 4.40 56.22
N LEU I 6 38.56 5.35 55.30
CA LEU I 6 37.24 5.54 54.74
C LEU I 6 37.40 6.11 53.33
N SER I 7 36.66 5.56 52.37
CA SER I 7 36.66 5.97 50.98
C SER I 7 35.29 6.51 50.59
N ALA I 8 35.16 6.95 49.33
CA ALA I 8 33.90 7.50 48.84
C ALA I 8 33.73 7.50 47.33
N PRO I 9 33.36 6.36 46.68
CA PRO I 9 32.77 6.46 45.34
C PRO I 9 31.31 6.88 45.40
N LEU I 10 30.60 6.85 44.25
CA LEU I 10 29.44 7.70 44.01
C LEU I 10 28.26 7.52 44.97
N LEU I 11 27.46 6.46 44.81
CA LEU I 11 26.59 6.00 45.89
C LEU I 11 27.19 4.88 46.76
N PRO I 12 27.81 3.78 46.21
CA PRO I 12 28.33 2.74 47.10
C PRO I 12 29.59 3.16 47.83
N ILE I 13 29.44 3.81 48.99
CA ILE I 13 30.54 4.31 49.80
C ILE I 13 31.44 3.15 50.23
N PHE I 14 32.68 3.15 49.75
CA PHE I 14 33.60 2.05 49.97
C PHE I 14 34.38 2.27 51.26
N GLU I 15 34.82 1.17 51.86
CA GLU I 15 35.68 1.21 53.03
C GLU I 15 36.43 -0.11 53.07
N LYS I 16 37.73 -0.05 53.30
CA LYS I 16 38.57 -1.24 53.32
C LYS I 16 39.32 -1.32 54.63
N ILE I 17 39.90 -2.47 54.91
CA ILE I 17 40.54 -2.74 56.20
C ILE I 17 41.82 -3.54 55.94
N SER I 18 42.96 -3.00 56.38
CA SER I 18 44.25 -3.65 56.25
C SER I 18 44.46 -4.57 57.46
N VAL I 19 45.68 -5.06 57.68
CA VAL I 19 45.92 -6.00 58.77
C VAL I 19 45.92 -5.22 60.09
N MET I 20 44.75 -5.19 60.72
CA MET I 20 44.56 -4.54 62.02
C MET I 20 43.65 -5.39 62.89
N PRO I 21 44.05 -6.65 63.19
CA PRO I 21 43.12 -7.66 63.69
C PRO I 21 42.99 -7.72 65.21
N LEU I 22 42.72 -6.58 65.83
CA LEU I 22 42.71 -6.51 67.29
C LEU I 22 41.45 -5.82 67.80
N ILE I 23 41.08 -6.18 69.03
CA ILE I 23 39.86 -5.68 69.64
C ILE I 23 40.01 -4.22 70.05
N GLY I 24 41.24 -3.77 70.30
CA GLY I 24 41.50 -2.45 70.86
C GLY I 24 41.15 -1.30 69.94
N THR I 25 40.97 -1.55 68.64
CA THR I 25 40.52 -0.53 67.70
C THR I 25 39.01 -0.67 67.49
N ILE I 26 38.26 0.28 68.03
CA ILE I 26 36.83 0.39 67.78
C ILE I 26 36.54 1.41 66.67
N ASP I 27 37.57 2.14 66.22
CA ASP I 27 37.41 3.17 65.20
C ASP I 27 37.05 2.62 63.82
N THR I 28 37.10 1.30 63.63
CA THR I 28 36.50 0.69 62.46
C THR I 28 34.98 0.61 62.56
N GLU I 29 34.40 0.97 63.71
CA GLU I 29 32.97 1.00 63.91
C GLU I 29 32.45 2.40 64.19
N ARG I 30 33.11 3.14 65.08
CA ARG I 30 32.72 4.52 65.34
C ARG I 30 32.99 5.41 64.14
N ALA I 31 34.25 5.48 63.69
CA ALA I 31 34.61 6.32 62.55
C ALA I 31 34.15 5.74 61.20
N LYS I 32 33.43 4.63 61.18
CA LYS I 32 32.67 4.22 60.01
C LYS I 32 31.23 4.71 60.05
N LEU I 33 30.58 4.58 61.21
CA LEU I 33 29.18 5.00 61.33
C LEU I 33 29.03 6.52 61.41
N ILE I 34 30.05 7.21 61.94
CA ILE I 34 29.97 8.66 62.14
C ILE I 34 29.92 9.39 60.80
N ILE I 35 30.74 8.96 59.85
CA ILE I 35 30.72 9.54 58.52
C ILE I 35 29.96 8.63 57.55
N GLU I 36 29.12 7.75 58.07
CA GLU I 36 28.21 7.01 57.22
C GLU I 36 27.05 7.88 56.78
N ASN I 37 26.36 8.50 57.72
CA ASN I 37 25.20 9.33 57.38
C ASN I 37 25.60 10.66 56.76
N LEU I 38 26.82 11.13 56.99
CA LEU I 38 27.28 12.36 56.34
C LEU I 38 27.50 12.13 54.86
N LEU I 39 28.41 11.22 54.51
CA LEU I 39 28.55 10.75 53.13
C LEU I 39 27.56 9.61 52.95
N ILE I 40 26.30 9.99 52.75
CA ILE I 40 25.17 9.05 52.82
C ILE I 40 25.21 8.12 51.61
N GLY I 41 25.52 6.86 51.87
CA GLY I 41 25.58 5.85 50.82
C GLY I 41 24.67 4.69 51.18
N VAL I 42 23.96 4.18 50.18
CA VAL I 42 22.99 3.10 50.42
C VAL I 42 23.71 1.80 50.76
N VAL I 43 24.50 1.30 49.83
CA VAL I 43 25.24 0.06 50.01
C VAL I 43 26.68 0.42 50.36
N LYS I 44 27.31 -0.40 51.21
CA LYS I 44 28.71 -0.20 51.54
C LYS I 44 29.40 -1.54 51.70
N ASN I 45 30.71 -1.54 51.48
CA ASN I 45 31.52 -2.74 51.50
C ASN I 45 32.48 -2.70 52.68
N ARG I 46 33.19 -3.80 52.89
CA ARG I 46 34.12 -3.91 54.00
C ARG I 46 35.53 -4.26 53.58
N SER I 47 35.68 -5.18 52.62
CA SER I 47 36.94 -5.48 51.92
C SER I 47 38.07 -5.88 52.87
N GLU I 48 37.83 -6.94 53.63
CA GLU I 48 38.90 -7.50 54.45
C GLU I 48 39.63 -8.61 53.71
N VAL I 49 40.07 -8.31 52.49
CA VAL I 49 40.81 -9.29 51.71
C VAL I 49 42.26 -9.38 52.16
N VAL I 50 42.78 -8.34 52.81
CA VAL I 50 44.09 -8.40 53.45
C VAL I 50 43.91 -8.08 54.93
N LEU I 51 43.61 -9.14 55.69
CA LEU I 51 43.62 -9.15 57.15
C LEU I 51 43.66 -10.61 57.54
N ILE I 52 44.74 -11.05 58.16
CA ILE I 52 44.84 -12.45 58.53
C ILE I 52 45.61 -12.62 59.85
N ASP I 53 44.92 -13.09 60.88
CA ASP I 53 43.48 -13.33 60.89
C ASP I 53 42.89 -12.73 62.16
N ILE I 54 41.56 -12.71 62.27
CA ILE I 54 40.93 -12.15 63.46
C ILE I 54 41.09 -13.14 64.62
N THR I 55 41.12 -12.60 65.83
CA THR I 55 41.48 -13.44 66.98
C THR I 55 40.28 -14.23 67.50
N GLY I 56 39.30 -13.54 68.07
CA GLY I 56 38.15 -14.21 68.62
C GLY I 56 36.87 -13.41 68.57
N VAL I 57 36.85 -12.32 67.82
CA VAL I 57 35.77 -11.36 67.95
C VAL I 57 35.00 -11.15 66.63
N PRO I 58 33.89 -11.87 66.46
CA PRO I 58 32.89 -11.44 65.46
C PRO I 58 31.81 -10.54 66.03
N VAL I 59 31.67 -10.49 67.36
CA VAL I 59 30.54 -9.80 67.99
C VAL I 59 30.77 -8.29 68.03
N VAL I 60 31.91 -7.83 67.54
CA VAL I 60 32.04 -6.45 67.11
C VAL I 60 32.02 -6.37 65.59
N ASP I 61 32.45 -7.44 64.91
CA ASP I 61 32.61 -7.41 63.46
C ASP I 61 31.39 -7.90 62.69
N THR I 62 30.44 -8.59 63.33
CA THR I 62 29.18 -8.91 62.67
C THR I 62 28.00 -8.15 63.26
N MET I 63 28.18 -7.49 64.39
CA MET I 63 27.18 -6.54 64.86
C MET I 63 27.22 -5.25 64.06
N VAL I 64 28.39 -4.88 63.54
CA VAL I 64 28.46 -3.79 62.57
C VAL I 64 27.89 -4.19 61.22
N ALA I 65 27.75 -5.49 60.97
CA ALA I 65 26.96 -5.94 59.83
C ALA I 65 25.47 -5.81 60.07
N HIS I 66 25.06 -5.46 61.29
CA HIS I 66 23.68 -5.14 61.60
C HIS I 66 23.49 -3.66 61.93
N HIS I 67 24.55 -2.87 61.89
CA HIS I 67 24.44 -1.45 62.18
C HIS I 67 23.81 -0.69 61.02
N ILE I 68 24.35 -0.85 59.81
CA ILE I 68 23.89 -0.10 58.65
C ILE I 68 22.51 -0.59 58.16
N ILE I 69 22.03 -1.71 58.67
CA ILE I 69 20.62 -2.07 58.52
C ILE I 69 19.75 -0.99 59.14
N GLN I 70 20.16 -0.45 60.28
CA GLN I 70 19.47 0.70 60.86
C GLN I 70 19.82 1.98 60.12
N ALA I 71 21.09 2.18 59.80
CA ALA I 71 21.55 3.49 59.30
C ALA I 71 21.08 3.76 57.88
N SER I 72 21.64 3.07 56.88
CA SER I 72 21.11 3.20 55.52
C SER I 72 20.61 1.87 54.98
N GLU I 73 21.51 0.92 54.69
CA GLU I 73 21.18 -0.34 54.01
C GLU I 73 22.39 -1.24 53.86
N ALA I 74 22.12 -2.55 53.77
CA ALA I 74 22.80 -3.53 52.91
C ALA I 74 24.33 -3.42 52.87
N VAL I 75 24.94 -3.68 54.02
CA VAL I 75 26.38 -3.86 54.04
C VAL I 75 26.70 -5.26 53.50
N ARG I 76 27.91 -5.42 52.95
CA ARG I 76 28.34 -6.73 52.50
C ARG I 76 29.84 -6.89 52.71
N LEU I 77 30.22 -8.06 53.20
CA LEU I 77 31.63 -8.39 53.38
C LEU I 77 32.24 -8.80 52.05
N VAL I 78 33.45 -8.35 51.78
CA VAL I 78 34.09 -8.56 50.49
C VAL I 78 35.34 -9.39 50.70
N GLY I 79 35.29 -10.65 50.26
CA GLY I 79 36.47 -11.48 50.14
C GLY I 79 37.14 -11.87 51.44
N CYS I 80 36.47 -12.70 52.24
CA CYS I 80 37.12 -13.23 53.43
C CYS I 80 38.18 -14.26 53.04
N GLN I 81 39.10 -14.51 53.96
CA GLN I 81 40.26 -15.34 53.66
C GLN I 81 39.93 -16.82 53.75
N ALA I 82 40.97 -17.66 53.67
CA ALA I 82 40.76 -19.11 53.55
C ALA I 82 40.28 -19.72 54.86
N MET I 83 41.09 -19.63 55.91
CA MET I 83 40.72 -20.19 57.21
C MET I 83 40.45 -19.10 58.25
N LEU I 84 40.37 -17.84 57.81
CA LEU I 84 39.81 -16.80 58.66
C LEU I 84 38.37 -17.12 59.04
N VAL I 85 37.59 -17.60 58.07
CA VAL I 85 36.21 -18.01 58.33
C VAL I 85 36.11 -19.35 59.05
N GLY I 86 37.23 -20.04 59.28
CA GLY I 86 37.21 -21.28 60.04
C GLY I 86 36.79 -21.13 61.48
N ILE I 87 36.85 -19.91 62.03
CA ILE I 87 36.38 -19.64 63.38
C ILE I 87 34.88 -19.48 63.34
N ARG I 88 34.15 -20.58 63.53
CA ARG I 88 32.69 -20.56 63.58
C ARG I 88 32.22 -21.24 64.87
N PRO I 89 32.16 -20.52 65.98
CA PRO I 89 31.53 -21.07 67.18
C PRO I 89 30.02 -21.03 67.05
N GLU I 90 29.51 -19.98 66.42
CA GLU I 90 28.08 -19.72 66.33
C GLU I 90 27.53 -20.16 64.98
N GLN I 104 21.59 -14.24 57.59
CA GLN I 104 22.73 -13.74 58.35
C GLN I 104 23.27 -12.45 57.73
N ILE I 105 24.16 -12.58 56.75
CA ILE I 105 24.79 -11.43 56.11
C ILE I 105 25.13 -11.80 54.67
N ILE I 106 24.76 -10.91 53.74
CA ILE I 106 25.13 -11.10 52.34
C ILE I 106 26.61 -10.80 52.16
N THR I 107 27.29 -11.66 51.39
CA THR I 107 28.72 -11.53 51.17
C THR I 107 29.02 -11.77 49.70
N THR I 108 30.29 -11.66 49.35
CA THR I 108 30.74 -11.85 47.98
C THR I 108 32.14 -12.46 47.99
N ASN I 109 32.73 -12.60 46.81
CA ASN I 109 33.98 -13.32 46.65
C ASN I 109 35.19 -12.41 46.47
N THR I 110 35.07 -11.36 45.66
CA THR I 110 36.20 -10.50 45.37
C THR I 110 35.71 -9.07 45.24
N MET I 111 36.64 -8.16 44.94
CA MET I 111 36.33 -6.73 44.98
C MET I 111 35.56 -6.30 43.75
N LYS I 112 36.01 -6.68 42.55
CA LYS I 112 35.36 -6.22 41.33
C LYS I 112 34.00 -6.87 41.11
N LYS I 113 33.76 -8.05 41.67
CA LYS I 113 32.43 -8.63 41.65
C LYS I 113 31.54 -8.07 42.75
N GLY I 114 32.15 -7.70 43.89
CA GLY I 114 31.43 -7.13 45.01
C GLY I 114 30.84 -5.76 44.75
N MET I 115 31.18 -5.11 43.65
CA MET I 115 30.52 -3.89 43.24
C MET I 115 29.37 -4.15 42.28
N GLU I 116 29.47 -5.19 41.45
CA GLU I 116 28.49 -5.43 40.39
C GLU I 116 27.14 -5.85 40.95
N ARG I 117 27.13 -6.77 41.91
CA ARG I 117 25.88 -7.11 42.56
C ARG I 117 25.54 -6.15 43.70
N ALA I 118 26.40 -5.17 43.97
CA ALA I 118 26.05 -4.06 44.84
C ALA I 118 25.47 -2.90 44.06
N LEU I 119 25.88 -2.74 42.81
CA LEU I 119 25.19 -1.82 41.91
C LEU I 119 23.80 -2.33 41.54
N ALA I 120 23.58 -3.64 41.66
CA ALA I 120 22.26 -4.22 41.39
C ALA I 120 21.23 -3.88 42.47
N LEU I 121 21.66 -3.33 43.61
CA LEU I 121 20.72 -2.87 44.63
C LEU I 121 20.37 -1.41 44.51
N THR I 122 21.27 -0.58 43.97
CA THR I 122 20.94 0.79 43.63
C THR I 122 20.42 0.93 42.21
N ASN I 123 20.08 -0.19 41.57
CA ASN I 123 19.37 -0.26 40.28
C ASN I 123 20.17 0.42 39.16
N ARG I 124 21.42 0.01 39.00
CA ARG I 124 22.24 0.46 37.89
C ARG I 124 23.19 -0.65 37.50
N GLU I 125 23.51 -0.72 36.21
CA GLU I 125 24.49 -1.67 35.71
C GLU I 125 25.40 -0.96 34.72
N ILE I 126 26.47 -1.65 34.32
CA ILE I 126 27.50 -1.09 33.47
C ILE I 126 27.40 -1.73 32.09
N VAL I 127 27.47 -0.89 31.05
CA VAL I 127 27.40 -1.33 29.65
C VAL I 127 28.50 -0.62 28.88
N GLU I 128 28.51 -0.85 27.56
CA GLU I 128 29.42 -0.23 26.58
C GLU I 128 30.89 -0.50 26.89
N SER J 1 -21.57 75.01 -19.96
CA SER J 1 -22.70 74.07 -20.03
C SER J 1 -22.84 73.51 -21.44
N ALA J 2 -21.73 73.02 -21.99
CA ALA J 2 -21.73 72.56 -23.38
C ALA J 2 -22.23 71.12 -23.50
N LEU J 3 -21.49 70.16 -22.93
CA LEU J 3 -21.81 68.74 -23.04
C LEU J 3 -21.74 68.10 -21.67
N GLN J 4 -22.52 67.04 -21.47
CA GLN J 4 -22.70 66.54 -20.12
C GLN J 4 -21.61 65.59 -19.63
N GLU J 5 -21.60 64.33 -20.11
CA GLU J 5 -20.81 63.28 -19.46
C GLU J 5 -20.88 61.94 -20.18
N LEU J 6 -19.83 61.12 -20.01
CA LEU J 6 -19.87 59.66 -20.01
C LEU J 6 -18.54 59.14 -19.48
N SER J 7 -18.51 57.86 -19.16
CA SER J 7 -17.30 57.10 -18.90
C SER J 7 -17.66 55.62 -19.11
N ALA J 8 -16.64 54.80 -19.36
CA ALA J 8 -16.96 53.46 -19.84
C ALA J 8 -15.86 52.42 -19.60
N PRO J 9 -15.95 51.61 -18.55
CA PRO J 9 -15.14 50.38 -18.47
C PRO J 9 -15.71 49.20 -19.24
N LEU J 10 -16.73 49.44 -20.08
CA LEU J 10 -17.18 48.64 -21.22
C LEU J 10 -17.93 47.34 -20.95
N LEU J 11 -17.96 46.82 -19.73
CA LEU J 11 -19.16 46.01 -19.51
C LEU J 11 -20.23 46.93 -18.92
N PRO J 12 -19.96 47.76 -17.87
CA PRO J 12 -20.87 48.88 -17.64
C PRO J 12 -20.34 50.19 -18.21
N ILE J 13 -21.24 51.14 -18.40
CA ILE J 13 -20.85 52.54 -18.53
C ILE J 13 -21.44 53.25 -17.33
N PHE J 14 -20.87 54.39 -16.95
CA PHE J 14 -21.49 55.21 -15.92
C PHE J 14 -21.01 56.65 -16.06
N GLU J 15 -21.92 57.58 -15.83
CA GLU J 15 -21.67 58.99 -15.97
C GLU J 15 -22.06 59.69 -14.68
N LYS J 16 -21.47 60.86 -14.44
CA LYS J 16 -21.78 61.67 -13.29
C LYS J 16 -22.69 62.82 -13.71
N ILE J 17 -23.58 63.22 -12.82
CA ILE J 17 -24.46 64.36 -13.03
C ILE J 17 -24.14 65.40 -11.97
N SER J 18 -23.54 66.51 -12.39
CA SER J 18 -23.34 67.63 -11.49
C SER J 18 -24.62 68.42 -11.32
N VAL J 19 -24.55 69.51 -10.56
CA VAL J 19 -25.75 70.25 -10.17
C VAL J 19 -26.28 71.03 -11.36
N MET J 20 -27.51 70.74 -11.74
CA MET J 20 -28.19 71.45 -12.83
C MET J 20 -29.35 72.26 -12.25
N PRO J 21 -29.29 73.58 -12.28
CA PRO J 21 -30.38 74.40 -11.74
C PRO J 21 -31.45 74.72 -12.80
N LEU J 22 -31.96 73.66 -13.43
CA LEU J 22 -33.06 73.80 -14.40
C LEU J 22 -33.79 72.47 -14.46
N ILE J 23 -34.92 72.49 -15.17
CA ILE J 23 -35.73 71.29 -15.34
C ILE J 23 -36.08 71.13 -16.81
N GLY J 24 -35.81 72.17 -17.60
CA GLY J 24 -36.08 72.13 -19.02
C GLY J 24 -35.12 71.30 -19.84
N THR J 25 -34.00 70.87 -19.25
CA THR J 25 -33.04 70.07 -19.99
C THR J 25 -33.51 68.63 -20.09
N ILE J 26 -33.25 68.03 -21.26
CA ILE J 26 -33.66 66.66 -21.53
C ILE J 26 -32.49 65.90 -22.12
N ASP J 27 -31.41 66.64 -22.42
CA ASP J 27 -30.24 66.05 -23.07
C ASP J 27 -29.35 65.26 -22.12
N THR J 28 -29.75 65.11 -20.86
CA THR J 28 -29.19 64.07 -20.00
C THR J 28 -29.81 62.70 -20.26
N GLU J 29 -30.78 62.63 -21.18
CA GLU J 29 -31.47 61.40 -21.53
C GLU J 29 -31.23 61.00 -22.98
N ARG J 30 -31.38 61.94 -23.93
CA ARG J 30 -31.24 61.59 -25.33
C ARG J 30 -29.78 61.41 -25.73
N ALA J 31 -28.87 62.16 -25.11
CA ALA J 31 -27.45 61.90 -25.29
C ALA J 31 -26.98 60.70 -24.49
N LYS J 32 -27.83 60.14 -23.63
CA LYS J 32 -27.55 58.93 -22.90
C LYS J 32 -28.08 57.69 -23.60
N LEU J 33 -29.32 57.75 -24.09
CA LEU J 33 -29.93 56.59 -24.74
C LEU J 33 -29.31 56.32 -26.11
N ILE J 34 -28.79 57.35 -26.77
CA ILE J 34 -28.13 57.14 -28.06
C ILE J 34 -26.83 56.38 -27.86
N ILE J 35 -26.06 56.78 -26.84
CA ILE J 35 -24.79 56.10 -26.54
C ILE J 35 -25.01 54.86 -25.70
N GLU J 36 -26.25 54.58 -25.28
CA GLU J 36 -26.53 53.39 -24.50
C GLU J 36 -26.36 52.12 -25.34
N ASN J 37 -26.69 52.19 -26.62
CA ASN J 37 -26.57 51.02 -27.49
C ASN J 37 -25.46 51.15 -28.53
N LEU J 38 -24.82 52.31 -28.65
CA LEU J 38 -23.68 52.42 -29.55
C LEU J 38 -22.43 51.76 -28.97
N LEU J 39 -22.41 51.52 -27.66
CA LEU J 39 -21.52 50.55 -27.05
C LEU J 39 -22.36 49.78 -26.04
N ILE J 40 -22.20 48.46 -26.01
CA ILE J 40 -23.18 47.62 -25.34
C ILE J 40 -22.87 47.54 -23.85
N GLY J 41 -23.32 48.53 -23.10
CA GLY J 41 -23.19 48.52 -21.66
C GLY J 41 -24.38 47.83 -21.03
N VAL J 42 -24.11 46.80 -20.24
CA VAL J 42 -25.19 46.08 -19.57
C VAL J 42 -25.72 46.88 -18.40
N VAL J 43 -24.90 47.11 -17.40
CA VAL J 43 -25.26 47.84 -16.19
C VAL J 43 -24.94 49.32 -16.43
N LYS J 44 -25.70 50.22 -15.81
CA LYS J 44 -25.28 51.61 -15.83
C LYS J 44 -25.70 52.28 -14.52
N ASN J 45 -24.96 53.31 -14.16
CA ASN J 45 -25.19 54.07 -12.94
C ASN J 45 -25.67 55.48 -13.28
N ARG J 46 -25.86 56.29 -12.24
CA ARG J 46 -26.22 57.69 -12.40
C ARG J 46 -25.27 58.63 -11.69
N SER J 47 -24.73 58.21 -10.54
CA SER J 47 -23.65 58.90 -9.81
C SER J 47 -23.98 60.33 -9.43
N GLU J 48 -25.25 60.61 -9.16
CA GLU J 48 -25.68 61.97 -8.85
C GLU J 48 -25.53 62.30 -7.36
N VAL J 49 -24.31 62.12 -6.86
CA VAL J 49 -24.05 62.34 -5.45
C VAL J 49 -24.00 63.83 -5.12
N VAL J 50 -23.29 64.62 -5.91
CA VAL J 50 -23.22 66.07 -5.70
C VAL J 50 -24.32 66.66 -6.58
N LEU J 51 -25.54 66.65 -6.03
CA LEU J 51 -26.69 67.25 -6.69
C LEU J 51 -27.74 67.49 -5.61
N ILE J 52 -27.95 68.75 -5.23
CA ILE J 52 -29.00 69.07 -4.28
C ILE J 52 -29.63 70.41 -4.63
N ASP J 53 -30.89 70.40 -5.07
CA ASP J 53 -31.67 69.19 -5.35
C ASP J 53 -32.44 69.35 -6.65
N ILE J 54 -33.20 68.33 -7.03
CA ILE J 54 -34.10 68.40 -8.17
C ILE J 54 -35.52 68.14 -7.65
N THR J 55 -36.43 69.07 -7.92
CA THR J 55 -37.77 69.02 -7.34
C THR J 55 -38.90 69.28 -8.31
N GLY J 56 -38.66 69.93 -9.45
CA GLY J 56 -39.75 70.31 -10.34
C GLY J 56 -40.43 69.13 -11.00
N VAL J 57 -39.74 68.48 -11.93
CA VAL J 57 -40.19 67.18 -12.43
C VAL J 57 -38.97 66.29 -12.62
N PRO J 58 -38.60 65.52 -11.61
CA PRO J 58 -37.65 64.42 -11.79
C PRO J 58 -38.28 63.12 -12.21
N VAL J 59 -39.55 63.15 -12.65
CA VAL J 59 -40.19 61.97 -13.23
C VAL J 59 -39.51 61.61 -14.55
N VAL J 60 -38.95 62.60 -15.25
CA VAL J 60 -38.01 62.33 -16.34
C VAL J 60 -36.81 61.56 -15.81
N ASP J 61 -36.26 61.99 -14.67
CA ASP J 61 -35.06 61.36 -14.12
C ASP J 61 -35.31 59.98 -13.57
N THR J 62 -36.55 59.64 -13.18
CA THR J 62 -36.83 58.32 -12.65
C THR J 62 -37.53 57.41 -13.65
N MET J 63 -37.87 57.93 -14.83
CA MET J 63 -38.31 57.07 -15.92
C MET J 63 -37.25 56.93 -17.00
N VAL J 64 -36.20 57.76 -16.97
CA VAL J 64 -34.98 57.43 -17.71
C VAL J 64 -34.20 56.38 -16.93
N ALA J 65 -34.52 56.20 -15.64
CA ALA J 65 -34.17 55.02 -14.87
C ALA J 65 -35.19 53.90 -15.04
N HIS J 66 -35.93 53.94 -16.14
CA HIS J 66 -36.81 52.86 -16.55
C HIS J 66 -36.57 52.44 -18.00
N HIS J 67 -36.07 53.33 -18.86
CA HIS J 67 -35.78 52.98 -20.25
C HIS J 67 -34.68 51.95 -20.39
N ILE J 68 -33.68 51.98 -19.51
CA ILE J 68 -32.57 51.04 -19.65
C ILE J 68 -32.98 49.65 -19.16
N ILE J 69 -34.03 49.55 -18.35
CA ILE J 69 -34.61 48.25 -18.03
C ILE J 69 -35.13 47.58 -19.29
N GLN J 70 -35.77 48.36 -20.15
CA GLN J 70 -36.25 47.83 -21.42
C GLN J 70 -35.26 48.04 -22.56
N ALA J 71 -34.13 48.68 -22.33
CA ALA J 71 -33.10 48.75 -23.36
C ALA J 71 -31.99 47.73 -23.11
N SER J 72 -31.24 47.84 -22.00
CA SER J 72 -30.30 46.79 -21.64
C SER J 72 -30.58 46.19 -20.26
N GLU J 73 -30.29 46.91 -19.16
CA GLU J 73 -30.31 46.35 -17.81
C GLU J 73 -30.01 47.40 -16.72
N ALA J 74 -30.74 47.32 -15.60
CA ALA J 74 -30.33 47.66 -14.22
C ALA J 74 -29.61 49.01 -14.09
N VAL J 75 -30.38 50.09 -14.24
CA VAL J 75 -29.93 51.36 -13.70
C VAL J 75 -29.78 51.27 -12.18
N ARG J 76 -28.94 52.15 -11.63
CA ARG J 76 -28.85 52.30 -10.18
C ARG J 76 -28.47 53.73 -9.85
N LEU J 77 -29.24 54.34 -8.96
CA LEU J 77 -29.01 55.72 -8.55
C LEU J 77 -27.97 55.71 -7.44
N VAL J 78 -26.72 55.98 -7.79
CA VAL J 78 -25.62 55.89 -6.84
C VAL J 78 -25.64 57.11 -5.95
N GLY J 79 -26.01 56.93 -4.68
CA GLY J 79 -25.86 57.95 -3.67
C GLY J 79 -26.76 59.16 -3.80
N CYS J 80 -28.07 58.96 -3.64
CA CYS J 80 -28.97 60.10 -3.56
C CYS J 80 -28.79 60.79 -2.23
N GLN J 81 -29.06 62.10 -2.21
CA GLN J 81 -28.82 62.90 -1.02
C GLN J 81 -29.92 62.66 0.02
N ALA J 82 -29.69 63.16 1.22
CA ALA J 82 -30.63 62.93 2.32
C ALA J 82 -31.87 63.79 2.19
N MET J 83 -31.71 65.05 1.79
CA MET J 83 -32.87 65.92 1.57
C MET J 83 -33.61 65.55 0.29
N LEU J 84 -32.88 65.13 -0.73
CA LEU J 84 -33.46 64.87 -2.05
C LEU J 84 -34.45 63.72 -2.01
N VAL J 85 -34.14 62.67 -1.25
CA VAL J 85 -35.08 61.55 -1.13
C VAL J 85 -36.26 61.87 -0.22
N GLY J 86 -36.23 62.99 0.50
CA GLY J 86 -37.42 63.44 1.21
C GLY J 86 -38.55 63.86 0.30
N ILE J 87 -38.24 64.24 -0.94
CA ILE J 87 -39.24 64.61 -1.94
C ILE J 87 -39.64 63.34 -2.69
N ARG J 88 -40.76 62.74 -2.30
CA ARG J 88 -41.27 61.54 -2.96
C ARG J 88 -42.77 61.61 -3.16
N PRO J 89 -43.22 62.06 -4.33
CA PRO J 89 -44.60 61.79 -4.76
C PRO J 89 -44.74 60.51 -5.57
N GLU J 90 -43.67 59.74 -5.72
CA GLU J 90 -43.69 58.49 -6.48
C GLU J 90 -42.60 57.55 -6.00
N GLN J 104 -38.88 46.92 -7.96
CA GLN J 104 -38.91 48.23 -8.57
C GLN J 104 -37.59 48.50 -9.28
N ILE J 105 -36.74 49.33 -8.66
CA ILE J 105 -35.42 49.65 -9.16
C ILE J 105 -34.39 49.21 -8.13
N ILE J 106 -33.11 49.35 -8.47
CA ILE J 106 -32.03 49.04 -7.56
C ILE J 106 -31.21 50.30 -7.34
N THR J 107 -30.47 50.33 -6.23
CA THR J 107 -29.77 51.52 -5.79
C THR J 107 -28.65 51.12 -4.85
N THR J 108 -27.87 52.10 -4.40
CA THR J 108 -26.71 51.87 -3.56
C THR J 108 -26.35 53.15 -2.82
N ASN J 109 -25.20 53.15 -2.16
CA ASN J 109 -24.78 54.23 -1.28
C ASN J 109 -23.59 55.02 -1.81
N THR J 110 -22.50 54.35 -2.16
CA THR J 110 -21.30 55.03 -2.66
C THR J 110 -20.89 54.40 -3.98
N MET J 111 -19.91 55.07 -4.63
CA MET J 111 -19.54 54.73 -6.00
C MET J 111 -18.86 53.36 -6.10
N LYS J 112 -18.15 52.94 -5.05
CA LYS J 112 -17.45 51.68 -5.15
C LYS J 112 -18.26 50.51 -4.60
N LYS J 113 -19.03 50.73 -3.54
CA LYS J 113 -19.86 49.64 -3.03
C LYS J 113 -21.07 49.37 -3.92
N GLY J 114 -21.42 50.32 -4.79
CA GLY J 114 -22.34 50.02 -5.87
C GLY J 114 -21.68 49.26 -7.00
N MET J 115 -20.40 49.54 -7.24
CA MET J 115 -19.66 48.84 -8.29
C MET J 115 -19.41 47.38 -7.94
N GLU J 116 -19.31 47.07 -6.64
CA GLU J 116 -19.13 45.69 -6.21
C GLU J 116 -20.39 44.86 -6.47
N ARG J 117 -21.57 45.48 -6.37
CA ARG J 117 -22.80 44.81 -6.74
C ARG J 117 -23.26 45.16 -8.15
N ALA J 118 -22.47 45.93 -8.89
CA ALA J 118 -22.74 46.11 -10.31
C ALA J 118 -22.13 44.99 -11.13
N LEU J 119 -20.91 44.58 -10.76
CA LEU J 119 -20.31 43.42 -11.39
C LEU J 119 -20.91 42.12 -10.89
N ALA J 120 -21.61 42.14 -9.76
CA ALA J 120 -22.28 40.97 -9.21
C ALA J 120 -23.60 40.66 -9.90
N LEU J 121 -23.96 41.39 -10.95
CA LEU J 121 -25.09 41.05 -11.79
C LEU J 121 -24.65 40.40 -13.10
N THR J 122 -23.34 40.24 -13.31
CA THR J 122 -22.79 39.47 -14.41
C THR J 122 -21.71 38.52 -13.92
N ASN J 123 -21.44 38.51 -12.60
CA ASN J 123 -20.60 37.54 -11.90
C ASN J 123 -19.14 37.58 -12.37
N ARG J 124 -18.54 38.75 -12.27
CA ARG J 124 -17.09 38.92 -12.36
C ARG J 124 -16.68 39.85 -11.22
N GLU J 125 -16.44 39.27 -10.04
CA GLU J 125 -16.14 40.09 -8.89
C GLU J 125 -14.67 40.51 -8.88
N ILE J 126 -14.36 41.49 -8.03
CA ILE J 126 -12.99 41.94 -7.88
C ILE J 126 -12.19 40.90 -7.10
N VAL J 127 -11.09 40.44 -7.69
CA VAL J 127 -10.31 39.33 -7.15
C VAL J 127 -9.01 39.87 -6.59
N GLU J 128 -8.67 39.43 -5.37
CA GLU J 128 -7.39 39.67 -4.70
C GLU J 128 -7.07 41.16 -4.50
N SER K 1 81.99 12.90 -11.48
CA SER K 1 80.92 12.12 -10.86
C SER K 1 79.66 12.95 -10.67
N ALA K 2 78.90 13.10 -11.76
CA ALA K 2 77.66 13.88 -11.74
C ALA K 2 76.58 13.10 -12.48
N LEU K 3 75.85 12.28 -11.75
CA LEU K 3 74.66 11.64 -12.31
C LEU K 3 73.56 12.69 -12.47
N GLN K 4 72.73 12.51 -13.50
CA GLN K 4 71.83 13.60 -13.89
C GLN K 4 70.64 13.72 -12.96
N GLU K 5 69.69 12.77 -13.04
CA GLU K 5 68.41 12.84 -12.34
C GLU K 5 67.57 11.59 -12.56
N LEU K 6 66.84 11.16 -11.53
CA LEU K 6 65.63 10.35 -11.61
C LEU K 6 64.93 10.35 -10.25
N SER K 7 63.61 10.50 -10.26
CA SER K 7 62.79 10.34 -9.07
C SER K 7 61.96 9.08 -9.18
N ALA K 8 61.55 8.53 -8.02
CA ALA K 8 60.82 7.27 -7.96
C ALA K 8 59.49 7.43 -7.25
N PRO K 9 58.52 8.10 -7.88
CA PRO K 9 57.20 8.31 -7.26
C PRO K 9 56.29 7.11 -7.42
N LEU K 10 54.99 7.36 -7.23
CA LEU K 10 53.88 6.45 -7.53
C LEU K 10 54.00 5.76 -8.89
N LEU K 11 53.35 4.58 -9.01
CA LEU K 11 53.32 3.66 -10.16
C LEU K 11 53.22 4.34 -11.53
N PRO K 12 52.46 5.44 -11.72
CA PRO K 12 52.78 6.26 -12.91
C PRO K 12 53.93 7.23 -12.64
N ILE K 13 55.15 6.72 -12.78
CA ILE K 13 56.37 7.44 -12.40
C ILE K 13 56.65 8.61 -13.32
N PHE K 14 57.60 9.46 -12.96
CA PHE K 14 58.07 10.48 -13.88
C PHE K 14 59.60 10.57 -13.79
N GLU K 15 60.13 11.62 -14.42
CA GLU K 15 61.54 11.86 -14.56
C GLU K 15 61.69 13.34 -14.88
N LYS K 16 62.90 13.85 -14.71
CA LYS K 16 63.15 15.28 -14.90
C LYS K 16 64.52 15.45 -15.53
N ILE K 17 64.60 16.35 -16.52
CA ILE K 17 65.85 16.63 -17.20
C ILE K 17 66.16 18.10 -17.00
N SER K 18 67.38 18.40 -16.55
CA SER K 18 67.86 19.77 -16.48
C SER K 18 68.55 20.12 -17.79
N VAL K 19 69.24 21.25 -17.85
CA VAL K 19 69.92 21.66 -19.08
C VAL K 19 71.08 20.73 -19.36
N MET K 20 71.25 20.34 -20.62
CA MET K 20 72.30 19.41 -21.00
C MET K 20 73.36 20.10 -21.85
N PRO K 21 74.52 20.45 -21.29
CA PRO K 21 75.64 20.96 -22.07
C PRO K 21 76.54 19.83 -22.58
N LEU K 22 75.94 18.82 -23.20
CA LEU K 22 76.67 17.63 -23.63
C LEU K 22 75.84 16.88 -24.66
N ILE K 23 76.55 16.16 -25.53
CA ILE K 23 75.92 15.29 -26.50
C ILE K 23 76.02 13.81 -26.10
N GLY K 24 77.06 13.43 -25.35
CA GLY K 24 77.17 12.10 -24.81
C GLY K 24 76.37 11.89 -23.53
N THR K 25 75.11 12.31 -23.55
CA THR K 25 74.18 12.14 -22.44
C THR K 25 73.40 10.83 -22.55
N ILE K 26 74.14 9.74 -22.74
CA ILE K 26 73.54 8.42 -22.87
C ILE K 26 73.04 7.88 -21.54
N ASP K 27 73.40 8.52 -20.42
CA ASP K 27 73.04 8.00 -19.11
C ASP K 27 71.56 8.24 -18.81
N THR K 28 71.02 9.40 -19.19
CA THR K 28 69.59 9.64 -18.96
C THR K 28 68.72 8.74 -19.82
N GLU K 29 69.26 8.19 -20.90
CA GLU K 29 68.65 7.02 -21.51
C GLU K 29 68.86 5.78 -20.65
N ARG K 30 70.11 5.51 -20.28
CA ARG K 30 70.45 4.23 -19.70
C ARG K 30 70.02 4.11 -18.24
N ALA K 31 70.32 5.13 -17.42
CA ALA K 31 69.99 5.06 -15.99
C ALA K 31 68.50 5.10 -15.75
N LYS K 32 67.74 5.72 -16.66
CA LYS K 32 66.29 5.61 -16.60
C LYS K 32 65.84 4.22 -17.02
N LEU K 33 66.56 3.59 -17.96
CA LEU K 33 66.14 2.28 -18.46
C LEU K 33 66.43 1.16 -17.48
N ILE K 34 67.57 1.22 -16.79
CA ILE K 34 67.94 0.12 -15.89
C ILE K 34 67.04 0.14 -14.65
N ILE K 35 66.56 1.31 -14.25
CA ILE K 35 65.62 1.35 -13.15
C ILE K 35 64.20 1.06 -13.63
N GLU K 36 63.95 1.17 -14.94
CA GLU K 36 62.59 1.02 -15.46
C GLU K 36 62.08 -0.41 -15.31
N ASN K 37 62.96 -1.39 -15.48
CA ASN K 37 62.62 -2.76 -15.17
C ASN K 37 63.03 -3.15 -13.75
N LEU K 38 63.60 -2.21 -12.98
CA LEU K 38 63.91 -2.50 -11.59
C LEU K 38 62.69 -2.27 -10.70
N LEU K 39 62.16 -1.06 -10.69
CA LEU K 39 60.87 -0.87 -10.04
C LEU K 39 59.77 -1.11 -11.06
N ILE K 40 58.57 -1.35 -10.55
CA ILE K 40 57.44 -1.67 -11.42
C ILE K 40 56.87 -0.36 -11.97
N GLY K 41 57.41 0.07 -13.10
CA GLY K 41 56.94 1.27 -13.77
C GLY K 41 55.91 0.95 -14.83
N VAL K 42 54.95 1.85 -15.00
CA VAL K 42 53.90 1.66 -16.00
C VAL K 42 53.91 2.85 -16.96
N VAL K 43 53.73 4.05 -16.41
CA VAL K 43 53.73 5.29 -17.18
C VAL K 43 54.89 6.15 -16.71
N LYS K 44 55.62 6.75 -17.66
CA LYS K 44 56.69 7.66 -17.34
C LYS K 44 56.46 9.01 -18.00
N ASN K 45 57.15 10.03 -17.51
CA ASN K 45 57.10 11.38 -18.05
C ASN K 45 58.52 11.89 -18.26
N ARG K 46 58.63 13.10 -18.79
CA ARG K 46 59.93 13.72 -19.03
C ARG K 46 60.12 15.03 -18.31
N SER K 47 59.07 15.85 -18.22
CA SER K 47 59.07 17.20 -17.62
C SER K 47 60.13 18.09 -18.26
N GLU K 48 59.91 18.36 -19.55
CA GLU K 48 60.86 19.09 -20.38
C GLU K 48 60.84 20.58 -19.99
N VAL K 49 61.71 20.92 -19.05
CA VAL K 49 61.89 22.28 -18.57
C VAL K 49 62.62 23.14 -19.61
N VAL K 50 62.84 24.40 -19.27
CA VAL K 50 63.27 25.52 -20.13
C VAL K 50 64.58 25.36 -20.89
N LEU K 51 65.12 24.14 -20.97
CA LEU K 51 66.46 23.85 -21.51
C LEU K 51 66.50 24.13 -23.02
N ILE K 52 66.54 25.40 -23.36
CA ILE K 52 66.66 25.84 -24.75
C ILE K 52 68.15 25.94 -25.07
N ASP K 53 68.63 25.12 -26.02
CA ASP K 53 67.82 24.20 -26.82
C ASP K 53 68.52 22.85 -26.98
N ILE K 54 68.02 22.06 -27.92
CA ILE K 54 68.64 20.78 -28.27
C ILE K 54 69.74 21.04 -29.30
N THR K 55 70.63 20.07 -29.46
CA THR K 55 71.81 20.23 -30.30
C THR K 55 71.68 19.45 -31.61
N GLY K 56 70.47 19.45 -32.19
CA GLY K 56 70.27 18.84 -33.48
C GLY K 56 70.25 17.33 -33.51
N VAL K 57 70.39 16.67 -32.36
CA VAL K 57 70.34 15.21 -32.31
C VAL K 57 69.40 14.76 -31.21
N PRO K 58 68.13 14.48 -31.54
CA PRO K 58 67.26 13.75 -30.64
C PRO K 58 67.29 12.24 -30.84
N VAL K 59 68.22 11.74 -31.64
CA VAL K 59 68.40 10.31 -31.87
C VAL K 59 68.82 9.59 -30.59
N VAL K 60 69.39 10.32 -29.64
CA VAL K 60 69.45 9.84 -28.27
C VAL K 60 68.12 10.09 -27.56
N ASP K 61 67.56 11.30 -27.73
CA ASP K 61 66.42 11.72 -26.92
C ASP K 61 65.10 11.16 -27.43
N THR K 62 64.71 11.49 -28.66
CA THR K 62 63.38 11.11 -29.11
C THR K 62 63.28 9.66 -29.53
N MET K 63 64.40 8.94 -29.66
CA MET K 63 64.33 7.52 -29.97
C MET K 63 63.85 6.72 -28.78
N VAL K 64 64.23 7.13 -27.56
CA VAL K 64 63.86 6.38 -26.36
C VAL K 64 62.38 6.50 -26.05
N ALA K 65 61.68 7.45 -26.69
CA ALA K 65 60.23 7.45 -26.66
C ALA K 65 59.66 6.22 -27.34
N HIS K 66 59.99 6.04 -28.63
CA HIS K 66 59.52 4.86 -29.35
C HIS K 66 60.23 3.59 -28.91
N HIS K 67 61.44 3.70 -28.36
CA HIS K 67 62.14 2.54 -27.86
C HIS K 67 61.44 1.98 -26.62
N ILE K 68 60.87 2.84 -25.79
CA ILE K 68 60.06 2.37 -24.65
C ILE K 68 58.63 2.26 -25.17
N ILE K 69 58.37 1.19 -25.89
CA ILE K 69 57.07 0.54 -25.90
C ILE K 69 57.20 -0.92 -25.47
N GLN K 70 58.42 -1.42 -25.39
CA GLN K 70 58.71 -2.81 -25.07
C GLN K 70 58.89 -3.04 -23.58
N ALA K 71 59.87 -2.34 -22.97
CA ALA K 71 60.13 -2.54 -21.55
C ALA K 71 59.04 -1.93 -20.68
N SER K 72 58.47 -0.80 -21.11
CA SER K 72 57.40 -0.13 -20.38
C SER K 72 56.51 0.55 -21.42
N GLU K 73 55.67 1.46 -20.96
CA GLU K 73 54.64 2.03 -21.82
C GLU K 73 54.46 3.52 -21.55
N ALA K 74 53.81 4.18 -22.50
CA ALA K 74 53.23 5.51 -22.36
C ALA K 74 54.28 6.58 -22.02
N VAL K 75 55.21 6.77 -22.96
CA VAL K 75 56.12 7.90 -22.87
C VAL K 75 55.36 9.19 -23.16
N ARG K 76 55.67 10.25 -22.41
CA ARG K 76 54.99 11.53 -22.57
C ARG K 76 56.01 12.66 -22.45
N LEU K 77 56.35 13.29 -23.58
CA LEU K 77 57.12 14.52 -23.54
C LEU K 77 56.25 15.63 -22.97
N VAL K 78 56.69 16.24 -21.87
CA VAL K 78 55.86 17.16 -21.11
C VAL K 78 56.34 18.58 -21.37
N GLY K 79 55.60 19.29 -22.21
CA GLY K 79 55.77 20.72 -22.39
C GLY K 79 57.08 21.19 -22.96
N CYS K 80 57.35 20.88 -24.22
CA CYS K 80 58.53 21.40 -24.89
C CYS K 80 58.45 22.91 -25.04
N GLN K 81 59.61 23.54 -25.14
CA GLN K 81 59.64 25.00 -25.25
C GLN K 81 59.25 25.45 -26.65
N ALA K 82 59.07 26.76 -26.80
CA ALA K 82 58.64 27.31 -28.08
C ALA K 82 59.74 27.23 -29.13
N MET K 83 60.98 27.50 -28.73
CA MET K 83 62.09 27.39 -29.65
C MET K 83 62.48 25.94 -29.89
N LEU K 84 62.23 25.07 -28.91
CA LEU K 84 62.67 23.67 -28.98
C LEU K 84 61.90 22.89 -30.03
N VAL K 85 60.61 23.18 -30.21
CA VAL K 85 59.79 22.43 -31.15
C VAL K 85 60.14 22.79 -32.60
N GLY K 86 60.72 23.97 -32.82
CA GLY K 86 61.09 24.41 -34.16
C GLY K 86 62.17 23.57 -34.83
N ILE K 87 62.93 22.80 -34.05
CA ILE K 87 63.87 21.83 -34.59
C ILE K 87 63.05 20.62 -35.03
N ARG K 88 62.77 20.52 -36.33
CA ARG K 88 62.01 19.40 -36.89
C ARG K 88 62.70 18.88 -38.14
N PRO K 89 63.68 17.98 -37.98
CA PRO K 89 64.23 17.32 -39.17
C PRO K 89 63.28 16.28 -39.74
N GLU K 90 62.63 15.51 -38.90
CA GLU K 90 61.69 14.48 -39.35
C GLU K 90 60.29 15.07 -39.50
N GLN K 104 52.93 8.98 -33.86
CA GLN K 104 54.23 9.24 -33.26
C GLN K 104 54.20 8.99 -31.76
N ILE K 105 54.05 10.07 -30.99
CA ILE K 105 54.07 10.03 -29.54
C ILE K 105 52.84 10.78 -29.02
N ILE K 106 52.75 10.87 -27.69
CA ILE K 106 51.72 11.64 -27.00
C ILE K 106 52.40 12.62 -26.07
N THR K 107 51.98 13.89 -26.13
CA THR K 107 52.60 14.94 -25.34
C THR K 107 51.57 15.60 -24.44
N THR K 108 52.03 16.57 -23.65
CA THR K 108 51.23 17.21 -22.62
C THR K 108 51.83 18.58 -22.35
N ASN K 109 50.97 19.58 -22.15
CA ASN K 109 51.42 20.97 -22.09
C ASN K 109 52.19 21.26 -20.80
N THR K 110 51.76 20.70 -19.67
CA THR K 110 52.44 21.00 -18.42
C THR K 110 52.41 19.79 -17.49
N MET K 111 53.27 19.83 -16.48
CA MET K 111 53.45 18.70 -15.57
C MET K 111 52.23 18.50 -14.68
N LYS K 112 51.50 19.58 -14.38
CA LYS K 112 50.34 19.47 -13.50
C LYS K 112 49.15 18.78 -14.16
N LYS K 113 49.18 18.57 -15.48
CA LYS K 113 48.11 17.84 -16.15
C LYS K 113 48.61 16.59 -16.84
N GLY K 114 49.91 16.28 -16.75
CA GLY K 114 50.36 14.96 -17.16
C GLY K 114 49.90 13.88 -16.21
N MET K 115 49.98 14.15 -14.90
CA MET K 115 49.45 13.24 -13.90
C MET K 115 47.93 13.20 -13.94
N GLU K 116 47.30 14.28 -14.42
CA GLU K 116 45.85 14.31 -14.53
C GLU K 116 45.34 13.44 -15.67
N ARG K 117 46.22 13.07 -16.60
CA ARG K 117 45.88 12.08 -17.63
C ARG K 117 46.73 10.82 -17.54
N ALA K 118 47.64 10.73 -16.56
CA ALA K 118 48.30 9.46 -16.28
C ALA K 118 47.33 8.47 -15.65
N LEU K 119 46.32 8.97 -14.97
CA LEU K 119 45.23 8.16 -14.47
C LEU K 119 44.08 8.08 -15.48
N ALA K 120 44.35 8.41 -16.73
CA ALA K 120 43.39 8.26 -17.83
C ALA K 120 43.79 7.18 -18.82
N LEU K 121 45.09 7.02 -19.09
CA LEU K 121 45.57 5.84 -19.79
C LEU K 121 45.34 4.60 -18.95
N THR K 122 45.85 4.61 -17.72
CA THR K 122 45.43 3.66 -16.71
C THR K 122 44.12 4.13 -16.08
N ASN K 123 43.58 3.35 -15.16
CA ASN K 123 42.35 3.71 -14.49
C ASN K 123 42.66 4.46 -13.19
N ARG K 124 41.66 4.58 -12.31
CA ARG K 124 41.76 5.15 -10.96
C ARG K 124 42.13 6.63 -10.97
N GLU K 125 41.23 7.43 -11.56
CA GLU K 125 41.16 8.87 -11.31
C GLU K 125 39.85 9.11 -10.57
N ILE K 126 39.90 8.96 -9.25
CA ILE K 126 38.71 9.10 -8.40
C ILE K 126 38.46 10.60 -8.19
N VAL K 127 37.32 10.94 -7.58
CA VAL K 127 36.93 12.33 -7.42
C VAL K 127 37.88 13.09 -6.48
N GLU K 128 37.80 14.41 -6.53
CA GLU K 128 38.66 15.29 -5.74
C GLU K 128 38.33 15.20 -4.26
N LYS L 1 -41.97 64.38 32.57
CA LYS L 1 -42.58 63.98 31.30
C LYS L 1 -41.52 63.61 30.27
N SER L 2 -40.26 63.82 30.64
CA SER L 2 -39.12 63.40 29.82
C SER L 2 -38.24 62.39 30.56
N ALA L 3 -38.80 61.71 31.55
CA ALA L 3 -38.08 60.67 32.28
C ALA L 3 -38.07 59.41 31.42
N LEU L 4 -37.09 59.34 30.52
CA LEU L 4 -36.99 58.24 29.58
C LEU L 4 -35.53 57.87 29.34
N GLN L 5 -35.23 56.58 29.51
CA GLN L 5 -33.98 55.98 29.05
C GLN L 5 -34.33 54.75 28.23
N GLU L 6 -33.31 54.13 27.65
CA GLU L 6 -33.54 53.05 26.69
C GLU L 6 -32.54 51.93 26.88
N LEU L 7 -33.04 50.69 26.90
CA LEU L 7 -32.23 49.49 27.08
C LEU L 7 -32.91 48.33 26.37
N SER L 8 -32.14 47.56 25.60
CA SER L 8 -32.59 46.30 25.02
C SER L 8 -31.37 45.44 24.75
N ALA L 9 -31.57 44.31 24.09
CA ALA L 9 -30.59 43.22 24.12
C ALA L 9 -30.05 42.82 22.75
N PRO L 10 -28.76 43.08 22.45
CA PRO L 10 -28.06 42.39 21.35
C PRO L 10 -27.59 40.99 21.72
N LEU L 11 -28.56 40.15 22.08
CA LEU L 11 -28.64 38.70 22.28
C LEU L 11 -28.01 38.09 23.54
N LEU L 12 -26.91 38.61 24.08
CA LEU L 12 -26.75 38.64 25.54
C LEU L 12 -26.77 40.05 26.15
N PRO L 13 -25.86 41.02 25.74
CA PRO L 13 -25.67 42.20 26.58
C PRO L 13 -26.73 43.25 26.37
N ILE L 14 -26.56 44.41 26.99
CA ILE L 14 -27.56 45.47 26.97
C ILE L 14 -26.88 46.78 26.65
N PHE L 15 -27.20 47.35 25.48
CA PHE L 15 -26.76 48.71 25.20
C PHE L 15 -27.51 49.68 26.10
N GLU L 16 -26.85 50.80 26.42
CA GLU L 16 -27.49 51.83 27.24
C GLU L 16 -27.03 53.18 26.69
N LYS L 17 -27.80 53.73 25.77
CA LYS L 17 -27.43 54.98 25.15
C LYS L 17 -28.07 56.13 25.92
N ILE L 18 -27.26 57.12 26.29
CA ILE L 18 -27.74 58.29 26.99
C ILE L 18 -27.36 59.53 26.19
N SER L 19 -28.29 60.47 26.10
CA SER L 19 -28.16 61.72 25.35
C SER L 19 -27.56 62.79 26.26
N VAL L 20 -27.76 64.06 25.89
CA VAL L 20 -27.17 65.26 26.49
C VAL L 20 -27.40 65.31 27.99
N MET L 21 -26.55 66.07 28.70
CA MET L 21 -26.07 65.72 30.04
C MET L 21 -27.18 65.63 31.09
N PRO L 22 -26.99 64.77 32.08
CA PRO L 22 -27.87 64.79 33.26
C PRO L 22 -27.25 65.57 34.41
N LEU L 23 -28.08 66.23 35.22
CA LEU L 23 -27.59 66.87 36.42
C LEU L 23 -27.64 65.88 37.58
N ILE L 24 -27.35 66.35 38.79
CA ILE L 24 -27.32 65.46 39.95
C ILE L 24 -28.73 65.04 40.36
N GLY L 25 -29.73 65.88 40.09
CA GLY L 25 -31.10 65.60 40.47
C GLY L 25 -31.73 64.45 39.73
N THR L 26 -31.26 64.14 38.53
CA THR L 26 -31.74 62.99 37.78
C THR L 26 -30.77 61.82 37.99
N ILE L 27 -31.04 61.04 39.03
CA ILE L 27 -30.32 59.82 39.35
C ILE L 27 -30.97 58.60 38.73
N ASP L 28 -32.11 58.77 38.06
CA ASP L 28 -32.94 57.68 37.56
C ASP L 28 -32.30 56.90 36.43
N THR L 29 -31.19 57.37 35.85
CA THR L 29 -30.45 56.54 34.92
C THR L 29 -29.82 55.33 35.61
N GLU L 30 -29.60 55.39 36.92
CA GLU L 30 -29.09 54.28 37.70
C GLU L 30 -30.19 53.31 38.10
N ARG L 31 -31.27 53.81 38.70
CA ARG L 31 -32.27 52.95 39.28
C ARG L 31 -33.20 52.34 38.24
N ALA L 32 -33.26 52.90 37.03
CA ALA L 32 -33.98 52.25 35.94
C ALA L 32 -33.08 51.35 35.12
N LYS L 33 -31.93 50.98 35.66
CA LYS L 33 -30.94 50.13 35.01
C LYS L 33 -30.68 48.84 35.76
N LEU L 34 -30.62 48.89 37.09
CA LEU L 34 -30.54 47.67 37.88
C LEU L 34 -31.86 46.90 37.89
N ILE L 35 -32.98 47.57 37.60
CA ILE L 35 -34.25 46.87 37.43
C ILE L 35 -34.22 45.97 36.21
N ILE L 36 -33.52 46.40 35.15
CA ILE L 36 -33.52 45.63 33.92
C ILE L 36 -32.63 44.39 34.03
N GLU L 37 -31.68 44.38 34.97
CA GLU L 37 -30.77 43.25 35.10
C GLU L 37 -31.43 42.04 35.75
N ASN L 38 -32.48 42.24 36.53
CA ASN L 38 -33.30 41.14 37.00
C ASN L 38 -34.72 41.19 36.41
N LEU L 39 -34.89 41.90 35.30
CA LEU L 39 -36.09 41.73 34.47
C LEU L 39 -35.79 40.72 33.35
N LEU L 40 -34.79 41.01 32.53
CA LEU L 40 -34.15 40.00 31.72
C LEU L 40 -32.76 39.73 32.30
N ILE L 41 -32.27 38.51 32.09
CA ILE L 41 -30.96 38.14 32.61
C ILE L 41 -29.90 38.80 31.73
N GLY L 42 -29.06 39.63 32.34
CA GLY L 42 -28.00 40.30 31.64
C GLY L 42 -26.65 39.96 32.25
N VAL L 43 -25.61 40.04 31.43
CA VAL L 43 -24.25 39.76 31.89
C VAL L 43 -23.38 40.99 31.65
N VAL L 44 -23.24 41.36 30.39
CA VAL L 44 -22.43 42.51 29.99
C VAL L 44 -23.39 43.66 29.69
N LYS L 45 -22.91 44.89 29.80
CA LYS L 45 -23.65 46.04 29.33
C LYS L 45 -22.69 47.17 28.98
N ASN L 46 -23.11 48.01 28.03
CA ASN L 46 -22.29 49.10 27.52
C ASN L 46 -22.93 50.43 27.91
N ARG L 47 -22.17 51.28 28.59
CA ARG L 47 -22.74 52.49 29.16
C ARG L 47 -22.91 53.60 28.13
N SER L 48 -22.19 53.54 27.01
CA SER L 48 -22.45 54.22 25.73
C SER L 48 -22.80 55.71 25.87
N GLU L 49 -21.96 56.43 26.63
CA GLU L 49 -22.19 57.84 26.92
C GLU L 49 -21.40 58.75 25.99
N VAL L 50 -21.33 58.37 24.71
CA VAL L 50 -20.38 58.94 23.77
C VAL L 50 -20.71 60.40 23.44
N VAL L 51 -21.98 60.77 23.37
CA VAL L 51 -22.35 62.17 23.14
C VAL L 51 -22.99 62.70 24.42
N LEU L 52 -22.14 63.27 25.28
CA LEU L 52 -22.57 63.80 26.57
C LEU L 52 -21.48 64.76 27.06
N ILE L 53 -21.80 66.05 27.12
CA ILE L 53 -20.89 67.04 27.69
C ILE L 53 -21.72 67.98 28.56
N ASP L 54 -21.41 68.06 29.86
CA ASP L 54 -20.40 67.25 30.53
C ASP L 54 -20.93 66.79 31.88
N ILE L 55 -20.03 66.28 32.72
CA ILE L 55 -20.35 65.88 34.08
C ILE L 55 -19.40 66.60 35.02
N THR L 56 -19.96 67.31 36.00
CA THR L 56 -19.17 68.20 36.84
C THR L 56 -19.09 67.80 38.30
N GLY L 57 -20.09 67.11 38.83
CA GLY L 57 -20.07 66.80 40.24
C GLY L 57 -20.59 65.42 40.56
N VAL L 58 -20.84 64.61 39.54
CA VAL L 58 -21.35 63.26 39.78
C VAL L 58 -20.44 62.21 39.11
N PRO L 59 -19.24 61.92 39.67
CA PRO L 59 -18.64 60.61 39.41
C PRO L 59 -18.90 59.65 40.57
N VAL L 60 -19.48 60.17 41.65
CA VAL L 60 -19.70 59.41 42.87
C VAL L 60 -21.05 58.70 42.80
N VAL L 61 -21.70 58.76 41.63
CA VAL L 61 -22.76 57.85 41.26
C VAL L 61 -22.46 57.14 39.94
N ASP L 62 -21.93 57.89 38.96
CA ASP L 62 -21.71 57.34 37.62
C ASP L 62 -20.58 56.31 37.60
N THR L 63 -19.54 56.50 38.41
CA THR L 63 -18.53 55.47 38.57
C THR L 63 -18.72 54.66 39.85
N MET L 64 -19.64 55.08 40.73
CA MET L 64 -20.00 54.26 41.87
C MET L 64 -21.05 53.22 41.51
N VAL L 65 -21.78 53.43 40.41
CA VAL L 65 -22.64 52.36 39.91
C VAL L 65 -21.82 51.34 39.16
N ALA L 66 -20.57 51.66 38.81
CA ALA L 66 -19.69 50.72 38.13
C ALA L 66 -19.30 49.52 39.00
N HIS L 67 -19.51 49.59 40.31
CA HIS L 67 -19.37 48.43 41.17
C HIS L 67 -20.72 47.76 41.42
N HIS L 68 -21.82 48.38 40.99
CA HIS L 68 -23.14 47.80 41.27
C HIS L 68 -23.48 46.67 40.31
N ILE L 69 -23.31 46.89 39.00
CA ILE L 69 -23.62 45.86 38.03
C ILE L 69 -22.60 44.73 38.10
N ILE L 70 -21.39 45.01 38.57
CA ILE L 70 -20.46 43.95 38.93
C ILE L 70 -21.02 43.15 40.10
N GLN L 71 -21.60 43.83 41.08
CA GLN L 71 -22.21 43.11 42.20
C GLN L 71 -23.57 42.55 41.85
N ALA L 72 -24.30 43.18 40.93
CA ALA L 72 -25.60 42.65 40.55
C ALA L 72 -25.43 41.40 39.71
N SER L 73 -24.90 41.54 38.48
CA SER L 73 -24.49 40.35 37.73
C SER L 73 -23.00 40.37 37.38
N GLU L 74 -22.56 41.25 36.48
CA GLU L 74 -21.21 41.22 35.89
C GLU L 74 -20.93 42.51 35.14
N ALA L 75 -19.64 42.84 35.06
CA ALA L 75 -18.94 43.38 33.88
C ALA L 75 -19.65 44.53 33.18
N VAL L 76 -19.73 45.65 33.89
CA VAL L 76 -20.11 46.90 33.25
C VAL L 76 -18.90 47.53 32.57
N ARG L 77 -19.14 48.36 31.55
CA ARG L 77 -18.06 49.10 30.92
C ARG L 77 -18.60 50.40 30.32
N LEU L 78 -17.72 51.38 30.20
CA LEU L 78 -18.04 52.66 29.59
C LEU L 78 -17.51 52.71 28.17
N VAL L 79 -18.27 53.33 27.27
CA VAL L 79 -17.96 53.36 25.86
C VAL L 79 -17.75 54.79 25.42
N GLY L 80 -16.50 55.16 25.15
CA GLY L 80 -16.18 56.40 24.46
C GLY L 80 -16.42 57.67 25.24
N CYS L 81 -15.65 57.88 26.30
CA CYS L 81 -15.71 59.15 27.00
C CYS L 81 -15.14 60.26 26.13
N GLN L 82 -15.71 61.44 26.25
CA GLN L 82 -15.24 62.61 25.52
C GLN L 82 -13.88 63.06 26.03
N ALA L 83 -13.11 63.69 25.15
CA ALA L 83 -11.84 64.28 25.58
C ALA L 83 -12.07 65.48 26.49
N MET L 84 -13.17 66.21 26.28
CA MET L 84 -13.51 67.34 27.15
C MET L 84 -13.98 66.86 28.52
N LEU L 85 -14.61 65.68 28.58
CA LEU L 85 -15.28 65.25 29.79
C LEU L 85 -14.28 64.80 30.86
N VAL L 86 -13.30 63.99 30.49
CA VAL L 86 -12.46 63.32 31.48
C VAL L 86 -11.27 64.17 31.88
N GLY L 87 -11.28 65.45 31.51
CA GLY L 87 -10.34 66.39 32.09
C GLY L 87 -10.54 66.55 33.58
N ILE L 88 -11.78 66.43 34.05
CA ILE L 88 -12.08 66.39 35.48
C ILE L 88 -11.60 65.04 36.00
N ARG L 89 -10.52 65.04 36.78
CA ARG L 89 -10.03 63.82 37.43
C ARG L 89 -9.59 64.14 38.85
N PRO L 90 -10.52 64.05 39.81
CA PRO L 90 -10.12 64.10 41.23
C PRO L 90 -9.77 62.74 41.79
N GLU L 91 -10.09 61.66 41.07
CA GLU L 91 -9.80 60.31 41.54
C GLU L 91 -9.67 59.36 40.36
N GLN L 105 -8.91 49.38 37.71
CA GLN L 105 -10.21 50.01 37.89
C GLN L 105 -11.26 49.34 37.01
N ILE L 106 -11.93 50.13 36.18
CA ILE L 106 -12.99 49.65 35.31
C ILE L 106 -12.44 49.48 33.90
N ILE L 107 -13.21 48.78 33.07
CA ILE L 107 -12.84 48.51 31.68
C ILE L 107 -13.54 49.53 30.79
N THR L 108 -12.82 50.06 29.81
CA THR L 108 -13.36 51.07 28.91
C THR L 108 -12.92 50.75 27.48
N THR L 109 -13.38 51.57 26.54
CA THR L 109 -13.08 51.40 25.13
C THR L 109 -13.20 52.76 24.45
N ASN L 110 -13.16 52.76 23.11
CA ASN L 110 -13.13 54.00 22.34
C ASN L 110 -14.43 54.31 21.62
N THR L 111 -15.10 53.30 21.04
CA THR L 111 -16.40 53.48 20.42
C THR L 111 -17.12 52.14 20.39
N MET L 112 -18.37 52.16 19.91
CA MET L 112 -19.21 50.97 20.00
C MET L 112 -18.80 49.90 19.00
N LYS L 113 -18.17 50.27 17.89
CA LYS L 113 -17.81 49.27 16.89
C LYS L 113 -16.62 48.43 17.32
N LYS L 114 -15.85 48.87 18.30
CA LYS L 114 -14.84 48.06 18.94
C LYS L 114 -15.16 47.74 20.39
N GLY L 115 -16.06 48.48 21.01
CA GLY L 115 -16.47 48.15 22.36
C GLY L 115 -17.32 46.89 22.41
N MET L 116 -18.20 46.72 21.42
CA MET L 116 -18.99 45.50 21.33
C MET L 116 -18.13 44.31 20.94
N GLU L 117 -17.09 44.55 20.14
CA GLU L 117 -16.27 43.45 19.62
C GLU L 117 -15.42 42.81 20.70
N ARG L 118 -15.03 43.57 21.72
CA ARG L 118 -14.37 42.98 22.88
C ARG L 118 -15.34 42.63 24.00
N ALA L 119 -16.60 43.08 23.90
CA ALA L 119 -17.62 42.64 24.85
C ALA L 119 -18.15 41.26 24.51
N LEU L 120 -18.05 40.85 23.23
CA LEU L 120 -18.47 39.51 22.87
C LEU L 120 -17.47 38.45 23.33
N ALA L 121 -16.21 38.85 23.55
CA ALA L 121 -15.22 37.90 24.06
C ALA L 121 -15.46 37.57 25.52
N LEU L 122 -16.01 38.53 26.28
CA LEU L 122 -16.29 38.28 27.70
C LEU L 122 -17.46 37.33 27.89
N THR L 123 -18.36 37.24 26.91
CA THR L 123 -19.40 36.23 26.91
C THR L 123 -19.09 35.09 25.95
N ASN L 124 -17.84 35.00 25.48
CA ASN L 124 -17.29 33.83 24.77
C ASN L 124 -18.00 33.57 23.43
N ARG L 125 -18.14 34.63 22.63
CA ARG L 125 -18.67 34.52 21.28
C ARG L 125 -17.87 35.41 20.35
N GLU L 126 -17.84 35.04 19.07
CA GLU L 126 -16.99 35.70 18.08
C GLU L 126 -17.73 35.82 16.75
N ILE L 127 -17.52 36.94 16.07
CA ILE L 127 -18.11 37.18 14.75
C ILE L 127 -17.17 36.59 13.70
N VAL L 128 -17.72 35.73 12.84
CA VAL L 128 -16.93 35.02 11.84
C VAL L 128 -17.49 35.40 10.47
N GLU L 129 -16.66 35.18 9.44
CA GLU L 129 -17.01 35.29 8.02
C GLU L 129 -17.48 36.69 7.62
N SER M 1 75.32 -14.79 18.71
CA SER M 1 76.54 -14.05 18.98
C SER M 1 76.35 -12.56 18.70
N ALA M 2 76.61 -12.16 17.46
CA ALA M 2 76.45 -10.76 17.04
C ALA M 2 75.08 -10.59 16.38
N LEU M 3 74.06 -10.66 17.23
CA LEU M 3 72.65 -10.67 16.81
C LEU M 3 71.79 -10.43 18.03
N GLN M 4 70.65 -9.77 17.84
CA GLN M 4 69.68 -9.64 18.93
C GLN M 4 68.40 -10.42 18.64
N GLU M 5 67.59 -9.99 17.67
CA GLU M 5 66.32 -10.56 17.21
C GLU M 5 65.73 -9.69 16.11
N LEU M 6 64.82 -10.29 15.34
CA LEU M 6 63.92 -9.58 14.44
C LEU M 6 62.61 -10.37 14.36
N SER M 7 61.67 -9.85 13.59
CA SER M 7 60.42 -10.54 13.23
C SER M 7 59.83 -9.82 12.03
N ALA M 8 58.65 -10.30 11.57
CA ALA M 8 57.82 -9.63 10.56
C ALA M 8 56.39 -10.16 10.55
N PRO M 9 55.58 -9.99 11.63
CA PRO M 9 54.30 -10.72 11.69
C PRO M 9 53.19 -10.13 10.83
N LEU M 10 53.18 -8.81 10.65
CA LEU M 10 52.21 -8.10 9.85
C LEU M 10 52.89 -6.86 9.29
N LEU M 11 52.10 -5.88 8.85
CA LEU M 11 52.64 -4.55 8.64
C LEU M 11 53.28 -3.95 9.88
N PRO M 12 52.77 -4.14 11.11
CA PRO M 12 53.64 -3.93 12.29
C PRO M 12 54.74 -4.99 12.35
N ILE M 13 55.96 -4.54 12.57
CA ILE M 13 57.16 -5.36 12.47
C ILE M 13 57.93 -5.19 13.77
N PHE M 14 57.69 -6.07 14.75
CA PHE M 14 58.21 -5.83 16.08
C PHE M 14 59.46 -6.66 16.34
N GLU M 15 60.06 -6.42 17.51
CA GLU M 15 61.32 -7.04 17.90
C GLU M 15 61.25 -7.28 19.40
N LYS M 16 61.68 -8.46 19.84
CA LYS M 16 61.67 -8.78 21.27
C LYS M 16 63.09 -8.74 21.82
N ILE M 17 63.28 -7.96 22.88
CA ILE M 17 64.59 -7.79 23.52
C ILE M 17 64.58 -8.60 24.80
N SER M 18 65.37 -9.68 24.82
CA SER M 18 65.61 -10.45 26.03
C SER M 18 66.75 -9.80 26.82
N VAL M 19 67.32 -10.53 27.78
CA VAL M 19 68.40 -10.00 28.60
C VAL M 19 69.67 -9.83 27.76
N MET M 20 70.18 -8.59 27.72
CA MET M 20 71.44 -8.21 27.10
C MET M 20 71.90 -6.87 27.65
N PRO M 21 72.31 -6.79 28.93
CA PRO M 21 72.67 -5.49 29.52
C PRO M 21 74.16 -5.15 29.41
N LEU M 22 74.61 -4.81 28.21
CA LEU M 22 75.99 -4.40 28.02
C LEU M 22 76.03 -3.00 27.42
N ILE M 23 77.23 -2.41 27.39
CA ILE M 23 77.40 -1.09 26.81
C ILE M 23 77.83 -1.17 25.35
N GLY M 24 78.35 -2.31 24.90
CA GLY M 24 78.60 -2.54 23.49
C GLY M 24 77.36 -3.05 22.81
N THR M 25 76.31 -2.23 22.80
CA THR M 25 74.96 -2.64 22.44
C THR M 25 74.45 -1.91 21.20
N ILE M 26 75.37 -1.55 20.29
CA ILE M 26 74.98 -0.87 19.06
C ILE M 26 74.32 -1.81 18.05
N ASP M 27 74.38 -3.12 18.30
CA ASP M 27 73.80 -4.09 17.39
C ASP M 27 72.28 -4.03 17.36
N THR M 28 71.64 -3.95 18.53
CA THR M 28 70.20 -3.81 18.56
C THR M 28 69.73 -2.43 18.16
N GLU M 29 70.63 -1.45 18.12
CA GLU M 29 70.27 -0.13 17.61
C GLU M 29 70.32 -0.11 16.08
N ARG M 30 71.42 -0.59 15.50
CA ARG M 30 71.58 -0.50 14.06
C ARG M 30 70.69 -1.48 13.32
N ALA M 31 70.67 -2.75 13.75
CA ALA M 31 69.92 -3.79 13.05
C ALA M 31 68.42 -3.61 13.17
N LYS M 32 67.96 -2.85 14.17
CA LYS M 32 66.57 -2.43 14.17
C LYS M 32 66.28 -1.47 13.04
N LEU M 33 67.21 -0.55 12.76
CA LEU M 33 67.03 0.42 11.69
C LEU M 33 67.27 -0.17 10.31
N ILE M 34 67.95 -1.31 10.22
CA ILE M 34 68.22 -1.93 8.91
C ILE M 34 66.93 -2.51 8.33
N ILE M 35 66.09 -3.10 9.18
CA ILE M 35 64.80 -3.61 8.71
C ILE M 35 63.80 -2.50 8.43
N GLU M 36 64.09 -1.26 8.85
CA GLU M 36 63.15 -0.16 8.66
C GLU M 36 63.05 0.28 7.21
N ASN M 37 64.10 0.09 6.43
CA ASN M 37 64.04 0.36 5.00
C ASN M 37 64.24 -0.89 4.15
N LEU M 38 64.44 -2.04 4.78
CA LEU M 38 64.41 -3.30 4.02
C LEU M 38 63.00 -3.61 3.58
N LEU M 39 62.03 -3.50 4.49
CA LEU M 39 60.62 -3.42 4.15
C LEU M 39 60.03 -2.20 4.85
N ILE M 40 58.75 -1.98 4.64
CA ILE M 40 58.09 -0.74 5.04
C ILE M 40 57.84 -0.80 6.54
N GLY M 41 58.71 -0.19 7.32
CA GLY M 41 58.65 -0.29 8.77
C GLY M 41 57.60 0.57 9.44
N VAL M 42 56.32 0.21 9.24
CA VAL M 42 55.21 0.86 9.94
C VAL M 42 55.22 0.27 11.35
N VAL M 43 54.44 0.86 12.27
CA VAL M 43 54.63 0.94 13.73
C VAL M 43 55.14 -0.34 14.39
N LYS M 44 56.19 -0.20 15.20
CA LYS M 44 56.97 -1.32 15.71
C LYS M 44 57.06 -1.27 17.22
N ASN M 45 57.43 -2.40 17.82
CA ASN M 45 57.49 -2.53 19.27
C ASN M 45 58.88 -2.95 19.72
N ARG M 46 59.08 -2.94 21.04
CA ARG M 46 60.34 -3.32 21.66
C ARG M 46 60.19 -4.48 22.64
N SER M 47 59.07 -4.54 23.37
CA SER M 47 58.66 -5.70 24.18
C SER M 47 59.69 -6.05 25.25
N GLU M 48 60.34 -5.03 25.81
CA GLU M 48 61.42 -5.25 26.77
C GLU M 48 60.90 -5.66 28.15
N VAL M 49 60.34 -6.86 28.19
CA VAL M 49 59.67 -7.32 29.41
C VAL M 49 60.68 -7.91 30.39
N VAL M 50 61.71 -8.59 29.91
CA VAL M 50 62.69 -9.23 30.78
C VAL M 50 64.05 -8.66 30.41
N LEU M 51 64.43 -7.59 31.11
CA LEU M 51 65.83 -7.19 31.25
C LEU M 51 65.91 -6.38 32.55
N ILE M 52 66.84 -6.77 33.42
CA ILE M 52 67.07 -6.07 34.68
C ILE M 52 68.58 -5.94 34.84
N ASP M 53 69.09 -4.70 34.80
CA ASP M 53 68.32 -3.47 34.65
C ASP M 53 68.97 -2.52 33.65
N ILE M 54 68.49 -1.29 33.62
CA ILE M 54 69.10 -0.25 32.80
C ILE M 54 70.18 0.44 33.61
N THR M 55 71.36 0.57 33.01
CA THR M 55 72.55 1.08 33.68
C THR M 55 72.76 2.56 33.43
N GLY M 56 71.69 3.33 33.37
CA GLY M 56 71.80 4.74 33.12
C GLY M 56 72.09 5.11 31.68
N VAL M 57 71.77 4.22 30.74
CA VAL M 57 71.95 4.53 29.33
C VAL M 57 70.64 4.28 28.56
N PRO M 58 69.71 5.23 28.60
CA PRO M 58 68.56 5.17 27.70
C PRO M 58 68.80 5.83 26.35
N VAL M 59 69.99 6.42 26.15
CA VAL M 59 70.32 7.03 24.88
C VAL M 59 70.36 5.98 23.78
N VAL M 60 70.85 4.78 24.10
CA VAL M 60 70.86 3.68 23.15
C VAL M 60 69.51 2.99 23.06
N ASP M 61 68.57 3.32 23.94
CA ASP M 61 67.24 2.70 23.89
C ASP M 61 66.14 3.71 23.62
N THR M 62 65.99 4.75 24.43
CA THR M 62 64.83 5.63 24.35
C THR M 62 65.08 6.86 23.49
N MET M 63 66.33 7.31 23.38
CA MET M 63 66.64 8.37 22.42
C MET M 63 66.55 7.85 21.00
N VAL M 64 67.01 6.62 20.76
CA VAL M 64 66.87 6.04 19.43
C VAL M 64 65.45 5.54 19.17
N ALA M 65 64.61 5.46 20.22
CA ALA M 65 63.19 5.26 19.99
C ALA M 65 62.58 6.46 19.28
N HIS M 66 63.13 7.65 19.51
CA HIS M 66 62.79 8.81 18.70
C HIS M 66 63.47 8.77 17.34
N HIS M 67 64.56 8.02 17.19
CA HIS M 67 65.22 7.95 15.90
C HIS M 67 64.52 7.02 14.92
N ILE M 68 63.44 6.36 15.32
CA ILE M 68 62.61 5.65 14.36
C ILE M 68 61.48 6.56 13.87
N ILE M 69 61.09 7.55 14.68
CA ILE M 69 59.96 8.41 14.34
C ILE M 69 60.25 9.33 13.17
N GLN M 70 61.52 9.61 12.86
CA GLN M 70 61.80 10.37 11.66
C GLN M 70 62.19 9.49 10.48
N ALA M 71 62.59 8.24 10.71
CA ALA M 71 62.81 7.33 9.59
C ALA M 71 61.51 6.73 9.08
N SER M 72 60.55 6.51 9.98
CA SER M 72 59.27 5.89 9.64
C SER M 72 58.26 6.31 10.72
N GLU M 73 57.15 5.58 10.80
CA GLU M 73 56.07 5.93 11.73
C GLU M 73 56.42 5.49 13.15
N ALA M 74 55.41 5.51 14.02
CA ALA M 74 55.59 5.56 15.46
C ALA M 74 56.13 4.25 16.02
N VAL M 75 56.38 4.25 17.33
CA VAL M 75 56.98 3.12 18.03
C VAL M 75 56.27 2.97 19.37
N ARG M 76 56.19 1.73 19.86
CA ARG M 76 55.54 1.42 21.12
C ARG M 76 56.50 0.64 22.01
N LEU M 77 56.42 0.88 23.31
CA LEU M 77 57.21 0.13 24.29
C LEU M 77 56.29 -0.71 25.16
N VAL M 78 56.63 -1.98 25.30
CA VAL M 78 55.77 -2.96 25.96
C VAL M 78 56.50 -3.50 27.18
N GLY M 79 55.90 -3.32 28.35
CA GLY M 79 56.31 -4.03 29.55
C GLY M 79 57.60 -3.59 30.21
N CYS M 80 57.77 -2.29 30.40
CA CYS M 80 58.86 -1.83 31.25
C CYS M 80 58.54 -2.18 32.70
N GLN M 81 59.49 -2.81 33.38
CA GLN M 81 59.22 -3.33 34.72
C GLN M 81 59.51 -2.28 35.78
N ALA M 82 59.13 -2.62 37.02
CA ALA M 82 59.19 -1.65 38.12
C ALA M 82 60.60 -1.37 38.57
N MET M 83 61.56 -2.25 38.30
CA MET M 83 62.92 -2.05 38.77
C MET M 83 63.69 -1.02 37.97
N LEU M 84 63.27 -0.75 36.73
CA LEU M 84 63.96 0.21 35.88
C LEU M 84 63.23 1.53 35.73
N VAL M 85 61.89 1.54 35.86
CA VAL M 85 61.15 2.79 35.71
C VAL M 85 61.31 3.69 36.92
N GLY M 86 61.63 3.14 38.09
CA GLY M 86 61.92 3.98 39.24
C GLY M 86 63.19 4.78 39.04
N ILE M 87 64.16 4.21 38.34
CA ILE M 87 65.33 4.97 37.91
C ILE M 87 64.89 5.93 36.82
N ARG M 88 65.05 7.24 37.09
CA ARG M 88 64.76 8.27 36.10
C ARG M 88 65.84 9.34 36.17
N PRO M 89 66.87 9.22 35.34
CA PRO M 89 67.84 10.32 35.20
C PRO M 89 67.20 11.53 34.54
N GLU M 90 66.54 11.30 33.41
CA GLU M 90 65.87 12.36 32.67
C GLU M 90 64.60 12.83 33.40
N GLN M 104 55.92 12.70 24.79
CA GLN M 104 56.91 11.70 24.44
C GLN M 104 56.32 10.67 23.47
N ILE M 105 56.50 9.39 23.77
CA ILE M 105 56.05 8.31 22.91
C ILE M 105 54.92 7.55 23.61
N ILE M 106 54.27 6.68 22.84
CA ILE M 106 53.12 5.92 23.33
C ILE M 106 53.60 4.54 23.76
N THR M 107 53.18 4.12 24.95
CA THR M 107 53.55 2.82 25.51
C THR M 107 52.31 2.11 26.01
N THR M 108 52.50 0.86 26.44
CA THR M 108 51.42 0.00 26.91
C THR M 108 52.02 -1.08 27.79
N ASN M 109 51.17 -2.02 28.22
CA ASN M 109 51.55 -3.01 29.20
C ASN M 109 52.05 -4.32 28.58
N THR M 110 51.23 -4.96 27.76
CA THR M 110 51.54 -6.29 27.27
C THR M 110 51.33 -6.38 25.77
N MET M 111 51.93 -7.41 25.17
CA MET M 111 51.91 -7.58 23.73
C MET M 111 50.53 -7.96 23.21
N LYS M 112 49.69 -8.56 24.06
CA LYS M 112 48.35 -8.92 23.62
C LYS M 112 47.46 -7.70 23.47
N LYS M 113 47.81 -6.60 24.15
CA LYS M 113 47.13 -5.33 23.95
C LYS M 113 47.95 -4.37 23.11
N GLY M 114 49.27 -4.49 23.14
CA GLY M 114 50.12 -3.62 22.34
C GLY M 114 49.96 -3.82 20.85
N MET M 115 49.74 -5.07 20.42
CA MET M 115 49.42 -5.31 19.02
C MET M 115 48.03 -4.77 18.69
N GLU M 116 47.10 -4.83 19.64
CA GLU M 116 45.77 -4.29 19.42
C GLU M 116 45.76 -2.77 19.47
N ARG M 117 46.78 -2.17 20.11
CA ARG M 117 47.00 -0.74 19.96
C ARG M 117 47.54 -0.42 18.57
N ALA M 118 48.37 -1.31 18.03
CA ALA M 118 49.01 -1.05 16.75
C ALA M 118 48.04 -1.21 15.59
N LEU M 119 47.26 -2.29 15.58
CA LEU M 119 46.36 -2.55 14.48
C LEU M 119 45.19 -1.57 14.44
N ALA M 120 44.77 -1.06 15.59
CA ALA M 120 43.68 -0.09 15.62
C ALA M 120 44.11 1.30 15.17
N LEU M 121 45.41 1.54 15.04
CA LEU M 121 45.94 2.77 14.47
C LEU M 121 46.24 2.65 12.98
N THR M 122 45.95 1.49 12.37
CA THR M 122 46.13 1.29 10.94
C THR M 122 44.91 0.62 10.31
N ASN M 123 43.74 0.80 10.93
CA ASN M 123 42.43 0.41 10.40
C ASN M 123 42.32 -1.10 10.16
N ARG M 124 42.56 -1.88 11.20
CA ARG M 124 42.40 -3.33 11.17
C ARG M 124 42.07 -3.82 12.57
N GLU M 125 41.11 -4.74 12.68
CA GLU M 125 40.70 -5.23 13.98
C GLU M 125 40.21 -6.67 13.85
N ILE M 126 40.17 -7.36 15.01
CA ILE M 126 39.68 -8.73 15.07
C ILE M 126 38.18 -8.76 14.79
N VAL M 127 37.77 -9.66 13.90
CA VAL M 127 36.36 -9.88 13.60
C VAL M 127 36.10 -11.38 13.55
N GLU M 128 35.01 -11.82 14.19
CA GLU M 128 34.53 -13.20 14.22
C GLU M 128 35.55 -14.20 14.78
N SER N 1 75.57 -17.98 27.39
CA SER N 1 74.38 -17.56 26.67
C SER N 1 73.20 -18.44 27.03
N ALA N 2 72.07 -17.80 27.39
CA ALA N 2 70.85 -18.54 27.74
C ALA N 2 69.66 -17.68 27.29
N LEU N 3 69.17 -17.95 26.09
CA LEU N 3 68.07 -17.20 25.51
C LEU N 3 67.43 -18.01 24.40
N GLN N 4 66.08 -17.99 24.35
CA GLN N 4 65.35 -18.63 23.27
C GLN N 4 64.19 -17.82 22.72
N GLU N 5 63.98 -16.59 23.23
CA GLU N 5 63.18 -15.54 22.59
C GLU N 5 61.71 -15.94 22.37
N LEU N 6 61.01 -16.14 23.48
CA LEU N 6 59.59 -16.51 23.45
C LEU N 6 58.72 -15.26 23.57
N SER N 7 57.58 -15.26 22.88
CA SER N 7 56.65 -14.13 22.85
C SER N 7 55.23 -14.66 22.82
N ALA N 8 54.25 -13.73 22.81
CA ALA N 8 52.84 -14.13 22.84
C ALA N 8 51.88 -13.09 22.27
N PRO N 9 51.72 -12.97 20.93
CA PRO N 9 50.73 -12.03 20.35
C PRO N 9 49.30 -12.55 20.34
N LEU N 10 48.81 -12.77 21.57
CA LEU N 10 47.46 -12.90 22.11
C LEU N 10 46.66 -14.17 21.82
N LEU N 11 46.83 -14.83 20.69
CA LEU N 11 46.65 -16.28 20.67
C LEU N 11 47.94 -17.08 20.51
N PRO N 12 48.79 -16.86 19.43
CA PRO N 12 49.90 -17.79 19.19
C PRO N 12 51.14 -17.52 20.02
N ILE N 13 51.22 -18.12 21.20
CA ILE N 13 52.37 -17.91 22.08
C ILE N 13 53.56 -18.61 21.42
N PHE N 14 54.34 -17.84 20.66
CA PHE N 14 55.29 -18.40 19.72
C PHE N 14 56.65 -17.76 19.92
N GLU N 15 57.65 -18.33 19.25
CA GLU N 15 59.03 -17.88 19.34
C GLU N 15 59.62 -17.78 17.94
N LYS N 16 60.77 -17.13 17.85
CA LYS N 16 61.60 -17.14 16.66
C LYS N 16 62.89 -17.84 17.01
N ILE N 17 63.15 -18.98 16.37
CA ILE N 17 64.41 -19.68 16.55
C ILE N 17 65.45 -18.95 15.70
N SER N 18 66.40 -18.30 16.37
CA SER N 18 67.46 -17.58 15.68
C SER N 18 68.57 -18.56 15.30
N VAL N 19 69.74 -18.03 14.92
CA VAL N 19 70.81 -18.89 14.42
C VAL N 19 71.49 -19.58 15.60
N MET N 20 71.00 -20.76 15.95
CA MET N 20 71.60 -21.60 17.00
C MET N 20 71.47 -23.08 16.64
N PRO N 21 72.11 -23.51 15.55
CA PRO N 21 71.88 -24.89 15.07
C PRO N 21 72.82 -25.91 15.72
N LEU N 22 72.54 -26.26 16.97
CA LEU N 22 73.38 -27.20 17.69
C LEU N 22 72.57 -27.94 18.74
N ILE N 23 73.14 -29.05 19.21
CA ILE N 23 72.49 -29.89 20.22
C ILE N 23 72.60 -29.32 21.62
N GLY N 24 73.44 -28.29 21.82
CA GLY N 24 73.59 -27.72 23.15
C GLY N 24 72.36 -26.95 23.59
N THR N 25 71.78 -26.16 22.69
CA THR N 25 70.53 -25.44 22.97
C THR N 25 69.31 -26.26 22.58
N ILE N 26 69.26 -27.51 23.03
CA ILE N 26 68.08 -28.34 22.83
C ILE N 26 67.02 -28.05 23.88
N ASP N 27 67.34 -27.22 24.88
CA ASP N 27 66.42 -26.91 25.96
C ASP N 27 65.35 -25.90 25.56
N THR N 28 65.28 -25.50 24.28
CA THR N 28 64.10 -24.79 23.80
C THR N 28 62.88 -25.68 23.83
N GLU N 29 63.06 -27.00 23.66
CA GLU N 29 61.95 -27.94 23.69
C GLU N 29 61.38 -28.07 25.09
N ARG N 30 62.24 -28.16 26.11
CA ARG N 30 61.79 -28.18 27.48
C ARG N 30 61.17 -26.85 27.89
N ALA N 31 61.67 -25.73 27.35
CA ALA N 31 61.18 -24.42 27.75
C ALA N 31 59.84 -24.09 27.11
N LYS N 32 59.63 -24.52 25.86
CA LYS N 32 58.40 -24.14 25.17
C LYS N 32 57.19 -24.91 25.66
N LEU N 33 57.40 -26.08 26.26
CA LEU N 33 56.29 -26.81 26.86
C LEU N 33 55.88 -26.27 28.21
N ILE N 34 56.70 -25.40 28.81
CA ILE N 34 56.28 -24.71 30.04
C ILE N 34 55.19 -23.71 29.73
N ILE N 35 55.33 -22.96 28.64
CA ILE N 35 54.49 -21.80 28.40
C ILE N 35 53.06 -22.16 27.99
N GLU N 36 52.79 -23.42 27.67
CA GLU N 36 51.43 -23.85 27.40
C GLU N 36 50.59 -23.82 28.66
N ASN N 37 50.96 -24.62 29.66
CA ASN N 37 50.17 -24.71 30.88
C ASN N 37 50.36 -23.54 31.82
N LEU N 38 51.33 -22.64 31.55
CA LEU N 38 51.40 -21.40 32.31
C LEU N 38 50.24 -20.49 31.94
N LEU N 39 50.17 -20.09 30.68
CA LEU N 39 49.08 -19.28 30.17
C LEU N 39 48.65 -19.84 28.81
N ILE N 40 47.34 -19.84 28.58
CA ILE N 40 46.73 -20.70 27.56
C ILE N 40 47.07 -20.19 26.16
N GLY N 41 47.71 -21.05 25.39
CA GLY N 41 47.98 -20.77 23.98
C GLY N 41 47.59 -21.95 23.11
N VAL N 42 46.79 -21.70 22.09
CA VAL N 42 46.25 -22.78 21.27
C VAL N 42 47.26 -23.18 20.19
N VAL N 43 47.59 -22.25 19.32
CA VAL N 43 48.52 -22.48 18.22
C VAL N 43 49.87 -21.89 18.63
N LYS N 44 50.95 -22.41 18.07
CA LYS N 44 52.25 -21.74 18.20
C LYS N 44 53.07 -22.00 16.95
N ASN N 45 53.96 -21.06 16.66
CA ASN N 45 54.75 -21.04 15.44
C ASN N 45 56.20 -21.36 15.73
N ARG N 46 57.04 -21.30 14.69
CA ARG N 46 58.48 -21.47 14.83
C ARG N 46 59.28 -20.29 14.33
N SER N 47 58.89 -19.71 13.18
CA SER N 47 59.49 -18.51 12.58
C SER N 47 60.98 -18.65 12.32
N GLU N 48 61.46 -19.88 12.10
CA GLU N 48 62.88 -20.11 11.84
C GLU N 48 63.16 -19.92 10.35
N VAL N 49 63.10 -18.65 9.94
CA VAL N 49 63.28 -18.30 8.54
C VAL N 49 64.73 -18.46 8.11
N VAL N 50 65.68 -18.30 9.04
CA VAL N 50 67.09 -18.47 8.77
C VAL N 50 67.70 -19.35 9.86
N LEU N 51 67.93 -20.61 9.52
CA LEU N 51 68.78 -21.51 10.30
C LEU N 51 69.26 -22.56 9.31
N ILE N 52 70.47 -22.37 8.78
CA ILE N 52 71.03 -23.25 7.77
C ILE N 52 72.44 -23.61 8.20
N ASP N 53 72.72 -24.90 8.35
CA ASP N 53 71.76 -25.98 8.26
C ASP N 53 71.73 -26.73 9.58
N ILE N 54 71.01 -27.84 9.67
CA ILE N 54 70.95 -28.58 10.92
C ILE N 54 70.83 -30.07 10.64
N THR N 55 71.67 -30.86 11.31
CA THR N 55 71.49 -32.31 11.37
C THR N 55 71.75 -32.84 12.78
N GLY N 56 71.97 -31.96 13.76
CA GLY N 56 72.08 -32.36 15.14
C GLY N 56 70.73 -32.64 15.73
N VAL N 57 69.73 -31.82 15.40
CA VAL N 57 68.35 -32.07 15.82
C VAL N 57 67.44 -32.17 14.60
N PRO N 58 67.45 -33.28 13.85
CA PRO N 58 66.48 -33.44 12.77
C PRO N 58 65.13 -33.96 13.25
N VAL N 59 65.18 -34.86 14.24
CA VAL N 59 64.00 -35.62 14.65
C VAL N 59 63.26 -34.92 15.78
N VAL N 60 63.99 -34.43 16.79
CA VAL N 60 63.36 -33.84 17.96
C VAL N 60 62.73 -32.49 17.61
N ASP N 61 63.23 -31.81 16.58
CA ASP N 61 62.57 -30.62 16.06
C ASP N 61 61.24 -30.97 15.38
N THR N 62 61.06 -32.20 14.94
CA THR N 62 59.78 -32.68 14.47
C THR N 62 59.05 -33.47 15.55
N MET N 63 59.77 -34.11 16.46
CA MET N 63 59.14 -34.74 17.61
C MET N 63 58.58 -33.73 18.59
N VAL N 64 59.09 -32.49 18.59
CA VAL N 64 58.43 -31.46 19.37
C VAL N 64 57.15 -31.03 18.67
N ALA N 65 57.10 -31.13 17.34
CA ALA N 65 55.88 -30.81 16.62
C ALA N 65 54.80 -31.87 16.83
N HIS N 66 55.18 -33.06 17.29
CA HIS N 66 54.22 -34.03 17.77
C HIS N 66 53.66 -33.65 19.14
N HIS N 67 54.43 -32.89 19.92
CA HIS N 67 54.09 -32.71 21.33
C HIS N 67 52.92 -31.77 21.54
N ILE N 68 52.93 -30.60 20.88
CA ILE N 68 51.82 -29.66 21.06
C ILE N 68 50.57 -30.12 20.31
N ILE N 69 50.70 -31.11 19.42
CA ILE N 69 49.52 -31.77 18.86
C ILE N 69 48.72 -32.45 19.96
N GLN N 70 49.39 -33.09 20.91
CA GLN N 70 48.68 -33.69 22.03
C GLN N 70 48.66 -32.81 23.27
N ALA N 71 49.54 -31.82 23.39
CA ALA N 71 49.51 -30.95 24.56
C ALA N 71 48.34 -29.97 24.46
N SER N 72 48.38 -29.04 23.50
CA SER N 72 47.25 -28.14 23.28
C SER N 72 46.64 -28.31 21.89
N GLU N 73 47.34 -27.91 20.82
CA GLU N 73 46.80 -27.86 19.46
C GLU N 73 47.83 -27.45 18.42
N ALA N 74 47.69 -28.02 17.22
CA ALA N 74 47.93 -27.41 15.91
C ALA N 74 49.19 -26.53 15.83
N VAL N 75 50.34 -27.16 16.06
CA VAL N 75 51.59 -26.47 15.83
C VAL N 75 51.85 -26.36 14.32
N ARG N 76 52.69 -25.40 13.95
CA ARG N 76 53.08 -25.26 12.55
C ARG N 76 54.52 -24.77 12.47
N LEU N 77 55.17 -25.12 11.37
CA LEU N 77 56.50 -24.62 11.06
C LEU N 77 56.40 -23.48 10.06
N VAL N 78 57.35 -22.56 10.14
CA VAL N 78 57.33 -21.32 9.36
C VAL N 78 58.66 -21.17 8.65
N GLY N 79 58.63 -21.12 7.33
CA GLY N 79 59.78 -20.72 6.55
C GLY N 79 60.95 -21.69 6.54
N CYS N 80 60.78 -22.84 5.92
CA CYS N 80 61.91 -23.74 5.71
C CYS N 80 62.81 -23.20 4.60
N GLN N 81 63.93 -23.88 4.37
CA GLN N 81 64.91 -23.40 3.40
C GLN N 81 65.22 -24.51 2.40
N ALA N 82 66.00 -24.15 1.38
CA ALA N 82 66.24 -25.05 0.26
C ALA N 82 67.18 -26.18 0.65
N MET N 83 68.42 -25.84 1.03
CA MET N 83 69.38 -26.84 1.46
C MET N 83 69.15 -27.29 2.89
N LEU N 84 68.21 -26.68 3.61
CA LEU N 84 67.77 -27.23 4.89
C LEU N 84 67.03 -28.55 4.69
N VAL N 85 66.09 -28.57 3.76
CA VAL N 85 65.19 -29.72 3.60
C VAL N 85 65.75 -30.71 2.59
N GLY N 86 67.00 -30.48 2.14
CA GLY N 86 67.60 -31.19 1.01
C GLY N 86 67.63 -32.71 1.14
N ILE N 87 67.62 -33.25 2.36
CA ILE N 87 67.47 -34.67 2.59
C ILE N 87 66.36 -34.85 3.62
N ARG N 88 65.32 -35.60 3.25
CA ARG N 88 64.17 -35.82 4.13
C ARG N 88 63.97 -37.29 4.42
N PRO N 89 64.49 -37.80 5.54
CA PRO N 89 64.14 -39.15 5.98
C PRO N 89 62.82 -39.21 6.74
N GLU N 90 62.20 -38.08 7.02
CA GLU N 90 60.91 -38.05 7.71
C GLU N 90 60.10 -36.82 7.30
N GLN N 104 51.00 -35.37 7.99
CA GLN N 104 52.06 -34.91 8.88
C GLN N 104 51.69 -33.58 9.52
N ILE N 105 52.51 -32.56 9.28
CA ILE N 105 52.33 -31.24 9.86
C ILE N 105 51.88 -30.27 8.77
N ILE N 106 51.45 -29.09 9.20
CA ILE N 106 51.07 -28.01 8.32
C ILE N 106 52.14 -26.93 8.40
N THR N 107 52.56 -26.42 7.24
CA THR N 107 53.61 -25.42 7.17
C THR N 107 53.13 -24.22 6.36
N THR N 108 54.04 -23.28 6.14
CA THR N 108 53.74 -22.06 5.40
C THR N 108 55.02 -21.54 4.76
N ASN N 109 54.87 -20.47 3.99
CA ASN N 109 56.00 -19.89 3.27
C ASN N 109 56.73 -18.84 4.11
N THR N 110 56.00 -17.82 4.55
CA THR N 110 56.60 -16.70 5.26
C THR N 110 55.88 -16.49 6.59
N MET N 111 56.49 -15.65 7.42
CA MET N 111 55.98 -15.45 8.78
C MET N 111 54.70 -14.64 8.80
N LYS N 112 54.54 -13.72 7.85
CA LYS N 112 53.40 -12.79 7.94
C LYS N 112 52.09 -13.44 7.54
N LYS N 113 52.12 -14.47 6.69
CA LYS N 113 50.90 -15.11 6.25
C LYS N 113 50.72 -16.51 6.81
N GLY N 114 51.70 -17.02 7.54
CA GLY N 114 51.45 -18.17 8.38
C GLY N 114 50.54 -17.84 9.54
N MET N 115 50.51 -16.58 9.95
CA MET N 115 49.59 -16.13 11.00
C MET N 115 48.14 -16.24 10.54
N GLU N 116 47.85 -15.87 9.29
CA GLU N 116 46.49 -15.90 8.78
C GLU N 116 45.97 -17.31 8.60
N ARG N 117 46.84 -18.32 8.49
CA ARG N 117 46.40 -19.70 8.51
C ARG N 117 46.11 -20.20 9.91
N ALA N 118 46.66 -19.54 10.92
CA ALA N 118 46.42 -19.96 12.30
C ALA N 118 45.09 -19.44 12.81
N LEU N 119 44.78 -18.17 12.55
CA LEU N 119 43.55 -17.58 13.04
C LEU N 119 42.33 -18.14 12.31
N ALA N 120 42.49 -18.52 11.05
CA ALA N 120 41.39 -19.15 10.33
C ALA N 120 41.17 -20.59 10.76
N LEU N 121 42.19 -21.22 11.34
CA LEU N 121 42.05 -22.53 11.95
C LEU N 121 41.60 -22.46 13.40
N THR N 122 41.39 -21.25 13.93
CA THR N 122 40.84 -21.07 15.27
C THR N 122 39.75 -20.00 15.25
N ASN N 123 39.08 -19.86 14.10
CA ASN N 123 37.85 -19.05 13.94
C ASN N 123 38.09 -17.57 14.26
N ARG N 124 38.95 -16.93 13.48
CA ARG N 124 39.26 -15.52 13.67
C ARG N 124 39.75 -14.92 12.36
N GLU N 125 39.27 -13.73 12.04
CA GLU N 125 39.66 -13.05 10.80
C GLU N 125 39.86 -11.57 11.09
N ILE N 126 40.36 -10.85 10.08
CA ILE N 126 40.65 -9.42 10.19
C ILE N 126 40.23 -8.67 8.93
N VAL N 127 39.07 -8.01 8.98
CA VAL N 127 38.57 -7.19 7.89
C VAL N 127 38.21 -5.81 8.43
N GLU N 128 38.93 -4.79 7.98
CA GLU N 128 38.56 -3.39 8.24
C GLU N 128 39.19 -2.48 7.18
N LYS O 1 -37.89 72.32 23.56
CA LYS O 1 -37.72 71.90 24.95
C LYS O 1 -36.64 70.84 25.07
N SER O 2 -37.04 69.57 24.97
CA SER O 2 -36.15 68.43 25.11
C SER O 2 -36.29 67.47 23.94
N ALA O 3 -36.26 68.02 22.72
CA ALA O 3 -36.42 67.22 21.50
C ALA O 3 -35.06 66.65 21.11
N LEU O 4 -34.68 65.56 21.78
CA LEU O 4 -33.41 64.88 21.54
C LEU O 4 -33.67 63.39 21.77
N GLN O 5 -33.89 62.64 20.68
CA GLN O 5 -34.40 61.27 20.87
C GLN O 5 -33.29 60.27 21.17
N GLU O 6 -32.51 59.88 20.14
CA GLU O 6 -31.50 58.82 20.24
C GLU O 6 -30.77 58.64 18.92
N LEU O 7 -29.51 58.17 18.97
CA LEU O 7 -28.86 57.51 17.85
C LEU O 7 -27.66 56.73 18.39
N SER O 8 -27.60 55.43 18.08
CA SER O 8 -26.42 54.63 18.36
C SER O 8 -25.83 54.12 17.04
N ALA O 9 -24.77 53.32 17.14
CA ALA O 9 -24.07 52.75 15.98
C ALA O 9 -23.24 51.55 16.39
N PRO O 10 -23.83 50.36 16.53
CA PRO O 10 -23.04 49.22 17.06
C PRO O 10 -22.05 48.63 16.08
N LEU O 11 -22.43 48.46 14.82
CA LEU O 11 -21.62 47.72 13.85
C LEU O 11 -21.85 48.34 12.48
N LEU O 12 -21.52 47.59 11.43
CA LEU O 12 -22.01 47.97 10.10
C LEU O 12 -23.53 47.89 9.99
N PRO O 13 -24.24 47.06 10.74
CA PRO O 13 -25.63 47.41 11.09
C PRO O 13 -25.65 48.59 12.06
N ILE O 14 -26.46 49.58 11.76
CA ILE O 14 -26.67 50.73 12.63
C ILE O 14 -28.16 50.85 12.88
N PHE O 15 -28.56 50.90 14.14
CA PHE O 15 -29.96 51.05 14.51
C PHE O 15 -30.19 52.41 15.14
N GLU O 16 -31.47 52.69 15.40
CA GLU O 16 -31.89 53.97 15.97
C GLU O 16 -33.07 53.68 16.88
N LYS O 17 -32.81 53.55 18.18
CA LYS O 17 -33.85 53.28 19.16
C LYS O 17 -34.82 54.45 19.25
N ILE O 18 -36.11 54.13 19.28
CA ILE O 18 -37.16 55.13 19.44
C ILE O 18 -37.93 54.79 20.71
N SER O 19 -37.88 55.69 21.68
CA SER O 19 -38.61 55.53 22.93
C SER O 19 -40.05 56.01 22.75
N VAL O 20 -40.77 56.21 23.84
CA VAL O 20 -42.15 56.67 23.74
C VAL O 20 -42.17 58.16 23.36
N MET O 21 -42.88 58.46 22.28
CA MET O 21 -43.05 59.82 21.75
C MET O 21 -44.30 59.92 20.88
N PRO O 22 -45.50 59.82 21.45
CA PRO O 22 -46.72 59.85 20.61
C PRO O 22 -47.16 61.26 20.21
N LEU O 23 -46.48 61.81 19.21
CA LEU O 23 -46.80 63.15 18.73
C LEU O 23 -46.56 63.25 17.23
N ILE O 24 -47.28 64.19 16.61
CA ILE O 24 -47.15 64.42 15.16
C ILE O 24 -45.97 65.33 14.86
N GLY O 25 -45.58 66.20 15.79
CA GLY O 25 -44.57 67.21 15.54
C GLY O 25 -43.13 66.75 15.42
N THR O 26 -42.91 65.44 15.33
CA THR O 26 -41.58 64.89 15.07
C THR O 26 -41.36 64.83 13.56
N ILE O 27 -41.04 65.99 12.99
CA ILE O 27 -40.45 66.06 11.65
C ILE O 27 -38.94 65.86 11.70
N ASP O 28 -38.39 65.67 12.90
CA ASP O 28 -36.95 65.50 13.06
C ASP O 28 -36.53 64.06 12.80
N THR O 29 -37.28 63.08 13.30
CA THR O 29 -36.83 61.70 13.36
C THR O 29 -36.71 61.04 12.00
N GLU O 30 -37.33 61.60 10.96
CA GLU O 30 -37.06 61.14 9.60
C GLU O 30 -35.87 61.82 8.97
N ARG O 31 -35.46 62.97 9.51
CA ARG O 31 -34.27 63.66 9.01
C ARG O 31 -33.09 63.57 9.96
N ALA O 32 -33.30 63.16 11.20
CA ALA O 32 -32.19 62.92 12.12
C ALA O 32 -31.59 61.54 11.98
N LYS O 33 -32.09 60.72 11.04
CA LYS O 33 -31.48 59.45 10.70
C LYS O 33 -31.12 59.30 9.23
N LEU O 34 -31.77 60.06 8.34
CA LEU O 34 -31.27 60.13 6.97
C LEU O 34 -30.02 60.97 6.89
N ILE O 35 -29.79 61.86 7.86
CA ILE O 35 -28.51 62.54 8.00
C ILE O 35 -27.43 61.59 8.50
N ILE O 36 -27.82 60.43 9.02
CA ILE O 36 -26.88 59.46 9.56
C ILE O 36 -26.53 58.39 8.52
N GLU O 37 -27.50 58.03 7.68
CA GLU O 37 -27.32 56.97 6.69
C GLU O 37 -26.26 57.31 5.64
N ASN O 38 -26.00 58.59 5.40
CA ASN O 38 -24.85 59.00 4.61
C ASN O 38 -23.66 59.42 5.46
N LEU O 39 -23.86 59.62 6.77
CA LEU O 39 -22.75 60.02 7.63
C LEU O 39 -21.77 58.86 7.83
N LEU O 40 -22.24 57.79 8.44
CA LEU O 40 -21.57 56.51 8.37
C LEU O 40 -22.42 55.56 7.53
N ILE O 41 -21.80 54.48 7.06
CA ILE O 41 -22.40 53.65 6.03
C ILE O 41 -23.42 52.74 6.71
N GLY O 42 -24.67 53.19 6.77
CA GLY O 42 -25.73 52.40 7.37
C GLY O 42 -26.30 51.39 6.40
N VAL O 43 -25.93 50.12 6.57
CA VAL O 43 -26.41 49.09 5.66
C VAL O 43 -27.87 48.74 5.99
N VAL O 44 -28.11 48.24 7.19
CA VAL O 44 -29.44 47.86 7.64
C VAL O 44 -29.79 48.71 8.86
N LYS O 45 -31.05 49.10 8.95
CA LYS O 45 -31.51 50.08 9.94
C LYS O 45 -32.68 49.47 10.72
N ASN O 46 -32.49 49.26 12.01
CA ASN O 46 -33.60 48.90 12.88
C ASN O 46 -34.22 50.16 13.45
N ARG O 47 -35.39 50.02 14.05
CA ARG O 47 -36.03 51.18 14.68
C ARG O 47 -36.39 50.88 16.12
N SER O 48 -36.82 49.63 16.37
CA SER O 48 -37.01 49.08 17.71
C SER O 48 -38.01 49.89 18.55
N GLU O 49 -39.20 50.07 18.01
CA GLU O 49 -40.25 50.80 18.72
C GLU O 49 -41.11 49.86 19.57
N VAL O 50 -40.45 49.11 20.45
CA VAL O 50 -41.17 48.17 21.29
C VAL O 50 -41.92 48.88 22.42
N VAL O 51 -41.55 50.12 22.73
CA VAL O 51 -42.29 50.93 23.68
C VAL O 51 -42.72 52.21 22.95
N LEU O 52 -43.93 52.16 22.38
CA LEU O 52 -44.56 53.32 21.76
C LEU O 52 -46.06 53.01 21.72
N ILE O 53 -46.80 53.52 22.70
CA ILE O 53 -48.23 53.29 22.80
C ILE O 53 -48.89 54.64 23.03
N ASP O 54 -49.63 55.15 22.04
CA ASP O 54 -49.86 54.52 20.73
C ASP O 54 -49.84 55.63 19.68
N ILE O 55 -50.31 55.34 18.47
CA ILE O 55 -50.37 56.35 17.42
C ILE O 55 -51.58 56.06 16.53
N THR O 56 -52.16 57.12 15.98
CA THR O 56 -53.27 57.01 15.04
C THR O 56 -53.10 57.85 13.78
N GLY O 57 -52.42 58.99 13.86
CA GLY O 57 -52.42 59.94 12.77
C GLY O 57 -51.36 59.74 11.72
N VAL O 58 -50.20 59.19 12.10
CA VAL O 58 -49.07 59.20 11.17
C VAL O 58 -48.51 57.81 10.89
N PRO O 59 -48.72 57.29 9.68
CA PRO O 59 -47.85 56.24 9.17
C PRO O 59 -46.79 56.81 8.23
N VAL O 60 -46.91 58.10 7.89
CA VAL O 60 -46.09 58.70 6.85
C VAL O 60 -44.63 58.84 7.30
N VAL O 61 -44.41 58.98 8.61
CA VAL O 61 -43.07 58.90 9.16
C VAL O 61 -42.78 57.49 9.69
N ASP O 62 -43.65 56.53 9.37
CA ASP O 62 -43.41 55.15 9.82
C ASP O 62 -43.37 54.13 8.69
N THR O 63 -44.05 54.35 7.56
CA THR O 63 -43.90 53.45 6.43
C THR O 63 -43.58 54.15 5.11
N MET O 64 -43.84 55.44 4.98
CA MET O 64 -43.45 56.13 3.75
C MET O 64 -41.97 56.43 3.75
N VAL O 65 -41.42 56.85 4.89
CA VAL O 65 -39.98 57.02 5.02
C VAL O 65 -39.25 55.68 5.12
N ALA O 66 -39.99 54.57 5.31
CA ALA O 66 -39.38 53.26 5.20
C ALA O 66 -38.92 52.95 3.79
N HIS O 67 -39.55 53.57 2.78
CA HIS O 67 -39.05 53.46 1.42
C HIS O 67 -37.85 54.36 1.16
N HIS O 68 -37.54 55.29 2.06
CA HIS O 68 -36.42 56.20 1.83
C HIS O 68 -35.08 55.50 2.06
N ILE O 69 -34.94 54.78 3.17
CA ILE O 69 -33.71 54.06 3.45
C ILE O 69 -33.54 52.88 2.49
N ILE O 70 -34.64 52.35 1.96
CA ILE O 70 -34.59 51.37 0.89
C ILE O 70 -33.93 51.97 -0.36
N GLN O 71 -34.14 53.26 -0.60
CA GLN O 71 -33.48 53.92 -1.71
C GLN O 71 -32.32 54.80 -1.30
N ALA O 72 -32.12 55.07 -0.01
CA ALA O 72 -30.90 55.76 0.41
C ALA O 72 -29.74 54.79 0.40
N SER O 73 -29.75 53.80 1.31
CA SER O 73 -28.80 52.68 1.21
C SER O 73 -29.50 51.35 1.06
N GLU O 74 -30.24 50.88 2.08
CA GLU O 74 -30.83 49.54 2.09
C GLU O 74 -31.73 49.29 3.30
N ALA O 75 -32.84 48.59 3.06
CA ALA O 75 -33.47 47.59 3.94
C ALA O 75 -33.63 48.04 5.40
N VAL O 76 -34.50 49.02 5.60
CA VAL O 76 -34.93 49.34 6.95
C VAL O 76 -35.88 48.25 7.44
N ARG O 77 -35.99 48.10 8.76
CA ARG O 77 -36.93 47.14 9.32
C ARG O 77 -37.44 47.60 10.68
N LEU O 78 -38.76 47.55 10.85
CA LEU O 78 -39.36 47.80 12.15
C LEU O 78 -39.15 46.58 13.04
N VAL O 79 -39.03 46.83 14.34
CA VAL O 79 -38.80 45.75 15.31
C VAL O 79 -39.87 45.83 16.38
N GLY O 80 -40.77 44.85 16.41
CA GLY O 80 -41.68 44.64 17.51
C GLY O 80 -42.73 45.70 17.72
N CYS O 81 -43.67 45.82 16.80
CA CYS O 81 -44.82 46.69 17.03
C CYS O 81 -45.71 46.11 18.12
N GLN O 82 -46.41 47.00 18.82
CA GLN O 82 -47.26 46.58 19.92
C GLN O 82 -48.59 46.02 19.41
N ALA O 83 -49.43 45.59 20.35
CA ALA O 83 -50.71 44.98 20.00
C ALA O 83 -51.74 46.04 19.61
N MET O 84 -51.88 47.10 20.41
CA MET O 84 -52.89 48.10 20.16
C MET O 84 -52.56 48.96 18.96
N LEU O 85 -51.26 49.11 18.64
CA LEU O 85 -50.87 49.83 17.44
C LEU O 85 -51.30 49.08 16.18
N VAL O 86 -51.25 47.76 16.21
CA VAL O 86 -51.70 46.94 15.11
C VAL O 86 -53.02 46.24 15.47
N GLY O 87 -53.76 46.81 16.43
CA GLY O 87 -55.11 46.32 16.71
C GLY O 87 -56.04 46.51 15.53
N ILE O 88 -55.87 47.60 14.79
CA ILE O 88 -56.38 47.73 13.44
C ILE O 88 -55.41 48.64 12.68
N ARG O 89 -55.15 48.31 11.42
CA ARG O 89 -54.27 49.12 10.57
C ARG O 89 -54.87 49.21 9.18
N PRO O 90 -55.78 50.15 8.96
CA PRO O 90 -56.41 50.30 7.64
C PRO O 90 -55.63 51.15 6.64
N GLU O 91 -54.37 51.47 6.92
CA GLU O 91 -53.59 52.29 6.00
C GLU O 91 -53.06 51.45 4.85
N GLN O 105 -44.48 44.00 1.36
CA GLN O 105 -44.49 45.33 1.97
C GLN O 105 -43.17 45.61 2.68
N ILE O 106 -43.22 45.75 3.99
CA ILE O 106 -42.04 45.99 4.81
C ILE O 106 -41.77 44.76 5.66
N ILE O 107 -40.55 44.67 6.17
CA ILE O 107 -40.06 43.50 6.86
C ILE O 107 -39.94 43.83 8.35
N THR O 108 -40.39 42.91 9.20
CA THR O 108 -40.43 43.14 10.64
C THR O 108 -39.91 41.90 11.37
N THR O 109 -39.82 42.03 12.69
CA THR O 109 -39.31 40.97 13.56
C THR O 109 -40.06 41.12 14.88
N ASN O 110 -40.14 40.03 15.66
CA ASN O 110 -40.89 40.06 16.91
C ASN O 110 -40.16 40.84 17.99
N THR O 111 -38.86 40.56 18.20
CA THR O 111 -38.09 41.22 19.23
C THR O 111 -36.72 41.62 18.67
N MET O 112 -35.96 42.35 19.49
CA MET O 112 -34.70 42.94 19.05
C MET O 112 -33.59 41.89 18.93
N LYS O 113 -33.55 40.92 19.84
CA LYS O 113 -32.46 39.96 19.85
C LYS O 113 -32.54 38.98 18.68
N LYS O 114 -33.70 38.88 18.01
CA LYS O 114 -33.77 38.13 16.77
C LYS O 114 -33.86 39.03 15.55
N GLY O 115 -34.00 40.35 15.76
CA GLY O 115 -33.82 41.28 14.65
C GLY O 115 -32.38 41.35 14.19
N MET O 116 -31.45 41.40 15.14
CA MET O 116 -30.03 41.35 14.82
C MET O 116 -29.61 39.99 14.29
N GLU O 117 -30.37 38.93 14.61
CA GLU O 117 -30.02 37.59 14.14
C GLU O 117 -30.24 37.46 12.63
N ARG O 118 -31.16 38.23 12.06
CA ARG O 118 -31.37 38.21 10.63
C ARG O 118 -30.77 39.43 9.92
N ALA O 119 -30.47 40.50 10.65
CA ALA O 119 -29.81 41.64 10.04
C ALA O 119 -28.35 41.33 9.71
N LEU O 120 -27.72 40.47 10.50
CA LEU O 120 -26.35 40.06 10.19
C LEU O 120 -26.29 39.09 9.02
N ALA O 121 -27.41 38.42 8.71
CA ALA O 121 -27.44 37.55 7.54
C ALA O 121 -27.42 38.35 6.24
N LEU O 122 -27.99 39.55 6.26
CA LEU O 122 -28.00 40.38 5.07
C LEU O 122 -26.61 40.91 4.73
N THR O 123 -25.78 41.19 5.74
CA THR O 123 -24.40 41.55 5.52
C THR O 123 -23.46 40.35 5.55
N ASN O 124 -24.02 39.14 5.51
CA ASN O 124 -23.29 37.87 5.38
C ASN O 124 -22.30 37.65 6.52
N ARG O 125 -22.83 37.54 7.73
CA ARG O 125 -22.03 37.21 8.90
C ARG O 125 -22.86 36.39 9.87
N GLU O 126 -22.18 35.58 10.67
CA GLU O 126 -22.81 34.73 11.67
C GLU O 126 -22.00 34.78 12.96
N ILE O 127 -22.69 34.86 14.09
CA ILE O 127 -22.05 34.84 15.40
C ILE O 127 -22.12 33.40 15.91
N VAL O 128 -20.98 32.70 15.84
CA VAL O 128 -20.88 31.31 16.31
C VAL O 128 -19.55 31.13 17.02
N GLU O 129 -19.60 30.49 18.19
CA GLU O 129 -18.41 30.00 18.88
C GLU O 129 -18.78 28.85 19.80
N SER P 1 77.02 25.33 -11.78
CA SER P 1 76.05 24.25 -11.67
C SER P 1 75.15 24.44 -10.46
N ALA P 2 74.56 25.62 -10.34
CA ALA P 2 73.66 25.94 -9.24
C ALA P 2 72.20 25.82 -9.69
N LEU P 3 71.83 24.60 -10.08
CA LEU P 3 70.47 24.30 -10.55
C LEU P 3 70.04 22.98 -9.92
N GLN P 4 68.89 22.97 -9.23
CA GLN P 4 68.46 21.77 -8.52
C GLN P 4 67.18 21.16 -9.07
N GLU P 5 66.03 21.84 -8.98
CA GLU P 5 64.76 21.13 -9.10
C GLU P 5 63.61 22.08 -9.40
N LEU P 6 62.76 21.69 -10.36
CA LEU P 6 61.42 22.23 -10.54
C LEU P 6 60.38 21.16 -10.21
N SER P 7 59.13 21.58 -10.01
CA SER P 7 58.11 20.67 -9.52
C SER P 7 56.72 21.26 -9.75
N ALA P 8 55.76 20.38 -10.14
CA ALA P 8 54.32 20.69 -10.13
C ALA P 8 53.42 19.44 -10.20
N PRO P 9 53.18 18.71 -9.07
CA PRO P 9 52.07 17.73 -9.08
C PRO P 9 50.72 18.31 -8.66
N LEU P 10 50.47 19.52 -9.15
CA LEU P 10 49.25 20.31 -9.33
C LEU P 10 48.57 20.88 -8.08
N LEU P 11 48.62 20.22 -6.93
CA LEU P 11 48.52 21.00 -5.70
C LEU P 11 49.83 21.10 -4.92
N PRO P 12 50.54 19.96 -4.57
CA PRO P 12 51.77 20.13 -3.80
C PRO P 12 53.00 20.29 -4.69
N ILE P 13 54.17 20.26 -4.08
CA ILE P 13 55.45 20.45 -4.75
C ILE P 13 56.40 19.34 -4.31
N PHE P 14 57.02 18.65 -5.26
CA PHE P 14 58.02 17.66 -4.88
C PHE P 14 59.41 18.27 -4.90
N GLU P 15 60.41 17.44 -4.62
CA GLU P 15 61.80 17.89 -4.58
C GLU P 15 62.69 16.66 -4.71
N LYS P 16 63.84 16.83 -5.32
CA LYS P 16 64.88 15.82 -5.30
C LYS P 16 66.16 16.45 -4.77
N ILE P 17 66.83 15.75 -3.86
CA ILE P 17 68.09 16.22 -3.29
C ILE P 17 69.11 15.10 -3.47
N SER P 18 70.07 15.32 -4.36
CA SER P 18 71.21 14.41 -4.52
C SER P 18 72.31 14.81 -3.54
N VAL P 19 73.53 14.35 -3.76
CA VAL P 19 74.63 14.63 -2.84
C VAL P 19 75.01 16.10 -2.98
N MET P 20 74.74 16.89 -1.95
CA MET P 20 75.21 18.25 -1.85
C MET P 20 76.34 18.28 -0.82
N PRO P 21 77.59 18.07 -1.25
CA PRO P 21 78.65 17.80 -0.28
C PRO P 21 79.30 19.04 0.31
N LEU P 22 78.49 20.02 0.71
CA LEU P 22 78.98 21.25 1.31
C LEU P 22 77.82 21.96 1.99
N ILE P 23 78.12 22.69 3.07
CA ILE P 23 77.12 23.52 3.72
C ILE P 23 76.89 24.82 2.95
N GLY P 24 77.75 25.13 1.98
CA GLY P 24 77.59 26.32 1.17
C GLY P 24 76.70 26.13 -0.04
N THR P 25 75.61 25.37 0.13
CA THR P 25 74.58 25.21 -0.89
C THR P 25 73.34 25.92 -0.37
N ILE P 26 73.12 27.15 -0.84
CA ILE P 26 72.02 27.97 -0.36
C ILE P 26 70.85 27.99 -1.34
N ASP P 27 71.04 27.50 -2.56
CA ASP P 27 69.94 27.49 -3.53
C ASP P 27 68.93 26.42 -3.21
N THR P 28 69.35 25.33 -2.55
CA THR P 28 68.39 24.37 -2.02
C THR P 28 67.69 24.89 -0.77
N GLU P 29 68.18 25.98 -0.19
CA GLU P 29 67.58 26.61 0.98
C GLU P 29 66.77 27.85 0.60
N ARG P 30 67.34 28.75 -0.20
CA ARG P 30 66.69 29.99 -0.57
C ARG P 30 65.97 29.91 -1.91
N ALA P 31 66.66 29.45 -2.96
CA ALA P 31 66.06 29.44 -4.29
C ALA P 31 65.00 28.37 -4.45
N LYS P 32 64.93 27.41 -3.54
CA LYS P 32 63.76 26.56 -3.44
C LYS P 32 62.57 27.37 -2.91
N LEU P 33 62.81 28.18 -1.87
CA LEU P 33 61.74 28.88 -1.16
C LEU P 33 61.08 29.96 -2.01
N ILE P 34 61.73 30.41 -3.08
CA ILE P 34 61.12 31.44 -3.93
C ILE P 34 60.02 30.91 -4.83
N ILE P 35 59.81 29.60 -4.88
CA ILE P 35 58.78 29.04 -5.74
C ILE P 35 57.49 28.73 -4.98
N GLU P 36 57.52 28.78 -3.64
CA GLU P 36 56.34 28.45 -2.85
C GLU P 36 55.25 29.50 -2.98
N ASN P 37 55.61 30.73 -3.34
CA ASN P 37 54.62 31.80 -3.46
C ASN P 37 54.29 32.18 -4.91
N LEU P 38 55.11 31.79 -5.87
CA LEU P 38 54.80 32.09 -7.28
C LEU P 38 53.62 31.26 -7.76
N LEU P 39 53.77 29.93 -7.77
CA LEU P 39 52.59 29.09 -7.72
C LEU P 39 52.30 28.80 -6.26
N ILE P 40 51.01 28.66 -5.94
CA ILE P 40 50.63 28.58 -4.54
C ILE P 40 50.85 27.14 -4.07
N GLY P 41 52.05 26.88 -3.59
CA GLY P 41 52.38 25.56 -3.09
C GLY P 41 51.88 25.35 -1.68
N VAL P 42 50.87 24.51 -1.53
CA VAL P 42 50.32 24.23 -0.21
C VAL P 42 51.23 23.29 0.57
N VAL P 43 51.57 22.16 -0.03
CA VAL P 43 52.38 21.12 0.60
C VAL P 43 53.67 20.99 -0.20
N LYS P 44 54.78 20.70 0.48
CA LYS P 44 56.05 20.61 -0.21
C LYS P 44 56.87 19.48 0.41
N ASN P 45 57.31 18.55 -0.43
CA ASN P 45 58.07 17.37 -0.01
C ASN P 45 59.57 17.61 -0.20
N ARG P 46 60.38 16.69 0.33
CA ARG P 46 61.83 16.83 0.24
C ARG P 46 62.47 15.71 -0.56
N SER P 47 62.24 14.44 -0.17
CA SER P 47 62.75 13.23 -0.84
C SER P 47 64.27 13.23 -0.98
N GLU P 48 64.94 13.22 0.17
CA GLU P 48 66.41 13.11 0.19
C GLU P 48 66.81 11.64 0.21
N VAL P 49 66.62 10.99 -0.94
CA VAL P 49 66.84 9.55 -1.00
C VAL P 49 68.32 9.24 -1.18
N VAL P 50 69.04 10.02 -1.99
CA VAL P 50 70.48 9.81 -2.11
C VAL P 50 71.25 10.93 -1.40
N LEU P 51 71.57 10.67 -0.12
CA LEU P 51 72.40 11.60 0.65
C LEU P 51 73.03 10.78 1.77
N ILE P 52 74.29 10.40 1.59
CA ILE P 52 75.08 9.77 2.64
C ILE P 52 76.43 10.47 2.64
N ASP P 53 76.71 11.26 3.68
CA ASP P 53 75.85 11.41 4.86
C ASP P 53 75.75 12.87 5.27
N ILE P 54 75.26 13.08 6.48
CA ILE P 54 74.96 14.41 6.99
C ILE P 54 76.22 14.95 7.68
N THR P 55 76.43 16.27 7.60
CA THR P 55 77.55 16.88 8.32
C THR P 55 77.10 17.95 9.31
N GLY P 56 76.58 19.08 8.84
CA GLY P 56 76.17 20.16 9.73
C GLY P 56 75.01 20.95 9.17
N VAL P 57 74.50 20.50 8.02
CA VAL P 57 73.37 21.11 7.33
C VAL P 57 72.03 21.13 8.08
N PRO P 58 71.79 20.34 9.15
CA PRO P 58 70.68 20.66 10.07
C PRO P 58 70.57 22.12 10.54
N VAL P 59 71.66 22.89 10.59
CA VAL P 59 71.51 24.33 10.86
C VAL P 59 70.92 25.05 9.66
N VAL P 60 70.92 24.43 8.49
CA VAL P 60 70.23 24.93 7.30
C VAL P 60 68.96 24.14 7.02
N ASP P 61 69.06 22.81 6.92
CA ASP P 61 67.98 21.99 6.41
C ASP P 61 66.83 21.84 7.40
N THR P 62 67.15 21.60 8.68
CA THR P 62 66.09 21.54 9.68
C THR P 62 65.54 22.93 9.97
N MET P 63 66.41 23.95 9.91
CA MET P 63 65.97 25.33 10.13
C MET P 63 65.09 25.81 8.98
N VAL P 64 65.39 25.42 7.74
CA VAL P 64 64.51 25.78 6.64
C VAL P 64 63.23 24.95 6.66
N ALA P 65 63.23 23.80 7.32
CA ALA P 65 62.04 22.97 7.45
C ALA P 65 61.03 23.52 8.44
N HIS P 66 61.32 24.67 9.07
CA HIS P 66 60.34 25.42 9.82
C HIS P 66 59.83 26.63 9.06
N HIS P 67 60.40 26.94 7.89
CA HIS P 67 60.05 28.16 7.17
C HIS P 67 58.89 27.98 6.21
N ILE P 68 58.67 26.78 5.69
CA ILE P 68 57.52 26.56 4.81
C ILE P 68 56.25 26.50 5.66
N ILE P 69 56.40 26.13 6.94
CA ILE P 69 55.28 26.19 7.88
C ILE P 69 54.85 27.63 8.11
N GLN P 70 55.76 28.59 7.94
CA GLN P 70 55.38 29.99 8.02
C GLN P 70 55.36 30.69 6.67
N ALA P 71 55.89 30.08 5.61
CA ALA P 71 55.70 30.66 4.28
C ALA P 71 54.28 30.37 3.79
N SER P 72 53.97 29.10 3.52
CA SER P 72 52.58 28.71 3.29
C SER P 72 52.09 27.69 4.32
N GLU P 73 52.60 26.46 4.28
CA GLU P 73 52.02 25.33 4.99
C GLU P 73 52.89 24.09 4.81
N ALA P 74 52.95 23.26 5.85
CA ALA P 74 52.92 21.79 5.76
C ALA P 74 54.04 21.19 4.90
N VAL P 75 55.26 21.34 5.36
CA VAL P 75 56.39 20.67 4.73
C VAL P 75 56.60 19.31 5.39
N ARG P 76 57.04 18.32 4.61
CA ARG P 76 57.37 17.00 5.15
C ARG P 76 58.56 16.41 4.42
N LEU P 77 59.20 15.44 5.07
CA LEU P 77 60.39 14.78 4.57
C LEU P 77 60.05 13.36 4.11
N VAL P 78 60.90 12.83 3.23
CA VAL P 78 60.73 11.49 2.68
C VAL P 78 62.08 10.78 2.72
N GLY P 79 62.14 9.66 3.43
CA GLY P 79 63.21 8.69 3.24
C GLY P 79 64.59 9.04 3.78
N CYS P 80 64.70 9.25 5.08
CA CYS P 80 66.01 9.27 5.71
C CYS P 80 66.51 7.83 5.85
N GLN P 81 67.79 7.61 5.53
CA GLN P 81 68.35 6.27 5.60
C GLN P 81 68.76 5.94 7.04
N ALA P 82 69.46 4.82 7.20
CA ALA P 82 69.89 4.40 8.53
C ALA P 82 71.10 5.22 9.00
N MET P 83 72.08 5.41 8.13
CA MET P 83 73.32 6.08 8.51
C MET P 83 73.13 7.58 8.72
N LEU P 84 72.10 8.18 8.13
CA LEU P 84 71.91 9.61 8.20
C LEU P 84 71.46 10.08 9.58
N VAL P 85 70.88 9.18 10.37
CA VAL P 85 70.20 9.58 11.59
C VAL P 85 70.89 8.99 12.81
N GLY P 86 72.21 8.90 12.75
CA GLY P 86 73.05 8.39 13.83
C GLY P 86 72.84 9.03 15.19
N ILE P 87 73.21 10.31 15.34
CA ILE P 87 72.97 11.07 16.57
C ILE P 87 72.38 12.41 16.15
N ARG P 88 71.08 12.60 16.39
CA ARG P 88 70.40 13.82 15.99
C ARG P 88 69.93 14.59 17.23
N PRO P 89 70.70 15.58 17.70
CA PRO P 89 70.27 16.35 18.87
C PRO P 89 69.34 17.50 18.55
N GLU P 90 68.95 17.68 17.30
CA GLU P 90 68.10 18.80 16.92
C GLU P 90 66.66 18.59 17.37
N GLN P 104 57.83 18.17 16.37
CA GLN P 104 58.83 18.60 15.41
C GLN P 104 58.20 18.75 14.02
N ILE P 105 58.60 17.88 13.10
CA ILE P 105 58.09 17.90 11.74
C ILE P 105 57.32 16.59 11.49
N ILE P 106 56.65 16.55 10.34
CA ILE P 106 55.95 15.35 9.88
C ILE P 106 56.80 14.69 8.82
N THR P 107 56.86 13.36 8.81
CA THR P 107 57.71 12.65 7.88
C THR P 107 57.03 11.35 7.46
N THR P 108 57.71 10.62 6.58
CA THR P 108 57.25 9.33 6.08
C THR P 108 58.48 8.55 5.61
N ASN P 109 58.25 7.43 4.92
CA ASN P 109 59.32 6.55 4.47
C ASN P 109 59.51 6.57 2.97
N THR P 110 58.46 6.34 2.20
CA THR P 110 58.55 6.23 0.76
C THR P 110 57.89 7.42 0.08
N MET P 111 58.13 7.54 -1.22
CA MET P 111 57.62 8.67 -1.98
C MET P 111 56.12 8.55 -2.25
N LYS P 112 55.61 7.34 -2.42
CA LYS P 112 54.22 7.19 -2.82
C LYS P 112 53.27 7.50 -1.66
N LYS P 113 53.58 7.05 -0.45
CA LYS P 113 52.77 7.45 0.69
C LYS P 113 53.15 8.82 1.23
N GLY P 114 54.26 9.39 0.76
CA GLY P 114 54.49 10.82 0.95
C GLY P 114 53.61 11.68 0.07
N MET P 115 53.05 11.11 -0.99
CA MET P 115 52.00 11.74 -1.78
C MET P 115 50.62 11.30 -1.32
N GLU P 116 50.47 10.05 -0.89
CA GLU P 116 49.19 9.53 -0.45
C GLU P 116 48.79 10.01 0.93
N ARG P 117 49.64 10.76 1.62
CA ARG P 117 49.26 11.44 2.84
C ARG P 117 49.16 12.95 2.66
N ALA P 118 49.49 13.46 1.48
CA ALA P 118 49.20 14.85 1.16
C ALA P 118 47.71 15.10 1.13
N LEU P 119 46.96 14.18 0.53
CA LEU P 119 45.51 14.33 0.35
C LEU P 119 44.77 14.37 1.67
N ALA P 120 45.29 13.71 2.69
CA ALA P 120 44.77 13.90 4.04
C ALA P 120 45.08 15.30 4.54
N LEU P 121 46.31 15.77 4.32
CA LEU P 121 46.71 17.06 4.86
C LEU P 121 46.13 18.23 4.08
N THR P 122 46.02 18.12 2.76
CA THR P 122 45.53 19.22 1.95
C THR P 122 44.01 19.26 1.85
N ASN P 123 43.32 18.39 2.61
CA ASN P 123 41.86 18.37 2.75
C ASN P 123 41.16 18.09 1.41
N ARG P 124 41.54 17.00 0.77
CA ARG P 124 40.89 16.50 -0.43
C ARG P 124 40.42 15.07 -0.20
N GLU P 125 39.66 14.55 -1.16
CA GLU P 125 39.33 13.14 -1.18
C GLU P 125 40.34 12.39 -2.06
N ILE P 126 40.61 11.15 -1.68
CA ILE P 126 41.86 10.50 -2.07
C ILE P 126 41.73 9.89 -3.45
N VAL P 127 42.68 10.23 -4.32
CA VAL P 127 42.85 9.52 -5.60
C VAL P 127 43.75 8.33 -5.33
N GLU P 128 43.13 7.25 -4.87
CA GLU P 128 43.86 6.08 -4.41
C GLU P 128 43.92 5.01 -5.50
N SER Q 1 54.13 1.43 57.44
CA SER Q 1 54.63 0.06 57.51
C SER Q 1 54.14 -0.78 56.35
N ALA Q 2 53.09 -1.58 56.59
CA ALA Q 2 52.48 -2.44 55.59
C ALA Q 2 51.18 -1.87 55.07
N LEU Q 3 51.14 -0.56 54.90
CA LEU Q 3 49.93 0.19 54.56
C LEU Q 3 49.82 0.34 53.04
N GLN Q 4 49.03 1.33 52.60
CA GLN Q 4 48.86 1.85 51.22
C GLN Q 4 47.92 1.01 50.37
N GLU Q 5 47.10 0.16 51.00
CA GLU Q 5 45.65 -0.02 50.76
C GLU Q 5 45.19 0.15 49.30
N LEU Q 6 45.68 -0.74 48.44
CA LEU Q 6 45.20 -0.74 47.05
C LEU Q 6 43.81 -1.38 46.95
N SER Q 7 43.25 -1.38 45.74
CA SER Q 7 41.92 -1.93 45.48
C SER Q 7 41.82 -2.31 44.01
N ALA Q 8 40.65 -2.83 43.62
CA ALA Q 8 40.45 -3.29 42.26
C ALA Q 8 38.98 -3.35 41.83
N PRO Q 9 38.44 -2.31 41.20
CA PRO Q 9 37.20 -2.46 40.43
C PRO Q 9 37.41 -2.96 38.99
N LEU Q 10 38.61 -3.47 38.70
CA LEU Q 10 39.08 -4.18 37.51
C LEU Q 10 39.27 -3.29 36.28
N LEU Q 11 38.71 -2.10 36.28
CA LEU Q 11 39.25 -1.13 35.33
C LEU Q 11 40.35 -0.29 35.98
N PRO Q 12 40.17 0.33 37.19
CA PRO Q 12 41.32 0.98 37.81
C PRO Q 12 42.01 0.14 38.88
N ILE Q 13 43.16 0.62 39.34
CA ILE Q 13 43.72 0.23 40.63
C ILE Q 13 43.92 1.55 41.37
N PHE Q 14 42.91 1.98 42.10
CA PHE Q 14 43.01 3.24 42.82
C PHE Q 14 43.62 2.99 44.19
N GLU Q 15 43.78 4.06 44.95
CA GLU Q 15 44.52 3.99 46.20
C GLU Q 15 44.15 5.23 47.01
N LYS Q 16 44.09 5.08 48.33
CA LYS Q 16 43.80 6.20 49.21
C LYS Q 16 44.97 6.40 50.16
N ILE Q 17 45.23 7.66 50.52
CA ILE Q 17 46.33 7.99 51.41
C ILE Q 17 45.76 8.74 52.61
N SER Q 18 45.81 8.11 53.78
CA SER Q 18 45.67 8.84 55.02
C SER Q 18 47.00 9.53 55.35
N VAL Q 19 46.99 10.34 56.41
CA VAL Q 19 48.05 11.32 56.64
C VAL Q 19 49.38 10.65 56.93
N MET Q 20 50.35 10.86 56.04
CA MET Q 20 51.73 10.41 56.14
C MET Q 20 52.60 11.26 55.21
N PRO Q 21 52.72 12.57 55.44
CA PRO Q 21 53.39 13.46 54.46
C PRO Q 21 54.87 13.68 54.74
N LEU Q 22 55.69 12.65 54.51
CA LEU Q 22 57.12 12.78 54.79
C LEU Q 22 57.94 12.07 53.72
N ILE Q 23 59.21 12.46 53.66
CA ILE Q 23 60.16 11.82 52.74
C ILE Q 23 60.54 10.43 53.24
N GLY Q 24 60.31 10.13 54.52
CA GLY Q 24 60.66 8.83 55.06
C GLY Q 24 59.84 7.69 54.49
N THR Q 25 58.61 7.97 54.07
CA THR Q 25 57.83 6.98 53.34
C THR Q 25 58.05 7.16 51.84
N ILE Q 26 58.38 6.07 51.16
CA ILE Q 26 58.56 6.05 49.72
C ILE Q 26 57.82 4.90 49.06
N ASP Q 27 57.22 4.01 49.85
CA ASP Q 27 56.52 2.83 49.35
C ASP Q 27 55.28 3.19 48.53
N THR Q 28 54.72 4.39 48.74
CA THR Q 28 53.64 4.88 47.89
C THR Q 28 54.05 5.03 46.43
N GLU Q 29 55.34 5.20 46.16
CA GLU Q 29 55.85 5.02 44.81
C GLU Q 29 56.05 3.55 44.47
N ARG Q 30 56.51 2.75 45.43
CA ARG Q 30 56.90 1.38 45.16
C ARG Q 30 55.75 0.38 45.21
N ALA Q 31 54.89 0.44 46.23
CA ALA Q 31 53.86 -0.58 46.41
C ALA Q 31 52.78 -0.48 45.33
N LYS Q 32 52.55 0.71 44.79
CA LYS Q 32 51.63 0.84 43.67
C LYS Q 32 52.24 0.28 42.39
N LEU Q 33 53.52 0.60 42.13
CA LEU Q 33 54.20 0.12 40.94
C LEU Q 33 54.41 -1.39 40.94
N ILE Q 34 54.42 -2.03 42.10
CA ILE Q 34 54.46 -3.48 42.15
C ILE Q 34 53.13 -4.05 41.65
N ILE Q 35 52.01 -3.48 42.08
CA ILE Q 35 50.72 -4.05 41.72
C ILE Q 35 50.24 -3.62 40.34
N GLU Q 36 50.89 -2.61 39.73
CA GLU Q 36 50.35 -2.05 38.50
C GLU Q 36 50.53 -2.98 37.31
N ASN Q 37 51.59 -3.79 37.30
CA ASN Q 37 51.70 -4.86 36.32
C ASN Q 37 51.25 -6.20 36.87
N LEU Q 38 50.90 -6.27 38.16
CA LEU Q 38 50.31 -7.49 38.70
C LEU Q 38 48.90 -7.71 38.17
N LEU Q 39 48.16 -6.63 37.94
CA LEU Q 39 46.88 -6.70 37.25
C LEU Q 39 46.81 -5.52 36.28
N ILE Q 40 46.35 -5.81 35.06
CA ILE Q 40 46.42 -4.84 33.97
C ILE Q 40 45.27 -3.85 34.14
N GLY Q 41 45.57 -2.68 34.68
CA GLY Q 41 44.59 -1.62 34.78
C GLY Q 41 45.03 -0.38 34.04
N VAL Q 42 44.18 0.12 33.14
CA VAL Q 42 44.56 1.25 32.29
C VAL Q 42 44.59 2.54 33.10
N VAL Q 43 43.44 2.95 33.60
CA VAL Q 43 43.35 4.18 34.39
C VAL Q 43 43.61 3.82 35.84
N LYS Q 44 43.91 4.84 36.66
CA LYS Q 44 43.97 4.67 38.11
C LYS Q 44 43.78 6.04 38.76
N ASN Q 45 43.35 6.02 40.03
CA ASN Q 45 43.02 7.23 40.77
C ASN Q 45 43.94 7.35 41.98
N ARG Q 46 44.66 8.46 42.06
CA ARG Q 46 45.70 8.60 43.07
C ARG Q 46 45.13 8.98 44.43
N SER Q 47 44.19 9.92 44.46
CA SER Q 47 43.34 10.28 45.60
C SER Q 47 44.16 10.71 46.83
N GLU Q 48 44.80 11.86 46.69
CA GLU Q 48 45.35 12.58 47.84
C GLU Q 48 44.33 13.52 48.47
N VAL Q 49 43.14 12.97 48.73
CA VAL Q 49 41.98 13.75 49.17
C VAL Q 49 42.18 14.30 50.59
N VAL Q 50 42.91 13.58 51.45
CA VAL Q 50 43.22 14.08 52.79
C VAL Q 50 44.71 13.81 53.08
N LEU Q 51 45.52 14.85 52.86
CA LEU Q 51 46.96 14.83 53.11
C LEU Q 51 47.40 16.26 53.36
N ILE Q 52 47.94 16.52 54.53
CA ILE Q 52 48.43 17.86 54.83
C ILE Q 52 49.66 17.80 55.73
N ASP Q 53 50.81 18.28 55.25
CA ASP Q 53 51.04 18.73 53.87
C ASP Q 53 52.42 18.25 53.44
N ILE Q 54 52.66 18.16 52.12
CA ILE Q 54 53.98 17.77 51.64
C ILE Q 54 54.94 18.94 51.83
N THR Q 55 56.14 18.65 52.34
CA THR Q 55 57.03 19.71 52.80
C THR Q 55 57.73 20.42 51.64
N GLY Q 56 58.60 19.70 50.93
CA GLY Q 56 59.29 20.29 49.81
C GLY Q 56 59.58 19.31 48.69
N VAL Q 57 59.07 18.09 48.82
CA VAL Q 57 59.39 17.05 47.86
C VAL Q 57 58.14 16.44 47.22
N PRO Q 58 57.53 17.11 46.24
CA PRO Q 58 56.55 16.43 45.39
C PRO Q 58 57.19 15.74 44.19
N VAL Q 59 58.53 15.79 44.09
CA VAL Q 59 59.25 15.04 43.07
C VAL Q 59 59.06 13.55 43.26
N VAL Q 60 58.96 13.11 44.52
CA VAL Q 60 58.55 11.74 44.80
C VAL Q 60 57.07 11.53 44.48
N ASP Q 61 56.25 12.58 44.52
CA ASP Q 61 54.81 12.44 44.35
C ASP Q 61 54.28 12.91 43.01
N THR Q 62 55.10 13.51 42.15
CA THR Q 62 54.66 13.87 40.81
C THR Q 62 55.44 13.20 39.69
N MET Q 63 56.69 12.80 39.93
CA MET Q 63 57.36 11.95 38.96
C MET Q 63 56.84 10.52 39.01
N VAL Q 64 56.17 10.13 40.11
CA VAL Q 64 55.42 8.88 40.10
C VAL Q 64 54.21 9.02 39.19
N ALA Q 65 53.65 10.23 39.07
CA ALA Q 65 52.60 10.47 38.10
C ALA Q 65 53.13 10.48 36.68
N HIS Q 66 54.44 10.61 36.49
CA HIS Q 66 55.04 10.33 35.20
C HIS Q 66 55.31 8.84 35.00
N HIS Q 67 55.26 8.04 36.07
CA HIS Q 67 55.70 6.65 35.96
C HIS Q 67 54.63 5.73 35.40
N ILE Q 68 53.39 5.83 35.90
CA ILE Q 68 52.32 4.97 35.41
C ILE Q 68 51.94 5.34 33.98
N ILE Q 69 52.21 6.59 33.57
CA ILE Q 69 52.12 6.97 32.16
C ILE Q 69 53.06 6.12 31.30
N GLN Q 70 54.23 5.80 31.83
CA GLN Q 70 55.14 4.92 31.11
C GLN Q 70 55.12 3.48 31.63
N ALA Q 71 54.51 3.22 32.78
CA ALA Q 71 54.35 1.84 33.21
C ALA Q 71 53.24 1.19 32.39
N SER Q 72 51.99 1.65 32.56
CA SER Q 72 50.94 1.28 31.62
C SER Q 72 50.39 2.49 30.87
N GLU Q 73 49.66 3.38 31.55
CA GLU Q 73 48.96 4.58 31.06
C GLU Q 73 48.27 5.25 32.23
N ALA Q 74 47.94 6.53 32.04
CA ALA Q 74 46.71 7.17 32.53
C ALA Q 74 46.58 7.14 34.05
N VAL Q 75 47.46 7.87 34.71
CA VAL Q 75 47.27 8.16 36.12
C VAL Q 75 46.47 9.45 36.23
N ARG Q 76 45.81 9.66 37.37
CA ARG Q 76 45.17 10.93 37.65
C ARG Q 76 45.10 11.16 39.15
N LEU Q 77 45.28 12.42 39.56
CA LEU Q 77 45.18 12.82 40.95
C LEU Q 77 43.74 13.23 41.26
N VAL Q 78 43.33 13.02 42.50
CA VAL Q 78 41.96 13.33 42.94
C VAL Q 78 42.04 14.22 44.17
N GLY Q 79 41.59 15.46 44.04
CA GLY Q 79 41.29 16.30 45.18
C GLY Q 79 42.45 16.79 46.02
N CYS Q 80 43.28 17.66 45.46
CA CYS Q 80 44.27 18.35 46.27
C CYS Q 80 43.60 19.35 47.18
N GLN Q 81 44.25 19.64 48.31
CA GLN Q 81 43.67 20.54 49.30
C GLN Q 81 43.84 22.00 48.88
N ALA Q 82 43.35 22.91 49.73
CA ALA Q 82 43.48 24.33 49.44
C ALA Q 82 44.90 24.81 49.65
N MET Q 83 45.44 24.64 50.85
CA MET Q 83 46.79 25.08 51.15
C MET Q 83 47.85 24.09 50.70
N LEU Q 84 47.45 22.94 50.15
CA LEU Q 84 48.41 22.01 49.57
C LEU Q 84 48.96 22.48 48.23
N VAL Q 85 48.27 23.42 47.58
CA VAL Q 85 48.66 23.87 46.26
C VAL Q 85 49.25 25.26 46.27
N GLY Q 86 49.40 25.88 47.46
CA GLY Q 86 50.27 27.03 47.57
C GLY Q 86 51.73 26.69 47.35
N ILE Q 87 52.10 25.43 47.57
CA ILE Q 87 53.44 24.95 47.25
C ILE Q 87 53.46 24.57 45.78
N ARG Q 88 53.78 25.53 44.91
CA ARG Q 88 53.94 25.26 43.48
C ARG Q 88 55.18 25.99 42.98
N PRO Q 89 56.38 25.44 43.18
CA PRO Q 89 57.56 25.96 42.50
C PRO Q 89 57.47 25.75 41.01
N GLU Q 90 57.26 24.50 40.61
CA GLU Q 90 57.10 24.15 39.20
C GLU Q 90 55.62 24.21 38.81
N GLN Q 104 50.06 18.60 31.42
CA GLN Q 104 50.98 18.07 32.41
C GLN Q 104 50.38 16.77 32.95
N ILE Q 105 49.89 16.80 34.18
CA ILE Q 105 49.12 15.70 34.75
C ILE Q 105 47.65 16.04 34.66
N ILE Q 106 46.83 15.01 34.48
CA ILE Q 106 45.38 15.18 34.41
C ILE Q 106 44.82 14.93 35.81
N THR Q 107 43.82 15.72 36.19
CA THR Q 107 43.34 15.74 37.57
C THR Q 107 41.83 15.88 37.60
N THR Q 108 41.29 15.96 38.81
CA THR Q 108 39.87 16.19 39.04
C THR Q 108 39.71 16.81 40.42
N ASN Q 109 38.48 16.88 40.91
CA ASN Q 109 38.19 17.49 42.19
C ASN Q 109 37.62 16.52 43.21
N THR Q 110 36.59 15.75 42.85
CA THR Q 110 35.95 14.83 43.76
C THR Q 110 36.13 13.40 43.28
N MET Q 111 36.09 12.46 44.23
CA MET Q 111 36.26 11.05 43.89
C MET Q 111 35.07 10.52 43.11
N LYS Q 112 33.86 10.97 43.45
CA LYS Q 112 32.65 10.43 42.83
C LYS Q 112 32.48 10.88 41.38
N LYS Q 113 33.10 11.98 40.98
CA LYS Q 113 33.13 12.37 39.58
C LYS Q 113 34.50 12.18 38.94
N GLY Q 114 35.56 12.01 39.74
CA GLY Q 114 36.83 11.59 39.19
C GLY Q 114 36.79 10.19 38.64
N MET Q 115 35.93 9.34 39.23
CA MET Q 115 35.73 7.99 38.70
C MET Q 115 35.08 8.02 37.33
N GLU Q 116 34.23 9.01 37.06
CA GLU Q 116 33.50 9.06 35.80
C GLU Q 116 34.42 9.38 34.64
N ARG Q 117 35.26 10.40 34.79
CA ARG Q 117 36.22 10.71 33.74
C ARG Q 117 37.38 9.74 33.72
N ALA Q 118 37.57 8.96 34.79
CA ALA Q 118 38.48 7.82 34.72
C ALA Q 118 37.90 6.73 33.82
N LEU Q 119 36.58 6.55 33.88
CA LEU Q 119 35.91 5.59 33.01
C LEU Q 119 35.77 6.09 31.58
N ALA Q 120 35.99 7.39 31.34
CA ALA Q 120 35.95 7.90 29.98
C ALA Q 120 37.13 7.41 29.15
N LEU Q 121 38.25 7.11 29.80
CA LEU Q 121 39.39 6.54 29.07
C LEU Q 121 39.11 5.10 28.65
N THR Q 122 38.40 4.34 29.49
CA THR Q 122 38.26 2.91 29.29
C THR Q 122 36.85 2.57 28.76
N ASN Q 123 36.32 3.44 27.91
CA ASN Q 123 35.22 3.17 26.98
C ASN Q 123 33.88 2.83 27.64
N ARG Q 124 33.72 3.06 28.93
CA ARG Q 124 32.51 2.63 29.64
C ARG Q 124 31.93 3.76 30.46
N GLU Q 125 30.61 3.72 30.63
CA GLU Q 125 29.90 4.62 31.52
C GLU Q 125 28.71 3.90 32.12
N ILE Q 126 28.39 4.22 33.37
CA ILE Q 126 27.31 3.57 34.10
C ILE Q 126 26.00 4.31 33.84
N VAL Q 127 25.06 3.64 33.16
CA VAL Q 127 23.78 4.24 32.78
C VAL Q 127 22.67 3.20 32.92
N GLU Q 128 21.67 3.52 33.73
CA GLU Q 128 20.36 2.86 33.72
C GLU Q 128 19.35 3.77 34.40
N SER R 1 -36.26 27.73 65.65
CA SER R 1 -36.53 29.00 64.99
C SER R 1 -35.23 29.75 64.72
N ALA R 2 -34.25 29.60 65.61
CA ALA R 2 -32.96 30.25 65.46
C ALA R 2 -31.96 29.36 64.74
N LEU R 3 -32.37 28.84 63.58
CA LEU R 3 -31.55 27.97 62.76
C LEU R 3 -32.06 28.07 61.33
N GLN R 4 -31.14 28.20 60.37
CA GLN R 4 -31.53 28.50 58.99
C GLN R 4 -31.25 27.35 58.04
N GLU R 5 -29.99 26.95 57.83
CA GLU R 5 -29.66 26.07 56.72
C GLU R 5 -28.39 25.30 57.03
N LEU R 6 -28.55 24.04 57.44
CA LEU R 6 -27.45 23.06 57.43
C LEU R 6 -27.60 22.30 56.11
N SER R 7 -26.78 22.67 55.12
CA SER R 7 -27.15 22.44 53.73
C SER R 7 -25.91 22.17 52.88
N ALA R 8 -25.90 21.04 52.15
CA ALA R 8 -24.78 20.68 51.30
C ALA R 8 -25.12 19.59 50.28
N PRO R 9 -24.76 19.76 49.00
CA PRO R 9 -24.53 18.61 48.12
C PRO R 9 -23.12 18.07 48.20
N LEU R 10 -22.35 18.59 49.15
CA LEU R 10 -21.16 18.01 49.79
C LEU R 10 -19.88 18.02 48.94
N LEU R 11 -19.96 18.23 47.63
CA LEU R 11 -18.70 18.63 47.01
C LEU R 11 -18.62 20.16 46.94
N PRO R 12 -19.66 20.90 46.41
CA PRO R 12 -19.83 22.29 46.84
C PRO R 12 -20.80 22.36 48.01
N ILE R 13 -21.19 23.56 48.42
CA ILE R 13 -22.20 23.72 49.46
C ILE R 13 -23.23 24.72 48.97
N PHE R 14 -24.50 24.34 49.03
CA PHE R 14 -25.56 25.32 48.81
C PHE R 14 -26.02 25.88 50.15
N GLU R 15 -26.61 27.08 50.09
CA GLU R 15 -27.13 27.73 51.27
C GLU R 15 -28.18 28.73 50.81
N LYS R 16 -29.21 28.91 51.62
CA LYS R 16 -30.30 29.82 51.28
C LYS R 16 -30.59 30.71 52.47
N ILE R 17 -30.72 32.00 52.23
CA ILE R 17 -31.07 32.96 53.27
C ILE R 17 -32.47 33.49 52.94
N SER R 18 -33.42 33.20 53.82
CA SER R 18 -34.77 33.74 53.71
C SER R 18 -34.85 34.99 54.58
N VAL R 19 -36.06 35.49 54.81
CA VAL R 19 -36.22 36.78 55.47
C VAL R 19 -35.95 36.70 56.97
N MET R 20 -34.79 37.23 57.37
CA MET R 20 -34.52 37.60 58.76
C MET R 20 -33.50 38.72 58.79
N PRO R 21 -33.85 39.90 58.23
CA PRO R 21 -32.82 40.95 58.08
C PRO R 21 -32.68 41.78 59.34
N LEU R 22 -32.02 41.20 60.35
CA LEU R 22 -31.90 41.85 61.65
C LEU R 22 -30.57 41.46 62.28
N ILE R 23 -30.08 42.33 63.17
CA ILE R 23 -28.75 42.19 63.74
C ILE R 23 -28.69 41.07 64.77
N GLY R 24 -29.82 40.60 65.28
CA GLY R 24 -29.82 39.58 66.31
C GLY R 24 -29.48 38.19 65.82
N THR R 25 -29.71 37.89 64.54
CA THR R 25 -29.39 36.57 64.00
C THR R 25 -27.99 36.57 63.38
N ILE R 26 -27.01 36.61 64.27
CA ILE R 26 -25.61 36.43 63.88
C ILE R 26 -25.26 34.96 63.73
N ASP R 27 -26.19 34.05 64.08
CA ASP R 27 -25.93 32.63 64.05
C ASP R 27 -25.72 32.07 62.65
N THR R 28 -26.14 32.80 61.61
CA THR R 28 -25.80 32.41 60.24
C THR R 28 -24.35 32.65 59.89
N GLU R 29 -23.58 33.31 60.77
CA GLU R 29 -22.13 33.36 60.68
C GLU R 29 -21.49 32.27 61.53
N ARG R 30 -22.04 32.05 62.73
CA ARG R 30 -21.48 31.05 63.64
C ARG R 30 -21.75 29.64 63.13
N ALA R 31 -23.03 29.28 62.99
CA ALA R 31 -23.40 27.90 62.68
C ALA R 31 -23.09 27.50 61.25
N LYS R 32 -22.80 28.45 60.37
CA LYS R 32 -22.47 28.11 59.00
C LYS R 32 -20.99 27.77 58.82
N LEU R 33 -20.11 28.37 59.62
CA LEU R 33 -18.73 27.93 59.65
C LEU R 33 -18.54 26.62 60.40
N ILE R 34 -19.54 26.19 61.17
CA ILE R 34 -19.46 24.90 61.87
C ILE R 34 -19.49 23.76 60.87
N ILE R 35 -20.53 23.74 60.02
CA ILE R 35 -20.64 22.70 59.00
C ILE R 35 -19.65 22.89 57.86
N GLU R 36 -18.97 24.04 57.80
CA GLU R 36 -18.04 24.33 56.72
C GLU R 36 -16.82 23.42 56.77
N ASN R 37 -16.27 23.19 57.95
CA ASN R 37 -15.17 22.23 58.10
C ASN R 37 -15.60 20.89 58.69
N LEU R 38 -16.89 20.74 59.03
CA LEU R 38 -17.39 19.43 59.41
C LEU R 38 -17.44 18.49 58.22
N LEU R 39 -17.48 19.04 57.01
CA LEU R 39 -17.34 18.27 55.79
C LEU R 39 -16.35 19.01 54.90
N ILE R 40 -16.02 18.42 53.75
CA ILE R 40 -15.09 19.05 52.81
C ILE R 40 -15.93 19.95 51.92
N GLY R 41 -16.18 21.16 52.41
CA GLY R 41 -16.92 22.13 51.63
C GLY R 41 -16.00 23.14 50.98
N VAL R 42 -15.73 22.97 49.69
CA VAL R 42 -14.81 23.86 49.00
C VAL R 42 -15.49 25.19 48.73
N VAL R 43 -16.52 25.17 47.89
CA VAL R 43 -17.24 26.37 47.49
C VAL R 43 -18.56 26.42 48.24
N LYS R 44 -19.03 27.63 48.55
CA LYS R 44 -20.37 27.78 49.08
C LYS R 44 -20.99 29.07 48.56
N ASN R 45 -22.31 29.09 48.51
CA ASN R 45 -23.09 30.20 47.98
C ASN R 45 -23.89 30.85 49.10
N ARG R 46 -24.60 31.92 48.75
CA ARG R 46 -25.52 32.56 49.70
C ARG R 46 -26.95 32.53 49.21
N SER R 47 -27.18 32.91 47.94
CA SER R 47 -28.49 32.89 47.27
C SER R 47 -29.52 33.72 48.01
N GLU R 48 -29.15 34.95 48.36
CA GLU R 48 -30.02 35.84 49.11
C GLU R 48 -30.96 36.61 48.18
N VAL R 49 -31.79 35.85 47.46
CA VAL R 49 -32.76 36.46 46.58
C VAL R 49 -33.95 37.01 47.36
N VAL R 50 -34.43 36.28 48.36
CA VAL R 50 -35.50 36.78 49.23
C VAL R 50 -34.81 37.47 50.41
N LEU R 51 -34.42 38.73 50.18
CA LEU R 51 -33.84 39.54 51.23
C LEU R 51 -33.99 41.01 50.82
N ILE R 52 -35.01 41.67 51.36
CA ILE R 52 -35.19 43.11 51.20
C ILE R 52 -35.61 43.67 52.56
N ASP R 53 -34.74 44.47 53.18
CA ASP R 53 -33.40 44.79 52.69
C ASP R 53 -32.41 44.68 53.84
N ILE R 54 -31.13 44.94 53.55
CA ILE R 54 -30.11 44.93 54.59
C ILE R 54 -30.04 46.33 55.19
N THR R 55 -30.27 46.42 56.50
CA THR R 55 -30.36 47.73 57.15
C THR R 55 -28.99 48.30 57.47
N GLY R 56 -28.25 47.61 58.34
CA GLY R 56 -26.92 48.03 58.71
C GLY R 56 -26.05 46.81 58.92
N VAL R 57 -26.47 45.68 58.37
CA VAL R 57 -25.78 44.42 58.59
C VAL R 57 -25.19 43.86 57.29
N PRO R 58 -24.15 44.50 56.70
CA PRO R 58 -23.13 43.70 56.02
C PRO R 58 -21.94 43.48 56.93
N VAL R 59 -21.92 44.21 58.07
CA VAL R 59 -20.81 44.14 59.01
C VAL R 59 -20.77 42.80 59.72
N VAL R 60 -21.87 42.04 59.69
CA VAL R 60 -21.81 40.61 59.94
C VAL R 60 -21.64 39.85 58.64
N ASP R 61 -22.41 40.23 57.61
CA ASP R 61 -22.54 39.43 56.39
C ASP R 61 -21.25 39.40 55.58
N THR R 62 -20.67 40.56 55.28
CA THR R 62 -19.45 40.53 54.47
C THR R 62 -18.23 40.07 55.27
N MET R 63 -18.33 40.02 56.60
CA MET R 63 -17.27 39.39 57.38
C MET R 63 -17.27 37.88 57.20
N VAL R 64 -18.44 37.30 56.90
CA VAL R 64 -18.47 35.89 56.52
C VAL R 64 -17.77 35.69 55.19
N ALA R 65 -17.93 36.63 54.26
CA ALA R 65 -17.24 36.56 52.99
C ALA R 65 -15.73 36.76 53.14
N HIS R 66 -15.28 37.35 54.24
CA HIS R 66 -13.86 37.41 54.55
C HIS R 66 -13.34 36.13 55.21
N HIS R 67 -14.23 35.19 55.52
CA HIS R 67 -13.83 34.01 56.28
C HIS R 67 -13.60 32.78 55.42
N ILE R 68 -14.53 32.46 54.51
CA ILE R 68 -14.39 31.26 53.70
C ILE R 68 -13.28 31.43 52.66
N ILE R 69 -12.98 32.66 52.26
CA ILE R 69 -11.81 32.91 51.41
C ILE R 69 -10.51 32.68 52.15
N GLN R 70 -10.53 32.61 53.48
CA GLN R 70 -9.38 32.21 54.26
C GLN R 70 -9.65 30.98 55.13
N ALA R 71 -10.83 30.38 55.02
CA ALA R 71 -11.04 29.04 55.57
C ALA R 71 -10.86 27.96 54.51
N SER R 72 -11.73 27.94 53.48
CA SER R 72 -11.56 26.98 52.40
C SER R 72 -11.37 27.64 51.04
N GLU R 73 -12.42 28.25 50.47
CA GLU R 73 -12.40 28.70 49.08
C GLU R 73 -13.63 29.53 48.70
N ALA R 74 -13.39 30.74 48.17
CA ALA R 74 -14.20 31.47 47.18
C ALA R 74 -15.71 31.37 47.37
N VAL R 75 -16.18 31.92 48.48
CA VAL R 75 -17.62 32.10 48.66
C VAL R 75 -18.13 33.09 47.62
N ARG R 76 -19.37 32.89 47.16
CA ARG R 76 -19.95 33.76 46.15
C ARG R 76 -21.38 34.07 46.52
N LEU R 77 -21.90 35.14 45.93
CA LEU R 77 -23.22 35.66 46.22
C LEU R 77 -24.11 35.52 44.99
N VAL R 78 -25.37 35.16 45.21
CA VAL R 78 -26.30 34.88 44.13
C VAL R 78 -27.54 35.75 44.33
N GLY R 79 -27.81 36.61 43.36
CA GLY R 79 -29.09 37.28 43.28
C GLY R 79 -29.34 38.38 44.30
N CYS R 80 -28.45 39.36 44.37
CA CYS R 80 -28.75 40.56 45.13
C CYS R 80 -29.82 41.36 44.41
N GLN R 81 -30.69 42.00 45.20
CA GLN R 81 -31.82 42.70 44.62
C GLN R 81 -31.40 44.07 44.10
N ALA R 82 -32.38 44.82 43.58
CA ALA R 82 -32.10 46.13 43.03
C ALA R 82 -31.85 47.15 44.13
N MET R 83 -32.80 47.29 45.06
CA MET R 83 -32.64 48.20 46.18
C MET R 83 -31.68 47.66 47.25
N LEU R 84 -31.31 46.38 47.17
CA LEU R 84 -30.37 45.81 48.12
C LEU R 84 -28.97 46.36 47.90
N VAL R 85 -28.49 46.32 46.65
CA VAL R 85 -27.19 46.90 46.34
C VAL R 85 -27.19 48.42 46.32
N GLY R 86 -28.38 49.04 46.31
CA GLY R 86 -28.45 50.48 46.45
C GLY R 86 -27.92 50.97 47.78
N ILE R 87 -28.06 50.17 48.83
CA ILE R 87 -27.43 50.46 50.11
C ILE R 87 -25.93 50.27 49.96
N ARG R 88 -25.17 51.37 49.98
CA ARG R 88 -23.72 51.31 49.93
C ARG R 88 -23.11 52.28 50.93
N PRO R 89 -22.93 51.85 52.18
CA PRO R 89 -22.06 52.61 53.08
C PRO R 89 -20.62 52.63 52.60
N GLU R 90 -20.05 51.46 52.31
CA GLU R 90 -18.73 51.39 51.71
C GLU R 90 -18.87 51.24 50.20
N GLN R 104 -13.44 43.24 46.01
CA GLN R 104 -14.14 42.56 47.10
C GLN R 104 -14.24 41.06 46.86
N ILE R 105 -15.36 40.64 46.29
CA ILE R 105 -15.73 39.24 46.17
C ILE R 105 -16.15 38.95 44.74
N ILE R 106 -16.59 37.72 44.50
CA ILE R 106 -17.14 37.29 43.22
C ILE R 106 -18.64 37.06 43.40
N THR R 107 -19.44 37.67 42.53
CA THR R 107 -20.89 37.55 42.58
C THR R 107 -21.42 37.03 41.25
N THR R 108 -22.65 36.51 41.29
CA THR R 108 -23.36 36.05 40.11
C THR R 108 -24.78 36.58 40.19
N ASN R 109 -25.66 36.07 39.33
CA ASN R 109 -27.04 36.53 39.28
C ASN R 109 -28.05 35.44 39.62
N THR R 110 -27.97 34.28 38.97
CA THR R 110 -28.93 33.21 39.18
C THR R 110 -28.24 32.00 39.77
N MET R 111 -29.01 31.22 40.54
CA MET R 111 -28.47 30.05 41.21
C MET R 111 -28.11 28.95 40.21
N LYS R 112 -28.87 28.83 39.12
CA LYS R 112 -28.59 27.80 38.12
C LYS R 112 -27.29 28.07 37.37
N LYS R 113 -26.91 29.34 37.21
CA LYS R 113 -25.64 29.67 36.58
C LYS R 113 -24.57 30.06 37.59
N GLY R 114 -24.95 30.32 38.84
CA GLY R 114 -23.95 30.49 39.88
C GLY R 114 -23.20 29.21 40.20
N MET R 115 -23.88 28.07 40.06
CA MET R 115 -23.22 26.78 40.28
C MET R 115 -22.21 26.47 39.18
N GLU R 116 -22.44 27.00 37.97
CA GLU R 116 -21.52 26.75 36.87
C GLU R 116 -20.19 27.47 37.10
N ARG R 117 -20.23 28.71 37.57
CA ARG R 117 -18.99 29.40 37.92
C ARG R 117 -18.34 28.83 39.16
N ALA R 118 -19.10 28.13 40.00
CA ALA R 118 -18.50 27.41 41.12
C ALA R 118 -17.79 26.15 40.63
N LEU R 119 -18.41 25.42 39.70
CA LEU R 119 -17.80 24.21 39.17
C LEU R 119 -16.66 24.51 38.21
N ALA R 120 -16.72 25.65 37.52
CA ALA R 120 -15.59 26.06 36.67
C ALA R 120 -14.41 26.53 37.50
N LEU R 121 -14.64 26.93 38.75
CA LEU R 121 -13.56 27.31 39.64
C LEU R 121 -12.93 26.10 40.32
N THR R 122 -13.59 24.95 40.27
CA THR R 122 -13.06 23.71 40.80
C THR R 122 -12.89 22.64 39.73
N ASN R 123 -13.01 23.03 38.45
CA ASN R 123 -12.75 22.20 37.27
C ASN R 123 -13.68 20.97 37.22
N ARG R 124 -14.97 21.27 37.09
CA ARG R 124 -15.96 20.26 36.76
C ARG R 124 -16.95 20.86 35.77
N GLU R 125 -17.40 20.06 34.81
CA GLU R 125 -18.30 20.52 33.76
C GLU R 125 -19.46 19.52 33.61
N ILE R 126 -20.49 19.96 32.89
CA ILE R 126 -21.70 19.18 32.67
C ILE R 126 -21.81 18.90 31.17
N VAL R 127 -21.97 17.62 30.83
CA VAL R 127 -22.20 17.20 29.46
C VAL R 127 -23.70 17.04 29.26
N GLU R 128 -24.15 17.13 28.01
CA GLU R 128 -25.54 16.95 27.56
C GLU R 128 -26.51 17.92 28.24
N SER S 1 39.96 -61.28 -31.61
CA SER S 1 41.02 -62.11 -31.06
C SER S 1 41.82 -61.35 -30.01
N ALA S 2 42.51 -60.29 -30.44
CA ALA S 2 43.32 -59.48 -29.55
C ALA S 2 42.55 -58.22 -29.14
N LEU S 3 41.62 -58.43 -28.20
CA LEU S 3 40.69 -57.40 -27.78
C LEU S 3 40.06 -57.82 -26.46
N GLN S 4 39.83 -56.85 -25.57
CA GLN S 4 39.01 -57.11 -24.39
C GLN S 4 37.73 -56.29 -24.37
N GLU S 5 37.82 -54.96 -24.29
CA GLU S 5 36.68 -54.05 -24.21
C GLU S 5 37.16 -52.62 -24.29
N LEU S 6 36.34 -51.77 -24.91
CA LEU S 6 36.44 -50.31 -24.78
C LEU S 6 35.03 -49.76 -24.90
N SER S 7 34.86 -48.51 -24.47
CA SER S 7 33.58 -47.81 -24.58
C SER S 7 33.81 -46.32 -24.39
N ALA S 8 32.74 -45.53 -24.62
CA ALA S 8 32.70 -44.10 -24.37
C ALA S 8 31.27 -43.57 -24.33
N PRO S 9 30.52 -43.77 -23.23
CA PRO S 9 29.12 -43.30 -23.22
C PRO S 9 28.98 -41.81 -22.96
N LEU S 10 29.84 -41.28 -22.09
CA LEU S 10 29.82 -39.89 -21.68
C LEU S 10 31.27 -39.48 -21.39
N LEU S 11 31.45 -38.40 -20.65
CA LEU S 11 32.77 -38.11 -20.09
C LEU S 11 33.30 -39.22 -19.17
N PRO S 12 32.50 -39.94 -18.37
CA PRO S 12 33.00 -41.20 -17.82
C PRO S 12 33.17 -42.27 -18.89
N ILE S 13 34.22 -43.07 -18.73
CA ILE S 13 34.64 -44.07 -19.72
C ILE S 13 34.73 -45.41 -19.01
N PHE S 14 33.78 -46.30 -19.27
CA PHE S 14 33.69 -47.54 -18.51
C PHE S 14 34.18 -48.74 -19.32
N GLU S 15 34.32 -49.87 -18.62
CA GLU S 15 34.89 -51.10 -19.17
C GLU S 15 33.99 -52.28 -18.85
N LYS S 16 34.37 -53.45 -19.36
CA LYS S 16 33.64 -54.67 -19.06
C LYS S 16 34.58 -55.85 -19.18
N ILE S 17 34.59 -56.72 -18.18
CA ILE S 17 35.48 -57.88 -18.14
C ILE S 17 34.62 -59.13 -18.00
N SER S 18 34.53 -59.92 -19.07
CA SER S 18 33.97 -61.26 -18.98
C SER S 18 35.07 -62.22 -18.52
N VAL S 19 34.67 -63.48 -18.30
CA VAL S 19 35.53 -64.45 -17.61
C VAL S 19 36.70 -64.86 -18.49
N MET S 20 37.87 -64.27 -18.22
CA MET S 20 39.15 -64.74 -18.76
C MET S 20 40.26 -64.29 -17.82
N PRO S 21 40.29 -64.83 -16.59
CA PRO S 21 41.12 -64.26 -15.52
C PRO S 21 42.53 -64.88 -15.44
N LEU S 22 43.26 -64.85 -16.54
CA LEU S 22 44.62 -65.35 -16.56
C LEU S 22 45.61 -64.19 -16.62
N ILE S 23 46.88 -64.51 -16.32
CA ILE S 23 47.94 -63.51 -16.29
C ILE S 23 48.32 -63.03 -17.68
N GLY S 24 47.91 -63.74 -18.74
CA GLY S 24 48.10 -63.27 -20.10
C GLY S 24 47.19 -62.12 -20.49
N THR S 25 46.22 -61.76 -19.66
CA THR S 25 45.40 -60.58 -19.88
C THR S 25 46.03 -59.38 -19.17
N ILE S 26 47.21 -59.02 -19.66
CA ILE S 26 47.83 -57.75 -19.31
C ILE S 26 47.33 -56.63 -20.22
N ASP S 27 46.60 -56.98 -21.29
CA ASP S 27 46.10 -55.97 -22.21
C ASP S 27 44.96 -55.16 -21.59
N THR S 28 44.16 -55.78 -20.72
CA THR S 28 43.11 -55.02 -20.03
C THR S 28 43.68 -54.10 -18.96
N GLU S 29 44.94 -54.25 -18.59
CA GLU S 29 45.65 -53.17 -17.90
C GLU S 29 46.03 -52.08 -18.87
N ARG S 30 46.52 -52.47 -20.05
CA ARG S 30 47.11 -51.50 -20.97
C ARG S 30 46.05 -50.73 -21.75
N ALA S 31 44.98 -51.41 -22.18
CA ALA S 31 43.97 -50.78 -23.03
C ALA S 31 43.18 -49.72 -22.30
N LYS S 32 42.95 -49.90 -20.99
CA LYS S 32 42.29 -48.86 -20.21
C LYS S 32 43.22 -47.70 -19.90
N LEU S 33 44.53 -47.86 -20.12
CA LEU S 33 45.46 -46.74 -20.05
C LEU S 33 45.71 -46.13 -21.43
N ILE S 34 45.57 -46.91 -22.49
CA ILE S 34 45.77 -46.40 -23.85
C ILE S 34 44.65 -45.45 -24.23
N ILE S 35 43.39 -45.88 -24.01
CA ILE S 35 42.25 -45.06 -24.37
C ILE S 35 42.05 -43.90 -23.39
N GLU S 36 42.74 -43.91 -22.26
CA GLU S 36 42.47 -42.95 -21.20
C GLU S 36 42.98 -41.56 -21.55
N ASN S 37 44.24 -41.44 -21.94
CA ASN S 37 44.80 -40.13 -22.20
C ASN S 37 44.34 -39.53 -23.54
N LEU S 38 43.86 -40.36 -24.47
CA LEU S 38 43.43 -39.87 -25.76
C LEU S 38 42.14 -39.06 -25.63
N LEU S 39 41.08 -39.70 -25.18
CA LEU S 39 39.80 -39.07 -24.92
C LEU S 39 39.59 -39.00 -23.42
N ILE S 40 39.35 -37.78 -22.91
CA ILE S 40 39.55 -37.46 -21.51
C ILE S 40 38.44 -38.05 -20.66
N GLY S 41 38.77 -39.09 -19.90
CA GLY S 41 37.81 -39.68 -18.98
C GLY S 41 38.15 -39.44 -17.53
N VAL S 42 37.41 -38.57 -16.85
CA VAL S 42 37.63 -38.36 -15.42
C VAL S 42 37.25 -39.60 -14.64
N VAL S 43 36.00 -40.01 -14.73
CA VAL S 43 35.52 -41.22 -14.08
C VAL S 43 35.77 -42.40 -15.00
N LYS S 44 36.13 -43.54 -14.41
CA LYS S 44 36.09 -44.81 -15.11
C LYS S 44 35.39 -45.83 -14.25
N ASN S 45 34.87 -46.87 -14.89
CA ASN S 45 34.22 -47.97 -14.20
C ASN S 45 34.80 -49.29 -14.69
N ARG S 46 34.52 -50.35 -13.93
CA ARG S 46 35.11 -51.66 -14.22
C ARG S 46 34.08 -52.68 -14.64
N SER S 47 33.04 -52.89 -13.84
CA SER S 47 31.93 -53.81 -14.09
C SER S 47 32.42 -55.25 -14.28
N GLU S 48 33.03 -55.79 -13.22
CA GLU S 48 33.36 -57.21 -13.18
C GLU S 48 32.24 -57.98 -12.47
N VAL S 49 31.04 -57.88 -13.05
CA VAL S 49 29.87 -58.50 -12.45
C VAL S 49 29.89 -60.01 -12.64
N VAL S 50 30.38 -60.47 -13.78
CA VAL S 50 30.41 -61.89 -14.11
C VAL S 50 31.88 -62.29 -14.20
N LEU S 51 32.45 -62.68 -13.06
CA LEU S 51 33.83 -63.13 -12.99
C LEU S 51 34.00 -63.94 -11.72
N ILE S 52 34.26 -65.24 -11.87
CA ILE S 52 34.69 -66.10 -10.76
C ILE S 52 35.80 -67.00 -11.28
N ASP S 53 37.02 -66.84 -10.75
CA ASP S 53 37.42 -65.83 -9.77
C ASP S 53 38.81 -65.33 -10.12
N ILE S 54 39.44 -64.65 -9.16
CA ILE S 54 40.81 -64.17 -9.30
C ILE S 54 41.72 -65.08 -8.51
N THR S 55 42.71 -65.67 -9.18
CA THR S 55 43.63 -66.58 -8.53
C THR S 55 44.88 -65.86 -8.04
N GLY S 56 45.62 -65.24 -8.96
CA GLY S 56 46.83 -64.56 -8.61
C GLY S 56 47.00 -63.27 -9.38
N VAL S 57 45.88 -62.67 -9.80
CA VAL S 57 45.94 -61.41 -10.52
C VAL S 57 45.09 -60.33 -9.82
N PRO S 58 45.50 -59.82 -8.63
CA PRO S 58 45.11 -58.45 -8.28
C PRO S 58 46.22 -57.46 -8.55
N VAL S 59 47.42 -57.99 -8.83
CA VAL S 59 48.59 -57.16 -9.08
C VAL S 59 48.46 -56.45 -10.42
N VAL S 60 47.88 -57.14 -11.40
CA VAL S 60 47.67 -56.59 -12.73
C VAL S 60 46.26 -56.03 -12.89
N ASP S 61 45.41 -56.16 -11.87
CA ASP S 61 44.04 -55.66 -11.94
C ASP S 61 43.77 -54.53 -10.96
N THR S 62 44.00 -54.74 -9.66
CA THR S 62 43.65 -53.74 -8.66
C THR S 62 44.85 -53.04 -8.03
N MET S 63 46.05 -53.61 -8.13
CA MET S 63 47.23 -52.83 -7.76
C MET S 63 47.52 -51.75 -8.79
N VAL S 64 47.14 -51.99 -10.04
CA VAL S 64 47.21 -50.94 -11.06
C VAL S 64 46.00 -50.04 -11.06
N ALA S 65 45.01 -50.31 -10.21
CA ALA S 65 43.88 -49.40 -10.08
C ALA S 65 44.28 -48.07 -9.46
N HIS S 66 45.37 -48.06 -8.69
CA HIS S 66 45.94 -46.79 -8.23
C HIS S 66 46.53 -45.99 -9.39
N HIS S 67 46.99 -46.68 -10.44
CA HIS S 67 47.67 -46.02 -11.54
C HIS S 67 46.72 -45.25 -12.46
N ILE S 68 45.41 -45.38 -12.30
CA ILE S 68 44.48 -44.53 -13.01
C ILE S 68 44.16 -43.27 -12.21
N ILE S 69 44.28 -43.32 -10.88
CA ILE S 69 44.14 -42.13 -10.05
C ILE S 69 45.22 -41.12 -10.38
N GLN S 70 46.45 -41.59 -10.59
CA GLN S 70 47.50 -40.70 -11.08
C GLN S 70 47.35 -40.40 -12.56
N ALA S 71 46.60 -41.21 -13.30
CA ALA S 71 46.33 -40.84 -14.69
C ALA S 71 45.24 -39.77 -14.74
N SER S 72 44.00 -40.12 -14.39
CA SER S 72 42.98 -39.10 -14.17
C SER S 72 42.35 -39.18 -12.78
N GLU S 73 41.52 -40.19 -12.51
CA GLU S 73 40.62 -40.22 -11.34
C GLU S 73 39.80 -41.50 -11.28
N ALA S 74 39.47 -41.95 -10.06
CA ALA S 74 38.24 -42.66 -9.73
C ALA S 74 38.08 -44.00 -10.47
N VAL S 75 38.95 -44.94 -10.13
CA VAL S 75 38.62 -46.33 -10.43
C VAL S 75 37.44 -46.74 -9.55
N ARG S 76 36.52 -47.52 -10.11
CA ARG S 76 35.31 -47.94 -9.39
C ARG S 76 34.99 -49.37 -9.77
N LEU S 77 35.41 -50.32 -8.93
CA LEU S 77 35.06 -51.73 -9.13
C LEU S 77 33.57 -51.91 -8.91
N VAL S 78 32.82 -52.15 -9.99
CA VAL S 78 31.38 -52.28 -9.91
C VAL S 78 31.04 -53.74 -9.64
N GLY S 79 30.71 -54.05 -8.40
CA GLY S 79 30.18 -55.35 -8.04
C GLY S 79 31.17 -56.49 -8.10
N CYS S 80 32.17 -56.47 -7.23
CA CYS S 80 32.96 -57.67 -6.99
C CYS S 80 32.05 -58.74 -6.39
N GLN S 81 32.22 -59.97 -6.86
CA GLN S 81 31.31 -61.04 -6.48
C GLN S 81 31.57 -61.52 -5.05
N ALA S 82 30.69 -62.39 -4.57
CA ALA S 82 30.71 -62.78 -3.15
C ALA S 82 31.92 -63.66 -2.84
N MET S 83 32.13 -64.71 -3.63
CA MET S 83 33.28 -65.58 -3.43
C MET S 83 34.58 -64.98 -3.93
N LEU S 84 34.53 -63.84 -4.62
CA LEU S 84 35.72 -63.23 -5.18
C LEU S 84 36.60 -62.60 -4.12
N VAL S 85 36.02 -62.18 -2.99
CA VAL S 85 36.71 -61.31 -2.04
C VAL S 85 36.89 -62.02 -0.70
N GLY S 86 37.11 -63.33 -0.74
CA GLY S 86 37.30 -64.13 0.47
C GLY S 86 38.47 -63.71 1.34
N ILE S 87 39.70 -63.90 0.86
CA ILE S 87 40.91 -63.51 1.59
C ILE S 87 41.69 -62.54 0.73
N ARG S 88 41.80 -61.30 1.19
CA ARG S 88 42.62 -60.44 0.35
C ARG S 88 44.03 -60.32 0.91
N PRO S 89 45.04 -60.45 0.05
CA PRO S 89 46.42 -60.17 0.50
C PRO S 89 46.63 -58.70 0.88
N GLU S 90 46.30 -57.78 -0.01
CA GLU S 90 46.52 -56.36 0.25
C GLU S 90 45.54 -55.79 1.25
N GLN S 104 41.68 -46.60 0.81
CA GLN S 104 42.10 -47.48 -0.28
C GLN S 104 41.58 -46.97 -1.62
N ILE S 105 40.44 -47.51 -2.05
CA ILE S 105 39.80 -47.18 -3.31
C ILE S 105 38.34 -46.84 -3.05
N ILE S 106 37.60 -46.59 -4.12
CA ILE S 106 36.17 -46.34 -4.06
C ILE S 106 35.47 -47.35 -4.95
N THR S 107 34.48 -48.04 -4.40
CA THR S 107 33.75 -49.06 -5.14
C THR S 107 32.26 -48.86 -4.90
N THR S 108 31.46 -49.79 -5.39
CA THR S 108 30.01 -49.67 -5.38
C THR S 108 29.40 -51.06 -5.44
N ASN S 109 28.09 -51.13 -5.70
CA ASN S 109 27.36 -52.39 -5.71
C ASN S 109 26.93 -52.79 -7.11
N THR S 110 26.23 -51.91 -7.83
CA THR S 110 25.63 -52.25 -9.10
C THR S 110 25.71 -51.01 -9.99
N MET S 111 25.82 -51.23 -11.31
CA MET S 111 26.10 -50.18 -12.28
C MET S 111 25.04 -49.09 -12.28
N LYS S 112 23.77 -49.45 -12.10
CA LYS S 112 22.70 -48.45 -12.09
C LYS S 112 22.79 -47.54 -10.87
N LYS S 113 23.37 -48.01 -9.77
CA LYS S 113 23.67 -47.16 -8.63
C LYS S 113 25.16 -46.89 -8.47
N GLY S 114 26.00 -47.45 -9.35
CA GLY S 114 27.41 -47.08 -9.34
C GLY S 114 27.66 -45.81 -10.13
N MET S 115 26.96 -45.65 -11.25
CA MET S 115 27.06 -44.44 -12.04
C MET S 115 26.39 -43.25 -11.36
N GLU S 116 25.55 -43.49 -10.36
CA GLU S 116 24.91 -42.42 -9.61
C GLU S 116 25.93 -41.57 -8.87
N ARG S 117 26.91 -42.21 -8.24
CA ARG S 117 27.99 -41.49 -7.58
C ARG S 117 29.11 -41.12 -8.54
N ALA S 118 29.05 -41.58 -9.78
CA ALA S 118 30.06 -41.20 -10.77
C ALA S 118 29.88 -39.74 -11.19
N LEU S 119 28.67 -39.37 -11.58
CA LEU S 119 28.38 -37.98 -11.93
C LEU S 119 28.40 -37.08 -10.70
N ALA S 120 28.23 -37.64 -9.50
CA ALA S 120 28.35 -36.86 -8.28
C ALA S 120 29.79 -36.46 -7.97
N LEU S 121 30.76 -37.10 -8.62
CA LEU S 121 32.16 -36.70 -8.46
C LEU S 121 32.57 -35.62 -9.47
N THR S 122 31.92 -35.59 -10.63
CA THR S 122 32.13 -34.54 -11.61
C THR S 122 31.12 -33.41 -11.50
N ASN S 123 30.29 -33.44 -10.45
CA ASN S 123 29.28 -32.42 -10.13
C ASN S 123 28.27 -32.26 -11.27
N ARG S 124 27.55 -33.34 -11.55
CA ARG S 124 26.41 -33.33 -12.46
C ARG S 124 25.35 -34.27 -11.93
N GLU S 125 24.10 -34.04 -12.33
CA GLU S 125 22.96 -34.81 -11.85
C GLU S 125 22.04 -35.10 -13.03
N ILE S 126 20.84 -35.59 -12.71
CA ILE S 126 19.84 -35.91 -13.72
C ILE S 126 18.57 -35.13 -13.41
N VAL S 127 17.68 -35.06 -14.41
CA VAL S 127 16.40 -34.38 -14.28
C VAL S 127 15.36 -35.19 -15.06
N GLU S 128 14.18 -35.36 -14.46
CA GLU S 128 13.12 -36.14 -15.07
C GLU S 128 12.25 -35.27 -15.98
N SER T 1 -43.21 31.35 59.69
CA SER T 1 -43.51 32.25 58.59
C SER T 1 -44.44 31.57 57.58
N ALA T 2 -44.67 32.25 56.45
CA ALA T 2 -45.46 31.69 55.36
C ALA T 2 -44.64 31.41 54.11
N LEU T 3 -43.44 31.98 54.01
CA LEU T 3 -42.49 31.66 52.95
C LEU T 3 -41.43 30.79 53.60
N GLN T 4 -41.66 29.48 53.60
CA GLN T 4 -40.92 28.61 54.51
C GLN T 4 -39.54 28.25 53.98
N GLU T 5 -39.48 27.47 52.88
CA GLU T 5 -38.23 26.84 52.47
C GLU T 5 -38.27 26.32 51.03
N LEU T 6 -37.32 26.79 50.21
CA LEU T 6 -37.11 26.32 48.84
C LEU T 6 -35.81 26.95 48.33
N SER T 7 -35.27 26.38 47.25
CA SER T 7 -34.32 27.06 46.38
C SER T 7 -34.65 26.67 44.95
N ALA T 8 -33.78 27.05 44.01
CA ALA T 8 -34.00 26.75 42.58
C ALA T 8 -32.69 26.73 41.83
N PRO T 9 -31.96 25.61 41.87
CA PRO T 9 -30.81 25.43 40.97
C PRO T 9 -31.24 25.03 39.56
N LEU T 10 -30.26 24.55 38.78
CA LEU T 10 -30.43 23.95 37.46
C LEU T 10 -31.54 22.90 37.42
N LEU T 11 -32.10 22.67 36.21
CA LEU T 11 -33.45 22.21 35.85
C LEU T 11 -34.14 21.24 36.81
N PRO T 12 -33.49 20.16 37.33
CA PRO T 12 -34.14 19.47 38.46
C PRO T 12 -33.72 20.04 39.81
N ILE T 13 -34.63 20.58 40.63
CA ILE T 13 -34.09 21.48 41.64
C ILE T 13 -33.73 20.81 42.97
N PHE T 14 -34.61 20.89 43.99
CA PHE T 14 -34.68 20.16 45.26
C PHE T 14 -35.73 20.83 46.14
N GLU T 15 -35.94 20.31 47.35
CA GLU T 15 -36.57 21.04 48.44
C GLU T 15 -35.75 20.75 49.71
N LYS T 16 -36.10 21.39 50.83
CA LYS T 16 -35.36 21.23 52.06
C LYS T 16 -36.29 21.46 53.25
N ILE T 17 -36.24 20.57 54.24
CA ILE T 17 -37.15 20.61 55.39
C ILE T 17 -36.31 20.53 56.66
N SER T 18 -36.39 21.57 57.50
CA SER T 18 -35.77 21.55 58.82
C SER T 18 -36.79 21.06 59.83
N VAL T 19 -36.50 21.19 61.12
CA VAL T 19 -37.38 20.63 62.15
C VAL T 19 -38.60 21.52 62.34
N MET T 20 -39.76 21.02 61.91
CA MET T 20 -41.07 21.64 62.12
C MET T 20 -42.18 20.60 61.99
N PRO T 21 -42.25 19.62 62.90
CA PRO T 21 -43.18 18.49 62.72
C PRO T 21 -44.58 18.78 63.25
N LEU T 22 -45.16 19.90 62.82
CA LEU T 22 -46.48 20.34 63.27
C LEU T 22 -47.46 20.30 62.11
N ILE T 23 -48.70 19.93 62.43
CA ILE T 23 -49.76 19.80 61.44
C ILE T 23 -50.19 21.16 60.89
N GLY T 24 -49.91 22.25 61.63
CA GLY T 24 -50.27 23.58 61.18
C GLY T 24 -49.50 24.07 59.96
N THR T 25 -48.38 23.42 59.64
CA THR T 25 -47.62 23.76 58.43
C THR T 25 -48.16 22.96 57.26
N ILE T 26 -49.34 23.39 56.79
CA ILE T 26 -49.91 22.89 55.54
C ILE T 26 -49.31 23.59 54.32
N ASP T 27 -48.44 24.57 54.54
CA ASP T 27 -47.87 25.35 53.44
C ASP T 27 -46.92 24.53 52.59
N THR T 28 -46.14 23.64 53.21
CA THR T 28 -45.21 22.79 52.48
C THR T 28 -45.90 21.79 51.57
N GLU T 29 -47.21 21.59 51.73
CA GLU T 29 -48.00 20.92 50.70
C GLU T 29 -48.31 21.88 49.55
N ARG T 30 -48.64 23.13 49.86
CA ARG T 30 -49.12 24.06 48.86
C ARG T 30 -48.03 24.95 48.27
N ALA T 31 -47.18 25.55 49.13
CA ALA T 31 -46.23 26.55 48.68
C ALA T 31 -45.14 25.99 47.77
N LYS T 32 -44.92 24.68 47.80
CA LYS T 32 -44.05 24.06 46.81
C LYS T 32 -44.80 23.83 45.50
N LEU T 33 -46.10 23.55 45.58
CA LEU T 33 -46.88 23.25 44.39
C LEU T 33 -47.12 24.48 43.51
N ILE T 34 -47.09 25.68 44.08
CA ILE T 34 -47.22 26.89 43.27
C ILE T 34 -46.00 27.07 42.39
N ILE T 35 -44.84 26.59 42.84
CA ILE T 35 -43.62 26.76 42.09
C ILE T 35 -43.53 25.78 40.92
N GLU T 36 -44.28 24.68 40.95
CA GLU T 36 -44.14 23.64 39.95
C GLU T 36 -44.73 24.05 38.61
N ASN T 37 -45.75 24.91 38.61
CA ASN T 37 -46.22 25.51 37.37
C ASN T 37 -45.67 26.91 37.17
N LEU T 38 -44.91 27.43 38.14
CA LEU T 38 -44.24 28.71 37.97
C LEU T 38 -43.09 28.57 36.98
N LEU T 39 -42.11 27.74 37.31
CA LEU T 39 -41.11 27.31 36.36
C LEU T 39 -41.24 25.80 36.15
N ILE T 40 -40.59 25.31 35.11
CA ILE T 40 -40.70 23.90 34.73
C ILE T 40 -39.66 23.15 35.56
N GLY T 41 -40.05 22.81 36.78
CA GLY T 41 -39.24 21.94 37.62
C GLY T 41 -39.62 20.50 37.36
N VAL T 42 -38.74 19.77 36.68
CA VAL T 42 -39.06 18.40 36.28
C VAL T 42 -38.99 17.46 37.48
N VAL T 43 -37.81 17.35 38.09
CA VAL T 43 -37.55 16.42 39.18
C VAL T 43 -37.19 17.24 40.41
N LYS T 44 -37.79 16.93 41.55
CA LYS T 44 -37.42 17.66 42.75
C LYS T 44 -37.36 16.70 43.93
N ASN T 45 -36.52 17.04 44.90
CA ASN T 45 -36.25 16.19 46.05
C ASN T 45 -36.99 16.71 47.27
N ARG T 46 -36.78 16.05 48.40
CA ARG T 46 -37.36 16.48 49.66
C ARG T 46 -36.31 16.83 50.70
N SER T 47 -35.36 15.92 50.96
CA SER T 47 -34.25 16.08 51.90
C SER T 47 -34.73 16.40 53.31
N GLU T 48 -35.46 15.47 53.89
CA GLU T 48 -35.88 15.56 55.29
C GLU T 48 -34.88 14.87 56.21
N VAL T 49 -33.63 15.30 56.12
CA VAL T 49 -32.54 14.63 56.84
C VAL T 49 -32.57 14.93 58.33
N VAL T 50 -33.25 16.01 58.74
CA VAL T 50 -33.41 16.34 60.16
C VAL T 50 -34.89 16.56 60.42
N LEU T 51 -35.59 15.50 60.84
CA LEU T 51 -36.97 15.57 61.27
C LEU T 51 -37.26 14.32 62.07
N ILE T 52 -37.55 14.47 63.37
CA ILE T 52 -38.05 13.38 64.20
C ILE T 52 -39.18 13.97 65.04
N ASP T 53 -40.42 13.50 64.82
CA ASP T 53 -40.82 12.55 63.79
C ASP T 53 -42.19 12.95 63.24
N ILE T 54 -42.57 12.40 62.09
CA ILE T 54 -43.95 12.55 61.63
C ILE T 54 -44.86 11.72 62.54
N THR T 55 -45.84 12.38 63.16
CA THR T 55 -46.58 11.73 64.23
C THR T 55 -47.64 10.78 63.69
N GLY T 56 -48.62 11.31 62.98
CA GLY T 56 -49.64 10.48 62.36
C GLY T 56 -50.10 11.09 61.06
N VAL T 57 -49.43 12.14 60.62
CA VAL T 57 -49.85 12.88 59.43
C VAL T 57 -48.74 12.98 58.38
N PRO T 58 -48.50 11.94 57.60
CA PRO T 58 -47.76 12.11 56.34
C PRO T 58 -48.66 12.46 55.16
N VAL T 59 -49.93 12.75 55.41
CA VAL T 59 -50.85 13.19 54.36
C VAL T 59 -50.40 14.52 53.79
N VAL T 60 -49.86 15.40 54.64
CA VAL T 60 -49.24 16.62 54.15
C VAL T 60 -47.91 16.31 53.46
N ASP T 61 -47.28 15.19 53.79
CA ASP T 61 -45.93 14.88 53.30
C ASP T 61 -45.92 13.87 52.16
N THR T 62 -46.53 12.70 52.34
CA THR T 62 -46.40 11.66 51.33
C THR T 62 -47.38 11.85 50.18
N MET T 63 -48.56 12.41 50.44
CA MET T 63 -49.49 12.67 49.35
C MET T 63 -49.00 13.79 48.46
N VAL T 64 -48.26 14.76 49.00
CA VAL T 64 -47.67 15.78 48.14
C VAL T 64 -46.43 15.25 47.44
N ALA T 65 -45.92 14.10 47.87
CA ALA T 65 -44.98 13.31 47.09
C ALA T 65 -45.70 12.35 46.14
N HIS T 66 -46.99 12.60 45.87
CA HIS T 66 -47.71 11.97 44.78
C HIS T 66 -48.24 12.99 43.79
N HIS T 67 -48.32 14.27 44.16
CA HIS T 67 -48.82 15.30 43.25
C HIS T 67 -47.84 15.56 42.12
N ILE T 68 -46.55 15.55 42.42
CA ILE T 68 -45.55 15.86 41.39
C ILE T 68 -45.38 14.69 40.43
N ILE T 69 -45.83 13.50 40.82
CA ILE T 69 -45.89 12.39 39.88
C ILE T 69 -46.97 12.65 38.83
N GLN T 70 -48.03 13.37 39.22
CA GLN T 70 -49.05 13.76 38.25
C GLN T 70 -48.92 15.21 37.82
N ALA T 71 -48.09 16.01 38.49
CA ALA T 71 -47.82 17.37 37.98
C ALA T 71 -46.75 17.33 36.89
N SER T 72 -45.50 17.04 37.26
CA SER T 72 -44.46 16.84 36.26
C SER T 72 -43.83 15.45 36.31
N GLU T 73 -43.03 15.14 37.34
CA GLU T 73 -42.15 13.97 37.26
C GLU T 73 -41.42 13.65 38.57
N ALA T 74 -41.42 12.37 38.96
CA ALA T 74 -40.40 11.67 39.75
C ALA T 74 -39.86 12.45 40.96
N VAL T 75 -40.73 12.64 41.95
CA VAL T 75 -40.25 13.13 43.23
C VAL T 75 -39.46 12.02 43.91
N ARG T 76 -38.53 12.40 44.80
CA ARG T 76 -37.79 11.41 45.56
C ARG T 76 -37.40 11.96 46.92
N LEU T 77 -37.57 11.13 47.94
CA LEU T 77 -37.22 11.49 49.30
C LEU T 77 -35.75 11.16 49.53
N VAL T 78 -35.09 12.00 50.32
CA VAL T 78 -33.64 11.90 50.51
C VAL T 78 -33.39 11.66 51.99
N GLY T 79 -33.05 10.42 52.33
CA GLY T 79 -32.59 10.09 53.66
C GLY T 79 -33.62 10.17 54.76
N CYS T 80 -34.60 9.28 54.74
CA CYS T 80 -35.50 9.14 55.87
C CYS T 80 -34.72 8.59 57.06
N GLN T 81 -35.01 9.10 58.25
CA GLN T 81 -34.24 8.76 59.42
C GLN T 81 -34.57 7.36 59.91
N ALA T 82 -33.72 6.85 60.80
CA ALA T 82 -33.83 5.46 61.24
C ALA T 82 -35.01 5.21 62.16
N MET T 83 -35.55 6.26 62.78
CA MET T 83 -36.71 6.10 63.66
C MET T 83 -38.02 6.34 62.92
N LEU T 84 -38.01 7.23 61.93
CA LEU T 84 -39.23 7.55 61.19
C LEU T 84 -39.70 6.38 60.34
N VAL T 85 -38.78 5.55 59.87
CA VAL T 85 -39.15 4.44 58.99
C VAL T 85 -39.85 3.33 59.75
N GLY T 86 -39.67 3.24 61.06
CA GLY T 86 -40.47 2.31 61.85
C GLY T 86 -41.91 2.75 62.00
N ILE T 87 -42.18 4.04 61.81
CA ILE T 87 -43.53 4.58 61.92
C ILE T 87 -44.14 4.56 60.51
N ARG T 88 -44.97 3.55 60.24
CA ARG T 88 -45.57 3.38 58.92
C ARG T 88 -47.03 3.00 59.07
N PRO T 89 -47.95 3.97 58.93
CA PRO T 89 -49.38 3.65 58.94
C PRO T 89 -49.83 2.86 57.72
N GLU T 90 -49.44 3.33 56.53
CA GLU T 90 -49.87 2.69 55.29
C GLU T 90 -49.12 1.38 55.05
N GLN T 104 -43.94 1.99 45.14
CA GLN T 104 -44.39 3.25 45.70
C GLN T 104 -43.73 4.41 44.93
N ILE T 105 -42.57 4.84 45.40
CA ILE T 105 -41.80 5.92 44.78
C ILE T 105 -40.34 5.51 44.72
N ILE T 106 -39.51 6.42 44.26
CA ILE T 106 -38.06 6.25 44.25
C ILE T 106 -37.51 7.09 45.40
N THR T 107 -36.46 6.58 46.04
CA THR T 107 -35.90 7.20 47.23
C THR T 107 -34.44 6.80 47.38
N THR T 108 -33.72 7.52 48.23
CA THR T 108 -32.27 7.47 48.25
C THR T 108 -31.77 7.69 49.67
N ASN T 109 -30.47 7.97 49.81
CA ASN T 109 -29.81 8.07 51.11
C ASN T 109 -29.24 9.45 51.39
N THR T 110 -28.56 10.07 50.42
CA THR T 110 -27.79 11.28 50.66
C THR T 110 -28.02 12.21 49.47
N MET T 111 -27.95 13.53 49.74
CA MET T 111 -28.32 14.54 48.75
C MET T 111 -27.45 14.49 47.50
N LYS T 112 -26.16 14.18 47.66
CA LYS T 112 -25.29 14.13 46.48
C LYS T 112 -25.59 12.92 45.61
N LYS T 113 -25.83 11.76 46.23
CA LYS T 113 -26.20 10.58 45.46
C LYS T 113 -27.67 10.60 45.06
N GLY T 114 -28.50 11.40 45.74
CA GLY T 114 -29.86 11.59 45.29
C GLY T 114 -29.93 12.50 44.08
N MET T 115 -29.01 13.45 43.97
CA MET T 115 -28.99 14.35 42.83
C MET T 115 -28.56 13.64 41.56
N GLU T 116 -27.57 12.73 41.68
CA GLU T 116 -27.01 12.08 40.50
C GLU T 116 -28.00 11.12 39.86
N ARG T 117 -28.68 10.30 40.67
CA ARG T 117 -29.73 9.45 40.11
C ARG T 117 -30.98 10.24 39.75
N ALA T 118 -31.09 11.49 40.19
CA ALA T 118 -32.12 12.37 39.64
C ALA T 118 -31.69 12.93 38.29
N LEU T 119 -30.39 13.06 38.06
CA LEU T 119 -29.91 13.54 36.77
C LEU T 119 -29.93 12.46 35.71
N ALA T 120 -30.11 11.20 36.09
CA ALA T 120 -30.30 10.13 35.12
C ALA T 120 -31.72 10.08 34.59
N LEU T 121 -32.69 10.61 35.34
CA LEU T 121 -34.05 10.74 34.87
C LEU T 121 -34.28 12.05 34.13
N THR T 122 -33.26 12.91 34.05
CA THR T 122 -33.26 14.07 33.17
C THR T 122 -32.16 13.98 32.13
N ASN T 123 -31.48 12.83 32.04
CA ASN T 123 -30.54 12.47 30.97
C ASN T 123 -29.31 13.39 30.94
N ARG T 124 -28.72 13.62 32.11
CA ARG T 124 -27.46 14.34 32.22
C ARG T 124 -26.60 13.65 33.28
N GLU T 125 -25.49 14.30 33.62
CA GLU T 125 -24.56 13.83 34.63
C GLU T 125 -23.76 15.03 35.13
N ILE T 126 -22.85 14.79 36.08
CA ILE T 126 -22.07 15.86 36.68
C ILE T 126 -20.57 15.69 36.47
N VAL T 127 -20.09 14.52 36.05
CA VAL T 127 -18.67 14.25 35.98
C VAL T 127 -18.10 14.82 34.69
N GLU T 128 -16.94 15.47 34.79
CA GLU T 128 -16.23 15.97 33.62
C GLU T 128 -15.70 14.84 32.75
N SER U 1 33.54 -66.63 -23.41
CA SER U 1 34.11 -66.16 -24.65
C SER U 1 33.04 -65.62 -25.59
N ALA U 2 32.26 -66.53 -26.18
CA ALA U 2 31.25 -66.17 -27.18
C ALA U 2 30.01 -65.61 -26.49
N LEU U 3 30.13 -64.35 -26.05
CA LEU U 3 29.08 -63.53 -25.47
C LEU U 3 29.59 -62.10 -25.41
N GLN U 4 28.68 -61.13 -25.54
CA GLN U 4 29.15 -59.76 -25.70
C GLN U 4 29.04 -58.89 -24.46
N GLU U 5 27.82 -58.61 -24.00
CA GLU U 5 27.59 -57.69 -22.88
C GLU U 5 26.11 -57.74 -22.51
N LEU U 6 25.84 -57.67 -21.20
CA LEU U 6 24.49 -57.44 -20.71
C LEU U 6 24.58 -56.80 -19.32
N SER U 7 24.37 -55.49 -19.26
CA SER U 7 24.24 -54.70 -18.04
C SER U 7 23.68 -53.34 -18.44
N ALA U 8 23.10 -52.64 -17.48
CA ALA U 8 22.27 -51.49 -17.82
C ALA U 8 22.17 -50.55 -16.64
N PRO U 9 21.94 -49.24 -16.89
CA PRO U 9 21.48 -48.33 -15.82
C PRO U 9 19.96 -48.33 -15.68
N LEU U 10 19.33 -49.36 -16.26
CA LEU U 10 17.95 -49.84 -16.10
C LEU U 10 16.90 -49.00 -16.82
N LEU U 11 17.20 -47.76 -17.21
CA LEU U 11 16.27 -47.22 -18.19
C LEU U 11 16.78 -47.51 -19.61
N PRO U 12 18.07 -47.20 -20.00
CA PRO U 12 18.56 -47.77 -21.25
C PRO U 12 19.39 -49.02 -21.00
N ILE U 13 19.79 -49.71 -22.07
CA ILE U 13 20.76 -50.81 -22.00
C ILE U 13 21.85 -50.50 -23.00
N PHE U 14 23.09 -50.35 -22.53
CA PHE U 14 24.15 -50.24 -23.51
C PHE U 14 24.56 -51.63 -23.97
N GLU U 15 25.29 -51.66 -25.08
CA GLU U 15 25.80 -52.89 -25.64
C GLU U 15 26.97 -52.54 -26.54
N LYS U 16 27.92 -53.46 -26.69
CA LYS U 16 29.09 -53.23 -27.52
C LYS U 16 29.37 -54.46 -28.36
N ILE U 17 29.59 -54.25 -29.65
CA ILE U 17 29.98 -55.32 -30.57
C ILE U 17 31.37 -54.99 -31.09
N SER U 18 32.36 -55.79 -30.71
CA SER U 18 33.67 -55.72 -31.34
C SER U 18 33.63 -56.49 -32.66
N VAL U 19 34.79 -56.65 -33.28
CA VAL U 19 34.84 -57.21 -34.63
C VAL U 19 34.62 -58.72 -34.58
N MET U 20 33.49 -59.17 -35.12
CA MET U 20 33.21 -60.60 -35.30
C MET U 20 32.25 -60.76 -36.48
N PRO U 21 32.75 -60.65 -37.71
CA PRO U 21 31.86 -60.74 -38.88
C PRO U 21 31.64 -62.16 -39.39
N LEU U 22 30.77 -62.90 -38.70
CA LEU U 22 30.49 -64.27 -39.09
C LEU U 22 29.08 -64.65 -38.65
N ILE U 23 28.43 -65.48 -39.47
CA ILE U 23 27.02 -65.81 -39.27
C ILE U 23 26.82 -66.73 -38.07
N GLY U 24 27.87 -67.42 -37.62
CA GLY U 24 27.78 -68.27 -36.44
C GLY U 24 27.62 -67.51 -35.14
N THR U 25 27.83 -66.20 -35.16
CA THR U 25 27.48 -65.33 -34.03
C THR U 25 26.01 -64.91 -34.13
N ILE U 26 25.13 -65.92 -34.04
CA ILE U 26 23.69 -65.67 -33.96
C ILE U 26 23.27 -65.33 -32.54
N ASP U 27 24.18 -65.45 -31.57
CA ASP U 27 23.87 -65.17 -30.17
C ASP U 27 23.62 -63.70 -29.91
N THR U 28 24.14 -62.80 -30.76
CA THR U 28 23.82 -61.39 -30.61
C THR U 28 22.37 -61.09 -30.99
N GLU U 29 21.73 -62.00 -31.73
CA GLU U 29 20.28 -61.99 -31.91
C GLU U 29 19.59 -62.86 -30.86
N ARG U 30 20.21 -63.98 -30.49
CA ARG U 30 19.60 -64.90 -29.54
C ARG U 30 19.67 -64.37 -28.12
N ALA U 31 20.89 -64.13 -27.62
CA ALA U 31 21.08 -63.72 -26.23
C ALA U 31 20.84 -62.23 -25.99
N LYS U 32 20.22 -61.52 -26.93
CA LYS U 32 19.78 -60.15 -26.71
C LYS U 32 18.32 -60.05 -26.35
N LEU U 33 17.46 -60.80 -27.04
CA LEU U 33 16.05 -60.86 -26.67
C LEU U 33 15.83 -61.61 -25.36
N ILE U 34 16.79 -62.45 -24.97
CA ILE U 34 16.73 -63.11 -23.67
C ILE U 34 16.86 -62.10 -22.55
N ILE U 35 17.80 -61.15 -22.68
CA ILE U 35 18.00 -60.19 -21.60
C ILE U 35 16.93 -59.10 -21.59
N GLU U 36 16.17 -58.92 -22.67
CA GLU U 36 15.22 -57.81 -22.73
C GLU U 36 14.02 -58.01 -21.82
N ASN U 37 13.69 -59.24 -21.45
CA ASN U 37 12.64 -59.45 -20.46
C ASN U 37 13.16 -59.95 -19.12
N LEU U 38 14.45 -60.30 -19.02
CA LEU U 38 15.02 -60.60 -17.70
C LEU U 38 15.14 -59.34 -16.86
N LEU U 39 15.30 -58.19 -17.47
CA LEU U 39 15.01 -56.92 -16.83
C LEU U 39 13.92 -56.21 -17.62
N ILE U 40 13.64 -54.98 -17.24
CA ILE U 40 12.52 -54.23 -17.79
C ILE U 40 13.05 -53.17 -18.74
N GLY U 41 14.21 -53.44 -19.35
CA GLY U 41 14.92 -52.53 -20.22
C GLY U 41 14.16 -51.88 -21.36
N VAL U 42 14.39 -50.58 -21.53
CA VAL U 42 13.73 -49.74 -22.52
C VAL U 42 14.86 -49.46 -23.48
N VAL U 43 14.65 -48.61 -24.51
CA VAL U 43 15.42 -48.46 -25.74
C VAL U 43 16.94 -48.53 -25.58
N LYS U 44 17.56 -49.40 -26.38
CA LYS U 44 18.92 -49.85 -26.13
C LYS U 44 19.78 -49.60 -27.37
N ASN U 45 21.06 -49.30 -27.13
CA ASN U 45 21.99 -48.94 -28.18
C ASN U 45 22.86 -50.13 -28.56
N ARG U 46 23.27 -50.16 -29.83
CA ARG U 46 24.09 -51.25 -30.35
C ARG U 46 25.58 -50.92 -30.32
N SER U 47 25.97 -49.75 -30.82
CA SER U 47 27.34 -49.22 -30.79
C SER U 47 28.33 -50.18 -31.49
N GLU U 48 28.13 -50.29 -32.80
CA GLU U 48 28.98 -51.12 -33.65
C GLU U 48 30.08 -50.28 -34.31
N VAL U 49 30.61 -49.31 -33.57
CA VAL U 49 31.59 -48.36 -34.08
C VAL U 49 32.90 -49.00 -34.50
N VAL U 50 33.22 -50.19 -33.99
CA VAL U 50 34.37 -50.95 -34.45
C VAL U 50 33.83 -52.28 -34.95
N LEU U 51 33.48 -52.34 -36.24
CA LEU U 51 33.00 -53.56 -36.87
C LEU U 51 33.21 -53.39 -38.36
N ILE U 52 34.20 -54.09 -38.92
CA ILE U 52 34.52 -54.01 -40.34
C ILE U 52 34.79 -55.43 -40.83
N ASP U 53 34.01 -55.93 -41.79
CA ASP U 53 32.76 -55.34 -42.30
C ASP U 53 31.80 -56.48 -42.59
N ILE U 54 30.53 -56.32 -42.26
CA ILE U 54 29.54 -57.35 -42.58
C ILE U 54 29.22 -57.26 -44.07
N THR U 55 29.44 -58.36 -44.78
CA THR U 55 29.26 -58.41 -46.23
C THR U 55 27.95 -59.08 -46.62
N GLY U 56 27.76 -60.33 -46.21
CA GLY U 56 26.66 -61.12 -46.71
C GLY U 56 25.35 -60.93 -45.98
N VAL U 57 25.35 -61.15 -44.66
CA VAL U 57 24.12 -61.17 -43.89
C VAL U 57 24.13 -60.08 -42.83
N PRO U 58 23.63 -58.88 -43.13
CA PRO U 58 23.12 -57.98 -42.08
C PRO U 58 21.67 -58.23 -41.72
N VAL U 59 21.05 -59.25 -42.31
CA VAL U 59 19.71 -59.66 -41.94
C VAL U 59 19.69 -60.18 -40.50
N VAL U 60 20.81 -60.76 -40.04
CA VAL U 60 20.95 -61.08 -38.63
C VAL U 60 21.11 -59.83 -37.77
N ASP U 61 21.41 -58.67 -38.38
CA ASP U 61 21.67 -57.44 -37.66
C ASP U 61 20.64 -56.35 -37.89
N THR U 62 19.98 -56.32 -39.06
CA THR U 62 18.99 -55.29 -39.32
C THR U 62 17.55 -55.79 -39.20
N MET U 63 17.34 -57.11 -39.12
CA MET U 63 16.02 -57.61 -38.76
C MET U 63 15.88 -57.87 -37.28
N VAL U 64 17.01 -57.97 -36.56
CA VAL U 64 16.95 -58.00 -35.10
C VAL U 64 16.63 -56.61 -34.57
N ALA U 65 16.84 -55.56 -35.37
CA ALA U 65 16.40 -54.22 -35.02
C ALA U 65 14.89 -54.06 -35.10
N HIS U 66 14.18 -55.03 -35.68
CA HIS U 66 12.73 -55.08 -35.62
C HIS U 66 12.22 -56.02 -34.55
N HIS U 67 13.05 -56.97 -34.11
CA HIS U 67 12.68 -57.85 -33.01
C HIS U 67 12.48 -57.06 -31.71
N ILE U 68 13.34 -56.08 -31.47
CA ILE U 68 13.27 -55.31 -30.24
C ILE U 68 12.10 -54.33 -30.26
N ILE U 69 11.64 -53.95 -31.46
CA ILE U 69 10.52 -53.02 -31.58
C ILE U 69 9.23 -53.63 -31.04
N GLN U 70 9.05 -54.93 -31.21
CA GLN U 70 7.84 -55.56 -30.71
C GLN U 70 8.01 -56.12 -29.30
N ALA U 71 9.23 -56.44 -28.88
CA ALA U 71 9.43 -56.95 -27.53
C ALA U 71 9.61 -55.85 -26.50
N SER U 72 10.13 -54.70 -26.90
CA SER U 72 10.42 -53.58 -26.01
C SER U 72 10.32 -52.30 -26.82
N GLU U 73 10.97 -51.25 -26.36
CA GLU U 73 11.07 -50.01 -27.13
C GLU U 73 12.10 -50.15 -28.24
N ALA U 74 12.51 -49.02 -28.82
CA ALA U 74 13.23 -49.01 -30.08
C ALA U 74 14.71 -49.38 -29.88
N VAL U 75 15.52 -49.16 -30.91
CA VAL U 75 16.92 -49.54 -30.90
C VAL U 75 17.68 -48.57 -31.80
N ARG U 76 18.88 -48.16 -31.37
CA ARG U 76 19.69 -47.19 -32.07
C ARG U 76 20.99 -47.84 -32.53
N LEU U 77 21.17 -47.97 -33.84
CA LEU U 77 22.44 -48.46 -34.39
C LEU U 77 23.45 -47.32 -34.30
N VAL U 78 24.18 -47.28 -33.19
CA VAL U 78 25.05 -46.15 -32.90
C VAL U 78 26.33 -46.25 -33.69
N GLY U 79 26.61 -45.23 -34.51
CA GLY U 79 27.93 -45.05 -35.09
C GLY U 79 28.35 -46.07 -36.13
N CYS U 80 27.71 -46.04 -37.30
CA CYS U 80 28.18 -46.88 -38.38
C CYS U 80 29.48 -46.34 -38.95
N GLN U 81 30.17 -47.18 -39.71
CA GLN U 81 31.42 -46.80 -40.36
C GLN U 81 31.12 -46.08 -41.68
N ALA U 82 32.14 -45.92 -42.51
CA ALA U 82 31.95 -45.47 -43.89
C ALA U 82 31.88 -46.62 -44.87
N MET U 83 32.68 -47.66 -44.64
CA MET U 83 32.65 -48.85 -45.50
C MET U 83 31.38 -49.65 -45.29
N LEU U 84 30.87 -49.68 -44.06
CA LEU U 84 29.67 -50.46 -43.73
C LEU U 84 28.44 -49.94 -44.44
N VAL U 85 28.41 -48.66 -44.80
CA VAL U 85 27.26 -48.08 -45.48
C VAL U 85 27.64 -47.76 -46.92
N GLY U 86 28.57 -48.55 -47.48
CA GLY U 86 29.00 -48.40 -48.87
C GLY U 86 27.88 -48.48 -49.88
N ILE U 87 27.27 -49.65 -50.04
CA ILE U 87 26.03 -49.79 -50.81
C ILE U 87 25.09 -50.66 -49.97
N ARG U 88 24.12 -50.03 -49.31
CA ARG U 88 23.12 -50.73 -48.52
C ARG U 88 21.74 -50.41 -49.05
N PRO U 89 21.25 -51.15 -50.04
CA PRO U 89 19.85 -50.97 -50.48
C PRO U 89 18.83 -51.69 -49.62
N GLU U 90 19.28 -52.46 -48.62
CA GLU U 90 18.39 -53.29 -47.83
C GLU U 90 18.67 -53.12 -46.34
N GLN U 104 12.77 -46.29 -42.17
CA GLN U 104 13.62 -47.40 -41.74
C GLN U 104 13.87 -47.22 -40.24
N ILE U 105 15.07 -47.58 -39.77
CA ILE U 105 15.39 -47.50 -38.36
C ILE U 105 16.25 -46.26 -38.12
N ILE U 106 16.13 -45.70 -36.91
CA ILE U 106 16.81 -44.46 -36.54
C ILE U 106 18.20 -44.77 -35.97
N THR U 107 19.21 -44.13 -36.54
CA THR U 107 20.60 -44.30 -36.13
C THR U 107 21.10 -43.00 -35.50
N THR U 108 22.39 -43.02 -35.12
CA THR U 108 23.07 -41.86 -34.57
C THR U 108 24.48 -41.83 -35.16
N ASN U 109 25.36 -41.04 -34.56
CA ASN U 109 26.73 -40.90 -35.03
C ASN U 109 27.77 -41.28 -34.00
N THR U 110 27.58 -40.90 -32.73
CA THR U 110 28.58 -41.13 -31.70
C THR U 110 27.85 -41.57 -30.43
N MET U 111 28.55 -42.36 -29.61
CA MET U 111 27.96 -42.95 -28.41
C MET U 111 27.56 -41.90 -27.37
N LYS U 112 28.16 -40.71 -27.39
CA LYS U 112 27.74 -39.69 -26.43
C LYS U 112 26.42 -39.06 -26.85
N LYS U 113 26.28 -38.67 -28.11
CA LYS U 113 25.00 -38.16 -28.60
C LYS U 113 24.04 -39.26 -28.99
N GLY U 114 24.50 -40.51 -29.06
CA GLY U 114 23.58 -41.62 -29.17
C GLY U 114 22.76 -41.80 -27.92
N MET U 115 23.34 -41.46 -26.76
CA MET U 115 22.61 -41.56 -25.50
C MET U 115 21.61 -40.42 -25.32
N GLU U 116 21.83 -39.28 -25.98
CA GLU U 116 20.95 -38.13 -25.78
C GLU U 116 19.59 -38.34 -26.42
N ARG U 117 19.56 -38.56 -27.74
CA ARG U 117 18.29 -38.70 -28.45
C ARG U 117 17.67 -40.08 -28.30
N ALA U 118 18.19 -40.92 -27.42
CA ALA U 118 17.44 -42.04 -26.87
C ALA U 118 16.92 -41.76 -25.47
N LEU U 119 17.59 -40.89 -24.72
CA LEU U 119 17.08 -40.45 -23.43
C LEU U 119 15.96 -39.43 -23.58
N ALA U 120 15.88 -38.76 -24.73
CA ALA U 120 14.78 -37.83 -24.99
C ALA U 120 13.51 -38.53 -25.42
N LEU U 121 13.52 -39.86 -25.54
CA LEU U 121 12.31 -40.64 -25.73
C LEU U 121 11.68 -41.03 -24.40
N THR U 122 12.50 -41.36 -23.41
CA THR U 122 12.01 -41.66 -22.07
C THR U 122 11.96 -40.43 -21.18
N ASN U 123 12.13 -39.24 -21.76
CA ASN U 123 11.90 -37.93 -21.13
C ASN U 123 12.79 -37.71 -19.90
N ARG U 124 14.10 -37.68 -20.14
CA ARG U 124 15.06 -37.25 -19.14
C ARG U 124 16.35 -36.84 -19.84
N GLU U 125 17.13 -36.00 -19.16
CA GLU U 125 18.43 -35.56 -19.66
C GLU U 125 19.38 -35.38 -18.49
N ILE U 126 20.57 -34.84 -18.77
CA ILE U 126 21.62 -34.64 -17.78
C ILE U 126 22.01 -33.17 -17.87
N VAL U 127 21.49 -32.34 -16.96
CA VAL U 127 21.73 -30.90 -16.97
C VAL U 127 22.03 -30.44 -15.55
N GLU U 128 23.19 -29.82 -15.36
CA GLU U 128 23.45 -28.92 -14.23
C GLU U 128 24.54 -27.94 -14.60
N SER V 1 37.61 51.54 47.34
CA SER V 1 36.99 51.97 48.60
C SER V 1 35.53 52.35 48.39
N ALA V 2 35.26 53.08 47.30
CA ALA V 2 33.90 53.51 46.95
C ALA V 2 33.68 53.27 45.45
N LEU V 3 33.26 52.05 45.12
CA LEU V 3 32.88 51.58 43.78
C LEU V 3 32.26 50.21 43.96
N GLN V 4 31.25 49.89 43.14
CA GLN V 4 30.36 48.78 43.45
C GLN V 4 30.46 47.61 42.47
N GLU V 5 30.09 47.79 41.20
CA GLU V 5 29.76 46.60 40.43
C GLU V 5 29.58 46.92 38.94
N LEU V 6 29.73 45.89 38.10
CA LEU V 6 29.36 45.88 36.69
C LEU V 6 29.11 44.43 36.31
N SER V 7 28.44 44.21 35.18
CA SER V 7 27.95 42.87 34.85
C SER V 7 27.67 42.71 33.37
N ALA V 8 27.65 41.43 32.91
CA ALA V 8 27.07 40.99 31.64
C ALA V 8 26.82 39.48 31.54
N PRO V 9 25.70 38.91 32.10
CA PRO V 9 25.24 37.57 31.69
C PRO V 9 24.32 37.58 30.46
N LEU V 10 24.71 38.37 29.45
CA LEU V 10 24.32 38.54 28.06
C LEU V 10 23.01 39.27 27.78
N LEU V 11 21.94 39.07 28.55
CA LEU V 11 20.92 40.11 28.72
C LEU V 11 20.86 40.68 30.15
N PRO V 12 20.73 39.85 31.26
CA PRO V 12 20.55 40.45 32.59
C PRO V 12 21.81 41.07 33.16
N ILE V 13 21.74 41.43 34.44
CA ILE V 13 22.81 42.14 35.14
C ILE V 13 22.86 41.59 36.55
N PHE V 14 23.96 40.92 36.93
CA PHE V 14 24.09 40.61 38.35
C PHE V 14 24.60 41.84 39.08
N GLU V 15 24.39 41.85 40.40
CA GLU V 15 24.95 42.93 41.21
C GLU V 15 25.17 42.39 42.61
N LYS V 16 26.41 42.04 42.92
CA LYS V 16 26.72 41.52 44.24
C LYS V 16 27.24 42.64 45.14
N ILE V 17 26.75 42.66 46.37
CA ILE V 17 27.03 43.73 47.31
C ILE V 17 27.73 43.11 48.51
N SER V 18 29.00 43.45 48.71
CA SER V 18 29.64 43.16 49.97
C SER V 18 29.14 44.13 51.05
N VAL V 19 29.56 43.88 52.29
CA VAL V 19 28.98 44.55 53.44
C VAL V 19 29.40 46.02 53.46
N MET V 20 28.43 46.91 53.28
CA MET V 20 28.65 48.36 53.44
C MET V 20 27.35 48.99 53.90
N PRO V 21 26.99 48.79 55.18
CA PRO V 21 25.67 49.23 55.67
C PRO V 21 25.66 50.64 56.27
N LEU V 22 25.74 51.64 55.39
CA LEU V 22 25.61 53.03 55.80
C LEU V 22 24.67 53.76 54.86
N ILE V 23 24.12 54.87 55.36
CA ILE V 23 23.26 55.72 54.53
C ILE V 23 24.06 56.58 53.56
N GLY V 24 25.38 56.68 53.77
CA GLY V 24 26.21 57.51 52.90
C GLY V 24 26.43 56.93 51.52
N THR V 25 26.25 55.61 51.36
CA THR V 25 26.35 55.00 50.03
C THR V 25 24.98 54.94 49.36
N ILE V 26 24.45 56.15 49.09
CA ILE V 26 23.28 56.28 48.24
C ILE V 26 23.62 56.09 46.77
N ASP V 27 24.92 56.00 46.44
CA ASP V 27 25.35 55.85 45.06
C ASP V 27 24.97 54.49 44.49
N THR V 28 24.92 53.44 45.31
CA THR V 28 24.54 52.13 44.80
C THR V 28 23.06 52.06 44.43
N GLU V 29 22.25 52.99 44.90
CA GLU V 29 20.93 53.19 44.32
C GLU V 29 21.05 53.81 42.92
N ARG V 30 22.02 54.69 42.73
CA ARG V 30 22.13 55.42 41.47
C ARG V 30 23.12 54.81 40.49
N ALA V 31 24.17 54.14 40.97
CA ALA V 31 25.18 53.59 40.06
C ALA V 31 24.64 52.43 39.24
N LYS V 32 23.60 51.74 39.72
CA LYS V 32 22.93 50.78 38.86
C LYS V 32 22.12 51.48 37.78
N LEU V 33 21.51 52.62 38.12
CA LEU V 33 20.66 53.33 37.17
C LEU V 33 21.47 53.99 36.07
N ILE V 34 22.72 54.37 36.35
CA ILE V 34 23.59 54.92 35.33
C ILE V 34 24.01 53.84 34.34
N ILE V 35 24.05 52.59 34.79
CA ILE V 35 24.47 51.50 33.93
C ILE V 35 23.27 50.87 33.20
N GLU V 36 22.08 50.88 33.83
CA GLU V 36 20.90 50.23 33.24
C GLU V 36 20.45 50.89 31.94
N ASN V 37 20.74 52.18 31.76
CA ASN V 37 20.52 52.83 30.48
C ASN V 37 21.78 52.95 29.65
N LEU V 38 22.96 52.73 30.24
CA LEU V 38 24.20 52.74 29.47
C LEU V 38 24.25 51.54 28.54
N LEU V 39 24.23 50.34 29.11
CA LEU V 39 23.96 49.15 28.32
C LEU V 39 22.47 48.93 28.25
N ILE V 40 22.03 48.09 27.32
CA ILE V 40 20.62 47.79 27.20
C ILE V 40 20.23 46.85 28.33
N GLY V 41 19.64 47.42 29.38
CA GLY V 41 19.34 46.64 30.56
C GLY V 41 18.02 45.90 30.45
N VAL V 42 17.99 44.71 31.05
CA VAL V 42 16.79 43.88 31.17
C VAL V 42 16.79 43.64 32.68
N VAL V 43 15.93 42.73 33.17
CA VAL V 43 15.79 42.38 34.58
C VAL V 43 17.14 42.06 35.22
N LYS V 44 17.31 42.42 36.49
CA LYS V 44 18.62 42.38 37.10
C LYS V 44 18.50 41.90 38.54
N ASN V 45 19.54 41.22 39.01
CA ASN V 45 19.53 40.61 40.32
C ASN V 45 20.00 41.60 41.38
N ARG V 46 20.03 41.14 42.62
CA ARG V 46 20.49 41.94 43.75
C ARG V 46 21.51 41.23 44.61
N SER V 47 21.52 39.89 44.62
CA SER V 47 22.63 39.02 45.07
C SER V 47 23.11 39.31 46.49
N GLU V 48 22.28 39.93 47.32
CA GLU V 48 22.74 40.48 48.59
C GLU V 48 22.60 39.48 49.73
N VAL V 49 23.21 38.31 49.53
CA VAL V 49 23.26 37.29 50.57
C VAL V 49 24.17 37.76 51.71
N VAL V 50 25.36 38.24 51.38
CA VAL V 50 26.28 38.76 52.40
C VAL V 50 25.97 40.24 52.51
N LEU V 51 24.96 40.56 53.33
CA LEU V 51 24.68 41.92 53.78
C LEU V 51 24.06 41.82 55.17
N ILE V 52 24.78 42.31 56.17
CA ILE V 52 24.25 42.44 57.53
C ILE V 52 24.69 43.80 58.04
N ASP V 53 23.75 44.71 58.31
CA ASP V 53 22.31 44.53 58.12
C ASP V 53 21.69 45.81 57.58
N ILE V 54 20.37 45.94 57.65
CA ILE V 54 19.66 47.15 57.24
C ILE V 54 19.19 47.86 58.49
N THR V 55 19.58 49.13 58.63
CA THR V 55 19.32 49.91 59.84
C THR V 55 18.12 50.84 59.68
N GLY V 56 18.18 51.74 58.70
CA GLY V 56 17.11 52.69 58.48
C GLY V 56 16.85 52.92 57.01
N VAL V 57 17.19 51.94 56.18
CA VAL V 57 16.99 52.07 54.74
C VAL V 57 16.12 50.93 54.19
N PRO V 58 14.78 50.97 54.40
CA PRO V 58 13.91 50.20 53.49
C PRO V 58 13.46 51.02 52.29
N VAL V 59 13.37 52.34 52.46
CA VAL V 59 12.78 53.19 51.45
C VAL V 59 13.80 53.62 50.40
N VAL V 60 15.04 53.89 50.81
CA VAL V 60 16.07 54.36 49.90
C VAL V 60 16.85 53.19 49.28
N ASP V 61 16.46 51.96 49.59
CA ASP V 61 16.99 50.79 48.89
C ASP V 61 15.92 49.97 48.20
N THR V 62 14.83 49.62 48.89
CA THR V 62 13.85 48.72 48.34
C THR V 62 12.63 49.41 47.74
N MET V 63 12.18 50.53 48.33
CA MET V 63 11.09 51.27 47.72
C MET V 63 11.55 52.01 46.47
N VAL V 64 12.86 52.24 46.35
CA VAL V 64 13.41 52.69 45.06
C VAL V 64 13.76 51.53 44.16
N ALA V 65 13.89 50.32 44.70
CA ALA V 65 13.94 49.13 43.86
C ALA V 65 12.58 48.79 43.29
N HIS V 66 11.51 49.31 43.90
CA HIS V 66 10.22 49.35 43.23
C HIS V 66 10.24 50.24 42.00
N HIS V 67 11.09 51.27 42.02
CA HIS V 67 11.13 52.25 40.94
C HIS V 67 12.32 52.05 40.00
N ILE V 68 12.85 50.84 39.94
CA ILE V 68 13.66 50.42 38.80
C ILE V 68 12.82 49.62 37.81
N ILE V 69 11.60 49.23 38.20
CA ILE V 69 10.64 48.65 37.27
C ILE V 69 10.27 49.67 36.19
N GLN V 70 10.19 50.94 36.57
CA GLN V 70 9.85 51.98 35.61
C GLN V 70 11.03 52.42 34.77
N ALA V 71 12.26 52.09 35.16
CA ALA V 71 13.41 52.54 34.37
C ALA V 71 13.65 51.64 33.17
N SER V 72 14.04 50.39 33.40
CA SER V 72 14.30 49.44 32.32
C SER V 72 13.39 48.22 32.37
N GLU V 73 13.44 47.44 33.44
CA GLU V 73 12.79 46.14 33.53
C GLU V 73 12.66 45.78 35.01
N ALA V 74 12.30 44.53 35.27
CA ALA V 74 12.00 44.08 36.62
C ALA V 74 13.28 43.91 37.44
N VAL V 75 13.11 43.45 38.68
CA VAL V 75 14.20 43.33 39.64
C VAL V 75 13.88 42.12 40.52
N ARG V 76 14.92 41.54 41.11
CA ARG V 76 14.71 40.42 42.02
C ARG V 76 15.77 40.44 43.11
N LEU V 77 15.34 40.51 44.36
CA LEU V 77 16.25 40.39 45.49
C LEU V 77 16.61 38.93 45.69
N VAL V 78 17.91 38.65 45.73
CA VAL V 78 18.41 37.28 45.80
C VAL V 78 18.99 37.05 47.18
N GLY V 79 18.34 36.19 47.95
CA GLY V 79 18.89 35.76 49.23
C GLY V 79 18.88 36.80 50.32
N CYS V 80 17.70 37.19 50.79
CA CYS V 80 17.63 37.99 52.00
C CYS V 80 18.08 37.14 53.18
N GLN V 81 18.71 37.79 54.15
CA GLN V 81 19.21 37.06 55.31
C GLN V 81 18.08 36.66 56.26
N ALA V 82 18.39 35.76 57.18
CA ALA V 82 17.39 35.33 58.15
C ALA V 82 17.11 36.43 59.17
N MET V 83 18.15 37.16 59.57
CA MET V 83 17.98 38.28 60.50
C MET V 83 17.44 39.53 59.82
N LEU V 84 17.53 39.61 58.49
CA LEU V 84 17.13 40.83 57.81
C LEU V 84 15.61 40.96 57.72
N VAL V 85 14.92 39.86 57.47
CA VAL V 85 13.47 39.92 57.31
C VAL V 85 12.77 39.98 58.68
N GLY V 86 13.50 39.73 59.77
CA GLY V 86 12.97 40.04 61.08
C GLY V 86 12.73 41.52 61.28
N ILE V 87 13.53 42.35 60.62
CA ILE V 87 13.36 43.80 60.65
C ILE V 87 12.29 44.16 59.60
N ARG V 88 11.04 44.30 60.03
CA ARG V 88 9.97 44.80 59.17
C ARG V 88 9.16 45.85 59.90
N PRO V 89 9.57 47.13 59.81
CA PRO V 89 8.67 48.21 60.21
C PRO V 89 7.47 48.26 59.26
N GLU V 90 7.76 48.27 57.96
CA GLU V 90 6.72 48.23 56.94
C GLU V 90 6.66 46.83 56.32
N GLN V 104 4.11 43.40 46.29
CA GLN V 104 5.35 44.13 46.53
C GLN V 104 6.34 43.82 45.41
N ILE V 105 7.52 43.30 45.79
CA ILE V 105 8.56 42.94 44.86
C ILE V 105 8.57 41.42 44.70
N ILE V 106 9.29 40.95 43.68
CA ILE V 106 9.44 39.53 43.41
C ILE V 106 10.85 39.13 43.82
N THR V 107 10.94 38.11 44.66
CA THR V 107 12.21 37.72 45.26
C THR V 107 12.53 36.26 44.95
N THR V 108 13.65 35.81 45.49
CA THR V 108 14.13 34.44 45.35
C THR V 108 15.05 34.16 46.54
N ASN V 109 15.75 33.02 46.50
CA ASN V 109 16.57 32.59 47.63
C ASN V 109 18.02 32.34 47.28
N THR V 110 18.32 31.85 46.09
CA THR V 110 19.66 31.44 45.75
C THR V 110 19.98 31.90 44.34
N MET V 111 21.23 32.33 44.12
CA MET V 111 21.65 32.87 42.83
C MET V 111 21.59 31.85 41.71
N LYS V 112 21.74 30.56 42.03
CA LYS V 112 21.69 29.54 40.99
C LYS V 112 20.27 29.23 40.54
N LYS V 113 19.26 29.66 41.29
CA LYS V 113 17.88 29.52 40.87
C LYS V 113 17.17 30.84 40.63
N GLY V 114 17.69 31.95 41.17
CA GLY V 114 17.13 33.25 40.83
C GLY V 114 17.51 33.69 39.44
N MET V 115 18.64 33.21 38.95
CA MET V 115 19.06 33.54 37.59
C MET V 115 18.21 32.79 36.56
N GLU V 116 17.86 31.54 36.86
CA GLU V 116 17.15 30.70 35.89
C GLU V 116 15.72 31.17 35.69
N ARG V 117 15.03 31.57 36.76
CA ARG V 117 13.69 32.11 36.58
C ARG V 117 13.70 33.51 36.01
N ALA V 118 14.84 34.22 36.11
CA ALA V 118 14.97 35.48 35.38
C ALA V 118 15.11 35.24 33.88
N LEU V 119 15.65 34.07 33.50
CA LEU V 119 15.63 33.69 32.10
C LEU V 119 14.24 33.28 31.65
N ALA V 120 13.34 32.94 32.58
CA ALA V 120 11.97 32.62 32.27
C ALA V 120 11.08 33.85 32.17
N LEU V 121 11.67 35.04 32.16
CA LEU V 121 10.97 36.27 31.84
C LEU V 121 11.45 36.92 30.56
N THR V 122 12.58 36.44 30.01
CA THR V 122 13.06 36.86 28.70
C THR V 122 13.01 35.73 27.68
N ASN V 123 12.34 34.62 28.03
CA ASN V 123 12.04 33.49 27.15
C ASN V 123 13.30 32.82 26.60
N ARG V 124 14.11 32.31 27.52
CA ARG V 124 15.22 31.41 27.21
C ARG V 124 15.36 30.42 28.36
N GLU V 125 15.82 29.21 28.04
CA GLU V 125 15.94 28.16 29.05
C GLU V 125 17.23 27.37 28.84
N ILE V 126 17.70 26.76 29.93
CA ILE V 126 18.87 25.91 29.90
C ILE V 126 18.48 24.53 29.37
N VAL V 127 19.19 24.07 28.34
CA VAL V 127 19.01 22.71 27.82
C VAL V 127 20.18 21.86 28.32
N GLU V 128 19.87 20.61 28.66
CA GLU V 128 20.83 19.59 29.12
C GLU V 128 21.65 20.02 30.35
N SER W 1 0.32 -55.37 57.68
CA SER W 1 1.59 -56.08 57.72
C SER W 1 2.66 -55.31 56.95
N ALA W 2 3.62 -56.03 56.39
CA ALA W 2 4.63 -55.42 55.52
C ALA W 2 3.97 -55.01 54.22
N LEU W 3 3.78 -53.72 54.03
CA LEU W 3 2.96 -53.22 52.93
C LEU W 3 3.46 -51.85 52.52
N GLN W 4 3.50 -51.61 51.21
CA GLN W 4 3.88 -50.32 50.64
C GLN W 4 2.75 -49.86 49.72
N GLU W 5 1.94 -48.93 50.20
CA GLU W 5 0.80 -48.41 49.43
C GLU W 5 1.22 -47.22 48.58
N LEU W 6 2.24 -47.43 47.75
CA LEU W 6 2.86 -46.37 46.97
C LEU W 6 2.80 -46.75 45.49
N SER W 7 2.01 -46.01 44.72
CA SER W 7 2.01 -46.19 43.28
C SER W 7 3.25 -45.52 42.69
N ALA W 8 3.52 -45.81 41.42
CA ALA W 8 4.70 -45.31 40.73
C ALA W 8 4.29 -44.57 39.46
N PRO W 9 3.79 -43.34 39.59
CA PRO W 9 3.54 -42.52 38.41
C PRO W 9 4.81 -41.80 37.98
N LEU W 10 4.68 -40.78 37.13
CA LEU W 10 5.77 -39.88 36.78
C LEU W 10 6.15 -39.03 38.00
N LEU W 11 7.09 -38.07 37.79
CA LEU W 11 7.81 -37.25 38.76
C LEU W 11 6.99 -36.74 39.96
N PRO W 12 5.69 -36.40 39.81
CA PRO W 12 4.88 -36.35 41.05
C PRO W 12 4.48 -37.72 41.58
N ILE W 13 5.43 -38.42 42.19
CA ILE W 13 5.15 -39.69 42.84
C ILE W 13 4.43 -39.44 44.16
N PHE W 14 3.28 -40.08 44.33
CA PHE W 14 2.48 -39.88 45.53
C PHE W 14 2.31 -41.20 46.28
N GLU W 15 1.46 -41.16 47.30
CA GLU W 15 1.38 -42.25 48.26
C GLU W 15 -0.02 -42.23 48.86
N LYS W 16 -0.29 -43.18 49.75
CA LYS W 16 -1.55 -43.24 50.46
C LYS W 16 -1.31 -43.93 51.79
N ILE W 17 -1.86 -43.36 52.85
CA ILE W 17 -1.71 -43.90 54.20
C ILE W 17 -3.11 -44.18 54.75
N SER W 18 -3.42 -45.45 54.95
CA SER W 18 -4.64 -45.87 55.63
C SER W 18 -4.35 -46.03 57.12
N VAL W 19 -5.25 -46.67 57.84
CA VAL W 19 -5.12 -46.75 59.30
C VAL W 19 -4.13 -47.85 59.69
N MET W 20 -2.86 -47.49 59.83
CA MET W 20 -1.88 -48.31 60.53
C MET W 20 -1.04 -47.44 61.47
N PRO W 21 -1.69 -46.81 62.48
CA PRO W 21 -1.04 -45.77 63.27
C PRO W 21 -0.26 -46.31 64.47
N LEU W 22 0.64 -47.26 64.23
CA LEU W 22 1.46 -47.84 65.28
C LEU W 22 2.94 -47.66 64.91
N ILE W 23 3.76 -47.39 65.93
CA ILE W 23 5.15 -47.02 65.71
C ILE W 23 6.02 -48.19 65.28
N GLY W 24 5.54 -49.43 65.41
CA GLY W 24 6.28 -50.57 64.90
C GLY W 24 6.34 -50.63 63.40
N THR W 25 5.31 -50.10 62.73
CA THR W 25 5.31 -49.98 61.26
C THR W 25 6.13 -48.75 60.87
N ILE W 26 7.45 -48.93 60.93
CA ILE W 26 8.38 -47.90 60.48
C ILE W 26 8.67 -48.01 58.99
N ASP W 27 8.10 -49.01 58.31
CA ASP W 27 8.35 -49.23 56.90
C ASP W 27 7.78 -48.12 56.02
N THR W 28 6.80 -47.35 56.50
CA THR W 28 6.34 -46.19 55.75
C THR W 28 7.38 -45.07 55.73
N GLU W 29 8.36 -45.12 56.62
CA GLU W 29 9.57 -44.32 56.49
C GLU W 29 10.61 -45.05 55.64
N ARG W 30 10.70 -46.36 55.77
CA ARG W 30 11.70 -47.13 55.04
C ARG W 30 11.30 -47.28 53.57
N ALA W 31 10.16 -47.90 53.29
CA ALA W 31 9.77 -48.22 51.92
C ALA W 31 9.34 -47.00 51.11
N LYS W 32 9.42 -45.79 51.66
CA LYS W 32 9.28 -44.55 50.92
C LYS W 32 10.63 -43.89 50.65
N LEU W 33 11.48 -43.80 51.67
CA LEU W 33 12.81 -43.21 51.48
C LEU W 33 13.70 -44.09 50.62
N ILE W 34 13.66 -45.41 50.83
CA ILE W 34 14.49 -46.31 50.04
C ILE W 34 13.92 -46.50 48.64
N ILE W 35 12.62 -46.26 48.44
CA ILE W 35 12.09 -46.26 47.08
C ILE W 35 12.29 -44.91 46.40
N GLU W 36 12.68 -43.88 47.15
CA GLU W 36 12.73 -42.52 46.62
C GLU W 36 13.86 -42.36 45.60
N ASN W 37 15.00 -43.00 45.83
CA ASN W 37 16.08 -42.87 44.85
C ASN W 37 15.92 -43.83 43.67
N LEU W 38 15.12 -44.89 43.81
CA LEU W 38 15.01 -45.88 42.75
C LEU W 38 14.23 -45.38 41.54
N LEU W 39 13.41 -44.35 41.72
CA LEU W 39 12.77 -43.68 40.60
C LEU W 39 12.78 -42.19 40.85
N ILE W 40 13.04 -41.42 39.81
CA ILE W 40 13.31 -39.98 39.94
C ILE W 40 11.98 -39.29 40.16
N GLY W 41 11.67 -39.01 41.43
CA GLY W 41 10.49 -38.24 41.76
C GLY W 41 10.83 -36.95 42.46
N VAL W 42 10.43 -35.82 41.89
CA VAL W 42 10.80 -34.53 42.46
C VAL W 42 9.87 -34.18 43.63
N VAL W 43 8.58 -34.03 43.34
CA VAL W 43 7.61 -33.64 44.35
C VAL W 43 6.94 -34.91 44.89
N LYS W 44 6.31 -34.80 46.05
CA LYS W 44 5.86 -35.97 46.78
C LYS W 44 4.68 -35.62 47.68
N ASN W 45 3.59 -36.37 47.56
CA ASN W 45 2.40 -36.20 48.37
C ASN W 45 2.31 -37.26 49.45
N ARG W 46 1.45 -37.03 50.43
CA ARG W 46 1.21 -37.98 51.52
C ARG W 46 -0.20 -38.56 51.49
N SER W 47 -1.21 -37.69 51.50
CA SER W 47 -2.64 -38.04 51.54
C SER W 47 -2.97 -38.93 52.74
N GLU W 48 -2.78 -38.37 53.93
CA GLU W 48 -3.17 -39.05 55.18
C GLU W 48 -4.57 -38.62 55.62
N VAL W 49 -5.53 -38.76 54.70
CA VAL W 49 -6.82 -38.09 54.84
C VAL W 49 -7.82 -38.87 55.69
N VAL W 50 -7.46 -40.07 56.16
CA VAL W 50 -8.43 -40.97 56.77
C VAL W 50 -8.16 -41.20 58.26
N LEU W 51 -6.89 -41.34 58.66
CA LEU W 51 -6.60 -41.92 59.96
C LEU W 51 -6.76 -40.89 61.07
N ILE W 52 -7.51 -41.28 62.12
CA ILE W 52 -7.77 -40.47 63.30
C ILE W 52 -7.72 -41.41 64.50
N ASP W 53 -6.90 -41.07 65.52
CA ASP W 53 -6.02 -39.91 65.53
C ASP W 53 -4.58 -40.35 65.70
N ILE W 54 -3.70 -39.38 65.91
CA ILE W 54 -2.26 -39.60 65.89
C ILE W 54 -1.65 -39.01 67.14
N THR W 55 -0.97 -39.86 67.93
CA THR W 55 -0.34 -39.44 69.18
C THR W 55 1.18 -39.60 69.20
N GLY W 56 1.70 -40.79 68.90
CA GLY W 56 3.12 -41.05 69.05
C GLY W 56 3.82 -41.23 67.72
N VAL W 57 3.01 -41.36 66.67
CA VAL W 57 3.46 -41.37 65.28
C VAL W 57 4.19 -40.10 64.85
N PRO W 58 3.63 -38.87 64.97
CA PRO W 58 3.89 -37.85 63.95
C PRO W 58 5.29 -37.26 63.96
N VAL W 59 6.12 -37.56 64.97
CA VAL W 59 7.52 -37.20 64.89
C VAL W 59 8.20 -38.00 63.79
N VAL W 60 7.78 -39.26 63.61
CA VAL W 60 8.20 -40.02 62.43
C VAL W 60 7.61 -39.39 61.17
N ASP W 61 6.34 -38.99 61.22
CA ASP W 61 5.69 -38.43 60.05
C ASP W 61 6.16 -37.01 59.73
N THR W 62 6.87 -36.34 60.64
CA THR W 62 7.49 -35.07 60.30
C THR W 62 8.99 -35.16 60.10
N MET W 63 9.65 -36.22 60.59
CA MET W 63 11.01 -36.44 60.17
C MET W 63 11.06 -37.03 58.77
N VAL W 64 10.00 -37.75 58.36
CA VAL W 64 9.84 -38.12 56.96
C VAL W 64 9.63 -36.85 56.12
N ALA W 65 8.85 -35.91 56.66
CA ALA W 65 8.60 -34.64 55.98
C ALA W 65 9.82 -33.74 55.93
N HIS W 66 10.93 -34.08 56.59
CA HIS W 66 12.17 -33.34 56.44
C HIS W 66 13.37 -34.27 56.23
N HIS W 67 13.13 -35.50 55.78
CA HIS W 67 14.18 -36.31 55.18
C HIS W 67 13.94 -36.53 53.70
N ILE W 68 12.95 -35.85 53.13
CA ILE W 68 12.71 -35.83 51.70
C ILE W 68 13.18 -34.52 51.08
N ILE W 69 13.01 -33.41 51.79
CA ILE W 69 13.48 -32.11 51.34
C ILE W 69 15.00 -32.13 51.17
N GLN W 70 15.69 -32.81 52.08
CA GLN W 70 17.13 -33.00 51.88
C GLN W 70 17.45 -34.21 51.01
N ALA W 71 16.48 -35.07 50.71
CA ALA W 71 16.75 -36.14 49.75
C ALA W 71 16.62 -35.63 48.33
N SER W 72 15.40 -35.29 47.90
CA SER W 72 15.22 -34.62 46.61
C SER W 72 14.57 -33.25 46.75
N GLU W 73 13.28 -33.20 47.11
CA GLU W 73 12.47 -31.98 46.98
C GLU W 73 11.06 -32.15 47.54
N ALA W 74 10.53 -31.06 48.11
CA ALA W 74 9.10 -30.67 48.13
C ALA W 74 8.15 -31.81 48.51
N VAL W 75 8.24 -32.25 49.76
CA VAL W 75 7.17 -33.07 50.30
C VAL W 75 5.95 -32.17 50.55
N ARG W 76 4.75 -32.76 50.54
CA ARG W 76 3.57 -32.01 50.88
C ARG W 76 2.51 -32.90 51.50
N LEU W 77 1.97 -32.48 52.63
CA LEU W 77 0.88 -33.18 53.28
C LEU W 77 -0.44 -32.81 52.65
N VAL W 78 -1.29 -33.80 52.43
CA VAL W 78 -2.54 -33.61 51.68
C VAL W 78 -3.69 -33.96 52.59
N GLY W 79 -4.43 -32.94 53.03
CA GLY W 79 -5.70 -33.12 53.69
C GLY W 79 -5.66 -33.73 55.08
N CYS W 80 -5.11 -32.99 56.05
CA CYS W 80 -5.23 -33.42 57.43
C CYS W 80 -6.66 -33.26 57.91
N GLN W 81 -7.01 -34.01 58.95
CA GLN W 81 -8.37 -34.01 59.47
C GLN W 81 -8.54 -32.87 60.47
N ALA W 82 -9.66 -32.85 61.18
CA ALA W 82 -9.95 -31.77 62.11
C ALA W 82 -9.41 -32.06 63.51
N MET W 83 -9.52 -33.31 63.97
CA MET W 83 -8.96 -33.68 65.27
C MET W 83 -7.44 -33.74 65.20
N LEU W 84 -6.90 -33.99 64.01
CA LEU W 84 -5.47 -34.24 63.82
C LEU W 84 -4.60 -33.01 64.07
N VAL W 85 -5.18 -31.83 64.15
CA VAL W 85 -4.41 -30.60 64.25
C VAL W 85 -4.66 -29.89 65.57
N GLY W 86 -4.94 -30.67 66.62
CA GLY W 86 -5.21 -30.10 67.93
C GLY W 86 -4.01 -29.43 68.59
N ILE W 87 -3.02 -30.21 69.02
CA ILE W 87 -1.81 -29.67 69.66
C ILE W 87 -0.61 -30.24 68.89
N ARG W 88 -0.11 -29.46 67.93
CA ARG W 88 1.10 -29.82 67.21
C ARG W 88 2.21 -28.86 67.61
N PRO W 89 3.16 -29.29 68.46
CA PRO W 89 4.27 -28.40 68.81
C PRO W 89 5.25 -28.13 67.68
N GLU W 90 5.25 -28.96 66.63
CA GLU W 90 6.12 -28.74 65.47
C GLU W 90 5.39 -27.93 64.41
N GLN W 104 7.98 -23.97 56.93
CA GLN W 104 7.79 -25.38 57.20
C GLN W 104 7.54 -26.15 55.90
N ILE W 105 6.43 -26.88 55.85
CA ILE W 105 6.08 -27.73 54.73
C ILE W 105 4.84 -27.17 54.04
N ILE W 106 4.86 -27.16 52.71
CA ILE W 106 3.68 -26.80 51.94
C ILE W 106 2.63 -27.88 52.12
N THR W 107 1.37 -27.47 52.23
CA THR W 107 0.26 -28.40 52.37
C THR W 107 -0.91 -27.93 51.53
N THR W 108 -2.01 -28.66 51.60
CA THR W 108 -3.15 -28.44 50.72
C THR W 108 -4.39 -29.03 51.38
N ASN W 109 -5.48 -29.14 50.61
CA ASN W 109 -6.77 -29.57 51.13
C ASN W 109 -7.20 -30.94 50.65
N THR W 110 -7.04 -31.26 49.36
CA THR W 110 -7.44 -32.56 48.87
C THR W 110 -6.51 -33.00 47.76
N MET W 111 -6.68 -34.26 47.34
CA MET W 111 -5.71 -34.91 46.46
C MET W 111 -5.75 -34.33 45.04
N LYS W 112 -6.93 -33.96 44.57
CA LYS W 112 -7.06 -33.45 43.20
C LYS W 112 -6.49 -32.06 43.04
N LYS W 113 -6.29 -31.33 44.14
CA LYS W 113 -5.74 -29.99 44.07
C LYS W 113 -4.38 -29.85 44.72
N GLY W 114 -3.91 -30.88 45.43
CA GLY W 114 -2.52 -30.90 45.82
C GLY W 114 -1.60 -31.15 44.64
N MET W 115 -2.10 -31.83 43.62
CA MET W 115 -1.29 -32.14 42.45
C MET W 115 -1.03 -30.89 41.62
N GLU W 116 -2.02 -29.99 41.52
CA GLU W 116 -1.83 -28.80 40.69
C GLU W 116 -1.00 -27.74 41.39
N ARG W 117 -0.85 -27.81 42.70
CA ARG W 117 0.17 -27.03 43.40
C ARG W 117 1.51 -27.74 43.44
N ALA W 118 1.58 -28.96 42.90
CA ALA W 118 2.80 -29.73 42.82
C ALA W 118 3.40 -29.74 41.43
N LEU W 119 2.55 -29.79 40.40
CA LEU W 119 3.02 -29.60 39.03
C LEU W 119 3.52 -28.18 38.82
N ALA W 120 2.86 -27.20 39.43
CA ALA W 120 3.25 -25.81 39.27
C ALA W 120 4.53 -25.47 40.02
N LEU W 121 4.92 -26.30 41.00
CA LEU W 121 6.19 -26.07 41.69
C LEU W 121 7.36 -26.45 40.80
N THR W 122 7.25 -27.54 40.04
CA THR W 122 8.29 -27.98 39.13
C THR W 122 8.12 -27.41 37.72
N ASN W 123 7.42 -26.27 37.60
CA ASN W 123 7.32 -25.45 36.39
C ASN W 123 6.63 -26.17 35.23
N ARG W 124 5.83 -27.19 35.52
CA ARG W 124 5.07 -27.91 34.51
C ARG W 124 3.60 -27.53 34.60
N GLU W 125 2.91 -27.59 33.46
CA GLU W 125 1.55 -27.07 33.36
C GLU W 125 0.61 -28.14 32.83
N ILE W 126 -0.68 -27.82 32.88
CA ILE W 126 -1.74 -28.66 32.33
C ILE W 126 -2.79 -27.78 31.67
N VAL W 127 -3.09 -28.06 30.40
CA VAL W 127 -4.05 -27.29 29.61
C VAL W 127 -4.94 -28.27 28.86
N GLU W 128 -6.25 -28.17 29.04
CA GLU W 128 -7.28 -28.99 28.39
C GLU W 128 -7.10 -30.48 28.62
N SER X 1 37.94 46.57 54.81
CA SER X 1 37.39 45.93 53.63
C SER X 1 38.37 44.90 53.07
N ALA X 2 38.74 43.93 53.89
CA ALA X 2 39.72 42.91 53.50
C ALA X 2 39.04 41.67 52.92
N LEU X 3 38.14 41.90 51.96
CA LEU X 3 37.53 40.83 51.17
C LEU X 3 37.30 41.39 49.78
N GLN X 4 37.65 40.62 48.74
CA GLN X 4 37.61 41.21 47.41
C GLN X 4 36.20 41.19 46.84
N GLU X 5 35.73 40.02 46.42
CA GLU X 5 34.42 39.74 45.81
C GLU X 5 34.30 38.23 45.66
N LEU X 6 33.05 37.78 45.47
CA LEU X 6 32.71 36.41 45.08
C LEU X 6 31.23 36.36 44.73
N SER X 7 30.88 35.49 43.78
CA SER X 7 29.49 35.19 43.47
C SER X 7 29.34 33.69 43.32
N ALA X 8 28.11 33.24 43.05
CA ALA X 8 27.82 31.81 42.88
C ALA X 8 26.53 31.58 42.10
N PRO X 9 26.54 31.74 40.77
CA PRO X 9 25.37 31.40 39.95
C PRO X 9 25.19 29.91 39.76
N LEU X 10 24.35 29.55 38.77
CA LEU X 10 24.36 28.20 38.20
C LEU X 10 25.78 27.76 37.86
N LEU X 11 26.02 26.45 37.98
CA LEU X 11 27.25 25.74 38.36
C LEU X 11 28.60 26.35 37.93
N PRO X 12 28.80 26.86 36.72
CA PRO X 12 30.00 27.70 36.50
C PRO X 12 29.89 29.03 37.25
N ILE X 13 30.76 29.21 38.23
CA ILE X 13 30.74 30.39 39.08
C ILE X 13 31.73 31.41 38.54
N PHE X 14 31.70 32.63 39.07
CA PHE X 14 32.70 33.61 38.67
C PHE X 14 32.99 34.54 39.85
N GLU X 15 33.64 35.66 39.54
CA GLU X 15 34.17 36.60 40.52
C GLU X 15 34.48 37.91 39.81
N LYS X 16 34.05 39.04 40.36
CA LYS X 16 34.12 40.33 39.65
C LYS X 16 35.14 41.23 40.35
N ILE X 17 36.41 41.07 39.97
CA ILE X 17 37.50 41.78 40.63
C ILE X 17 37.52 43.23 40.16
N SER X 18 37.29 44.15 41.10
CA SER X 18 37.45 45.59 40.89
C SER X 18 38.92 45.99 41.02
N VAL X 19 39.18 47.28 41.17
CA VAL X 19 40.57 47.76 41.27
C VAL X 19 41.22 47.27 42.56
N MET X 20 42.40 46.64 42.41
CA MET X 20 43.25 46.18 43.50
C MET X 20 44.67 45.99 42.96
N PRO X 21 45.37 47.07 42.60
CA PRO X 21 46.62 46.95 41.81
C PRO X 21 47.88 46.86 42.68
N LEU X 22 47.97 45.82 43.51
CA LEU X 22 49.16 45.65 44.33
C LEU X 22 49.42 44.17 44.55
N ILE X 23 50.53 43.87 45.23
CA ILE X 23 50.93 42.50 45.51
C ILE X 23 50.48 42.06 46.91
N GLY X 24 50.16 43.00 47.80
CA GLY X 24 49.78 42.66 49.15
C GLY X 24 48.34 42.23 49.34
N THR X 25 47.67 41.84 48.25
CA THR X 25 46.33 41.30 48.29
C THR X 25 46.41 39.86 47.76
N ILE X 26 46.63 38.91 48.68
CA ILE X 26 46.65 37.50 48.34
C ILE X 26 45.31 36.84 48.58
N ASP X 27 44.33 37.61 49.07
CA ASP X 27 42.98 37.07 49.28
C ASP X 27 42.31 36.69 47.98
N THR X 28 42.63 37.39 46.88
CA THR X 28 42.12 37.00 45.58
C THR X 28 42.69 35.67 45.09
N GLU X 29 43.82 35.25 45.63
CA GLU X 29 44.29 33.88 45.51
C GLU X 29 43.69 32.98 46.59
N ARG X 30 43.59 33.50 47.81
CA ARG X 30 43.16 32.69 48.94
C ARG X 30 41.66 32.41 48.87
N ALA X 31 40.84 33.46 48.93
CA ALA X 31 39.39 33.31 49.02
C ALA X 31 38.78 32.69 47.76
N LYS X 32 39.49 32.76 46.63
CA LYS X 32 39.09 31.97 45.47
C LYS X 32 39.30 30.48 45.74
N LEU X 33 40.47 30.12 46.23
CA LEU X 33 40.79 28.72 46.49
C LEU X 33 39.99 28.16 47.66
N ILE X 34 39.61 29.00 48.63
CA ILE X 34 38.86 28.53 49.79
C ILE X 34 37.47 28.07 49.37
N ILE X 35 36.85 28.75 48.41
CA ILE X 35 35.52 28.35 47.98
C ILE X 35 35.54 27.15 47.05
N GLU X 36 36.72 26.79 46.51
CA GLU X 36 36.78 25.71 45.52
C GLU X 36 36.64 24.33 46.14
N ASN X 37 37.04 24.16 47.40
CA ASN X 37 36.81 22.90 48.09
C ASN X 37 35.68 23.01 49.11
N LEU X 38 35.01 24.17 49.21
CA LEU X 38 33.81 24.28 50.03
C LEU X 38 32.57 23.96 49.20
N LEU X 39 32.33 24.73 48.15
CA LEU X 39 31.40 24.33 47.11
C LEU X 39 32.17 23.79 45.92
N ILE X 40 31.48 23.02 45.08
CA ILE X 40 32.13 22.38 43.93
C ILE X 40 32.05 23.39 42.79
N GLY X 41 33.01 24.31 42.78
CA GLY X 41 33.19 25.16 41.62
C GLY X 41 33.93 24.38 40.56
N VAL X 42 33.39 24.28 39.36
CA VAL X 42 33.99 23.44 38.35
C VAL X 42 34.73 24.29 37.34
N VAL X 43 34.01 25.14 36.62
CA VAL X 43 34.59 26.08 35.67
C VAL X 43 34.36 27.47 36.22
N LYS X 44 35.37 28.31 36.18
CA LYS X 44 35.19 29.63 36.76
C LYS X 44 35.90 30.70 35.95
N ASN X 45 35.29 31.88 35.90
CA ASN X 45 35.83 33.02 35.18
C ASN X 45 36.65 33.90 36.13
N ARG X 46 37.24 34.94 35.56
CA ARG X 46 38.03 35.88 36.34
C ARG X 46 37.52 37.31 36.23
N SER X 47 37.14 37.74 35.01
CA SER X 47 36.32 38.92 34.78
C SER X 47 36.96 40.22 35.26
N GLU X 48 38.30 40.25 35.31
CA GLU X 48 39.02 41.46 35.69
C GLU X 48 39.00 42.45 34.53
N VAL X 49 37.88 43.16 34.43
CA VAL X 49 37.68 44.08 33.31
C VAL X 49 37.92 45.52 33.74
N VAL X 50 37.15 45.99 34.71
CA VAL X 50 37.18 47.39 35.11
C VAL X 50 38.23 47.49 36.21
N LEU X 51 39.50 47.61 35.81
CA LEU X 51 40.57 47.89 36.75
C LEU X 51 41.71 48.54 35.97
N ILE X 52 42.52 49.30 36.71
CA ILE X 52 43.71 49.95 36.16
C ILE X 52 44.82 48.92 36.02
N ASP X 53 45.93 49.32 35.40
CA ASP X 53 47.09 48.48 35.10
C ASP X 53 47.65 47.74 36.32
N ILE X 54 48.35 46.65 36.08
CA ILE X 54 48.71 45.70 37.11
C ILE X 54 50.18 45.92 37.47
N THR X 55 50.58 45.40 38.62
CA THR X 55 51.94 45.54 39.12
C THR X 55 52.91 44.65 38.36
N GLY X 56 54.16 44.63 38.81
CA GLY X 56 55.16 43.77 38.19
C GLY X 56 55.01 42.30 38.51
N VAL X 57 54.13 41.94 39.44
CA VAL X 57 53.90 40.54 39.76
C VAL X 57 52.47 40.14 39.42
N PRO X 58 52.18 39.73 38.19
CA PRO X 58 51.01 38.87 37.94
C PRO X 58 51.34 37.38 37.98
N VAL X 59 52.54 37.03 38.45
CA VAL X 59 52.93 35.63 38.61
C VAL X 59 52.06 34.97 39.67
N VAL X 60 51.64 35.75 40.68
CA VAL X 60 50.55 35.31 41.56
C VAL X 60 49.26 35.12 40.77
N ASP X 61 48.89 36.13 39.97
CA ASP X 61 47.64 36.10 39.22
C ASP X 61 47.70 35.22 37.97
N THR X 62 48.83 34.60 37.66
CA THR X 62 48.89 33.61 36.59
C THR X 62 49.27 32.22 37.06
N MET X 63 49.80 32.06 38.28
CA MET X 63 49.87 30.73 38.87
C MET X 63 48.51 30.29 39.35
N VAL X 64 47.64 31.24 39.71
CA VAL X 64 46.25 30.90 40.00
C VAL X 64 45.45 30.70 38.73
N ALA X 65 46.01 31.07 37.58
CA ALA X 65 45.48 30.58 36.32
C ALA X 65 45.86 29.13 36.07
N HIS X 66 46.84 28.61 36.82
CA HIS X 66 47.18 27.20 36.81
C HIS X 66 46.77 26.47 38.08
N HIS X 67 46.51 27.19 39.18
CA HIS X 67 46.06 26.55 40.42
C HIS X 67 44.69 25.91 40.25
N ILE X 68 43.76 26.62 39.59
CA ILE X 68 42.41 26.12 39.45
C ILE X 68 42.34 25.03 38.39
N ILE X 69 43.37 24.91 37.55
CA ILE X 69 43.42 23.81 36.59
C ILE X 69 43.74 22.50 37.30
N GLN X 70 44.58 22.54 38.33
CA GLN X 70 44.95 21.33 39.05
C GLN X 70 44.13 21.13 40.32
N ALA X 71 43.02 21.84 40.46
CA ALA X 71 42.03 21.56 41.51
C ALA X 71 40.61 21.52 41.00
N SER X 72 40.32 22.06 39.83
CA SER X 72 39.00 22.03 39.21
C SER X 72 39.22 22.05 37.70
N GLU X 73 38.19 22.41 36.95
CA GLU X 73 38.32 22.53 35.50
C GLU X 73 38.85 23.92 35.13
N ALA X 74 38.75 24.27 33.85
CA ALA X 74 39.58 25.32 33.27
C ALA X 74 39.10 26.71 33.69
N VAL X 75 40.02 27.47 34.29
CA VAL X 75 39.77 28.88 34.58
C VAL X 75 39.97 29.71 33.31
N ARG X 76 39.46 30.94 33.33
CA ARG X 76 39.61 31.83 32.19
C ARG X 76 39.66 33.27 32.64
N LEU X 77 40.65 34.02 32.16
CA LEU X 77 40.74 35.44 32.39
C LEU X 77 39.91 36.17 31.34
N VAL X 78 38.96 36.98 31.79
CA VAL X 78 37.95 37.57 30.91
C VAL X 78 38.18 39.07 30.84
N GLY X 79 38.44 39.55 29.63
CA GLY X 79 38.43 40.98 29.36
C GLY X 79 39.59 41.76 29.95
N CYS X 80 40.79 41.55 29.44
CA CYS X 80 41.92 42.36 29.86
C CYS X 80 41.82 43.75 29.23
N GLN X 81 42.66 44.66 29.72
CA GLN X 81 42.77 46.00 29.14
C GLN X 81 43.76 45.97 27.99
N ALA X 82 44.16 47.14 27.50
CA ALA X 82 45.17 47.23 26.46
C ALA X 82 46.55 47.59 27.01
N MET X 83 46.60 48.20 28.20
CA MET X 83 47.89 48.46 28.84
C MET X 83 48.30 47.28 29.72
N LEU X 84 47.32 46.55 30.26
CA LEU X 84 47.62 45.36 31.06
C LEU X 84 48.23 44.24 30.22
N VAL X 85 47.82 44.13 28.95
CA VAL X 85 48.45 43.13 28.09
C VAL X 85 49.79 43.64 27.60
N GLY X 86 49.99 44.96 27.58
CA GLY X 86 51.28 45.54 27.20
C GLY X 86 52.41 45.19 28.14
N ILE X 87 52.09 44.81 29.37
CA ILE X 87 53.08 44.33 30.32
C ILE X 87 53.34 42.86 30.04
N ARG X 88 54.31 42.57 29.18
CA ARG X 88 54.76 41.20 28.92
C ARG X 88 56.27 41.10 29.10
N PRO X 89 56.74 40.90 30.34
CA PRO X 89 58.11 40.43 30.52
C PRO X 89 58.22 39.00 30.03
N GLU X 90 57.27 38.18 30.45
CA GLU X 90 57.19 36.78 30.02
C GLU X 90 56.03 36.58 29.05
N GLN X 104 49.44 27.78 27.17
CA GLN X 104 49.08 28.71 28.24
C GLN X 104 47.64 28.49 28.69
N ILE X 105 46.88 29.57 28.77
CA ILE X 105 45.53 29.54 29.31
C ILE X 105 44.54 30.01 28.25
N ILE X 106 43.27 29.70 28.49
CA ILE X 106 42.19 30.15 27.63
C ILE X 106 41.73 31.52 28.12
N THR X 107 41.15 32.30 27.21
CA THR X 107 40.66 33.63 27.54
C THR X 107 39.59 34.03 26.54
N THR X 108 38.97 35.17 26.79
CA THR X 108 37.91 35.67 25.92
C THR X 108 37.95 37.20 25.96
N ASN X 109 36.88 37.82 25.49
CA ASN X 109 36.82 39.28 25.35
C ASN X 109 35.93 39.96 26.38
N THR X 110 34.77 39.37 26.69
CA THR X 110 33.80 39.98 27.58
C THR X 110 32.94 38.91 28.20
N MET X 111 32.20 39.31 29.25
CA MET X 111 31.49 38.35 30.09
C MET X 111 30.29 37.71 29.42
N LYS X 112 29.79 38.27 28.32
CA LYS X 112 28.71 37.58 27.63
C LYS X 112 29.21 36.36 26.88
N LYS X 113 30.26 36.53 26.07
CA LYS X 113 30.80 35.40 25.32
C LYS X 113 31.68 34.50 26.17
N GLY X 114 32.08 34.95 27.36
CA GLY X 114 32.77 34.05 28.29
C GLY X 114 31.87 32.93 28.76
N MET X 115 30.68 33.28 29.28
CA MET X 115 29.70 32.30 29.72
C MET X 115 29.12 31.51 28.55
N GLU X 116 29.19 32.06 27.33
CA GLU X 116 28.76 31.33 26.14
C GLU X 116 29.64 30.11 25.90
N ARG X 117 30.95 30.24 26.12
CA ARG X 117 31.87 29.12 25.95
C ARG X 117 32.25 28.46 27.26
N ALA X 118 31.90 29.05 28.41
CA ALA X 118 32.07 28.35 29.66
C ALA X 118 31.09 27.19 29.78
N LEU X 119 29.89 27.35 29.21
CA LEU X 119 28.92 26.26 29.17
C LEU X 119 29.29 25.21 28.14
N ALA X 120 30.18 25.52 27.21
CA ALA X 120 30.65 24.53 26.25
C ALA X 120 31.49 23.44 26.92
N LEU X 121 32.07 23.72 28.08
CA LEU X 121 32.71 22.68 28.88
C LEU X 121 31.72 21.89 29.71
N THR X 122 30.45 22.29 29.75
CA THR X 122 29.41 21.54 30.44
C THR X 122 28.23 21.21 29.52
N ASN X 123 28.33 21.57 28.23
CA ASN X 123 27.41 21.16 27.15
C ASN X 123 25.98 21.65 27.43
N ARG X 124 25.84 22.97 27.50
CA ARG X 124 24.55 23.62 27.68
C ARG X 124 24.39 24.72 26.65
N GLU X 125 23.15 25.17 26.47
CA GLU X 125 22.85 26.20 25.48
C GLU X 125 21.59 26.95 25.90
N ILE X 126 21.67 28.29 25.85
CA ILE X 126 20.55 29.16 26.22
C ILE X 126 19.83 29.55 24.93
N VAL X 127 18.89 28.72 24.49
CA VAL X 127 18.05 29.00 23.33
C VAL X 127 16.62 28.59 23.63
N GLU X 128 15.69 29.18 22.88
CA GLU X 128 14.30 28.73 22.82
C GLU X 128 13.68 29.18 21.51
N SER Y 1 -7.97 -56.48 57.85
CA SER Y 1 -7.40 -55.75 56.73
C SER Y 1 -8.48 -55.06 55.90
N ALA Y 2 -8.62 -53.75 56.09
CA ALA Y 2 -9.54 -52.92 55.32
C ALA Y 2 -8.83 -52.19 54.19
N LEU Y 3 -7.81 -52.82 53.60
CA LEU Y 3 -6.89 -52.14 52.70
C LEU Y 3 -7.47 -52.14 51.28
N GLN Y 4 -7.75 -50.96 50.75
CA GLN Y 4 -8.19 -50.81 49.37
C GLN Y 4 -7.35 -49.82 48.59
N GLU Y 5 -6.88 -48.75 49.22
CA GLU Y 5 -5.96 -47.74 48.66
C GLU Y 5 -6.54 -47.07 47.41
N LEU Y 6 -7.65 -46.34 47.59
CA LEU Y 6 -8.27 -45.65 46.48
C LEU Y 6 -7.41 -44.52 45.90
N SER Y 7 -7.22 -43.44 46.68
CA SER Y 7 -6.33 -42.31 46.35
C SER Y 7 -6.70 -41.67 45.00
N ALA Y 8 -7.89 -41.08 44.98
CA ALA Y 8 -8.52 -40.67 43.72
C ALA Y 8 -8.29 -39.21 43.39
N PRO Y 9 -7.60 -38.89 42.28
CA PRO Y 9 -7.61 -37.52 41.74
C PRO Y 9 -8.92 -37.17 41.05
N LEU Y 10 -8.91 -36.06 40.29
CA LEU Y 10 -10.09 -35.29 39.92
C LEU Y 10 -11.23 -36.05 39.22
N LEU Y 11 -11.08 -36.44 37.96
CA LEU Y 11 -11.99 -37.43 37.39
C LEU Y 11 -11.49 -38.87 37.51
N PRO Y 12 -10.22 -39.25 37.10
CA PRO Y 12 -9.90 -40.67 37.14
C PRO Y 12 -9.57 -41.21 38.51
N ILE Y 13 -10.51 -41.93 39.10
CA ILE Y 13 -10.22 -42.79 40.24
C ILE Y 13 -9.32 -43.91 39.74
N PHE Y 14 -8.33 -44.31 40.54
CA PHE Y 14 -7.59 -45.52 40.23
C PHE Y 14 -7.32 -46.27 41.53
N GLU Y 15 -6.37 -47.19 41.47
CA GLU Y 15 -6.18 -48.15 42.54
C GLU Y 15 -4.73 -48.62 42.53
N LYS Y 16 -4.20 -48.92 43.70
CA LYS Y 16 -2.91 -49.58 43.83
C LYS Y 16 -3.10 -50.85 44.63
N ILE Y 17 -2.69 -51.99 44.07
CA ILE Y 17 -3.05 -53.29 44.62
C ILE Y 17 -1.80 -54.17 44.70
N SER Y 18 -1.46 -54.58 45.93
CA SER Y 18 -0.38 -55.51 46.20
C SER Y 18 -0.95 -56.94 46.14
N VAL Y 19 -0.22 -57.91 46.69
CA VAL Y 19 -0.73 -59.28 46.70
C VAL Y 19 -1.88 -59.39 47.68
N MET Y 20 -3.06 -59.77 47.16
CA MET Y 20 -4.27 -59.99 47.96
C MET Y 20 -4.85 -61.32 47.52
N PRO Y 21 -4.24 -62.44 47.93
CA PRO Y 21 -4.50 -63.73 47.30
C PRO Y 21 -5.61 -64.57 47.94
N LEU Y 22 -6.81 -63.99 48.06
CA LEU Y 22 -7.95 -64.76 48.56
C LEU Y 22 -9.25 -64.13 48.08
N ILE Y 23 -10.25 -64.99 47.88
CA ILE Y 23 -11.59 -64.54 47.53
C ILE Y 23 -12.29 -63.91 48.72
N GLY Y 24 -11.80 -64.14 49.94
CA GLY Y 24 -12.26 -63.41 51.11
C GLY Y 24 -11.98 -61.93 51.05
N THR Y 25 -11.00 -61.51 50.26
CA THR Y 25 -10.81 -60.10 49.92
C THR Y 25 -11.58 -59.76 48.64
N ILE Y 26 -12.90 -59.94 48.73
CA ILE Y 26 -13.81 -59.54 47.66
C ILE Y 26 -14.22 -58.08 47.82
N ASP Y 27 -13.80 -57.43 48.91
CA ASP Y 27 -14.21 -56.06 49.19
C ASP Y 27 -13.51 -55.03 48.32
N THR Y 28 -12.48 -55.43 47.56
CA THR Y 28 -11.91 -54.55 46.55
C THR Y 28 -12.81 -54.43 45.32
N GLU Y 29 -13.82 -55.29 45.20
CA GLU Y 29 -14.89 -55.14 44.23
C GLU Y 29 -16.03 -54.32 44.80
N ARG Y 30 -16.37 -54.56 46.07
CA ARG Y 30 -17.52 -53.90 46.69
C ARG Y 30 -17.27 -52.42 46.91
N ALA Y 31 -16.14 -52.08 47.54
CA ALA Y 31 -15.84 -50.68 47.81
C ALA Y 31 -15.52 -49.89 46.56
N LYS Y 32 -15.07 -50.56 45.49
CA LYS Y 32 -14.77 -49.87 44.25
C LYS Y 32 -16.04 -49.47 43.50
N LEU Y 33 -17.05 -50.34 43.51
CA LEU Y 33 -18.31 -50.03 42.84
C LEU Y 33 -19.11 -48.99 43.59
N ILE Y 34 -19.08 -49.01 44.92
CA ILE Y 34 -19.84 -48.06 45.71
C ILE Y 34 -19.21 -46.66 45.60
N ILE Y 35 -17.88 -46.59 45.50
CA ILE Y 35 -17.22 -45.29 45.36
C ILE Y 35 -17.38 -44.70 43.96
N GLU Y 36 -17.85 -45.49 43.00
CA GLU Y 36 -17.90 -45.01 41.62
C GLU Y 36 -18.97 -43.96 41.39
N ASN Y 37 -20.04 -43.97 42.18
CA ASN Y 37 -21.05 -42.92 42.08
C ASN Y 37 -21.05 -41.98 43.29
N LEU Y 38 -20.17 -42.20 44.26
CA LEU Y 38 -20.00 -41.21 45.32
C LEU Y 38 -19.24 -39.99 44.84
N LEU Y 39 -18.46 -40.13 43.77
CA LEU Y 39 -17.93 -38.98 43.05
C LEU Y 39 -18.13 -39.23 41.55
N ILE Y 40 -18.38 -38.16 40.81
CA ILE Y 40 -18.64 -38.28 39.38
C ILE Y 40 -17.30 -38.37 38.67
N GLY Y 41 -16.81 -39.60 38.47
CA GLY Y 41 -15.53 -39.82 37.82
C GLY Y 41 -15.55 -40.92 36.80
N VAL Y 42 -15.19 -40.62 35.55
CA VAL Y 42 -15.26 -41.62 34.49
C VAL Y 42 -13.91 -41.82 33.79
N VAL Y 43 -13.04 -42.62 34.42
CA VAL Y 43 -11.92 -43.43 33.93
C VAL Y 43 -11.47 -44.21 35.16
N LYS Y 44 -11.10 -45.48 35.02
CA LYS Y 44 -10.57 -46.20 36.17
C LYS Y 44 -9.36 -47.04 35.80
N ASN Y 45 -8.17 -46.55 36.15
CA ASN Y 45 -6.97 -47.37 36.03
C ASN Y 45 -6.91 -48.37 37.17
N ARG Y 46 -6.13 -49.42 36.99
CA ARG Y 46 -6.15 -50.52 37.93
C ARG Y 46 -4.81 -50.76 38.62
N SER Y 47 -3.72 -50.81 37.86
CA SER Y 47 -2.34 -50.85 38.36
C SER Y 47 -2.07 -52.08 39.25
N GLU Y 48 -2.16 -53.25 38.64
CA GLU Y 48 -1.73 -54.49 39.30
C GLU Y 48 -0.30 -54.82 38.92
N VAL Y 49 0.61 -53.89 39.22
CA VAL Y 49 1.99 -54.04 38.79
C VAL Y 49 2.71 -55.07 39.65
N VAL Y 50 2.46 -55.08 40.96
CA VAL Y 50 3.07 -56.09 41.82
C VAL Y 50 1.98 -57.03 42.29
N LEU Y 51 1.75 -58.09 41.52
CA LEU Y 51 0.76 -59.10 41.86
C LEU Y 51 1.12 -60.36 41.08
N ILE Y 52 1.60 -61.39 41.77
CA ILE Y 52 1.86 -62.68 41.15
C ILE Y 52 1.74 -63.76 42.21
N ASP Y 53 1.06 -64.86 41.89
CA ASP Y 53 0.13 -64.95 40.76
C ASP Y 53 -1.29 -65.16 41.28
N ILE Y 54 -2.24 -65.33 40.37
CA ILE Y 54 -3.62 -65.65 40.75
C ILE Y 54 -4.09 -66.82 39.90
N THR Y 55 -4.91 -67.67 40.50
CA THR Y 55 -5.34 -68.91 39.87
C THR Y 55 -6.84 -68.93 39.59
N GLY Y 56 -7.66 -68.71 40.60
CA GLY Y 56 -9.09 -68.90 40.44
C GLY Y 56 -9.90 -67.65 40.73
N VAL Y 57 -9.23 -66.51 40.82
CA VAL Y 57 -9.96 -65.25 40.95
C VAL Y 57 -9.60 -64.26 39.83
N PRO Y 58 -9.94 -64.54 38.54
CA PRO Y 58 -10.24 -63.42 37.65
C PRO Y 58 -11.74 -63.19 37.53
N VAL Y 59 -12.52 -64.12 38.10
CA VAL Y 59 -13.98 -64.03 38.05
C VAL Y 59 -14.45 -62.82 38.86
N VAL Y 60 -13.73 -62.49 39.93
CA VAL Y 60 -13.95 -61.20 40.57
C VAL Y 60 -13.21 -60.11 39.80
N ASP Y 61 -11.98 -60.39 39.36
CA ASP Y 61 -11.09 -59.35 38.86
C ASP Y 61 -11.47 -58.85 37.47
N THR Y 62 -11.73 -59.76 36.53
CA THR Y 62 -12.04 -59.33 35.17
C THR Y 62 -13.47 -58.82 35.06
N MET Y 63 -14.41 -59.43 35.78
CA MET Y 63 -15.79 -59.00 35.73
C MET Y 63 -16.00 -57.64 36.38
N VAL Y 64 -15.19 -57.29 37.39
CA VAL Y 64 -15.28 -55.94 37.94
C VAL Y 64 -14.56 -54.96 37.03
N ALA Y 65 -13.71 -55.44 36.11
CA ALA Y 65 -13.21 -54.64 35.01
C ALA Y 65 -14.12 -54.73 33.80
N HIS Y 66 -15.29 -55.32 33.95
CA HIS Y 66 -16.30 -55.38 32.90
C HIS Y 66 -17.57 -54.63 33.27
N HIS Y 67 -17.97 -54.65 34.53
CA HIS Y 67 -19.20 -54.03 34.96
C HIS Y 67 -19.00 -52.61 35.49
N ILE Y 68 -17.82 -52.04 35.30
CA ILE Y 68 -17.66 -50.60 35.44
C ILE Y 68 -18.13 -49.90 34.17
N ILE Y 69 -17.97 -50.57 33.02
CA ILE Y 69 -18.34 -50.01 31.72
C ILE Y 69 -19.83 -49.74 31.59
N GLN Y 70 -20.66 -50.44 32.37
CA GLN Y 70 -22.08 -50.15 32.40
C GLN Y 70 -22.43 -49.07 33.43
N ALA Y 71 -21.43 -48.44 34.04
CA ALA Y 71 -21.68 -47.32 34.94
C ALA Y 71 -20.74 -46.14 34.73
N SER Y 72 -19.67 -46.29 33.96
CA SER Y 72 -18.70 -45.21 33.78
C SER Y 72 -17.94 -45.46 32.48
N GLU Y 73 -16.83 -44.74 32.30
CA GLU Y 73 -15.92 -44.99 31.20
C GLU Y 73 -15.17 -46.31 31.43
N ALA Y 74 -14.56 -46.81 30.36
CA ALA Y 74 -13.85 -48.08 30.37
C ALA Y 74 -12.63 -48.02 31.29
N VAL Y 75 -12.11 -49.21 31.61
CA VAL Y 75 -11.05 -49.34 32.58
C VAL Y 75 -9.78 -49.80 31.86
N ARG Y 76 -8.69 -49.92 32.60
CA ARG Y 76 -7.46 -50.41 32.00
C ARG Y 76 -6.65 -51.15 33.06
N LEU Y 77 -6.37 -52.42 32.79
CA LEU Y 77 -5.50 -53.20 33.67
C LEU Y 77 -4.06 -52.89 33.31
N VAL Y 78 -3.29 -52.44 34.29
CA VAL Y 78 -1.99 -51.83 34.05
C VAL Y 78 -0.92 -52.76 34.58
N GLY Y 79 -0.10 -53.27 33.67
CA GLY Y 79 1.10 -54.01 34.04
C GLY Y 79 0.86 -55.43 34.48
N CYS Y 80 0.15 -56.20 33.65
CA CYS Y 80 0.03 -57.63 33.90
C CYS Y 80 1.39 -58.29 33.69
N GLN Y 81 1.86 -59.02 34.71
CA GLN Y 81 3.22 -59.52 34.71
C GLN Y 81 3.40 -60.67 33.73
N ALA Y 82 4.66 -61.06 33.52
CA ALA Y 82 4.98 -62.09 32.54
C ALA Y 82 4.52 -63.47 32.99
N MET Y 83 4.37 -63.67 34.30
CA MET Y 83 3.85 -64.92 34.84
C MET Y 83 2.34 -64.88 35.04
N LEU Y 84 1.65 -64.01 34.29
CA LEU Y 84 0.22 -63.83 34.41
C LEU Y 84 -0.52 -63.97 33.08
N VAL Y 85 0.16 -63.70 31.97
CA VAL Y 85 -0.47 -63.78 30.66
C VAL Y 85 -0.66 -65.24 30.24
N GLY Y 86 0.23 -66.12 30.70
CA GLY Y 86 0.06 -67.55 30.43
C GLY Y 86 -1.17 -68.14 31.07
N ILE Y 87 -1.57 -67.63 32.24
CA ILE Y 87 -2.79 -68.11 32.91
C ILE Y 87 -3.92 -67.21 32.41
N ARG Y 88 -4.41 -67.53 31.23
CA ARG Y 88 -5.62 -66.92 30.65
C ARG Y 88 -6.38 -67.97 29.88
N PRO Y 89 -7.14 -68.83 30.57
CA PRO Y 89 -7.88 -69.88 29.86
C PRO Y 89 -9.14 -69.38 29.15
N GLU Y 90 -9.52 -68.12 29.34
CA GLU Y 90 -10.71 -67.59 28.69
C GLU Y 90 -10.38 -66.43 27.77
N GLN Y 104 -11.66 -56.94 23.62
CA GLN Y 104 -11.95 -57.07 25.04
C GLN Y 104 -12.05 -55.68 25.67
N ILE Y 105 -10.97 -55.23 26.32
CA ILE Y 105 -10.88 -53.92 26.96
C ILE Y 105 -9.62 -53.24 26.46
N ILE Y 106 -9.36 -52.06 27.01
CA ILE Y 106 -8.10 -51.38 26.77
C ILE Y 106 -7.19 -51.65 27.95
N THR Y 107 -5.89 -51.57 27.71
CA THR Y 107 -4.88 -51.86 28.72
C THR Y 107 -3.58 -51.19 28.30
N THR Y 108 -2.56 -51.33 29.14
CA THR Y 108 -1.29 -50.65 28.93
C THR Y 108 -0.18 -51.41 29.66
N ASN Y 109 0.97 -50.78 29.81
CA ASN Y 109 2.15 -51.41 30.39
C ASN Y 109 2.58 -50.74 31.69
N THR Y 110 2.79 -49.44 31.70
CA THR Y 110 3.26 -48.73 32.88
C THR Y 110 2.16 -47.81 33.40
N MET Y 111 2.29 -47.44 34.68
CA MET Y 111 1.23 -46.71 35.37
C MET Y 111 1.12 -45.27 34.86
N LYS Y 112 2.26 -44.61 34.66
CA LYS Y 112 2.21 -43.21 34.24
C LYS Y 112 1.81 -43.04 32.78
N LYS Y 113 1.94 -44.08 31.96
CA LYS Y 113 1.55 -43.97 30.56
C LYS Y 113 0.13 -44.43 30.30
N GLY Y 114 -0.45 -45.22 31.21
CA GLY Y 114 -1.88 -45.44 31.16
C GLY Y 114 -2.66 -44.20 31.54
N MET Y 115 -2.13 -43.40 32.48
CA MET Y 115 -2.74 -42.13 32.84
C MET Y 115 -2.68 -41.14 31.69
N GLU Y 116 -1.59 -41.18 30.91
CA GLU Y 116 -1.48 -40.34 29.72
C GLU Y 116 -2.48 -40.77 28.66
N ARG Y 117 -2.79 -42.06 28.58
CA ARG Y 117 -3.84 -42.52 27.69
C ARG Y 117 -5.23 -42.29 28.27
N ALA Y 118 -5.31 -42.06 29.58
CA ALA Y 118 -6.61 -41.95 30.25
C ALA Y 118 -7.33 -40.66 29.88
N LEU Y 119 -6.61 -39.55 29.81
CA LEU Y 119 -7.23 -38.28 29.48
C LEU Y 119 -7.62 -38.21 28.01
N ALA Y 120 -6.92 -38.94 27.15
CA ALA Y 120 -7.17 -38.88 25.71
C ALA Y 120 -8.54 -39.44 25.34
N LEU Y 121 -9.02 -40.43 26.09
CA LEU Y 121 -10.34 -40.96 25.85
C LEU Y 121 -11.44 -40.06 26.36
N THR Y 122 -11.15 -39.18 27.33
CA THR Y 122 -12.15 -38.34 27.96
C THR Y 122 -11.85 -36.86 27.76
N ASN Y 123 -11.42 -36.49 26.54
CA ASN Y 123 -11.40 -35.12 26.03
C ASN Y 123 -10.48 -34.20 26.82
N ARG Y 124 -9.31 -34.70 27.18
CA ARG Y 124 -8.31 -33.89 27.88
C ARG Y 124 -6.92 -34.27 27.41
N GLU Y 125 -6.00 -33.30 27.50
CA GLU Y 125 -4.60 -33.52 27.20
C GLU Y 125 -3.76 -32.70 28.17
N ILE Y 126 -2.44 -32.89 28.12
CA ILE Y 126 -1.52 -32.10 28.91
C ILE Y 126 -0.65 -31.27 27.98
N VAL Y 127 -0.11 -30.18 28.52
CA VAL Y 127 0.80 -29.29 27.81
C VAL Y 127 2.01 -29.07 28.70
N GLU Y 128 3.16 -29.60 28.29
CA GLU Y 128 4.46 -29.49 28.99
C GLU Y 128 4.41 -29.96 30.45
N SER Z 1 53.17 58.78 8.55
CA SER Z 1 52.64 59.76 9.49
C SER Z 1 51.76 59.10 10.55
N ALA Z 2 50.45 59.27 10.41
CA ALA Z 2 49.47 58.69 11.34
C ALA Z 2 48.40 57.98 10.54
N LEU Z 3 48.65 56.71 10.18
CA LEU Z 3 47.70 55.90 9.44
C LEU Z 3 48.09 54.43 9.57
N GLN Z 4 47.12 53.58 9.94
CA GLN Z 4 47.34 52.15 10.00
C GLN Z 4 46.18 51.29 9.51
N GLU Z 5 45.07 51.89 9.06
CA GLU Z 5 44.04 51.26 8.23
C GLU Z 5 43.37 50.06 8.91
N LEU Z 6 42.62 50.36 9.97
CA LEU Z 6 42.02 49.34 10.84
C LEU Z 6 40.52 49.13 10.60
N SER Z 7 40.03 49.06 9.36
CA SER Z 7 38.60 48.86 9.18
C SER Z 7 38.22 47.39 9.36
N ALA Z 8 36.94 47.07 9.16
CA ALA Z 8 36.35 45.83 9.65
C ALA Z 8 35.41 45.22 8.61
N PRO Z 9 35.83 44.14 7.93
CA PRO Z 9 34.96 43.56 6.88
C PRO Z 9 33.66 42.95 7.36
N LEU Z 10 33.63 41.88 8.16
CA LEU Z 10 32.33 41.52 8.72
C LEU Z 10 32.33 41.41 10.25
N LEU Z 11 32.87 40.30 10.76
CA LEU Z 11 33.40 40.14 12.12
C LEU Z 11 34.90 40.40 12.24
N PRO Z 12 35.82 39.79 11.39
CA PRO Z 12 37.25 39.96 11.67
C PRO Z 12 37.76 41.34 11.34
N ILE Z 13 39.04 41.58 11.61
CA ILE Z 13 39.65 42.88 11.41
C ILE Z 13 40.79 42.66 10.43
N PHE Z 14 40.61 43.08 9.18
CA PHE Z 14 41.77 43.15 8.31
C PHE Z 14 42.65 44.32 8.74
N GLU Z 15 43.92 44.25 8.36
CA GLU Z 15 44.86 45.31 8.69
C GLU Z 15 45.92 45.33 7.61
N LYS Z 16 46.23 46.53 7.13
CA LYS Z 16 47.16 46.72 6.02
C LYS Z 16 48.44 47.33 6.54
N ILE Z 17 49.57 46.78 6.11
CA ILE Z 17 50.88 47.33 6.44
C ILE Z 17 51.57 47.64 5.12
N SER Z 18 51.91 48.91 4.91
CA SER Z 18 52.73 49.36 3.79
C SER Z 18 54.20 49.18 4.13
N VAL Z 19 55.09 49.82 3.38
CA VAL Z 19 56.50 49.81 3.75
C VAL Z 19 56.67 50.55 5.09
N MET Z 20 57.55 50.01 5.93
CA MET Z 20 57.73 50.51 7.30
C MET Z 20 59.21 50.39 7.64
N PRO Z 21 60.03 51.36 7.21
CA PRO Z 21 61.48 51.32 7.43
C PRO Z 21 61.93 52.01 8.71
N LEU Z 22 61.35 51.61 9.85
CA LEU Z 22 61.67 52.27 11.11
C LEU Z 22 61.36 51.34 12.27
N ILE Z 23 61.84 51.72 13.44
CA ILE Z 23 61.55 51.01 14.69
C ILE Z 23 60.54 51.77 15.54
N GLY Z 24 60.37 53.08 15.32
CA GLY Z 24 59.50 53.90 16.13
C GLY Z 24 58.02 53.63 15.97
N THR Z 25 57.66 52.81 14.99
CA THR Z 25 56.28 52.33 14.86
C THR Z 25 56.02 51.16 15.82
N ILE Z 26 55.94 51.52 17.09
CA ILE Z 26 55.28 50.66 18.08
C ILE Z 26 53.78 50.91 18.08
N ASP Z 27 53.33 51.93 17.34
CA ASP Z 27 51.91 52.24 17.26
C ASP Z 27 51.14 51.18 16.49
N THR Z 28 51.80 50.44 15.59
CA THR Z 28 51.13 49.31 14.94
C THR Z 28 50.80 48.19 15.92
N GLU Z 29 51.41 48.18 17.10
CA GLU Z 29 50.88 47.39 18.21
C GLU Z 29 49.82 48.18 18.97
N ARG Z 30 50.09 49.45 19.27
CA ARG Z 30 49.23 50.18 20.20
C ARG Z 30 47.96 50.69 19.55
N ALA Z 31 48.04 51.23 18.33
CA ALA Z 31 46.86 51.74 17.64
C ALA Z 31 46.10 50.65 16.90
N LYS Z 32 46.31 49.39 17.27
CA LYS Z 32 45.50 48.27 16.82
C LYS Z 32 44.84 47.55 17.99
N LEU Z 33 45.60 47.28 19.06
CA LEU Z 33 45.04 46.69 20.28
C LEU Z 33 44.03 47.59 20.94
N ILE Z 34 44.22 48.91 20.85
CA ILE Z 34 43.21 49.86 21.32
C ILE Z 34 41.93 49.70 20.53
N ILE Z 35 42.05 49.51 19.21
CA ILE Z 35 40.88 49.28 18.38
C ILE Z 35 40.29 47.90 18.59
N GLU Z 36 41.09 46.96 19.13
CA GLU Z 36 40.66 45.56 19.19
C GLU Z 36 39.57 45.35 20.24
N ASN Z 37 39.77 45.87 21.44
CA ASN Z 37 38.70 45.85 22.43
C ASN Z 37 37.71 46.99 22.25
N LEU Z 38 37.96 47.91 21.30
CA LEU Z 38 37.02 48.98 21.04
C LEU Z 38 35.75 48.44 20.39
N LEU Z 39 35.88 47.82 19.22
CA LEU Z 39 34.75 47.10 18.64
C LEU Z 39 34.85 45.63 19.06
N ILE Z 40 34.05 44.78 18.43
CA ILE Z 40 33.99 43.36 18.78
C ILE Z 40 35.25 42.67 18.29
N GLY Z 41 36.13 42.32 19.22
CA GLY Z 41 37.38 41.65 18.88
C GLY Z 41 37.20 40.23 18.39
N VAL Z 42 37.50 40.02 17.11
CA VAL Z 42 37.39 38.72 16.46
C VAL Z 42 38.81 38.54 15.89
N VAL Z 43 39.06 37.48 15.10
CA VAL Z 43 40.40 37.23 14.53
C VAL Z 43 40.85 38.38 13.62
N LYS Z 44 42.15 38.41 13.35
CA LYS Z 44 42.75 39.59 12.75
C LYS Z 44 43.87 39.17 11.82
N ASN Z 45 44.07 39.95 10.76
CA ASN Z 45 45.05 39.65 9.72
C ASN Z 45 46.16 40.70 9.73
N ARG Z 46 47.24 40.38 9.03
CA ARG Z 46 48.40 41.28 8.97
C ARG Z 46 48.69 41.80 7.58
N SER Z 47 48.57 40.94 6.56
CA SER Z 47 48.63 41.32 5.13
C SER Z 47 49.95 41.99 4.75
N GLU Z 48 51.04 41.57 5.39
CA GLU Z 48 52.33 42.21 5.18
C GLU Z 48 53.06 41.67 3.96
N VAL Z 49 52.40 41.67 2.80
CA VAL Z 49 53.03 41.12 1.60
C VAL Z 49 53.96 42.16 0.96
N VAL Z 50 53.68 43.45 1.13
CA VAL Z 50 54.53 44.47 0.53
C VAL Z 50 55.70 44.84 1.45
N LEU Z 51 55.66 44.44 2.72
CA LEU Z 51 56.73 44.78 3.66
C LEU Z 51 57.95 43.91 3.37
N ILE Z 52 59.02 44.54 2.87
CA ILE Z 52 60.31 43.88 2.77
C ILE Z 52 61.41 44.94 2.87
N ASP Z 53 62.33 44.78 3.83
CA ASP Z 53 62.27 43.75 4.87
C ASP Z 53 62.50 44.39 6.24
N ILE Z 54 61.98 43.77 7.28
CA ILE Z 54 62.20 44.28 8.63
C ILE Z 54 63.53 43.80 9.16
N THR Z 55 64.06 44.52 10.14
CA THR Z 55 65.33 44.17 10.78
C THR Z 55 65.09 43.12 11.86
N GLY Z 56 66.09 42.88 12.70
CA GLY Z 56 65.96 41.89 13.75
C GLY Z 56 65.11 42.31 14.93
N VAL Z 57 63.85 42.66 14.68
CA VAL Z 57 62.90 43.01 15.73
C VAL Z 57 61.57 42.27 15.53
N PRO Z 58 61.48 41.01 15.94
CA PRO Z 58 60.16 40.36 16.02
C PRO Z 58 59.40 40.73 17.28
N VAL Z 59 60.04 41.42 18.22
CA VAL Z 59 59.40 41.92 19.43
C VAL Z 59 58.27 42.88 19.09
N VAL Z 60 58.43 43.66 18.03
CA VAL Z 60 57.34 44.54 17.60
C VAL Z 60 56.26 43.76 16.88
N ASP Z 61 56.60 42.64 16.23
CA ASP Z 61 55.69 42.02 15.28
C ASP Z 61 55.24 40.61 15.65
N THR Z 62 55.95 39.89 16.52
CA THR Z 62 55.50 38.57 16.93
C THR Z 62 55.05 38.51 18.38
N MET Z 63 55.53 39.43 19.23
CA MET Z 63 54.92 39.59 20.55
C MET Z 63 53.50 40.11 20.42
N VAL Z 64 53.26 40.97 19.43
CA VAL Z 64 51.91 41.45 19.15
C VAL Z 64 51.03 40.36 18.57
N ALA Z 65 51.62 39.29 18.03
CA ALA Z 65 50.85 38.14 17.62
C ALA Z 65 50.33 37.35 18.82
N HIS Z 66 50.97 37.49 19.99
CA HIS Z 66 50.43 36.95 21.22
C HIS Z 66 49.69 38.00 22.04
N HIS Z 67 49.68 39.25 21.60
CA HIS Z 67 48.91 40.28 22.29
C HIS Z 67 47.42 40.08 22.07
N ILE Z 68 47.02 39.82 20.82
CA ILE Z 68 45.61 39.70 20.50
C ILE Z 68 45.07 38.35 20.99
N ILE Z 69 45.94 37.34 21.12
CA ILE Z 69 45.52 36.01 21.58
C ILE Z 69 45.03 36.08 23.02
N GLN Z 70 45.81 36.72 23.89
CA GLN Z 70 45.35 36.89 25.25
C GLN Z 70 44.29 37.98 25.36
N ALA Z 71 44.19 38.89 24.39
CA ALA Z 71 43.16 39.91 24.47
C ALA Z 71 41.81 39.40 24.01
N SER Z 72 41.67 39.09 22.73
CA SER Z 72 40.39 38.53 22.28
C SER Z 72 40.48 37.20 21.55
N GLU Z 73 41.18 37.15 20.41
CA GLU Z 73 41.07 36.02 19.50
C GLU Z 73 42.39 35.83 18.76
N ALA Z 74 42.39 34.89 17.82
CA ALA Z 74 43.61 34.45 17.14
C ALA Z 74 44.03 35.48 16.09
N VAL Z 75 45.11 35.14 15.38
CA VAL Z 75 45.69 36.03 14.37
C VAL Z 75 46.40 35.17 13.33
N ARG Z 76 46.25 35.53 12.06
CA ARG Z 76 46.90 34.86 10.96
C ARG Z 76 47.78 35.83 10.20
N LEU Z 77 49.09 35.59 10.21
CA LEU Z 77 50.00 36.37 9.39
C LEU Z 77 49.79 36.05 7.92
N VAL Z 78 49.58 37.07 7.12
CA VAL Z 78 49.18 36.92 5.73
C VAL Z 78 50.26 37.51 4.84
N GLY Z 79 50.79 36.69 3.93
CA GLY Z 79 51.75 37.17 2.97
C GLY Z 79 53.12 37.36 3.55
N CYS Z 80 53.65 36.33 4.19
CA CYS Z 80 55.01 36.38 4.68
C CYS Z 80 55.98 36.33 3.50
N GLN Z 81 56.81 37.36 3.38
CA GLN Z 81 57.68 37.52 2.23
C GLN Z 81 58.78 36.45 2.24
N ALA Z 82 59.31 36.14 1.05
CA ALA Z 82 60.24 35.03 0.89
C ALA Z 82 61.57 35.29 1.58
N MET Z 83 62.18 36.44 1.30
CA MET Z 83 63.47 36.76 1.92
C MET Z 83 63.31 37.24 3.35
N LEU Z 84 62.13 37.77 3.70
CA LEU Z 84 61.89 38.23 5.06
C LEU Z 84 61.90 37.08 6.06
N VAL Z 85 61.29 35.95 5.70
CA VAL Z 85 61.28 34.81 6.60
C VAL Z 85 62.57 34.00 6.59
N GLY Z 86 63.51 34.35 5.70
CA GLY Z 86 64.84 33.79 5.79
C GLY Z 86 65.56 34.25 7.04
N ILE Z 87 65.22 35.43 7.55
CA ILE Z 87 65.74 35.93 8.81
C ILE Z 87 65.00 35.20 9.92
N ARG Z 88 65.63 34.17 10.49
CA ARG Z 88 65.08 33.43 11.62
C ARG Z 88 66.15 33.15 12.66
N PRO Z 89 66.45 34.11 13.54
CA PRO Z 89 67.21 33.79 14.74
C PRO Z 89 66.38 32.92 15.67
N GLU Z 90 65.15 33.35 15.91
CA GLU Z 90 64.20 32.59 16.71
C GLU Z 90 63.28 31.78 15.81
N GLN Z 104 54.08 27.07 17.17
CA GLN Z 104 54.25 28.52 17.31
C GLN Z 104 52.91 29.23 17.12
N ILE Z 105 52.76 29.95 16.02
CA ILE Z 105 51.57 30.72 15.70
C ILE Z 105 51.00 30.23 14.38
N ILE Z 106 49.76 30.62 14.10
CA ILE Z 106 49.03 30.17 12.92
C ILE Z 106 49.14 31.23 11.84
N THR Z 107 49.48 30.80 10.62
CA THR Z 107 49.67 31.69 9.48
C THR Z 107 49.02 31.09 8.25
N THR Z 108 49.18 31.79 7.12
CA THR Z 108 48.65 31.36 5.84
C THR Z 108 49.49 32.00 4.75
N ASN Z 109 48.99 31.96 3.51
CA ASN Z 109 49.76 32.40 2.36
C ASN Z 109 49.32 33.76 1.82
N THR Z 110 48.02 33.98 1.64
CA THR Z 110 47.55 35.18 0.99
C THR Z 110 46.13 35.51 1.46
N MET Z 111 45.72 36.75 1.17
CA MET Z 111 44.49 37.30 1.74
C MET Z 111 43.24 36.65 1.17
N LYS Z 112 43.31 36.11 -0.04
CA LYS Z 112 42.14 35.50 -0.66
C LYS Z 112 41.74 34.19 0.03
N LYS Z 113 42.69 33.53 0.71
CA LYS Z 113 42.39 32.32 1.46
C LYS Z 113 42.62 32.47 2.95
N GLY Z 114 43.39 33.47 3.39
CA GLY Z 114 43.48 33.78 4.80
C GLY Z 114 42.16 34.27 5.37
N MET Z 115 41.40 35.00 4.56
CA MET Z 115 40.03 35.37 4.95
C MET Z 115 39.14 34.14 5.05
N GLU Z 116 39.38 33.15 4.18
CA GLU Z 116 38.62 31.90 4.25
C GLU Z 116 39.01 31.10 5.49
N ARG Z 117 40.28 31.19 5.91
CA ARG Z 117 40.67 30.58 7.18
C ARG Z 117 40.06 31.32 8.36
N ALA Z 118 39.85 32.63 8.23
CA ALA Z 118 39.17 33.38 9.28
C ALA Z 118 37.70 33.01 9.35
N LEU Z 119 37.08 32.69 8.21
CA LEU Z 119 35.72 32.19 8.21
C LEU Z 119 35.66 30.68 8.43
N ALA Z 120 36.81 30.02 8.55
CA ALA Z 120 36.86 28.62 8.94
C ALA Z 120 36.83 28.43 10.45
N LEU Z 121 36.77 29.51 11.22
CA LEU Z 121 36.62 29.48 12.66
C LEU Z 121 35.29 30.10 13.08
N THR Z 122 34.25 29.84 12.27
CA THR Z 122 32.92 30.39 12.53
C THR Z 122 31.83 29.33 12.45
N ASN Z 123 32.16 28.06 12.71
CA ASN Z 123 31.27 26.94 13.03
C ASN Z 123 30.39 26.48 11.87
N ARG Z 124 30.46 27.09 10.69
CA ARG Z 124 29.67 26.63 9.55
C ARG Z 124 30.52 26.76 8.30
N GLU Z 125 29.91 26.54 7.14
CA GLU Z 125 30.57 26.66 5.85
C GLU Z 125 30.09 27.94 5.15
N ILE Z 126 31.03 28.68 4.58
CA ILE Z 126 30.78 30.03 4.10
C ILE Z 126 31.31 30.15 2.68
N VAL Z 127 30.47 30.63 1.77
CA VAL Z 127 30.79 30.68 0.35
C VAL Z 127 31.63 31.92 0.07
N GLU Z 128 32.81 31.72 -0.52
CA GLU Z 128 33.57 32.78 -1.20
C GLU Z 128 34.50 32.16 -2.24
N SER AA 1 -79.81 -12.42 10.14
CA SER AA 1 -79.35 -13.70 10.66
C SER AA 1 -78.40 -14.39 9.68
N ALA AA 2 -77.67 -13.58 8.92
CA ALA AA 2 -76.68 -14.07 7.98
C ALA AA 2 -75.31 -13.50 8.34
N LEU AA 3 -74.28 -14.30 8.08
CA LEU AA 3 -72.91 -13.91 8.47
C LEU AA 3 -71.91 -14.67 7.61
N GLN AA 4 -71.08 -13.92 6.86
CA GLN AA 4 -69.91 -14.43 6.16
C GLN AA 4 -68.81 -13.38 6.37
N GLU AA 5 -68.03 -13.54 7.42
CA GLU AA 5 -67.17 -12.46 7.88
C GLU AA 5 -65.88 -12.41 7.07
N LEU AA 6 -65.14 -11.31 7.25
CA LEU AA 6 -63.89 -11.07 6.55
C LEU AA 6 -62.88 -10.51 7.54
N SER AA 7 -61.74 -10.05 7.02
CA SER AA 7 -60.68 -9.43 7.79
C SER AA 7 -59.83 -8.59 6.83
N ALA AA 8 -58.69 -8.09 7.31
CA ALA AA 8 -57.84 -7.21 6.52
C ALA AA 8 -56.41 -7.14 7.02
N PRO AA 9 -55.53 -8.14 6.71
CA PRO AA 9 -54.10 -8.02 7.06
C PRO AA 9 -53.30 -7.15 6.10
N LEU AA 10 -53.77 -5.92 5.91
CA LEU AA 10 -53.17 -4.65 5.49
C LEU AA 10 -52.75 -4.46 4.04
N LEU AA 11 -52.38 -5.51 3.30
CA LEU AA 11 -52.63 -5.39 1.87
C LEU AA 11 -53.79 -6.28 1.38
N PRO AA 12 -53.82 -7.59 1.63
CA PRO AA 12 -54.90 -8.39 1.05
C PRO AA 12 -56.12 -8.45 1.95
N ILE AA 13 -57.24 -8.82 1.34
CA ILE AA 13 -58.49 -8.99 2.07
C ILE AA 13 -58.86 -10.46 2.00
N PHE AA 14 -58.46 -11.25 2.98
CA PHE AA 14 -58.82 -12.66 2.91
C PHE AA 14 -60.19 -12.85 3.53
N GLU AA 15 -60.80 -13.99 3.21
CA GLU AA 15 -62.16 -14.28 3.60
C GLU AA 15 -62.23 -15.66 4.23
N LYS AA 16 -63.16 -15.84 5.15
CA LYS AA 16 -63.34 -17.10 5.84
C LYS AA 16 -64.75 -17.63 5.60
N ILE AA 17 -64.87 -18.96 5.54
CA ILE AA 17 -66.14 -19.60 5.20
C ILE AA 17 -66.34 -20.79 6.13
N SER AA 18 -67.42 -20.76 6.90
CA SER AA 18 -67.93 -21.94 7.58
C SER AA 18 -68.99 -22.60 6.70
N VAL AA 19 -69.43 -23.79 7.12
CA VAL AA 19 -70.22 -24.68 6.26
C VAL AA 19 -71.59 -24.06 6.02
N MET AA 20 -71.83 -23.63 4.78
CA MET AA 20 -73.11 -23.07 4.33
C MET AA 20 -73.61 -23.92 3.16
N PRO AA 21 -74.13 -25.12 3.43
CA PRO AA 21 -74.56 -26.01 2.33
C PRO AA 21 -75.95 -25.67 1.82
N LEU AA 22 -76.10 -24.48 1.24
CA LEU AA 22 -77.39 -24.00 0.78
C LEU AA 22 -77.18 -23.02 -0.37
N ILE AA 23 -78.28 -22.53 -0.92
CA ILE AA 23 -78.25 -21.56 -2.01
C ILE AA 23 -78.92 -20.25 -1.62
N GLY AA 24 -79.64 -20.19 -0.50
CA GLY AA 24 -80.16 -18.93 0.00
C GLY AA 24 -79.10 -17.97 0.50
N THR AA 25 -77.88 -18.45 0.71
CA THR AA 25 -76.74 -17.58 1.03
C THR AA 25 -75.99 -17.24 -0.26
N ILE AA 26 -76.63 -16.38 -1.05
CA ILE AA 26 -76.01 -15.78 -2.23
C ILE AA 26 -75.18 -14.56 -1.86
N ASP AA 27 -75.09 -14.24 -0.57
CA ASP AA 27 -74.45 -13.00 -0.13
C ASP AA 27 -72.95 -13.01 -0.36
N THR AA 28 -72.29 -14.17 -0.26
CA THR AA 28 -70.85 -14.25 -0.49
C THR AA 28 -70.46 -13.94 -1.92
N GLU AA 29 -71.41 -14.01 -2.86
CA GLU AA 29 -71.19 -13.47 -4.20
C GLU AA 29 -71.19 -11.95 -4.16
N ARG AA 30 -72.05 -11.35 -3.34
CA ARG AA 30 -72.26 -9.90 -3.37
C ARG AA 30 -71.59 -9.18 -2.22
N ALA AA 31 -71.67 -9.71 -0.99
CA ALA AA 31 -71.06 -9.02 0.16
C ALA AA 31 -69.55 -9.12 0.18
N LYS AA 32 -68.94 -9.89 -0.73
CA LYS AA 32 -67.51 -9.87 -0.90
C LYS AA 32 -67.08 -8.77 -1.86
N LEU AA 33 -67.79 -8.61 -2.97
CA LEU AA 33 -67.40 -7.65 -3.99
C LEU AA 33 -67.57 -6.20 -3.54
N ILE AA 34 -68.45 -5.93 -2.58
CA ILE AA 34 -68.64 -4.55 -2.15
C ILE AA 34 -67.55 -4.12 -1.19
N ILE AA 35 -67.06 -5.03 -0.34
CA ILE AA 35 -65.91 -4.73 0.51
C ILE AA 35 -64.61 -4.93 -0.25
N GLU AA 36 -64.64 -5.63 -1.39
CA GLU AA 36 -63.47 -5.77 -2.25
C GLU AA 36 -62.98 -4.42 -2.76
N ASN AA 37 -63.90 -3.53 -3.15
CA ASN AA 37 -63.54 -2.23 -3.68
C ASN AA 37 -63.89 -1.09 -2.74
N LEU AA 38 -64.35 -1.38 -1.52
CA LEU AA 38 -64.53 -0.32 -0.54
C LEU AA 38 -63.19 0.20 -0.06
N LEU AA 39 -62.39 -0.68 0.55
CA LEU AA 39 -60.97 -0.43 0.68
C LEU AA 39 -60.26 -1.15 -0.47
N ILE AA 40 -59.10 -0.63 -0.85
CA ILE AA 40 -58.37 -1.17 -2.00
C ILE AA 40 -57.69 -2.45 -1.54
N GLY AA 41 -58.35 -3.59 -1.80
CA GLY AA 41 -57.80 -4.89 -1.49
C GLY AA 41 -57.33 -5.58 -2.75
N VAL AA 42 -56.07 -5.98 -2.75
CA VAL AA 42 -55.49 -6.58 -3.95
C VAL AA 42 -55.84 -8.07 -4.03
N VAL AA 43 -55.40 -8.83 -3.04
CA VAL AA 43 -55.51 -10.29 -3.06
C VAL AA 43 -56.69 -10.71 -2.18
N LYS AA 44 -57.46 -11.68 -2.66
CA LYS AA 44 -58.63 -12.16 -1.94
C LYS AA 44 -58.60 -13.67 -1.88
N ASN AA 45 -58.39 -14.22 -0.68
CA ASN AA 45 -58.39 -15.65 -0.47
C ASN AA 45 -59.83 -16.16 -0.29
N ARG AA 46 -59.97 -17.47 -0.14
CA ARG AA 46 -61.27 -18.06 0.10
C ARG AA 46 -61.33 -18.83 1.41
N SER AA 47 -60.36 -19.72 1.66
CA SER AA 47 -60.20 -20.49 2.90
C SER AA 47 -61.44 -21.30 3.24
N GLU AA 48 -61.89 -22.11 2.30
CA GLU AA 48 -63.08 -22.93 2.47
C GLU AA 48 -62.73 -24.34 2.93
N VAL AA 49 -61.67 -24.47 3.76
CA VAL AA 49 -61.21 -25.77 4.25
C VAL AA 49 -62.26 -26.45 5.11
N VAL AA 50 -63.09 -25.68 5.81
CA VAL AA 50 -64.22 -26.25 6.51
C VAL AA 50 -65.49 -26.09 5.67
N LEU AA 51 -65.72 -27.03 4.76
CA LEU AA 51 -66.92 -27.03 3.92
C LEU AA 51 -67.11 -28.45 3.41
N ILE AA 52 -68.18 -29.10 3.84
CA ILE AA 52 -68.66 -30.32 3.22
C ILE AA 52 -70.19 -30.20 3.13
N ASP AA 53 -70.72 -30.24 1.91
CA ASP AA 53 -69.97 -30.31 0.66
C ASP AA 53 -70.53 -29.30 -0.34
N ILE AA 54 -70.07 -29.37 -1.58
CA ILE AA 54 -70.65 -28.62 -2.68
C ILE AA 54 -71.66 -29.55 -3.34
N THR AA 55 -72.93 -29.11 -3.41
CA THR AA 55 -73.98 -30.04 -3.81
C THR AA 55 -74.07 -30.19 -5.33
N GLY AA 56 -74.45 -29.14 -6.06
CA GLY AA 56 -74.47 -29.21 -7.50
C GLY AA 56 -74.09 -27.92 -8.16
N VAL AA 57 -73.80 -26.89 -7.36
CA VAL AA 57 -73.61 -25.56 -7.92
C VAL AA 57 -72.45 -24.82 -7.25
N PRO AA 58 -71.23 -25.00 -7.76
CA PRO AA 58 -70.17 -24.02 -7.52
C PRO AA 58 -70.10 -22.92 -8.58
N VAL AA 59 -71.17 -22.79 -9.38
CA VAL AA 59 -71.23 -21.74 -10.41
C VAL AA 59 -71.15 -20.36 -9.78
N VAL AA 60 -71.80 -20.18 -8.63
CA VAL AA 60 -71.61 -18.97 -7.84
C VAL AA 60 -70.18 -18.88 -7.34
N ASP AA 61 -69.61 -20.01 -6.90
CA ASP AA 61 -68.28 -20.03 -6.34
C ASP AA 61 -67.18 -19.92 -7.38
N THR AA 62 -67.51 -20.05 -8.66
CA THR AA 62 -66.52 -19.93 -9.71
C THR AA 62 -66.73 -18.67 -10.55
N MET AA 63 -67.94 -18.11 -10.51
CA MET AA 63 -68.14 -16.77 -11.03
C MET AA 63 -67.32 -15.76 -10.24
N VAL AA 64 -67.37 -15.85 -8.91
CA VAL AA 64 -66.58 -14.97 -8.06
C VAL AA 64 -65.11 -15.33 -8.10
N ALA AA 65 -64.78 -16.53 -8.56
CA ALA AA 65 -63.38 -16.85 -8.82
C ALA AA 65 -62.86 -16.19 -10.08
N HIS AA 66 -63.74 -15.78 -10.99
CA HIS AA 66 -63.35 -15.03 -12.17
C HIS AA 66 -63.93 -13.63 -12.19
N HIS AA 67 -64.75 -13.25 -11.20
CA HIS AA 67 -65.18 -11.86 -11.11
C HIS AA 67 -64.04 -10.97 -10.66
N ILE AA 68 -63.38 -11.34 -9.56
CA ILE AA 68 -62.37 -10.48 -8.95
C ILE AA 68 -61.06 -10.53 -9.71
N ILE AA 69 -60.86 -11.53 -10.58
CA ILE AA 69 -59.73 -11.52 -11.49
C ILE AA 69 -59.85 -10.35 -12.46
N GLN AA 70 -61.03 -10.14 -13.02
CA GLN AA 70 -61.26 -8.99 -13.88
C GLN AA 70 -61.88 -7.82 -13.14
N ALA AA 71 -62.00 -7.89 -11.81
CA ALA AA 71 -62.30 -6.70 -11.02
C ALA AA 71 -61.03 -6.07 -10.46
N SER AA 72 -60.31 -6.78 -9.57
CA SER AA 72 -58.96 -6.34 -9.21
C SER AA 72 -57.89 -7.38 -9.51
N GLU AA 73 -57.81 -8.48 -8.74
CA GLU AA 73 -56.60 -9.30 -8.78
C GLU AA 73 -56.72 -10.68 -8.11
N ALA AA 74 -56.53 -11.75 -8.90
CA ALA AA 74 -56.00 -13.06 -8.49
C ALA AA 74 -56.56 -13.72 -7.22
N VAL AA 75 -57.80 -14.24 -7.27
CA VAL AA 75 -58.34 -15.00 -6.14
C VAL AA 75 -57.57 -16.30 -5.94
N ARG AA 76 -57.84 -16.94 -4.81
CA ARG AA 76 -57.13 -18.16 -4.45
C ARG AA 76 -58.01 -19.04 -3.59
N LEU AA 77 -58.52 -20.12 -4.17
CA LEU AA 77 -59.15 -21.16 -3.37
C LEU AA 77 -58.10 -21.82 -2.50
N VAL AA 78 -58.44 -22.04 -1.22
CA VAL AA 78 -57.47 -22.52 -0.25
C VAL AA 78 -57.95 -23.83 0.33
N GLY AA 79 -57.21 -24.91 0.06
CA GLY AA 79 -57.40 -26.19 0.71
C GLY AA 79 -58.72 -26.86 0.45
N CYS AA 80 -59.08 -27.02 -0.82
CA CYS AA 80 -60.31 -27.71 -1.18
C CYS AA 80 -60.20 -29.19 -0.81
N GLN AA 81 -61.24 -29.71 -0.16
CA GLN AA 81 -61.23 -31.08 0.32
C GLN AA 81 -61.20 -32.09 -0.82
N ALA AA 82 -60.59 -33.24 -0.56
CA ALA AA 82 -60.41 -34.25 -1.60
C ALA AA 82 -61.73 -34.90 -1.96
N MET AA 83 -62.61 -35.08 -0.97
CA MET AA 83 -63.93 -35.63 -1.23
C MET AA 83 -64.83 -34.64 -1.95
N LEU AA 84 -64.54 -33.34 -1.83
CA LEU AA 84 -65.36 -32.32 -2.46
C LEU AA 84 -65.01 -32.16 -3.94
N VAL AA 85 -63.72 -32.11 -4.26
CA VAL AA 85 -63.29 -31.84 -5.63
C VAL AA 85 -63.54 -33.00 -6.58
N GLY AA 86 -63.89 -34.19 -6.06
CA GLY AA 86 -64.33 -35.28 -6.90
C GLY AA 86 -65.59 -34.98 -7.68
N ILE AA 87 -66.41 -34.05 -7.19
CA ILE AA 87 -67.46 -33.45 -8.00
C ILE AA 87 -66.79 -32.60 -9.07
N ARG AA 88 -66.83 -33.07 -10.33
CA ARG AA 88 -66.34 -32.31 -11.47
C ARG AA 88 -67.27 -32.51 -12.64
N PRO AA 89 -68.33 -31.69 -12.74
CA PRO AA 89 -69.06 -31.63 -14.01
C PRO AA 89 -68.20 -31.08 -15.14
N GLU AA 90 -67.58 -29.92 -14.93
CA GLU AA 90 -66.64 -29.37 -15.88
C GLU AA 90 -65.26 -29.97 -15.66
N GLN AA 104 -55.94 -21.73 -15.32
CA GLN AA 104 -57.24 -21.32 -14.79
C GLN AA 104 -57.05 -20.30 -13.66
N ILE AA 105 -57.14 -20.79 -12.43
CA ILE AA 105 -56.96 -19.94 -11.24
C ILE AA 105 -55.74 -20.44 -10.48
N ILE AA 106 -55.36 -19.72 -9.43
CA ILE AA 106 -54.26 -20.15 -8.57
C ILE AA 106 -54.87 -20.62 -7.26
N THR AA 107 -54.18 -21.55 -6.60
CA THR AA 107 -54.69 -22.19 -5.40
C THR AA 107 -53.54 -22.74 -4.59
N THR AA 108 -53.85 -23.36 -3.46
CA THR AA 108 -52.84 -23.83 -2.54
C THR AA 108 -53.41 -25.01 -1.74
N ASN AA 109 -52.67 -25.40 -0.70
CA ASN AA 109 -53.02 -26.54 0.14
C ASN AA 109 -53.43 -26.13 1.54
N THR AA 110 -52.80 -25.11 2.12
CA THR AA 110 -53.00 -24.76 3.51
C THR AA 110 -53.10 -23.25 3.62
N MET AA 111 -53.90 -22.78 4.59
CA MET AA 111 -54.11 -21.36 4.81
C MET AA 111 -52.83 -20.62 5.21
N LYS AA 112 -51.90 -21.31 5.88
CA LYS AA 112 -50.70 -20.65 6.38
C LYS AA 112 -49.68 -20.38 5.29
N LYS AA 113 -49.75 -21.07 4.15
CA LYS AA 113 -48.80 -20.85 3.09
C LYS AA 113 -49.40 -20.22 1.84
N GLY AA 114 -50.74 -20.23 1.71
CA GLY AA 114 -51.36 -19.47 0.64
C GLY AA 114 -51.20 -17.98 0.83
N MET AA 115 -51.15 -17.52 2.08
CA MET AA 115 -50.87 -16.12 2.37
C MET AA 115 -49.44 -15.76 2.00
N GLU AA 116 -48.50 -16.69 2.15
CA GLU AA 116 -47.11 -16.42 1.80
C GLU AA 116 -46.95 -16.27 0.30
N ARG AA 117 -47.54 -17.18 -0.48
CA ARG AA 117 -47.49 -17.04 -1.93
C ARG AA 117 -48.38 -15.93 -2.45
N ALA AA 118 -49.31 -15.43 -1.64
CA ALA AA 118 -49.96 -14.17 -1.95
C ALA AA 118 -48.99 -13.01 -1.84
N LEU AA 119 -48.13 -13.04 -0.81
CA LEU AA 119 -47.18 -11.97 -0.60
C LEU AA 119 -46.12 -11.94 -1.69
N ALA AA 120 -45.81 -13.10 -2.27
CA ALA AA 120 -44.85 -13.15 -3.37
C ALA AA 120 -45.44 -12.57 -4.65
N LEU AA 121 -46.76 -12.65 -4.82
CA LEU AA 121 -47.43 -12.09 -5.99
C LEU AA 121 -47.74 -10.60 -5.84
N THR AA 122 -47.42 -10.02 -4.68
CA THR AA 122 -47.36 -8.57 -4.52
C THR AA 122 -45.98 -8.12 -4.09
N ASN AA 123 -45.00 -9.04 -4.11
CA ASN AA 123 -43.58 -8.80 -3.84
C ASN AA 123 -43.34 -8.25 -2.43
N ARG AA 124 -43.79 -9.02 -1.45
CA ARG AA 124 -43.41 -8.83 -0.06
C ARG AA 124 -43.11 -10.21 0.53
N GLU AA 125 -42.42 -10.22 1.67
CA GLU AA 125 -42.09 -11.50 2.31
C GLU AA 125 -41.83 -11.27 3.78
N ILE AA 126 -42.18 -12.29 4.58
CA ILE AA 126 -41.83 -12.30 6.00
C ILE AA 126 -40.32 -12.38 6.14
N VAL AA 127 -39.77 -11.61 7.08
CA VAL AA 127 -38.34 -11.51 7.30
C VAL AA 127 -38.04 -12.03 8.70
N GLU AA 128 -36.96 -12.81 8.82
CA GLU AA 128 -36.40 -13.32 10.09
C GLU AA 128 -37.38 -14.19 10.87
N SER BA 1 56.92 58.21 1.39
CA SER BA 1 55.52 57.83 1.59
C SER BA 1 54.67 58.21 0.39
N ALA BA 2 55.05 57.72 -0.79
CA ALA BA 2 54.34 58.02 -2.02
C ALA BA 2 53.40 56.86 -2.37
N LEU BA 3 52.35 56.74 -1.56
CA LEU BA 3 51.35 55.69 -1.71
C LEU BA 3 50.11 56.07 -0.92
N GLN BA 4 48.99 55.42 -1.25
CA GLN BA 4 47.80 55.47 -0.41
C GLN BA 4 47.48 54.10 0.16
N GLU BA 5 47.13 53.11 -0.68
CA GLU BA 5 46.81 51.73 -0.32
C GLU BA 5 46.56 50.93 -1.60
N LEU BA 6 46.42 49.61 -1.40
CA LEU BA 6 45.78 48.67 -2.32
C LEU BA 6 45.52 47.40 -1.52
N SER BA 7 44.75 46.48 -2.10
CA SER BA 7 44.47 45.21 -1.45
C SER BA 7 44.02 44.19 -2.50
N ALA BA 8 43.80 42.95 -2.04
CA ALA BA 8 43.43 41.86 -2.93
C ALA BA 8 42.80 40.67 -2.22
N PRO BA 9 41.49 40.69 -1.92
CA PRO BA 9 40.78 39.44 -1.66
C PRO BA 9 40.27 38.77 -2.93
N LEU BA 10 40.35 39.49 -4.05
CA LEU BA 10 40.35 39.04 -5.44
C LEU BA 10 39.00 38.57 -5.98
N LEU BA 11 38.04 38.24 -5.12
CA LEU BA 11 36.71 38.10 -5.71
C LEU BA 11 35.97 39.44 -5.62
N PRO BA 12 35.92 40.15 -4.44
CA PRO BA 12 35.77 41.61 -4.49
C PRO BA 12 37.13 42.25 -4.43
N ILE BA 13 37.17 43.58 -4.38
CA ILE BA 13 38.39 44.31 -4.03
C ILE BA 13 37.99 45.43 -3.07
N PHE BA 14 38.57 45.44 -1.88
CA PHE BA 14 38.46 46.62 -1.03
C PHE BA 14 39.77 47.41 -1.09
N GLU BA 15 39.72 48.63 -0.57
CA GLU BA 15 40.81 49.58 -0.68
C GLU BA 15 40.55 50.71 0.31
N LYS BA 16 41.60 51.17 0.96
CA LYS BA 16 41.47 52.26 1.92
C LYS BA 16 42.00 53.57 1.33
N ILE BA 17 41.38 54.68 1.71
CA ILE BA 17 41.88 56.00 1.41
C ILE BA 17 42.04 56.75 2.72
N SER BA 18 43.23 57.26 2.98
CA SER BA 18 43.55 57.96 4.20
C SER BA 18 43.10 59.41 4.11
N VAL BA 19 43.55 60.24 5.05
CA VAL BA 19 43.28 61.67 5.00
C VAL BA 19 44.12 62.26 3.88
N MET BA 20 43.48 62.73 2.82
CA MET BA 20 44.16 63.28 1.64
C MET BA 20 43.64 64.68 1.32
N PRO BA 21 44.06 65.69 2.07
CA PRO BA 21 43.67 67.07 1.75
C PRO BA 21 44.64 67.73 0.77
N LEU BA 22 44.87 67.06 -0.36
CA LEU BA 22 45.85 67.52 -1.35
C LEU BA 22 45.46 66.94 -2.71
N ILE BA 23 45.62 67.77 -3.74
CA ILE BA 23 45.31 67.36 -5.10
C ILE BA 23 46.38 66.38 -5.62
N GLY BA 24 47.58 66.43 -5.05
CA GLY BA 24 48.73 65.67 -5.55
C GLY BA 24 48.64 64.17 -5.39
N THR BA 25 47.60 63.66 -4.72
CA THR BA 25 47.32 62.21 -4.69
C THR BA 25 46.56 61.83 -5.94
N ILE BA 26 47.29 61.76 -7.06
CA ILE BA 26 46.78 61.15 -8.27
C ILE BA 26 47.08 59.66 -8.30
N ASP BA 27 47.84 59.17 -7.32
CA ASP BA 27 48.17 57.74 -7.24
C ASP BA 27 46.94 56.91 -6.88
N THR BA 28 45.96 57.50 -6.21
CA THR BA 28 44.70 56.81 -5.98
C THR BA 28 43.84 56.74 -7.23
N GLU BA 29 44.19 57.48 -8.28
CA GLU BA 29 43.64 57.30 -9.62
C GLU BA 29 44.58 56.52 -10.54
N ARG BA 30 45.87 56.87 -10.54
CA ARG BA 30 46.81 56.25 -11.47
C ARG BA 30 47.11 54.81 -11.09
N ALA BA 31 47.43 54.57 -9.82
CA ALA BA 31 47.71 53.22 -9.34
C ALA BA 31 46.46 52.51 -8.85
N LYS BA 32 45.29 52.86 -9.38
CA LYS BA 32 44.06 52.14 -9.09
C LYS BA 32 43.64 51.27 -10.27
N LEU BA 33 43.61 51.86 -11.47
CA LEU BA 33 43.22 51.11 -12.67
C LEU BA 33 44.26 50.06 -13.04
N ILE BA 34 45.55 50.38 -12.84
CA ILE BA 34 46.61 49.42 -13.11
C ILE BA 34 46.54 48.25 -12.15
N ILE BA 35 46.27 48.53 -10.87
CA ILE BA 35 46.14 47.47 -9.88
C ILE BA 35 44.81 46.74 -10.02
N GLU BA 36 43.80 47.38 -10.62
CA GLU BA 36 42.55 46.71 -10.93
C GLU BA 36 42.76 45.62 -11.98
N ASN BA 37 43.28 45.98 -13.15
CA ASN BA 37 43.43 45.02 -14.23
C ASN BA 37 44.69 44.19 -14.13
N LEU BA 38 45.53 44.42 -13.11
CA LEU BA 38 46.60 43.48 -12.79
C LEU BA 38 46.02 42.14 -12.40
N LEU BA 39 45.14 42.15 -11.41
CA LEU BA 39 44.31 41.01 -11.09
C LEU BA 39 43.04 41.07 -11.93
N ILE BA 40 42.07 40.22 -11.63
CA ILE BA 40 40.76 40.26 -12.28
C ILE BA 40 39.74 40.42 -11.17
N GLY BA 41 39.38 41.68 -10.87
CA GLY BA 41 38.39 41.99 -9.87
C GLY BA 41 37.12 42.47 -10.55
N VAL BA 42 35.99 42.25 -9.89
CA VAL BA 42 34.71 42.69 -10.44
C VAL BA 42 34.25 43.95 -9.73
N VAL BA 43 34.00 43.85 -8.43
CA VAL BA 43 33.46 44.95 -7.65
C VAL BA 43 34.59 45.56 -6.82
N LYS BA 44 34.51 46.87 -6.60
CA LYS BA 44 35.60 47.60 -5.95
C LYS BA 44 35.03 48.65 -5.00
N ASN BA 45 35.37 48.54 -3.72
CA ASN BA 45 34.97 49.54 -2.74
C ASN BA 45 35.96 50.69 -2.70
N ARG BA 46 35.66 51.70 -1.89
CA ARG BA 46 36.55 52.85 -1.72
C ARG BA 46 36.85 53.16 -0.26
N SER BA 47 35.86 53.02 0.64
CA SER BA 47 36.03 53.10 2.10
C SER BA 47 36.62 54.42 2.56
N GLU BA 48 36.25 55.51 1.91
CA GLU BA 48 36.67 56.84 2.35
C GLU BA 48 35.84 57.25 3.56
N VAL BA 49 36.29 56.80 4.73
CA VAL BA 49 35.59 57.05 5.97
C VAL BA 49 36.41 57.91 6.94
N VAL BA 50 37.73 57.98 6.77
CA VAL BA 50 38.59 58.75 7.66
C VAL BA 50 38.87 60.15 7.11
N LEU BA 51 38.35 60.45 5.92
CA LEU BA 51 38.57 61.73 5.26
C LEU BA 51 37.94 62.87 6.04
N ILE BA 52 38.50 64.06 5.90
CA ILE BA 52 38.03 65.24 6.63
C ILE BA 52 37.16 66.09 5.71
N ASP BA 53 37.75 66.61 4.64
CA ASP BA 53 37.04 67.50 3.74
C ASP BA 53 37.74 67.52 2.38
N ILE BA 54 36.94 67.74 1.33
CA ILE BA 54 37.40 67.75 -0.05
C ILE BA 54 36.62 68.82 -0.81
N THR BA 55 37.33 69.70 -1.50
CA THR BA 55 36.70 70.74 -2.30
C THR BA 55 37.20 70.75 -3.74
N GLY BA 56 38.44 70.35 -3.96
CA GLY BA 56 39.02 70.45 -5.29
C GLY BA 56 38.95 69.17 -6.08
N VAL BA 57 38.98 68.04 -5.39
CA VAL BA 57 38.92 66.75 -6.07
C VAL BA 57 37.73 65.90 -5.61
N PRO BA 58 36.44 66.34 -5.80
CA PRO BA 58 35.39 65.32 -5.88
C PRO BA 58 35.13 64.88 -7.31
N VAL BA 59 35.49 65.74 -8.26
CA VAL BA 59 35.16 65.50 -9.66
C VAL BA 59 36.08 64.42 -10.22
N VAL BA 60 37.39 64.57 -10.03
CA VAL BA 60 38.34 63.54 -10.42
C VAL BA 60 38.12 62.28 -9.59
N ASP BA 61 37.77 62.44 -8.31
CA ASP BA 61 37.43 61.31 -7.46
C ASP BA 61 36.15 60.61 -7.88
N THR BA 62 35.29 61.28 -8.65
CA THR BA 62 34.15 60.62 -9.26
C THR BA 62 34.37 60.33 -10.75
N MET BA 63 35.31 61.01 -11.39
CA MET BA 63 35.72 60.63 -12.72
C MET BA 63 36.47 59.30 -12.70
N VAL BA 64 37.27 59.07 -11.64
CA VAL BA 64 37.89 57.77 -11.47
C VAL BA 64 36.85 56.73 -11.07
N ALA BA 65 35.72 57.17 -10.49
CA ALA BA 65 34.60 56.27 -10.25
C ALA BA 65 33.84 55.94 -11.52
N HIS BA 66 34.12 56.61 -12.63
CA HIS BA 66 33.67 56.15 -13.93
C HIS BA 66 34.79 55.59 -14.79
N HIS BA 67 36.05 55.71 -14.34
CA HIS BA 67 37.12 54.97 -14.97
C HIS BA 67 36.96 53.47 -14.73
N ILE BA 68 36.46 53.11 -13.55
CA ILE BA 68 36.31 51.72 -13.16
C ILE BA 68 34.98 51.12 -13.62
N ILE BA 69 33.98 51.96 -13.91
CA ILE BA 69 32.70 51.46 -14.40
C ILE BA 69 32.87 50.82 -15.77
N GLN BA 70 33.66 51.45 -16.64
CA GLN BA 70 33.96 50.87 -17.93
C GLN BA 70 35.17 49.95 -17.91
N ALA BA 71 35.95 49.95 -16.83
CA ALA BA 71 37.04 48.98 -16.74
C ALA BA 71 36.48 47.59 -16.42
N SER BA 72 35.93 47.39 -15.22
CA SER BA 72 35.20 46.17 -14.94
C SER BA 72 33.76 46.41 -14.51
N GLU BA 73 33.52 46.96 -13.32
CA GLU BA 73 32.17 46.95 -12.72
C GLU BA 73 32.07 47.75 -11.41
N ALA BA 74 31.00 48.56 -11.30
CA ALA BA 74 30.23 48.88 -10.09
C ALA BA 74 31.10 49.23 -8.87
N VAL BA 75 31.73 50.40 -8.94
CA VAL BA 75 32.39 50.94 -7.75
C VAL BA 75 31.32 51.39 -6.77
N ARG BA 76 31.62 51.30 -5.48
CA ARG BA 76 30.75 51.83 -4.45
C ARG BA 76 31.57 52.57 -3.41
N LEU BA 77 30.96 53.58 -2.80
CA LEU BA 77 31.62 54.50 -1.89
C LEU BA 77 31.13 54.22 -0.48
N VAL BA 78 32.01 53.69 0.35
CA VAL BA 78 31.62 53.15 1.66
C VAL BA 78 31.75 54.27 2.69
N GLY BA 79 30.61 54.80 3.11
CA GLY BA 79 30.54 55.68 4.26
C GLY BA 79 31.19 57.04 4.11
N CYS BA 80 30.65 57.90 3.26
CA CYS BA 80 31.06 59.29 3.25
C CYS BA 80 30.66 59.95 4.57
N GLN BA 81 31.49 60.88 5.03
CA GLN BA 81 31.26 61.49 6.33
C GLN BA 81 30.12 62.51 6.25
N ALA BA 82 29.72 63.01 7.42
CA ALA BA 82 28.58 63.92 7.50
C ALA BA 82 28.89 65.30 6.93
N MET BA 83 30.16 65.67 6.85
CA MET BA 83 30.54 66.97 6.31
C MET BA 83 30.79 66.92 4.82
N LEU BA 84 31.37 65.81 4.32
CA LEU BA 84 31.79 65.73 2.93
C LEU BA 84 30.59 65.73 1.97
N VAL BA 85 29.47 65.14 2.38
CA VAL BA 85 28.27 65.15 1.55
C VAL BA 85 27.66 66.55 1.50
N GLY BA 86 27.94 67.39 2.50
CA GLY BA 86 27.49 68.78 2.46
C GLY BA 86 28.08 69.59 1.32
N ILE BA 87 29.23 69.17 0.79
CA ILE BA 87 29.80 69.80 -0.40
C ILE BA 87 29.29 69.02 -1.60
N ARG BA 88 28.09 69.39 -2.07
CA ARG BA 88 27.57 68.95 -3.36
C ARG BA 88 27.25 70.18 -4.19
N PRO BA 89 28.21 70.72 -4.93
CA PRO BA 89 27.90 71.76 -5.91
C PRO BA 89 27.06 71.19 -7.04
N GLU BA 90 27.44 70.01 -7.50
CA GLU BA 90 26.66 69.29 -8.51
C GLU BA 90 25.66 68.37 -7.81
N GLN BA 104 23.01 58.51 -10.15
CA GLN BA 104 24.46 58.63 -9.96
C GLN BA 104 25.07 57.24 -9.80
N ILE BA 105 25.81 57.03 -8.71
CA ILE BA 105 26.47 55.77 -8.45
C ILE BA 105 25.90 55.14 -7.20
N ILE BA 106 26.22 53.87 -6.98
CA ILE BA 106 25.75 53.12 -5.83
C ILE BA 106 26.67 53.40 -4.65
N THR BA 107 26.08 53.62 -3.47
CA THR BA 107 26.83 53.85 -2.25
C THR BA 107 26.30 52.95 -1.14
N THR BA 108 26.90 53.05 0.03
CA THR BA 108 26.52 52.23 1.17
C THR BA 108 26.93 52.94 2.45
N ASN BA 109 26.48 52.41 3.58
CA ASN BA 109 26.65 53.08 4.87
C ASN BA 109 27.94 52.68 5.57
N THR BA 110 28.22 51.38 5.68
CA THR BA 110 29.39 50.91 6.39
C THR BA 110 29.97 49.69 5.68
N MET BA 111 31.16 49.26 6.13
CA MET BA 111 31.96 48.30 5.40
C MET BA 111 31.37 46.90 5.40
N LYS BA 112 30.50 46.57 6.36
CA LYS BA 112 29.91 45.24 6.35
C LYS BA 112 28.65 45.16 5.52
N LYS BA 113 27.90 46.25 5.41
CA LYS BA 113 26.71 46.25 4.57
C LYS BA 113 27.09 46.36 3.09
N GLY BA 114 28.13 47.13 2.80
CA GLY BA 114 28.54 47.29 1.41
C GLY BA 114 29.21 46.06 0.83
N MET BA 115 30.05 45.39 1.64
CA MET BA 115 30.73 44.18 1.20
C MET BA 115 29.74 43.05 0.96
N GLU BA 116 28.71 42.95 1.81
CA GLU BA 116 27.68 41.93 1.62
C GLU BA 116 26.85 42.21 0.39
N ARG BA 117 26.42 43.47 0.21
CA ARG BA 117 25.63 43.82 -0.95
C ARG BA 117 26.45 43.90 -2.23
N ALA BA 118 27.78 43.92 -2.14
CA ALA BA 118 28.60 43.73 -3.32
C ALA BA 118 28.67 42.27 -3.73
N LEU BA 119 28.53 41.36 -2.76
CA LEU BA 119 28.47 39.94 -3.08
C LEU BA 119 27.15 39.56 -3.72
N ALA BA 120 26.10 40.35 -3.50
CA ALA BA 120 24.85 40.15 -4.21
C ALA BA 120 24.96 40.56 -5.67
N LEU BA 121 25.88 41.47 -5.99
CA LEU BA 121 26.13 41.85 -7.38
C LEU BA 121 27.00 40.84 -8.11
N THR BA 122 27.65 39.93 -7.40
CA THR BA 122 28.39 38.84 -8.01
C THR BA 122 27.84 37.48 -7.61
N ASN BA 123 26.64 37.45 -7.01
CA ASN BA 123 25.86 36.24 -6.73
C ASN BA 123 26.59 35.28 -5.79
N ARG BA 124 26.85 35.76 -4.58
CA ARG BA 124 27.38 34.92 -3.51
C ARG BA 124 26.69 35.27 -2.21
N GLU BA 125 26.13 34.27 -1.55
CA GLU BA 125 25.47 34.42 -0.26
C GLU BA 125 26.14 33.51 0.76
N ILE BA 126 26.31 34.02 1.97
CA ILE BA 126 27.05 33.31 3.01
C ILE BA 126 26.10 32.90 4.13
N VAL BA 127 26.55 31.91 4.89
CA VAL BA 127 25.89 31.50 6.14
C VAL BA 127 26.98 31.37 7.20
N GLU BA 128 27.19 32.43 7.98
CA GLU BA 128 28.24 32.46 8.98
C GLU BA 128 27.73 32.02 10.34
N SER CA 1 -77.44 -23.00 12.18
CA SER CA 1 -76.65 -23.65 13.21
C SER CA 1 -76.03 -22.63 14.16
N ALA CA 2 -75.23 -23.12 15.10
CA ALA CA 2 -74.51 -22.25 16.05
C ALA CA 2 -73.05 -22.67 16.05
N LEU CA 3 -72.30 -22.13 15.08
CA LEU CA 3 -70.86 -22.29 14.99
C LEU CA 3 -70.29 -20.97 14.51
N GLN CA 4 -69.44 -20.34 15.31
CA GLN CA 4 -69.12 -18.93 15.05
C GLN CA 4 -68.08 -18.76 13.95
N GLU CA 5 -66.82 -19.11 14.24
CA GLU CA 5 -65.69 -18.79 13.38
C GLU CA 5 -64.40 -19.37 13.93
N LEU CA 6 -63.49 -19.77 13.03
CA LEU CA 6 -62.11 -20.04 13.40
C LEU CA 6 -61.24 -19.98 12.15
N SER CA 7 -60.13 -19.24 12.23
CA SER CA 7 -59.10 -19.21 11.20
C SER CA 7 -57.81 -19.76 11.79
N ALA CA 8 -56.79 -19.94 10.94
CA ALA CA 8 -55.53 -20.53 11.41
C ALA CA 8 -54.33 -20.27 10.49
N PRO CA 9 -53.68 -19.10 10.57
CA PRO CA 9 -52.36 -18.96 9.93
C PRO CA 9 -51.22 -19.63 10.68
N LEU CA 10 -51.47 -20.10 11.90
CA LEU CA 10 -50.68 -21.08 12.66
C LEU CA 10 -49.34 -20.57 13.19
N LEU CA 11 -48.84 -19.43 12.71
CA LEU CA 11 -47.70 -18.91 13.45
C LEU CA 11 -48.24 -18.05 14.60
N PRO CA 12 -49.17 -17.06 14.36
CA PRO CA 12 -50.26 -16.88 15.31
C PRO CA 12 -51.52 -17.57 14.80
N ILE CA 13 -52.58 -17.59 15.61
CA ILE CA 13 -53.89 -18.08 15.17
C ILE CA 13 -54.96 -17.14 15.69
N PHE CA 14 -55.69 -16.51 14.79
CA PHE CA 14 -56.69 -15.54 15.23
C PHE CA 14 -58.08 -15.95 14.76
N GLU CA 15 -59.05 -15.07 14.99
CA GLU CA 15 -60.45 -15.43 14.98
C GLU CA 15 -61.25 -14.16 14.86
N LYS CA 16 -62.49 -14.29 14.38
CA LYS CA 16 -63.42 -13.18 14.25
C LYS CA 16 -64.66 -13.45 15.08
N ILE CA 17 -65.12 -12.45 15.82
CA ILE CA 17 -66.35 -12.54 16.60
C ILE CA 17 -67.42 -11.75 15.87
N SER CA 18 -68.51 -12.42 15.51
CA SER CA 18 -69.64 -11.80 14.83
C SER CA 18 -70.54 -11.13 15.87
N VAL CA 19 -71.74 -10.75 15.45
CA VAL CA 19 -72.71 -10.12 16.34
C VAL CA 19 -73.57 -11.25 16.92
N MET CA 20 -73.12 -11.80 18.05
CA MET CA 20 -73.96 -12.63 18.91
C MET CA 20 -73.78 -12.13 20.34
N PRO CA 21 -74.44 -11.02 20.69
CA PRO CA 21 -74.27 -10.40 22.01
C PRO CA 21 -75.17 -10.99 23.08
N LEU CA 22 -75.15 -12.31 23.23
CA LEU CA 22 -75.98 -13.00 24.20
C LEU CA 22 -75.10 -13.89 25.06
N ILE CA 23 -75.46 -13.99 26.35
CA ILE CA 23 -74.65 -14.75 27.31
C ILE CA 23 -74.80 -16.26 27.11
N GLY CA 24 -75.83 -16.70 26.38
CA GLY CA 24 -76.02 -18.11 26.09
C GLY CA 24 -74.98 -18.73 25.18
N THR CA 25 -74.16 -17.92 24.52
CA THR CA 25 -73.08 -18.41 23.68
C THR CA 25 -71.79 -18.39 24.49
N ILE CA 26 -71.64 -19.41 25.35
CA ILE CA 26 -70.36 -19.71 25.98
C ILE CA 26 -69.44 -20.47 25.04
N ASP CA 27 -69.95 -20.91 23.88
CA ASP CA 27 -69.21 -21.79 22.99
C ASP CA 27 -68.04 -21.10 22.31
N THR CA 28 -68.04 -19.75 22.24
CA THR CA 28 -66.90 -19.04 21.68
C THR CA 28 -65.65 -19.18 22.54
N GLU CA 29 -65.79 -19.48 23.82
CA GLU CA 29 -64.65 -19.87 24.63
C GLU CA 29 -64.25 -21.31 24.35
N ARG CA 30 -65.22 -22.22 24.39
CA ARG CA 30 -64.93 -23.65 24.28
C ARG CA 30 -64.60 -24.08 22.85
N ALA CA 31 -64.84 -23.24 21.85
CA ALA CA 31 -64.34 -23.54 20.51
C ALA CA 31 -62.96 -22.95 20.28
N LYS CA 32 -62.50 -22.04 21.13
CA LYS CA 32 -61.17 -21.47 21.01
C LYS CA 32 -60.12 -22.31 21.73
N LEU CA 33 -60.37 -22.62 23.01
CA LEU CA 33 -59.36 -23.28 23.83
C LEU CA 33 -59.13 -24.73 23.45
N ILE CA 34 -60.01 -25.34 22.64
CA ILE CA 34 -59.78 -26.71 22.21
C ILE CA 34 -58.64 -26.79 21.22
N ILE CA 35 -58.49 -25.78 20.36
CA ILE CA 35 -57.42 -25.80 19.36
C ILE CA 35 -56.15 -25.14 19.86
N GLU CA 36 -56.17 -24.52 21.04
CA GLU CA 36 -54.99 -23.84 21.55
C GLU CA 36 -53.89 -24.81 21.94
N ASN CA 37 -54.24 -26.06 22.25
CA ASN CA 37 -53.24 -27.09 22.43
C ASN CA 37 -53.23 -28.14 21.33
N LEU CA 38 -54.30 -28.22 20.52
CA LEU CA 38 -54.29 -29.10 19.37
C LEU CA 38 -53.42 -28.58 18.25
N LEU CA 39 -53.09 -27.29 18.26
CA LEU CA 39 -52.01 -26.76 17.46
C LEU CA 39 -51.16 -25.86 18.35
N ILE CA 40 -49.95 -25.58 17.88
CA ILE CA 40 -49.02 -24.72 18.64
C ILE CA 40 -49.32 -23.29 18.20
N GLY CA 41 -50.33 -22.70 18.84
CA GLY CA 41 -50.70 -21.33 18.57
C GLY CA 41 -50.18 -20.39 19.64
N VAL CA 42 -49.22 -19.55 19.28
CA VAL CA 42 -48.52 -18.72 20.26
C VAL CA 42 -49.42 -17.58 20.73
N VAL CA 43 -49.72 -16.64 19.83
CA VAL CA 43 -50.46 -15.45 20.19
C VAL CA 43 -51.71 -15.41 19.32
N LYS CA 44 -52.69 -14.61 19.75
CA LYS CA 44 -54.00 -14.65 19.11
C LYS CA 44 -54.65 -13.28 19.15
N ASN CA 45 -55.60 -13.08 18.23
CA ASN CA 45 -56.36 -11.83 18.13
C ASN CA 45 -57.83 -12.18 18.19
N ARG CA 46 -58.54 -11.62 19.18
CA ARG CA 46 -59.98 -11.84 19.29
C ARG CA 46 -60.72 -11.16 18.16
N SER CA 47 -60.36 -9.90 17.89
CA SER CA 47 -60.79 -9.13 16.71
C SER CA 47 -62.31 -8.98 16.63
N GLU CA 48 -62.87 -8.38 17.66
CA GLU CA 48 -64.31 -8.14 17.74
C GLU CA 48 -64.68 -6.77 17.18
N VAL CA 49 -64.23 -6.51 15.95
CA VAL CA 49 -64.44 -5.21 15.31
C VAL CA 49 -65.89 -5.00 14.89
N VAL CA 50 -66.69 -6.04 14.82
CA VAL CA 50 -68.12 -5.92 14.52
C VAL CA 50 -68.90 -6.50 15.71
N LEU CA 51 -69.62 -5.63 16.41
CA LEU CA 51 -70.36 -5.91 17.63
C LEU CA 51 -71.19 -4.68 17.94
N ILE CA 52 -72.19 -4.83 18.79
CA ILE CA 52 -73.07 -3.73 19.17
C ILE CA 52 -72.87 -3.32 20.64
N ASP CA 53 -73.11 -4.24 21.58
CA ASP CA 53 -72.84 -4.01 23.00
C ASP CA 53 -72.84 -5.35 23.72
N ILE CA 54 -71.99 -5.46 24.73
CA ILE CA 54 -72.02 -6.60 25.64
C ILE CA 54 -73.13 -6.36 26.65
N THR CA 55 -73.73 -7.47 27.14
CA THR CA 55 -74.88 -7.40 28.03
C THR CA 55 -74.53 -6.72 29.36
N GLY CA 56 -73.42 -7.12 29.96
CA GLY CA 56 -73.09 -6.70 31.30
C GLY CA 56 -72.38 -7.80 32.04
N VAL CA 57 -72.32 -8.98 31.41
CA VAL CA 57 -71.51 -10.09 31.90
C VAL CA 57 -70.41 -10.35 30.87
N PRO CA 58 -69.30 -9.62 30.89
CA PRO CA 58 -68.21 -9.87 29.95
C PRO CA 58 -67.16 -10.85 30.44
N VAL CA 59 -67.44 -11.59 31.52
CA VAL CA 59 -66.45 -12.50 32.11
C VAL CA 59 -66.41 -13.80 31.33
N VAL CA 60 -67.24 -13.94 30.30
CA VAL CA 60 -67.02 -14.94 29.27
C VAL CA 60 -66.08 -14.42 28.19
N ASP CA 61 -65.79 -13.13 28.19
CA ASP CA 61 -64.96 -12.51 27.17
C ASP CA 61 -63.72 -11.83 27.74
N THR CA 62 -63.84 -11.08 28.83
CA THR CA 62 -62.67 -10.43 29.40
C THR CA 62 -61.89 -11.35 30.33
N MET CA 63 -62.40 -12.53 30.64
CA MET CA 63 -61.63 -13.52 31.38
C MET CA 63 -61.06 -14.61 30.48
N VAL CA 64 -61.68 -14.87 29.33
CA VAL CA 64 -61.07 -15.76 28.36
C VAL CA 64 -59.89 -15.07 27.68
N ALA CA 65 -59.84 -13.73 27.76
CA ALA CA 65 -58.66 -12.96 27.43
C ALA CA 65 -57.66 -12.93 28.57
N HIS CA 66 -57.86 -13.72 29.63
CA HIS CA 66 -56.83 -13.98 30.62
C HIS CA 66 -56.38 -15.42 30.65
N HIS CA 67 -57.27 -16.37 30.39
CA HIS CA 67 -56.92 -17.78 30.46
C HIS CA 67 -56.41 -18.32 29.13
N ILE CA 68 -56.34 -17.48 28.09
CA ILE CA 68 -55.46 -17.80 26.97
C ILE CA 68 -54.01 -17.63 27.40
N ILE CA 69 -53.73 -16.68 28.30
CA ILE CA 69 -52.36 -16.44 28.75
C ILE CA 69 -51.87 -17.56 29.64
N GLN CA 70 -52.79 -18.32 30.25
CA GLN CA 70 -52.39 -19.51 30.98
C GLN CA 70 -51.99 -20.62 30.01
N ALA CA 71 -52.62 -20.68 28.85
CA ALA CA 71 -52.29 -21.74 27.89
C ALA CA 71 -51.15 -21.35 26.96
N SER CA 72 -51.00 -20.07 26.66
CA SER CA 72 -50.10 -19.63 25.59
C SER CA 72 -49.74 -18.16 25.83
N GLU CA 73 -49.25 -17.50 24.79
CA GLU CA 73 -48.93 -16.07 24.82
C GLU CA 73 -50.25 -15.27 24.73
N ALA CA 74 -50.16 -13.95 24.66
CA ALA CA 74 -51.22 -13.02 25.03
C ALA CA 74 -52.33 -12.87 24.00
N VAL CA 75 -53.13 -11.82 24.15
CA VAL CA 75 -54.36 -11.63 23.40
C VAL CA 75 -54.46 -10.14 23.07
N ARG CA 76 -55.02 -9.85 21.89
CA ARG CA 76 -54.93 -8.53 21.27
C ARG CA 76 -56.30 -8.10 20.74
N LEU CA 77 -57.26 -7.96 21.65
CA LEU CA 77 -58.62 -7.50 21.35
C LEU CA 77 -58.63 -6.26 20.46
N VAL CA 78 -59.20 -6.41 19.26
CA VAL CA 78 -59.12 -5.41 18.20
C VAL CA 78 -60.47 -4.72 18.06
N GLY CA 79 -60.47 -3.39 18.12
CA GLY CA 79 -61.60 -2.62 17.67
C GLY CA 79 -62.81 -2.62 18.57
N CYS CA 80 -62.68 -2.02 19.74
CA CYS CA 80 -63.84 -1.83 20.59
C CYS CA 80 -64.67 -0.66 20.06
N GLN CA 81 -65.91 -0.55 20.55
CA GLN CA 81 -66.89 0.36 19.97
C GLN CA 81 -67.18 1.53 20.92
N ALA CA 82 -68.11 2.39 20.48
CA ALA CA 82 -68.39 3.62 21.22
C ALA CA 82 -69.15 3.35 22.51
N MET CA 83 -70.28 2.67 22.42
CA MET CA 83 -71.01 2.26 23.62
C MET CA 83 -70.33 1.09 24.33
N LEU CA 84 -69.35 0.45 23.70
CA LEU CA 84 -68.66 -0.68 24.32
C LEU CA 84 -67.71 -0.21 25.42
N VAL CA 85 -66.89 0.80 25.12
CA VAL CA 85 -65.97 1.30 26.14
C VAL CA 85 -66.70 2.24 27.09
N GLY CA 86 -67.85 2.79 26.67
CA GLY CA 86 -68.58 3.75 27.47
C GLY CA 86 -69.19 3.18 28.74
N ILE CA 87 -69.32 1.86 28.83
CA ILE CA 87 -69.76 1.20 30.05
C ILE CA 87 -68.65 0.28 30.54
N ARG CA 88 -68.17 0.52 31.76
CA ARG CA 88 -67.18 -0.33 32.39
C ARG CA 88 -67.53 -0.52 33.86
N PRO CA 89 -68.29 -1.57 34.19
CA PRO CA 89 -68.45 -1.94 35.60
C PRO CA 89 -67.27 -2.72 36.14
N GLU CA 90 -66.36 -3.16 35.28
CA GLU CA 90 -65.17 -3.90 35.69
C GLU CA 90 -64.18 -2.97 36.39
N GLN CA 104 -53.66 -4.87 32.15
CA GLN CA 104 -54.86 -5.61 31.79
C GLN CA 104 -54.63 -6.45 30.53
N ILE CA 105 -54.88 -5.85 29.37
CA ILE CA 105 -54.79 -6.51 28.07
C ILE CA 105 -54.14 -5.56 27.08
N ILE CA 106 -53.82 -6.08 25.90
CA ILE CA 106 -52.98 -5.34 24.96
C ILE CA 106 -53.80 -4.30 24.20
N THR CA 107 -55.00 -4.70 23.75
CA THR CA 107 -56.07 -3.89 23.12
C THR CA 107 -55.63 -2.84 22.09
N THR CA 108 -55.14 -3.28 20.94
CA THR CA 108 -54.76 -2.36 19.87
C THR CA 108 -56.00 -1.84 19.14
N ASN CA 109 -55.79 -1.16 18.01
CA ASN CA 109 -56.86 -0.39 17.36
C ASN CA 109 -57.56 -1.16 16.25
N THR CA 110 -56.82 -1.55 15.21
CA THR CA 110 -57.41 -2.23 14.06
C THR CA 110 -56.64 -3.51 13.78
N MET CA 111 -57.11 -4.26 12.79
CA MET CA 111 -56.54 -5.56 12.48
C MET CA 111 -55.20 -5.45 11.77
N LYS CA 112 -54.97 -4.35 11.05
CA LYS CA 112 -53.77 -4.22 10.24
C LYS CA 112 -52.54 -3.84 11.06
N LYS CA 113 -52.72 -3.45 12.33
CA LYS CA 113 -51.59 -3.14 13.19
C LYS CA 113 -51.42 -4.12 14.34
N GLY CA 114 -52.46 -4.83 14.72
CA GLY CA 114 -52.31 -5.89 15.71
C GLY CA 114 -51.48 -7.06 15.20
N MET CA 115 -51.59 -7.36 13.90
CA MET CA 115 -50.76 -8.39 13.29
C MET CA 115 -49.30 -7.96 13.17
N GLU CA 116 -49.05 -6.65 13.16
CA GLU CA 116 -47.67 -6.18 13.13
C GLU CA 116 -46.97 -6.42 14.47
N ARG CA 117 -47.64 -6.06 15.57
CA ARG CA 117 -47.05 -6.27 16.88
C ARG CA 117 -47.08 -7.74 17.31
N ALA CA 118 -47.95 -8.55 16.70
CA ALA CA 118 -47.95 -9.98 16.97
C ALA CA 118 -46.67 -10.63 16.49
N LEU CA 119 -46.23 -10.28 15.28
CA LEU CA 119 -44.93 -10.72 14.81
C LEU CA 119 -43.80 -10.02 15.56
N ALA CA 120 -44.04 -8.81 16.05
CA ALA CA 120 -43.00 -8.09 16.77
C ALA CA 120 -42.79 -8.65 18.17
N LEU CA 121 -43.84 -9.20 18.79
CA LEU CA 121 -43.70 -9.88 20.07
C LEU CA 121 -43.28 -11.34 19.90
N THR CA 122 -43.08 -11.79 18.66
CA THR CA 122 -42.47 -13.07 18.37
C THR CA 122 -41.27 -12.89 17.44
N ASN CA 123 -40.76 -11.66 17.35
CA ASN CA 123 -39.53 -11.28 16.65
C ASN CA 123 -39.61 -11.61 15.15
N ARG CA 124 -40.55 -10.93 14.48
CA ARG CA 124 -40.64 -10.98 13.03
C ARG CA 124 -41.22 -9.67 12.51
N GLU CA 125 -41.00 -9.41 11.23
CA GLU CA 125 -41.47 -8.20 10.58
C GLU CA 125 -41.54 -8.45 9.08
N ILE CA 126 -42.16 -7.52 8.36
CA ILE CA 126 -42.45 -7.69 6.93
C ILE CA 126 -42.00 -6.44 6.17
N VAL CA 127 -40.90 -6.56 5.43
CA VAL CA 127 -40.43 -5.52 4.49
C VAL CA 127 -39.94 -6.19 3.22
N GLU CA 128 -40.10 -5.47 2.10
CA GLU CA 128 -39.45 -5.78 0.83
C GLU CA 128 -39.45 -4.54 -0.06
N SER DA 1 -48.57 0.75 -61.15
CA SER DA 1 -49.36 1.53 -62.09
C SER DA 1 -49.87 2.81 -61.42
N ALA DA 2 -50.89 2.68 -60.58
CA ALA DA 2 -51.47 3.83 -59.91
C ALA DA 2 -50.61 4.32 -58.75
N LEU DA 3 -49.73 3.48 -58.22
CA LEU DA 3 -48.89 3.86 -57.09
C LEU DA 3 -47.62 3.01 -57.13
N GLN DA 4 -46.46 3.67 -57.00
CA GLN DA 4 -45.18 2.97 -57.17
C GLN DA 4 -44.73 2.29 -55.89
N GLU DA 5 -44.31 3.07 -54.89
CA GLU DA 5 -43.68 2.53 -53.69
C GLU DA 5 -43.46 3.62 -52.65
N LEU DA 6 -43.56 3.23 -51.38
CA LEU DA 6 -43.09 4.02 -50.25
C LEU DA 6 -42.42 3.05 -49.27
N SER DA 7 -41.79 3.60 -48.23
CA SER DA 7 -41.22 2.77 -47.16
C SER DA 7 -41.13 3.62 -45.90
N ALA DA 8 -40.64 2.99 -44.81
CA ALA DA 8 -40.34 3.68 -43.56
C ALA DA 8 -39.41 2.89 -42.61
N PRO DA 9 -38.09 2.81 -42.86
CA PRO DA 9 -37.16 2.47 -41.77
C PRO DA 9 -36.81 3.70 -40.96
N LEU DA 10 -35.83 3.60 -40.05
CA LEU DA 10 -35.70 4.48 -38.89
C LEU DA 10 -35.59 5.97 -39.22
N LEU DA 11 -34.40 6.46 -39.60
CA LEU DA 11 -34.30 7.64 -40.44
C LEU DA 11 -34.09 7.37 -41.94
N PRO DA 12 -33.16 6.43 -42.41
CA PRO DA 12 -32.88 6.40 -43.85
C PRO DA 12 -33.96 5.74 -44.70
N ILE DA 13 -35.03 6.47 -44.98
CA ILE DA 13 -36.22 5.87 -45.58
C ILE DA 13 -36.03 5.70 -47.09
N PHE DA 14 -36.11 4.45 -47.55
CA PHE DA 14 -35.76 4.06 -48.91
C PHE DA 14 -37.01 3.89 -49.79
N GLU DA 15 -36.80 3.32 -50.97
CA GLU DA 15 -37.84 3.10 -51.97
C GLU DA 15 -37.41 1.92 -52.84
N LYS DA 16 -38.38 1.34 -53.55
CA LYS DA 16 -38.13 0.16 -54.37
C LYS DA 16 -38.69 0.40 -55.76
N ILE DA 17 -38.05 -0.21 -56.76
CA ILE DA 17 -38.46 -0.11 -58.16
C ILE DA 17 -38.69 -1.51 -58.71
N SER DA 18 -39.92 -1.80 -59.12
CA SER DA 18 -40.26 -3.05 -59.77
C SER DA 18 -40.01 -2.91 -61.28
N VAL DA 19 -40.51 -3.86 -62.07
CA VAL DA 19 -40.31 -3.81 -63.51
C VAL DA 19 -41.18 -2.71 -64.11
N MET DA 20 -40.54 -1.75 -64.80
CA MET DA 20 -41.21 -0.64 -65.47
C MET DA 20 -40.38 -0.03 -66.60
N PRO DA 21 -39.98 -0.81 -67.63
CA PRO DA 21 -39.06 -0.24 -68.64
C PRO DA 21 -39.76 0.65 -69.66
N LEU DA 22 -40.14 1.84 -69.23
CA LEU DA 22 -40.84 2.79 -70.09
C LEU DA 22 -40.58 4.22 -69.58
N ILE DA 23 -41.16 5.19 -70.28
CA ILE DA 23 -40.98 6.59 -69.96
C ILE DA 23 -42.28 7.27 -69.55
N GLY DA 24 -43.44 6.65 -69.77
CA GLY DA 24 -44.70 7.27 -69.38
C GLY DA 24 -44.92 7.29 -67.88
N THR DA 25 -44.42 6.27 -67.18
CA THR DA 25 -44.52 6.22 -65.72
C THR DA 25 -43.49 7.16 -65.12
N ILE DA 26 -43.84 8.44 -65.03
CA ILE DA 26 -42.96 9.47 -64.49
C ILE DA 26 -43.20 9.70 -63.01
N ASP DA 27 -44.04 8.87 -62.38
CA ASP DA 27 -44.51 9.12 -61.01
C ASP DA 27 -43.39 9.00 -59.98
N THR DA 28 -42.42 8.11 -60.19
CA THR DA 28 -41.32 7.94 -59.24
C THR DA 28 -40.40 9.15 -59.20
N GLU DA 29 -40.45 10.02 -60.20
CA GLU DA 29 -39.76 11.30 -60.11
C GLU DA 29 -40.45 12.23 -59.13
N ARG DA 30 -41.79 12.18 -59.08
CA ARG DA 30 -42.57 13.12 -58.27
C ARG DA 30 -43.08 12.51 -56.97
N ALA DA 31 -43.62 11.28 -57.02
CA ALA DA 31 -44.19 10.67 -55.82
C ALA DA 31 -43.12 10.25 -54.82
N LYS DA 32 -41.87 10.15 -55.25
CA LYS DA 32 -40.78 10.01 -54.29
C LYS DA 32 -40.38 11.38 -53.75
N LEU DA 33 -40.30 12.39 -54.62
CA LEU DA 33 -39.83 13.71 -54.21
C LEU DA 33 -40.83 14.44 -53.31
N ILE DA 34 -42.09 14.02 -53.29
CA ILE DA 34 -43.04 14.65 -52.37
C ILE DA 34 -42.81 14.18 -50.94
N ILE DA 35 -42.34 12.95 -50.73
CA ILE DA 35 -42.19 12.43 -49.38
C ILE DA 35 -40.96 12.98 -48.67
N GLU DA 36 -40.05 13.63 -49.41
CA GLU DA 36 -38.81 14.13 -48.81
C GLU DA 36 -39.06 15.26 -47.84
N ASN DA 37 -39.96 16.18 -48.18
CA ASN DA 37 -40.37 17.23 -47.25
C ASN DA 37 -41.65 16.87 -46.51
N LEU DA 38 -41.97 15.58 -46.42
CA LEU DA 38 -43.04 15.10 -45.56
C LEU DA 38 -42.53 14.33 -44.36
N LEU DA 39 -41.23 14.02 -44.33
CA LEU DA 39 -40.60 13.37 -43.19
C LEU DA 39 -39.15 13.85 -43.14
N ILE DA 40 -38.34 13.18 -42.33
CA ILE DA 40 -36.92 13.48 -42.24
C ILE DA 40 -36.17 12.30 -42.87
N GLY DA 41 -35.84 12.46 -44.15
CA GLY DA 41 -35.09 11.43 -44.86
C GLY DA 41 -33.69 11.88 -45.20
N VAL DA 42 -32.70 11.33 -44.51
CA VAL DA 42 -31.31 11.71 -44.75
C VAL DA 42 -30.68 10.86 -45.85
N VAL DA 43 -30.82 9.54 -45.78
CA VAL DA 43 -30.36 8.66 -46.84
C VAL DA 43 -31.59 8.02 -47.46
N LYS DA 44 -31.52 7.75 -48.77
CA LYS DA 44 -32.54 6.93 -49.37
C LYS DA 44 -31.94 6.09 -50.49
N ASN DA 45 -32.59 4.97 -50.79
CA ASN DA 45 -32.10 4.00 -51.75
C ASN DA 45 -33.06 3.87 -52.92
N ARG DA 46 -32.64 3.11 -53.93
CA ARG DA 46 -33.48 2.88 -55.10
C ARG DA 46 -33.82 1.42 -55.28
N SER DA 47 -32.82 0.53 -55.23
CA SER DA 47 -32.96 -0.93 -55.35
C SER DA 47 -33.62 -1.31 -56.67
N GLU DA 48 -32.98 -0.95 -57.76
CA GLU DA 48 -33.47 -1.28 -59.10
C GLU DA 48 -32.96 -2.64 -59.56
N VAL DA 49 -33.18 -3.67 -58.73
CA VAL DA 49 -32.64 -4.98 -59.05
C VAL DA 49 -33.51 -5.69 -60.09
N VAL DA 50 -34.84 -5.54 -60.02
CA VAL DA 50 -35.70 -6.11 -61.04
C VAL DA 50 -35.96 -5.09 -62.15
N LEU DA 51 -34.98 -4.94 -63.05
CA LEU DA 51 -35.10 -4.02 -64.18
C LEU DA 51 -34.11 -4.50 -65.22
N ILE DA 52 -34.60 -5.17 -66.25
CA ILE DA 52 -33.71 -5.91 -67.14
C ILE DA 52 -33.19 -5.06 -68.30
N ASP DA 53 -33.84 -3.95 -68.63
CA ASP DA 53 -33.43 -3.13 -69.76
C ASP DA 53 -33.99 -1.72 -69.58
N ILE DA 54 -33.34 -0.77 -70.25
CA ILE DA 54 -33.71 0.64 -70.12
C ILE DA 54 -33.27 1.36 -71.39
N THR DA 55 -33.99 2.42 -71.75
CA THR DA 55 -33.74 3.10 -73.02
C THR DA 55 -33.32 4.57 -72.88
N GLY DA 56 -34.11 5.42 -72.20
CA GLY DA 56 -33.80 6.83 -72.14
C GLY DA 56 -34.17 7.41 -70.80
N VAL DA 57 -34.46 6.52 -69.85
CA VAL DA 57 -34.82 6.86 -68.47
C VAL DA 57 -33.62 7.35 -67.63
N PRO DA 58 -32.36 6.90 -67.82
CA PRO DA 58 -31.25 7.52 -67.07
C PRO DA 58 -30.99 9.02 -67.31
N VAL DA 59 -31.66 9.69 -68.26
CA VAL DA 59 -31.65 11.15 -68.25
C VAL DA 59 -32.72 11.70 -67.31
N VAL DA 60 -33.57 10.84 -66.77
CA VAL DA 60 -34.54 11.20 -65.73
C VAL DA 60 -34.22 10.50 -64.41
N ASP DA 61 -33.97 9.19 -64.47
CA ASP DA 61 -33.79 8.39 -63.26
C ASP DA 61 -32.47 8.70 -62.54
N THR DA 62 -31.42 9.03 -63.29
CA THR DA 62 -30.18 9.42 -62.63
C THR DA 62 -30.20 10.89 -62.24
N MET DA 63 -30.91 11.72 -63.01
CA MET DA 63 -31.04 13.13 -62.65
C MET DA 63 -31.99 13.31 -61.47
N VAL DA 64 -32.99 12.44 -61.31
CA VAL DA 64 -33.77 12.47 -60.09
C VAL DA 64 -32.99 11.85 -58.93
N ALA DA 65 -31.97 11.05 -59.23
CA ALA DA 65 -30.99 10.66 -58.22
C ALA DA 65 -29.93 11.74 -58.01
N HIS DA 66 -30.01 12.84 -58.76
CA HIS DA 66 -29.28 14.05 -58.43
C HIS DA 66 -30.14 15.06 -57.70
N HIS DA 67 -31.47 14.93 -57.81
CA HIS DA 67 -32.39 15.85 -57.15
C HIS DA 67 -32.30 15.74 -55.64
N ILE DA 68 -32.25 14.51 -55.13
CA ILE DA 68 -32.29 14.27 -53.69
C ILE DA 68 -31.01 14.72 -53.01
N ILE DA 69 -29.92 14.89 -53.76
CA ILE DA 69 -28.70 15.49 -53.24
C ILE DA 69 -28.95 16.93 -52.84
N GLN DA 70 -29.86 17.62 -53.52
CA GLN DA 70 -30.25 18.98 -53.15
C GLN DA 70 -31.69 19.12 -52.72
N ALA DA 71 -32.53 18.09 -52.88
CA ALA DA 71 -33.87 18.14 -52.29
C ALA DA 71 -33.77 18.15 -50.78
N SER DA 72 -33.31 17.06 -50.18
CA SER DA 72 -32.64 17.17 -48.90
C SER DA 72 -31.23 16.60 -48.92
N GLU DA 73 -31.05 15.29 -49.11
CA GLU DA 73 -29.77 14.67 -48.71
C GLU DA 73 -29.58 13.29 -49.33
N ALA DA 74 -28.39 13.06 -49.90
CA ALA DA 74 -27.59 11.84 -49.79
C ALA DA 74 -28.33 10.57 -50.25
N VAL DA 75 -28.57 10.50 -51.55
CA VAL DA 75 -29.12 9.27 -52.13
C VAL DA 75 -28.02 8.21 -52.23
N ARG DA 76 -28.43 6.95 -52.42
CA ARG DA 76 -27.48 5.85 -52.63
C ARG DA 76 -28.14 4.80 -53.51
N LEU DA 77 -27.73 4.74 -54.78
CA LEU DA 77 -28.26 3.77 -55.73
C LEU DA 77 -27.87 2.35 -55.33
N VAL DA 78 -28.80 1.41 -55.49
CA VAL DA 78 -28.64 0.05 -54.99
C VAL DA 78 -28.86 -0.94 -56.12
N GLY DA 79 -27.85 -1.78 -56.37
CA GLY DA 79 -28.03 -3.03 -57.08
C GLY DA 79 -28.41 -2.96 -58.55
N CYS DA 80 -27.49 -2.55 -59.39
CA CYS DA 80 -27.73 -2.53 -60.82
C CYS DA 80 -27.54 -3.93 -61.41
N GLN DA 81 -27.62 -4.04 -62.74
CA GLN DA 81 -27.45 -5.31 -63.42
C GLN DA 81 -26.23 -5.24 -64.34
N ALA DA 82 -26.02 -6.33 -65.09
CA ALA DA 82 -24.87 -6.39 -65.98
C ALA DA 82 -25.20 -5.77 -67.33
N MET DA 83 -26.26 -6.26 -67.99
CA MET DA 83 -26.71 -5.69 -69.25
C MET DA 83 -27.36 -4.32 -69.08
N LEU DA 84 -27.74 -3.95 -67.86
CA LEU DA 84 -28.28 -2.63 -67.60
C LEU DA 84 -27.23 -1.55 -67.79
N VAL DA 85 -25.99 -1.82 -67.36
CA VAL DA 85 -24.94 -0.81 -67.41
C VAL DA 85 -24.18 -0.84 -68.72
N GLY DA 86 -24.54 -1.72 -69.64
CA GLY DA 86 -23.96 -1.67 -70.98
C GLY DA 86 -24.30 -0.38 -71.70
N ILE DA 87 -25.50 0.15 -71.47
CA ILE DA 87 -25.87 1.47 -71.96
C ILE DA 87 -25.20 2.51 -71.08
N ARG DA 88 -24.19 3.21 -71.61
CA ARG DA 88 -23.56 4.33 -70.92
C ARG DA 88 -23.32 5.47 -71.91
N PRO DA 89 -24.24 6.43 -71.99
CA PRO DA 89 -23.89 7.69 -72.68
C PRO DA 89 -22.77 8.43 -71.97
N GLU DA 90 -22.92 8.68 -70.67
CA GLU DA 90 -21.87 9.31 -69.88
C GLU DA 90 -20.91 8.25 -69.36
N GLN DA 104 -19.37 10.40 -59.74
CA GLN DA 104 -20.78 10.37 -60.11
C GLN DA 104 -21.67 10.28 -58.88
N ILE DA 105 -21.95 9.05 -58.44
CA ILE DA 105 -22.86 8.82 -57.32
C ILE DA 105 -22.45 7.54 -56.60
N ILE DA 106 -22.58 7.56 -55.27
CA ILE DA 106 -22.26 6.38 -54.46
C ILE DA 106 -23.25 5.26 -54.75
N THR DA 107 -22.72 4.05 -54.95
CA THR DA 107 -23.58 2.90 -55.18
C THR DA 107 -23.11 1.68 -54.39
N THR DA 108 -23.74 0.53 -54.64
CA THR DA 108 -23.47 -0.71 -53.92
C THR DA 108 -23.92 -1.88 -54.79
N ASN DA 109 -23.95 -3.07 -54.21
CA ASN DA 109 -24.35 -4.28 -54.91
C ASN DA 109 -25.54 -4.97 -54.28
N THR DA 110 -25.61 -5.04 -52.96
CA THR DA 110 -26.64 -5.80 -52.27
C THR DA 110 -27.34 -4.89 -51.28
N MET DA 111 -28.66 -5.07 -51.15
CA MET DA 111 -29.47 -4.20 -50.31
C MET DA 111 -29.10 -4.29 -48.85
N LYS DA 112 -28.71 -5.49 -48.39
CA LYS DA 112 -28.35 -5.67 -46.99
C LYS DA 112 -27.05 -4.99 -46.62
N LYS DA 113 -26.16 -4.75 -47.59
CA LYS DA 113 -24.99 -3.93 -47.39
C LYS DA 113 -25.10 -2.60 -48.09
N GLY DA 114 -26.22 -2.34 -48.77
CA GLY DA 114 -26.52 -0.98 -49.19
C GLY DA 114 -26.98 -0.13 -48.03
N MET DA 115 -27.83 -0.69 -47.17
CA MET DA 115 -28.24 -0.02 -45.94
C MET DA 115 -27.07 0.14 -44.97
N GLU DA 116 -26.10 -0.78 -45.02
CA GLU DA 116 -24.98 -0.76 -44.09
C GLU DA 116 -24.08 0.46 -44.31
N ARG DA 117 -23.67 0.71 -45.54
CA ARG DA 117 -22.92 1.92 -45.82
C ARG DA 117 -23.80 3.15 -45.91
N ALA DA 118 -25.12 2.97 -45.99
CA ALA DA 118 -26.03 4.11 -45.86
C ALA DA 118 -26.00 4.68 -44.46
N LEU DA 119 -25.93 3.81 -43.45
CA LEU DA 119 -25.83 4.27 -42.07
C LEU DA 119 -24.44 4.80 -41.75
N ALA DA 120 -23.45 4.54 -42.61
CA ALA DA 120 -22.13 5.14 -42.43
C ALA DA 120 -22.16 6.63 -42.71
N LEU DA 121 -23.03 7.07 -43.63
CA LEU DA 121 -23.14 8.48 -43.98
C LEU DA 121 -24.11 9.24 -43.08
N THR DA 122 -24.42 8.70 -41.90
CA THR DA 122 -25.19 9.41 -40.89
C THR DA 122 -24.50 9.34 -39.53
N ASN DA 123 -23.23 8.91 -39.50
CA ASN DA 123 -22.44 8.48 -38.34
C ASN DA 123 -23.26 7.67 -37.34
N ARG DA 124 -24.08 6.76 -37.85
CA ARG DA 124 -25.11 6.06 -37.09
C ARG DA 124 -25.16 4.60 -37.51
N GLU DA 125 -23.99 3.95 -37.58
CA GLU DA 125 -23.88 2.62 -38.17
C GLU DA 125 -24.60 1.56 -37.35
N ILE DA 126 -24.49 1.62 -36.02
CA ILE DA 126 -25.03 0.59 -35.15
C ILE DA 126 -26.02 1.23 -34.19
N VAL DA 127 -27.31 1.03 -34.44
CA VAL DA 127 -28.38 1.40 -33.51
C VAL DA 127 -29.33 0.21 -33.42
N GLU DA 128 -29.51 -0.32 -32.22
CA GLU DA 128 -30.40 -1.45 -32.00
C GLU DA 128 -31.26 -1.23 -30.78
N SER EA 1 -54.91 -58.52 -3.87
CA SER EA 1 -55.20 -57.35 -4.68
C SER EA 1 -56.25 -56.46 -4.02
N ALA EA 2 -56.10 -56.25 -2.71
CA ALA EA 2 -57.05 -55.48 -1.94
C ALA EA 2 -56.72 -54.00 -1.86
N LEU EA 3 -55.51 -53.60 -2.23
CA LEU EA 3 -55.07 -52.22 -2.09
C LEU EA 3 -53.91 -51.98 -3.05
N GLN EA 4 -53.79 -50.74 -3.53
CA GLN EA 4 -52.87 -50.45 -4.63
C GLN EA 4 -51.49 -49.99 -4.15
N GLU EA 5 -51.42 -48.79 -3.56
CA GLU EA 5 -50.11 -48.16 -3.33
C GLU EA 5 -50.18 -47.12 -2.22
N LEU EA 6 -48.98 -46.66 -1.82
CA LEU EA 6 -48.71 -45.65 -0.81
C LEU EA 6 -47.22 -45.33 -0.85
N SER EA 7 -46.88 -44.07 -0.55
CA SER EA 7 -45.48 -43.66 -0.42
C SER EA 7 -45.41 -42.36 0.35
N ALA EA 8 -44.19 -42.00 0.78
CA ALA EA 8 -43.93 -40.76 1.52
C ALA EA 8 -42.47 -40.28 1.55
N PRO EA 9 -41.87 -39.78 0.44
CA PRO EA 9 -40.64 -38.99 0.58
C PRO EA 9 -40.88 -37.58 1.08
N LEU EA 10 -39.83 -36.73 1.05
CA LEU EA 10 -39.77 -35.48 1.83
C LEU EA 10 -40.91 -34.49 1.54
N LEU EA 11 -40.89 -33.78 0.43
CA LEU EA 11 -42.09 -33.25 -0.19
C LEU EA 11 -42.65 -34.16 -1.29
N PRO EA 12 -41.86 -34.66 -2.31
CA PRO EA 12 -42.50 -35.44 -3.37
C PRO EA 12 -42.94 -36.84 -2.97
N ILE EA 13 -44.10 -36.93 -2.31
CA ILE EA 13 -44.83 -38.19 -2.22
C ILE EA 13 -45.12 -38.69 -3.63
N PHE EA 14 -44.92 -39.98 -3.88
CA PHE EA 14 -45.19 -40.50 -5.21
C PHE EA 14 -45.98 -41.81 -5.16
N GLU EA 15 -46.08 -42.51 -6.29
CA GLU EA 15 -46.89 -43.72 -6.35
C GLU EA 15 -46.14 -44.74 -7.18
N LYS EA 16 -46.53 -46.01 -7.07
CA LYS EA 16 -45.83 -47.12 -7.69
C LYS EA 16 -46.80 -48.08 -8.37
N ILE EA 17 -47.63 -47.52 -9.27
CA ILE EA 17 -48.71 -48.29 -9.90
C ILE EA 17 -48.15 -49.40 -10.78
N SER EA 18 -48.48 -50.63 -10.44
CA SER EA 18 -48.12 -51.81 -11.23
C SER EA 18 -49.14 -52.02 -12.34
N VAL EA 19 -49.11 -53.22 -12.95
CA VAL EA 19 -50.03 -53.55 -14.03
C VAL EA 19 -51.45 -53.64 -13.50
N MET EA 20 -52.40 -53.04 -14.22
CA MET EA 20 -53.77 -52.91 -13.75
C MET EA 20 -54.71 -52.81 -14.94
N PRO EA 21 -55.24 -53.93 -15.44
CA PRO EA 21 -56.25 -53.88 -16.52
C PRO EA 21 -57.69 -53.91 -16.00
N LEU EA 22 -58.12 -52.81 -15.39
CA LEU EA 22 -59.46 -52.77 -14.81
C LEU EA 22 -59.94 -51.33 -14.76
N ILE EA 23 -61.27 -51.17 -14.79
CA ILE EA 23 -61.90 -49.86 -14.60
C ILE EA 23 -62.54 -49.71 -13.23
N GLY EA 24 -62.69 -50.80 -12.48
CA GLY EA 24 -63.20 -50.75 -11.13
C GLY EA 24 -62.20 -50.34 -10.07
N THR EA 25 -61.01 -49.90 -10.49
CA THR EA 25 -60.00 -49.39 -9.58
C THR EA 25 -60.04 -47.86 -9.62
N ILE EA 26 -60.98 -47.31 -8.86
CA ILE EA 26 -60.97 -45.89 -8.53
C ILE EA 26 -60.17 -45.63 -7.26
N ASP EA 27 -59.56 -46.67 -6.68
CA ASP EA 27 -58.73 -46.52 -5.50
C ASP EA 27 -57.50 -45.66 -5.78
N THR EA 28 -56.95 -45.75 -6.99
CA THR EA 28 -55.87 -44.88 -7.39
C THR EA 28 -56.34 -43.47 -7.69
N GLU EA 29 -57.64 -43.19 -7.63
CA GLU EA 29 -58.18 -41.85 -7.73
C GLU EA 29 -58.61 -41.30 -6.38
N ARG EA 30 -59.34 -42.09 -5.59
CA ARG EA 30 -59.77 -41.62 -4.28
C ARG EA 30 -58.64 -41.67 -3.27
N ALA EA 31 -58.04 -42.85 -3.08
CA ALA EA 31 -57.05 -43.05 -2.03
C ALA EA 31 -55.67 -42.50 -2.37
N LYS EA 32 -55.56 -41.69 -3.42
CA LYS EA 32 -54.42 -40.82 -3.63
C LYS EA 32 -54.70 -39.39 -3.22
N LEU EA 33 -55.92 -38.91 -3.48
CA LEU EA 33 -56.29 -37.58 -3.06
C LEU EA 33 -56.51 -37.50 -1.55
N ILE EA 34 -56.92 -38.61 -0.94
CA ILE EA 34 -57.17 -38.62 0.50
C ILE EA 34 -55.87 -38.48 1.27
N ILE EA 35 -54.83 -39.22 0.87
CA ILE EA 35 -53.55 -39.08 1.55
C ILE EA 35 -52.81 -37.82 1.11
N GLU EA 36 -53.27 -37.17 0.04
CA GLU EA 36 -52.64 -35.94 -0.42
C GLU EA 36 -52.88 -34.79 0.55
N ASN EA 37 -53.97 -34.83 1.32
CA ASN EA 37 -54.21 -33.83 2.36
C ASN EA 37 -54.22 -34.41 3.77
N LEU EA 38 -53.91 -35.70 3.94
CA LEU EA 38 -53.56 -36.17 5.27
C LEU EA 38 -52.11 -35.84 5.58
N LEU EA 39 -51.18 -36.41 4.82
CA LEU EA 39 -49.82 -35.90 4.83
C LEU EA 39 -49.72 -34.78 3.80
N ILE EA 40 -48.57 -34.10 3.81
CA ILE EA 40 -48.37 -32.92 2.98
C ILE EA 40 -47.35 -33.25 1.90
N GLY EA 41 -47.67 -32.87 0.66
CA GLY EA 41 -46.76 -33.04 -0.45
C GLY EA 41 -47.06 -32.06 -1.55
N VAL EA 42 -46.05 -31.33 -2.03
CA VAL EA 42 -46.29 -30.29 -3.02
C VAL EA 42 -46.37 -30.92 -4.40
N VAL EA 43 -45.26 -31.48 -4.87
CA VAL EA 43 -45.21 -32.11 -6.18
C VAL EA 43 -45.42 -33.60 -5.97
N LYS EA 44 -45.96 -34.29 -6.97
CA LYS EA 44 -46.14 -35.72 -6.83
C LYS EA 44 -45.99 -36.42 -8.18
N ASN EA 45 -45.34 -37.58 -8.16
CA ASN EA 45 -45.17 -38.41 -9.32
C ASN EA 45 -46.24 -39.51 -9.32
N ARG EA 46 -46.25 -40.30 -10.37
CA ARG EA 46 -47.19 -41.42 -10.39
C ARG EA 46 -46.53 -42.74 -10.74
N SER EA 47 -45.57 -42.74 -11.67
CA SER EA 47 -44.72 -43.88 -12.03
C SER EA 47 -45.54 -45.08 -12.51
N GLU EA 48 -46.26 -44.89 -13.60
CA GLU EA 48 -46.89 -46.00 -14.31
C GLU EA 48 -45.97 -46.51 -15.42
N VAL EA 49 -44.76 -46.88 -15.02
CA VAL EA 49 -43.79 -47.44 -15.96
C VAL EA 49 -44.25 -48.80 -16.45
N VAL EA 50 -44.75 -49.64 -15.55
CA VAL EA 50 -45.30 -50.93 -15.93
C VAL EA 50 -46.82 -50.87 -15.75
N LEU EA 51 -47.51 -50.64 -16.87
CA LEU EA 51 -48.98 -50.69 -16.93
C LEU EA 51 -49.34 -50.96 -18.37
N ILE EA 52 -49.76 -52.19 -18.67
CA ILE EA 52 -50.05 -52.60 -20.04
C ILE EA 52 -51.43 -53.26 -20.03
N ASP EA 53 -52.49 -52.52 -20.36
CA ASP EA 53 -52.51 -51.07 -20.61
C ASP EA 53 -53.85 -50.55 -20.11
N ILE EA 54 -54.01 -49.22 -20.00
CA ILE EA 54 -55.33 -48.66 -19.74
C ILE EA 54 -56.17 -48.80 -21.01
N THR EA 55 -57.42 -49.24 -20.85
CA THR EA 55 -58.16 -49.72 -22.01
C THR EA 55 -58.75 -48.60 -22.84
N GLY EA 56 -59.73 -47.88 -22.29
CA GLY EA 56 -60.31 -46.80 -23.05
C GLY EA 56 -60.75 -45.61 -22.22
N VAL EA 57 -60.61 -45.69 -20.91
CA VAL EA 57 -60.97 -44.57 -20.04
C VAL EA 57 -59.75 -44.15 -19.22
N PRO EA 58 -58.87 -43.31 -19.76
CA PRO EA 58 -57.93 -42.57 -18.92
C PRO EA 58 -58.44 -41.20 -18.50
N VAL EA 59 -59.73 -40.92 -18.76
CA VAL EA 59 -60.35 -39.66 -18.33
C VAL EA 59 -60.34 -39.58 -16.81
N VAL EA 60 -60.62 -40.70 -16.14
CA VAL EA 60 -60.46 -40.76 -14.69
C VAL EA 60 -58.98 -40.68 -14.31
N ASP EA 61 -58.10 -41.20 -15.15
CA ASP EA 61 -56.67 -41.14 -14.91
C ASP EA 61 -56.05 -39.81 -15.35
N THR EA 62 -56.83 -38.91 -15.95
CA THR EA 62 -56.35 -37.58 -16.31
C THR EA 62 -57.22 -36.51 -15.69
N MET EA 63 -58.33 -36.88 -15.03
CA MET EA 63 -58.99 -35.94 -14.15
C MET EA 63 -58.15 -35.63 -12.92
N VAL EA 64 -57.24 -36.56 -12.57
CA VAL EA 64 -56.29 -36.31 -11.49
C VAL EA 64 -55.27 -35.24 -11.88
N ALA EA 65 -55.09 -34.99 -13.18
CA ALA EA 65 -54.27 -33.86 -13.61
C ALA EA 65 -54.94 -32.52 -13.31
N HIS EA 66 -56.26 -32.51 -13.14
CA HIS EA 66 -56.96 -31.34 -12.64
C HIS EA 66 -57.59 -31.66 -11.29
N HIS EA 67 -56.86 -32.44 -10.49
CA HIS EA 67 -57.15 -32.64 -9.08
C HIS EA 67 -56.01 -32.15 -8.20
N ILE EA 68 -54.79 -32.57 -8.50
CA ILE EA 68 -53.63 -32.16 -7.72
C ILE EA 68 -53.23 -30.72 -8.03
N ILE EA 69 -53.58 -30.22 -9.22
CA ILE EA 69 -53.31 -28.82 -9.53
C ILE EA 69 -54.23 -27.91 -8.71
N GLN EA 70 -55.35 -28.45 -8.22
CA GLN EA 70 -56.21 -27.73 -7.30
C GLN EA 70 -56.20 -28.30 -5.89
N ALA EA 71 -55.47 -29.39 -5.64
CA ALA EA 71 -55.28 -29.81 -4.26
C ALA EA 71 -53.98 -29.23 -3.72
N SER EA 72 -52.82 -29.65 -4.23
CA SER EA 72 -51.58 -28.97 -3.91
C SER EA 72 -50.87 -28.42 -5.14
N GLU EA 73 -50.32 -29.28 -6.01
CA GLU EA 73 -49.47 -28.85 -7.11
C GLU EA 73 -49.11 -29.99 -8.07
N ALA EA 74 -49.34 -29.79 -9.37
CA ALA EA 74 -48.65 -30.38 -10.52
C ALA EA 74 -48.26 -31.86 -10.43
N VAL EA 75 -49.25 -32.75 -10.40
CA VAL EA 75 -48.97 -34.16 -10.61
C VAL EA 75 -48.34 -34.37 -11.98
N ARG EA 76 -47.40 -35.30 -12.06
CA ARG EA 76 -46.73 -35.58 -13.32
C ARG EA 76 -46.64 -37.09 -13.52
N LEU EA 77 -46.53 -37.49 -14.77
CA LEU EA 77 -46.50 -38.90 -15.16
C LEU EA 77 -45.06 -39.30 -15.47
N VAL EA 78 -44.70 -40.51 -15.08
CA VAL EA 78 -43.33 -40.99 -15.21
C VAL EA 78 -43.35 -42.24 -16.07
N GLY EA 79 -42.81 -42.13 -17.28
CA GLY EA 79 -42.58 -43.27 -18.14
C GLY EA 79 -43.82 -43.95 -18.67
N CYS EA 80 -44.59 -43.26 -19.49
CA CYS EA 80 -45.66 -43.91 -20.22
C CYS EA 80 -45.05 -44.83 -21.28
N GLN EA 81 -45.64 -46.00 -21.44
CA GLN EA 81 -45.14 -46.94 -22.43
C GLN EA 81 -45.50 -46.48 -23.84
N ALA EA 82 -44.81 -47.04 -24.84
CA ALA EA 82 -45.02 -46.63 -26.21
C ALA EA 82 -46.38 -47.08 -26.73
N MET EA 83 -46.82 -48.26 -26.33
CA MET EA 83 -48.14 -48.75 -26.72
C MET EA 83 -49.27 -48.10 -25.93
N LEU EA 84 -48.95 -47.37 -24.86
CA LEU EA 84 -49.99 -46.78 -24.02
C LEU EA 84 -50.62 -45.56 -24.67
N VAL EA 85 -49.88 -44.85 -25.50
CA VAL EA 85 -50.28 -43.53 -25.98
C VAL EA 85 -50.52 -43.54 -27.48
N GLY EA 86 -51.03 -44.65 -28.00
CA GLY EA 86 -51.24 -44.82 -29.42
C GLY EA 86 -52.23 -43.86 -30.05
N ILE EA 87 -53.51 -43.98 -29.70
CA ILE EA 87 -54.55 -43.11 -30.24
C ILE EA 87 -55.14 -42.31 -29.09
N ARG EA 88 -55.09 -40.98 -29.20
CA ARG EA 88 -55.63 -40.10 -28.17
C ARG EA 88 -56.94 -39.52 -28.66
N PRO EA 89 -58.09 -39.92 -28.09
CA PRO EA 89 -59.36 -39.28 -28.47
C PRO EA 89 -59.59 -37.93 -27.82
N GLU EA 90 -58.82 -37.56 -26.81
CA GLU EA 90 -59.00 -36.30 -26.10
C GLU EA 90 -58.46 -35.13 -26.89
N GLN EA 104 -50.75 -28.65 -21.65
CA GLN EA 104 -51.48 -29.71 -20.96
C GLN EA 104 -50.76 -30.07 -19.66
N ILE EA 105 -50.33 -31.33 -19.54
CA ILE EA 105 -49.70 -31.82 -18.32
C ILE EA 105 -48.20 -31.97 -18.55
N ILE EA 106 -47.47 -32.16 -17.46
CA ILE EA 106 -46.02 -32.31 -17.47
C ILE EA 106 -45.68 -33.77 -17.21
N THR EA 107 -44.64 -34.26 -17.87
CA THR EA 107 -44.24 -35.66 -17.72
C THR EA 107 -42.72 -35.76 -17.83
N THR EA 108 -42.23 -36.99 -17.60
CA THR EA 108 -40.80 -37.26 -17.64
C THR EA 108 -40.62 -38.71 -18.10
N ASN EA 109 -39.62 -38.94 -18.95
CA ASN EA 109 -39.45 -40.25 -19.57
C ASN EA 109 -39.00 -41.31 -18.56
N THR EA 110 -38.16 -40.94 -17.59
CA THR EA 110 -37.63 -41.91 -16.65
C THR EA 110 -37.66 -41.35 -15.24
N MET EA 111 -37.50 -42.26 -14.27
CA MET EA 111 -37.82 -41.95 -12.88
C MET EA 111 -36.72 -41.14 -12.20
N LYS EA 112 -35.45 -41.48 -12.45
CA LYS EA 112 -34.35 -40.88 -11.70
C LYS EA 112 -34.16 -39.40 -12.02
N LYS EA 113 -34.64 -38.94 -13.17
CA LYS EA 113 -34.70 -37.51 -13.45
C LYS EA 113 -36.11 -36.96 -13.36
N GLY EA 114 -37.10 -37.82 -13.10
CA GLY EA 114 -38.41 -37.32 -12.68
C GLY EA 114 -38.34 -36.66 -11.33
N MET EA 115 -37.49 -37.16 -10.45
CA MET EA 115 -37.21 -36.50 -9.18
C MET EA 115 -36.40 -35.23 -9.38
N GLU EA 116 -35.68 -35.10 -10.50
CA GLU EA 116 -34.78 -33.96 -10.69
C GLU EA 116 -35.56 -32.68 -10.91
N ARG EA 117 -36.48 -32.66 -11.88
CA ARG EA 117 -37.27 -31.46 -12.11
C ARG EA 117 -38.32 -31.24 -11.03
N ALA EA 118 -38.72 -32.31 -10.32
CA ALA EA 118 -39.61 -32.13 -9.19
C ALA EA 118 -38.91 -31.41 -8.04
N LEU EA 119 -37.61 -31.67 -7.85
CA LEU EA 119 -36.86 -30.92 -6.87
C LEU EA 119 -36.57 -29.50 -7.33
N ALA EA 120 -36.63 -29.24 -8.63
CA ALA EA 120 -36.56 -27.87 -9.12
C ALA EA 120 -37.85 -27.12 -8.82
N LEU EA 121 -38.98 -27.83 -8.76
CA LEU EA 121 -40.25 -27.24 -8.36
C LEU EA 121 -40.38 -27.04 -6.86
N THR EA 122 -39.38 -27.46 -6.08
CA THR EA 122 -39.30 -27.11 -4.67
C THR EA 122 -37.98 -26.41 -4.34
N ASN EA 123 -37.20 -26.05 -5.36
CA ASN EA 123 -35.96 -25.28 -5.26
C ASN EA 123 -34.94 -25.98 -4.37
N ARG EA 124 -34.57 -27.20 -4.77
CA ARG EA 124 -33.56 -27.98 -4.07
C ARG EA 124 -32.79 -28.80 -5.09
N GLU EA 125 -31.50 -29.02 -4.79
CA GLU EA 125 -30.63 -29.77 -5.69
C GLU EA 125 -29.94 -30.92 -4.96
N ILE EA 126 -28.99 -31.55 -5.62
CA ILE EA 126 -28.13 -32.55 -5.00
C ILE EA 126 -26.71 -32.30 -5.50
N VAL EA 127 -25.75 -32.31 -4.58
CA VAL EA 127 -24.38 -31.89 -4.91
C VAL EA 127 -23.39 -32.97 -4.53
N GLU EA 128 -22.11 -32.67 -4.72
CA GLU EA 128 -20.97 -33.42 -4.16
C GLU EA 128 -20.88 -34.86 -4.68
N SER FA 1 -47.74 -5.24 -61.80
CA SER FA 1 -46.59 -5.86 -61.12
C SER FA 1 -46.78 -7.36 -61.02
N ALA FA 2 -45.91 -8.11 -61.71
CA ALA FA 2 -46.00 -9.57 -61.69
C ALA FA 2 -45.62 -10.13 -60.33
N LEU FA 3 -44.56 -9.61 -59.75
CA LEU FA 3 -44.23 -9.88 -58.35
C LEU FA 3 -44.91 -8.82 -57.49
N GLN FA 4 -45.24 -9.20 -56.25
CA GLN FA 4 -45.98 -8.26 -55.41
C GLN FA 4 -45.05 -7.18 -54.87
N GLU FA 5 -44.13 -7.55 -53.98
CA GLU FA 5 -43.12 -6.69 -53.37
C GLU FA 5 -42.08 -7.58 -52.70
N LEU FA 6 -40.91 -7.00 -52.43
CA LEU FA 6 -39.85 -7.71 -51.72
C LEU FA 6 -38.79 -6.70 -51.26
N SER FA 7 -38.12 -7.05 -50.17
CA SER FA 7 -36.90 -6.38 -49.71
C SER FA 7 -36.18 -7.33 -48.76
N ALA FA 8 -34.97 -6.93 -48.31
CA ALA FA 8 -34.16 -7.80 -47.46
C ALA FA 8 -33.05 -7.08 -46.69
N PRO FA 9 -33.33 -6.50 -45.50
CA PRO FA 9 -32.24 -6.02 -44.62
C PRO FA 9 -31.70 -7.09 -43.66
N LEU FA 10 -31.21 -8.17 -44.26
CA LEU FA 10 -30.22 -9.19 -43.85
C LEU FA 10 -30.58 -10.21 -42.77
N LEU FA 11 -31.46 -9.93 -41.82
CA LEU FA 11 -32.24 -11.05 -41.28
C LEU FA 11 -33.68 -11.07 -41.76
N PRO FA 12 -34.50 -10.01 -41.61
CA PRO FA 12 -35.89 -10.16 -42.04
C PRO FA 12 -36.13 -9.75 -43.49
N ILE FA 13 -36.48 -10.72 -44.28
CA ILE FA 13 -37.13 -10.45 -45.55
C ILE FA 13 -38.50 -9.86 -45.24
N PHE FA 14 -38.89 -8.81 -45.95
CA PHE FA 14 -40.18 -8.19 -45.64
C PHE FA 14 -40.76 -7.55 -46.87
N GLU FA 15 -42.09 -7.49 -46.90
CA GLU FA 15 -42.86 -7.22 -48.09
C GLU FA 15 -43.83 -6.08 -47.80
N LYS FA 16 -44.05 -5.21 -48.79
CA LYS FA 16 -45.03 -4.15 -48.67
C LYS FA 16 -46.24 -4.47 -49.55
N ILE FA 17 -47.26 -3.63 -49.43
CA ILE FA 17 -48.55 -3.92 -50.04
C ILE FA 17 -49.15 -2.63 -50.61
N SER FA 18 -49.53 -2.67 -51.88
CA SER FA 18 -50.39 -1.67 -52.49
C SER FA 18 -51.82 -2.18 -52.53
N VAL FA 19 -52.75 -1.29 -52.88
CA VAL FA 19 -54.16 -1.59 -52.73
C VAL FA 19 -54.64 -2.48 -53.87
N MET FA 20 -54.58 -3.80 -53.67
CA MET FA 20 -55.14 -4.78 -54.58
C MET FA 20 -55.93 -5.79 -53.75
N PRO FA 21 -57.11 -5.41 -53.25
CA PRO FA 21 -57.87 -6.29 -52.33
C PRO FA 21 -58.87 -7.20 -53.03
N LEU FA 22 -58.36 -8.24 -53.71
CA LEU FA 22 -59.23 -9.25 -54.29
C LEU FA 22 -58.56 -10.61 -54.22
N ILE FA 23 -59.31 -11.63 -54.64
CA ILE FA 23 -58.82 -13.00 -54.64
C ILE FA 23 -58.07 -13.34 -55.92
N GLY FA 24 -58.12 -12.47 -56.93
CA GLY FA 24 -57.36 -12.72 -58.15
C GLY FA 24 -55.87 -12.57 -57.95
N THR FA 25 -55.46 -11.72 -57.01
CA THR FA 25 -54.07 -11.60 -56.61
C THR FA 25 -53.74 -12.50 -55.42
N ILE FA 26 -54.09 -13.79 -55.56
CA ILE FA 26 -53.79 -14.80 -54.55
C ILE FA 26 -52.32 -15.22 -54.59
N ASP FA 27 -51.56 -14.72 -55.56
CA ASP FA 27 -50.15 -15.06 -55.69
C ASP FA 27 -49.28 -14.52 -54.57
N THR FA 28 -49.79 -13.57 -53.78
CA THR FA 28 -49.04 -13.03 -52.64
C THR FA 28 -48.77 -14.08 -51.56
N GLU FA 29 -49.54 -15.16 -51.53
CA GLU FA 29 -49.16 -16.31 -50.71
C GLU FA 29 -48.07 -17.13 -51.40
N ARG FA 30 -48.25 -17.43 -52.69
CA ARG FA 30 -47.33 -18.29 -53.40
C ARG FA 30 -46.01 -17.59 -53.72
N ALA FA 31 -46.06 -16.31 -54.11
CA ALA FA 31 -44.86 -15.56 -54.42
C ALA FA 31 -44.21 -14.95 -53.17
N LYS FA 32 -44.52 -15.47 -52.00
CA LYS FA 32 -43.81 -15.15 -50.77
C LYS FA 32 -43.15 -16.38 -50.16
N LEU FA 33 -43.90 -17.47 -50.01
CA LEU FA 33 -43.36 -18.69 -49.39
C LEU FA 33 -42.32 -19.34 -50.25
N ILE FA 34 -42.49 -19.28 -51.58
CA ILE FA 34 -41.44 -19.73 -52.50
C ILE FA 34 -40.18 -18.89 -52.31
N ILE FA 35 -40.35 -17.58 -52.13
CA ILE FA 35 -39.20 -16.73 -51.85
C ILE FA 35 -38.73 -16.86 -50.39
N GLU FA 36 -39.61 -17.31 -49.49
CA GLU FA 36 -39.26 -17.39 -48.08
C GLU FA 36 -38.21 -18.45 -47.81
N ASN FA 37 -38.39 -19.66 -48.33
CA ASN FA 37 -37.36 -20.67 -48.17
C ASN FA 37 -36.24 -20.55 -49.19
N LEU FA 38 -36.34 -19.62 -50.15
CA LEU FA 38 -35.29 -19.46 -51.15
C LEU FA 38 -34.04 -18.83 -50.52
N LEU FA 39 -34.17 -17.60 -50.05
CA LEU FA 39 -33.15 -17.00 -49.19
C LEU FA 39 -33.68 -17.05 -47.76
N ILE FA 40 -32.88 -17.59 -46.84
CA ILE FA 40 -33.38 -17.96 -45.53
C ILE FA 40 -33.50 -16.67 -44.71
N GLY FA 41 -34.70 -16.10 -44.68
CA GLY FA 41 -35.04 -15.05 -43.74
C GLY FA 41 -35.74 -15.63 -42.54
N VAL FA 42 -35.84 -14.83 -41.48
CA VAL FA 42 -36.37 -15.30 -40.21
C VAL FA 42 -37.71 -14.63 -39.87
N VAL FA 43 -37.81 -13.32 -40.09
CA VAL FA 43 -38.93 -12.51 -39.60
C VAL FA 43 -39.59 -11.85 -40.81
N LYS FA 44 -40.93 -11.74 -40.79
CA LYS FA 44 -41.66 -11.08 -41.85
C LYS FA 44 -42.38 -9.85 -41.34
N ASN FA 45 -42.45 -8.82 -42.18
CA ASN FA 45 -43.26 -7.64 -41.94
C ASN FA 45 -44.19 -7.43 -43.13
N ARG FA 46 -45.40 -6.95 -42.84
CA ARG FA 46 -46.42 -6.83 -43.88
C ARG FA 46 -46.67 -5.41 -44.35
N SER FA 47 -46.72 -4.45 -43.41
CA SER FA 47 -46.82 -3.00 -43.68
C SER FA 47 -48.03 -2.66 -44.54
N GLU FA 48 -49.20 -3.08 -44.10
CA GLU FA 48 -50.45 -2.70 -44.76
C GLU FA 48 -51.01 -1.40 -44.20
N VAL FA 49 -50.17 -0.36 -44.21
CA VAL FA 49 -50.61 0.96 -43.76
C VAL FA 49 -51.56 1.57 -44.79
N VAL FA 50 -51.40 1.24 -46.06
CA VAL FA 50 -52.32 1.70 -47.08
C VAL FA 50 -53.16 0.52 -47.58
N LEU FA 51 -54.30 0.31 -46.93
CA LEU FA 51 -55.22 -0.78 -47.29
C LEU FA 51 -56.59 -0.48 -46.71
N ILE FA 52 -57.57 -0.23 -47.57
CA ILE FA 52 -58.97 -0.13 -47.18
C ILE FA 52 -59.83 -0.52 -48.38
N ASP FA 53 -60.73 -1.48 -48.21
CA ASP FA 53 -60.85 -2.34 -47.03
C ASP FA 53 -60.59 -3.78 -47.43
N ILE FA 54 -60.84 -4.71 -46.52
CA ILE FA 54 -60.76 -6.13 -46.80
C ILE FA 54 -62.16 -6.73 -46.74
N THR FA 55 -62.39 -7.77 -47.55
CA THR FA 55 -63.71 -8.38 -47.65
C THR FA 55 -63.72 -9.83 -47.17
N GLY FA 56 -62.90 -10.70 -47.76
CA GLY FA 56 -62.87 -12.09 -47.38
C GLY FA 56 -61.46 -12.63 -47.39
N VAL FA 57 -60.50 -11.76 -47.70
CA VAL FA 57 -59.08 -12.07 -47.67
C VAL FA 57 -58.47 -12.41 -46.30
N PRO FA 58 -59.02 -12.11 -45.12
CA PRO FA 58 -58.45 -12.69 -43.89
C PRO FA 58 -58.52 -14.21 -43.79
N VAL FA 59 -59.30 -14.90 -44.63
CA VAL FA 59 -59.15 -16.35 -44.73
C VAL FA 59 -57.82 -16.67 -45.41
N VAL FA 60 -57.35 -15.78 -46.29
CA VAL FA 60 -56.06 -15.94 -46.95
C VAL FA 60 -54.95 -15.26 -46.16
N ASP FA 61 -55.19 -14.04 -45.67
CA ASP FA 61 -54.12 -13.22 -45.12
C ASP FA 61 -53.65 -13.73 -43.76
N THR FA 62 -54.58 -14.15 -42.90
CA THR FA 62 -54.19 -14.74 -41.62
C THR FA 62 -53.55 -16.11 -41.83
N MET FA 63 -53.97 -16.82 -42.89
CA MET FA 63 -53.32 -18.06 -43.27
C MET FA 63 -51.87 -17.81 -43.72
N VAL FA 64 -51.63 -16.68 -44.39
CA VAL FA 64 -50.26 -16.27 -44.68
C VAL FA 64 -49.54 -15.92 -43.39
N ALA FA 65 -50.24 -15.26 -42.46
CA ALA FA 65 -49.68 -14.99 -41.14
C ALA FA 65 -49.65 -16.21 -40.23
N HIS FA 66 -50.11 -17.37 -40.71
CA HIS FA 66 -49.94 -18.62 -39.97
C HIS FA 66 -48.81 -19.47 -40.50
N HIS FA 67 -48.49 -19.36 -41.80
CA HIS FA 67 -47.48 -20.21 -42.40
C HIS FA 67 -46.07 -19.84 -41.95
N ILE FA 68 -45.82 -18.56 -41.73
CA ILE FA 68 -44.48 -18.11 -41.35
C ILE FA 68 -44.16 -18.53 -39.93
N ILE FA 69 -45.18 -18.71 -39.09
CA ILE FA 69 -44.97 -19.27 -37.76
C ILE FA 69 -44.47 -20.71 -37.85
N GLN FA 70 -44.96 -21.45 -38.84
CA GLN FA 70 -44.49 -22.81 -39.05
C GLN FA 70 -43.40 -22.92 -40.11
N ALA FA 71 -43.16 -21.87 -40.91
CA ALA FA 71 -42.01 -21.91 -41.81
C ALA FA 71 -40.74 -21.49 -41.07
N SER FA 72 -40.63 -20.21 -40.69
CA SER FA 72 -39.50 -19.78 -39.88
C SER FA 72 -39.89 -19.20 -38.53
N GLU FA 73 -40.48 -17.99 -38.48
CA GLU FA 73 -40.62 -17.25 -37.22
C GLU FA 73 -41.41 -15.95 -37.36
N ALA FA 74 -42.28 -15.67 -36.38
CA ALA FA 74 -42.71 -14.34 -35.89
C ALA FA 74 -43.08 -13.35 -37.01
N VAL FA 75 -44.16 -13.67 -37.71
CA VAL FA 75 -44.74 -12.66 -38.60
C VAL FA 75 -45.42 -11.58 -37.75
N ARG FA 76 -45.56 -10.38 -38.33
CA ARG FA 76 -46.31 -9.32 -37.69
C ARG FA 76 -46.96 -8.42 -38.73
N LEU FA 77 -48.20 -8.05 -38.48
CA LEU FA 77 -48.91 -7.10 -39.33
C LEU FA 77 -48.59 -5.69 -38.85
N VAL FA 78 -48.01 -4.89 -39.74
CA VAL FA 78 -47.49 -3.58 -39.38
C VAL FA 78 -48.51 -2.52 -39.77
N GLY FA 79 -49.13 -1.90 -38.76
CA GLY FA 79 -49.95 -0.73 -38.97
C GLY FA 79 -51.26 -0.97 -39.69
N CYS FA 80 -52.16 -1.73 -39.07
CA CYS FA 80 -53.51 -1.84 -39.59
C CYS FA 80 -54.25 -0.53 -39.38
N GLN FA 81 -55.11 -0.18 -40.33
CA GLN FA 81 -55.84 1.07 -40.25
C GLN FA 81 -57.00 0.96 -39.26
N ALA FA 82 -57.41 2.11 -38.72
CA ALA FA 82 -58.46 2.14 -37.72
C ALA FA 82 -59.81 1.81 -38.34
N MET FA 83 -60.07 2.30 -39.55
CA MET FA 83 -61.30 1.94 -40.26
C MET FA 83 -61.25 0.51 -40.79
N LEU FA 84 -60.05 -0.04 -40.96
CA LEU FA 84 -59.91 -1.39 -41.52
C LEU FA 84 -60.35 -2.45 -40.54
N VAL FA 85 -59.80 -2.44 -39.33
CA VAL FA 85 -60.03 -3.50 -38.36
C VAL FA 85 -61.19 -3.17 -37.42
N GLY FA 86 -62.04 -2.21 -37.81
CA GLY FA 86 -63.20 -1.86 -36.99
C GLY FA 86 -64.23 -2.96 -36.89
N ILE FA 87 -64.22 -3.91 -37.81
CA ILE FA 87 -65.14 -5.05 -37.79
C ILE FA 87 -64.29 -6.32 -37.80
N ARG FA 88 -64.42 -7.11 -36.74
CA ARG FA 88 -63.72 -8.39 -36.62
C ARG FA 88 -64.74 -9.51 -36.53
N PRO FA 89 -65.09 -10.15 -37.66
CA PRO FA 89 -65.95 -11.33 -37.59
C PRO FA 89 -65.27 -12.55 -36.99
N GLU FA 90 -63.95 -12.57 -36.93
CA GLU FA 90 -63.22 -13.67 -36.30
C GLU FA 90 -62.17 -13.13 -35.35
N GLN FA 104 -53.19 -14.24 -30.40
CA GLN FA 104 -52.89 -14.68 -31.75
C GLN FA 104 -51.41 -14.46 -32.08
N ILE FA 105 -51.14 -13.42 -32.86
CA ILE FA 105 -49.80 -13.13 -33.34
C ILE FA 105 -49.31 -11.83 -32.73
N ILE FA 106 -48.05 -11.51 -32.98
CA ILE FA 106 -47.49 -10.25 -32.54
C ILE FA 106 -47.77 -9.21 -33.63
N THR FA 107 -47.74 -7.94 -33.24
CA THR FA 107 -48.05 -6.84 -34.15
C THR FA 107 -47.33 -5.59 -33.67
N THR FA 108 -47.61 -4.46 -34.31
CA THR FA 108 -46.99 -3.19 -33.98
C THR FA 108 -47.90 -2.08 -34.47
N ASN FA 109 -47.38 -0.84 -34.45
CA ASN FA 109 -48.15 0.33 -34.81
C ASN FA 109 -47.66 1.00 -36.09
N THR FA 110 -46.34 1.09 -36.29
CA THR FA 110 -45.80 1.69 -37.50
C THR FA 110 -44.50 0.98 -37.85
N MET FA 111 -43.98 1.33 -39.03
CA MET FA 111 -42.88 0.56 -39.62
C MET FA 111 -41.55 0.86 -38.96
N LYS FA 112 -41.29 2.13 -38.61
CA LYS FA 112 -39.97 2.51 -38.11
C LYS FA 112 -39.69 2.02 -36.70
N LYS FA 113 -40.72 1.57 -35.97
CA LYS FA 113 -40.50 0.91 -34.69
C LYS FA 113 -41.06 -0.49 -34.65
N GLY FA 114 -41.79 -0.92 -35.69
CA GLY FA 114 -42.12 -2.32 -35.82
C GLY FA 114 -40.89 -3.17 -36.10
N MET FA 115 -39.90 -2.59 -36.78
CA MET FA 115 -38.62 -3.26 -36.97
C MET FA 115 -37.85 -3.42 -35.66
N GLU FA 116 -38.11 -2.55 -34.68
CA GLU FA 116 -37.37 -2.58 -33.43
C GLU FA 116 -37.70 -3.81 -32.61
N ARG FA 117 -38.99 -4.14 -32.47
CA ARG FA 117 -39.34 -5.39 -31.80
C ARG FA 117 -39.09 -6.59 -32.69
N ALA FA 118 -38.97 -6.39 -34.01
CA ALA FA 118 -38.43 -7.46 -34.85
C ALA FA 118 -36.95 -7.66 -34.60
N LEU FA 119 -36.22 -6.56 -34.37
CA LEU FA 119 -34.83 -6.67 -33.93
C LEU FA 119 -34.72 -7.26 -32.54
N ALA FA 120 -35.69 -7.00 -31.67
CA ALA FA 120 -35.55 -7.39 -30.28
C ALA FA 120 -35.91 -8.85 -30.05
N LEU FA 121 -36.98 -9.32 -30.70
CA LEU FA 121 -37.51 -10.65 -30.45
C LEU FA 121 -36.91 -11.71 -31.35
N THR FA 122 -35.71 -11.46 -31.90
CA THR FA 122 -35.01 -12.43 -32.71
C THR FA 122 -33.54 -12.51 -32.27
N ASN FA 123 -33.27 -12.04 -31.04
CA ASN FA 123 -31.97 -12.05 -30.38
C ASN FA 123 -30.89 -11.28 -31.14
N ARG FA 124 -31.29 -10.34 -32.00
CA ARG FA 124 -30.34 -9.46 -32.69
C ARG FA 124 -29.89 -8.40 -31.69
N GLU FA 125 -28.85 -8.72 -30.93
CA GLU FA 125 -28.38 -7.83 -29.87
C GLU FA 125 -26.97 -7.38 -30.22
N ILE FA 126 -26.88 -6.21 -30.86
CA ILE FA 126 -25.61 -5.56 -31.17
C ILE FA 126 -25.62 -4.17 -30.55
N VAL FA 127 -24.44 -3.74 -30.09
CA VAL FA 127 -24.30 -2.55 -29.25
C VAL FA 127 -23.54 -1.48 -30.03
N GLU FA 128 -23.98 -0.23 -29.87
CA GLU FA 128 -23.33 0.92 -30.50
C GLU FA 128 -21.93 1.15 -29.94
N SER GA 1 -51.98 -63.18 -9.23
CA SER GA 1 -51.36 -61.88 -9.29
C SER GA 1 -50.04 -61.87 -8.53
N ALA GA 2 -48.93 -61.76 -9.27
CA ALA GA 2 -47.59 -61.72 -8.69
C ALA GA 2 -47.04 -60.30 -8.86
N LEU GA 3 -47.06 -59.55 -7.76
CA LEU GA 3 -46.52 -58.19 -7.73
C LEU GA 3 -46.09 -57.90 -6.31
N GLN GA 4 -44.83 -57.48 -6.12
CA GLN GA 4 -44.32 -57.28 -4.78
C GLN GA 4 -44.04 -55.82 -4.46
N GLU GA 5 -43.07 -55.20 -5.16
CA GLU GA 5 -43.00 -53.83 -5.69
C GLU GA 5 -41.61 -53.57 -6.26
N LEU GA 6 -41.43 -52.40 -6.87
CA LEU GA 6 -40.12 -51.79 -7.11
C LEU GA 6 -40.31 -50.32 -7.43
N SER GA 7 -39.22 -49.56 -7.25
CA SER GA 7 -39.10 -48.20 -7.77
C SER GA 7 -37.65 -48.01 -8.16
N ALA GA 8 -37.31 -46.79 -8.61
CA ALA GA 8 -35.93 -46.51 -8.99
C ALA GA 8 -35.62 -45.01 -8.96
N PRO GA 9 -35.43 -44.40 -7.78
CA PRO GA 9 -34.98 -43.00 -7.76
C PRO GA 9 -33.47 -42.90 -7.94
N LEU GA 10 -32.91 -41.70 -7.75
CA LEU GA 10 -31.81 -41.13 -8.50
C LEU GA 10 -30.63 -42.06 -8.78
N LEU GA 11 -29.79 -42.31 -7.80
CA LEU GA 11 -28.96 -43.53 -7.79
C LEU GA 11 -29.56 -44.69 -6.97
N PRO GA 12 -29.97 -44.54 -5.70
CA PRO GA 12 -30.31 -45.76 -4.94
C PRO GA 12 -31.74 -46.21 -5.19
N ILE GA 13 -31.88 -47.40 -5.78
CA ILE GA 13 -33.17 -48.08 -5.88
C ILE GA 13 -33.70 -48.37 -4.49
N PHE GA 14 -35.03 -48.29 -4.30
CA PHE GA 14 -35.63 -48.84 -3.10
C PHE GA 14 -36.98 -49.44 -3.44
N GLU GA 15 -37.55 -50.18 -2.49
CA GLU GA 15 -38.67 -51.07 -2.74
C GLU GA 15 -39.71 -50.92 -1.65
N LYS GA 16 -40.98 -50.80 -2.07
CA LYS GA 16 -42.10 -50.74 -1.14
C LYS GA 16 -42.61 -52.14 -0.82
N ILE GA 17 -43.24 -52.26 0.35
CA ILE GA 17 -43.87 -53.50 0.79
C ILE GA 17 -45.14 -53.11 1.54
N SER GA 18 -46.30 -53.60 1.08
CA SER GA 18 -47.54 -53.50 1.82
C SER GA 18 -47.79 -54.81 2.55
N VAL GA 19 -48.90 -54.90 3.28
CA VAL GA 19 -49.12 -56.04 4.17
C VAL GA 19 -49.43 -57.29 3.36
N MET GA 20 -48.70 -58.36 3.65
CA MET GA 20 -48.83 -59.69 3.07
C MET GA 20 -48.16 -60.69 4.00
N PRO GA 21 -48.83 -61.10 5.07
CA PRO GA 21 -48.15 -61.93 6.08
C PRO GA 21 -48.10 -63.42 5.77
N LEU GA 22 -47.12 -63.86 4.99
CA LEU GA 22 -46.92 -65.28 4.75
C LEU GA 22 -45.44 -65.55 4.50
N ILE GA 23 -45.12 -66.84 4.34
CA ILE GA 23 -43.75 -67.27 4.06
C ILE GA 23 -43.58 -67.76 2.63
N GLY GA 24 -44.63 -68.32 2.01
CA GLY GA 24 -44.57 -68.85 0.66
C GLY GA 24 -44.24 -67.84 -0.42
N THR GA 25 -44.35 -66.54 -0.11
CA THR GA 25 -43.86 -65.48 -1.00
C THR GA 25 -42.40 -65.22 -0.66
N ILE GA 26 -41.54 -66.13 -1.12
CA ILE GA 26 -40.09 -65.90 -1.10
C ILE GA 26 -39.64 -65.11 -2.32
N ASP GA 27 -40.57 -64.81 -3.24
CA ASP GA 27 -40.28 -64.00 -4.41
C ASP GA 27 -39.90 -62.58 -4.07
N THR GA 28 -40.32 -62.07 -2.89
CA THR GA 28 -39.96 -60.72 -2.48
C THR GA 28 -38.47 -60.55 -2.24
N GLU GA 29 -37.72 -61.63 -2.03
CA GLU GA 29 -36.27 -61.58 -2.08
C GLU GA 29 -35.71 -62.14 -3.38
N ARG GA 30 -36.49 -62.91 -4.14
CA ARG GA 30 -36.04 -63.31 -5.45
C ARG GA 30 -36.15 -62.17 -6.45
N ALA GA 31 -37.34 -61.55 -6.53
CA ALA GA 31 -37.54 -60.42 -7.44
C ALA GA 31 -36.76 -59.19 -7.00
N LYS GA 32 -36.32 -59.13 -5.74
CA LYS GA 32 -35.41 -58.09 -5.32
C LYS GA 32 -34.02 -58.30 -5.91
N LEU GA 33 -33.46 -59.50 -5.73
CA LEU GA 33 -32.07 -59.75 -6.14
C LEU GA 33 -31.91 -59.88 -7.64
N ILE GA 34 -32.92 -60.39 -8.36
CA ILE GA 34 -32.78 -60.51 -9.81
C ILE GA 34 -32.90 -59.18 -10.52
N ILE GA 35 -33.30 -58.12 -9.82
CA ILE GA 35 -33.34 -56.79 -10.40
C ILE GA 35 -32.32 -55.86 -9.77
N GLU GA 36 -31.81 -56.17 -8.57
CA GLU GA 36 -30.81 -55.34 -7.92
C GLU GA 36 -29.49 -55.37 -8.68
N ASN GA 37 -29.16 -56.53 -9.26
CA ASN GA 37 -27.95 -56.65 -10.04
C ASN GA 37 -28.11 -56.09 -11.45
N LEU GA 38 -29.33 -55.81 -11.90
CA LEU GA 38 -29.51 -55.31 -13.25
C LEU GA 38 -29.03 -53.87 -13.37
N LEU GA 39 -29.65 -52.96 -12.62
CA LEU GA 39 -29.14 -51.61 -12.55
C LEU GA 39 -28.01 -51.54 -11.52
N ILE GA 40 -27.43 -50.36 -11.37
CA ILE GA 40 -26.28 -50.21 -10.50
C ILE GA 40 -26.78 -50.05 -9.07
N GLY GA 41 -26.97 -51.17 -8.38
CA GLY GA 41 -27.62 -51.15 -7.09
C GLY GA 41 -26.70 -50.65 -5.99
N VAL GA 42 -27.25 -49.75 -5.16
CA VAL GA 42 -26.58 -49.19 -3.99
C VAL GA 42 -27.60 -49.45 -2.89
N VAL GA 43 -27.42 -48.85 -1.70
CA VAL GA 43 -28.27 -49.02 -0.52
C VAL GA 43 -29.75 -48.86 -0.85
N LYS GA 44 -30.56 -49.77 -0.32
CA LYS GA 44 -31.98 -49.86 -0.65
C LYS GA 44 -32.81 -49.98 0.60
N ASN GA 45 -34.08 -49.58 0.49
CA ASN GA 45 -34.99 -49.51 1.61
C ASN GA 45 -36.04 -50.61 1.51
N ARG GA 46 -36.76 -50.82 2.61
CA ARG GA 46 -37.80 -51.83 2.67
C ARG GA 46 -39.17 -51.23 2.92
N SER GA 47 -39.28 -50.30 3.88
CA SER GA 47 -40.47 -49.51 4.18
C SER GA 47 -41.66 -50.39 4.58
N GLU GA 48 -41.51 -51.05 5.74
CA GLU GA 48 -42.61 -51.80 6.34
C GLU GA 48 -43.55 -50.87 7.11
N VAL GA 49 -44.19 -49.97 6.38
CA VAL GA 49 -45.16 -49.08 6.99
C VAL GA 49 -46.43 -49.83 7.35
N VAL GA 50 -47.04 -50.47 6.36
CA VAL GA 50 -48.17 -51.35 6.58
C VAL GA 50 -47.69 -52.78 6.41
N LEU GA 51 -47.29 -53.38 7.54
CA LEU GA 51 -46.96 -54.80 7.61
C LEU GA 51 -47.15 -55.22 9.07
N ILE GA 52 -48.23 -55.92 9.35
CA ILE GA 52 -48.49 -56.44 10.69
C ILE GA 52 -49.19 -57.79 10.58
N ASP GA 53 -48.47 -58.88 10.90
CA ASP GA 53 -47.01 -58.95 11.05
C ASP GA 53 -46.54 -60.22 10.38
N ILE GA 54 -45.25 -60.35 10.09
CA ILE GA 54 -44.73 -61.66 9.67
C ILE GA 54 -44.73 -62.59 10.88
N THR GA 55 -45.16 -63.82 10.68
CA THR GA 55 -45.61 -64.64 11.80
C THR GA 55 -44.45 -65.29 12.56
N GLY GA 56 -43.73 -66.21 11.90
CA GLY GA 56 -42.77 -67.01 12.63
C GLY GA 56 -41.39 -67.04 12.06
N VAL GA 57 -41.25 -66.72 10.78
CA VAL GA 57 -39.93 -66.76 10.15
C VAL GA 57 -39.72 -65.54 9.27
N PRO GA 58 -39.22 -64.45 9.83
CA PRO GA 58 -38.52 -63.43 9.03
C PRO GA 58 -37.02 -63.67 8.93
N VAL GA 59 -36.55 -64.83 9.39
CA VAL GA 59 -35.16 -65.23 9.23
C VAL GA 59 -34.80 -65.33 7.75
N VAL GA 60 -35.76 -65.78 6.93
CA VAL GA 60 -35.59 -65.73 5.48
C VAL GA 60 -35.51 -64.29 5.00
N ASP GA 61 -36.28 -63.39 5.63
CA ASP GA 61 -36.28 -62.00 5.24
C ASP GA 61 -35.10 -61.22 5.84
N THR GA 62 -34.58 -61.63 6.99
CA THR GA 62 -33.52 -60.87 7.64
C THR GA 62 -32.13 -61.43 7.37
N MET GA 63 -32.00 -62.65 6.87
CA MET GA 63 -30.69 -63.11 6.41
C MET GA 63 -30.42 -62.72 4.98
N VAL GA 64 -31.47 -62.52 4.18
CA VAL GA 64 -31.27 -61.98 2.85
C VAL GA 64 -30.95 -60.49 2.93
N ALA GA 65 -31.32 -59.84 4.04
CA ALA GA 65 -30.92 -58.45 4.27
C ALA GA 65 -29.42 -58.35 4.51
N HIS GA 66 -28.81 -59.42 5.03
CA HIS GA 66 -27.36 -59.49 5.07
C HIS GA 66 -26.79 -59.72 3.66
N HIS GA 67 -27.47 -60.53 2.86
CA HIS GA 67 -26.93 -60.95 1.57
C HIS GA 67 -27.01 -59.88 0.49
N ILE GA 68 -27.62 -58.72 0.75
CA ILE GA 68 -27.47 -57.63 -0.21
C ILE GA 68 -26.10 -56.99 -0.09
N ILE GA 69 -25.48 -57.08 1.10
CA ILE GA 69 -24.14 -56.52 1.29
C ILE GA 69 -23.13 -57.28 0.45
N GLN GA 70 -23.30 -58.59 0.31
CA GLN GA 70 -22.40 -59.33 -0.56
C GLN GA 70 -22.76 -59.18 -2.04
N ALA GA 71 -24.01 -58.84 -2.36
CA ALA GA 71 -24.35 -58.63 -3.76
C ALA GA 71 -23.85 -57.28 -4.25
N SER GA 72 -24.42 -56.19 -3.73
CA SER GA 72 -23.93 -54.86 -4.10
C SER GA 72 -23.54 -54.00 -2.91
N GLU GA 73 -24.49 -53.77 -1.99
CA GLU GA 73 -24.37 -52.73 -0.98
C GLU GA 73 -25.44 -52.98 0.07
N ALA GA 74 -25.34 -52.27 1.20
CA ALA GA 74 -26.13 -52.51 2.40
C ALA GA 74 -27.60 -52.22 2.19
N VAL GA 75 -28.38 -52.45 3.25
CA VAL GA 75 -29.83 -52.37 3.21
C VAL GA 75 -30.30 -51.72 4.50
N ARG GA 76 -31.53 -51.23 4.50
CA ARG GA 76 -32.07 -50.60 5.70
C ARG GA 76 -33.56 -50.87 5.78
N LEU GA 77 -34.00 -51.32 6.94
CA LEU GA 77 -35.42 -51.56 7.20
C LEU GA 77 -36.02 -50.27 7.76
N VAL GA 78 -36.95 -49.69 7.02
CA VAL GA 78 -37.46 -48.35 7.31
C VAL GA 78 -38.78 -48.48 8.07
N GLY GA 79 -38.75 -48.17 9.35
CA GLY GA 79 -39.96 -48.02 10.14
C GLY GA 79 -40.71 -49.29 10.46
N CYS GA 80 -40.13 -50.14 11.29
CA CYS GA 80 -40.84 -51.30 11.79
C CYS GA 80 -41.97 -50.88 12.72
N GLN GA 81 -42.93 -51.78 12.91
CA GLN GA 81 -44.06 -51.50 13.79
C GLN GA 81 -43.65 -51.70 15.25
N ALA GA 82 -44.56 -51.34 16.15
CA ALA GA 82 -44.34 -51.56 17.57
C ALA GA 82 -44.69 -52.97 18.01
N MET GA 83 -45.24 -53.79 17.11
CA MET GA 83 -45.55 -55.18 17.39
C MET GA 83 -44.80 -56.15 16.48
N LEU GA 84 -44.32 -55.67 15.32
CA LEU GA 84 -43.51 -56.49 14.43
C LEU GA 84 -42.22 -56.92 15.10
N VAL GA 85 -41.58 -56.00 15.84
CA VAL GA 85 -40.42 -56.37 16.65
C VAL GA 85 -40.82 -56.99 17.98
N GLY GA 86 -42.13 -57.08 18.27
CA GLY GA 86 -42.71 -57.26 19.60
C GLY GA 86 -42.14 -58.40 20.44
N ILE GA 87 -41.62 -59.44 19.81
CA ILE GA 87 -40.80 -60.45 20.48
C ILE GA 87 -39.59 -60.71 19.61
N ARG GA 88 -38.39 -60.62 20.20
CA ARG GA 88 -37.14 -60.86 19.49
C ARG GA 88 -36.49 -62.13 20.03
N PRO GA 89 -36.72 -63.28 19.43
CA PRO GA 89 -36.03 -64.51 19.85
C PRO GA 89 -34.66 -64.71 19.23
N GLU GA 90 -34.10 -63.71 18.56
CA GLU GA 90 -32.78 -63.83 17.95
C GLU GA 90 -32.05 -62.50 17.92
N GLN GA 104 -24.98 -55.60 13.45
CA GLN GA 104 -26.15 -56.10 12.72
C GLN GA 104 -26.37 -55.25 11.47
N ILE GA 105 -27.62 -54.85 11.24
CA ILE GA 105 -27.97 -54.02 10.10
C ILE GA 105 -28.37 -52.65 10.62
N ILE GA 106 -28.57 -51.72 9.69
CA ILE GA 106 -28.97 -50.38 10.03
C ILE GA 106 -30.47 -50.25 9.84
N THR GA 107 -31.05 -49.22 10.43
CA THR GA 107 -32.49 -48.97 10.33
C THR GA 107 -32.75 -47.48 10.55
N THR GA 108 -33.95 -47.06 10.17
CA THR GA 108 -34.39 -45.68 10.34
C THR GA 108 -35.89 -45.70 10.56
N ASN GA 109 -36.41 -44.66 11.22
CA ASN GA 109 -37.82 -44.63 11.56
C ASN GA 109 -38.69 -44.14 10.41
N THR GA 110 -38.30 -43.04 9.76
CA THR GA 110 -39.09 -42.45 8.70
C THR GA 110 -38.38 -42.56 7.36
N MET GA 111 -39.16 -42.56 6.29
CA MET GA 111 -38.59 -42.59 4.94
C MET GA 111 -37.92 -41.28 4.58
N LYS GA 112 -38.38 -40.17 5.17
CA LYS GA 112 -37.86 -38.85 4.80
C LYS GA 112 -36.47 -38.59 5.37
N LYS GA 113 -36.05 -39.33 6.40
CA LYS GA 113 -34.67 -39.29 6.85
C LYS GA 113 -33.97 -40.63 6.67
N GLY GA 114 -34.71 -41.70 6.37
CA GLY GA 114 -34.08 -42.92 5.89
C GLY GA 114 -33.45 -42.73 4.53
N MET GA 115 -34.05 -41.88 3.70
CA MET GA 115 -33.41 -41.50 2.44
C MET GA 115 -32.25 -40.54 2.68
N GLU GA 116 -32.34 -39.72 3.74
CA GLU GA 116 -31.33 -38.68 3.95
C GLU GA 116 -29.99 -39.26 4.36
N ARG GA 117 -29.98 -40.22 5.28
CA ARG GA 117 -28.75 -40.90 5.65
C ARG GA 117 -28.45 -42.10 4.76
N ALA GA 118 -29.10 -42.18 3.61
CA ALA GA 118 -28.69 -43.08 2.53
C ALA GA 118 -27.90 -42.36 1.46
N LEU GA 119 -28.19 -41.07 1.22
CA LEU GA 119 -27.37 -40.28 0.33
C LEU GA 119 -26.03 -39.92 0.94
N ALA GA 120 -25.92 -39.97 2.27
CA ALA GA 120 -24.62 -39.85 2.92
C ALA GA 120 -23.76 -41.07 2.65
N LEU GA 121 -24.38 -42.24 2.44
CA LEU GA 121 -23.63 -43.43 2.04
C LEU GA 121 -23.15 -43.38 0.60
N THR GA 122 -23.66 -42.45 -0.20
CA THR GA 122 -23.08 -42.11 -1.48
C THR GA 122 -22.45 -40.73 -1.47
N ASN GA 123 -22.37 -40.10 -0.29
CA ASN GA 123 -21.76 -38.79 -0.04
C ASN GA 123 -22.40 -37.69 -0.88
N ARG GA 124 -23.70 -37.49 -0.66
CA ARG GA 124 -24.47 -36.47 -1.35
C ARG GA 124 -25.42 -35.82 -0.37
N GLU GA 125 -25.57 -34.49 -0.47
CA GLU GA 125 -26.39 -33.72 0.44
C GLU GA 125 -27.27 -32.75 -0.34
N ILE GA 126 -28.38 -32.36 0.28
CA ILE GA 126 -29.44 -31.62 -0.39
C ILE GA 126 -29.32 -30.15 -0.01
N VAL GA 127 -28.63 -29.37 -0.84
CA VAL GA 127 -28.55 -27.93 -0.69
C VAL GA 127 -29.76 -27.28 -1.32
N GLU GA 128 -29.95 -25.99 -1.06
CA GLU GA 128 -31.02 -25.21 -1.67
C GLU GA 128 -30.61 -24.75 -3.06
N SER HA 1 -37.36 -47.65 -52.98
CA SER HA 1 -35.91 -47.52 -52.89
C SER HA 1 -35.41 -46.37 -53.76
N ALA HA 2 -35.59 -45.14 -53.27
CA ALA HA 2 -35.22 -43.98 -54.06
C ALA HA 2 -33.74 -43.66 -53.97
N LEU HA 3 -33.26 -43.33 -52.77
CA LEU HA 3 -31.92 -42.78 -52.60
C LEU HA 3 -31.51 -42.89 -51.14
N GLN HA 4 -30.41 -42.22 -50.79
CA GLN HA 4 -29.90 -42.15 -49.42
C GLN HA 4 -29.92 -40.71 -48.94
N GLU HA 5 -30.32 -40.52 -47.69
CA GLU HA 5 -30.57 -39.19 -47.15
C GLU HA 5 -29.28 -38.54 -46.66
N LEU HA 6 -29.19 -37.22 -46.82
CA LEU HA 6 -28.03 -36.46 -46.39
C LEU HA 6 -28.46 -35.05 -46.01
N SER HA 7 -28.01 -34.58 -44.86
CA SER HA 7 -28.12 -33.17 -44.48
C SER HA 7 -26.93 -32.83 -43.59
N ALA HA 8 -27.01 -31.69 -42.90
CA ALA HA 8 -25.80 -31.19 -42.26
C ALA HA 8 -26.00 -30.39 -40.98
N PRO HA 9 -25.22 -30.64 -39.92
CA PRO HA 9 -25.10 -29.65 -38.84
C PRO HA 9 -24.01 -28.61 -39.10
N LEU HA 10 -23.97 -28.15 -40.35
CA LEU HA 10 -23.31 -26.96 -40.91
C LEU HA 10 -21.78 -27.01 -40.97
N LEU HA 11 -21.12 -27.76 -40.10
CA LEU HA 11 -19.74 -28.06 -40.42
C LEU HA 11 -19.59 -29.46 -41.04
N PRO HA 12 -20.13 -30.57 -40.41
CA PRO HA 12 -20.07 -31.85 -41.11
C PRO HA 12 -21.35 -32.18 -41.86
N ILE HA 13 -21.34 -33.29 -42.59
CA ILE HA 13 -22.51 -33.78 -43.30
C ILE HA 13 -22.69 -35.24 -42.92
N PHE HA 14 -23.79 -35.57 -42.26
CA PHE HA 14 -24.01 -36.96 -41.88
C PHE HA 14 -24.45 -37.76 -43.10
N GLU HA 15 -24.59 -39.07 -42.90
CA GLU HA 15 -25.10 -39.97 -43.92
C GLU HA 15 -25.58 -41.24 -43.24
N LYS HA 16 -26.55 -41.90 -43.85
CA LYS HA 16 -27.03 -43.18 -43.35
C LYS HA 16 -27.00 -44.20 -44.47
N ILE HA 17 -26.73 -45.44 -44.11
CA ILE HA 17 -26.72 -46.55 -45.07
C ILE HA 17 -27.56 -47.68 -44.49
N SER HA 18 -28.62 -48.04 -45.21
CA SER HA 18 -29.43 -49.21 -44.88
C SER HA 18 -28.97 -50.38 -45.75
N VAL HA 19 -29.73 -51.47 -45.74
CA VAL HA 19 -29.29 -52.73 -46.34
C VAL HA 19 -29.39 -52.60 -47.85
N MET HA 20 -28.25 -52.27 -48.49
CA MET HA 20 -28.15 -52.17 -49.94
C MET HA 20 -26.81 -52.74 -50.40
N PRO HA 21 -26.58 -54.08 -50.19
CA PRO HA 21 -25.27 -54.68 -50.44
C PRO HA 21 -25.11 -55.25 -51.84
N LEU HA 22 -25.38 -54.44 -52.85
CA LEU HA 22 -25.26 -54.89 -54.24
C LEU HA 22 -24.62 -53.80 -55.08
N ILE HA 23 -23.84 -54.23 -56.08
CA ILE HA 23 -23.03 -53.32 -56.88
C ILE HA 23 -23.87 -52.47 -57.82
N GLY HA 24 -25.14 -52.82 -58.04
CA GLY HA 24 -26.04 -51.96 -58.78
C GLY HA 24 -26.46 -50.71 -58.05
N THR HA 25 -26.19 -50.64 -56.74
CA THR HA 25 -26.47 -49.43 -55.95
C THR HA 25 -25.20 -48.60 -55.83
N ILE HA 26 -24.81 -48.01 -56.96
CA ILE HA 26 -23.72 -47.05 -56.99
C ILE HA 26 -24.23 -45.63 -56.74
N ASP HA 27 -25.54 -45.46 -56.53
CA ASP HA 27 -26.12 -44.14 -56.28
C ASP HA 27 -25.65 -43.55 -54.97
N THR HA 28 -25.31 -44.39 -53.99
CA THR HA 28 -24.69 -43.92 -52.76
C THR HA 28 -23.25 -43.49 -52.96
N GLU HA 29 -22.64 -43.82 -54.10
CA GLU HA 29 -21.29 -43.38 -54.44
C GLU HA 29 -21.29 -42.15 -55.33
N ARG HA 30 -22.34 -41.95 -56.12
CA ARG HA 30 -22.41 -40.81 -57.03
C ARG HA 30 -23.10 -39.62 -56.39
N ALA HA 31 -24.28 -39.83 -55.80
CA ALA HA 31 -25.04 -38.74 -55.20
C ALA HA 31 -24.50 -38.32 -53.84
N LYS HA 32 -23.42 -38.94 -53.35
CA LYS HA 32 -22.72 -38.47 -52.17
C LYS HA 32 -21.56 -37.55 -52.52
N LEU HA 33 -20.86 -37.82 -53.62
CA LEU HA 33 -19.86 -36.90 -54.11
C LEU HA 33 -20.46 -35.63 -54.72
N ILE HA 34 -21.72 -35.71 -55.17
CA ILE HA 34 -22.37 -34.54 -55.76
C ILE HA 34 -22.63 -33.49 -54.70
N ILE HA 35 -23.01 -33.90 -53.49
CA ILE HA 35 -23.37 -32.95 -52.45
C ILE HA 35 -22.18 -32.23 -51.84
N GLU HA 36 -20.95 -32.66 -52.13
CA GLU HA 36 -19.79 -32.11 -51.45
C GLU HA 36 -19.45 -30.71 -51.97
N ASN HA 37 -19.45 -30.52 -53.27
CA ASN HA 37 -19.28 -29.16 -53.77
C ASN HA 37 -20.59 -28.37 -53.79
N LEU HA 38 -21.71 -29.02 -53.46
CA LEU HA 38 -22.98 -28.29 -53.35
C LEU HA 38 -23.00 -27.42 -52.10
N LEU HA 39 -22.68 -28.02 -50.95
CA LEU HA 39 -22.41 -27.28 -49.72
C LEU HA 39 -21.12 -27.82 -49.16
N ILE HA 40 -20.21 -26.92 -48.78
CA ILE HA 40 -18.81 -27.30 -48.56
C ILE HA 40 -18.72 -27.75 -47.11
N GLY HA 41 -19.06 -29.02 -46.88
CA GLY HA 41 -18.74 -29.65 -45.62
C GLY HA 41 -17.28 -30.06 -45.58
N VAL HA 42 -16.73 -30.12 -44.38
CA VAL HA 42 -15.33 -30.49 -44.25
C VAL HA 42 -15.22 -31.97 -43.89
N VAL HA 43 -15.74 -32.35 -42.73
CA VAL HA 43 -15.77 -33.74 -42.34
C VAL HA 43 -17.11 -34.31 -42.78
N LYS HA 44 -17.19 -35.63 -42.93
CA LYS HA 44 -18.46 -36.30 -43.15
C LYS HA 44 -18.36 -37.72 -42.62
N ASN HA 45 -19.51 -38.35 -42.47
CA ASN HA 45 -19.60 -39.67 -41.86
C ASN HA 45 -20.34 -40.63 -42.79
N ARG HA 46 -20.31 -41.91 -42.43
CA ARG HA 46 -21.01 -42.93 -43.18
C ARG HA 46 -22.14 -43.57 -42.38
N SER HA 47 -21.85 -43.95 -41.13
CA SER HA 47 -22.82 -44.49 -40.16
C SER HA 47 -23.50 -45.75 -40.68
N GLU HA 48 -22.69 -46.73 -41.03
CA GLU HA 48 -23.19 -48.06 -41.41
C GLU HA 48 -23.26 -48.99 -40.21
N VAL HA 49 -23.86 -48.50 -39.12
CA VAL HA 49 -23.99 -49.28 -37.91
C VAL HA 49 -25.01 -50.39 -38.10
N VAL HA 50 -26.06 -50.12 -38.89
CA VAL HA 50 -27.03 -51.16 -39.20
C VAL HA 50 -26.90 -51.61 -40.65
N LEU HA 51 -26.04 -52.59 -40.87
CA LEU HA 51 -25.92 -53.29 -42.15
C LEU HA 51 -25.19 -54.59 -41.88
N ILE HA 52 -25.85 -55.71 -42.18
CA ILE HA 52 -25.21 -57.02 -42.22
C ILE HA 52 -25.74 -57.70 -43.47
N ASP HA 53 -24.87 -57.95 -44.46
CA ASP HA 53 -23.43 -57.71 -44.42
C ASP HA 53 -22.93 -57.17 -45.76
N ILE HA 54 -21.61 -57.21 -45.96
CA ILE HA 54 -20.97 -56.81 -47.20
C ILE HA 54 -20.32 -58.03 -47.84
N THR HA 55 -20.74 -58.34 -49.06
CA THR HA 55 -20.05 -59.32 -49.90
C THR HA 55 -19.48 -58.71 -51.18
N GLY HA 56 -20.31 -58.03 -51.97
CA GLY HA 56 -19.94 -57.61 -53.31
C GLY HA 56 -19.21 -56.30 -53.46
N VAL HA 57 -19.06 -55.51 -52.41
CA VAL HA 57 -18.36 -54.24 -52.52
C VAL HA 57 -17.21 -54.21 -51.51
N PRO HA 58 -16.09 -54.86 -51.80
CA PRO HA 58 -14.98 -54.87 -50.84
C PRO HA 58 -14.13 -53.61 -50.87
N VAL HA 59 -13.87 -53.09 -52.07
CA VAL HA 59 -12.95 -51.97 -52.25
C VAL HA 59 -13.67 -50.70 -52.65
N VAL HA 60 -14.77 -50.81 -53.41
CA VAL HA 60 -15.41 -49.65 -54.05
C VAL HA 60 -16.09 -48.76 -53.01
N ASP HA 61 -16.41 -49.29 -51.83
CA ASP HA 61 -16.87 -48.45 -50.74
C ASP HA 61 -15.71 -47.74 -50.05
N THR HA 62 -14.54 -48.36 -49.99
CA THR HA 62 -13.36 -47.73 -49.42
C THR HA 62 -12.52 -46.99 -50.44
N MET HA 63 -12.73 -47.25 -51.73
CA MET HA 63 -12.06 -46.46 -52.76
C MET HA 63 -12.61 -45.05 -52.80
N VAL HA 64 -13.94 -44.92 -52.72
CA VAL HA 64 -14.54 -43.58 -52.67
C VAL HA 64 -14.31 -42.96 -51.29
N ALA HA 65 -14.18 -43.78 -50.25
CA ALA HA 65 -13.90 -43.27 -48.91
C ALA HA 65 -12.50 -42.67 -48.80
N HIS HA 66 -11.57 -43.11 -49.65
CA HIS HA 66 -10.31 -42.42 -49.85
C HIS HA 66 -10.46 -41.25 -50.80
N HIS HA 67 -11.52 -41.23 -51.61
CA HIS HA 67 -11.67 -40.22 -52.65
C HIS HA 67 -12.71 -39.16 -52.30
N ILE HA 68 -12.95 -38.92 -51.01
CA ILE HA 68 -13.43 -37.61 -50.59
C ILE HA 68 -12.32 -36.85 -49.88
N ILE HA 69 -11.19 -37.51 -49.60
CA ILE HA 69 -9.98 -36.80 -49.17
C ILE HA 69 -9.49 -35.89 -50.29
N GLN HA 70 -9.80 -36.24 -51.54
CA GLN HA 70 -9.60 -35.35 -52.66
C GLN HA 70 -10.41 -34.05 -52.54
N ALA HA 71 -11.51 -34.04 -51.79
CA ALA HA 71 -12.33 -32.84 -51.79
C ALA HA 71 -12.98 -32.43 -50.47
N SER HA 72 -12.74 -33.09 -49.33
CA SER HA 72 -13.54 -32.73 -48.17
C SER HA 72 -12.78 -32.11 -46.99
N GLU HA 73 -11.76 -32.69 -46.34
CA GLU HA 73 -11.09 -34.00 -46.36
C GLU HA 73 -11.74 -35.10 -45.50
N ALA HA 74 -10.91 -36.11 -45.21
CA ALA HA 74 -11.24 -37.52 -44.94
C ALA HA 74 -12.55 -37.78 -44.20
N VAL HA 75 -13.32 -38.71 -44.77
CA VAL HA 75 -14.49 -39.28 -44.12
C VAL HA 75 -14.06 -40.12 -42.90
N ARG HA 76 -15.00 -40.30 -41.97
CA ARG HA 76 -14.80 -41.18 -40.83
C ARG HA 76 -15.91 -42.22 -40.84
N LEU HA 77 -15.54 -43.49 -41.00
CA LEU HA 77 -16.50 -44.58 -40.90
C LEU HA 77 -16.98 -44.74 -39.47
N VAL HA 78 -18.28 -44.91 -39.29
CA VAL HA 78 -18.88 -44.99 -37.97
C VAL HA 78 -19.51 -46.35 -37.80
N GLY HA 79 -18.97 -47.14 -36.88
CA GLY HA 79 -19.62 -48.36 -36.45
C GLY HA 79 -19.65 -49.50 -37.45
N CYS HA 80 -18.50 -50.08 -37.75
CA CYS HA 80 -18.49 -51.32 -38.49
C CYS HA 80 -18.98 -52.46 -37.60
N GLN HA 81 -19.34 -53.57 -38.22
CA GLN HA 81 -19.89 -54.70 -37.50
C GLN HA 81 -18.85 -55.80 -37.37
N ALA HA 82 -19.08 -56.68 -36.38
CA ALA HA 82 -18.18 -57.80 -36.16
C ALA HA 82 -18.27 -58.80 -37.30
N MET HA 83 -19.48 -59.02 -37.83
CA MET HA 83 -19.64 -59.87 -39.00
C MET HA 83 -19.10 -59.19 -40.26
N LEU HA 84 -19.13 -57.85 -40.29
CA LEU HA 84 -18.71 -57.10 -41.46
C LEU HA 84 -17.22 -57.25 -41.73
N VAL HA 85 -16.40 -57.31 -40.69
CA VAL HA 85 -14.97 -57.45 -40.86
C VAL HA 85 -14.46 -58.65 -40.07
N GLY HA 86 -15.33 -59.64 -39.85
CA GLY HA 86 -14.87 -60.90 -39.32
C GLY HA 86 -13.96 -61.63 -40.28
N ILE HA 87 -14.20 -61.47 -41.58
CA ILE HA 87 -13.28 -61.91 -42.62
C ILE HA 87 -13.49 -60.99 -43.82
N ARG HA 88 -12.42 -60.79 -44.60
CA ARG HA 88 -12.36 -59.87 -45.72
C ARG HA 88 -11.05 -60.15 -46.46
N PRO HA 89 -10.87 -59.66 -47.71
CA PRO HA 89 -9.56 -59.81 -48.37
C PRO HA 89 -8.40 -59.13 -47.64
N GLU HA 90 -8.52 -57.83 -47.34
CA GLU HA 90 -7.47 -57.14 -46.60
C GLU HA 90 -8.04 -56.41 -45.39
N GLN HA 104 -4.64 -45.57 -43.14
CA GLN HA 104 -5.73 -45.96 -44.01
C GLN HA 104 -6.98 -45.13 -43.73
N ILE HA 105 -8.04 -45.81 -43.29
CA ILE HA 105 -9.35 -45.19 -43.08
C ILE HA 105 -9.51 -44.89 -41.61
N ILE HA 106 -9.68 -43.61 -41.27
CA ILE HA 106 -9.98 -43.23 -39.89
C ILE HA 106 -11.41 -43.64 -39.56
N THR HA 107 -11.60 -44.32 -38.43
CA THR HA 107 -12.90 -44.84 -38.05
C THR HA 107 -13.18 -44.56 -36.58
N THR HA 108 -14.44 -44.75 -36.20
CA THR HA 108 -14.88 -44.60 -34.82
C THR HA 108 -15.84 -45.76 -34.54
N ASN HA 109 -16.57 -45.68 -33.43
CA ASN HA 109 -17.43 -46.77 -32.98
C ASN HA 109 -18.90 -46.38 -32.95
N THR HA 110 -19.23 -45.18 -32.46
CA THR HA 110 -20.61 -44.76 -32.27
C THR HA 110 -20.69 -43.29 -32.62
N MET HA 111 -21.82 -42.86 -33.20
CA MET HA 111 -22.00 -41.49 -33.69
C MET HA 111 -21.84 -40.45 -32.59
N LYS HA 112 -22.18 -40.79 -31.33
CA LYS HA 112 -22.00 -39.85 -30.24
C LYS HA 112 -20.53 -39.67 -29.88
N LYS HA 113 -19.67 -40.60 -30.27
CA LYS HA 113 -18.23 -40.40 -30.19
C LYS HA 113 -17.60 -40.12 -31.55
N GLY HA 114 -18.27 -40.50 -32.65
CA GLY HA 114 -17.78 -40.16 -33.97
C GLY HA 114 -17.89 -38.68 -34.26
N MET HA 115 -18.99 -38.06 -33.80
CA MET HA 115 -19.14 -36.62 -33.99
C MET HA 115 -18.26 -35.84 -33.03
N GLU HA 116 -18.07 -36.36 -31.82
CA GLU HA 116 -17.32 -35.63 -30.79
C GLU HA 116 -15.83 -35.56 -31.07
N ARG HA 117 -15.30 -36.40 -31.95
CA ARG HA 117 -13.91 -36.31 -32.35
C ARG HA 117 -13.72 -35.84 -33.78
N ALA HA 118 -14.77 -35.84 -34.60
CA ALA HA 118 -14.67 -35.22 -35.91
C ALA HA 118 -14.66 -33.71 -35.80
N LEU HA 119 -15.25 -33.17 -34.73
CA LEU HA 119 -15.17 -31.74 -34.47
C LEU HA 119 -13.77 -31.33 -34.06
N ALA HA 120 -13.05 -32.22 -33.37
CA ALA HA 120 -11.70 -31.91 -32.91
C ALA HA 120 -10.69 -31.82 -34.05
N LEU HA 121 -10.98 -32.45 -35.19
CA LEU HA 121 -10.12 -32.29 -36.36
C LEU HA 121 -10.36 -30.97 -37.07
N THR HA 122 -11.48 -30.30 -36.79
CA THR HA 122 -11.77 -28.97 -37.30
C THR HA 122 -11.85 -27.94 -36.17
N ASN HA 123 -11.35 -28.30 -34.99
CA ASN HA 123 -11.03 -27.38 -33.91
C ASN HA 123 -12.25 -26.68 -33.33
N ARG HA 124 -13.34 -27.43 -33.13
CA ARG HA 124 -14.51 -26.94 -32.42
C ARG HA 124 -14.86 -27.91 -31.30
N GLU HA 125 -15.72 -27.46 -30.39
CA GLU HA 125 -16.07 -28.23 -29.21
C GLU HA 125 -17.48 -27.84 -28.77
N ILE HA 126 -18.01 -28.59 -27.80
CA ILE HA 126 -19.33 -28.36 -27.23
C ILE HA 126 -19.22 -28.46 -25.70
N VAL HA 127 -19.15 -27.32 -25.03
CA VAL HA 127 -18.92 -27.25 -23.59
C VAL HA 127 -20.13 -26.58 -22.95
N GLU HA 128 -20.50 -27.04 -21.75
CA GLU HA 128 -21.58 -26.44 -20.98
C GLU HA 128 -21.20 -25.04 -20.49
N SER IA 1 -39.27 -53.60 -47.75
CA SER IA 1 -38.50 -52.48 -47.24
C SER IA 1 -39.02 -52.03 -45.89
N ALA IA 2 -38.71 -52.80 -44.85
CA ALA IA 2 -39.18 -52.51 -43.49
C ALA IA 2 -38.24 -51.50 -42.83
N LEU IA 3 -38.36 -50.25 -43.28
CA LEU IA 3 -37.56 -49.14 -42.77
C LEU IA 3 -38.25 -47.84 -43.14
N GLN IA 4 -37.94 -46.80 -42.37
CA GLN IA 4 -38.14 -45.43 -42.86
C GLN IA 4 -36.82 -44.68 -42.96
N GLU IA 5 -36.13 -44.48 -41.83
CA GLU IA 5 -34.77 -43.99 -41.64
C GLU IA 5 -34.53 -43.98 -40.13
N LEU IA 6 -33.29 -43.72 -39.74
CA LEU IA 6 -32.89 -43.57 -38.35
C LEU IA 6 -31.47 -42.99 -38.29
N SER IA 7 -31.13 -42.41 -37.14
CA SER IA 7 -29.78 -41.96 -36.83
C SER IA 7 -29.67 -41.83 -35.32
N ALA IA 8 -28.49 -41.38 -34.85
CA ALA IA 8 -28.25 -41.28 -33.40
C ALA IA 8 -27.13 -40.35 -32.97
N PRO IA 9 -27.27 -39.01 -33.04
CA PRO IA 9 -26.31 -38.13 -32.36
C PRO IA 9 -26.47 -38.15 -30.84
N LEU IA 10 -25.71 -37.30 -30.15
CA LEU IA 10 -25.28 -37.61 -28.78
C LEU IA 10 -26.38 -37.70 -27.72
N LEU IA 11 -26.92 -36.61 -27.22
CA LEU IA 11 -28.15 -36.74 -26.43
C LEU IA 11 -29.40 -36.49 -27.30
N PRO IA 12 -29.49 -35.39 -28.14
CA PRO IA 12 -30.69 -35.27 -29.00
C PRO IA 12 -30.64 -36.16 -30.24
N ILE IA 13 -31.08 -37.41 -30.07
CA ILE IA 13 -31.26 -38.30 -31.21
C ILE IA 13 -32.33 -37.73 -32.15
N PHE IA 14 -32.13 -37.90 -33.45
CA PHE IA 14 -33.04 -37.35 -34.43
C PHE IA 14 -33.35 -38.39 -35.51
N GLU IA 15 -34.27 -38.04 -36.40
CA GLU IA 15 -34.83 -38.96 -37.37
C GLU IA 15 -34.93 -38.23 -38.70
N LYS IA 16 -35.07 -38.98 -39.79
CA LYS IA 16 -35.13 -38.40 -41.12
C LYS IA 16 -36.29 -39.04 -41.88
N ILE IA 17 -36.94 -38.25 -42.74
CA ILE IA 17 -38.06 -38.74 -43.53
C ILE IA 17 -37.80 -38.39 -44.99
N SER IA 18 -37.60 -39.40 -45.82
CA SER IA 18 -37.49 -39.24 -47.26
C SER IA 18 -38.88 -39.36 -47.88
N VAL IA 19 -38.94 -39.53 -49.20
CA VAL IA 19 -40.23 -39.58 -49.87
C VAL IA 19 -40.89 -40.95 -49.70
N MET IA 20 -41.71 -41.08 -48.66
CA MET IA 20 -42.57 -42.25 -48.47
C MET IA 20 -43.97 -41.79 -48.05
N PRO IA 21 -44.68 -41.05 -48.93
CA PRO IA 21 -45.91 -40.36 -48.50
C PRO IA 21 -47.23 -41.12 -48.65
N LEU IA 22 -47.51 -42.04 -47.72
CA LEU IA 22 -48.79 -42.72 -47.72
C LEU IA 22 -49.16 -43.16 -46.31
N ILE IA 23 -50.43 -43.56 -46.15
CA ILE IA 23 -50.94 -44.06 -44.88
C ILE IA 23 -50.30 -45.41 -44.55
N GLY IA 24 -49.87 -46.16 -45.56
CA GLY IA 24 -49.18 -47.42 -45.36
C GLY IA 24 -47.74 -47.31 -44.86
N THR IA 25 -47.33 -46.11 -44.46
CA THR IA 25 -46.05 -45.87 -43.82
C THR IA 25 -46.26 -45.34 -42.41
N ILE IA 26 -47.15 -45.99 -41.66
CA ILE IA 26 -47.34 -45.67 -40.24
C ILE IA 26 -46.19 -46.21 -39.39
N ASP IA 27 -45.26 -46.94 -40.00
CA ASP IA 27 -44.08 -47.44 -39.30
C ASP IA 27 -43.20 -46.31 -38.79
N THR IA 28 -43.22 -45.14 -39.44
CA THR IA 28 -42.43 -44.01 -38.99
C THR IA 28 -42.91 -43.42 -37.67
N GLU IA 29 -44.11 -43.79 -37.21
CA GLU IA 29 -44.53 -43.53 -35.84
C GLU IA 29 -44.22 -44.71 -34.93
N ARG IA 30 -44.47 -45.93 -35.43
CA ARG IA 30 -44.32 -47.13 -34.60
C ARG IA 30 -42.87 -47.42 -34.28
N ALA IA 31 -41.98 -47.33 -35.28
CA ALA IA 31 -40.56 -47.53 -35.02
C ALA IA 31 -39.92 -46.37 -34.27
N LYS IA 32 -40.59 -45.23 -34.19
CA LYS IA 32 -40.07 -44.05 -33.52
C LYS IA 32 -40.38 -44.04 -32.03
N LEU IA 33 -41.59 -44.47 -31.64
CA LEU IA 33 -41.90 -44.58 -30.22
C LEU IA 33 -41.14 -45.70 -29.53
N ILE IA 34 -40.67 -46.69 -30.28
CA ILE IA 34 -39.87 -47.75 -29.68
C ILE IA 34 -38.49 -47.22 -29.30
N ILE IA 35 -37.95 -46.26 -30.04
CA ILE IA 35 -36.61 -45.79 -29.71
C ILE IA 35 -36.63 -44.85 -28.51
N GLU IA 36 -37.80 -44.32 -28.13
CA GLU IA 36 -37.87 -43.39 -27.01
C GLU IA 36 -37.67 -44.07 -25.66
N ASN IA 37 -37.94 -45.38 -25.56
CA ASN IA 37 -37.51 -46.14 -24.39
C ASN IA 37 -36.44 -47.16 -24.77
N LEU IA 38 -35.73 -46.94 -25.87
CA LEU IA 38 -34.48 -47.63 -26.15
C LEU IA 38 -33.29 -46.82 -25.68
N LEU IA 39 -33.44 -45.51 -25.53
CA LEU IA 39 -32.42 -44.66 -24.94
C LEU IA 39 -33.12 -43.45 -24.32
N ILE IA 40 -32.33 -42.54 -23.76
CA ILE IA 40 -32.87 -41.31 -23.21
C ILE IA 40 -33.36 -40.41 -24.34
N GLY IA 41 -34.51 -39.76 -24.13
CA GLY IA 41 -35.31 -39.23 -25.22
C GLY IA 41 -35.49 -37.73 -25.30
N VAL IA 42 -34.43 -36.95 -25.12
CA VAL IA 42 -34.51 -35.51 -25.28
C VAL IA 42 -34.62 -35.21 -26.79
N VAL IA 43 -34.87 -33.93 -27.15
CA VAL IA 43 -35.49 -33.45 -28.37
C VAL IA 43 -35.05 -34.08 -29.69
N LYS IA 44 -35.99 -34.22 -30.60
CA LYS IA 44 -35.82 -35.08 -31.76
C LYS IA 44 -36.38 -34.41 -33.01
N ASN IA 45 -35.54 -34.25 -34.02
CA ASN IA 45 -35.89 -33.52 -35.22
C ASN IA 45 -36.49 -34.47 -36.27
N ARG IA 46 -37.57 -34.02 -36.90
CA ARG IA 46 -38.22 -34.83 -37.94
C ARG IA 46 -37.49 -34.73 -39.27
N SER IA 47 -37.22 -33.50 -39.71
CA SER IA 47 -36.49 -33.18 -40.94
C SER IA 47 -37.16 -33.80 -42.17
N GLU IA 48 -38.40 -33.38 -42.41
CA GLU IA 48 -39.14 -33.81 -43.60
C GLU IA 48 -38.92 -32.82 -44.75
N VAL IA 49 -37.65 -32.60 -45.07
CA VAL IA 49 -37.28 -31.64 -46.10
C VAL IA 49 -37.46 -32.25 -47.49
N VAL IA 50 -37.01 -33.49 -47.69
CA VAL IA 50 -37.11 -34.13 -49.02
C VAL IA 50 -38.45 -34.86 -49.05
N LEU IA 51 -39.51 -34.08 -49.27
CA LEU IA 51 -40.86 -34.64 -49.35
C LEU IA 51 -41.74 -33.61 -50.06
N ILE IA 52 -42.23 -33.96 -51.25
CA ILE IA 52 -43.28 -33.21 -51.94
C ILE IA 52 -44.23 -34.25 -52.52
N ASP IA 53 -45.45 -34.34 -51.98
CA ASP IA 53 -45.95 -33.59 -50.83
C ASP IA 53 -46.77 -34.54 -49.97
N ILE IA 54 -47.56 -34.02 -49.04
CA ILE IA 54 -48.46 -34.85 -48.25
C ILE IA 54 -49.76 -34.09 -48.02
N THR IA 55 -50.88 -34.72 -48.40
CA THR IA 55 -52.21 -34.14 -48.17
C THR IA 55 -53.09 -35.13 -47.41
N GLY IA 56 -52.77 -36.42 -47.52
CA GLY IA 56 -53.68 -37.43 -47.02
C GLY IA 56 -53.67 -37.57 -45.51
N VAL IA 57 -52.49 -37.74 -44.91
CA VAL IA 57 -52.41 -38.04 -43.48
C VAL IA 57 -51.56 -37.03 -42.71
N PRO IA 58 -52.09 -35.86 -42.37
CA PRO IA 58 -51.44 -35.04 -41.34
C PRO IA 58 -51.85 -35.42 -39.93
N VAL IA 59 -52.91 -36.22 -39.78
CA VAL IA 59 -53.31 -36.73 -38.47
C VAL IA 59 -52.24 -37.69 -37.95
N VAL IA 60 -51.55 -38.39 -38.84
CA VAL IA 60 -50.46 -39.26 -38.43
C VAL IA 60 -49.22 -38.45 -38.06
N ASP IA 61 -48.93 -37.41 -38.83
CA ASP IA 61 -47.62 -36.74 -38.72
C ASP IA 61 -47.62 -35.52 -37.83
N THR IA 62 -48.78 -34.93 -37.52
CA THR IA 62 -48.82 -33.76 -36.65
C THR IA 62 -49.32 -34.07 -35.25
N MET IA 63 -50.25 -35.02 -35.11
CA MET IA 63 -50.65 -35.46 -33.77
C MET IA 63 -49.56 -36.30 -33.11
N VAL IA 64 -48.59 -36.81 -33.87
CA VAL IA 64 -47.48 -37.55 -33.27
C VAL IA 64 -46.54 -36.61 -32.54
N ALA IA 65 -46.58 -35.31 -32.83
CA ALA IA 65 -45.86 -34.33 -32.02
C ALA IA 65 -46.42 -34.26 -30.62
N HIS IA 66 -47.73 -34.52 -30.44
CA HIS IA 66 -48.31 -34.63 -29.12
C HIS IA 66 -48.41 -36.08 -28.66
N HIS IA 67 -47.60 -36.97 -29.26
CA HIS IA 67 -47.37 -38.30 -28.73
C HIS IA 67 -46.01 -38.43 -28.06
N ILE IA 68 -45.01 -37.75 -28.60
CA ILE IA 68 -43.67 -37.82 -28.03
C ILE IA 68 -43.51 -36.82 -26.89
N ILE IA 69 -44.36 -35.79 -26.82
CA ILE IA 69 -44.31 -34.85 -25.70
C ILE IA 69 -44.78 -35.53 -24.41
N GLN IA 70 -45.80 -36.38 -24.50
CA GLN IA 70 -46.26 -37.06 -23.30
C GLN IA 70 -45.38 -38.26 -22.94
N ALA IA 71 -44.51 -38.71 -23.84
CA ALA IA 71 -43.59 -39.80 -23.53
C ALA IA 71 -42.18 -39.32 -23.22
N SER IA 72 -41.77 -38.18 -23.78
CA SER IA 72 -40.39 -37.75 -23.69
C SER IA 72 -40.36 -36.24 -23.93
N GLU IA 73 -39.18 -35.71 -24.22
CA GLU IA 73 -39.09 -34.28 -24.52
C GLU IA 73 -39.54 -34.04 -25.97
N ALA IA 74 -39.78 -32.77 -26.31
CA ALA IA 74 -40.56 -32.37 -27.47
C ALA IA 74 -39.80 -32.60 -28.77
N VAL IA 75 -40.42 -32.17 -29.87
CA VAL IA 75 -39.89 -32.41 -31.21
C VAL IA 75 -39.86 -31.11 -31.99
N ARG IA 76 -39.27 -31.17 -33.17
CA ARG IA 76 -39.14 -30.03 -34.06
C ARG IA 76 -39.34 -30.48 -35.48
N LEU IA 77 -40.45 -30.07 -36.10
CA LEU IA 77 -40.65 -30.29 -37.53
C LEU IA 77 -39.69 -29.38 -38.28
N VAL IA 78 -38.63 -29.97 -38.84
CA VAL IA 78 -37.53 -29.21 -39.44
C VAL IA 78 -37.73 -29.15 -40.95
N GLY IA 79 -37.81 -27.94 -41.49
CA GLY IA 79 -37.81 -27.76 -42.92
C GLY IA 79 -39.06 -28.22 -43.62
N CYS IA 80 -40.18 -27.56 -43.35
CA CYS IA 80 -41.36 -27.77 -44.17
C CYS IA 80 -41.12 -27.15 -45.55
N GLN IA 81 -41.74 -27.74 -46.56
CA GLN IA 81 -41.52 -27.29 -47.93
C GLN IA 81 -42.38 -26.05 -48.20
N ALA IA 82 -42.28 -25.51 -49.41
CA ALA IA 82 -42.94 -24.25 -49.73
C ALA IA 82 -44.44 -24.43 -49.91
N MET IA 83 -44.85 -25.29 -50.85
CA MET IA 83 -46.25 -25.51 -51.13
C MET IA 83 -46.81 -26.72 -50.41
N LEU IA 84 -45.99 -27.41 -49.61
CA LEU IA 84 -46.52 -28.39 -48.67
C LEU IA 84 -47.41 -27.71 -47.64
N VAL IA 85 -46.93 -26.61 -47.06
CA VAL IA 85 -47.71 -25.85 -46.09
C VAL IA 85 -48.69 -24.92 -46.75
N GLY IA 86 -48.70 -24.82 -48.07
CA GLY IA 86 -49.79 -24.15 -48.76
C GLY IA 86 -51.10 -24.89 -48.59
N ILE IA 87 -51.04 -26.22 -48.45
CA ILE IA 87 -52.22 -27.02 -48.16
C ILE IA 87 -52.30 -27.13 -46.64
N ARG IA 88 -53.02 -26.18 -46.02
CA ARG IA 88 -53.38 -26.25 -44.61
C ARG IA 88 -54.90 -26.10 -44.50
N PRO IA 89 -55.64 -27.19 -44.67
CA PRO IA 89 -57.09 -27.11 -44.41
C PRO IA 89 -57.41 -26.92 -42.95
N GLU IA 90 -56.60 -27.48 -42.05
CA GLU IA 90 -56.75 -27.25 -40.62
C GLU IA 90 -55.46 -26.67 -40.05
N GLN IA 104 -48.59 -23.84 -31.06
CA GLN IA 104 -48.76 -25.20 -31.57
C GLN IA 104 -47.54 -26.06 -31.21
N ILE IA 105 -46.55 -26.08 -32.09
CA ILE IA 105 -45.35 -26.90 -31.90
C ILE IA 105 -44.13 -26.08 -32.28
N ILE IA 106 -42.99 -26.43 -31.67
CA ILE IA 106 -41.73 -25.77 -31.98
C ILE IA 106 -41.23 -26.26 -33.33
N THR IA 107 -40.82 -25.33 -34.19
CA THR IA 107 -40.33 -25.70 -35.51
C THR IA 107 -39.23 -24.74 -35.93
N THR IA 108 -38.59 -25.06 -37.05
CA THR IA 108 -37.53 -24.24 -37.61
C THR IA 108 -37.57 -24.37 -39.12
N ASN IA 109 -36.48 -23.95 -39.78
CA ASN IA 109 -36.43 -23.89 -41.23
C ASN IA 109 -35.35 -24.76 -41.84
N THR IA 110 -34.21 -24.93 -41.20
CA THR IA 110 -33.10 -25.69 -41.76
C THR IA 110 -32.51 -26.57 -40.67
N MET IA 111 -31.98 -27.73 -41.09
CA MET IA 111 -31.43 -28.70 -40.15
C MET IA 111 -30.21 -28.15 -39.40
N LYS IA 112 -29.42 -27.30 -40.05
CA LYS IA 112 -28.21 -26.79 -39.42
C LYS IA 112 -28.49 -25.79 -38.31
N LYS IA 113 -29.66 -25.14 -38.33
CA LYS IA 113 -30.03 -24.22 -37.26
C LYS IA 113 -31.09 -24.78 -36.33
N GLY IA 114 -31.65 -25.96 -36.64
CA GLY IA 114 -32.49 -26.64 -35.68
C GLY IA 114 -31.70 -27.12 -34.47
N MET IA 115 -30.44 -27.51 -34.68
CA MET IA 115 -29.56 -27.87 -33.57
C MET IA 115 -29.12 -26.66 -32.77
N GLU IA 116 -29.24 -25.45 -33.32
CA GLU IA 116 -28.81 -24.25 -32.62
C GLU IA 116 -29.73 -23.91 -31.45
N ARG IA 117 -30.98 -24.36 -31.51
CA ARG IA 117 -31.92 -24.19 -30.40
C ARG IA 117 -32.28 -25.49 -29.70
N ALA IA 118 -32.00 -26.63 -30.33
CA ALA IA 118 -32.25 -27.91 -29.67
C ALA IA 118 -31.24 -28.15 -28.56
N LEU IA 119 -30.01 -27.72 -28.75
CA LEU IA 119 -29.00 -27.88 -27.71
C LEU IA 119 -29.18 -26.88 -26.58
N ALA IA 120 -29.95 -25.81 -26.80
CA ALA IA 120 -30.24 -24.88 -25.73
C ALA IA 120 -31.14 -25.49 -24.66
N LEU IA 121 -32.00 -26.42 -25.04
CA LEU IA 121 -32.89 -27.09 -24.10
C LEU IA 121 -32.23 -28.26 -23.38
N THR IA 122 -30.94 -28.50 -23.61
CA THR IA 122 -30.18 -29.49 -22.85
C THR IA 122 -28.90 -28.88 -22.27
N ASN IA 123 -28.83 -27.54 -22.22
CA ASN IA 123 -27.75 -26.77 -21.61
C ASN IA 123 -26.40 -27.05 -22.26
N ARG IA 124 -26.37 -27.00 -23.59
CA ARG IA 124 -25.13 -27.08 -24.34
C ARG IA 124 -25.13 -26.02 -25.43
N GLU IA 125 -23.98 -25.36 -25.60
CA GLU IA 125 -23.82 -24.32 -26.60
C GLU IA 125 -22.47 -24.47 -27.28
N ILE IA 126 -22.42 -24.07 -28.55
CA ILE IA 126 -21.25 -24.31 -29.38
C ILE IA 126 -20.10 -23.41 -28.93
N VAL IA 127 -18.93 -24.01 -28.73
CA VAL IA 127 -17.74 -23.31 -28.28
C VAL IA 127 -16.66 -23.41 -29.36
N GLU IA 128 -16.13 -22.26 -29.76
CA GLU IA 128 -15.00 -22.12 -30.71
C GLU IA 128 -15.27 -22.78 -32.07
N SER JA 1 27.75 20.29 -72.42
CA SER JA 1 29.19 20.47 -72.37
C SER JA 1 29.68 20.52 -70.93
N ALA JA 2 29.52 21.69 -70.30
CA ALA JA 2 29.95 21.89 -68.92
C ALA JA 2 28.76 21.59 -68.01
N LEU JA 3 28.61 20.32 -67.66
CA LEU JA 3 27.50 19.89 -66.80
C LEU JA 3 27.92 18.64 -66.05
N GLN JA 4 27.81 18.69 -64.73
CA GLN JA 4 28.11 17.52 -63.89
C GLN JA 4 27.13 17.38 -62.75
N GLU JA 5 25.89 17.83 -62.96
CA GLU JA 5 24.63 17.50 -62.27
C GLU JA 5 24.69 17.30 -60.76
N LEU JA 6 25.44 18.14 -60.04
CA LEU JA 6 25.40 18.08 -58.60
C LEU JA 6 24.07 18.62 -58.10
N SER JA 7 23.53 17.98 -57.06
CA SER JA 7 22.26 18.39 -56.48
C SER JA 7 22.42 18.37 -54.96
N ALA JA 8 21.31 18.49 -54.25
CA ALA JA 8 21.36 18.73 -52.80
C ALA JA 8 20.22 18.02 -52.09
N PRO JA 9 20.47 16.83 -51.53
CA PRO JA 9 19.64 16.34 -50.41
C PRO JA 9 19.97 17.09 -49.12
N LEU JA 10 19.39 16.67 -47.99
CA LEU JA 10 19.22 17.53 -46.82
C LEU JA 10 20.51 18.05 -46.20
N LEU JA 11 21.26 17.21 -45.49
CA LEU JA 11 22.63 17.57 -45.20
C LEU JA 11 23.62 17.07 -46.26
N PRO JA 12 23.63 15.76 -46.69
CA PRO JA 12 24.63 15.36 -47.68
C PRO JA 12 24.34 15.81 -49.10
N ILE JA 13 25.17 15.34 -50.02
CA ILE JA 13 25.15 15.70 -51.43
C ILE JA 13 25.34 14.43 -52.23
N PHE JA 14 24.57 14.25 -53.30
CA PHE JA 14 24.89 13.18 -54.23
C PHE JA 14 25.36 13.76 -55.55
N GLU JA 15 25.88 12.88 -56.41
CA GLU JA 15 26.41 13.27 -57.69
C GLU JA 15 26.23 12.08 -58.63
N LYS JA 16 26.37 12.30 -59.92
CA LYS JA 16 26.36 11.22 -60.89
C LYS JA 16 27.48 11.45 -61.90
N ILE JA 17 28.17 10.39 -62.27
CA ILE JA 17 29.18 10.43 -63.32
C ILE JA 17 28.73 9.45 -64.41
N SER JA 18 28.39 9.99 -65.58
CA SER JA 18 28.07 9.21 -66.76
C SER JA 18 29.34 8.76 -67.47
N VAL JA 19 29.22 8.32 -68.74
CA VAL JA 19 30.39 7.93 -69.50
C VAL JA 19 31.29 9.16 -69.71
N MET JA 20 32.60 8.91 -69.75
CA MET JA 20 33.58 9.99 -69.70
C MET JA 20 34.85 9.54 -70.41
N PRO JA 21 34.92 9.68 -71.74
CA PRO JA 21 36.13 9.30 -72.50
C PRO JA 21 37.10 10.45 -72.71
N LEU JA 22 37.49 11.13 -71.62
CA LEU JA 22 38.40 12.26 -71.75
C LEU JA 22 39.12 12.49 -70.42
N ILE JA 23 40.43 12.75 -70.51
CA ILE JA 23 41.18 13.21 -69.36
C ILE JA 23 40.93 14.69 -69.12
N GLY JA 24 40.65 15.46 -70.18
CA GLY JA 24 40.51 16.90 -70.16
C GLY JA 24 39.34 17.46 -69.38
N THR JA 25 38.47 16.61 -68.84
CA THR JA 25 37.42 17.11 -67.96
C THR JA 25 38.01 17.47 -66.60
N ILE JA 26 38.02 18.76 -66.30
CA ILE JA 26 38.46 19.26 -65.01
C ILE JA 26 37.26 19.98 -64.41
N ASP JA 27 36.20 20.11 -65.23
CA ASP JA 27 34.97 20.72 -64.78
C ASP JA 27 34.19 19.82 -63.82
N THR JA 28 34.51 18.52 -63.80
CA THR JA 28 34.01 17.65 -62.74
C THR JA 28 34.81 17.80 -61.46
N GLU JA 29 35.89 18.58 -61.49
CA GLU JA 29 36.74 18.82 -60.33
C GLU JA 29 36.71 20.27 -59.88
N ARG JA 30 36.98 21.21 -60.79
CA ARG JA 30 37.02 22.61 -60.41
C ARG JA 30 35.62 23.17 -60.21
N ALA JA 31 34.72 22.92 -61.17
CA ALA JA 31 33.35 23.42 -61.05
C ALA JA 31 32.51 22.63 -60.07
N LYS JA 32 33.02 21.53 -59.54
CA LYS JA 32 32.35 20.81 -58.47
C LYS JA 32 32.80 21.31 -57.11
N LEU JA 33 34.08 21.64 -56.97
CA LEU JA 33 34.63 21.99 -55.65
C LEU JA 33 34.11 23.34 -55.17
N ILE JA 34 33.74 24.22 -56.10
CA ILE JA 34 33.23 25.53 -55.69
C ILE JA 34 31.83 25.39 -55.10
N ILE JA 35 30.99 24.53 -55.69
CA ILE JA 35 29.64 24.31 -55.15
C ILE JA 35 29.68 23.38 -53.94
N GLU JA 36 30.82 22.77 -53.65
CA GLU JA 36 30.95 21.94 -52.46
C GLU JA 36 30.88 22.78 -51.18
N ASN JA 37 31.52 23.95 -51.19
CA ASN JA 37 31.46 24.83 -50.03
C ASN JA 37 30.57 26.05 -50.23
N LEU JA 38 29.99 26.24 -51.41
CA LEU JA 38 29.01 27.30 -51.61
C LEU JA 38 27.78 27.07 -50.75
N LEU JA 39 27.08 25.97 -51.01
CA LEU JA 39 26.20 25.46 -49.97
C LEU JA 39 27.03 24.60 -49.03
N ILE JA 40 26.52 24.39 -47.82
CA ILE JA 40 27.27 23.72 -46.78
C ILE JA 40 26.82 22.26 -46.80
N GLY JA 41 27.52 21.45 -47.59
CA GLY JA 41 27.33 20.01 -47.59
C GLY JA 41 28.45 19.35 -46.82
N VAL JA 42 28.07 18.44 -45.92
CA VAL JA 42 29.08 17.76 -45.11
C VAL JA 42 29.69 16.60 -45.88
N VAL JA 43 28.87 15.80 -46.55
CA VAL JA 43 29.29 14.57 -47.21
C VAL JA 43 28.80 14.61 -48.66
N LYS JA 44 29.67 14.27 -49.60
CA LYS JA 44 29.24 14.06 -50.97
C LYS JA 44 29.60 12.65 -51.43
N ASN JA 45 28.70 12.07 -52.23
CA ASN JA 45 28.86 10.73 -52.76
C ASN JA 45 29.39 10.79 -54.19
N ARG JA 46 29.51 9.64 -54.84
CA ARG JA 46 29.99 9.61 -56.21
C ARG JA 46 28.96 9.05 -57.18
N SER JA 47 28.47 7.83 -56.95
CA SER JA 47 27.62 7.05 -57.86
C SER JA 47 28.22 7.00 -59.26
N GLU JA 48 29.43 6.46 -59.34
CA GLU JA 48 30.12 6.28 -60.61
C GLU JA 48 29.91 4.89 -61.20
N VAL JA 49 28.74 4.30 -60.92
CA VAL JA 49 28.46 2.94 -61.36
C VAL JA 49 28.29 2.88 -62.86
N VAL JA 50 27.74 3.92 -63.48
CA VAL JA 50 27.54 3.94 -64.93
C VAL JA 50 28.80 4.57 -65.52
N LEU JA 51 29.84 3.75 -65.62
CA LEU JA 51 31.14 4.09 -66.21
C LEU JA 51 31.99 2.84 -66.39
N ILE JA 52 32.60 2.71 -67.57
CA ILE JA 52 33.69 1.77 -67.84
C ILE JA 52 34.43 2.24 -69.09
N ASP JA 53 35.75 2.35 -69.03
CA ASP JA 53 36.56 2.25 -67.81
C ASP JA 53 37.41 3.51 -67.70
N ILE JA 54 38.37 3.50 -66.77
CA ILE JA 54 39.29 4.62 -66.56
C ILE JA 54 40.71 4.10 -66.57
N THR JA 55 41.56 4.72 -67.41
CA THR JA 55 42.99 4.50 -67.37
C THR JA 55 43.81 5.78 -67.38
N GLY JA 56 43.25 6.90 -67.85
CA GLY JA 56 44.01 8.13 -67.98
C GLY JA 56 43.87 9.06 -66.79
N VAL JA 57 42.85 8.85 -65.96
CA VAL JA 57 42.67 9.69 -64.77
C VAL JA 57 42.61 8.81 -63.50
N PRO JA 58 43.75 8.32 -63.00
CA PRO JA 58 43.72 7.66 -61.69
C PRO JA 58 44.11 8.60 -60.57
N VAL JA 59 44.55 9.81 -60.91
CA VAL JA 59 45.07 10.74 -59.93
C VAL JA 59 44.01 11.80 -59.62
N VAL JA 60 43.55 12.49 -60.66
CA VAL JA 60 42.64 13.63 -60.49
C VAL JA 60 41.28 13.17 -59.97
N ASP JA 61 40.82 11.99 -60.40
CA ASP JA 61 39.60 11.43 -59.82
C ASP JA 61 39.79 10.99 -58.37
N THR JA 62 41.02 10.68 -57.97
CA THR JA 62 41.31 10.33 -56.59
C THR JA 62 41.91 11.47 -55.78
N MET JA 63 42.45 12.50 -56.43
CA MET JA 63 42.82 13.70 -55.69
C MET JA 63 41.64 14.63 -55.49
N VAL JA 64 40.55 14.42 -56.24
CA VAL JA 64 39.25 14.90 -55.80
C VAL JA 64 38.86 14.23 -54.49
N ALA JA 65 39.12 12.94 -54.38
CA ALA JA 65 38.74 12.15 -53.21
C ALA JA 65 39.53 12.48 -51.94
N HIS JA 66 40.53 13.35 -52.02
CA HIS JA 66 41.17 13.89 -50.84
C HIS JA 66 40.76 15.32 -50.53
N HIS JA 67 40.02 15.96 -51.43
CA HIS JA 67 39.71 17.38 -51.25
C HIS JA 67 38.60 17.59 -50.23
N ILE JA 68 37.51 16.81 -50.33
CA ILE JA 68 36.37 17.02 -49.46
C ILE JA 68 36.66 16.48 -48.05
N ILE JA 69 37.68 15.64 -47.91
CA ILE JA 69 38.17 15.29 -46.58
C ILE JA 69 38.73 16.52 -45.88
N GLN JA 70 39.37 17.43 -46.65
CA GLN JA 70 39.86 18.67 -46.09
C GLN JA 70 38.98 19.87 -46.43
N ALA JA 71 38.00 19.72 -47.32
CA ALA JA 71 37.02 20.79 -47.50
C ALA JA 71 35.96 20.71 -46.41
N SER JA 72 35.14 19.65 -46.42
CA SER JA 72 34.22 19.42 -45.31
C SER JA 72 34.47 18.11 -44.58
N GLU JA 73 34.15 16.95 -45.18
CA GLU JA 73 34.23 15.66 -44.49
C GLU JA 73 33.96 14.49 -45.43
N ALA JA 74 34.83 13.46 -45.39
CA ALA JA 74 34.58 12.06 -45.80
C ALA JA 74 33.81 11.81 -47.09
N VAL JA 75 34.38 12.17 -48.24
CA VAL JA 75 33.80 11.75 -49.51
C VAL JA 75 33.85 10.22 -49.63
N ARG JA 76 32.90 9.65 -50.35
CA ARG JA 76 32.86 8.21 -50.53
C ARG JA 76 32.43 7.84 -51.94
N LEU JA 77 32.98 6.74 -52.43
CA LEU JA 77 32.79 6.29 -53.80
C LEU JA 77 31.76 5.17 -53.81
N VAL JA 78 30.76 5.29 -54.67
CA VAL JA 78 29.58 4.45 -54.60
C VAL JA 78 29.62 3.45 -55.75
N GLY JA 79 30.05 2.22 -55.45
CA GLY JA 79 29.86 1.10 -56.35
C GLY JA 79 30.63 1.13 -57.65
N CYS JA 80 31.95 0.99 -57.59
CA CYS JA 80 32.73 0.87 -58.80
C CYS JA 80 32.45 -0.44 -59.51
N GLN JA 81 32.57 -0.44 -60.83
CA GLN JA 81 32.40 -1.66 -61.60
C GLN JA 81 33.62 -2.56 -61.42
N ALA JA 82 33.39 -3.88 -61.55
CA ALA JA 82 34.42 -4.85 -61.19
C ALA JA 82 35.62 -4.82 -62.14
N MET JA 83 35.40 -4.47 -63.41
CA MET JA 83 36.52 -4.28 -64.32
C MET JA 83 37.31 -3.03 -63.97
N LEU JA 84 36.62 -1.98 -63.52
CA LEU JA 84 37.27 -0.72 -63.17
C LEU JA 84 38.20 -0.86 -61.98
N VAL JA 85 37.85 -1.73 -61.02
CA VAL JA 85 38.74 -1.98 -59.89
C VAL JA 85 39.93 -2.83 -60.33
N GLY JA 86 39.82 -3.55 -61.44
CA GLY JA 86 40.92 -4.36 -61.94
C GLY JA 86 42.14 -3.57 -62.38
N ILE JA 87 41.99 -2.28 -62.63
CA ILE JA 87 43.11 -1.43 -63.05
C ILE JA 87 43.62 -0.73 -61.80
N ARG JA 88 44.58 -1.35 -61.12
CA ARG JA 88 45.23 -0.75 -59.95
C ARG JA 88 46.73 -0.69 -60.16
N PRO JA 89 47.30 0.47 -60.47
CA PRO JA 89 48.75 0.63 -60.27
C PRO JA 89 49.11 0.76 -58.80
N GLU JA 90 48.30 1.48 -58.03
CA GLU JA 90 48.48 1.60 -56.59
C GLU JA 90 47.33 0.93 -55.85
N GLN JA 104 42.39 4.51 -46.61
CA GLN JA 104 42.46 5.09 -47.94
C GLN JA 104 41.25 5.98 -48.19
N ILE JA 105 40.19 5.40 -48.76
CA ILE JA 105 38.95 6.11 -49.05
C ILE JA 105 37.78 5.18 -48.75
N ILE JA 106 36.78 5.69 -48.04
CA ILE JA 106 35.62 4.90 -47.67
C ILE JA 106 34.75 4.70 -48.90
N THR JA 107 34.14 3.52 -49.04
CA THR JA 107 33.31 3.21 -50.18
C THR JA 107 32.10 2.39 -49.74
N THR JA 108 31.31 1.96 -50.71
CA THR JA 108 30.07 1.24 -50.45
C THR JA 108 29.69 0.45 -51.70
N ASN JA 109 28.50 -0.14 -51.66
CA ASN JA 109 28.02 -0.98 -52.74
C ASN JA 109 27.02 -0.26 -53.66
N THR JA 110 26.04 0.42 -53.08
CA THR JA 110 25.02 1.10 -53.88
C THR JA 110 24.54 2.33 -53.12
N MET JA 111 23.64 3.09 -53.75
CA MET JA 111 23.20 4.36 -53.21
C MET JA 111 22.30 4.20 -51.99
N LYS JA 112 21.49 3.13 -51.94
CA LYS JA 112 20.55 3.00 -50.83
C LYS JA 112 21.26 2.60 -49.55
N LYS JA 113 22.44 2.00 -49.63
CA LYS JA 113 23.22 1.68 -48.45
C LYS JA 113 24.44 2.57 -48.30
N GLY JA 114 24.84 3.29 -49.35
CA GLY JA 114 25.80 4.37 -49.17
C GLY JA 114 25.19 5.52 -48.39
N MET JA 115 23.95 5.87 -48.70
CA MET JA 115 23.23 6.89 -47.94
C MET JA 115 22.93 6.42 -46.52
N GLU JA 116 22.80 5.10 -46.32
CA GLU JA 116 22.56 4.56 -44.98
C GLU JA 116 23.76 4.78 -44.08
N ARG JA 117 24.97 4.61 -44.61
CA ARG JA 117 26.18 4.92 -43.85
C ARG JA 117 26.64 6.35 -44.06
N ALA JA 118 25.97 7.13 -44.91
CA ALA JA 118 26.28 8.55 -45.00
C ALA JA 118 25.80 9.28 -43.76
N LEU JA 119 24.60 8.97 -43.29
CA LEU JA 119 24.09 9.56 -42.07
C LEU JA 119 24.83 9.04 -40.83
N ALA JA 120 25.41 7.86 -40.90
CA ALA JA 120 26.14 7.28 -39.77
C ALA JA 120 27.55 7.82 -39.64
N LEU JA 121 27.98 8.72 -40.53
CA LEU JA 121 29.27 9.40 -40.38
C LEU JA 121 29.13 10.83 -39.90
N THR JA 122 28.02 11.50 -40.19
CA THR JA 122 27.71 12.78 -39.56
C THR JA 122 27.01 12.63 -38.22
N ASN JA 123 27.05 11.41 -37.65
CA ASN JA 123 26.51 11.06 -36.34
C ASN JA 123 25.00 11.32 -36.22
N ARG JA 124 24.29 11.32 -37.34
CA ARG JA 124 22.85 11.45 -37.34
C ARG JA 124 22.20 10.08 -37.48
N GLU JA 125 20.91 10.01 -37.17
CA GLU JA 125 20.20 8.74 -37.10
C GLU JA 125 18.98 8.74 -38.00
N ILE JA 126 18.44 7.54 -38.24
CA ILE JA 126 17.26 7.33 -39.05
C ILE JA 126 16.25 6.50 -38.24
N VAL JA 127 15.10 7.10 -37.92
CA VAL JA 127 14.01 6.45 -37.22
C VAL JA 127 12.74 6.66 -38.04
N GLU JA 128 11.97 5.59 -38.23
CA GLU JA 128 10.71 5.67 -38.96
C GLU JA 128 9.67 6.50 -38.20
N MET KA 1 69.63 -24.60 -17.58
CA MET KA 1 69.84 -24.97 -18.98
C MET KA 1 68.55 -25.46 -19.63
N GLY KA 2 67.86 -26.35 -18.94
CA GLY KA 2 66.61 -26.89 -19.46
C GLY KA 2 65.54 -26.99 -18.39
N ILE KA 3 65.59 -26.09 -17.42
CA ILE KA 3 64.60 -26.00 -16.35
C ILE KA 3 63.90 -24.67 -16.48
N PRO KA 4 62.96 -24.52 -17.41
CA PRO KA 4 62.38 -23.19 -17.69
C PRO KA 4 61.21 -22.83 -16.79
N ILE KA 5 61.54 -22.39 -15.58
CA ILE KA 5 60.51 -22.01 -14.63
C ILE KA 5 60.00 -20.61 -14.98
N LEU KA 6 58.78 -20.30 -14.51
CA LEU KA 6 58.13 -19.06 -14.90
C LEU KA 6 57.01 -18.71 -13.92
N LYS KA 7 57.02 -17.47 -13.44
CA LYS KA 7 55.97 -16.98 -12.56
C LYS KA 7 54.72 -16.66 -13.36
N LEU KA 8 53.56 -17.10 -12.85
CA LEU KA 8 52.30 -16.87 -13.55
C LEU KA 8 51.16 -16.76 -12.54
N GLY KA 9 50.83 -15.52 -12.17
CA GLY KA 9 49.64 -15.19 -11.40
C GLY KA 9 49.53 -15.84 -10.04
N GLU KA 10 50.59 -15.69 -9.22
CA GLU KA 10 50.75 -16.35 -7.91
C GLU KA 10 50.65 -17.87 -8.01
N CYS KA 11 51.06 -18.41 -9.15
CA CYS KA 11 51.29 -19.85 -9.30
C CYS KA 11 52.70 -19.99 -9.87
N LEU KA 12 53.09 -21.21 -10.26
CA LEU KA 12 54.47 -21.39 -10.71
C LEU KA 12 54.48 -22.61 -11.64
N LEU KA 13 54.48 -22.35 -12.95
CA LEU KA 13 54.55 -23.43 -13.91
C LEU KA 13 56.00 -23.81 -14.16
N ILE KA 14 56.21 -25.06 -14.55
CA ILE KA 14 57.53 -25.55 -14.91
C ILE KA 14 57.37 -26.71 -15.88
N SER KA 15 58.07 -26.64 -17.01
CA SER KA 15 58.06 -27.71 -17.99
C SER KA 15 59.25 -28.62 -17.79
N ILE KA 16 59.18 -29.80 -18.41
CA ILE KA 16 60.28 -30.77 -18.43
C ILE KA 16 60.41 -31.20 -19.87
N GLN KA 17 61.41 -30.66 -20.57
CA GLN KA 17 61.61 -30.93 -21.98
C GLN KA 17 61.99 -32.39 -22.25
N SER KA 18 63.21 -32.78 -21.86
CA SER KA 18 63.63 -34.17 -22.05
C SER KA 18 64.56 -34.68 -20.95
N GLU KA 19 64.72 -33.96 -19.84
CA GLU KA 19 65.81 -34.21 -18.89
C GLU KA 19 65.51 -35.45 -18.07
N LEU KA 20 65.80 -36.61 -18.68
CA LEU KA 20 65.53 -37.91 -18.08
C LEU KA 20 66.68 -38.46 -17.27
N ASP KA 21 67.88 -37.88 -17.37
CA ASP KA 21 69.04 -38.44 -16.69
C ASP KA 21 69.01 -38.12 -15.21
N ASP KA 22 69.68 -38.98 -14.44
CA ASP KA 22 69.71 -38.83 -12.98
C ASP KA 22 70.56 -37.63 -12.56
N HIS KA 23 71.54 -37.25 -13.38
CA HIS KA 23 72.49 -36.21 -13.00
C HIS KA 23 71.85 -34.83 -12.96
N THR KA 24 71.09 -34.48 -14.00
CA THR KA 24 70.46 -33.17 -14.02
C THR KA 24 69.26 -33.07 -13.08
N ALA KA 25 68.74 -34.20 -12.62
CA ALA KA 25 67.57 -34.18 -11.74
C ALA KA 25 67.92 -33.65 -10.36
N VAL KA 26 69.17 -33.82 -9.92
CA VAL KA 26 69.57 -33.16 -8.67
C VAL KA 26 69.91 -31.70 -8.94
N GLU KA 27 70.27 -31.33 -10.17
CA GLU KA 27 70.40 -29.93 -10.53
C GLU KA 27 69.03 -29.31 -10.76
N PHE KA 28 68.04 -30.14 -11.13
CA PHE KA 28 66.66 -29.68 -11.24
C PHE KA 28 66.10 -29.25 -9.90
N GLN KA 29 66.41 -30.00 -8.84
CA GLN KA 29 65.75 -29.81 -7.56
C GLN KA 29 66.19 -28.52 -6.86
N GLU KA 30 67.41 -28.06 -7.14
CA GLU KA 30 67.86 -26.80 -6.56
C GLU KA 30 67.21 -25.61 -7.25
N ASP KA 31 67.16 -25.64 -8.58
CA ASP KA 31 66.58 -24.53 -9.34
C ASP KA 31 65.07 -24.44 -9.19
N LEU KA 32 64.42 -25.54 -8.81
CA LEU KA 32 63.00 -25.47 -8.49
C LEU KA 32 62.79 -24.76 -7.16
N LEU KA 33 63.46 -25.22 -6.11
CA LEU KA 33 63.26 -24.68 -4.77
C LEU KA 33 63.90 -23.31 -4.56
N ALA KA 34 64.77 -22.87 -5.47
CA ALA KA 34 65.31 -21.52 -5.34
C ALA KA 34 64.27 -20.49 -5.76
N LYS KA 35 63.50 -20.80 -6.81
CA LYS KA 35 62.47 -19.87 -7.27
C LYS KA 35 61.31 -19.80 -6.29
N ILE KA 36 61.00 -20.90 -5.61
CA ILE KA 36 59.92 -20.91 -4.64
C ILE KA 36 60.27 -20.13 -3.37
N HIS KA 37 61.55 -19.82 -3.15
CA HIS KA 37 61.91 -18.80 -2.17
C HIS KA 37 61.66 -17.42 -2.72
N GLU KA 38 62.17 -17.15 -3.92
CA GLU KA 38 62.05 -15.84 -4.56
C GLU KA 38 60.63 -15.50 -4.95
N THR KA 39 59.76 -16.51 -5.10
CA THR KA 39 58.36 -16.31 -5.45
C THR KA 39 57.50 -17.03 -4.43
N SER KA 40 56.62 -16.29 -3.76
CA SER KA 40 55.69 -16.87 -2.81
C SER KA 40 54.51 -17.45 -3.58
N ALA KA 41 54.72 -18.63 -4.16
CA ALA KA 41 53.72 -19.30 -4.97
C ALA KA 41 53.11 -20.46 -4.20
N ARG KA 42 51.91 -20.85 -4.61
CA ARG KA 42 51.17 -21.92 -3.95
C ARG KA 42 51.01 -23.14 -4.86
N GLY KA 43 50.45 -22.96 -6.04
CA GLY KA 43 50.28 -24.09 -6.95
C GLY KA 43 51.44 -24.21 -7.91
N VAL KA 44 52.35 -25.12 -7.64
CA VAL KA 44 53.56 -25.28 -8.46
C VAL KA 44 53.28 -26.45 -9.41
N VAL KA 45 52.84 -26.12 -10.61
CA VAL KA 45 52.39 -27.12 -11.57
C VAL KA 45 53.60 -27.68 -12.31
N ILE KA 46 53.89 -28.96 -12.10
CA ILE KA 46 54.94 -29.66 -12.82
C ILE KA 46 54.34 -30.29 -14.06
N ASP KA 47 54.91 -30.00 -15.22
CA ASP KA 47 54.41 -30.47 -16.50
C ASP KA 47 55.42 -31.45 -17.09
N ILE KA 48 55.04 -32.73 -17.12
CA ILE KA 48 55.92 -33.77 -17.67
C ILE KA 48 55.23 -34.47 -18.83
N THR KA 49 54.43 -33.72 -19.59
CA THR KA 49 53.66 -34.29 -20.70
C THR KA 49 54.52 -34.76 -21.87
N SER KA 50 55.79 -34.37 -21.93
CA SER KA 50 56.67 -34.83 -22.99
C SER KA 50 57.40 -36.13 -22.62
N ILE KA 51 57.61 -36.36 -21.33
CA ILE KA 51 58.45 -37.47 -20.88
C ILE KA 51 57.73 -38.78 -21.10
N ASP KA 52 58.33 -39.65 -21.92
CA ASP KA 52 57.90 -41.05 -22.01
C ASP KA 52 58.84 -41.96 -21.23
N PHE KA 53 60.10 -42.00 -21.60
CA PHE KA 53 61.06 -42.85 -20.92
C PHE KA 53 61.50 -42.20 -19.62
N ILE KA 54 61.57 -43.00 -18.57
CA ILE KA 54 61.88 -42.51 -17.22
C ILE KA 54 62.75 -43.53 -16.51
N ASP KA 55 63.71 -43.03 -15.73
CA ASP KA 55 64.69 -43.88 -15.06
C ASP KA 55 64.09 -44.45 -13.77
N SER KA 56 64.93 -45.06 -12.94
CA SER KA 56 64.47 -45.68 -11.70
C SER KA 56 64.76 -44.83 -10.47
N PHE KA 57 65.84 -44.05 -10.47
CA PHE KA 57 66.14 -43.18 -9.35
C PHE KA 57 65.30 -41.91 -9.37
N ILE KA 58 64.56 -41.65 -10.45
CA ILE KA 58 63.65 -40.51 -10.50
C ILE KA 58 62.48 -40.70 -9.54
N ALA KA 59 62.10 -41.95 -9.26
CA ALA KA 59 61.08 -42.22 -8.25
C ALA KA 59 61.55 -41.89 -6.84
N LYS KA 60 62.86 -41.78 -6.63
CA LYS KA 60 63.40 -41.24 -5.38
C LYS KA 60 63.50 -39.72 -5.42
N ILE KA 61 63.27 -39.11 -6.58
CA ILE KA 61 63.34 -37.66 -6.74
C ILE KA 61 61.97 -37.06 -7.00
N LEU KA 62 61.31 -37.47 -8.09
CA LEU KA 62 59.94 -37.02 -8.32
C LEU KA 62 58.93 -37.72 -7.42
N GLY KA 63 59.33 -38.76 -6.71
CA GLY KA 63 58.53 -39.28 -5.62
C GLY KA 63 58.80 -38.61 -4.30
N ASP KA 64 59.74 -37.66 -4.26
CA ASP KA 64 60.09 -36.96 -3.04
C ASP KA 64 59.99 -35.45 -3.11
N VAL KA 65 59.97 -34.85 -4.31
CA VAL KA 65 59.75 -33.41 -4.40
C VAL KA 65 58.32 -33.03 -4.03
N VAL KA 66 57.40 -33.99 -4.03
CA VAL KA 66 56.10 -33.77 -3.42
C VAL KA 66 56.25 -33.54 -1.92
N SER KA 67 57.16 -34.27 -1.27
CA SER KA 67 57.43 -34.03 0.14
C SER KA 67 58.28 -32.79 0.36
N MET KA 68 59.06 -32.37 -0.64
CA MET KA 68 59.85 -31.15 -0.50
C MET KA 68 58.96 -29.91 -0.60
N SER KA 69 58.11 -29.87 -1.63
CA SER KA 69 57.32 -28.67 -1.86
C SER KA 69 56.18 -28.53 -0.85
N LYS KA 70 55.65 -29.66 -0.36
CA LYS KA 70 54.62 -29.60 0.67
C LYS KA 70 55.19 -29.30 2.05
N LEU KA 71 56.50 -29.42 2.22
CA LEU KA 71 57.17 -28.97 3.43
C LEU KA 71 57.63 -27.53 3.32
N MET KA 72 57.90 -27.07 2.09
CA MET KA 72 58.26 -25.69 1.87
C MET KA 72 57.06 -24.77 1.95
N GLY KA 73 55.86 -25.29 1.69
CA GLY KA 73 54.67 -24.47 1.80
C GLY KA 73 53.90 -24.29 0.50
N ALA KA 74 53.89 -25.31 -0.35
CA ALA KA 74 53.20 -25.21 -1.62
C ALA KA 74 52.58 -26.55 -1.97
N LYS KA 75 51.35 -26.52 -2.46
CA LYS KA 75 50.72 -27.71 -3.01
C LYS KA 75 51.26 -27.94 -4.41
N VAL KA 76 51.84 -29.11 -4.64
CA VAL KA 76 52.45 -29.43 -5.93
C VAL KA 76 51.54 -30.43 -6.64
N VAL KA 77 51.51 -30.33 -7.98
CA VAL KA 77 50.69 -31.21 -8.80
C VAL KA 77 51.54 -31.74 -9.94
N VAL KA 78 51.20 -32.93 -10.41
CA VAL KA 78 51.91 -33.59 -11.50
C VAL KA 78 50.90 -33.83 -12.61
N THR KA 79 51.02 -33.09 -13.70
CA THR KA 79 50.03 -33.07 -14.76
C THR KA 79 50.51 -33.85 -15.97
N GLY KA 80 49.68 -34.79 -16.43
CA GLY KA 80 49.87 -35.44 -17.71
C GLY KA 80 51.03 -36.39 -17.79
N ILE KA 81 50.94 -37.52 -17.09
CA ILE KA 81 51.98 -38.53 -17.15
C ILE KA 81 51.59 -39.57 -18.18
N GLN KA 82 52.53 -39.95 -19.03
CA GLN KA 82 52.28 -40.89 -20.11
C GLN KA 82 52.13 -42.30 -19.56
N PRO KA 83 51.13 -43.05 -20.02
CA PRO KA 83 50.76 -44.30 -19.34
C PRO KA 83 51.63 -45.50 -19.69
N ALA KA 84 52.25 -45.48 -20.87
CA ALA KA 84 52.78 -46.71 -21.45
C ALA KA 84 53.99 -47.24 -20.70
N VAL KA 85 54.93 -46.37 -20.34
CA VAL KA 85 56.11 -46.82 -19.61
C VAL KA 85 56.33 -45.91 -18.40
N ALA KA 86 55.82 -44.68 -18.46
CA ALA KA 86 56.02 -43.73 -17.37
C ALA KA 86 54.93 -43.81 -16.31
N ILE KA 87 54.11 -44.84 -16.32
CA ILE KA 87 53.12 -45.07 -15.27
C ILE KA 87 53.26 -46.48 -14.72
N THR KA 88 53.30 -47.49 -15.61
CA THR KA 88 53.39 -48.87 -15.15
C THR KA 88 54.76 -49.21 -14.57
N LEU KA 89 55.76 -48.35 -14.74
CA LEU KA 89 57.04 -48.49 -14.06
C LEU KA 89 57.13 -47.61 -12.81
N ILE KA 90 56.00 -47.31 -12.19
CA ILE KA 90 56.00 -46.70 -10.87
C ILE KA 90 55.38 -47.71 -9.91
N GLU KA 91 55.57 -49.00 -10.21
CA GLU KA 91 55.25 -50.02 -9.23
C GLU KA 91 56.28 -50.05 -8.11
N LEU KA 92 57.47 -49.51 -8.34
CA LEU KA 92 58.43 -49.21 -7.27
C LEU KA 92 58.27 -47.76 -6.80
N GLY KA 93 57.02 -47.37 -6.58
CA GLY KA 93 56.71 -45.99 -6.26
C GLY KA 93 55.56 -45.84 -5.29
N ILE KA 94 55.35 -46.81 -4.41
CA ILE KA 94 54.11 -46.82 -3.64
C ILE KA 94 54.25 -45.93 -2.41
N THR KA 95 54.20 -44.61 -2.65
CA THR KA 95 53.99 -43.59 -1.65
C THR KA 95 53.06 -42.51 -2.17
N PHE KA 96 52.61 -42.62 -3.42
CA PHE KA 96 51.95 -41.52 -4.14
C PHE KA 96 50.51 -41.41 -3.68
N SER KA 97 50.30 -40.65 -2.60
CA SER KA 97 48.97 -40.30 -2.13
C SER KA 97 49.00 -38.84 -1.69
N GLY KA 98 47.92 -38.13 -1.95
CA GLY KA 98 47.90 -36.70 -1.70
C GLY KA 98 48.82 -35.93 -2.63
N VAL KA 99 48.92 -36.36 -3.87
CA VAL KA 99 49.81 -35.72 -4.84
C VAL KA 99 49.03 -34.87 -5.85
N LEU KA 100 47.72 -35.11 -6.02
CA LEU KA 100 46.81 -34.34 -6.87
C LEU KA 100 47.26 -34.32 -8.33
N SER KA 101 47.25 -35.51 -8.93
CA SER KA 101 47.58 -35.57 -10.35
C SER KA 101 46.41 -35.08 -11.20
N ALA KA 102 46.72 -34.64 -12.41
CA ALA KA 102 45.73 -34.09 -13.32
C ALA KA 102 46.03 -34.54 -14.73
N MET KA 103 45.05 -34.37 -15.62
CA MET KA 103 45.18 -34.91 -16.97
C MET KA 103 46.02 -34.02 -17.87
N ASP KA 104 45.83 -32.70 -17.79
CA ASP KA 104 46.50 -31.80 -18.72
C ASP KA 104 46.63 -30.43 -18.09
N LEU KA 105 47.52 -29.63 -18.68
CA LEU KA 105 47.80 -28.29 -18.17
C LEU KA 105 46.64 -27.33 -18.39
N GLU KA 106 45.74 -27.62 -19.33
CA GLU KA 106 44.56 -26.79 -19.52
C GLU KA 106 43.59 -26.92 -18.36
N SER KA 107 43.58 -28.08 -17.70
CA SER KA 107 42.68 -28.33 -16.57
C SER KA 107 43.41 -28.42 -15.24
N GLY KA 108 44.74 -28.47 -15.25
CA GLY KA 108 45.48 -28.49 -13.99
C GLY KA 108 45.34 -27.19 -13.22
N LEU KA 109 45.40 -26.05 -13.92
CA LEU KA 109 45.18 -24.77 -13.27
C LEU KA 109 43.74 -24.60 -12.84
N GLU KA 110 42.79 -25.08 -13.67
CA GLU KA 110 41.37 -24.93 -13.38
C GLU KA 110 40.93 -25.72 -12.16
N LYS KA 111 41.67 -26.76 -11.79
CA LYS KA 111 41.48 -27.39 -10.49
C LYS KA 111 42.22 -26.64 -9.40
N LEU KA 112 43.38 -26.07 -9.71
CA LEU KA 112 44.27 -25.52 -8.70
C LEU KA 112 44.14 -24.02 -8.52
N LYS KA 113 43.41 -23.34 -9.40
CA LYS KA 113 42.93 -22.01 -9.03
C LYS KA 113 41.88 -22.12 -7.93
N GLN KA 114 41.11 -23.21 -7.95
CA GLN KA 114 40.04 -23.41 -6.97
C GLN KA 114 40.60 -23.76 -5.59
N GLU KA 115 41.61 -24.64 -5.55
CA GLU KA 115 42.08 -25.17 -4.27
C GLU KA 115 42.82 -24.12 -3.43
N LEU KA 116 43.53 -23.19 -4.08
CA LEU KA 116 44.27 -22.16 -3.36
C LEU KA 116 44.08 -20.84 -4.11
N GLY KA 117 43.12 -20.04 -3.64
CA GLY KA 117 42.81 -18.75 -4.24
C GLY KA 117 41.36 -18.60 -4.63
N GLU KA 118 40.71 -19.69 -5.03
CA GLU KA 118 39.30 -19.78 -5.47
C GLU KA 118 38.98 -18.94 -6.71
N MET LA 1 15.68 70.98 20.26
CA MET LA 1 14.47 71.78 20.08
C MET LA 1 14.19 71.99 18.59
N GLY LA 2 12.98 71.64 18.16
CA GLY LA 2 12.56 71.83 16.79
C GLY LA 2 12.90 70.68 15.86
N ILE LA 3 13.74 69.76 16.28
CA ILE LA 3 14.09 68.60 15.45
C ILE LA 3 13.64 67.35 16.18
N PRO LA 4 12.41 66.87 15.98
CA PRO LA 4 11.90 65.69 16.68
C PRO LA 4 12.32 64.37 16.04
N ILE LA 5 13.61 64.23 15.77
CA ILE LA 5 14.12 63.03 15.13
C ILE LA 5 14.14 61.87 16.14
N LEU LA 6 13.65 60.72 15.71
CA LEU LA 6 13.39 59.61 16.63
C LEU LA 6 13.56 58.30 15.90
N LYS LA 7 14.27 57.36 16.52
CA LYS LA 7 14.57 56.10 15.87
C LYS LA 7 13.37 55.16 15.93
N LEU LA 8 13.33 54.21 15.00
CA LEU LA 8 12.28 53.21 14.99
C LEU LA 8 12.78 51.83 14.58
N GLY LA 9 14.02 51.50 14.92
CA GLY LA 9 14.55 50.20 14.55
C GLY LA 9 14.95 50.09 13.09
N GLU LA 10 16.05 50.78 12.74
CA GLU LA 10 16.70 50.79 11.42
C GLU LA 10 15.82 51.44 10.35
N CYS LA 11 14.81 52.21 10.75
CA CYS LA 11 14.07 53.09 9.84
C CYS LA 11 13.87 54.39 10.61
N LEU LA 12 14.81 55.31 10.47
CA LEU LA 12 14.79 56.56 11.21
C LEU LA 12 13.66 57.46 10.72
N LEU LA 13 13.08 58.23 11.64
CA LEU LA 13 11.96 59.11 11.30
C LEU LA 13 12.29 60.54 11.66
N ILE LA 14 11.56 61.46 11.05
CA ILE LA 14 11.69 62.89 11.32
C ILE LA 14 10.39 63.59 10.93
N SER LA 15 9.86 64.41 11.83
CA SER LA 15 8.71 65.25 11.53
C SER LA 15 9.16 66.70 11.48
N ILE LA 16 8.35 67.53 10.82
CA ILE LA 16 8.69 68.93 10.62
C ILE LA 16 7.45 69.77 10.90
N GLN LA 17 7.56 70.68 11.87
CA GLN LA 17 6.49 71.61 12.20
C GLN LA 17 6.52 72.81 11.27
N SER LA 18 5.81 73.88 11.61
CA SER LA 18 5.85 75.11 10.82
C SER LA 18 7.17 75.82 11.08
N GLU LA 19 8.22 75.31 10.42
CA GLU LA 19 9.58 75.81 10.56
C GLU LA 19 10.04 76.28 9.19
N LEU LA 20 10.28 77.58 9.06
CA LEU LA 20 10.36 78.22 7.75
C LEU LA 20 11.74 78.76 7.41
N ASP LA 21 12.41 79.41 8.35
CA ASP LA 21 13.62 80.15 8.04
C ASP LA 21 14.80 79.22 7.82
N ASP LA 22 15.86 79.78 7.22
CA ASP LA 22 17.08 79.01 6.97
C ASP LA 22 17.83 78.70 8.25
N HIS LA 23 17.69 79.54 9.27
CA HIS LA 23 18.35 79.30 10.56
C HIS LA 23 17.83 78.06 11.26
N THR LA 24 16.59 77.67 10.96
CA THR LA 24 16.10 76.35 11.37
C THR LA 24 16.57 75.27 10.40
N ALA LA 25 16.70 75.62 9.11
CA ALA LA 25 17.00 74.63 8.08
C ALA LA 25 18.42 74.11 8.20
N VAL LA 26 19.40 75.01 8.34
CA VAL LA 26 20.79 74.60 8.54
C VAL LA 26 20.94 73.90 9.89
N GLU LA 27 20.14 74.29 10.88
CA GLU LA 27 20.10 73.58 12.14
C GLU LA 27 19.55 72.17 11.96
N PHE LA 28 18.55 72.01 11.10
CA PHE LA 28 17.92 70.71 10.90
C PHE LA 28 18.75 69.81 9.99
N GLN LA 29 19.30 70.37 8.91
CA GLN LA 29 19.99 69.56 7.91
C GLN LA 29 21.28 68.95 8.46
N GLU LA 30 22.02 69.72 9.26
CA GLU LA 30 23.21 69.16 9.89
C GLU LA 30 22.85 68.16 10.98
N ASP LA 31 21.72 68.35 11.65
CA ASP LA 31 21.34 67.43 12.72
C ASP LA 31 20.78 66.13 12.17
N LEU LA 32 20.18 66.16 10.98
CA LEU LA 32 19.67 64.94 10.38
C LEU LA 32 20.81 64.07 9.86
N LEU LA 33 21.82 64.69 9.24
CA LEU LA 33 22.91 63.91 8.67
C LEU LA 33 23.85 63.39 9.75
N ALA LA 34 23.97 64.10 10.87
CA ALA LA 34 24.87 63.66 11.93
C ALA LA 34 24.31 62.45 12.65
N LYS LA 35 22.99 62.41 12.86
CA LYS LA 35 22.38 61.27 13.53
C LYS LA 35 22.41 60.03 12.64
N ILE LA 36 22.16 60.21 11.34
CA ILE LA 36 22.19 59.07 10.43
C ILE LA 36 23.63 58.62 10.16
N HIS LA 37 24.61 59.48 10.43
CA HIS LA 37 25.99 59.02 10.47
C HIS LA 37 26.24 58.17 11.70
N GLU LA 38 25.73 58.61 12.86
CA GLU LA 38 25.90 57.88 14.09
C GLU LA 38 25.02 56.65 14.14
N THR LA 39 23.70 56.84 14.08
CA THR LA 39 22.77 55.72 14.04
C THR LA 39 22.71 55.19 12.60
N SER LA 40 23.10 53.94 12.43
CA SER LA 40 23.03 53.30 11.12
C SER LA 40 21.57 53.06 10.74
N ALA LA 41 21.15 53.57 9.59
CA ALA LA 41 19.75 53.49 9.18
C ALA LA 41 19.67 53.35 7.68
N ARG LA 42 18.74 52.49 7.22
CA ARG LA 42 18.55 52.23 5.80
C ARG LA 42 17.40 53.05 5.22
N GLY LA 43 17.17 54.25 5.74
CA GLY LA 43 16.16 55.13 5.18
C GLY LA 43 15.52 56.04 6.19
N VAL LA 44 15.36 57.31 5.84
CA VAL LA 44 14.62 58.25 6.65
C VAL LA 44 13.34 58.63 5.93
N VAL LA 45 12.32 58.98 6.70
CA VAL LA 45 10.99 59.31 6.19
C VAL LA 45 10.70 60.74 6.61
N ILE LA 46 11.03 61.69 5.76
CA ILE LA 46 10.77 63.10 6.04
C ILE LA 46 9.28 63.36 5.85
N ASP LA 47 8.65 63.92 6.88
CA ASP LA 47 7.24 64.29 6.84
C ASP LA 47 7.12 65.81 6.81
N ILE LA 48 6.32 66.32 5.87
CA ILE LA 48 6.21 67.76 5.68
C ILE LA 48 4.75 68.20 5.71
N THR LA 49 3.94 67.53 6.54
CA THR LA 49 2.49 67.69 6.50
C THR LA 49 2.05 69.08 6.97
N SER LA 50 2.70 69.62 7.99
CA SER LA 50 2.25 70.88 8.59
C SER LA 50 2.98 72.10 8.01
N ILE LA 51 3.34 72.08 6.74
CA ILE LA 51 3.97 73.22 6.07
C ILE LA 51 2.99 73.77 5.04
N ASP LA 52 2.98 75.09 4.88
CA ASP LA 52 2.10 75.74 3.92
C ASP LA 52 2.82 76.53 2.84
N PHE LA 53 4.10 76.85 3.01
CA PHE LA 53 4.83 77.58 2.00
C PHE LA 53 6.29 77.19 2.05
N ILE LA 54 6.90 77.08 0.87
CA ILE LA 54 8.32 76.76 0.73
C ILE LA 54 8.89 77.60 -0.41
N ASP LA 55 9.96 78.33 -0.12
CA ASP LA 55 10.62 79.16 -1.11
C ASP LA 55 11.81 78.41 -1.72
N SER LA 56 12.48 79.04 -2.68
CA SER LA 56 13.63 78.43 -3.34
C SER LA 56 14.84 78.30 -2.43
N PHE LA 57 14.91 79.11 -1.36
CA PHE LA 57 15.91 78.89 -0.32
C PHE LA 57 15.56 77.72 0.58
N ILE LA 58 14.33 77.22 0.49
CA ILE LA 58 13.94 76.01 1.20
C ILE LA 58 13.73 74.82 0.27
N ALA LA 59 13.26 75.07 -0.96
CA ALA LA 59 13.07 73.97 -1.91
C ALA LA 59 14.39 73.42 -2.43
N LYS LA 60 15.44 74.25 -2.48
CA LYS LA 60 16.76 73.77 -2.81
C LYS LA 60 17.57 73.40 -1.57
N ILE LA 61 16.90 73.17 -0.45
CA ILE LA 61 17.45 72.47 0.70
C ILE LA 61 16.72 71.15 0.93
N LEU LA 62 15.38 71.19 0.91
CA LEU LA 62 14.60 69.96 0.97
C LEU LA 62 14.78 69.13 -0.30
N GLY LA 63 14.91 69.78 -1.45
CA GLY LA 63 15.22 69.06 -2.67
C GLY LA 63 16.65 68.58 -2.75
N ASP LA 64 17.53 69.13 -1.91
CA ASP LA 64 18.92 68.69 -1.85
C ASP LA 64 19.21 67.75 -0.69
N VAL LA 65 18.36 67.71 0.33
CA VAL LA 65 18.57 66.79 1.43
C VAL LA 65 18.21 65.36 1.02
N VAL LA 66 17.43 65.21 -0.05
CA VAL LA 66 17.21 63.89 -0.63
C VAL LA 66 18.51 63.38 -1.26
N SER LA 67 19.29 64.29 -1.86
CA SER LA 67 20.59 63.91 -2.40
C SER LA 67 21.61 63.67 -1.29
N MET LA 68 21.37 64.19 -0.09
CA MET LA 68 22.28 63.95 1.02
C MET LA 68 22.17 62.51 1.50
N SER LA 69 21.00 62.12 1.97
CA SER LA 69 20.83 60.81 2.60
C SER LA 69 20.78 59.66 1.61
N LYS LA 70 20.56 59.93 0.33
CA LYS LA 70 20.73 58.87 -0.67
C LYS LA 70 22.19 58.62 -0.98
N LEU LA 71 23.06 59.59 -0.69
CA LEU LA 71 24.50 59.42 -0.83
C LEU LA 71 25.14 58.93 0.45
N MET LA 72 24.56 59.27 1.60
CA MET LA 72 25.08 58.85 2.89
C MET LA 72 24.94 57.34 3.11
N GLY LA 73 23.98 56.70 2.43
CA GLY LA 73 23.82 55.28 2.56
C GLY LA 73 22.43 54.86 2.98
N ALA LA 74 21.43 55.67 2.68
CA ALA LA 74 20.06 55.39 3.07
C ALA LA 74 19.13 55.83 1.94
N LYS LA 75 17.84 55.85 2.23
CA LYS LA 75 16.82 56.31 1.30
C LYS LA 75 16.03 57.46 1.92
N VAL LA 76 15.26 58.15 1.08
CA VAL LA 76 14.41 59.25 1.52
C VAL LA 76 13.05 59.06 0.85
N VAL LA 77 12.00 59.02 1.66
CA VAL LA 77 10.63 58.97 1.17
C VAL LA 77 9.88 60.14 1.78
N VAL LA 78 9.70 61.20 0.99
CA VAL LA 78 8.97 62.38 1.43
C VAL LA 78 7.49 62.04 1.39
N THR LA 79 6.87 61.89 2.56
CA THR LA 79 5.47 61.52 2.67
C THR LA 79 4.66 62.64 3.30
N GLY LA 80 3.48 62.90 2.76
CA GLY LA 80 2.58 63.87 3.34
C GLY LA 80 2.74 65.26 2.78
N ILE LA 81 2.89 65.38 1.48
CA ILE LA 81 3.00 66.67 0.83
C ILE LA 81 1.61 67.27 0.68
N GLN LA 82 1.49 68.54 1.03
CA GLN LA 82 0.23 69.25 0.88
C GLN LA 82 0.00 69.62 -0.58
N PRO LA 83 -1.25 69.88 -0.97
CA PRO LA 83 -1.48 70.36 -2.34
C PRO LA 83 -0.94 71.74 -2.60
N ALA LA 84 -1.14 72.68 -1.66
CA ALA LA 84 -0.75 74.07 -1.89
C ALA LA 84 0.76 74.23 -1.96
N VAL LA 85 1.52 73.40 -1.23
CA VAL LA 85 2.97 73.43 -1.34
C VAL LA 85 3.46 72.71 -2.58
N ALA LA 86 2.62 71.85 -3.18
CA ALA LA 86 3.01 71.12 -4.37
C ALA LA 86 2.78 71.91 -5.65
N ILE LA 87 1.78 72.81 -5.68
CA ILE LA 87 1.57 73.65 -6.85
C ILE LA 87 2.70 74.66 -6.99
N THR LA 88 3.23 75.16 -5.87
CA THR LA 88 4.28 76.17 -5.90
C THR LA 88 5.68 75.57 -6.01
N LEU LA 89 5.81 74.34 -6.52
CA LEU LA 89 7.10 73.77 -6.89
C LEU LA 89 7.44 74.03 -8.34
N ILE LA 90 6.93 75.13 -8.91
CA ILE LA 90 7.14 75.41 -10.32
C ILE LA 90 8.53 75.98 -10.57
N GLU LA 91 9.07 76.74 -9.62
CA GLU LA 91 10.35 77.42 -9.85
C GLU LA 91 11.53 76.46 -9.82
N LEU LA 92 11.38 75.30 -9.19
CA LEU LA 92 12.40 74.28 -9.25
C LEU LA 92 12.11 73.40 -10.46
N GLY LA 93 13.15 73.11 -11.23
CA GLY LA 93 13.02 72.24 -12.38
C GLY LA 93 12.98 70.80 -11.92
N ILE LA 94 11.81 70.36 -11.45
CA ILE LA 94 11.63 69.25 -10.50
C ILE LA 94 12.25 67.96 -10.99
N THR LA 95 13.26 67.50 -10.25
CA THR LA 95 13.95 66.25 -10.49
C THR LA 95 13.96 65.45 -9.18
N PHE LA 96 12.78 65.35 -8.57
CA PHE LA 96 12.58 64.55 -7.37
C PHE LA 96 12.52 63.07 -7.77
N SER LA 97 13.69 62.55 -8.12
CA SER LA 97 13.82 61.22 -8.69
C SER LA 97 14.42 60.27 -7.66
N GLY LA 98 13.87 59.06 -7.60
CA GLY LA 98 14.21 58.14 -6.55
C GLY LA 98 13.60 58.48 -5.21
N VAL LA 99 12.67 59.43 -5.18
CA VAL LA 99 12.00 59.80 -3.93
C VAL LA 99 11.02 58.71 -3.52
N LEU LA 100 10.17 58.27 -4.45
CA LEU LA 100 9.06 57.35 -4.21
C LEU LA 100 8.17 57.85 -3.08
N SER LA 101 7.54 59.00 -3.35
CA SER LA 101 6.72 59.68 -2.36
C SER LA 101 5.45 58.91 -2.06
N ALA LA 102 4.81 59.28 -0.96
CA ALA LA 102 3.57 58.64 -0.53
C ALA LA 102 2.70 59.71 0.13
N MET LA 103 1.47 59.32 0.48
CA MET LA 103 0.50 60.28 0.99
C MET LA 103 0.44 60.33 2.51
N ASP LA 104 0.44 59.19 3.19
CA ASP LA 104 0.34 59.16 4.63
C ASP LA 104 1.51 58.39 5.23
N LEU LA 105 1.77 58.64 6.52
CA LEU LA 105 2.94 58.08 7.18
C LEU LA 105 2.78 56.58 7.45
N GLU LA 106 1.56 56.06 7.36
CA GLU LA 106 1.36 54.62 7.45
C GLU LA 106 1.97 53.91 6.26
N SER LA 107 1.70 54.41 5.06
CA SER LA 107 2.25 53.82 3.84
C SER LA 107 3.71 54.20 3.62
N GLY LA 108 4.20 55.24 4.29
CA GLY LA 108 5.59 55.65 4.11
C GLY LA 108 6.57 54.63 4.63
N LEU LA 109 6.28 54.06 5.81
CA LEU LA 109 7.04 52.91 6.27
C LEU LA 109 6.72 51.67 5.45
N GLU LA 110 5.48 51.55 4.98
CA GLU LA 110 5.08 50.35 4.25
C GLU LA 110 5.72 50.29 2.87
N LYS LA 111 5.80 51.43 2.18
CA LYS LA 111 6.47 51.45 0.88
C LYS LA 111 7.98 51.42 1.00
N LEU LA 112 8.54 51.59 2.20
CA LEU LA 112 9.97 51.45 2.40
C LEU LA 112 10.35 50.03 2.80
N LYS LA 113 9.58 49.42 3.71
CA LYS LA 113 9.88 48.07 4.16
C LYS LA 113 9.59 47.03 3.08
N GLN LA 114 8.67 47.33 2.16
CA GLN LA 114 8.39 46.44 1.04
C GLN LA 114 9.40 46.62 -0.10
N GLU LA 115 10.17 47.70 -0.09
CA GLU LA 115 11.14 47.97 -1.14
C GLU LA 115 12.58 47.89 -0.68
N LEU LA 116 12.85 48.14 0.59
CA LEU LA 116 14.19 47.98 1.13
C LEU LA 116 14.05 47.57 2.60
N GLY LA 117 15.16 47.58 3.33
CA GLY LA 117 15.17 47.13 4.70
C GLY LA 117 15.02 45.64 4.89
N GLU LA 118 15.12 44.87 3.81
CA GLU LA 118 14.89 43.44 3.87
C GLU LA 118 15.57 42.73 2.70
N MET MA 1 64.08 -30.83 -29.41
CA MET MA 1 65.11 -30.14 -28.66
C MET MA 1 65.04 -28.62 -28.81
N GLY MA 2 64.90 -27.92 -27.69
CA GLY MA 2 65.09 -26.49 -27.68
C GLY MA 2 63.94 -25.65 -27.17
N ILE MA 3 62.70 -26.00 -27.52
CA ILE MA 3 61.55 -25.17 -27.21
C ILE MA 3 60.60 -25.97 -26.33
N PRO MA 4 60.25 -25.48 -25.14
CA PRO MA 4 59.42 -26.26 -24.21
C PRO MA 4 57.95 -26.28 -24.63
N ILE MA 5 57.21 -27.15 -23.95
CA ILE MA 5 55.78 -27.32 -24.19
C ILE MA 5 55.05 -26.10 -23.66
N LEU MA 6 53.97 -25.72 -24.35
CA LEU MA 6 53.46 -24.36 -24.22
C LEU MA 6 51.93 -24.21 -24.21
N LYS MA 7 51.17 -25.29 -24.15
CA LYS MA 7 49.70 -25.19 -24.21
C LYS MA 7 49.14 -24.81 -22.85
N LEU MA 8 48.28 -23.78 -22.83
CA LEU MA 8 47.66 -23.34 -21.57
C LEU MA 8 46.36 -22.58 -21.88
N GLY MA 9 45.23 -23.26 -21.68
CA GLY MA 9 43.90 -22.68 -21.60
C GLY MA 9 43.44 -21.69 -22.64
N GLU MA 10 43.32 -22.12 -23.89
CA GLU MA 10 42.94 -21.31 -25.06
C GLU MA 10 43.86 -20.11 -25.30
N CYS MA 11 45.09 -20.19 -24.79
CA CYS MA 11 46.13 -19.21 -25.05
C CYS MA 11 47.42 -19.99 -25.21
N LEU MA 12 48.55 -19.30 -25.14
CA LEU MA 12 49.83 -19.99 -25.28
C LEU MA 12 50.85 -19.35 -24.36
N LEU MA 13 51.87 -20.13 -23.98
CA LEU MA 13 52.89 -19.63 -23.07
C LEU MA 13 54.21 -20.34 -23.41
N ILE MA 14 54.98 -19.72 -24.28
CA ILE MA 14 56.25 -20.27 -24.74
C ILE MA 14 57.37 -19.52 -24.04
N SER MA 15 58.36 -20.26 -23.53
CA SER MA 15 59.43 -19.68 -22.71
C SER MA 15 60.77 -19.95 -23.39
N ILE MA 16 61.39 -18.90 -23.90
CA ILE MA 16 62.71 -18.98 -24.50
C ILE MA 16 63.75 -18.82 -23.39
N GLN MA 17 64.40 -19.92 -23.03
CA GLN MA 17 65.38 -19.85 -21.94
C GLN MA 17 66.70 -19.25 -22.41
N SER MA 18 67.36 -19.90 -23.37
CA SER MA 18 68.60 -19.36 -23.95
C SER MA 18 68.75 -19.94 -25.34
N GLU MA 19 68.37 -19.16 -26.36
CA GLU MA 19 68.35 -19.62 -27.74
C GLU MA 19 68.93 -18.53 -28.65
N LEU MA 20 70.14 -18.07 -28.30
CA LEU MA 20 70.71 -16.86 -28.90
C LEU MA 20 71.02 -17.02 -30.39
N ASP MA 21 71.53 -18.17 -30.80
CA ASP MA 21 72.06 -18.31 -32.14
C ASP MA 21 70.95 -18.44 -33.18
N ASP MA 22 71.33 -18.19 -34.45
CA ASP MA 22 70.39 -18.27 -35.55
C ASP MA 22 69.94 -19.71 -35.81
N HIS MA 23 70.86 -20.66 -35.66
CA HIS MA 23 70.62 -22.03 -36.10
C HIS MA 23 69.77 -22.84 -35.13
N THR MA 24 69.25 -22.23 -34.08
CA THR MA 24 68.13 -22.78 -33.33
C THR MA 24 66.93 -21.85 -33.32
N ALA MA 25 67.08 -20.62 -33.80
CA ALA MA 25 65.95 -19.70 -33.86
C ALA MA 25 65.01 -20.07 -35.00
N VAL MA 26 65.56 -20.54 -36.12
CA VAL MA 26 64.71 -20.97 -37.22
C VAL MA 26 64.01 -22.29 -36.89
N GLU MA 27 64.64 -23.12 -36.06
CA GLU MA 27 63.95 -24.30 -35.55
C GLU MA 27 62.88 -23.90 -34.53
N PHE MA 28 63.15 -22.84 -33.76
CA PHE MA 28 62.14 -22.25 -32.89
C PHE MA 28 60.99 -21.66 -33.70
N GLN MA 29 61.29 -21.16 -34.91
CA GLN MA 29 60.27 -20.55 -35.75
C GLN MA 29 59.24 -21.57 -36.22
N GLU MA 30 59.71 -22.70 -36.75
CA GLU MA 30 58.80 -23.72 -37.27
C GLU MA 30 58.07 -24.47 -36.16
N ASP MA 31 58.62 -24.49 -34.94
CA ASP MA 31 57.94 -25.17 -33.84
C ASP MA 31 56.77 -24.35 -33.31
N LEU MA 32 56.85 -23.03 -33.39
CA LEU MA 32 55.78 -22.18 -32.90
C LEU MA 32 54.55 -22.27 -33.79
N LEU MA 33 54.76 -22.24 -35.10
CA LEU MA 33 53.63 -22.36 -36.03
C LEU MA 33 53.07 -23.77 -36.06
N ALA MA 34 53.85 -24.77 -35.62
CA ALA MA 34 53.39 -26.15 -35.64
C ALA MA 34 52.30 -26.40 -34.61
N LYS MA 35 52.41 -25.80 -33.42
CA LYS MA 35 51.42 -26.07 -32.38
C LYS MA 35 50.20 -25.15 -32.51
N ILE MA 36 50.39 -23.95 -33.05
CA ILE MA 36 49.24 -23.07 -33.24
C ILE MA 36 48.36 -23.58 -34.38
N HIS MA 37 48.89 -24.44 -35.26
CA HIS MA 37 48.04 -25.31 -36.06
C HIS MA 37 47.21 -26.22 -35.16
N GLU MA 38 47.87 -26.93 -34.26
CA GLU MA 38 47.21 -27.98 -33.49
C GLU MA 38 46.27 -27.40 -32.43
N THR MA 39 46.68 -26.33 -31.75
CA THR MA 39 45.84 -25.64 -30.79
C THR MA 39 45.41 -24.32 -31.40
N SER MA 40 44.12 -24.21 -31.72
CA SER MA 40 43.58 -22.99 -32.31
C SER MA 40 43.39 -21.97 -31.20
N ALA MA 41 44.49 -21.29 -30.86
CA ALA MA 41 44.49 -20.28 -29.82
C ALA MA 41 44.50 -18.89 -30.46
N ARG MA 42 43.79 -17.96 -29.82
CA ARG MA 42 43.68 -16.59 -30.31
C ARG MA 42 44.63 -15.64 -29.60
N GLY MA 43 45.81 -16.12 -29.24
CA GLY MA 43 46.81 -15.32 -28.55
C GLY MA 43 47.99 -16.15 -28.14
N VAL MA 44 49.20 -15.64 -28.35
CA VAL MA 44 50.44 -16.36 -28.05
C VAL MA 44 51.35 -15.45 -27.27
N VAL MA 45 51.73 -15.87 -26.07
CA VAL MA 45 52.58 -15.08 -25.19
C VAL MA 45 54.02 -15.58 -25.35
N ILE MA 46 54.84 -14.81 -26.04
CA ILE MA 46 56.25 -15.14 -26.25
C ILE MA 46 57.07 -14.50 -25.15
N ASP MA 47 57.83 -15.33 -24.41
CA ASP MA 47 58.64 -14.88 -23.30
C ASP MA 47 60.12 -14.94 -23.66
N ILE MA 48 60.81 -13.80 -23.52
CA ILE MA 48 62.24 -13.72 -23.86
C ILE MA 48 63.03 -13.16 -22.68
N THR MA 49 62.61 -13.49 -21.46
CA THR MA 49 63.08 -12.80 -20.26
C THR MA 49 64.55 -13.09 -19.95
N SER MA 50 65.07 -14.24 -20.37
CA SER MA 50 66.40 -14.67 -19.96
C SER MA 50 67.41 -14.67 -21.10
N ILE MA 51 67.38 -13.63 -21.93
CA ILE MA 51 68.34 -13.47 -23.01
C ILE MA 51 69.11 -12.18 -22.79
N ASP MA 52 70.44 -12.25 -22.94
CA ASP MA 52 71.29 -11.08 -22.73
C ASP MA 52 71.55 -10.31 -24.03
N PHE MA 53 72.15 -10.97 -25.00
CA PHE MA 53 72.44 -10.36 -26.29
C PHE MA 53 71.54 -10.95 -27.38
N ILE MA 54 71.11 -10.09 -28.29
CA ILE MA 54 70.41 -10.51 -29.50
C ILE MA 54 70.98 -9.69 -30.65
N ASP MA 55 71.52 -10.37 -31.65
CA ASP MA 55 72.08 -9.72 -32.82
C ASP MA 55 70.99 -9.42 -33.84
N SER MA 56 71.37 -8.68 -34.88
CA SER MA 56 70.41 -8.22 -35.89
C SER MA 56 69.88 -9.35 -36.76
N PHE MA 57 70.55 -10.51 -36.77
CA PHE MA 57 70.03 -11.65 -37.51
C PHE MA 57 68.82 -12.26 -36.81
N ILE MA 58 68.74 -12.12 -35.49
CA ILE MA 58 67.62 -12.69 -34.75
C ILE MA 58 66.46 -11.70 -34.68
N ALA MA 59 66.76 -10.41 -34.66
CA ALA MA 59 65.72 -9.38 -34.58
C ALA MA 59 64.84 -9.34 -35.82
N LYS MA 60 65.39 -9.73 -36.98
CA LYS MA 60 64.56 -9.86 -38.17
C LYS MA 60 63.64 -11.07 -38.07
N ILE MA 61 64.15 -12.18 -37.55
CA ILE MA 61 63.35 -13.40 -37.44
C ILE MA 61 62.30 -13.25 -36.35
N LEU MA 62 62.66 -12.65 -35.21
CA LEU MA 62 61.66 -12.30 -34.22
C LEU MA 62 60.77 -11.17 -34.71
N GLY MA 63 61.28 -10.31 -35.59
CA GLY MA 63 60.44 -9.32 -36.24
C GLY MA 63 59.52 -9.89 -37.30
N ASP MA 64 59.69 -11.16 -37.66
CA ASP MA 64 58.78 -11.83 -38.58
C ASP MA 64 57.62 -12.51 -37.87
N VAL MA 65 57.90 -13.25 -36.79
CA VAL MA 65 56.88 -14.04 -36.11
C VAL MA 65 55.84 -13.16 -35.42
N VAL MA 66 56.17 -11.91 -35.12
CA VAL MA 66 55.15 -10.98 -34.63
C VAL MA 66 54.20 -10.57 -35.74
N SER MA 67 54.60 -10.75 -37.00
CA SER MA 67 53.70 -10.59 -38.13
C SER MA 67 53.34 -11.92 -38.78
N MET MA 68 54.16 -12.96 -38.62
CA MET MA 68 53.83 -14.26 -39.19
C MET MA 68 52.69 -14.91 -38.44
N SER MA 69 52.82 -15.03 -37.11
CA SER MA 69 51.74 -15.58 -36.30
C SER MA 69 50.53 -14.65 -36.26
N LYS MA 70 50.74 -13.34 -36.44
CA LYS MA 70 49.61 -12.43 -36.59
C LYS MA 70 48.88 -12.67 -37.90
N LEU MA 71 49.60 -13.11 -38.93
CA LEU MA 71 48.96 -13.52 -40.18
C LEU MA 71 48.30 -14.88 -40.04
N MET MA 72 48.86 -15.73 -39.17
CA MET MA 72 48.35 -17.09 -38.97
C MET MA 72 46.96 -17.09 -38.36
N GLY MA 73 46.59 -16.07 -37.60
CA GLY MA 73 45.29 -16.04 -36.98
C GLY MA 73 45.34 -16.02 -35.46
N ALA MA 74 46.37 -15.39 -34.92
CA ALA MA 74 46.53 -15.32 -33.46
C ALA MA 74 47.32 -14.07 -33.12
N LYS MA 75 46.86 -13.34 -32.11
CA LYS MA 75 47.61 -12.20 -31.60
C LYS MA 75 48.88 -12.69 -30.90
N VAL MA 76 49.83 -11.78 -30.74
CA VAL MA 76 51.09 -12.11 -30.10
C VAL MA 76 51.48 -10.95 -29.19
N VAL MA 77 52.11 -11.28 -28.06
CA VAL MA 77 52.70 -10.30 -27.17
C VAL MA 77 54.12 -10.74 -26.89
N VAL MA 78 54.99 -9.80 -26.56
CA VAL MA 78 56.37 -10.09 -26.20
C VAL MA 78 56.58 -9.57 -24.79
N THR MA 79 56.66 -10.48 -23.81
CA THR MA 79 56.69 -10.13 -22.40
C THR MA 79 58.10 -10.22 -21.85
N GLY MA 80 58.46 -9.28 -20.98
CA GLY MA 80 59.71 -9.33 -20.26
C GLY MA 80 60.93 -9.11 -21.13
N ILE MA 81 61.13 -7.88 -21.59
CA ILE MA 81 62.26 -7.56 -22.47
C ILE MA 81 63.30 -6.80 -21.66
N GLN MA 82 64.54 -7.26 -21.71
CA GLN MA 82 65.64 -6.65 -20.99
C GLN MA 82 65.95 -5.26 -21.55
N PRO MA 83 66.53 -4.38 -20.74
CA PRO MA 83 66.92 -3.06 -21.27
C PRO MA 83 68.09 -3.11 -22.24
N ALA MA 84 68.93 -4.13 -22.20
CA ALA MA 84 70.07 -4.18 -23.09
C ALA MA 84 69.69 -4.66 -24.49
N VAL MA 85 68.74 -5.59 -24.60
CA VAL MA 85 68.37 -6.10 -25.91
C VAL MA 85 67.52 -5.09 -26.68
N ALA MA 86 66.66 -4.34 -25.99
CA ALA MA 86 65.72 -3.46 -26.66
C ALA MA 86 66.39 -2.22 -27.22
N ILE MA 87 67.50 -1.78 -26.62
CA ILE MA 87 68.29 -0.69 -27.21
C ILE MA 87 68.91 -1.16 -28.53
N THR MA 88 69.51 -2.35 -28.52
CA THR MA 88 70.02 -2.94 -29.75
C THR MA 88 68.91 -3.34 -30.70
N LEU MA 89 67.69 -3.53 -30.21
CA LEU MA 89 66.55 -3.70 -31.10
C LEU MA 89 66.23 -2.42 -31.84
N ILE MA 90 66.36 -1.28 -31.17
CA ILE MA 90 65.89 -0.02 -31.74
C ILE MA 90 66.97 0.74 -32.50
N GLU MA 91 68.26 0.40 -32.29
CA GLU MA 91 69.30 1.06 -33.07
C GLU MA 91 69.31 0.57 -34.51
N LEU MA 92 68.77 -0.62 -34.76
CA LEU MA 92 68.38 -1.03 -36.10
C LEU MA 92 66.94 -0.59 -36.33
N GLY MA 93 66.63 -0.17 -37.54
CA GLY MA 93 65.31 0.35 -37.85
C GLY MA 93 64.26 -0.73 -37.98
N ILE MA 94 63.87 -1.32 -36.84
CA ILE MA 94 62.87 -2.38 -36.80
C ILE MA 94 61.49 -1.80 -37.10
N THR MA 95 60.53 -2.68 -37.37
CA THR MA 95 59.15 -2.29 -37.66
C THR MA 95 58.20 -2.80 -36.58
N PHE MA 96 58.62 -2.76 -35.32
CA PHE MA 96 57.75 -3.16 -34.21
C PHE MA 96 56.67 -2.12 -34.02
N SER MA 97 55.47 -2.43 -34.49
CA SER MA 97 54.31 -1.56 -34.35
C SER MA 97 53.07 -2.44 -34.23
N GLY MA 98 52.30 -2.23 -33.18
CA GLY MA 98 51.18 -3.12 -32.92
C GLY MA 98 51.62 -4.49 -32.43
N VAL MA 99 52.59 -4.54 -31.53
CA VAL MA 99 53.16 -5.79 -31.07
C VAL MA 99 52.60 -6.09 -29.69
N LEU MA 100 52.20 -5.02 -28.98
CA LEU MA 100 51.57 -5.06 -27.65
C LEU MA 100 52.45 -5.76 -26.62
N SER MA 101 53.63 -5.18 -26.39
CA SER MA 101 54.54 -5.77 -25.43
C SER MA 101 54.06 -5.52 -24.00
N ALA MA 102 54.69 -6.21 -23.06
CA ALA MA 102 54.35 -6.10 -21.64
C ALA MA 102 55.61 -6.18 -20.81
N MET MA 103 55.50 -5.77 -19.55
CA MET MA 103 56.66 -5.68 -18.68
C MET MA 103 57.01 -7.03 -18.05
N ASP MA 104 56.01 -7.73 -17.54
CA ASP MA 104 56.25 -8.97 -16.81
C ASP MA 104 55.17 -9.98 -17.17
N LEU MA 105 55.46 -11.25 -16.90
CA LEU MA 105 54.64 -12.35 -17.40
C LEU MA 105 53.29 -12.47 -16.70
N GLU MA 106 53.12 -11.83 -15.53
CA GLU MA 106 51.79 -11.72 -14.96
C GLU MA 106 50.92 -10.78 -15.78
N SER MA 107 51.48 -9.64 -16.21
CA SER MA 107 50.72 -8.67 -16.98
C SER MA 107 50.44 -9.14 -18.39
N GLY MA 108 51.16 -10.15 -18.88
CA GLY MA 108 50.88 -10.76 -20.15
C GLY MA 108 49.51 -11.42 -20.20
N LEU MA 109 49.26 -12.37 -19.29
CA LEU MA 109 47.94 -12.97 -19.22
C LEU MA 109 46.90 -12.03 -18.65
N GLU MA 110 47.32 -10.97 -17.96
CA GLU MA 110 46.38 -9.91 -17.62
C GLU MA 110 45.92 -9.17 -18.86
N LYS MA 111 46.77 -9.11 -19.89
CA LYS MA 111 46.39 -8.46 -21.14
C LYS MA 111 45.57 -9.38 -22.02
N LEU MA 112 45.93 -10.67 -22.08
CA LEU MA 112 45.23 -11.60 -22.97
C LEU MA 112 43.86 -11.99 -22.44
N LYS MA 113 43.67 -11.96 -21.12
CA LYS MA 113 42.33 -12.22 -20.58
C LYS MA 113 41.39 -11.07 -20.90
N GLN MA 114 41.93 -9.86 -21.06
CA GLN MA 114 41.13 -8.75 -21.60
C GLN MA 114 40.78 -8.99 -23.06
N GLU MA 115 41.71 -9.59 -23.81
CA GLU MA 115 41.56 -9.75 -25.26
C GLU MA 115 40.44 -10.73 -25.61
N LEU MA 116 40.16 -11.70 -24.73
CA LEU MA 116 39.18 -12.72 -25.04
C LEU MA 116 38.68 -13.35 -23.74
N GLY MA 117 37.41 -13.74 -23.74
CA GLY MA 117 36.86 -14.50 -22.64
C GLY MA 117 36.28 -13.67 -21.51
N GLU MA 118 35.47 -12.66 -21.85
CA GLU MA 118 34.69 -11.92 -20.87
C GLU MA 118 33.48 -11.29 -21.52
N MET NA 1 -12.59 -22.00 -73.64
CA MET NA 1 -11.61 -20.93 -73.54
C MET NA 1 -12.22 -19.65 -72.95
N GLY NA 2 -11.67 -18.50 -73.32
CA GLY NA 2 -12.05 -17.22 -72.77
C GLY NA 2 -10.99 -16.65 -71.87
N ILE NA 3 -11.43 -15.75 -71.00
CA ILE NA 3 -10.56 -15.08 -70.04
C ILE NA 3 -11.05 -15.44 -68.64
N PRO NA 4 -10.23 -16.08 -67.81
CA PRO NA 4 -10.73 -16.69 -66.58
C PRO NA 4 -10.91 -15.66 -65.47
N ILE NA 5 -11.36 -16.18 -64.32
CA ILE NA 5 -11.56 -15.36 -63.13
C ILE NA 5 -11.49 -16.31 -61.95
N LEU NA 6 -11.25 -15.78 -60.76
CA LEU NA 6 -10.95 -16.64 -59.62
C LEU NA 6 -11.25 -15.90 -58.32
N LYS NA 7 -12.16 -16.45 -57.53
CA LYS NA 7 -12.52 -15.87 -56.24
C LYS NA 7 -11.36 -16.04 -55.25
N LEU NA 8 -11.10 -15.00 -54.46
CA LEU NA 8 -10.01 -15.08 -53.49
C LEU NA 8 -10.34 -14.17 -52.30
N GLY NA 9 -10.90 -14.75 -51.24
CA GLY NA 9 -11.10 -14.10 -49.95
C GLY NA 9 -11.90 -12.81 -49.96
N GLU NA 10 -13.13 -12.87 -50.50
CA GLU NA 10 -14.04 -11.74 -50.69
C GLU NA 10 -13.45 -10.63 -51.58
N CYS NA 11 -12.48 -10.98 -52.41
CA CYS NA 11 -11.95 -10.13 -53.47
C CYS NA 11 -12.08 -10.91 -54.77
N LEU NA 12 -11.48 -10.43 -55.85
CA LEU NA 12 -11.65 -11.12 -57.12
C LEU NA 12 -10.45 -10.85 -57.99
N LEU NA 13 -9.70 -11.90 -58.34
CA LEU NA 13 -8.55 -11.80 -59.22
C LEU NA 13 -8.93 -12.17 -60.65
N ILE NA 14 -8.18 -11.64 -61.60
CA ILE NA 14 -8.37 -11.98 -63.01
C ILE NA 14 -7.06 -11.72 -63.75
N SER NA 15 -6.61 -12.71 -64.52
CA SER NA 15 -5.43 -12.58 -65.36
C SER NA 15 -5.82 -12.38 -66.81
N ILE NA 16 -4.99 -11.63 -67.53
CA ILE NA 16 -5.25 -11.28 -68.93
C ILE NA 16 -3.93 -11.33 -69.69
N GLN NA 17 -3.90 -12.11 -70.78
CA GLN NA 17 -2.81 -12.10 -71.75
C GLN NA 17 -3.27 -11.37 -73.00
N SER NA 18 -2.46 -11.44 -74.06
CA SER NA 18 -2.60 -10.55 -75.21
C SER NA 18 -3.86 -10.89 -76.01
N GLU NA 19 -4.92 -10.10 -75.78
CA GLU NA 19 -6.17 -10.24 -76.49
C GLU NA 19 -6.19 -9.31 -77.70
N LEU NA 20 -7.17 -9.54 -78.58
CA LEU NA 20 -7.09 -9.00 -79.94
C LEU NA 20 -7.76 -7.63 -80.09
N ASP NA 21 -9.07 -7.56 -79.86
CA ASP NA 21 -9.81 -6.35 -80.23
C ASP NA 21 -10.97 -6.17 -79.26
N ASP NA 22 -11.87 -5.25 -79.63
CA ASP NA 22 -13.05 -4.97 -78.81
C ASP NA 22 -14.02 -6.15 -78.78
N HIS NA 23 -14.00 -6.99 -79.82
CA HIS NA 23 -14.76 -8.24 -79.76
C HIS NA 23 -14.19 -9.17 -78.71
N THR NA 24 -12.86 -9.24 -78.61
CA THR NA 24 -12.23 -9.97 -77.52
C THR NA 24 -12.33 -9.25 -76.19
N ALA NA 25 -12.72 -7.98 -76.19
CA ALA NA 25 -13.00 -7.27 -74.95
C ALA NA 25 -14.46 -7.39 -74.54
N VAL NA 26 -15.38 -7.41 -75.49
CA VAL NA 26 -16.80 -7.52 -75.14
C VAL NA 26 -17.15 -8.97 -74.78
N GLU NA 27 -16.37 -9.94 -75.27
CA GLU NA 27 -16.52 -11.30 -74.78
C GLU NA 27 -15.86 -11.47 -73.41
N PHE NA 28 -15.02 -10.51 -73.01
CA PHE NA 28 -14.39 -10.46 -71.70
C PHE NA 28 -15.21 -9.63 -70.72
N GLN NA 29 -15.68 -8.46 -71.15
CA GLN NA 29 -16.38 -7.57 -70.24
C GLN NA 29 -17.77 -8.09 -69.88
N GLU NA 30 -18.41 -8.81 -70.79
CA GLU NA 30 -19.65 -9.49 -70.44
C GLU NA 30 -19.42 -10.72 -69.59
N ASP NA 31 -18.18 -11.21 -69.50
CA ASP NA 31 -17.84 -12.31 -68.60
C ASP NA 31 -17.16 -11.83 -67.33
N LEU NA 32 -16.88 -10.53 -67.21
CA LEU NA 32 -16.40 -9.97 -65.96
C LEU NA 32 -17.56 -9.48 -65.10
N LEU NA 33 -18.51 -8.76 -65.73
CA LEU NA 33 -19.65 -8.25 -64.99
C LEU NA 33 -20.63 -9.35 -64.60
N ALA NA 34 -20.71 -10.42 -65.40
CA ALA NA 34 -21.65 -11.50 -65.09
C ALA NA 34 -21.20 -12.31 -63.88
N LYS NA 35 -19.90 -12.38 -63.62
CA LYS NA 35 -19.39 -13.12 -62.48
C LYS NA 35 -19.05 -12.25 -61.29
N ILE NA 36 -19.02 -10.93 -61.47
CA ILE NA 36 -19.03 -10.04 -60.30
C ILE NA 36 -20.45 -9.91 -59.75
N HIS NA 37 -21.46 -10.33 -60.52
CA HIS NA 37 -22.78 -10.54 -59.95
C HIS NA 37 -22.78 -11.75 -59.01
N GLU NA 38 -22.24 -12.87 -59.49
CA GLU NA 38 -22.34 -14.14 -58.77
C GLU NA 38 -21.51 -14.13 -57.49
N THR NA 39 -20.24 -13.78 -57.61
CA THR NA 39 -19.43 -13.52 -56.43
C THR NA 39 -19.84 -12.19 -55.81
N SER NA 40 -19.90 -12.14 -54.48
CA SER NA 40 -20.18 -10.89 -53.78
C SER NA 40 -18.89 -10.10 -53.57
N ALA NA 41 -18.29 -9.72 -54.69
CA ALA NA 41 -16.96 -9.12 -54.68
C ALA NA 41 -17.02 -7.66 -54.28
N ARG NA 42 -15.85 -7.12 -53.92
CA ARG NA 42 -15.69 -5.71 -53.62
C ARG NA 42 -14.50 -5.07 -54.33
N GLY NA 43 -13.55 -5.87 -54.81
CA GLY NA 43 -12.45 -5.33 -55.57
C GLY NA 43 -11.95 -6.29 -56.63
N VAL NA 44 -11.87 -5.83 -57.87
CA VAL NA 44 -11.40 -6.63 -58.99
C VAL NA 44 -10.01 -6.15 -59.37
N VAL NA 45 -9.06 -7.07 -59.40
CA VAL NA 45 -7.66 -6.76 -59.68
C VAL NA 45 -7.37 -7.24 -61.09
N ILE NA 46 -7.36 -6.31 -62.04
CA ILE NA 46 -7.22 -6.66 -63.47
C ILE NA 46 -5.72 -6.73 -63.77
N ASP NA 47 -5.16 -7.94 -63.63
CA ASP NA 47 -3.75 -8.16 -63.93
C ASP NA 47 -3.55 -8.19 -65.44
N ILE NA 48 -2.94 -7.15 -65.99
CA ILE NA 48 -2.72 -7.05 -67.43
C ILE NA 48 -1.24 -6.88 -67.74
N THR NA 49 -0.38 -7.50 -66.92
CA THR NA 49 1.06 -7.35 -67.09
C THR NA 49 1.56 -7.99 -68.38
N SER NA 50 0.92 -9.06 -68.82
CA SER NA 50 1.36 -9.77 -70.02
C SER NA 50 0.57 -9.27 -71.25
N ILE NA 51 0.86 -8.03 -71.63
CA ILE NA 51 0.22 -7.43 -72.80
C ILE NA 51 1.28 -6.70 -73.62
N ASP NA 52 1.34 -7.02 -74.91
CA ASP NA 52 2.26 -6.34 -75.82
C ASP NA 52 1.72 -4.96 -76.23
N PHE NA 53 0.55 -4.94 -76.88
CA PHE NA 53 -0.04 -3.71 -77.34
C PHE NA 53 -1.54 -3.72 -77.07
N ILE NA 54 -2.12 -2.52 -77.08
CA ILE NA 54 -3.55 -2.31 -76.87
C ILE NA 54 -4.04 -1.34 -77.93
N ASP NA 55 -5.07 -1.74 -78.68
CA ASP NA 55 -5.61 -0.90 -79.74
C ASP NA 55 -6.33 0.31 -79.17
N SER NA 56 -6.58 1.29 -80.05
CA SER NA 56 -7.23 2.53 -79.63
C SER NA 56 -8.70 2.30 -79.27
N PHE NA 57 -9.34 1.30 -79.87
CA PHE NA 57 -10.73 1.00 -79.53
C PHE NA 57 -10.85 0.35 -78.16
N ILE NA 58 -9.80 -0.34 -77.72
CA ILE NA 58 -9.81 -0.92 -76.38
C ILE NA 58 -9.60 0.15 -75.31
N ALA NA 59 -9.02 1.30 -75.68
CA ALA NA 59 -8.84 2.40 -74.73
C ALA NA 59 -10.18 2.99 -74.30
N LYS NA 60 -11.21 2.87 -75.13
CA LYS NA 60 -12.56 3.23 -74.75
C LYS NA 60 -13.34 2.05 -74.18
N ILE NA 61 -12.64 1.01 -73.74
CA ILE NA 61 -13.26 -0.11 -73.05
C ILE NA 61 -12.57 -0.30 -71.72
N LEU NA 62 -11.25 -0.44 -71.74
CA LEU NA 62 -10.51 -0.54 -70.49
C LEU NA 62 -10.27 0.81 -69.83
N GLY NA 63 -10.48 1.90 -70.56
CA GLY NA 63 -10.59 3.19 -69.93
C GLY NA 63 -11.98 3.51 -69.44
N ASP NA 64 -12.95 2.63 -69.74
CA ASP NA 64 -14.31 2.76 -69.25
C ASP NA 64 -14.79 1.53 -68.49
N VAL NA 65 -13.97 0.49 -68.34
CA VAL NA 65 -14.35 -0.60 -67.45
C VAL NA 65 -14.21 -0.17 -66.00
N VAL NA 66 -13.37 0.83 -65.72
CA VAL NA 66 -13.31 1.38 -64.39
C VAL NA 66 -14.53 2.26 -64.12
N SER NA 67 -15.16 2.82 -65.15
CA SER NA 67 -16.45 3.46 -65.01
C SER NA 67 -17.60 2.46 -65.10
N MET NA 68 -17.31 1.22 -65.50
CA MET NA 68 -18.32 0.17 -65.53
C MET NA 68 -18.51 -0.42 -64.15
N SER NA 69 -17.45 -1.00 -63.59
CA SER NA 69 -17.56 -1.76 -62.36
C SER NA 69 -17.65 -0.89 -61.12
N LYS NA 70 -17.27 0.38 -61.20
CA LYS NA 70 -17.50 1.31 -60.10
C LYS NA 70 -18.99 1.48 -59.85
N LEU NA 71 -19.76 1.63 -60.92
CA LEU NA 71 -21.21 1.76 -60.81
C LEU NA 71 -21.84 0.42 -60.41
N MET NA 72 -21.18 -0.68 -60.70
CA MET NA 72 -21.69 -1.98 -60.30
C MET NA 72 -21.56 -2.18 -58.78
N GLY NA 73 -20.55 -1.56 -58.16
CA GLY NA 73 -20.44 -1.61 -56.72
C GLY NA 73 -19.13 -2.17 -56.20
N ALA NA 74 -18.07 -2.09 -56.99
CA ALA NA 74 -16.79 -2.64 -56.59
C ALA NA 74 -15.66 -1.81 -57.20
N LYS NA 75 -14.62 -1.57 -56.41
CA LYS NA 75 -13.48 -0.83 -56.92
C LYS NA 75 -12.66 -1.69 -57.87
N VAL NA 76 -11.85 -1.02 -58.70
CA VAL NA 76 -11.06 -1.66 -59.73
C VAL NA 76 -9.64 -1.10 -59.67
N VAL NA 77 -8.65 -1.97 -59.64
CA VAL NA 77 -7.25 -1.58 -59.70
C VAL NA 77 -6.65 -2.15 -60.98
N VAL NA 78 -6.25 -1.27 -61.89
CA VAL NA 78 -5.59 -1.66 -63.13
C VAL NA 78 -4.11 -1.76 -62.80
N THR NA 79 -3.66 -2.98 -62.52
CA THR NA 79 -2.31 -3.23 -62.06
C THR NA 79 -1.49 -3.86 -63.17
N GLY NA 80 -0.19 -3.61 -63.14
CA GLY NA 80 0.71 -4.18 -64.13
C GLY NA 80 0.54 -3.58 -65.51
N ILE NA 81 0.89 -2.32 -65.67
CA ILE NA 81 0.84 -1.64 -66.96
C ILE NA 81 2.25 -1.56 -67.52
N GLN NA 82 2.43 -2.07 -68.74
CA GLN NA 82 3.72 -2.06 -69.40
C GLN NA 82 4.10 -0.64 -69.80
N PRO NA 83 5.39 -0.39 -70.05
CA PRO NA 83 5.78 0.96 -70.52
C PRO NA 83 5.29 1.26 -71.92
N ALA NA 84 5.32 0.27 -72.82
CA ALA NA 84 5.00 0.52 -74.24
C ALA NA 84 3.54 0.89 -74.43
N VAL NA 85 2.64 0.24 -73.70
CA VAL NA 85 1.22 0.56 -73.80
C VAL NA 85 0.91 1.91 -73.16
N ALA NA 86 1.68 2.32 -72.15
CA ALA NA 86 1.29 3.44 -71.32
C ALA NA 86 1.58 4.81 -71.95
N ILE NA 87 2.53 4.87 -72.89
CA ILE NA 87 3.05 6.18 -73.32
C ILE NA 87 2.05 6.90 -74.20
N THR NA 88 1.73 6.33 -75.36
CA THR NA 88 0.93 7.03 -76.34
C THR NA 88 -0.40 6.36 -76.63
N LEU NA 89 -0.74 5.29 -75.92
CA LEU NA 89 -1.99 4.60 -76.16
C LEU NA 89 -2.93 4.67 -74.97
N ILE NA 90 -2.47 5.20 -73.84
CA ILE NA 90 -3.31 5.59 -72.72
C ILE NA 90 -3.03 7.09 -72.56
N GLU NA 91 -2.85 7.76 -73.70
CA GLU NA 91 -2.29 9.10 -73.79
C GLU NA 91 -3.33 10.15 -73.39
N LEU NA 92 -3.03 11.42 -73.67
CA LEU NA 92 -3.95 12.52 -73.43
C LEU NA 92 -5.03 12.63 -74.51
N GLY NA 93 -5.71 11.52 -74.78
CA GLY NA 93 -6.82 11.49 -75.71
C GLY NA 93 -8.04 10.85 -75.07
N ILE NA 94 -7.95 10.59 -73.77
CA ILE NA 94 -9.01 9.93 -73.03
C ILE NA 94 -9.23 10.70 -71.72
N THR NA 95 -10.08 10.16 -70.85
CA THR NA 95 -10.48 10.84 -69.63
C THR NA 95 -9.94 10.11 -68.40
N PHE NA 96 -8.67 9.73 -68.44
CA PHE NA 96 -8.07 8.81 -67.47
C PHE NA 96 -7.80 9.52 -66.16
N SER NA 97 -8.69 9.32 -65.20
CA SER NA 97 -8.50 9.78 -63.82
C SER NA 97 -9.40 8.94 -62.92
N GLY NA 98 -9.00 8.80 -61.66
CA GLY NA 98 -9.76 8.01 -60.72
C GLY NA 98 -9.78 6.53 -61.03
N VAL NA 99 -8.63 5.96 -61.39
CA VAL NA 99 -8.56 4.58 -61.84
C VAL NA 99 -7.87 3.67 -60.81
N LEU NA 100 -7.08 4.23 -59.89
CA LEU NA 100 -6.37 3.52 -58.81
C LEU NA 100 -5.43 2.45 -59.37
N SER NA 101 -4.43 2.90 -60.12
CA SER NA 101 -3.47 1.96 -60.67
C SER NA 101 -2.48 1.50 -59.60
N ALA NA 102 -1.78 0.42 -59.91
CA ALA NA 102 -0.74 -0.12 -59.04
C ALA NA 102 0.43 -0.52 -59.93
N MET NA 103 1.40 -1.23 -59.36
CA MET NA 103 2.59 -1.62 -60.09
C MET NA 103 2.69 -3.13 -60.30
N ASP NA 104 2.72 -3.90 -59.23
CA ASP NA 104 2.78 -5.35 -59.32
C ASP NA 104 1.73 -5.95 -58.40
N LEU NA 105 1.44 -7.23 -58.61
CA LEU NA 105 0.23 -7.83 -58.06
C LEU NA 105 0.31 -7.97 -56.54
N GLU NA 106 1.51 -8.12 -55.99
CA GLU NA 106 1.64 -8.16 -54.53
C GLU NA 106 1.30 -6.80 -53.92
N SER NA 107 1.78 -5.71 -54.52
CA SER NA 107 1.39 -4.39 -54.07
C SER NA 107 -0.02 -4.05 -54.51
N GLY NA 108 -0.55 -4.74 -55.52
CA GLY NA 108 -1.93 -4.53 -55.89
C GLY NA 108 -2.90 -5.09 -54.87
N LEU NA 109 -2.69 -6.34 -54.46
CA LEU NA 109 -3.54 -6.94 -53.43
C LEU NA 109 -3.28 -6.34 -52.07
N GLU NA 110 -2.11 -5.76 -51.84
CA GLU NA 110 -1.85 -5.05 -50.59
C GLU NA 110 -2.71 -3.81 -50.47
N LYS NA 111 -2.96 -3.14 -51.60
CA LYS NA 111 -3.80 -1.94 -51.58
C LYS NA 111 -5.25 -2.29 -51.30
N LEU NA 112 -5.78 -3.30 -51.98
CA LEU NA 112 -7.15 -3.71 -51.74
C LEU NA 112 -7.29 -4.61 -50.52
N LYS NA 113 -6.19 -4.97 -49.87
CA LYS NA 113 -6.28 -5.53 -48.53
C LYS NA 113 -6.82 -4.50 -47.55
N GLN NA 114 -6.50 -3.22 -47.77
CA GLN NA 114 -6.92 -2.14 -46.90
C GLN NA 114 -8.12 -1.39 -47.46
N GLU NA 115 -8.99 -2.09 -48.18
CA GLU NA 115 -10.34 -1.62 -48.46
C GLU NA 115 -11.41 -2.57 -47.93
N LEU NA 116 -11.05 -3.80 -47.63
CA LEU NA 116 -11.90 -4.74 -46.91
C LEU NA 116 -11.56 -4.70 -45.41
N GLY NA 117 -11.47 -3.50 -44.86
CA GLY NA 117 -11.07 -3.31 -43.48
C GLY NA 117 -9.60 -3.59 -43.26
N GLU NA 118 -9.24 -4.87 -43.29
CA GLU NA 118 -7.85 -5.33 -43.34
C GLU NA 118 -7.88 -6.77 -43.81
N MET OA 1 -0.45 -16.55 -75.73
CA MET OA 1 -1.01 -17.90 -75.64
C MET OA 1 -0.37 -18.68 -74.50
N GLY OA 2 -1.20 -19.40 -73.75
CA GLY OA 2 -0.71 -20.29 -72.73
C GLY OA 2 -1.59 -20.21 -71.49
N ILE OA 3 -1.07 -20.76 -70.41
CA ILE OA 3 -1.72 -20.80 -69.10
C ILE OA 3 -0.81 -20.09 -68.10
N PRO OA 4 -1.20 -18.96 -67.54
CA PRO OA 4 -0.25 -18.06 -66.89
C PRO OA 4 -0.07 -18.34 -65.40
N ILE OA 5 0.90 -17.63 -64.81
CA ILE OA 5 1.21 -17.68 -63.39
C ILE OA 5 1.35 -16.24 -62.90
N LEU OA 6 0.66 -15.92 -61.81
CA LEU OA 6 0.72 -14.60 -61.20
C LEU OA 6 1.17 -14.72 -59.75
N LYS OA 7 2.18 -13.93 -59.39
CA LYS OA 7 2.70 -13.95 -58.03
C LYS OA 7 1.77 -13.18 -57.10
N LEU OA 8 1.48 -13.77 -55.93
CA LEU OA 8 0.57 -13.11 -55.00
C LEU OA 8 0.96 -13.50 -53.57
N GLY OA 9 1.77 -12.65 -52.94
CA GLY OA 9 2.18 -12.82 -51.56
C GLY OA 9 3.01 -14.06 -51.30
N GLU OA 10 4.06 -14.25 -52.09
CA GLU OA 10 4.96 -15.43 -52.03
C GLU OA 10 4.20 -16.74 -52.24
N CYS OA 11 3.16 -16.69 -53.07
CA CYS OA 11 2.44 -17.87 -53.50
C CYS OA 11 2.14 -17.74 -54.99
N LEU OA 12 1.86 -18.87 -55.62
CA LEU OA 12 1.53 -18.89 -57.03
C LEU OA 12 0.11 -19.41 -57.23
N LEU OA 13 -0.53 -18.94 -58.29
CA LEU OA 13 -1.96 -19.11 -58.50
C LEU OA 13 -2.29 -19.52 -59.94
N ILE OA 14 -1.69 -20.63 -60.38
CA ILE OA 14 -2.04 -21.27 -61.65
C ILE OA 14 -3.53 -21.50 -61.77
N SER OA 15 -4.14 -20.89 -62.77
CA SER OA 15 -5.55 -21.07 -63.10
C SER OA 15 -5.64 -21.55 -64.53
N ILE OA 16 -6.22 -22.73 -64.74
CA ILE OA 16 -6.17 -23.42 -66.01
C ILE OA 16 -7.51 -23.30 -66.71
N GLN OA 17 -7.47 -23.15 -68.03
CA GLN OA 17 -8.66 -23.26 -68.86
C GLN OA 17 -8.93 -24.74 -69.16
N SER OA 18 -9.83 -25.02 -70.10
CA SER OA 18 -10.27 -26.39 -70.37
C SER OA 18 -9.24 -27.06 -71.29
N GLU OA 19 -8.19 -27.60 -70.68
CA GLU OA 19 -7.10 -28.28 -71.39
C GLU OA 19 -7.19 -29.77 -71.11
N LEU OA 20 -7.50 -30.55 -72.16
CA LEU OA 20 -7.79 -31.97 -72.00
C LEU OA 20 -6.80 -32.86 -72.74
N ASP OA 21 -5.55 -32.41 -72.93
CA ASP OA 21 -4.60 -33.15 -73.74
C ASP OA 21 -3.21 -33.12 -73.13
N ASP OA 22 -2.51 -34.26 -73.20
CA ASP OA 22 -1.24 -34.41 -72.50
C ASP OA 22 -0.11 -33.66 -73.19
N HIS OA 23 -0.12 -33.58 -74.53
CA HIS OA 23 0.96 -32.89 -75.23
C HIS OA 23 0.91 -31.38 -75.05
N THR OA 24 -0.22 -30.84 -74.59
CA THR OA 24 -0.26 -29.48 -74.09
C THR OA 24 0.07 -29.43 -72.61
N ALA OA 25 -0.25 -30.48 -71.86
CA ALA OA 25 0.05 -30.52 -70.44
C ALA OA 25 1.54 -30.62 -70.17
N VAL OA 26 2.25 -31.41 -70.99
CA VAL OA 26 3.71 -31.40 -70.92
C VAL OA 26 4.26 -30.08 -71.42
N GLU OA 27 3.60 -29.48 -72.41
CA GLU OA 27 3.93 -28.12 -72.85
C GLU OA 27 3.58 -27.09 -71.78
N PHE OA 28 2.62 -27.39 -70.92
CA PHE OA 28 2.26 -26.50 -69.82
C PHE OA 28 3.24 -26.59 -68.66
N GLN OA 29 3.61 -27.81 -68.26
CA GLN OA 29 4.32 -28.05 -67.00
C GLN OA 29 5.73 -27.46 -66.96
N GLU OA 30 6.27 -27.05 -68.11
CA GLU OA 30 7.51 -26.29 -68.08
C GLU OA 30 7.29 -24.92 -67.46
N ASP OA 31 6.13 -24.30 -67.69
CA ASP OA 31 5.88 -22.95 -67.21
C ASP OA 31 5.75 -22.90 -65.70
N LEU OA 32 5.22 -23.96 -65.09
CA LEU OA 32 5.22 -24.05 -63.63
C LEU OA 32 6.64 -24.14 -63.09
N LEU OA 33 7.51 -24.88 -63.77
CA LEU OA 33 8.86 -25.04 -63.27
C LEU OA 33 9.75 -23.87 -63.65
N ALA OA 34 9.60 -23.32 -64.85
CA ALA OA 34 10.46 -22.21 -65.28
C ALA OA 34 10.09 -20.88 -64.63
N LYS OA 35 8.99 -20.81 -63.89
CA LYS OA 35 8.67 -19.60 -63.14
C LYS OA 35 9.13 -19.69 -61.69
N ILE OA 36 8.99 -20.87 -61.08
CA ILE OA 36 9.28 -21.06 -59.67
C ILE OA 36 10.76 -20.93 -59.34
N HIS OA 37 11.64 -21.00 -60.35
CA HIS OA 37 13.03 -20.59 -60.12
C HIS OA 37 13.14 -19.08 -59.97
N GLU OA 38 12.50 -18.33 -60.88
CA GLU OA 38 12.73 -16.90 -60.95
C GLU OA 38 12.07 -16.15 -59.79
N THR OA 39 10.87 -16.55 -59.40
CA THR OA 39 10.23 -16.05 -58.20
C THR OA 39 10.40 -17.08 -57.11
N SER OA 40 10.99 -16.67 -55.98
CA SER OA 40 11.28 -17.60 -54.89
C SER OA 40 9.98 -17.94 -54.16
N ALA OA 41 9.24 -18.88 -54.73
CA ALA OA 41 7.94 -19.26 -54.22
C ALA OA 41 8.07 -20.34 -53.16
N ARG OA 42 7.01 -20.49 -52.37
CA ARG OA 42 6.96 -21.52 -51.33
C ARG OA 42 5.73 -22.40 -51.40
N GLY OA 43 4.64 -21.95 -52.01
CA GLY OA 43 3.48 -22.77 -52.20
C GLY OA 43 2.73 -22.39 -53.46
N VAL OA 44 2.46 -23.37 -54.32
CA VAL OA 44 1.80 -23.13 -55.59
C VAL OA 44 0.40 -23.73 -55.52
N VAL OA 45 -0.62 -22.90 -55.72
CA VAL OA 45 -2.01 -23.32 -55.61
C VAL OA 45 -2.51 -23.55 -57.03
N ILE OA 46 -2.43 -24.80 -57.48
CA ILE OA 46 -2.95 -25.15 -58.81
C ILE OA 46 -4.46 -25.21 -58.74
N ASP OA 47 -5.12 -24.35 -59.52
CA ASP OA 47 -6.57 -24.29 -59.56
C ASP OA 47 -7.06 -25.03 -60.81
N ILE OA 48 -7.76 -26.15 -60.59
CA ILE OA 48 -8.22 -26.99 -61.69
C ILE OA 48 -9.75 -27.02 -61.72
N THR OA 49 -10.37 -25.94 -61.25
CA THR OA 49 -11.83 -25.89 -61.19
C THR OA 49 -12.47 -25.80 -62.57
N SER OA 50 -11.74 -25.28 -63.55
CA SER OA 50 -12.25 -25.07 -64.90
C SER OA 50 -11.84 -26.18 -65.85
N ILE OA 51 -11.77 -27.42 -65.35
CA ILE OA 51 -11.45 -28.59 -66.15
C ILE OA 51 -12.48 -29.65 -65.83
N ASP OA 52 -13.14 -30.19 -66.86
CA ASP OA 52 -14.24 -31.12 -66.66
C ASP OA 52 -13.78 -32.58 -66.77
N PHE OA 53 -13.18 -32.96 -67.90
CA PHE OA 53 -12.65 -34.30 -68.08
C PHE OA 53 -11.15 -34.26 -68.27
N ILE OA 54 -10.48 -35.35 -67.86
CA ILE OA 54 -9.04 -35.49 -67.96
C ILE OA 54 -8.78 -36.86 -68.58
N ASP OA 55 -7.71 -36.95 -69.38
CA ASP OA 55 -7.26 -38.24 -69.90
C ASP OA 55 -6.41 -38.97 -68.87
N SER OA 56 -6.30 -40.29 -69.05
CA SER OA 56 -5.64 -41.15 -68.07
C SER OA 56 -4.14 -40.86 -67.97
N PHE OA 57 -3.45 -40.80 -69.11
CA PHE OA 57 -2.00 -40.57 -69.10
C PHE OA 57 -1.63 -39.15 -68.69
N ILE OA 58 -2.59 -38.22 -68.71
CA ILE OA 58 -2.38 -36.92 -68.07
C ILE OA 58 -2.22 -37.08 -66.57
N ALA OA 59 -3.06 -37.92 -65.96
CA ALA OA 59 -3.01 -38.16 -64.52
C ALA OA 59 -1.79 -38.98 -64.10
N LYS OA 60 -1.08 -39.59 -65.03
CA LYS OA 60 0.24 -40.15 -64.74
C LYS OA 60 1.35 -39.12 -64.90
N ILE OA 61 1.00 -37.90 -65.31
CA ILE OA 61 1.93 -36.78 -65.40
C ILE OA 61 1.50 -35.63 -64.50
N LEU OA 62 0.21 -35.27 -64.54
CA LEU OA 62 -0.34 -34.31 -63.58
C LEU OA 62 -0.41 -34.92 -62.19
N GLY OA 63 -0.46 -36.24 -62.08
CA GLY OA 63 -0.24 -36.88 -60.80
C GLY OA 63 1.20 -36.99 -60.38
N ASP OA 64 2.12 -36.53 -61.23
CA ASP OA 64 3.54 -36.45 -60.90
C ASP OA 64 4.07 -35.02 -60.85
N VAL OA 65 3.29 -34.02 -61.25
CA VAL OA 65 3.74 -32.64 -61.07
C VAL OA 65 3.64 -32.19 -59.64
N VAL OA 66 2.95 -32.95 -58.78
CA VAL OA 66 3.13 -32.78 -57.34
C VAL OA 66 4.58 -33.08 -56.96
N SER OA 67 5.15 -34.14 -57.53
CA SER OA 67 6.55 -34.48 -57.25
C SER OA 67 7.52 -33.60 -58.02
N MET OA 68 7.04 -32.83 -59.00
CA MET OA 68 7.85 -31.78 -59.60
C MET OA 68 8.19 -30.71 -58.57
N SER OA 69 7.14 -30.11 -57.98
CA SER OA 69 7.32 -29.01 -57.05
C SER OA 69 7.81 -29.47 -55.69
N LYS OA 70 7.37 -30.65 -55.22
CA LYS OA 70 7.77 -31.13 -53.90
C LYS OA 70 9.24 -31.48 -53.83
N LEU OA 71 9.87 -31.74 -54.97
CA LEU OA 71 11.31 -31.87 -55.04
C LEU OA 71 11.99 -30.55 -55.37
N MET OA 72 11.24 -29.61 -55.95
CA MET OA 72 11.81 -28.33 -56.34
C MET OA 72 12.07 -27.44 -55.14
N GLY OA 73 11.24 -27.54 -54.10
CA GLY OA 73 11.44 -26.70 -52.94
C GLY OA 73 10.24 -25.86 -52.57
N ALA OA 74 9.04 -26.33 -52.95
CA ALA OA 74 7.82 -25.63 -52.61
C ALA OA 74 6.68 -26.63 -52.55
N LYS OA 75 5.83 -26.49 -51.54
CA LYS OA 75 4.65 -27.33 -51.42
C LYS OA 75 3.66 -27.00 -52.52
N VAL OA 76 2.77 -27.94 -52.78
CA VAL OA 76 1.74 -27.75 -53.81
C VAL OA 76 0.41 -28.24 -53.26
N VAL OA 77 -0.66 -27.56 -53.66
CA VAL OA 77 -2.02 -27.91 -53.28
C VAL OA 77 -2.88 -27.91 -54.54
N VAL OA 78 -3.78 -28.88 -54.63
CA VAL OA 78 -4.64 -29.05 -55.80
C VAL OA 78 -6.05 -28.74 -55.34
N THR OA 79 -6.54 -27.55 -55.66
CA THR OA 79 -7.84 -27.10 -55.19
C THR OA 79 -8.90 -27.23 -56.26
N GLY OA 80 -10.14 -27.41 -55.81
CA GLY OA 80 -11.30 -27.44 -56.68
C GLY OA 80 -11.35 -28.57 -57.69
N ILE OA 81 -11.45 -29.79 -57.21
CA ILE OA 81 -11.55 -30.95 -58.09
C ILE OA 81 -13.02 -31.26 -58.32
N GLN OA 82 -13.37 -31.57 -59.57
CA GLN OA 82 -14.74 -31.89 -59.92
C GLN OA 82 -15.13 -33.25 -59.37
N PRO OA 83 -16.40 -33.44 -59.02
CA PRO OA 83 -16.83 -34.77 -58.55
C PRO OA 83 -16.87 -35.82 -59.62
N ALA OA 84 -16.90 -35.44 -60.90
CA ALA OA 84 -16.91 -36.41 -61.98
C ALA OA 84 -15.55 -37.06 -62.15
N VAL OA 85 -14.49 -36.25 -62.23
CA VAL OA 85 -13.15 -36.75 -62.53
C VAL OA 85 -12.60 -37.61 -61.38
N ALA OA 86 -13.03 -37.34 -60.16
CA ALA OA 86 -12.63 -38.17 -59.02
C ALA OA 86 -13.33 -39.51 -58.99
N ILE OA 87 -14.33 -39.74 -59.85
CA ILE OA 87 -15.04 -41.01 -59.89
C ILE OA 87 -14.97 -41.67 -61.27
N THR OA 88 -14.46 -40.98 -62.29
CA THR OA 88 -14.23 -41.61 -63.58
C THR OA 88 -12.75 -41.76 -63.94
N LEU OA 89 -11.83 -41.13 -63.20
CA LEU OA 89 -10.42 -41.29 -63.52
C LEU OA 89 -9.57 -41.64 -62.32
N ILE OA 90 -9.92 -41.13 -61.14
CA ILE OA 90 -9.04 -41.28 -59.99
C ILE OA 90 -9.26 -42.63 -59.30
N GLU OA 91 -10.44 -43.24 -59.44
CA GLU OA 91 -10.69 -44.58 -58.91
C GLU OA 91 -9.89 -45.66 -59.63
N LEU OA 92 -9.37 -45.36 -60.81
CA LEU OA 92 -8.37 -46.19 -61.45
C LEU OA 92 -7.12 -46.27 -60.58
N GLY OA 93 -6.32 -47.32 -60.75
CA GLY OA 93 -5.24 -47.59 -59.83
C GLY OA 93 -4.02 -46.68 -59.89
N ILE OA 94 -4.25 -45.37 -59.94
CA ILE OA 94 -3.21 -44.38 -59.71
C ILE OA 94 -3.10 -44.19 -58.20
N THR OA 95 -2.03 -43.53 -57.76
CA THR OA 95 -1.57 -43.63 -56.37
C THR OA 95 -1.45 -42.22 -55.76
N PHE OA 96 -2.55 -41.46 -55.79
CA PHE OA 96 -2.64 -40.23 -55.01
C PHE OA 96 -2.45 -40.52 -53.52
N SER OA 97 -1.41 -39.93 -52.93
CA SER OA 97 -1.12 -40.13 -51.52
C SER OA 97 -0.35 -38.91 -51.01
N GLY OA 98 -0.95 -38.15 -50.11
CA GLY OA 98 -0.28 -37.01 -49.52
C GLY OA 98 -0.12 -35.85 -50.48
N VAL OA 99 -1.24 -35.39 -51.04
CA VAL OA 99 -1.22 -34.28 -52.00
C VAL OA 99 -1.77 -33.00 -51.38
N LEU OA 100 -2.56 -33.10 -50.31
CA LEU OA 100 -3.14 -31.98 -49.56
C LEU OA 100 -4.00 -31.10 -50.48
N SER OA 101 -5.10 -31.71 -50.90
CA SER OA 101 -6.07 -31.06 -51.77
C SER OA 101 -7.07 -30.25 -50.95
N ALA OA 102 -7.21 -28.98 -51.29
CA ALA OA 102 -8.17 -28.11 -50.61
C ALA OA 102 -9.55 -28.28 -51.22
N MET OA 103 -10.49 -27.40 -50.86
CA MET OA 103 -11.86 -27.45 -51.36
C MET OA 103 -12.13 -26.33 -52.36
N ASP OA 104 -11.86 -25.09 -51.98
CA ASP OA 104 -12.04 -23.94 -52.85
C ASP OA 104 -10.89 -22.98 -52.59
N LEU OA 105 -10.81 -21.95 -53.44
CA LEU OA 105 -9.66 -21.05 -53.41
C LEU OA 105 -9.65 -20.14 -52.17
N GLU OA 106 -10.79 -19.94 -51.53
CA GLU OA 106 -10.81 -19.20 -50.27
C GLU OA 106 -10.10 -20.00 -49.17
N SER OA 107 -10.40 -21.28 -49.08
CA SER OA 107 -9.78 -22.15 -48.08
C SER OA 107 -8.37 -22.59 -48.47
N GLY OA 108 -7.92 -22.27 -49.67
CA GLY OA 108 -6.57 -22.62 -50.07
C GLY OA 108 -5.54 -21.73 -49.43
N LEU OA 109 -5.66 -20.42 -49.65
CA LEU OA 109 -4.71 -19.48 -49.08
C LEU OA 109 -4.86 -19.34 -47.57
N GLU OA 110 -6.04 -19.67 -47.04
CA GLU OA 110 -6.19 -19.75 -45.58
C GLU OA 110 -5.40 -20.92 -45.02
N LYS OA 111 -5.34 -22.02 -45.78
CA LYS OA 111 -4.42 -23.10 -45.43
C LYS OA 111 -2.98 -22.74 -45.77
N LEU OA 112 -2.78 -21.93 -46.80
CA LEU OA 112 -1.44 -21.54 -47.22
C LEU OA 112 -0.93 -20.28 -46.53
N LYS OA 113 -1.66 -19.76 -45.56
CA LYS OA 113 -1.04 -18.90 -44.56
C LYS OA 113 -0.41 -19.71 -43.45
N GLN OA 114 -0.85 -20.96 -43.26
CA GLN OA 114 -0.31 -21.84 -42.26
C GLN OA 114 0.94 -22.58 -42.72
N GLU OA 115 1.55 -22.12 -43.81
CA GLU OA 115 2.90 -22.51 -44.18
C GLU OA 115 3.83 -21.31 -44.29
N LEU OA 116 3.29 -20.09 -44.21
CA LEU OA 116 4.08 -18.87 -44.28
C LEU OA 116 3.25 -17.75 -43.63
N GLY OA 117 3.63 -17.33 -42.43
CA GLY OA 117 3.01 -16.16 -41.85
C GLY OA 117 2.39 -16.37 -40.48
N GLU OA 118 2.75 -17.46 -39.80
CA GLU OA 118 2.35 -17.79 -38.42
C GLU OA 118 0.83 -17.84 -38.21
N MET PA 1 -43.92 39.80 -47.15
CA MET PA 1 -45.23 39.72 -46.51
C MET PA 1 -45.13 40.22 -45.07
N GLY PA 2 -43.93 40.62 -44.68
CA GLY PA 2 -43.71 41.22 -43.38
C GLY PA 2 -43.61 40.27 -42.20
N ILE PA 3 -43.96 39.00 -42.37
CA ILE PA 3 -43.89 38.03 -41.28
C ILE PA 3 -42.90 36.94 -41.68
N PRO PA 4 -41.60 37.13 -41.42
CA PRO PA 4 -40.60 36.20 -41.97
C PRO PA 4 -40.55 34.83 -41.33
N ILE PA 5 -39.68 33.97 -41.87
CA ILE PA 5 -39.60 32.58 -41.44
C ILE PA 5 -38.69 32.49 -40.22
N LEU PA 6 -39.08 31.66 -39.27
CA LEU PA 6 -38.67 31.84 -37.88
C LEU PA 6 -38.21 30.60 -37.12
N LYS PA 7 -38.51 29.38 -37.57
CA LYS PA 7 -38.29 28.20 -36.76
C LYS PA 7 -36.81 27.87 -36.60
N LEU PA 8 -36.35 27.72 -35.35
CA LEU PA 8 -34.94 27.42 -35.08
C LEU PA 8 -34.82 26.86 -33.67
N GLY PA 9 -34.46 25.58 -33.57
CA GLY PA 9 -34.11 24.96 -32.29
C GLY PA 9 -35.19 24.97 -31.22
N GLU PA 10 -36.45 24.78 -31.63
CA GLU PA 10 -37.65 24.93 -30.77
C GLU PA 10 -37.74 26.31 -30.14
N CYS PA 11 -37.23 27.31 -30.84
CA CYS PA 11 -37.44 28.72 -30.52
C CYS PA 11 -37.78 29.43 -31.81
N LEU PA 12 -38.33 30.63 -31.70
CA LEU PA 12 -38.78 31.36 -32.87
C LEU PA 12 -38.06 32.70 -32.97
N LEU PA 13 -37.69 33.07 -34.19
CA LEU PA 13 -36.94 34.29 -34.47
C LEU PA 13 -37.73 35.05 -35.52
N ILE PA 14 -38.76 35.77 -35.09
CA ILE PA 14 -39.62 36.50 -36.00
C ILE PA 14 -39.15 37.94 -36.05
N SER PA 15 -38.62 38.35 -37.20
CA SER PA 15 -38.22 39.73 -37.38
C SER PA 15 -39.41 40.58 -37.80
N ILE PA 16 -39.19 41.89 -37.85
CA ILE PA 16 -40.22 42.85 -38.29
C ILE PA 16 -39.54 43.83 -39.25
N GLN PA 17 -40.18 44.09 -40.39
CA GLN PA 17 -39.75 45.12 -41.33
C GLN PA 17 -40.28 46.49 -40.87
N SER PA 18 -40.23 47.47 -41.74
CA SER PA 18 -40.91 48.74 -41.47
C SER PA 18 -42.41 48.52 -41.51
N GLU PA 19 -43.07 48.81 -40.39
CA GLU PA 19 -44.51 48.59 -40.29
C GLU PA 19 -45.29 49.64 -41.06
N LEU PA 20 -46.59 49.41 -41.18
CA LEU PA 20 -47.49 50.34 -41.85
C LEU PA 20 -48.53 50.92 -40.92
N ASP PA 21 -49.28 50.08 -40.21
CA ASP PA 21 -50.26 50.51 -39.23
C ASP PA 21 -50.53 49.35 -38.27
N ASP PA 22 -51.45 49.58 -37.35
CA ASP PA 22 -51.88 48.51 -36.46
C ASP PA 22 -52.82 47.52 -37.15
N HIS PA 23 -53.39 47.88 -38.30
CA HIS PA 23 -54.12 46.91 -39.11
C HIS PA 23 -53.19 46.03 -39.91
N THR PA 24 -51.91 46.39 -40.01
CA THR PA 24 -50.90 45.42 -40.43
C THR PA 24 -50.48 44.56 -39.25
N ALA PA 25 -50.49 45.13 -38.04
CA ALA PA 25 -50.23 44.36 -36.83
C ALA PA 25 -51.37 43.41 -36.48
N VAL PA 26 -52.56 43.64 -37.05
CA VAL PA 26 -53.64 42.64 -36.95
C VAL PA 26 -53.22 41.36 -37.64
N GLU PA 27 -52.65 41.48 -38.84
CA GLU PA 27 -52.09 40.33 -39.55
C GLU PA 27 -50.92 39.73 -38.77
N PHE PA 28 -50.14 40.57 -38.11
CA PHE PA 28 -49.01 40.09 -37.32
C PHE PA 28 -49.46 39.33 -36.08
N GLN PA 29 -50.64 39.67 -35.55
CA GLN PA 29 -51.13 39.00 -34.34
C GLN PA 29 -51.60 37.58 -34.65
N GLU PA 30 -52.32 37.38 -35.77
CA GLU PA 30 -52.81 36.05 -36.09
C GLU PA 30 -51.70 35.13 -36.57
N ASP PA 31 -50.70 35.67 -37.26
CA ASP PA 31 -49.63 34.85 -37.84
C ASP PA 31 -48.48 34.63 -36.88
N LEU PA 32 -48.68 34.90 -35.59
CA LEU PA 32 -47.75 34.53 -34.53
C LEU PA 32 -48.34 33.50 -33.59
N LEU PA 33 -49.61 33.67 -33.24
CA LEU PA 33 -50.28 32.71 -32.36
C LEU PA 33 -50.60 31.41 -33.08
N ALA PA 34 -50.84 31.47 -34.39
CA ALA PA 34 -51.11 30.25 -35.14
C ALA PA 34 -49.85 29.41 -35.30
N LYS PA 35 -48.71 30.07 -35.51
CA LYS PA 35 -47.46 29.33 -35.71
C LYS PA 35 -46.95 28.73 -34.40
N ILE PA 36 -47.27 29.36 -33.28
CA ILE PA 36 -46.72 28.92 -32.00
C ILE PA 36 -47.39 27.65 -31.48
N HIS PA 37 -48.50 27.23 -32.08
CA HIS PA 37 -49.14 25.97 -31.72
C HIS PA 37 -48.73 24.85 -32.67
N GLU PA 38 -48.88 25.10 -33.98
CA GLU PA 38 -48.55 24.08 -34.98
C GLU PA 38 -47.07 23.76 -34.97
N THR PA 39 -46.22 24.78 -34.82
CA THR PA 39 -44.84 24.59 -34.37
C THR PA 39 -44.84 24.84 -32.87
N SER PA 40 -44.75 23.76 -32.09
CA SER PA 40 -44.86 23.86 -30.65
C SER PA 40 -43.62 24.52 -30.06
N ALA PA 41 -43.69 25.82 -29.87
CA ALA PA 41 -42.53 26.61 -29.47
C ALA PA 41 -42.47 26.77 -27.96
N ARG PA 42 -41.40 27.41 -27.51
CA ARG PA 42 -41.21 27.71 -26.10
C ARG PA 42 -40.82 29.17 -25.85
N GLY PA 43 -40.36 29.90 -26.86
CA GLY PA 43 -40.02 31.29 -26.68
C GLY PA 43 -39.90 32.03 -27.99
N VAL PA 44 -40.57 33.16 -28.09
CA VAL PA 44 -40.59 33.97 -29.29
C VAL PA 44 -39.63 35.13 -29.10
N VAL PA 45 -38.71 35.30 -30.06
CA VAL PA 45 -37.80 36.43 -30.08
C VAL PA 45 -38.25 37.40 -31.16
N ILE PA 46 -38.45 38.66 -30.77
CA ILE PA 46 -38.91 39.69 -31.68
C ILE PA 46 -37.78 40.70 -31.87
N ASP PA 47 -37.53 41.07 -33.13
CA ASP PA 47 -36.49 42.03 -33.49
C ASP PA 47 -37.16 43.27 -34.06
N ILE PA 48 -37.34 44.28 -33.22
CA ILE PA 48 -37.97 45.52 -33.64
C ILE PA 48 -36.94 46.59 -34.00
N THR PA 49 -35.70 46.17 -34.29
CA THR PA 49 -34.61 47.09 -34.56
C THR PA 49 -34.80 47.86 -35.87
N SER PA 50 -35.54 47.29 -36.81
CA SER PA 50 -35.74 47.95 -38.10
C SER PA 50 -36.63 49.18 -37.98
N ILE PA 51 -37.62 49.14 -37.10
CA ILE PA 51 -38.53 50.27 -36.94
C ILE PA 51 -37.85 51.38 -36.17
N ASP PA 52 -38.18 52.63 -36.50
CA ASP PA 52 -37.68 53.78 -35.77
C ASP PA 52 -38.79 54.68 -35.23
N PHE PA 53 -40.04 54.46 -35.64
CA PHE PA 53 -41.16 55.22 -35.10
C PHE PA 53 -42.36 54.30 -35.03
N ILE PA 54 -43.06 54.32 -33.89
CA ILE PA 54 -44.21 53.46 -33.66
C ILE PA 54 -45.33 54.30 -33.05
N ASP PA 55 -46.53 54.20 -33.64
CA ASP PA 55 -47.73 54.84 -33.13
C ASP PA 55 -48.07 54.35 -31.73
N SER PA 56 -48.58 55.27 -30.90
CA SER PA 56 -48.88 54.97 -29.50
C SER PA 56 -49.95 53.88 -29.36
N PHE PA 57 -50.93 53.87 -30.27
CA PHE PA 57 -51.95 52.82 -30.22
C PHE PA 57 -51.45 51.49 -30.75
N ILE PA 58 -50.34 51.48 -31.50
CA ILE PA 58 -49.76 50.21 -31.95
C ILE PA 58 -49.14 49.48 -30.76
N ALA PA 59 -48.45 50.22 -29.88
CA ALA PA 59 -47.71 49.60 -28.78
C ALA PA 59 -48.61 49.01 -27.71
N LYS PA 60 -49.89 49.36 -27.69
CA LYS PA 60 -50.86 48.68 -26.85
C LYS PA 60 -51.48 47.47 -27.54
N ILE PA 61 -50.89 47.03 -28.65
CA ILE PA 61 -51.23 45.77 -29.30
C ILE PA 61 -49.99 44.88 -29.42
N LEU PA 62 -48.87 45.45 -29.88
CA LEU PA 62 -47.59 44.75 -29.85
C LEU PA 62 -47.15 44.47 -28.42
N GLY PA 63 -47.38 45.42 -27.51
CA GLY PA 63 -47.19 45.13 -26.10
C GLY PA 63 -48.24 44.22 -25.52
N ASP PA 64 -49.40 44.09 -26.18
CA ASP PA 64 -50.48 43.27 -25.67
C ASP PA 64 -50.40 41.82 -26.11
N VAL PA 65 -49.80 41.54 -27.27
CA VAL PA 65 -49.58 40.16 -27.67
C VAL PA 65 -48.47 39.49 -26.87
N VAL PA 66 -47.69 40.29 -26.13
CA VAL PA 66 -46.83 39.74 -25.08
C VAL PA 66 -47.66 39.02 -24.03
N SER PA 67 -48.82 39.58 -23.68
CA SER PA 67 -49.70 38.90 -22.75
C SER PA 67 -50.38 37.70 -23.38
N MET PA 68 -50.61 37.74 -24.70
CA MET PA 68 -51.21 36.61 -25.38
C MET PA 68 -50.23 35.47 -25.58
N SER PA 69 -49.00 35.80 -26.00
CA SER PA 69 -47.99 34.76 -26.21
C SER PA 69 -47.43 34.21 -24.91
N LYS PA 70 -47.62 34.90 -23.79
CA LYS PA 70 -47.25 34.32 -22.51
C LYS PA 70 -48.27 33.30 -22.04
N LEU PA 71 -49.53 33.46 -22.45
CA LEU PA 71 -50.58 32.55 -22.02
C LEU PA 71 -50.53 31.22 -22.76
N MET PA 72 -49.89 31.18 -23.93
CA MET PA 72 -49.71 29.94 -24.66
C MET PA 72 -48.39 29.25 -24.33
N GLY PA 73 -47.73 29.67 -23.25
CA GLY PA 73 -46.50 29.05 -22.82
C GLY PA 73 -45.30 29.48 -23.64
N ALA PA 74 -44.99 30.78 -23.63
CA ALA PA 74 -43.79 31.28 -24.31
C ALA PA 74 -43.38 32.59 -23.65
N LYS PA 75 -42.30 32.55 -22.89
CA LYS PA 75 -41.76 33.76 -22.25
C LYS PA 75 -40.97 34.52 -23.30
N VAL PA 76 -41.64 35.47 -23.95
CA VAL PA 76 -41.06 36.14 -25.11
C VAL PA 76 -40.01 37.16 -24.66
N VAL PA 77 -39.19 37.59 -25.62
CA VAL PA 77 -38.15 38.58 -25.40
C VAL PA 77 -38.24 39.61 -26.52
N VAL PA 78 -37.98 40.87 -26.20
CA VAL PA 78 -38.05 41.94 -27.19
C VAL PA 78 -36.65 42.50 -27.42
N THR PA 79 -35.97 42.01 -28.45
CA THR PA 79 -34.59 42.36 -28.68
C THR PA 79 -34.46 43.63 -29.51
N GLY PA 80 -33.50 44.47 -29.14
CA GLY PA 80 -33.08 45.59 -29.96
C GLY PA 80 -34.09 46.70 -30.12
N ILE PA 81 -34.35 47.44 -29.04
CA ILE PA 81 -35.28 48.55 -29.07
C ILE PA 81 -34.51 49.84 -29.27
N GLN PA 82 -34.98 50.67 -30.19
CA GLN PA 82 -34.32 51.92 -30.55
C GLN PA 82 -34.57 52.97 -29.48
N PRO PA 83 -33.79 54.06 -29.45
CA PRO PA 83 -34.05 55.12 -28.47
C PRO PA 83 -35.35 55.86 -28.67
N ALA PA 84 -35.64 56.30 -29.90
CA ALA PA 84 -36.77 57.19 -30.13
C ALA PA 84 -38.12 56.50 -29.92
N VAL PA 85 -38.19 55.20 -30.19
CA VAL PA 85 -39.41 54.46 -29.91
C VAL PA 85 -39.58 54.25 -28.40
N ALA PA 86 -38.47 54.20 -27.66
CA ALA PA 86 -38.56 54.05 -26.21
C ALA PA 86 -39.05 55.33 -25.54
N ILE PA 87 -38.97 56.47 -26.22
CA ILE PA 87 -39.56 57.71 -25.72
C ILE PA 87 -41.07 57.74 -26.04
N THR PA 88 -41.58 56.73 -26.74
CA THR PA 88 -43.01 56.52 -26.88
C THR PA 88 -43.48 55.43 -25.91
N LEU PA 89 -42.54 54.82 -25.18
CA LEU PA 89 -42.87 53.85 -24.14
C LEU PA 89 -42.59 54.41 -22.75
N ILE PA 90 -42.63 55.73 -22.59
CA ILE PA 90 -42.57 56.38 -21.28
C ILE PA 90 -43.91 56.99 -20.89
N GLU PA 91 -44.54 57.73 -21.80
CA GLU PA 91 -45.85 58.31 -21.52
C GLU PA 91 -46.98 57.29 -21.61
N LEU PA 92 -46.69 56.09 -22.10
CA LEU PA 92 -47.62 54.97 -22.03
C LEU PA 92 -47.85 54.58 -20.58
N GLY PA 93 -48.99 53.94 -20.32
CA GLY PA 93 -49.32 53.45 -19.00
C GLY PA 93 -48.57 52.17 -18.69
N ILE PA 94 -47.28 52.33 -18.38
CA ILE PA 94 -46.35 51.20 -18.30
C ILE PA 94 -46.69 50.28 -17.14
N THR PA 95 -46.82 48.98 -17.43
CA THR PA 95 -46.68 47.92 -16.45
C THR PA 95 -45.81 46.83 -17.06
N PHE PA 96 -44.71 47.24 -17.71
CA PHE PA 96 -43.86 46.35 -18.48
C PHE PA 96 -42.96 45.55 -17.53
N SER PA 97 -43.55 44.55 -16.91
CA SER PA 97 -42.82 43.65 -16.04
C SER PA 97 -42.86 42.25 -16.62
N GLY PA 98 -41.75 41.53 -16.44
CA GLY PA 98 -41.64 40.19 -16.99
C GLY PA 98 -41.62 40.14 -18.51
N VAL PA 99 -41.15 41.21 -19.15
CA VAL PA 99 -41.10 41.23 -20.60
C VAL PA 99 -39.74 40.75 -21.11
N LEU PA 100 -38.69 40.91 -20.31
CA LEU PA 100 -37.33 40.42 -20.56
C LEU PA 100 -36.75 40.97 -21.86
N SER PA 101 -36.56 42.29 -21.89
CA SER PA 101 -35.92 42.90 -23.04
C SER PA 101 -34.44 42.54 -23.09
N ALA PA 102 -33.83 42.76 -24.24
CA ALA PA 102 -32.42 42.43 -24.44
C ALA PA 102 -31.80 43.48 -25.36
N MET PA 103 -30.59 43.20 -25.84
CA MET PA 103 -29.82 44.16 -26.62
C MET PA 103 -29.76 43.80 -28.10
N ASP PA 104 -29.42 42.56 -28.43
CA ASP PA 104 -29.28 42.13 -29.81
C ASP PA 104 -29.78 40.70 -29.93
N LEU PA 105 -29.82 40.20 -31.18
CA LEU PA 105 -30.23 38.82 -31.41
C LEU PA 105 -29.17 37.83 -30.95
N GLU PA 106 -27.91 38.25 -30.85
CA GLU PA 106 -26.87 37.40 -30.29
C GLU PA 106 -27.10 37.16 -28.82
N SER PA 107 -27.24 38.24 -28.04
CA SER PA 107 -27.52 38.12 -26.61
C SER PA 107 -28.96 37.74 -26.34
N GLY PA 108 -29.85 37.86 -27.33
CA GLY PA 108 -31.25 37.51 -27.10
C GLY PA 108 -31.47 36.02 -26.96
N LEU PA 109 -30.90 35.24 -27.87
CA LEU PA 109 -30.99 33.79 -27.75
C LEU PA 109 -30.09 33.26 -26.64
N GLU PA 110 -29.10 34.03 -26.20
CA GLU PA 110 -28.30 33.62 -25.05
C GLU PA 110 -29.11 33.67 -23.77
N LYS PA 111 -30.01 34.64 -23.65
CA LYS PA 111 -30.85 34.72 -22.46
C LYS PA 111 -32.02 33.75 -22.53
N LEU PA 112 -32.55 33.49 -23.73
CA LEU PA 112 -33.71 32.61 -23.84
C LEU PA 112 -33.32 31.15 -23.66
N LYS PA 113 -32.13 30.76 -24.12
CA LYS PA 113 -31.68 29.40 -23.89
C LYS PA 113 -31.28 29.16 -22.44
N GLN PA 114 -31.10 30.22 -21.64
CA GLN PA 114 -30.93 30.05 -20.21
C GLN PA 114 -32.24 29.64 -19.54
N GLU PA 115 -33.36 30.18 -20.02
CA GLU PA 115 -34.67 29.89 -19.45
C GLU PA 115 -35.33 28.66 -20.07
N LEU PA 116 -34.61 27.89 -20.87
CA LEU PA 116 -35.15 26.66 -21.43
C LEU PA 116 -34.00 25.68 -21.69
N GLY PA 117 -34.01 24.56 -20.98
CA GLY PA 117 -33.22 23.41 -21.34
C GLY PA 117 -31.72 23.53 -21.11
N GLU PA 118 -31.07 24.34 -21.93
CA GLU PA 118 -29.61 24.45 -21.90
C GLU PA 118 -29.18 25.30 -20.70
N MET QA 1 42.12 -47.70 47.69
CA MET QA 1 41.11 -47.73 46.65
C MET QA 1 41.45 -46.74 45.54
N GLY QA 2 40.67 -45.66 45.44
CA GLY QA 2 40.92 -44.65 44.45
C GLY QA 2 40.12 -44.83 43.17
N ILE QA 3 38.82 -45.03 43.30
CA ILE QA 3 37.94 -45.19 42.14
C ILE QA 3 36.99 -43.99 42.09
N PRO QA 4 37.32 -42.93 41.37
CA PRO QA 4 36.49 -41.72 41.40
C PRO QA 4 35.24 -41.84 40.53
N ILE QA 5 34.21 -41.10 40.95
CA ILE QA 5 32.89 -41.12 40.34
C ILE QA 5 32.86 -40.09 39.22
N LEU QA 6 32.14 -40.40 38.15
CA LEU QA 6 32.38 -39.71 36.89
C LEU QA 6 31.14 -39.28 36.11
N LYS QA 7 29.92 -39.59 36.55
CA LYS QA 7 28.73 -39.21 35.80
C LYS QA 7 28.42 -37.74 36.09
N LEU QA 8 28.77 -36.85 35.16
CA LEU QA 8 28.54 -35.41 35.29
C LEU QA 8 27.91 -34.87 34.01
N GLY QA 9 26.58 -34.91 33.92
CA GLY QA 9 25.87 -34.22 32.87
C GLY QA 9 25.99 -34.80 31.47
N GLU QA 10 25.47 -36.01 31.28
CA GLU QA 10 25.30 -36.75 30.03
C GLU QA 10 26.61 -37.19 29.38
N CYS QA 11 27.75 -36.85 29.93
CA CYS QA 11 29.04 -37.39 29.54
C CYS QA 11 29.75 -37.87 30.81
N LEU QA 12 30.91 -38.49 30.64
CA LEU QA 12 31.62 -39.06 31.77
C LEU QA 12 32.95 -38.35 31.95
N LEU QA 13 33.30 -38.07 33.20
CA LEU QA 13 34.48 -37.28 33.53
C LEU QA 13 35.25 -37.99 34.64
N ILE QA 14 36.12 -38.92 34.25
CA ILE QA 14 37.00 -39.58 35.19
C ILE QA 14 38.12 -38.62 35.56
N SER QA 15 38.46 -38.56 36.84
CA SER QA 15 39.46 -37.62 37.36
C SER QA 15 40.49 -38.42 38.15
N ILE QA 16 41.57 -38.79 37.48
CA ILE QA 16 42.57 -39.67 38.08
C ILE QA 16 43.41 -38.88 39.06
N GLN QA 17 43.62 -39.47 40.24
CA GLN QA 17 44.56 -38.93 41.23
C GLN QA 17 45.98 -39.39 40.90
N SER QA 18 46.91 -39.23 41.83
CA SER QA 18 48.29 -39.61 41.59
C SER QA 18 48.42 -41.13 41.42
N GLU QA 19 49.47 -41.52 40.71
CA GLU QA 19 49.65 -42.91 40.32
C GLU QA 19 51.12 -43.26 40.37
N LEU QA 20 51.43 -44.42 40.95
CA LEU QA 20 52.79 -44.92 41.06
C LEU QA 20 52.95 -46.33 40.54
N ASP QA 21 51.88 -47.11 40.42
CA ASP QA 21 51.92 -48.48 39.96
C ASP QA 21 51.04 -48.63 38.73
N ASP QA 22 50.92 -49.87 38.26
CA ASP QA 22 49.97 -50.21 37.22
C ASP QA 22 48.92 -51.22 37.69
N HIS QA 23 49.10 -51.80 38.88
CA HIS QA 23 48.11 -52.75 39.39
C HIS QA 23 46.83 -52.04 39.81
N THR QA 24 46.94 -50.78 40.22
CA THR QA 24 45.75 -49.95 40.37
C THR QA 24 45.15 -49.59 39.02
N ALA QA 25 46.00 -49.47 37.98
CA ALA QA 25 45.52 -49.05 36.68
C ALA QA 25 44.73 -50.15 35.97
N VAL QA 26 45.11 -51.41 36.16
CA VAL QA 26 44.28 -52.50 35.63
C VAL QA 26 42.98 -52.61 36.42
N GLU QA 27 43.03 -52.31 37.72
CA GLU QA 27 41.80 -52.15 38.49
C GLU QA 27 41.01 -50.94 38.00
N PHE QA 28 41.70 -49.90 37.56
CA PHE QA 28 41.03 -48.72 37.02
C PHE QA 28 40.46 -49.00 35.63
N GLN QA 29 41.14 -49.83 34.84
CA GLN QA 29 40.77 -50.06 33.45
C GLN QA 29 39.41 -50.77 33.33
N GLU QA 30 39.22 -51.83 34.11
CA GLU QA 30 37.95 -52.56 34.07
C GLU QA 30 36.82 -51.75 34.69
N ASP QA 31 37.14 -50.87 35.64
CA ASP QA 31 36.11 -50.04 36.25
C ASP QA 31 35.62 -48.97 35.29
N LEU QA 32 36.48 -48.52 34.36
CA LEU QA 32 36.05 -47.55 33.37
C LEU QA 32 35.17 -48.20 32.31
N LEU QA 33 35.60 -49.36 31.78
CA LEU QA 33 34.87 -50.00 30.70
C LEU QA 33 33.55 -50.60 31.17
N ALA QA 34 33.44 -50.91 32.46
CA ALA QA 34 32.16 -51.41 32.97
C ALA QA 34 31.13 -50.30 33.05
N LYS QA 35 31.54 -49.11 33.50
CA LYS QA 35 30.59 -48.02 33.71
C LYS QA 35 30.13 -47.42 32.38
N ILE QA 36 31.03 -47.32 31.41
CA ILE QA 36 30.68 -46.77 30.11
C ILE QA 36 29.74 -47.69 29.34
N HIS QA 37 29.71 -48.98 29.67
CA HIS QA 37 28.66 -49.85 29.17
C HIS QA 37 27.40 -49.76 30.01
N GLU QA 38 27.57 -49.56 31.33
CA GLU QA 38 26.43 -49.51 32.24
C GLU QA 38 25.60 -48.25 32.02
N THR QA 39 26.20 -47.09 32.23
CA THR QA 39 25.60 -45.85 31.78
C THR QA 39 25.83 -45.69 30.29
N SER QA 40 24.74 -45.50 29.53
CA SER QA 40 24.87 -45.34 28.09
C SER QA 40 25.51 -44.01 27.77
N ALA QA 41 26.82 -44.01 27.59
CA ALA QA 41 27.60 -42.77 27.50
C ALA QA 41 27.81 -42.36 26.05
N ARG QA 42 28.38 -41.17 25.89
CA ARG QA 42 28.75 -40.65 24.59
C ARG QA 42 30.18 -40.14 24.52
N GLY QA 43 30.76 -39.68 25.63
CA GLY QA 43 32.12 -39.19 25.64
C GLY QA 43 32.75 -39.20 27.02
N VAL QA 44 33.99 -39.64 27.12
CA VAL QA 44 34.71 -39.76 28.38
C VAL QA 44 35.86 -38.76 28.39
N VAL QA 45 35.89 -37.89 29.39
CA VAL QA 45 36.94 -36.88 29.53
C VAL QA 45 37.93 -37.41 30.56
N ILE QA 46 39.00 -38.04 30.09
CA ILE QA 46 40.07 -38.48 30.98
C ILE QA 46 40.88 -37.26 31.40
N ASP QA 47 40.96 -37.02 32.70
CA ASP QA 47 41.71 -35.91 33.26
C ASP QA 47 42.93 -36.49 33.96
N ILE QA 48 44.12 -36.07 33.53
CA ILE QA 48 45.36 -36.60 34.09
C ILE QA 48 46.21 -35.45 34.64
N THR QA 49 45.54 -34.39 35.11
CA THR QA 49 46.26 -33.22 35.60
C THR QA 49 47.06 -33.52 36.85
N SER QA 50 46.51 -34.31 37.77
CA SER QA 50 47.16 -34.60 39.03
C SER QA 50 48.26 -35.65 38.91
N ILE QA 51 48.36 -36.34 37.78
CA ILE QA 51 49.41 -37.35 37.61
C ILE QA 51 50.74 -36.65 37.34
N ASP QA 52 51.77 -37.05 38.07
CA ASP QA 52 53.10 -36.46 37.94
C ASP QA 52 54.02 -37.24 37.02
N PHE QA 53 54.03 -38.57 37.13
CA PHE QA 53 54.85 -39.41 36.26
C PHE QA 53 54.06 -40.62 35.83
N ILE QA 54 54.51 -41.24 34.73
CA ILE QA 54 53.86 -42.41 34.16
C ILE QA 54 54.96 -43.39 33.74
N ASP QA 55 54.96 -44.58 34.32
CA ASP QA 55 55.89 -45.60 33.89
C ASP QA 55 55.49 -46.15 32.53
N SER QA 56 56.48 -46.69 31.79
CA SER QA 56 56.24 -47.13 30.42
C SER QA 56 55.33 -48.35 30.34
N PHE QA 57 55.13 -49.07 31.44
CA PHE QA 57 54.08 -50.08 31.49
C PHE QA 57 52.70 -49.44 31.48
N ILE QA 58 52.55 -48.31 32.18
CA ILE QA 58 51.28 -47.61 32.25
C ILE QA 58 50.95 -46.95 30.92
N ALA QA 59 51.98 -46.63 30.12
CA ALA QA 59 51.78 -46.00 28.82
C ALA QA 59 51.03 -46.88 27.83
N LYS QA 60 51.07 -48.20 28.01
CA LYS QA 60 50.18 -49.08 27.27
C LYS QA 60 48.73 -48.77 27.61
N ILE QA 61 48.43 -48.61 28.90
CA ILE QA 61 47.06 -48.53 29.38
C ILE QA 61 46.40 -47.22 28.95
N LEU QA 62 47.14 -46.11 29.00
CA LEU QA 62 46.62 -44.86 28.47
C LEU QA 62 46.80 -44.73 26.96
N GLY QA 63 47.15 -45.81 26.28
CA GLY QA 63 47.02 -45.92 24.84
C GLY QA 63 46.03 -47.03 24.55
N ASP QA 64 45.66 -47.77 25.60
CA ASP QA 64 44.68 -48.85 25.47
C ASP QA 64 43.26 -48.31 25.54
N VAL QA 65 42.90 -47.68 26.66
CA VAL QA 65 41.51 -47.32 26.93
C VAL QA 65 41.05 -46.20 26.01
N VAL QA 66 41.96 -45.36 25.53
CA VAL QA 66 41.58 -44.34 24.56
C VAL QA 66 41.35 -44.95 23.19
N SER QA 67 41.85 -46.17 22.96
CA SER QA 67 41.44 -46.96 21.80
C SER QA 67 40.32 -47.92 22.14
N MET QA 68 40.28 -48.41 23.38
CA MET QA 68 39.27 -49.40 23.76
C MET QA 68 37.89 -48.77 23.88
N SER QA 69 37.80 -47.58 24.47
CA SER QA 69 36.52 -46.91 24.61
C SER QA 69 36.00 -46.38 23.28
N LYS QA 70 36.88 -46.21 22.28
CA LYS QA 70 36.39 -45.86 20.95
C LYS QA 70 35.62 -47.02 20.33
N LEU QA 71 36.07 -48.26 20.60
CA LEU QA 71 35.32 -49.42 20.13
C LEU QA 71 34.03 -49.60 20.91
N MET QA 72 34.00 -49.14 22.16
CA MET QA 72 32.80 -49.27 22.98
C MET QA 72 31.66 -48.39 22.49
N GLY QA 73 31.97 -47.31 21.78
CA GLY QA 73 30.93 -46.48 21.22
C GLY QA 73 30.89 -45.08 21.78
N ALA QA 74 32.05 -44.57 22.21
CA ALA QA 74 32.12 -43.23 22.77
C ALA QA 74 33.47 -42.62 22.46
N LYS QA 75 33.48 -41.33 22.15
CA LYS QA 75 34.72 -40.61 21.96
C LYS QA 75 35.42 -40.41 23.30
N VAL QA 76 36.69 -39.99 23.24
CA VAL QA 76 37.48 -39.84 24.45
C VAL QA 76 38.51 -38.74 24.21
N VAL QA 77 38.76 -37.93 25.24
CA VAL QA 77 39.74 -36.86 25.19
C VAL QA 77 40.67 -36.99 26.39
N VAL QA 78 41.94 -36.68 26.19
CA VAL QA 78 42.92 -36.72 27.26
C VAL QA 78 43.35 -35.30 27.59
N THR QA 79 42.67 -34.68 28.55
CA THR QA 79 42.90 -33.27 28.87
C THR QA 79 43.75 -33.15 30.12
N GLY QA 80 44.42 -31.99 30.22
CA GLY QA 80 45.26 -31.70 31.37
C GLY QA 80 46.52 -32.54 31.41
N ILE QA 81 47.41 -32.33 30.46
CA ILE QA 81 48.64 -33.11 30.34
C ILE QA 81 49.79 -32.28 30.85
N GLN QA 82 50.55 -32.84 31.79
CA GLN QA 82 51.74 -32.17 32.29
C GLN QA 82 52.82 -32.13 31.21
N PRO QA 83 53.73 -31.13 31.26
CA PRO QA 83 54.77 -31.08 30.22
C PRO QA 83 55.81 -32.17 30.32
N ALA QA 84 56.18 -32.56 31.55
CA ALA QA 84 57.27 -33.51 31.72
C ALA QA 84 56.90 -34.92 31.28
N VAL QA 85 55.61 -35.26 31.29
CA VAL QA 85 55.19 -36.60 30.89
C VAL QA 85 55.14 -36.78 29.39
N ALA QA 86 55.29 -35.71 28.61
CA ALA QA 86 55.20 -35.84 27.17
C ALA QA 86 56.52 -36.27 26.55
N ILE QA 87 57.64 -35.68 27.00
CA ILE QA 87 58.91 -35.82 26.31
C ILE QA 87 59.52 -37.19 26.56
N THR QA 88 59.86 -37.49 27.81
CA THR QA 88 60.58 -38.69 28.17
C THR QA 88 59.73 -39.95 28.13
N LEU QA 89 58.43 -39.84 27.89
CA LEU QA 89 57.55 -40.99 27.89
C LEU QA 89 56.89 -41.26 26.55
N ILE QA 90 56.34 -40.24 25.90
CA ILE QA 90 55.50 -40.47 24.74
C ILE QA 90 56.30 -40.09 23.49
N GLU QA 91 57.63 -40.16 23.61
CA GLU QA 91 58.46 -40.31 22.42
C GLU QA 91 58.47 -41.76 21.94
N LEU QA 92 58.04 -42.68 22.79
CA LEU QA 92 57.65 -44.02 22.37
C LEU QA 92 56.54 -43.95 21.34
N GLY QA 93 56.49 -44.94 20.46
CA GLY QA 93 55.68 -44.90 19.24
C GLY QA 93 54.17 -44.88 19.36
N ILE QA 94 53.63 -44.62 20.56
CA ILE QA 94 52.20 -44.37 20.71
C ILE QA 94 52.00 -42.88 20.46
N THR QA 95 51.90 -42.53 19.17
CA THR QA 95 51.84 -41.14 18.78
C THR QA 95 50.41 -40.61 18.78
N PHE QA 96 49.56 -41.15 17.91
CA PHE QA 96 48.16 -40.74 17.87
C PHE QA 96 47.45 -41.46 19.01
N SER QA 97 47.28 -40.76 20.12
CA SER QA 97 46.62 -41.33 21.30
C SER QA 97 45.11 -41.10 21.29
N GLY QA 98 44.51 -40.92 20.11
CA GLY QA 98 43.09 -40.67 19.99
C GLY QA 98 42.68 -39.38 20.65
N VAL QA 99 43.48 -38.34 20.48
CA VAL QA 99 43.56 -37.27 21.47
C VAL QA 99 42.34 -36.36 21.50
N LEU QA 100 42.10 -35.59 20.44
CA LEU QA 100 41.11 -34.49 20.41
C LEU QA 100 41.25 -33.57 21.63
N SER QA 101 42.49 -33.36 22.07
CA SER QA 101 42.74 -33.01 23.47
C SER QA 101 42.60 -31.50 23.69
N ALA QA 102 42.80 -31.09 24.93
CA ALA QA 102 42.75 -29.69 25.31
C ALA QA 102 43.73 -29.48 26.45
N MET QA 103 43.60 -28.34 27.13
CA MET QA 103 44.50 -27.97 28.22
C MET QA 103 43.81 -27.95 29.56
N ASP QA 104 42.69 -27.25 29.66
CA ASP QA 104 41.88 -27.24 30.88
C ASP QA 104 40.89 -28.40 30.82
N LEU QA 105 39.93 -28.40 31.73
CA LEU QA 105 38.74 -29.21 31.56
C LEU QA 105 37.61 -28.46 30.88
N GLU QA 106 37.74 -27.14 30.75
CA GLU QA 106 36.68 -26.32 30.18
C GLU QA 106 36.59 -26.53 28.66
N SER QA 107 37.68 -26.23 27.94
CA SER QA 107 37.66 -26.37 26.48
C SER QA 107 37.61 -27.82 26.04
N GLY QA 108 38.01 -28.76 26.91
CA GLY QA 108 37.82 -30.16 26.62
C GLY QA 108 36.35 -30.53 26.55
N LEU QA 109 35.55 -30.02 27.48
CA LEU QA 109 34.13 -30.32 27.47
C LEU QA 109 33.39 -29.58 26.37
N GLU QA 110 33.95 -28.49 25.86
CA GLU QA 110 33.33 -27.83 24.71
C GLU QA 110 33.52 -28.64 23.44
N LYS QA 111 34.62 -29.39 23.35
CA LYS QA 111 34.82 -30.27 22.20
C LYS QA 111 33.82 -31.41 22.21
N LEU QA 112 33.64 -32.06 23.36
CA LEU QA 112 32.71 -33.19 23.41
C LEU QA 112 31.25 -32.74 23.40
N LYS QA 113 30.98 -31.49 23.76
CA LYS QA 113 29.65 -30.95 23.48
C LYS QA 113 29.47 -30.65 22.01
N GLN QA 114 30.57 -30.32 21.31
CA GLN QA 114 30.51 -30.07 19.88
C GLN QA 114 30.33 -31.37 19.11
N GLU QA 115 31.04 -32.43 19.50
CA GLU QA 115 30.89 -33.73 18.85
C GLU QA 115 29.51 -34.32 19.12
N LEU QA 116 28.97 -34.09 20.31
CA LEU QA 116 27.59 -34.51 20.59
C LEU QA 116 26.60 -33.64 19.84
N GLY QA 117 26.91 -32.36 19.66
CA GLY QA 117 26.00 -31.44 19.01
C GLY QA 117 25.05 -30.74 19.92
N GLU QA 118 25.24 -30.83 21.24
CA GLU QA 118 24.35 -30.20 22.20
C GLU QA 118 24.84 -28.80 22.55
N MET RA 1 -50.04 -46.13 34.64
CA MET RA 1 -49.42 -45.25 35.62
C MET RA 1 -48.03 -45.73 35.98
N GLY RA 2 -47.30 -44.93 36.76
CA GLY RA 2 -45.99 -45.29 37.25
C GLY RA 2 -44.83 -44.90 36.34
N ILE RA 3 -45.02 -44.99 35.03
CA ILE RA 3 -43.94 -44.79 34.07
C ILE RA 3 -44.30 -43.61 33.17
N PRO RA 4 -43.76 -42.43 33.44
CA PRO RA 4 -44.01 -41.28 32.58
C PRO RA 4 -43.03 -41.19 31.43
N ILE RA 5 -43.49 -40.60 30.33
CA ILE RA 5 -42.69 -40.38 29.12
C ILE RA 5 -42.89 -38.93 28.72
N LEU RA 6 -41.80 -38.21 28.49
CA LEU RA 6 -41.83 -36.75 28.54
C LEU RA 6 -41.73 -36.06 27.18
N LYS RA 7 -40.95 -36.61 26.24
CA LYS RA 7 -40.79 -36.10 24.88
C LYS RA 7 -40.28 -34.65 24.88
N LEU RA 8 -39.02 -34.54 25.30
CA LEU RA 8 -38.34 -33.25 25.37
C LEU RA 8 -37.27 -33.17 24.29
N GLY RA 9 -37.51 -32.34 23.28
CA GLY RA 9 -36.54 -32.00 22.26
C GLY RA 9 -35.96 -33.16 21.46
N GLU RA 10 -36.85 -33.98 20.87
CA GLU RA 10 -36.50 -35.21 20.16
C GLU RA 10 -35.71 -36.19 21.04
N CYS RA 11 -36.03 -36.20 22.33
CA CYS RA 11 -35.43 -37.12 23.29
C CYS RA 11 -36.49 -37.52 24.29
N LEU RA 12 -36.37 -38.74 24.84
CA LEU RA 12 -37.33 -39.30 25.77
C LEU RA 12 -36.63 -39.56 27.09
N LEU RA 13 -36.69 -38.60 28.01
CA LEU RA 13 -36.13 -38.78 29.34
C LEU RA 13 -37.15 -39.51 30.22
N ILE RA 14 -37.36 -40.78 29.89
CA ILE RA 14 -38.27 -41.64 30.64
C ILE RA 14 -37.57 -42.13 31.89
N SER RA 15 -38.23 -41.96 33.04
CA SER RA 15 -37.70 -42.44 34.30
C SER RA 15 -38.38 -43.73 34.72
N ILE RA 16 -37.78 -44.42 35.68
CA ILE RA 16 -38.35 -45.62 36.26
C ILE RA 16 -38.22 -45.51 37.77
N GLN RA 17 -39.35 -45.50 38.47
CA GLN RA 17 -39.39 -45.36 39.91
C GLN RA 17 -39.38 -46.75 40.56
N SER RA 18 -39.72 -46.82 41.84
CA SER RA 18 -39.66 -48.08 42.60
C SER RA 18 -40.82 -48.98 42.16
N GLU RA 19 -40.59 -49.68 41.05
CA GLU RA 19 -41.52 -50.69 40.54
C GLU RA 19 -40.79 -52.02 40.48
N LEU RA 20 -41.55 -53.11 40.57
CA LEU RA 20 -40.93 -54.41 40.75
C LEU RA 20 -41.44 -55.48 39.79
N ASP RA 21 -42.70 -55.38 39.35
CA ASP RA 21 -43.36 -56.52 38.74
C ASP RA 21 -42.96 -56.68 37.28
N ASP RA 22 -42.69 -57.92 36.89
CA ASP RA 22 -42.48 -58.25 35.49
C ASP RA 22 -43.74 -58.04 34.67
N HIS RA 23 -44.92 -58.25 35.28
CA HIS RA 23 -46.17 -57.95 34.60
C HIS RA 23 -46.34 -56.45 34.36
N THR RA 24 -45.85 -55.62 35.28
CA THR RA 24 -45.79 -54.18 35.03
C THR RA 24 -44.81 -53.86 33.91
N ALA RA 25 -43.74 -54.64 33.80
CA ALA RA 25 -42.77 -54.43 32.72
C ALA RA 25 -43.35 -54.79 31.36
N VAL RA 26 -44.19 -55.83 31.31
CA VAL RA 26 -44.95 -56.14 30.09
C VAL RA 26 -45.95 -55.02 29.80
N GLU RA 27 -46.56 -54.48 30.87
CA GLU RA 27 -47.38 -53.28 30.74
C GLU RA 27 -46.54 -52.06 30.36
N PHE RA 28 -45.26 -52.05 30.75
CA PHE RA 28 -44.34 -50.98 30.38
C PHE RA 28 -43.82 -51.12 28.96
N GLN RA 29 -43.64 -52.37 28.50
CA GLN RA 29 -42.94 -52.63 27.24
C GLN RA 29 -43.71 -52.07 26.05
N GLU RA 30 -45.04 -52.15 26.07
CA GLU RA 30 -45.83 -51.58 24.99
C GLU RA 30 -45.88 -50.06 25.07
N ASP RA 31 -45.74 -49.49 26.27
CA ASP RA 31 -45.87 -48.05 26.42
C ASP RA 31 -44.68 -47.29 25.87
N LEU RA 32 -43.49 -47.90 25.88
CA LEU RA 32 -42.32 -47.20 25.38
C LEU RA 32 -42.22 -47.27 23.87
N LEU RA 33 -42.56 -48.42 23.28
CA LEU RA 33 -42.43 -48.58 21.84
C LEU RA 33 -43.56 -47.90 21.08
N ALA RA 34 -44.79 -47.98 21.58
CA ALA RA 34 -45.90 -47.33 20.91
C ALA RA 34 -45.85 -45.82 21.04
N LYS RA 35 -45.11 -45.29 22.03
CA LYS RA 35 -44.88 -43.86 22.08
C LYS RA 35 -43.90 -43.43 21.00
N ILE RA 36 -42.76 -44.11 20.88
CA ILE RA 36 -41.73 -43.70 19.94
C ILE RA 36 -42.13 -44.01 18.50
N HIS RA 37 -43.05 -44.95 18.29
CA HIS RA 37 -43.57 -45.16 16.95
C HIS RA 37 -44.52 -44.04 16.55
N GLU RA 38 -45.49 -43.74 17.42
CA GLU RA 38 -46.47 -42.69 17.14
C GLU RA 38 -45.86 -41.30 17.22
N THR RA 39 -44.83 -41.11 18.03
CA THR RA 39 -44.13 -39.83 18.13
C THR RA 39 -42.67 -40.09 17.79
N SER RA 40 -42.26 -39.65 16.60
CA SER RA 40 -40.96 -40.03 16.06
C SER RA 40 -39.84 -39.37 16.83
N ALA RA 41 -38.99 -40.18 17.45
CA ALA RA 41 -37.85 -39.72 18.23
C ALA RA 41 -36.58 -40.39 17.72
N ARG RA 42 -35.46 -40.02 18.32
CA ARG RA 42 -34.16 -40.51 17.90
C ARG RA 42 -33.29 -41.05 19.02
N GLY RA 43 -33.62 -40.79 20.28
CA GLY RA 43 -32.87 -41.33 21.39
C GLY RA 43 -33.67 -41.38 22.67
N VAL RA 44 -33.68 -42.54 23.32
CA VAL RA 44 -34.44 -42.76 24.55
C VAL RA 44 -33.45 -42.81 25.71
N VAL RA 45 -33.73 -42.05 26.76
CA VAL RA 45 -32.89 -42.02 27.94
C VAL RA 45 -33.69 -42.69 29.06
N ILE RA 46 -33.44 -43.97 29.29
CA ILE RA 46 -34.03 -44.67 30.42
C ILE RA 46 -33.28 -44.24 31.69
N ASP RA 47 -33.91 -44.43 32.84
CA ASP RA 47 -33.31 -44.03 34.11
C ASP RA 47 -33.79 -44.99 35.19
N ILE RA 48 -32.89 -45.84 35.69
CA ILE RA 48 -33.24 -46.88 36.63
C ILE RA 48 -32.54 -46.65 37.97
N THR RA 49 -32.39 -45.37 38.33
CA THR RA 49 -31.67 -45.00 39.55
C THR RA 49 -32.37 -45.48 40.81
N SER RA 50 -33.70 -45.62 40.78
CA SER RA 50 -34.44 -45.96 41.99
C SER RA 50 -34.42 -47.46 42.30
N ILE RA 51 -34.27 -48.31 41.30
CA ILE RA 51 -34.43 -49.74 41.48
C ILE RA 51 -33.16 -50.33 42.08
N ASP RA 52 -33.31 -51.12 43.15
CA ASP RA 52 -32.19 -51.82 43.77
C ASP RA 52 -32.31 -53.34 43.75
N PHE RA 53 -33.47 -53.89 43.39
CA PHE RA 53 -33.65 -55.33 43.26
C PHE RA 53 -34.24 -55.62 41.90
N ILE RA 54 -33.81 -56.74 41.29
CA ILE RA 54 -34.32 -57.14 39.98
C ILE RA 54 -34.56 -58.64 39.98
N ASP RA 55 -35.63 -59.05 39.28
CA ASP RA 55 -35.85 -60.44 38.92
C ASP RA 55 -35.01 -60.78 37.69
N SER RA 56 -34.89 -62.09 37.41
CA SER RA 56 -34.16 -62.53 36.23
C SER RA 56 -34.86 -62.13 34.94
N PHE RA 57 -36.20 -62.11 34.95
CA PHE RA 57 -36.94 -61.69 33.76
C PHE RA 57 -36.89 -60.18 33.56
N ILE RA 58 -36.59 -59.41 34.61
CA ILE RA 58 -36.42 -57.97 34.45
C ILE RA 58 -35.17 -57.67 33.63
N ALA RA 59 -34.08 -58.39 33.90
CA ALA RA 59 -32.87 -58.26 33.10
C ALA RA 59 -33.05 -58.75 31.67
N LYS RA 60 -33.99 -59.67 31.45
CA LYS RA 60 -34.35 -60.05 30.09
C LYS RA 60 -35.21 -58.97 29.43
N ILE RA 61 -36.16 -58.39 30.18
CA ILE RA 61 -37.04 -57.37 29.62
C ILE RA 61 -36.29 -56.06 29.43
N LEU RA 62 -35.48 -55.66 30.41
CA LEU RA 62 -34.59 -54.53 30.20
C LEU RA 62 -33.45 -54.89 29.26
N GLY RA 63 -33.14 -56.17 29.09
CA GLY RA 63 -32.29 -56.59 27.99
C GLY RA 63 -33.00 -56.60 26.65
N ASP RA 64 -34.33 -56.53 26.67
CA ASP RA 64 -35.10 -56.47 25.42
C ASP RA 64 -35.29 -55.03 24.96
N VAL RA 65 -35.82 -54.17 25.83
CA VAL RA 65 -36.30 -52.84 25.42
C VAL RA 65 -35.15 -51.86 25.18
N VAL RA 66 -33.91 -52.29 25.42
CA VAL RA 66 -32.77 -51.61 24.84
C VAL RA 66 -32.53 -52.09 23.41
N SER RA 67 -32.55 -53.41 23.20
CA SER RA 67 -32.42 -53.93 21.85
C SER RA 67 -33.70 -53.76 21.03
N MET RA 68 -34.84 -53.55 21.68
CA MET RA 68 -36.07 -53.30 20.95
C MET RA 68 -36.06 -51.91 20.33
N SER RA 69 -35.80 -50.88 21.14
CA SER RA 69 -35.79 -49.52 20.62
C SER RA 69 -34.54 -49.22 19.80
N LYS RA 70 -33.52 -50.06 19.85
CA LYS RA 70 -32.43 -49.96 18.89
C LYS RA 70 -32.90 -50.37 17.50
N LEU RA 71 -33.71 -51.41 17.43
CA LEU RA 71 -34.22 -51.88 16.14
C LEU RA 71 -35.28 -50.93 15.56
N MET RA 72 -35.95 -50.17 16.40
CA MET RA 72 -36.88 -49.15 15.93
C MET RA 72 -36.16 -47.91 15.41
N GLY RA 73 -34.86 -47.80 15.59
CA GLY RA 73 -34.13 -46.63 15.13
C GLY RA 73 -33.94 -45.57 16.18
N ALA RA 74 -33.40 -45.95 17.34
CA ALA RA 74 -33.12 -44.99 18.41
C ALA RA 74 -31.92 -45.46 19.19
N LYS RA 75 -30.93 -44.60 19.36
CA LYS RA 75 -29.69 -44.92 20.08
C LYS RA 75 -29.97 -44.77 21.58
N VAL RA 76 -30.60 -45.79 22.14
CA VAL RA 76 -31.08 -45.73 23.51
C VAL RA 76 -29.92 -45.91 24.48
N VAL RA 77 -29.93 -45.11 25.55
CA VAL RA 77 -28.92 -45.18 26.59
C VAL RA 77 -29.55 -45.70 27.87
N VAL RA 78 -28.70 -46.02 28.85
CA VAL RA 78 -29.12 -46.43 30.18
C VAL RA 78 -28.30 -45.64 31.17
N THR RA 79 -28.96 -44.88 32.04
CA THR RA 79 -28.32 -43.89 32.88
C THR RA 79 -28.51 -44.21 34.35
N GLY RA 80 -27.40 -44.26 35.09
CA GLY RA 80 -27.45 -44.34 36.54
C GLY RA 80 -27.81 -45.70 37.08
N ILE RA 81 -27.00 -46.71 36.76
CA ILE RA 81 -27.20 -48.04 37.33
C ILE RA 81 -26.61 -48.06 38.73
N GLN RA 82 -27.40 -48.52 39.70
CA GLN RA 82 -26.95 -48.62 41.08
C GLN RA 82 -25.88 -49.72 41.21
N PRO RA 83 -25.06 -49.66 42.27
CA PRO RA 83 -24.04 -50.71 42.44
C PRO RA 83 -24.59 -52.10 42.70
N ALA RA 84 -25.59 -52.22 43.58
CA ALA RA 84 -26.08 -53.54 43.96
C ALA RA 84 -26.83 -54.23 42.82
N VAL RA 85 -27.47 -53.47 41.95
CA VAL RA 85 -28.07 -54.08 40.76
C VAL RA 85 -27.00 -54.35 39.71
N ALA RA 86 -25.90 -53.58 39.71
CA ALA RA 86 -24.78 -53.92 38.85
C ALA RA 86 -23.96 -55.09 39.38
N ILE RA 87 -24.07 -55.38 40.68
CA ILE RA 87 -23.41 -56.56 41.24
C ILE RA 87 -24.06 -57.84 40.71
N THR RA 88 -25.38 -57.88 40.67
CA THR RA 88 -26.10 -59.09 40.26
C THR RA 88 -26.22 -59.23 38.75
N LEU RA 89 -25.46 -58.48 37.96
CA LEU RA 89 -25.32 -58.74 36.54
C LEU RA 89 -24.00 -59.41 36.19
N ILE RA 90 -23.12 -59.63 37.17
CA ILE RA 90 -21.90 -60.38 36.92
C ILE RA 90 -22.14 -61.88 37.01
N GLU RA 91 -23.28 -62.29 37.57
CA GLU RA 91 -23.65 -63.69 37.65
C GLU RA 91 -24.63 -64.08 36.55
N LEU RA 92 -25.73 -63.35 36.44
CA LEU RA 92 -26.61 -63.48 35.28
C LEU RA 92 -25.89 -62.92 34.06
N GLY RA 93 -25.45 -63.81 33.17
CA GLY RA 93 -24.57 -63.43 32.09
C GLY RA 93 -25.20 -62.64 30.95
N ILE RA 94 -25.80 -61.50 31.26
CA ILE RA 94 -26.24 -60.60 30.21
C ILE RA 94 -25.03 -59.90 29.59
N THR RA 95 -25.23 -59.35 28.41
CA THR RA 95 -24.14 -58.93 27.53
C THR RA 95 -24.40 -57.49 27.08
N PHE RA 96 -24.57 -56.60 28.05
CA PHE RA 96 -24.94 -55.21 27.75
C PHE RA 96 -23.80 -54.43 27.10
N SER RA 97 -23.47 -54.77 25.85
CA SER RA 97 -22.56 -54.01 25.03
C SER RA 97 -23.33 -53.49 23.82
N GLY RA 98 -22.88 -52.35 23.30
CA GLY RA 98 -23.68 -51.65 22.31
C GLY RA 98 -24.93 -51.02 22.89
N VAL RA 99 -24.97 -50.83 24.20
CA VAL RA 99 -26.12 -50.22 24.86
C VAL RA 99 -25.83 -48.79 25.28
N LEU RA 100 -24.56 -48.37 25.29
CA LEU RA 100 -24.11 -47.00 25.49
C LEU RA 100 -24.58 -46.44 26.84
N SER RA 101 -24.10 -47.06 27.91
CA SER RA 101 -24.46 -46.63 29.25
C SER RA 101 -23.80 -45.29 29.58
N ALA RA 102 -24.30 -44.66 30.64
CA ALA RA 102 -23.83 -43.35 31.05
C ALA RA 102 -23.71 -43.34 32.57
N MET RA 103 -23.57 -42.13 33.14
CA MET RA 103 -23.33 -41.97 34.57
C MET RA 103 -24.53 -41.41 35.31
N ASP RA 104 -25.11 -40.32 34.82
CA ASP RA 104 -26.28 -39.72 35.44
C ASP RA 104 -27.10 -39.04 34.35
N LEU RA 105 -28.23 -38.44 34.75
CA LEU RA 105 -29.15 -37.88 33.78
C LEU RA 105 -28.65 -36.58 33.16
N GLU RA 106 -27.72 -35.89 33.83
CA GLU RA 106 -27.13 -34.70 33.24
C GLU RA 106 -26.17 -35.06 32.11
N SER RA 107 -25.14 -35.87 32.42
CA SER RA 107 -24.18 -36.28 31.41
C SER RA 107 -24.75 -37.27 30.42
N GLY RA 108 -25.81 -38.00 30.80
CA GLY RA 108 -26.44 -38.93 29.88
C GLY RA 108 -27.22 -38.26 28.78
N LEU RA 109 -27.57 -36.98 28.95
CA LEU RA 109 -28.29 -36.27 27.90
C LEU RA 109 -27.35 -35.91 26.76
N GLU RA 110 -26.27 -35.19 27.06
CA GLU RA 110 -25.36 -34.70 26.03
C GLU RA 110 -24.52 -35.80 25.42
N LYS RA 111 -24.36 -36.93 26.11
CA LYS RA 111 -23.64 -38.06 25.52
C LYS RA 111 -24.41 -38.65 24.35
N LEU RA 112 -25.73 -38.81 24.50
CA LEU RA 112 -26.57 -39.17 23.36
C LEU RA 112 -26.69 -38.02 22.37
N LYS RA 113 -26.77 -36.79 22.88
CA LYS RA 113 -26.96 -35.63 22.02
C LYS RA 113 -25.73 -35.33 21.17
N GLN RA 114 -24.54 -35.75 21.61
CA GLN RA 114 -23.36 -35.67 20.76
C GLN RA 114 -23.34 -36.75 19.70
N GLU RA 115 -24.13 -37.82 19.88
CA GLU RA 115 -24.22 -38.91 18.92
C GLU RA 115 -25.35 -38.73 17.92
N LEU RA 116 -25.88 -37.51 17.79
CA LEU RA 116 -27.00 -37.27 16.88
C LEU RA 116 -26.93 -35.81 16.44
N GLY RA 117 -26.37 -35.57 15.25
CA GLY RA 117 -26.39 -34.25 14.65
C GLY RA 117 -25.45 -33.25 15.32
N GLU RA 118 -25.79 -32.86 16.54
CA GLU RA 118 -24.94 -32.01 17.35
C GLU RA 118 -23.97 -32.91 18.11
N MET SA 1 -42.04 -41.50 44.48
CA MET SA 1 -43.05 -42.53 44.32
C MET SA 1 -44.21 -42.01 43.47
N GLY SA 2 -44.02 -42.03 42.15
CA GLY SA 2 -45.00 -41.50 41.22
C GLY SA 2 -44.85 -40.02 40.92
N ILE SA 3 -44.03 -39.31 41.67
CA ILE SA 3 -43.80 -37.87 41.47
C ILE SA 3 -42.31 -37.61 41.39
N PRO SA 4 -41.60 -38.14 40.38
CA PRO SA 4 -40.14 -38.20 40.45
C PRO SA 4 -39.49 -36.89 39.98
N ILE SA 5 -38.79 -36.23 40.89
CA ILE SA 5 -37.89 -35.15 40.50
C ILE SA 5 -36.71 -35.74 39.73
N LEU SA 6 -36.17 -34.95 38.80
CA LEU SA 6 -35.02 -35.40 38.03
C LEU SA 6 -34.21 -34.19 37.60
N LYS SA 7 -32.91 -34.25 37.84
CA LYS SA 7 -32.03 -33.13 37.53
C LYS SA 7 -31.73 -33.10 36.03
N LEU SA 8 -31.37 -31.92 35.54
CA LEU SA 8 -30.93 -31.79 34.16
C LEU SA 8 -29.76 -30.81 34.04
N GLY SA 9 -29.30 -30.27 35.16
CA GLY SA 9 -28.22 -29.30 35.17
C GLY SA 9 -28.77 -27.90 35.35
N GLU SA 10 -28.77 -27.42 36.59
CA GLU SA 10 -29.37 -26.17 37.06
C GLU SA 10 -30.86 -26.05 36.77
N CYS SA 11 -31.54 -27.13 36.38
CA CYS SA 11 -32.96 -27.15 36.11
C CYS SA 11 -33.52 -28.49 36.57
N LEU SA 12 -34.70 -28.46 37.19
CA LEU SA 12 -35.33 -29.66 37.74
C LEU SA 12 -36.69 -29.85 37.08
N LEU SA 13 -36.77 -30.81 36.16
CA LEU SA 13 -38.04 -31.18 35.57
C LEU SA 13 -38.82 -32.06 36.55
N ILE SA 14 -40.12 -32.18 36.29
CA ILE SA 14 -41.01 -33.00 37.12
C ILE SA 14 -42.21 -33.37 36.26
N SER SA 15 -42.91 -34.42 36.66
CA SER SA 15 -44.16 -34.81 36.03
C SER SA 15 -45.20 -35.06 37.12
N ILE SA 16 -46.46 -35.13 36.70
CA ILE SA 16 -47.57 -35.46 37.58
C ILE SA 16 -48.47 -36.45 36.85
N GLN SA 17 -48.70 -37.61 37.47
CA GLN SA 17 -49.49 -38.67 36.87
C GLN SA 17 -50.97 -38.39 37.07
N SER SA 18 -51.81 -39.40 36.84
CA SER SA 18 -53.26 -39.27 36.97
C SER SA 18 -53.61 -39.11 38.45
N GLU SA 19 -53.85 -37.87 38.86
CA GLU SA 19 -54.17 -37.58 40.25
C GLU SA 19 -55.65 -37.79 40.52
N LEU SA 20 -55.96 -38.37 41.69
CA LEU SA 20 -57.33 -38.52 42.12
C LEU SA 20 -57.50 -38.26 43.62
N ASP SA 21 -56.60 -37.49 44.23
CA ASP SA 21 -56.57 -37.43 45.69
C ASP SA 21 -55.88 -36.15 46.15
N ASP SA 22 -56.46 -35.52 47.19
CA ASP SA 22 -55.77 -34.44 47.89
C ASP SA 22 -54.65 -34.97 48.78
N HIS SA 23 -54.65 -36.27 49.08
CA HIS SA 23 -53.56 -36.86 49.85
C HIS SA 23 -52.26 -36.89 49.07
N THR SA 24 -52.33 -36.86 47.73
CA THR SA 24 -51.12 -36.67 46.93
C THR SA 24 -50.59 -35.25 47.10
N ALA SA 25 -51.49 -34.26 47.17
CA ALA SA 25 -51.11 -32.86 47.22
C ALA SA 25 -50.38 -32.48 48.51
N VAL SA 26 -50.56 -33.24 49.59
CA VAL SA 26 -49.72 -33.05 50.76
C VAL SA 26 -48.47 -33.93 50.72
N GLU SA 27 -48.47 -34.98 49.91
CA GLU SA 27 -47.26 -35.75 49.68
C GLU SA 27 -46.33 -35.04 48.70
N PHE SA 28 -46.91 -34.42 47.67
CA PHE SA 28 -46.13 -33.85 46.57
C PHE SA 28 -45.42 -32.57 46.95
N GLN SA 29 -46.03 -31.76 47.83
CA GLN SA 29 -45.47 -30.46 48.21
C GLN SA 29 -44.14 -30.60 48.93
N GLU SA 30 -43.94 -31.72 49.65
CA GLU SA 30 -42.70 -31.91 50.41
C GLU SA 30 -41.52 -32.17 49.50
N ASP SA 31 -41.66 -33.10 48.55
CA ASP SA 31 -40.53 -33.54 47.75
C ASP SA 31 -40.09 -32.49 46.74
N LEU SA 32 -40.99 -31.59 46.36
CA LEU SA 32 -40.59 -30.50 45.47
C LEU SA 32 -39.72 -29.49 46.20
N LEU SA 33 -40.09 -29.14 47.43
CA LEU SA 33 -39.31 -28.18 48.20
C LEU SA 33 -38.06 -28.80 48.79
N ALA SA 34 -38.06 -30.10 49.05
CA ALA SA 34 -36.89 -30.74 49.65
C ALA SA 34 -35.78 -30.93 48.62
N LYS SA 35 -36.15 -31.33 47.40
CA LYS SA 35 -35.14 -31.54 46.36
C LYS SA 35 -34.54 -30.22 45.90
N ILE SA 36 -35.36 -29.17 45.84
CA ILE SA 36 -34.86 -27.85 45.47
C ILE SA 36 -34.05 -27.23 46.61
N HIS SA 37 -34.20 -27.76 47.83
CA HIS SA 37 -33.34 -27.33 48.93
C HIS SA 37 -31.96 -27.96 48.80
N GLU SA 38 -31.91 -29.26 48.55
CA GLU SA 38 -30.64 -29.97 48.49
C GLU SA 38 -29.90 -29.67 47.18
N THR SA 39 -30.53 -29.97 46.05
CA THR SA 39 -29.97 -29.56 44.77
C THR SA 39 -30.17 -28.06 44.60
N SER SA 40 -29.08 -27.35 44.33
CA SER SA 40 -29.13 -25.89 44.19
C SER SA 40 -29.67 -25.56 42.81
N ALA SA 41 -30.98 -25.68 42.66
CA ALA SA 41 -31.63 -25.44 41.38
C ALA SA 41 -31.78 -23.95 41.13
N ARG SA 42 -32.16 -23.61 39.90
CA ARG SA 42 -32.41 -22.23 39.53
C ARG SA 42 -33.64 -22.06 38.66
N GLY SA 43 -34.33 -23.14 38.30
CA GLY SA 43 -35.60 -23.08 37.60
C GLY SA 43 -36.26 -24.43 37.50
N VAL SA 44 -37.54 -24.51 37.84
CA VAL SA 44 -38.27 -25.78 37.90
C VAL SA 44 -39.39 -25.75 36.86
N VAL SA 45 -39.43 -26.77 36.00
CA VAL SA 45 -40.44 -26.90 34.97
C VAL SA 45 -41.39 -28.01 35.39
N ILE SA 46 -42.67 -27.68 35.52
CA ILE SA 46 -43.71 -28.62 35.95
C ILE SA 46 -44.55 -29.00 34.74
N ASP SA 47 -44.81 -30.31 34.60
CA ASP SA 47 -45.61 -30.84 33.50
C ASP SA 47 -46.87 -31.45 34.10
N ILE SA 48 -48.03 -30.91 33.72
CA ILE SA 48 -49.31 -31.34 34.29
C ILE SA 48 -50.24 -31.83 33.20
N THR SA 49 -49.68 -32.43 32.16
CA THR SA 49 -50.45 -32.80 30.97
C THR SA 49 -51.43 -33.94 31.25
N SER SA 50 -51.09 -34.85 32.16
CA SER SA 50 -51.85 -36.07 32.36
C SER SA 50 -52.95 -35.93 33.41
N ILE SA 51 -53.50 -34.74 33.59
CA ILE SA 51 -54.62 -34.53 34.51
C ILE SA 51 -55.83 -34.11 33.70
N ASP SA 52 -57.00 -34.64 34.07
CA ASP SA 52 -58.26 -34.23 33.45
C ASP SA 52 -58.97 -33.14 34.22
N PHE SA 53 -58.78 -33.07 35.53
CA PHE SA 53 -59.47 -32.11 36.39
C PHE SA 53 -58.71 -31.99 37.70
N ILE SA 54 -58.55 -30.76 38.18
CA ILE SA 54 -57.91 -30.47 39.46
C ILE SA 54 -58.95 -29.83 40.36
N ASP SA 55 -59.15 -30.40 41.55
CA ASP SA 55 -60.09 -29.84 42.51
C ASP SA 55 -59.56 -28.52 43.07
N SER SA 56 -60.49 -27.69 43.54
CA SER SA 56 -60.15 -26.34 44.02
C SER SA 56 -59.27 -26.37 45.27
N PHE SA 57 -59.33 -27.43 46.06
CA PHE SA 57 -58.40 -27.56 47.18
C PHE SA 57 -57.01 -27.93 46.67
N ILE SA 58 -56.93 -28.73 45.61
CA ILE SA 58 -55.63 -29.12 45.07
C ILE SA 58 -55.01 -27.97 44.31
N ALA SA 59 -55.81 -27.20 43.56
CA ALA SA 59 -55.31 -26.04 42.86
C ALA SA 59 -54.92 -24.91 43.80
N LYS SA 60 -55.44 -24.93 45.03
CA LYS SA 60 -54.90 -24.06 46.07
C LYS SA 60 -53.48 -24.48 46.45
N ILE SA 61 -53.19 -25.78 46.38
CA ILE SA 61 -51.86 -26.27 46.73
C ILE SA 61 -50.90 -26.10 45.55
N LEU SA 62 -51.32 -26.53 44.36
CA LEU SA 62 -50.48 -26.40 43.18
C LEU SA 62 -50.33 -24.94 42.76
N GLY SA 63 -51.33 -24.11 43.04
CA GLY SA 63 -51.21 -22.69 42.80
C GLY SA 63 -50.38 -21.94 43.82
N ASP SA 64 -49.95 -22.60 44.89
CA ASP SA 64 -49.10 -22.00 45.90
C ASP SA 64 -47.65 -22.44 45.80
N VAL SA 65 -47.39 -23.67 45.35
CA VAL SA 65 -46.03 -24.16 45.18
C VAL SA 65 -45.30 -23.48 44.04
N VAL SA 66 -46.01 -22.72 43.19
CA VAL SA 66 -45.33 -21.85 42.24
C VAL SA 66 -44.80 -20.60 42.93
N SER SA 67 -45.25 -20.32 44.16
CA SER SA 67 -44.75 -19.19 44.92
C SER SA 67 -43.76 -19.60 46.00
N MET SA 68 -43.92 -20.78 46.59
CA MET SA 68 -42.96 -21.27 47.58
C MET SA 68 -41.61 -21.56 46.94
N SER SA 69 -41.62 -22.22 45.79
CA SER SA 69 -40.37 -22.43 45.07
C SER SA 69 -39.84 -21.15 44.46
N LYS SA 70 -40.71 -20.18 44.19
CA LYS SA 70 -40.24 -18.86 43.80
C LYS SA 70 -39.58 -18.17 44.99
N LEU SA 71 -40.20 -18.26 46.17
CA LEU SA 71 -39.61 -17.71 47.39
C LEU SA 71 -38.37 -18.49 47.79
N MET SA 72 -38.28 -19.77 47.43
CA MET SA 72 -37.06 -20.51 47.62
C MET SA 72 -35.95 -19.96 46.74
N GLY SA 73 -36.28 -19.47 45.55
CA GLY SA 73 -35.31 -18.77 44.74
C GLY SA 73 -35.16 -19.26 43.31
N ALA SA 74 -36.13 -20.03 42.82
CA ALA SA 74 -36.09 -20.54 41.46
C ALA SA 74 -37.38 -20.19 40.74
N LYS SA 75 -37.25 -19.75 39.49
CA LYS SA 75 -38.42 -19.37 38.71
C LYS SA 75 -39.17 -20.63 38.29
N VAL SA 76 -40.43 -20.73 38.71
CA VAL SA 76 -41.26 -21.86 38.35
C VAL SA 76 -41.84 -21.60 36.97
N VAL SA 77 -41.92 -22.64 36.14
CA VAL SA 77 -42.53 -22.57 34.82
C VAL SA 77 -43.50 -23.73 34.69
N VAL SA 78 -44.76 -23.43 34.47
CA VAL SA 78 -45.81 -24.45 34.40
C VAL SA 78 -46.11 -24.73 32.93
N THR SA 79 -45.81 -25.94 32.49
CA THR SA 79 -46.01 -26.34 31.10
C THR SA 79 -47.00 -27.48 31.01
N GLY SA 80 -47.55 -27.67 29.81
CA GLY SA 80 -48.43 -28.77 29.52
C GLY SA 80 -49.76 -28.68 30.25
N ILE SA 81 -50.57 -27.68 29.93
CA ILE SA 81 -51.83 -27.45 30.61
C ILE SA 81 -52.95 -27.87 29.69
N GLN SA 82 -53.76 -28.81 30.15
CA GLN SA 82 -54.99 -29.14 29.44
C GLN SA 82 -55.97 -27.97 29.57
N PRO SA 83 -56.72 -27.65 28.53
CA PRO SA 83 -57.54 -26.45 28.56
C PRO SA 83 -58.81 -26.60 29.38
N ALA SA 84 -59.29 -27.84 29.54
CA ALA SA 84 -60.52 -28.09 30.25
C ALA SA 84 -60.40 -27.87 31.75
N VAL SA 85 -59.18 -27.82 32.29
CA VAL SA 85 -59.00 -27.47 33.70
C VAL SA 85 -58.82 -25.96 33.85
N ALA SA 86 -58.51 -25.25 32.76
CA ALA SA 86 -58.37 -23.80 32.84
C ALA SA 86 -59.71 -23.10 33.02
N ILE SA 87 -60.78 -23.72 32.52
CA ILE SA 87 -62.12 -23.19 32.76
C ILE SA 87 -62.50 -23.35 34.23
N THR SA 88 -62.02 -24.41 34.88
CA THR SA 88 -62.21 -24.56 36.31
C THR SA 88 -61.31 -23.65 37.12
N LEU SA 89 -60.24 -23.13 36.51
CA LEU SA 89 -59.39 -22.14 37.15
C LEU SA 89 -59.86 -20.72 36.93
N ILE SA 90 -61.00 -20.54 36.24
CA ILE SA 90 -61.55 -19.20 36.06
C ILE SA 90 -62.11 -18.67 37.37
N GLU SA 91 -63.00 -19.45 38.00
CA GLU SA 91 -63.68 -19.02 39.22
C GLU SA 91 -62.75 -18.90 40.41
N LEU SA 92 -61.59 -19.57 40.37
CA LEU SA 92 -60.59 -19.39 41.41
C LEU SA 92 -59.96 -18.00 41.30
N GLY SA 93 -59.54 -17.47 42.45
CA GLY SA 93 -58.90 -16.17 42.49
C GLY SA 93 -57.49 -16.19 41.98
N ILE SA 94 -57.33 -16.39 40.67
CA ILE SA 94 -56.03 -16.67 40.06
C ILE SA 94 -55.35 -15.34 39.71
N THR SA 95 -54.18 -15.12 40.30
CA THR SA 95 -53.35 -13.96 40.02
C THR SA 95 -52.00 -14.42 39.47
N PHE SA 96 -52.04 -15.35 38.51
CA PHE SA 96 -50.84 -16.04 38.03
C PHE SA 96 -49.98 -15.10 37.20
N SER SA 97 -49.21 -14.26 37.90
CA SER SA 97 -48.23 -13.38 37.31
C SER SA 97 -46.84 -13.86 37.73
N GLY SA 98 -45.94 -13.94 36.75
CA GLY SA 98 -44.63 -14.50 37.01
C GLY SA 98 -44.57 -16.00 37.03
N VAL SA 99 -45.68 -16.68 36.77
CA VAL SA 99 -45.67 -18.13 36.70
C VAL SA 99 -45.07 -18.61 35.38
N LEU SA 100 -45.11 -17.76 34.34
CA LEU SA 100 -44.44 -17.99 33.04
C LEU SA 100 -44.90 -19.29 32.39
N SER SA 101 -46.19 -19.34 32.07
CA SER SA 101 -46.77 -20.57 31.54
C SER SA 101 -46.32 -20.81 30.10
N ALA SA 102 -46.56 -22.02 29.63
CA ALA SA 102 -46.15 -22.44 28.29
C ALA SA 102 -47.15 -23.46 27.78
N MET SA 103 -46.79 -24.16 26.71
CA MET SA 103 -47.73 -25.07 26.07
C MET SA 103 -47.32 -26.53 26.15
N ASP SA 104 -46.08 -26.86 25.78
CA ASP SA 104 -45.57 -28.21 25.88
C ASP SA 104 -44.18 -28.17 26.53
N LEU SA 105 -43.56 -29.35 26.63
CA LEU SA 105 -42.29 -29.45 27.34
C LEU SA 105 -41.13 -28.92 26.52
N GLU SA 106 -41.22 -28.95 25.19
CA GLU SA 106 -40.24 -28.24 24.37
C GLU SA 106 -40.35 -26.75 24.58
N SER SA 107 -41.57 -26.25 24.78
CA SER SA 107 -41.79 -24.86 25.14
C SER SA 107 -41.38 -24.54 26.56
N GLY SA 108 -41.07 -25.54 27.38
CA GLY SA 108 -40.49 -25.31 28.69
C GLY SA 108 -39.06 -24.80 28.63
N LEU SA 109 -38.15 -25.62 28.13
CA LEU SA 109 -36.74 -25.24 28.13
C LEU SA 109 -36.39 -24.24 27.04
N GLU SA 110 -37.23 -24.06 26.02
CA GLU SA 110 -36.97 -22.97 25.10
C GLU SA 110 -37.35 -21.62 25.67
N LYS SA 111 -38.09 -21.61 26.79
CA LYS SA 111 -38.47 -20.39 27.47
C LYS SA 111 -37.62 -20.11 28.70
N LEU SA 112 -37.52 -21.10 29.61
CA LEU SA 112 -36.88 -20.85 30.90
C LEU SA 112 -35.36 -20.82 30.80
N LYS SA 113 -34.79 -21.82 30.11
CA LYS SA 113 -33.33 -21.89 29.96
C LYS SA 113 -32.79 -20.71 29.16
N GLN SA 114 -33.59 -20.22 28.20
CA GLN SA 114 -33.27 -18.95 27.55
C GLN SA 114 -33.30 -17.79 28.54
N GLU SA 115 -34.29 -17.78 29.43
CA GLU SA 115 -34.49 -16.66 30.35
C GLU SA 115 -33.79 -16.84 31.70
N LEU SA 116 -32.71 -17.62 31.74
CA LEU SA 116 -32.03 -17.86 33.02
C LEU SA 116 -30.55 -18.14 32.76
N GLY SA 117 -29.73 -17.10 32.87
CA GLY SA 117 -28.29 -17.25 32.92
C GLY SA 117 -27.57 -17.41 31.59
N GLU SA 118 -28.19 -18.12 30.65
CA GLU SA 118 -27.54 -18.44 29.39
C GLU SA 118 -27.52 -17.24 28.46
N MET TA 1 44.74 -35.75 48.07
CA MET TA 1 44.63 -37.18 48.27
C MET TA 1 43.22 -37.58 48.68
N GLY TA 2 42.48 -38.18 47.74
CA GLY TA 2 41.13 -38.59 47.98
C GLY TA 2 40.07 -37.52 47.80
N ILE TA 3 40.47 -36.31 47.38
CA ILE TA 3 39.52 -35.23 47.11
C ILE TA 3 39.76 -34.73 45.69
N PRO TA 4 39.05 -35.24 44.71
CA PRO TA 4 39.26 -34.77 43.33
C PRO TA 4 38.52 -33.47 43.02
N ILE TA 5 39.14 -32.33 43.31
CA ILE TA 5 38.60 -31.05 42.91
C ILE TA 5 38.70 -30.93 41.39
N LEU TA 6 37.63 -30.50 40.74
CA LEU TA 6 37.51 -30.64 39.30
C LEU TA 6 37.53 -29.35 38.51
N LYS TA 7 37.14 -28.22 39.12
CA LYS TA 7 37.15 -26.85 38.57
C LYS TA 7 36.60 -26.75 37.14
N LEU TA 8 35.32 -27.05 37.01
CA LEU TA 8 34.65 -27.12 35.71
C LEU TA 8 33.48 -26.14 35.66
N GLY TA 9 33.47 -25.29 34.64
CA GLY TA 9 32.34 -24.45 34.27
C GLY TA 9 31.84 -23.48 35.33
N GLU TA 10 32.75 -22.65 35.86
CA GLU TA 10 32.51 -21.70 36.96
C GLU TA 10 32.01 -22.38 38.23
N CYS TA 11 32.27 -23.68 38.39
CA CYS TA 11 31.87 -24.43 39.57
C CYS TA 11 32.97 -25.42 39.91
N LEU TA 12 32.85 -26.04 41.07
CA LEU TA 12 33.73 -27.12 41.49
C LEU TA 12 32.91 -28.37 41.72
N LEU TA 13 33.51 -29.52 41.43
CA LEU TA 13 32.83 -30.81 41.53
C LEU TA 13 33.66 -31.70 42.45
N ILE TA 14 33.21 -31.86 43.69
CA ILE TA 14 33.92 -32.64 44.70
C ILE TA 14 33.22 -34.00 44.75
N SER TA 15 33.70 -34.94 43.94
CA SER TA 15 33.16 -36.28 43.94
C SER TA 15 33.88 -37.07 45.03
N ILE TA 16 33.28 -37.09 46.21
CA ILE TA 16 33.91 -37.73 47.36
C ILE TA 16 33.73 -39.24 47.25
N GLN TA 17 34.81 -39.98 47.47
CA GLN TA 17 34.80 -41.44 47.51
C GLN TA 17 34.34 -41.93 48.88
N SER TA 18 34.60 -43.21 49.17
CA SER TA 18 34.22 -43.81 50.45
C SER TA 18 34.88 -43.07 51.62
N GLU TA 19 34.08 -42.81 52.65
CA GLU TA 19 34.51 -41.95 53.75
C GLU TA 19 35.45 -42.71 54.68
N LEU TA 20 36.59 -42.10 54.99
CA LEU TA 20 37.57 -42.76 55.85
C LEU TA 20 37.22 -42.57 57.33
N ASP TA 21 37.29 -41.33 57.80
CA ASP TA 21 37.08 -40.94 59.20
C ASP TA 21 37.14 -39.42 59.33
N ASP TA 22 36.91 -38.90 60.53
CA ASP TA 22 37.05 -37.47 60.79
C ASP TA 22 38.49 -37.06 61.07
N HIS TA 23 39.46 -37.95 60.86
CA HIS TA 23 40.86 -37.55 60.78
C HIS TA 23 41.24 -37.04 59.41
N THR TA 24 40.36 -37.21 58.42
CA THR TA 24 40.52 -36.64 57.10
C THR TA 24 39.57 -35.48 56.83
N ALA TA 25 38.56 -35.28 57.69
CA ALA TA 25 37.56 -34.25 57.45
C ALA TA 25 38.14 -32.86 57.60
N VAL TA 26 39.06 -32.67 58.56
CA VAL TA 26 39.77 -31.40 58.65
C VAL TA 26 40.74 -31.27 57.48
N GLU TA 27 41.34 -32.39 57.06
CA GLU TA 27 42.24 -32.38 55.92
C GLU TA 27 41.49 -32.10 54.62
N PHE TA 28 40.25 -32.58 54.52
CA PHE TA 28 39.40 -32.27 53.38
C PHE TA 28 38.98 -30.81 53.39
N GLN TA 29 38.79 -30.23 54.59
CA GLN TA 29 38.24 -28.90 54.72
C GLN TA 29 39.22 -27.82 54.26
N GLU TA 30 40.52 -28.07 54.42
CA GLU TA 30 41.51 -27.08 54.00
C GLU TA 30 41.61 -27.00 52.48
N ASP TA 31 41.52 -28.14 51.80
CA ASP TA 31 41.69 -28.16 50.36
C ASP TA 31 40.46 -27.63 49.63
N LEU TA 32 39.28 -27.76 50.23
CA LEU TA 32 38.06 -27.29 49.58
C LEU TA 32 38.00 -25.77 49.55
N LEU TA 33 38.32 -25.12 50.68
CA LEU TA 33 38.27 -23.67 50.74
C LEU TA 33 39.41 -23.04 49.96
N ALA TA 34 40.54 -23.73 49.84
CA ALA TA 34 41.65 -23.21 49.05
C ALA TA 34 41.32 -23.23 47.57
N LYS TA 35 40.53 -24.20 47.12
CA LYS TA 35 40.17 -24.28 45.71
C LYS TA 35 39.15 -23.24 45.30
N ILE TA 36 38.33 -22.75 46.23
CA ILE TA 36 37.42 -21.66 45.87
C ILE TA 36 38.20 -20.35 45.80
N HIS TA 37 39.24 -20.20 46.62
CA HIS TA 37 40.12 -19.04 46.52
C HIS TA 37 40.91 -19.05 45.22
N GLU TA 38 41.54 -20.18 44.91
CA GLU TA 38 42.38 -20.27 43.71
C GLU TA 38 41.52 -20.25 42.45
N THR TA 39 40.65 -21.23 42.28
CA THR TA 39 39.65 -21.20 41.22
C THR TA 39 38.47 -20.38 41.74
N SER TA 40 38.40 -19.11 41.35
CA SER TA 40 37.40 -18.19 41.88
C SER TA 40 36.04 -18.51 41.26
N ALA TA 41 35.38 -19.50 41.86
CA ALA TA 41 34.04 -19.92 41.45
C ALA TA 41 33.04 -19.56 42.54
N ARG TA 42 31.76 -19.69 42.20
CA ARG TA 42 30.69 -19.26 43.10
C ARG TA 42 29.64 -20.35 43.31
N GLY TA 43 29.97 -21.61 43.02
CA GLY TA 43 29.09 -22.72 43.28
C GLY TA 43 29.87 -24.01 43.47
N VAL TA 44 29.59 -24.74 44.54
CA VAL TA 44 30.34 -25.96 44.87
C VAL TA 44 29.36 -27.12 44.92
N VAL TA 45 29.66 -28.17 44.15
CA VAL TA 45 28.79 -29.34 44.04
C VAL TA 45 29.44 -30.52 44.75
N ILE TA 46 29.08 -30.72 46.02
CA ILE TA 46 29.59 -31.86 46.77
C ILE TA 46 28.81 -33.11 46.38
N ASP TA 47 29.53 -34.19 46.10
CA ASP TA 47 28.93 -35.48 45.76
C ASP TA 47 29.23 -36.47 46.88
N ILE TA 48 28.19 -36.95 47.55
CA ILE TA 48 28.36 -37.93 48.61
C ILE TA 48 27.66 -39.22 48.24
N THR TA 49 27.65 -39.53 46.94
CA THR TA 49 26.89 -40.67 46.42
C THR TA 49 27.47 -42.00 46.90
N SER TA 50 28.79 -42.17 46.78
CA SER TA 50 29.41 -43.41 47.23
C SER TA 50 29.51 -43.51 48.75
N ILE TA 51 29.37 -42.40 49.46
CA ILE TA 51 29.39 -42.41 50.92
C ILE TA 51 28.15 -43.12 51.43
N ASP TA 52 28.35 -44.10 52.31
CA ASP TA 52 27.25 -44.95 52.75
C ASP TA 52 26.91 -44.77 54.23
N PHE TA 53 27.80 -44.17 55.02
CA PHE TA 53 27.53 -43.95 56.44
C PHE TA 53 28.18 -42.65 56.88
N ILE TA 54 27.95 -42.29 58.14
CA ILE TA 54 28.45 -41.03 58.70
C ILE TA 54 28.57 -41.18 60.20
N ASP TA 55 29.39 -40.33 60.80
CA ASP TA 55 29.45 -40.16 62.25
C ASP TA 55 28.84 -38.82 62.60
N SER TA 56 28.48 -38.66 63.88
CA SER TA 56 27.87 -37.41 64.33
C SER TA 56 28.86 -36.25 64.28
N PHE TA 57 30.16 -36.53 64.49
CA PHE TA 57 31.15 -35.48 64.32
C PHE TA 57 31.33 -35.13 62.85
N ILE TA 58 31.24 -36.12 61.97
CA ILE TA 58 31.32 -35.86 60.53
C ILE TA 58 30.07 -35.13 60.06
N ALA TA 59 28.91 -35.44 60.65
CA ALA TA 59 27.68 -34.74 60.32
C ALA TA 59 27.70 -33.29 60.78
N LYS TA 60 28.47 -32.99 61.83
CA LYS TA 60 28.67 -31.61 62.22
C LYS TA 60 29.54 -30.88 61.21
N ILE TA 61 30.58 -31.53 60.71
CA ILE TA 61 31.55 -30.87 59.83
C ILE TA 61 30.96 -30.66 58.45
N LEU TA 62 30.32 -31.68 57.88
CA LEU TA 62 29.65 -31.52 56.60
C LEU TA 62 28.43 -30.61 56.70
N GLY TA 63 27.83 -30.50 57.89
CA GLY TA 63 26.83 -29.49 58.13
C GLY TA 63 27.38 -28.12 58.46
N ASP TA 64 28.70 -27.99 58.55
CA ASP TA 64 29.35 -26.71 58.81
C ASP TA 64 29.93 -26.11 57.54
N VAL TA 65 30.51 -26.94 56.67
CA VAL TA 65 31.18 -26.46 55.46
C VAL TA 65 30.20 -25.86 54.45
N VAL TA 66 28.91 -26.17 54.58
CA VAL TA 66 27.90 -25.43 53.83
C VAL TA 66 27.83 -23.99 54.32
N SER TA 67 27.86 -23.78 55.63
CA SER TA 67 27.90 -22.44 56.17
C SER TA 67 29.25 -21.78 56.02
N MET TA 68 30.31 -22.56 55.82
CA MET TA 68 31.64 -21.99 55.61
C MET TA 68 31.76 -21.38 54.22
N SER TA 69 31.56 -22.20 53.19
CA SER TA 69 31.75 -21.76 51.81
C SER TA 69 30.62 -20.86 51.32
N LYS TA 70 29.50 -20.79 52.02
CA LYS TA 70 28.52 -19.75 51.71
C LYS TA 70 29.04 -18.39 52.13
N LEU TA 71 29.73 -18.35 53.27
CA LEU TA 71 30.33 -17.09 53.73
C LEU TA 71 31.53 -16.72 52.88
N MET TA 72 32.20 -17.72 52.29
CA MET TA 72 33.27 -17.46 51.34
C MET TA 72 32.71 -16.86 50.06
N GLY TA 73 31.48 -17.22 49.68
CA GLY TA 73 30.86 -16.63 48.52
C GLY TA 73 30.43 -17.60 47.46
N ALA TA 74 30.11 -18.84 47.85
CA ALA TA 74 29.69 -19.85 46.89
C ALA TA 74 28.49 -20.61 47.43
N LYS TA 75 27.50 -20.82 46.56
CA LYS TA 75 26.38 -21.68 46.91
C LYS TA 75 26.83 -23.14 46.93
N VAL TA 76 26.20 -23.93 47.79
CA VAL TA 76 26.51 -25.35 47.95
C VAL TA 76 25.30 -26.14 47.53
N VAL TA 77 25.53 -27.29 46.88
CA VAL TA 77 24.48 -28.24 46.56
C VAL TA 77 24.92 -29.64 46.99
N VAL TA 78 24.46 -30.05 48.15
CA VAL TA 78 24.74 -31.40 48.66
C VAL TA 78 23.81 -32.34 47.91
N THR TA 79 24.33 -32.91 46.82
CA THR TA 79 23.53 -33.77 45.96
C THR TA 79 23.99 -35.21 46.05
N GLY TA 80 23.10 -36.11 45.65
CA GLY TA 80 23.40 -37.53 45.65
C GLY TA 80 23.57 -38.10 47.04
N ILE TA 81 22.50 -38.14 47.81
CA ILE TA 81 22.56 -38.64 49.18
C ILE TA 81 21.95 -40.03 49.21
N GLN TA 82 22.62 -40.96 49.90
CA GLN TA 82 22.07 -42.28 50.11
C GLN TA 82 20.87 -42.20 51.06
N PRO TA 83 19.92 -43.15 50.95
CA PRO TA 83 18.74 -43.10 51.83
C PRO TA 83 19.06 -43.34 53.30
N ALA TA 84 19.83 -44.38 53.60
CA ALA TA 84 20.09 -44.73 55.00
C ALA TA 84 21.00 -43.73 55.69
N VAL TA 85 21.85 -43.03 54.94
CA VAL TA 85 22.66 -41.97 55.54
C VAL TA 85 21.84 -40.70 55.70
N ALA TA 86 20.70 -40.58 55.02
CA ALA TA 86 19.80 -39.46 55.25
C ALA TA 86 18.98 -39.66 56.53
N ILE TA 87 18.73 -40.92 56.90
CA ILE TA 87 17.97 -41.21 58.11
C ILE TA 87 18.76 -40.82 59.36
N THR TA 88 20.08 -40.95 59.32
CA THR TA 88 20.90 -40.67 60.50
C THR TA 88 21.30 -39.20 60.60
N LEU TA 89 20.52 -38.29 60.02
CA LEU TA 89 20.60 -36.87 60.32
C LEU TA 89 19.47 -36.43 61.24
N ILE TA 90 19.00 -37.33 62.11
CA ILE TA 90 18.01 -36.98 63.13
C ILE TA 90 18.66 -36.21 64.25
N GLU TA 91 19.80 -36.71 64.75
CA GLU TA 91 20.47 -36.17 65.92
C GLU TA 91 21.11 -34.80 65.68
N LEU TA 92 21.20 -34.37 64.42
CA LEU TA 92 21.68 -33.02 64.15
C LEU TA 92 20.60 -32.02 64.54
N GLY TA 93 21.04 -30.84 64.95
CA GLY TA 93 20.14 -29.75 65.29
C GLY TA 93 19.63 -29.13 64.01
N ILE TA 94 18.63 -29.78 63.41
CA ILE TA 94 18.34 -29.69 61.98
C ILE TA 94 17.98 -28.27 61.57
N THR TA 95 18.86 -27.66 60.78
CA THR TA 95 18.75 -26.30 60.28
C THR TA 95 18.97 -26.27 58.78
N PHE TA 96 18.39 -27.25 58.08
CA PHE TA 96 18.71 -27.51 56.68
C PHE TA 96 17.90 -26.58 55.76
N SER TA 97 18.18 -25.29 55.89
CA SER TA 97 17.70 -24.28 54.96
C SER TA 97 18.90 -23.69 54.24
N GLY TA 98 18.74 -23.41 52.95
CA GLY TA 98 19.86 -22.91 52.17
C GLY TA 98 20.94 -23.93 51.88
N VAL TA 99 20.64 -25.21 52.04
CA VAL TA 99 21.62 -26.24 51.71
C VAL TA 99 21.49 -26.67 50.25
N LEU TA 100 20.29 -26.55 49.68
CA LEU TA 100 19.98 -26.79 48.27
C LEU TA 100 20.34 -28.23 47.85
N SER TA 101 19.62 -29.18 48.44
CA SER TA 101 19.79 -30.56 48.06
C SER TA 101 19.30 -30.81 46.64
N ALA TA 102 19.79 -31.90 46.04
CA ALA TA 102 19.44 -32.24 44.68
C ALA TA 102 19.59 -33.75 44.51
N MET TA 103 18.91 -34.27 43.49
CA MET TA 103 18.82 -35.71 43.32
C MET TA 103 20.07 -36.30 42.69
N ASP TA 104 20.35 -35.93 41.44
CA ASP TA 104 21.47 -36.51 40.70
C ASP TA 104 22.23 -35.38 40.02
N LEU TA 105 23.39 -35.74 39.44
CA LEU TA 105 24.37 -34.73 39.05
C LEU TA 105 23.96 -33.95 37.81
N GLU TA 106 23.14 -34.56 36.94
CA GLU TA 106 22.55 -33.77 35.86
C GLU TA 106 21.63 -32.69 36.42
N SER TA 107 20.74 -33.06 37.34
CA SER TA 107 19.90 -32.08 38.00
C SER TA 107 20.68 -31.25 39.01
N GLY TA 108 21.85 -31.74 39.45
CA GLY TA 108 22.65 -30.98 40.39
C GLY TA 108 23.27 -29.73 39.76
N LEU TA 109 23.83 -29.87 38.56
CA LEU TA 109 24.31 -28.70 37.85
C LEU TA 109 23.15 -27.87 37.29
N GLU TA 110 22.02 -28.52 37.02
CA GLU TA 110 20.88 -27.79 36.47
C GLU TA 110 20.20 -26.92 37.51
N LYS TA 111 20.42 -27.19 38.80
CA LYS TA 111 19.93 -26.27 39.83
C LYS TA 111 20.84 -25.05 39.95
N LEU TA 112 22.14 -25.22 39.70
CA LEU TA 112 23.06 -24.09 39.70
C LEU TA 112 23.20 -23.42 38.34
N LYS TA 113 22.72 -24.05 37.27
CA LYS TA 113 22.67 -23.35 36.00
C LYS TA 113 21.58 -22.30 35.99
N GLN TA 114 20.57 -22.45 36.86
CA GLN TA 114 19.57 -21.40 37.02
C GLN TA 114 20.13 -20.24 37.85
N GLU TA 115 20.70 -20.55 39.02
CA GLU TA 115 21.17 -19.49 39.91
C GLU TA 115 22.46 -18.84 39.44
N LEU TA 116 23.32 -19.59 38.77
CA LEU TA 116 24.60 -19.09 38.29
C LEU TA 116 24.72 -19.32 36.80
N GLY TA 117 25.44 -18.42 36.13
CA GLY TA 117 25.58 -18.48 34.69
C GLY TA 117 24.45 -17.83 33.91
N GLU TA 118 23.34 -17.51 34.56
CA GLU TA 118 22.24 -16.81 33.90
C GLU TA 118 22.04 -15.45 34.53
N MET UA 1 -36.74 46.54 -47.71
CA MET UA 1 -37.89 46.04 -48.46
C MET UA 1 -37.78 44.53 -48.69
N GLY UA 2 -38.37 43.75 -47.80
CA GLY UA 2 -38.41 42.31 -47.95
C GLY UA 2 -37.10 41.58 -47.75
N ILE UA 3 -36.09 42.25 -47.22
CA ILE UA 3 -34.78 41.65 -46.95
C ILE UA 3 -34.55 41.68 -45.45
N PRO UA 4 -34.84 40.58 -44.75
CA PRO UA 4 -34.89 40.62 -43.29
C PRO UA 4 -33.54 40.75 -42.58
N ILE UA 5 -33.62 40.90 -41.26
CA ILE UA 5 -32.47 41.14 -40.39
C ILE UA 5 -31.98 39.80 -39.86
N LEU UA 6 -30.66 39.66 -39.76
CA LEU UA 6 -30.02 38.37 -39.91
C LEU UA 6 -28.93 38.00 -38.89
N LYS UA 7 -28.42 38.94 -38.10
CA LYS UA 7 -27.20 38.68 -37.34
C LYS UA 7 -27.47 37.78 -36.13
N LEU UA 8 -26.67 36.72 -36.00
CA LEU UA 8 -26.77 35.80 -34.86
C LEU UA 8 -25.49 34.98 -34.75
N GLY UA 9 -24.81 35.09 -33.61
CA GLY UA 9 -23.77 34.16 -33.18
C GLY UA 9 -22.61 33.95 -34.13
N GLU UA 10 -22.16 35.02 -34.82
CA GLU UA 10 -21.18 34.97 -35.91
C GLU UA 10 -21.60 34.01 -37.01
N CYS UA 11 -22.91 34.01 -37.30
CA CYS UA 11 -23.48 33.33 -38.46
C CYS UA 11 -24.47 34.30 -39.07
N LEU UA 12 -25.28 33.81 -40.01
CA LEU UA 12 -26.22 34.68 -40.69
C LEU UA 12 -27.43 33.86 -41.13
N LEU UA 13 -28.60 34.47 -41.07
CA LEU UA 13 -29.84 33.81 -41.48
C LEU UA 13 -30.65 34.79 -42.32
N ILE UA 14 -30.39 34.84 -43.61
CA ILE UA 14 -31.28 35.53 -44.52
C ILE UA 14 -32.42 34.58 -44.87
N SER UA 15 -33.60 35.14 -45.15
CA SER UA 15 -34.74 34.37 -45.58
C SER UA 15 -35.30 34.99 -46.85
N ILE UA 16 -36.10 34.22 -47.57
CA ILE UA 16 -36.69 34.67 -48.83
C ILE UA 16 -38.16 34.26 -48.85
N GLN UA 17 -39.05 35.24 -48.93
CA GLN UA 17 -40.48 35.01 -49.05
C GLN UA 17 -40.86 34.99 -50.54
N SER UA 18 -42.15 35.17 -50.83
CA SER UA 18 -42.66 35.15 -52.21
C SER UA 18 -42.36 36.46 -52.93
N GLU UA 19 -41.06 36.74 -53.06
CA GLU UA 19 -40.53 37.92 -53.75
C GLU UA 19 -39.65 37.37 -54.86
N LEU UA 20 -40.28 37.12 -56.01
CA LEU UA 20 -39.72 36.19 -56.98
C LEU UA 20 -38.73 36.87 -57.92
N ASP UA 21 -39.18 37.95 -58.58
CA ASP UA 21 -38.58 38.42 -59.82
C ASP UA 21 -37.19 39.00 -59.61
N ASP UA 22 -36.44 39.05 -60.71
CA ASP UA 22 -35.09 39.61 -60.72
C ASP UA 22 -35.07 41.13 -60.77
N HIS UA 23 -36.22 41.79 -60.62
CA HIS UA 23 -36.26 43.19 -60.25
C HIS UA 23 -35.94 43.39 -58.78
N THR UA 24 -36.07 42.32 -57.98
CA THR UA 24 -35.68 42.29 -56.59
C THR UA 24 -34.36 41.58 -56.36
N ALA UA 25 -34.06 40.56 -57.17
CA ALA UA 25 -32.90 39.70 -56.95
C ALA UA 25 -31.59 40.45 -57.16
N VAL UA 26 -31.56 41.37 -58.13
CA VAL UA 26 -30.38 42.21 -58.31
C VAL UA 26 -30.21 43.14 -57.12
N GLU UA 27 -31.34 43.65 -56.59
CA GLU UA 27 -31.29 44.42 -55.34
C GLU UA 27 -30.97 43.51 -54.16
N PHE UA 28 -31.43 42.26 -54.19
CA PHE UA 28 -31.19 41.35 -53.08
C PHE UA 28 -29.74 40.89 -53.04
N GLN UA 29 -29.12 40.72 -54.21
CA GLN UA 29 -27.74 40.22 -54.28
C GLN UA 29 -26.76 41.21 -53.67
N GLU UA 30 -27.02 42.50 -53.85
CA GLU UA 30 -26.23 43.50 -53.16
C GLU UA 30 -26.52 43.53 -51.66
N ASP UA 31 -27.74 43.16 -51.27
CA ASP UA 31 -28.13 43.19 -49.86
C ASP UA 31 -27.52 42.05 -49.05
N LEU UA 32 -26.91 41.07 -49.70
CA LEU UA 32 -26.27 39.97 -48.99
C LEU UA 32 -24.76 40.13 -48.87
N LEU UA 33 -24.10 40.54 -49.95
CA LEU UA 33 -22.65 40.69 -49.93
C LEU UA 33 -22.23 41.89 -49.10
N ALA UA 34 -23.03 42.96 -49.13
CA ALA UA 34 -22.72 44.12 -48.29
C ALA UA 34 -22.99 43.82 -46.82
N LYS UA 35 -23.96 42.96 -46.54
CA LYS UA 35 -24.27 42.63 -45.14
C LYS UA 35 -23.21 41.70 -44.57
N ILE UA 36 -22.71 40.76 -45.36
CA ILE UA 36 -21.64 39.88 -44.89
C ILE UA 36 -20.30 40.61 -44.88
N HIS UA 37 -20.19 41.71 -45.62
CA HIS UA 37 -19.03 42.57 -45.50
C HIS UA 37 -19.02 43.30 -44.17
N GLU UA 38 -20.21 43.56 -43.60
CA GLU UA 38 -20.30 44.26 -42.33
C GLU UA 38 -20.01 43.34 -41.16
N THR UA 39 -20.83 42.30 -40.98
CA THR UA 39 -20.63 41.32 -39.92
C THR UA 39 -19.86 40.15 -40.50
N SER UA 40 -18.63 39.97 -40.04
CA SER UA 40 -17.76 38.91 -40.55
C SER UA 40 -18.24 37.57 -39.99
N ALA UA 41 -19.00 36.83 -40.79
CA ALA UA 41 -19.46 35.50 -40.42
C ALA UA 41 -18.86 34.47 -41.37
N ARG UA 42 -19.09 33.20 -41.05
CA ARG UA 42 -18.57 32.09 -41.83
C ARG UA 42 -19.63 31.21 -42.46
N GLY UA 43 -20.85 31.21 -41.92
CA GLY UA 43 -21.92 30.44 -42.52
C GLY UA 43 -23.17 31.26 -42.73
N VAL UA 44 -23.57 31.43 -43.97
CA VAL UA 44 -24.76 32.19 -44.33
C VAL UA 44 -25.85 31.22 -44.75
N VAL UA 45 -26.97 31.23 -44.04
CA VAL UA 45 -28.08 30.32 -44.31
C VAL UA 45 -29.13 31.08 -45.10
N ILE UA 46 -29.52 30.55 -46.25
CA ILE UA 46 -30.52 31.15 -47.11
C ILE UA 46 -31.74 30.23 -47.09
N ASP UA 47 -32.71 30.55 -46.23
CA ASP UA 47 -33.91 29.74 -46.11
C ASP UA 47 -34.89 30.14 -47.20
N ILE UA 48 -35.17 29.23 -48.13
CA ILE UA 48 -36.03 29.52 -49.27
C ILE UA 48 -37.24 28.58 -49.27
N THR UA 49 -37.69 28.20 -48.08
CA THR UA 49 -38.75 27.19 -47.95
C THR UA 49 -40.12 27.72 -48.40
N SER UA 50 -40.29 29.04 -48.47
CA SER UA 50 -41.60 29.62 -48.73
C SER UA 50 -42.00 29.50 -50.20
N ILE UA 51 -41.15 29.96 -51.10
CA ILE UA 51 -41.55 30.13 -52.50
C ILE UA 51 -41.55 28.79 -53.22
N ASP UA 52 -42.45 28.65 -54.19
CA ASP UA 52 -42.56 27.44 -55.00
C ASP UA 52 -42.21 27.65 -56.47
N PHE UA 53 -42.09 28.89 -56.94
CA PHE UA 53 -41.85 29.18 -58.35
C PHE UA 53 -40.56 29.97 -58.48
N ILE UA 54 -39.68 29.53 -59.39
CA ILE UA 54 -38.45 30.23 -59.71
C ILE UA 54 -38.23 30.14 -61.22
N ASP UA 55 -38.08 31.30 -61.87
CA ASP UA 55 -37.80 31.39 -63.30
C ASP UA 55 -36.33 31.08 -63.56
N SER UA 56 -36.05 30.66 -64.81
CA SER UA 56 -34.71 30.24 -65.19
C SER UA 56 -33.68 31.37 -65.17
N PHE UA 57 -34.12 32.62 -65.26
CA PHE UA 57 -33.19 33.74 -65.06
C PHE UA 57 -32.84 33.92 -63.60
N ILE UA 58 -33.75 33.57 -62.69
CA ILE UA 58 -33.47 33.71 -61.26
C ILE UA 58 -32.54 32.60 -60.80
N ALA UA 59 -32.62 31.42 -61.43
CA ALA UA 59 -31.87 30.26 -60.99
C ALA UA 59 -30.38 30.44 -61.20
N LYS UA 60 -29.97 31.15 -62.26
CA LYS UA 60 -28.56 31.49 -62.41
C LYS UA 60 -28.13 32.49 -61.34
N ILE UA 61 -28.96 33.50 -61.08
CA ILE UA 61 -28.61 34.56 -60.15
C ILE UA 61 -28.60 34.03 -58.72
N LEU UA 62 -29.57 33.18 -58.38
CA LEU UA 62 -29.53 32.52 -57.08
C LEU UA 62 -28.43 31.46 -57.04
N GLY UA 63 -28.08 30.89 -58.19
CA GLY UA 63 -26.90 30.04 -58.28
C GLY UA 63 -25.59 30.79 -58.36
N ASP UA 64 -25.63 32.11 -58.55
CA ASP UA 64 -24.42 32.91 -58.61
C ASP UA 64 -24.00 33.45 -57.26
N VAL UA 65 -24.98 33.83 -56.42
CA VAL UA 65 -24.68 34.43 -55.12
C VAL UA 65 -24.07 33.42 -54.17
N VAL UA 66 -24.37 32.13 -54.36
CA VAL UA 66 -23.69 31.09 -53.59
C VAL UA 66 -22.23 30.99 -54.02
N SER UA 67 -21.92 31.29 -55.28
CA SER UA 67 -20.54 31.33 -55.72
C SER UA 67 -19.87 32.66 -55.41
N MET UA 68 -20.66 33.73 -55.29
CA MET UA 68 -20.09 35.03 -54.92
C MET UA 68 -19.70 35.05 -53.46
N SER UA 69 -20.65 34.72 -52.58
CA SER UA 69 -20.38 34.79 -51.15
C SER UA 69 -19.48 33.66 -50.66
N LYS UA 70 -19.26 32.63 -51.47
CA LYS UA 70 -18.20 31.67 -51.18
C LYS UA 70 -16.84 32.34 -51.28
N LEU UA 71 -16.68 33.25 -52.23
CA LEU UA 71 -15.40 33.93 -52.41
C LEU UA 71 -15.17 34.99 -51.36
N MET UA 72 -16.25 35.51 -50.77
CA MET UA 72 -16.10 36.46 -49.67
C MET UA 72 -15.62 35.78 -48.39
N GLY UA 73 -15.89 34.49 -48.22
CA GLY UA 73 -15.46 33.79 -47.03
C GLY UA 73 -16.61 33.25 -46.20
N ALA UA 74 -17.70 32.88 -46.85
CA ALA UA 74 -18.88 32.37 -46.15
C ALA UA 74 -19.44 31.19 -46.93
N LYS UA 75 -19.40 30.01 -46.33
CA LYS UA 75 -19.90 28.79 -46.95
C LYS UA 75 -21.43 28.84 -46.92
N VAL UA 76 -22.04 29.30 -48.01
CA VAL UA 76 -23.48 29.48 -48.06
C VAL UA 76 -24.16 28.12 -48.12
N VAL UA 77 -25.14 27.93 -47.24
CA VAL UA 77 -25.89 26.68 -47.14
C VAL UA 77 -27.36 26.98 -47.41
N VAL UA 78 -27.91 26.33 -48.42
CA VAL UA 78 -29.27 26.57 -48.88
C VAL UA 78 -30.16 25.52 -48.24
N THR UA 79 -30.95 25.92 -47.26
CA THR UA 79 -31.86 25.01 -46.57
C THR UA 79 -33.29 25.24 -47.04
N GLY UA 80 -34.07 24.16 -47.03
CA GLY UA 80 -35.48 24.26 -47.39
C GLY UA 80 -35.73 24.49 -48.86
N ILE UA 81 -35.44 23.50 -49.69
CA ILE UA 81 -35.70 23.58 -51.12
C ILE UA 81 -36.97 22.78 -51.42
N GLN UA 82 -37.92 23.44 -52.08
CA GLN UA 82 -39.18 22.81 -52.41
C GLN UA 82 -39.00 21.78 -53.53
N PRO UA 83 -39.91 20.80 -53.64
CA PRO UA 83 -39.79 19.84 -54.74
C PRO UA 83 -40.16 20.40 -56.10
N ALA UA 84 -40.88 21.52 -56.15
CA ALA UA 84 -41.21 22.10 -57.45
C ALA UA 84 -40.02 22.83 -58.06
N VAL UA 85 -39.24 23.53 -57.24
CA VAL UA 85 -38.05 24.21 -57.75
C VAL UA 85 -36.91 23.22 -57.98
N ALA UA 86 -36.85 22.15 -57.19
CA ALA UA 86 -35.81 21.14 -57.38
C ALA UA 86 -36.01 20.32 -58.65
N ILE UA 87 -37.22 20.33 -59.21
CA ILE UA 87 -37.44 19.72 -60.52
C ILE UA 87 -36.78 20.57 -61.60
N THR UA 88 -37.00 21.88 -61.57
CA THR UA 88 -36.63 22.76 -62.66
C THR UA 88 -35.24 23.36 -62.50
N LEU UA 89 -34.41 22.82 -61.62
CA LEU UA 89 -33.01 23.22 -61.61
C LEU UA 89 -32.17 22.49 -62.63
N ILE UA 90 -32.45 21.20 -62.86
CA ILE UA 90 -31.61 20.41 -63.76
C ILE UA 90 -31.83 20.76 -65.22
N GLU UA 91 -32.91 21.45 -65.57
CA GLU UA 91 -33.06 21.95 -66.92
C GLU UA 91 -32.05 23.05 -67.21
N LEU UA 92 -31.65 23.80 -66.19
CA LEU UA 92 -30.45 24.61 -66.27
C LEU UA 92 -29.24 23.72 -66.05
N GLY UA 93 -28.13 24.08 -66.68
CA GLY UA 93 -26.92 23.29 -66.59
C GLY UA 93 -26.21 23.47 -65.25
N ILE UA 94 -26.80 22.95 -64.19
CA ILE UA 94 -26.31 23.19 -62.84
C ILE UA 94 -25.06 22.36 -62.58
N THR UA 95 -24.28 22.80 -61.61
CA THR UA 95 -23.15 22.06 -61.05
C THR UA 95 -23.17 22.17 -59.53
N PHE UA 96 -24.37 22.02 -58.96
CA PHE UA 96 -24.63 22.36 -57.56
C PHE UA 96 -24.00 21.34 -56.64
N SER UA 97 -22.71 21.55 -56.38
CA SER UA 97 -21.98 20.85 -55.35
C SER UA 97 -21.13 21.87 -54.60
N GLY UA 98 -20.80 21.53 -53.35
CA GLY UA 98 -20.19 22.50 -52.48
C GLY UA 98 -21.14 23.53 -51.90
N VAL UA 99 -22.45 23.37 -52.12
CA VAL UA 99 -23.44 24.27 -51.55
C VAL UA 99 -24.05 23.70 -50.27
N LEU UA 100 -23.95 22.38 -50.05
CA LEU UA 100 -24.29 21.70 -48.79
C LEU UA 100 -25.76 21.92 -48.42
N SER UA 101 -26.65 21.53 -49.34
CA SER UA 101 -28.08 21.79 -49.21
C SER UA 101 -28.66 20.94 -48.09
N ALA UA 102 -28.93 21.55 -46.94
CA ALA UA 102 -29.50 20.84 -45.82
C ALA UA 102 -31.01 20.68 -46.00
N MET UA 103 -31.66 20.11 -44.99
CA MET UA 103 -33.08 19.84 -45.06
C MET UA 103 -33.91 21.09 -44.75
N ASP UA 104 -33.76 21.62 -43.55
CA ASP UA 104 -34.49 22.82 -43.13
C ASP UA 104 -33.66 23.54 -42.07
N LEU UA 105 -34.21 24.67 -41.61
CA LEU UA 105 -33.47 25.59 -40.74
C LEU UA 105 -33.12 25.00 -39.38
N GLU UA 106 -33.91 24.04 -38.90
CA GLU UA 106 -33.52 23.29 -37.72
C GLU UA 106 -32.29 22.44 -37.99
N SER UA 107 -32.29 21.73 -39.12
CA SER UA 107 -31.15 20.90 -39.50
C SER UA 107 -29.99 21.69 -40.08
N GLY UA 108 -30.19 22.99 -40.33
CA GLY UA 108 -29.14 23.79 -40.93
C GLY UA 108 -28.03 24.17 -39.98
N LEU UA 109 -28.37 24.83 -38.87
CA LEU UA 109 -27.34 25.38 -37.99
C LEU UA 109 -26.61 24.30 -37.19
N GLU UA 110 -27.23 23.13 -36.97
CA GLU UA 110 -26.48 22.04 -36.39
C GLU UA 110 -25.41 21.50 -37.34
N LYS UA 111 -25.64 21.62 -38.65
CA LYS UA 111 -24.60 21.39 -39.62
C LYS UA 111 -23.66 22.59 -39.75
N LEU UA 112 -24.10 23.76 -39.30
CA LEU UA 112 -23.28 24.96 -39.32
C LEU UA 112 -22.65 25.27 -37.98
N LYS UA 113 -22.93 24.47 -36.96
CA LYS UA 113 -22.12 24.44 -35.76
C LYS UA 113 -20.94 23.49 -35.89
N GLN UA 114 -20.74 22.94 -37.09
CA GLN UA 114 -19.62 22.07 -37.43
C GLN UA 114 -18.43 22.86 -37.96
N GLU UA 115 -18.69 23.88 -38.80
CA GLU UA 115 -17.60 24.71 -39.30
C GLU UA 115 -17.06 25.61 -38.21
N LEU UA 116 -17.90 26.50 -37.69
CA LEU UA 116 -17.54 27.32 -36.55
C LEU UA 116 -17.64 26.48 -35.28
N GLY UA 117 -16.76 26.79 -34.32
CA GLY UA 117 -16.77 26.10 -33.05
C GLY UA 117 -16.23 24.69 -33.06
N GLU UA 118 -15.72 24.21 -34.20
CA GLU UA 118 -15.19 22.86 -34.31
C GLU UA 118 -14.18 22.77 -35.45
N MET VA 1 -63.33 32.76 26.33
CA MET VA 1 -64.71 32.68 25.86
C MET VA 1 -64.78 32.10 24.45
N GLY VA 2 -64.99 30.79 24.37
CA GLY VA 2 -65.24 30.14 23.10
C GLY VA 2 -64.00 29.65 22.38
N ILE VA 3 -63.19 30.55 21.87
CA ILE VA 3 -62.09 30.23 20.95
C ILE VA 3 -60.80 30.17 21.74
N PRO VA 4 -60.15 29.01 21.85
CA PRO VA 4 -58.91 28.91 22.63
C PRO VA 4 -57.67 29.20 21.81
N ILE VA 5 -56.51 29.06 22.45
CA ILE VA 5 -55.23 29.06 21.78
C ILE VA 5 -54.32 28.10 22.53
N LEU VA 6 -53.31 27.58 21.85
CA LEU VA 6 -52.43 26.58 22.43
C LEU VA 6 -51.12 26.57 21.67
N LYS VA 7 -50.02 26.35 22.40
CA LYS VA 7 -48.68 26.48 21.86
C LYS VA 7 -48.06 25.11 21.66
N LEU VA 8 -47.08 25.05 20.75
CA LEU VA 8 -46.33 23.84 20.49
C LEU VA 8 -44.83 24.05 20.45
N GLY VA 9 -44.36 25.26 20.73
CA GLY VA 9 -42.94 25.58 20.60
C GLY VA 9 -42.66 26.27 19.29
N GLU VA 10 -42.50 27.60 19.34
CA GLU VA 10 -42.35 28.48 18.16
C GLU VA 10 -43.49 28.32 17.17
N CYS VA 11 -44.69 28.01 17.65
CA CYS VA 11 -45.85 27.80 16.80
C CYS VA 11 -47.09 28.18 17.58
N LEU VA 12 -48.21 28.27 16.88
CA LEU VA 12 -49.50 28.57 17.51
C LEU VA 12 -50.58 27.85 16.70
N LEU VA 13 -51.14 26.78 17.27
CA LEU VA 13 -52.19 26.02 16.60
C LEU VA 13 -53.55 26.47 17.11
N ILE VA 14 -53.94 27.67 16.67
CA ILE VA 14 -55.25 28.18 17.02
C ILE VA 14 -56.33 27.42 16.24
N SER VA 15 -57.55 27.44 16.77
CA SER VA 15 -58.66 26.74 16.14
C SER VA 15 -59.89 27.64 16.14
N ILE VA 16 -60.87 27.29 15.32
CA ILE VA 16 -62.15 27.98 15.27
C ILE VA 16 -63.25 26.93 15.22
N GLN VA 17 -64.08 26.88 16.26
CA GLN VA 17 -65.17 25.93 16.29
C GLN VA 17 -66.34 26.41 15.44
N SER VA 18 -66.93 27.55 15.81
CA SER VA 18 -67.99 28.16 15.02
C SER VA 18 -68.00 29.65 15.30
N GLU VA 19 -68.31 30.43 14.27
CA GLU VA 19 -68.30 31.88 14.36
C GLU VA 19 -69.72 32.42 14.22
N LEU VA 20 -70.02 33.45 14.99
CA LEU VA 20 -71.34 34.08 14.97
C LEU VA 20 -71.30 35.50 14.46
N ASP VA 21 -70.48 36.37 15.05
CA ASP VA 21 -70.50 37.78 14.72
C ASP VA 21 -69.11 38.37 14.90
N ASP VA 22 -68.97 39.64 14.54
CA ASP VA 22 -67.69 40.32 14.69
C ASP VA 22 -67.36 40.58 16.14
N HIS VA 23 -68.38 40.73 17.01
CA HIS VA 23 -68.14 40.97 18.43
C HIS VA 23 -67.45 39.78 19.10
N THR VA 24 -67.78 38.57 18.65
CA THR VA 24 -66.97 37.42 19.02
C THR VA 24 -65.64 37.44 18.28
N ALA VA 25 -65.65 37.88 17.02
CA ALA VA 25 -64.45 37.78 16.19
C ALA VA 25 -63.41 38.83 16.57
N VAL VA 26 -63.84 40.04 16.94
CA VAL VA 26 -62.89 41.04 17.43
C VAL VA 26 -62.34 40.62 18.78
N GLU VA 27 -63.19 40.03 19.63
CA GLU VA 27 -62.73 39.40 20.86
C GLU VA 27 -61.78 38.24 20.57
N PHE VA 28 -62.01 37.53 19.47
CA PHE VA 28 -61.04 36.55 19.00
C PHE VA 28 -59.81 37.22 18.43
N GLN VA 29 -59.99 38.31 17.66
CA GLN VA 29 -58.86 38.99 17.05
C GLN VA 29 -58.00 39.69 18.11
N GLU VA 30 -58.63 40.24 19.14
CA GLU VA 30 -57.85 40.82 20.23
C GLU VA 30 -57.18 39.74 21.07
N ASP VA 31 -57.76 38.53 21.10
CA ASP VA 31 -57.12 37.42 21.81
C ASP VA 31 -55.90 36.90 21.07
N LEU VA 32 -55.83 37.10 19.75
CA LEU VA 32 -54.74 36.55 18.97
C LEU VA 32 -53.43 37.30 19.24
N LEU VA 33 -53.42 38.61 18.98
CA LEU VA 33 -52.18 39.38 19.11
C LEU VA 33 -51.78 39.56 20.57
N ALA VA 34 -52.74 39.49 21.50
CA ALA VA 34 -52.37 39.48 22.91
C ALA VA 34 -51.69 38.18 23.28
N LYS VA 35 -52.02 37.08 22.60
CA LYS VA 35 -51.32 35.83 22.80
C LYS VA 35 -50.11 35.70 21.87
N ILE VA 36 -49.95 36.58 20.89
CA ILE VA 36 -48.71 36.65 20.14
C ILE VA 36 -47.61 37.23 21.01
N HIS VA 37 -47.83 38.43 21.53
CA HIS VA 37 -46.76 39.20 22.17
C HIS VA 37 -46.44 38.70 23.57
N GLU VA 38 -47.36 37.97 24.21
CA GLU VA 38 -47.09 37.43 25.54
C GLU VA 38 -46.01 36.36 25.47
N THR VA 39 -46.12 35.44 24.51
CA THR VA 39 -45.06 34.49 24.25
C THR VA 39 -44.15 35.04 23.14
N SER VA 40 -43.28 34.19 22.61
CA SER VA 40 -42.57 34.47 21.36
C SER VA 40 -43.14 33.55 20.29
N ALA VA 41 -43.77 34.14 19.28
CA ALA VA 41 -44.43 33.37 18.22
C ALA VA 41 -43.65 33.48 16.93
N ARG VA 42 -43.74 32.43 16.10
CA ARG VA 42 -43.03 32.40 14.83
C ARG VA 42 -43.99 32.09 13.69
N GLY VA 43 -45.01 31.29 13.97
CA GLY VA 43 -45.97 30.93 12.94
C GLY VA 43 -47.31 30.50 13.52
N VAL VA 44 -48.39 31.07 13.02
CA VAL VA 44 -49.74 30.78 13.50
C VAL VA 44 -50.45 29.91 12.49
N VAL VA 45 -51.03 28.80 12.96
CA VAL VA 45 -51.76 27.86 12.11
C VAL VA 45 -53.24 28.01 12.43
N ILE VA 46 -53.98 28.65 11.54
CA ILE VA 46 -55.41 28.90 11.74
C ILE VA 46 -56.19 27.76 11.12
N ASP VA 47 -57.05 27.11 11.91
CA ASP VA 47 -57.91 26.06 11.43
C ASP VA 47 -59.33 26.58 11.30
N ILE VA 48 -59.90 26.49 10.10
CA ILE VA 48 -61.25 26.99 9.87
C ILE VA 48 -62.14 25.92 9.24
N THR VA 49 -61.88 24.65 9.58
CA THR VA 49 -62.58 23.53 8.94
C THR VA 49 -64.03 23.36 9.39
N SER VA 50 -64.60 24.25 10.20
CA SER VA 50 -65.94 24.04 10.74
C SER VA 50 -66.78 25.31 10.63
N ILE VA 51 -66.73 25.95 9.47
CA ILE VA 51 -67.54 27.14 9.20
C ILE VA 51 -68.41 26.85 7.97
N ASP VA 52 -69.71 27.04 8.12
CA ASP VA 52 -70.63 26.79 7.01
C ASP VA 52 -70.59 27.92 5.98
N PHE VA 53 -70.91 29.14 6.38
CA PHE VA 53 -70.94 30.28 5.47
C PHE VA 53 -70.27 31.47 6.15
N ILE VA 54 -70.02 32.51 5.36
CA ILE VA 54 -69.40 33.73 5.87
C ILE VA 54 -69.92 34.92 5.07
N ASP VA 55 -69.76 36.11 5.63
CA ASP VA 55 -70.11 37.35 4.95
C ASP VA 55 -68.96 38.34 5.12
N SER VA 56 -69.07 39.47 4.40
CA SER VA 56 -68.00 40.45 4.36
C SER VA 56 -67.83 41.21 5.67
N PHE VA 57 -68.79 41.13 6.60
CA PHE VA 57 -68.55 41.68 7.93
C PHE VA 57 -67.58 40.83 8.72
N ILE VA 58 -67.51 39.53 8.40
CA ILE VA 58 -66.63 38.59 9.10
C ILE VA 58 -65.38 38.28 8.27
N ALA VA 59 -65.56 38.05 6.96
CA ALA VA 59 -64.45 37.65 6.10
C ALA VA 59 -63.44 38.76 5.90
N LYS VA 60 -63.82 40.02 6.08
CA LYS VA 60 -62.86 41.12 6.03
C LYS VA 60 -61.88 41.04 7.19
N ILE VA 61 -62.33 40.55 8.34
CA ILE VA 61 -61.43 40.40 9.49
C ILE VA 61 -60.48 39.23 9.27
N LEU VA 62 -61.03 38.07 8.88
CA LEU VA 62 -60.18 36.91 8.60
C LEU VA 62 -59.36 37.08 7.33
N GLY VA 63 -59.80 37.93 6.41
CA GLY VA 63 -58.95 38.30 5.29
C GLY VA 63 -57.86 39.29 5.62
N ASP VA 64 -57.86 39.83 6.84
CA ASP VA 64 -56.87 40.82 7.23
C ASP VA 64 -56.04 40.41 8.44
N VAL VA 65 -56.40 39.34 9.14
CA VAL VA 65 -55.55 38.88 10.25
C VAL VA 65 -54.24 38.32 9.74
N VAL VA 66 -54.19 37.91 8.47
CA VAL VA 66 -52.92 37.73 7.78
C VAL VA 66 -52.13 39.03 7.79
N SER VA 67 -52.77 40.13 7.37
CA SER VA 67 -52.09 41.42 7.32
C SER VA 67 -51.83 42.01 8.69
N MET VA 68 -52.62 41.61 9.71
CA MET VA 68 -52.28 41.99 11.08
C MET VA 68 -51.07 41.21 11.59
N SER VA 69 -51.16 39.88 11.58
CA SER VA 69 -50.15 39.07 12.25
C SER VA 69 -48.82 39.00 11.52
N LYS VA 70 -48.79 39.32 10.23
CA LYS VA 70 -47.51 39.39 9.54
C LYS VA 70 -46.70 40.59 10.02
N LEU VA 71 -47.38 41.71 10.31
CA LEU VA 71 -46.71 42.90 10.78
C LEU VA 71 -46.25 42.75 12.22
N MET VA 72 -46.94 41.91 13.00
CA MET VA 72 -46.55 41.67 14.39
C MET VA 72 -45.27 40.85 14.49
N GLY VA 73 -44.90 40.13 13.44
CA GLY VA 73 -43.60 39.45 13.44
C GLY VA 73 -43.65 37.95 13.34
N ALA VA 74 -44.68 37.42 12.68
CA ALA VA 74 -44.81 35.98 12.52
C ALA VA 74 -45.58 35.68 11.25
N LYS VA 75 -45.20 34.59 10.58
CA LYS VA 75 -45.97 34.13 9.43
C LYS VA 75 -47.28 33.50 9.89
N VAL VA 76 -48.17 33.28 8.93
CA VAL VA 76 -49.46 32.68 9.23
C VAL VA 76 -49.89 31.84 8.04
N VAL VA 77 -50.65 30.78 8.33
CA VAL VA 77 -51.25 29.93 7.31
C VAL VA 77 -52.73 29.77 7.64
N VAL VA 78 -53.54 29.56 6.62
CA VAL VA 78 -54.98 29.38 6.77
C VAL VA 78 -55.31 28.00 6.23
N THR VA 79 -55.34 27.00 7.11
CA THR VA 79 -55.48 25.61 6.71
C THR VA 79 -56.93 25.16 6.81
N GLY VA 80 -57.38 24.44 5.79
CA GLY VA 80 -58.68 23.83 5.82
C GLY VA 80 -59.82 24.72 5.39
N ILE VA 81 -59.64 25.46 4.30
CA ILE VA 81 -60.69 26.32 3.80
C ILE VA 81 -61.76 25.46 3.13
N GLN VA 82 -63.01 25.67 3.51
CA GLN VA 82 -64.12 24.89 2.98
C GLN VA 82 -64.44 25.31 1.56
N PRO VA 83 -65.09 24.43 0.78
CA PRO VA 83 -65.44 24.81 -0.60
C PRO VA 83 -66.48 25.92 -0.70
N ALA VA 84 -67.53 25.85 0.11
CA ALA VA 84 -68.57 26.87 0.03
C ALA VA 84 -68.09 28.20 0.60
N VAL VA 85 -67.15 28.18 1.55
CA VAL VA 85 -66.68 29.43 2.13
C VAL VA 85 -65.64 30.09 1.23
N ALA VA 86 -64.96 29.33 0.37
CA ALA VA 86 -63.96 29.92 -0.50
C ALA VA 86 -64.59 30.64 -1.68
N ILE VA 87 -65.74 30.15 -2.15
CA ILE VA 87 -66.44 30.81 -3.25
C ILE VA 87 -67.19 32.05 -2.79
N THR VA 88 -67.30 32.27 -1.48
CA THR VA 88 -67.88 33.50 -0.94
C THR VA 88 -66.82 34.57 -0.68
N LEU VA 89 -65.63 34.41 -1.24
CA LEU VA 89 -64.60 35.45 -1.24
C LEU VA 89 -64.45 36.10 -2.60
N ILE VA 90 -65.35 35.81 -3.54
CA ILE VA 90 -65.23 36.33 -4.90
C ILE VA 90 -65.53 37.82 -4.97
N GLU VA 91 -66.30 38.35 -4.02
CA GLU VA 91 -66.57 39.78 -4.00
C GLU VA 91 -65.39 40.60 -3.50
N LEU VA 92 -64.39 39.96 -2.89
CA LEU VA 92 -63.31 40.70 -2.26
C LEU VA 92 -62.26 41.11 -3.28
N GLY VA 93 -61.60 42.23 -2.98
CA GLY VA 93 -60.54 42.81 -3.78
C GLY VA 93 -59.21 42.13 -3.52
N ILE VA 94 -58.97 41.00 -4.21
CA ILE VA 94 -57.95 40.00 -3.90
C ILE VA 94 -56.55 40.57 -3.72
N THR VA 95 -56.01 40.39 -2.51
CA THR VA 95 -54.64 40.70 -2.15
C THR VA 95 -54.03 39.53 -1.40
N PHE VA 96 -54.48 38.31 -1.71
CA PHE VA 96 -54.10 37.12 -0.94
C PHE VA 96 -52.80 36.53 -1.44
N SER VA 97 -51.75 37.34 -1.38
CA SER VA 97 -50.40 36.92 -1.75
C SER VA 97 -49.64 36.61 -0.48
N GLY VA 98 -49.03 35.42 -0.42
CA GLY VA 98 -48.32 35.01 0.77
C GLY VA 98 -49.20 34.60 1.92
N VAL VA 99 -50.49 34.35 1.67
CA VAL VA 99 -51.35 33.85 2.73
C VAL VA 99 -51.01 32.40 3.06
N LEU VA 100 -50.43 31.67 2.10
CA LEU VA 100 -49.84 30.33 2.27
C LEU VA 100 -50.88 29.33 2.77
N SER VA 101 -51.89 29.09 1.94
CA SER VA 101 -52.98 28.22 2.35
C SER VA 101 -52.55 26.76 2.32
N ALA VA 102 -53.26 25.94 3.09
CA ALA VA 102 -53.02 24.51 3.11
C ALA VA 102 -54.35 23.76 3.02
N MET VA 103 -54.32 22.44 3.18
CA MET VA 103 -55.51 21.62 3.03
C MET VA 103 -56.09 21.11 4.34
N ASP VA 104 -55.25 20.77 5.31
CA ASP VA 104 -55.71 20.29 6.60
C ASP VA 104 -54.65 20.64 7.64
N LEU VA 105 -54.97 20.36 8.90
CA LEU VA 105 -54.12 20.79 10.01
C LEU VA 105 -52.80 20.06 10.08
N GLU VA 106 -52.69 18.88 9.46
CA GLU VA 106 -51.40 18.21 9.35
C GLU VA 106 -50.49 18.95 8.39
N SER VA 107 -51.01 19.28 7.20
CA SER VA 107 -50.19 19.92 6.18
C SER VA 107 -49.89 21.38 6.48
N GLY VA 108 -50.48 21.95 7.54
CA GLY VA 108 -50.05 23.26 7.99
C GLY VA 108 -48.62 23.25 8.49
N LEU VA 109 -48.28 22.25 9.31
CA LEU VA 109 -46.91 22.13 9.79
C LEU VA 109 -45.95 21.67 8.72
N GLU VA 110 -46.45 21.05 7.65
CA GLU VA 110 -45.57 20.65 6.56
C GLU VA 110 -45.09 21.87 5.78
N LYS VA 111 -45.94 22.87 5.60
CA LYS VA 111 -45.59 24.09 4.90
C LYS VA 111 -45.12 25.20 5.81
N LEU VA 112 -45.04 24.95 7.12
CA LEU VA 112 -44.50 25.92 8.07
C LEU VA 112 -43.14 25.54 8.60
N LYS VA 113 -42.91 24.25 8.89
CA LYS VA 113 -41.58 23.81 9.29
C LYS VA 113 -40.59 23.83 8.14
N GLN VA 114 -41.09 23.84 6.89
CA GLN VA 114 -40.22 24.12 5.76
C GLN VA 114 -39.69 25.55 5.81
N GLU VA 115 -40.54 26.48 6.25
CA GLU VA 115 -40.11 27.87 6.39
C GLU VA 115 -39.20 28.11 7.58
N LEU VA 116 -39.16 27.18 8.53
CA LEU VA 116 -38.54 27.47 9.82
C LEU VA 116 -38.15 26.18 10.51
N GLY VA 117 -36.86 25.98 10.75
CA GLY VA 117 -36.39 24.85 11.51
C GLY VA 117 -36.42 23.55 10.72
N GLU VA 118 -36.07 22.47 11.41
CA GLU VA 118 -36.00 21.16 10.78
C GLU VA 118 -37.29 20.38 10.97
N MET WA 1 -68.20 25.55 21.24
CA MET WA 1 -68.78 24.21 21.33
C MET WA 1 -68.43 23.55 22.65
N GLY WA 2 -67.33 23.98 23.25
CA GLY WA 2 -66.81 23.33 24.45
C GLY WA 2 -65.79 22.28 24.10
N ILE WA 3 -66.18 21.34 23.24
CA ILE WA 3 -65.24 20.38 22.65
C ILE WA 3 -64.51 21.09 21.52
N PRO WA 4 -63.26 20.75 21.24
CA PRO WA 4 -62.59 21.32 20.08
C PRO WA 4 -62.64 20.42 18.86
N ILE WA 5 -62.18 20.93 17.73
CA ILE WA 5 -61.88 20.14 16.55
C ILE WA 5 -60.39 19.83 16.61
N LEU WA 6 -60.03 18.58 16.34
CA LEU WA 6 -58.74 18.06 16.81
C LEU WA 6 -58.19 17.03 15.84
N LYS WA 7 -57.01 17.33 15.27
CA LYS WA 7 -56.24 16.44 14.41
C LYS WA 7 -54.82 17.00 14.25
N LEU WA 8 -53.80 16.20 14.56
CA LEU WA 8 -52.43 16.69 14.45
C LEU WA 8 -51.48 15.51 14.25
N GLY WA 9 -51.02 15.32 13.01
CA GLY WA 9 -49.85 14.53 12.64
C GLY WA 9 -49.66 13.16 13.25
N GLU WA 10 -50.54 12.22 12.92
CA GLU WA 10 -50.57 10.84 13.43
C GLU WA 10 -50.74 10.77 14.95
N CYS WA 11 -51.25 11.83 15.55
CA CYS WA 11 -51.62 11.90 16.95
C CYS WA 11 -52.92 12.70 17.01
N LEU WA 12 -53.30 13.12 18.21
CA LEU WA 12 -54.39 14.07 18.37
C LEU WA 12 -53.99 15.13 19.38
N LEU WA 13 -54.76 16.20 19.40
CA LEU WA 13 -54.49 17.32 20.31
C LEU WA 13 -55.83 17.95 20.67
N ILE WA 14 -56.36 17.54 21.82
CA ILE WA 14 -57.66 18.02 22.30
C ILE WA 14 -57.45 19.02 23.41
N SER WA 15 -58.05 20.19 23.27
CA SER WA 15 -58.02 21.21 24.31
C SER WA 15 -59.32 21.17 25.10
N ILE WA 16 -59.32 21.84 26.25
CA ILE WA 16 -60.48 21.92 27.12
C ILE WA 16 -60.57 23.33 27.68
N GLN WA 17 -61.72 23.97 27.50
CA GLN WA 17 -61.94 25.33 27.99
C GLN WA 17 -62.30 25.30 29.47
N SER WA 18 -62.76 26.42 30.00
CA SER WA 18 -63.19 26.46 31.39
C SER WA 18 -64.61 25.91 31.50
N GLU WA 19 -64.77 24.84 32.27
CA GLU WA 19 -66.06 24.17 32.41
C GLU WA 19 -66.26 23.76 33.86
N LEU WA 20 -67.51 23.50 34.21
CA LEU WA 20 -67.87 23.23 35.59
C LEU WA 20 -68.84 22.07 35.80
N ASP WA 21 -69.38 21.46 34.75
CA ASP WA 21 -70.50 20.55 34.88
C ASP WA 21 -70.14 19.16 34.38
N ASP WA 22 -70.94 18.18 34.78
CA ASP WA 22 -70.87 16.83 34.24
C ASP WA 22 -72.06 16.52 33.33
N HIS WA 23 -72.75 17.55 32.85
CA HIS WA 23 -73.64 17.41 31.71
C HIS WA 23 -72.92 17.67 30.40
N THR WA 24 -71.79 18.39 30.45
CA THR WA 24 -70.91 18.52 29.30
C THR WA 24 -70.00 17.30 29.19
N ALA WA 25 -69.43 16.87 30.32
CA ALA WA 25 -68.40 15.84 30.32
C ALA WA 25 -68.93 14.45 30.00
N VAL WA 26 -70.25 14.22 30.03
CA VAL WA 26 -70.77 12.91 29.66
C VAL WA 26 -70.74 12.72 28.15
N GLU WA 27 -71.22 13.72 27.39
CA GLU WA 27 -71.12 13.63 25.94
C GLU WA 27 -69.71 13.87 25.45
N PHE WA 28 -68.88 14.56 26.26
CA PHE WA 28 -67.51 14.86 25.89
C PHE WA 28 -66.66 13.60 25.76
N GLN WA 29 -66.96 12.58 26.57
CA GLN WA 29 -66.28 11.29 26.40
C GLN WA 29 -66.67 10.65 25.08
N GLU WA 30 -67.93 10.80 24.67
CA GLU WA 30 -68.32 10.32 23.36
C GLU WA 30 -67.80 11.22 22.25
N ASP WA 31 -67.60 12.51 22.53
CA ASP WA 31 -67.03 13.40 21.54
C ASP WA 31 -65.55 13.14 21.31
N LEU WA 32 -64.86 12.55 22.29
CA LEU WA 32 -63.46 12.17 22.09
C LEU WA 32 -63.36 10.80 21.45
N LEU WA 33 -64.24 9.87 21.83
CA LEU WA 33 -64.14 8.51 21.32
C LEU WA 33 -64.60 8.41 19.87
N ALA WA 34 -65.61 9.21 19.48
CA ALA WA 34 -66.12 9.13 18.12
C ALA WA 34 -65.10 9.63 17.10
N LYS WA 35 -64.19 10.49 17.52
CA LYS WA 35 -63.10 10.89 16.63
C LYS WA 35 -62.07 9.78 16.51
N ILE WA 36 -61.71 9.13 17.63
CA ILE WA 36 -60.65 8.13 17.60
C ILE WA 36 -61.13 6.82 16.98
N HIS WA 37 -62.44 6.63 16.81
CA HIS WA 37 -62.91 5.58 15.90
C HIS WA 37 -62.49 5.86 14.47
N GLU WA 38 -62.92 6.99 13.92
CA GLU WA 38 -62.66 7.29 12.52
C GLU WA 38 -61.19 7.65 12.30
N THR WA 39 -60.66 8.59 13.07
CA THR WA 39 -59.25 8.91 13.00
C THR WA 39 -58.48 7.86 13.78
N SER WA 40 -57.63 7.10 13.08
CA SER WA 40 -56.85 6.04 13.72
C SER WA 40 -55.52 6.65 14.17
N ALA WA 41 -55.52 7.15 15.40
CA ALA WA 41 -54.34 7.74 16.02
C ALA WA 41 -53.96 6.94 17.25
N ARG WA 42 -52.65 6.80 17.47
CA ARG WA 42 -52.12 6.00 18.57
C ARG WA 42 -51.78 6.85 19.79
N GLY WA 43 -52.54 7.90 20.04
CA GLY WA 43 -52.35 8.69 21.24
C GLY WA 43 -53.02 10.04 21.19
N VAL WA 44 -53.64 10.44 22.29
CA VAL WA 44 -54.29 11.74 22.40
C VAL WA 44 -53.56 12.55 23.47
N VAL WA 45 -53.79 13.86 23.45
CA VAL WA 45 -53.18 14.77 24.41
C VAL WA 45 -54.31 15.62 24.98
N ILE WA 46 -54.83 15.24 26.14
CA ILE WA 46 -55.84 16.04 26.82
C ILE WA 46 -55.15 17.13 27.62
N ASP WA 47 -55.62 18.37 27.46
CA ASP WA 47 -55.05 19.53 28.14
C ASP WA 47 -56.12 20.16 29.02
N ILE WA 48 -55.87 20.20 30.32
CA ILE WA 48 -56.85 20.73 31.27
C ILE WA 48 -56.28 21.95 31.97
N THR WA 49 -55.46 22.73 31.25
CA THR WA 49 -54.72 23.83 31.88
C THR WA 49 -55.66 24.98 32.26
N SER WA 50 -56.69 25.22 31.47
CA SER WA 50 -57.57 26.37 31.70
C SER WA 50 -58.50 26.17 32.89
N ILE WA 51 -58.78 24.94 33.30
CA ILE WA 51 -59.72 24.69 34.39
C ILE WA 51 -59.07 25.06 35.72
N ASP WA 52 -59.88 25.55 36.66
CA ASP WA 52 -59.45 25.77 38.02
C ASP WA 52 -60.22 24.97 39.06
N PHE WA 53 -61.27 24.26 38.66
CA PHE WA 53 -62.06 23.48 39.61
C PHE WA 53 -62.67 22.29 38.92
N ILE WA 54 -62.51 21.11 39.51
CA ILE WA 54 -63.15 19.89 39.04
C ILE WA 54 -63.69 19.17 40.27
N ASP WA 55 -64.99 18.91 40.28
CA ASP WA 55 -65.62 18.25 41.41
C ASP WA 55 -65.32 16.75 41.40
N SER WA 56 -65.66 16.09 42.51
CA SER WA 56 -65.37 14.67 42.64
C SER WA 56 -66.26 13.80 41.76
N PHE WA 57 -67.38 14.33 41.27
CA PHE WA 57 -68.18 13.59 40.32
C PHE WA 57 -67.57 13.67 38.92
N ILE WA 58 -67.13 14.85 38.51
CA ILE WA 58 -66.53 15.02 37.19
C ILE WA 58 -65.14 14.40 37.12
N ALA WA 59 -64.44 14.30 38.24
CA ALA WA 59 -63.12 13.67 38.29
C ALA WA 59 -63.16 12.17 38.04
N LYS WA 60 -64.34 11.55 38.14
CA LYS WA 60 -64.48 10.16 37.72
C LYS WA 60 -64.32 10.02 36.20
N ILE WA 61 -64.86 10.98 35.45
CA ILE WA 61 -64.84 10.90 33.99
C ILE WA 61 -63.42 11.08 33.46
N LEU WA 62 -62.71 12.10 33.95
CA LEU WA 62 -61.30 12.23 33.60
C LEU WA 62 -60.44 11.22 34.33
N GLY WA 63 -60.96 10.58 35.37
CA GLY WA 63 -60.32 9.40 35.92
C GLY WA 63 -60.68 8.12 35.20
N ASP WA 64 -61.62 8.18 34.26
CA ASP WA 64 -61.99 7.05 33.42
C ASP WA 64 -61.42 7.12 32.02
N VAL WA 65 -61.48 8.29 31.38
CA VAL WA 65 -61.20 8.42 29.95
C VAL WA 65 -59.73 8.18 29.63
N VAL WA 66 -58.84 8.25 30.62
CA VAL WA 66 -57.48 7.77 30.45
C VAL WA 66 -57.48 6.25 30.29
N SER WA 67 -58.22 5.55 31.15
CA SER WA 67 -58.35 4.11 31.03
C SER WA 67 -59.30 3.69 29.91
N MET WA 68 -60.20 4.57 29.48
CA MET WA 68 -61.13 4.23 28.41
C MET WA 68 -60.43 4.19 27.06
N SER WA 69 -59.74 5.28 26.71
CA SER WA 69 -59.11 5.35 25.40
C SER WA 69 -57.88 4.46 25.29
N LYS WA 70 -57.33 4.01 26.42
CA LYS WA 70 -56.34 2.94 26.38
C LYS WA 70 -56.97 1.65 25.89
N LEU WA 71 -58.19 1.36 26.32
CA LEU WA 71 -58.90 0.18 25.85
C LEU WA 71 -59.34 0.33 24.41
N MET WA 72 -59.48 1.56 23.92
CA MET WA 72 -59.74 1.76 22.49
C MET WA 72 -58.47 1.50 21.67
N GLY WA 73 -57.30 1.73 22.24
CA GLY WA 73 -56.08 1.51 21.49
C GLY WA 73 -55.21 2.73 21.28
N ALA WA 74 -55.22 3.66 22.24
CA ALA WA 74 -54.37 4.83 22.15
C ALA WA 74 -53.94 5.23 23.54
N LYS WA 75 -52.66 5.58 23.68
CA LYS WA 75 -52.15 6.08 24.95
C LYS WA 75 -52.74 7.47 25.23
N VAL WA 76 -52.79 7.82 26.52
CA VAL WA 76 -53.42 9.06 26.94
C VAL WA 76 -52.46 9.77 27.88
N VAL WA 77 -52.05 10.98 27.51
CA VAL WA 77 -51.36 11.86 28.42
C VAL WA 77 -52.34 12.93 28.88
N VAL WA 78 -52.03 13.56 30.00
CA VAL WA 78 -52.82 14.66 30.54
C VAL WA 78 -51.85 15.77 30.91
N THR WA 79 -51.97 16.93 30.28
CA THR WA 79 -50.93 17.94 30.31
C THR WA 79 -51.41 19.20 31.02
N GLY WA 80 -50.62 19.67 31.97
CA GLY WA 80 -50.83 20.97 32.57
C GLY WA 80 -51.87 21.01 33.65
N ILE WA 81 -51.81 20.07 34.59
CA ILE WA 81 -52.75 20.07 35.70
C ILE WA 81 -52.41 21.19 36.67
N GLN WA 82 -53.40 22.00 37.01
CA GLN WA 82 -53.19 23.14 37.89
C GLN WA 82 -52.99 22.66 39.33
N PRO WA 83 -52.32 23.44 40.17
CA PRO WA 83 -52.10 23.01 41.57
C PRO WA 83 -53.37 22.92 42.40
N ALA WA 84 -54.39 23.73 42.09
CA ALA WA 84 -55.63 23.68 42.87
C ALA WA 84 -56.41 22.40 42.58
N VAL WA 85 -56.49 22.01 41.30
CA VAL WA 85 -57.24 20.81 40.95
C VAL WA 85 -56.45 19.56 41.30
N ALA WA 86 -55.11 19.63 41.28
CA ALA WA 86 -54.30 18.45 41.55
C ALA WA 86 -54.31 18.06 43.02
N ILE WA 87 -54.67 18.97 43.92
CA ILE WA 87 -54.81 18.59 45.32
C ILE WA 87 -56.11 17.83 45.55
N THR WA 88 -57.23 18.38 45.07
CA THR WA 88 -58.52 17.77 45.29
C THR WA 88 -58.77 16.53 44.44
N LEU WA 89 -57.94 16.30 43.41
CA LEU WA 89 -58.09 15.11 42.60
C LEU WA 89 -57.63 13.86 43.34
N ILE WA 90 -56.78 14.01 44.35
CA ILE WA 90 -56.27 12.87 45.10
C ILE WA 90 -57.32 12.34 46.07
N GLU WA 91 -58.24 13.21 46.51
CA GLU WA 91 -59.33 12.78 47.38
C GLU WA 91 -60.26 11.79 46.69
N LEU WA 92 -60.40 11.87 45.37
CA LEU WA 92 -60.77 10.72 44.57
C LEU WA 92 -59.56 9.80 44.55
N GLY WA 93 -59.63 8.70 45.31
CA GLY WA 93 -58.50 7.80 45.44
C GLY WA 93 -58.11 7.12 44.15
N ILE WA 94 -57.00 7.57 43.57
CA ILE WA 94 -56.57 7.13 42.26
C ILE WA 94 -55.68 5.89 42.39
N THR WA 95 -55.53 5.20 41.27
CA THR WA 95 -54.49 4.20 41.06
C THR WA 95 -53.77 4.49 39.74
N PHE WA 96 -53.38 5.75 39.57
CA PHE WA 96 -52.87 6.25 38.29
C PHE WA 96 -51.50 5.67 37.98
N SER WA 97 -51.49 4.66 37.12
CA SER WA 97 -50.28 4.14 36.50
C SER WA 97 -50.62 3.95 35.02
N GLY WA 98 -50.05 4.78 34.17
CA GLY WA 98 -50.47 4.84 32.78
C GLY WA 98 -51.12 6.17 32.47
N VAL WA 99 -50.66 7.23 33.12
CA VAL WA 99 -51.16 8.57 32.90
C VAL WA 99 -50.17 9.41 32.09
N LEU WA 100 -48.88 9.29 32.41
CA LEU WA 100 -47.77 9.88 31.65
C LEU WA 100 -47.89 11.40 31.54
N SER WA 101 -48.24 12.04 32.65
CA SER WA 101 -48.58 13.45 32.66
C SER WA 101 -47.34 14.31 32.44
N ALA WA 102 -47.34 15.08 31.35
CA ALA WA 102 -46.27 16.03 31.08
C ALA WA 102 -46.55 17.34 31.80
N MET WA 103 -45.66 18.31 31.63
CA MET WA 103 -45.81 19.58 32.32
C MET WA 103 -46.57 20.60 31.50
N ASP WA 104 -46.17 20.81 30.24
CA ASP WA 104 -46.87 21.72 29.36
C ASP WA 104 -47.11 21.02 28.03
N LEU WA 105 -47.77 21.74 27.12
CA LEU WA 105 -48.18 21.15 25.86
C LEU WA 105 -47.01 20.99 24.89
N GLU WA 106 -45.95 21.79 25.06
CA GLU WA 106 -44.79 21.71 24.18
C GLU WA 106 -44.00 20.43 24.45
N SER WA 107 -43.74 20.14 25.72
CA SER WA 107 -43.07 18.90 26.11
C SER WA 107 -44.02 17.70 26.10
N GLY WA 108 -45.30 17.91 25.87
CA GLY WA 108 -46.23 16.79 25.82
C GLY WA 108 -46.02 15.91 24.61
N LEU WA 109 -45.99 16.51 23.42
CA LEU WA 109 -45.80 15.72 22.19
C LEU WA 109 -44.39 15.18 22.05
N GLU WA 110 -43.42 15.72 22.79
CA GLU WA 110 -42.10 15.11 22.80
C GLU WA 110 -42.10 13.78 23.55
N LYS WA 111 -43.10 13.55 24.41
CA LYS WA 111 -43.23 12.25 25.06
C LYS WA 111 -43.90 11.24 24.14
N LEU WA 112 -44.95 11.64 23.43
CA LEU WA 112 -45.59 10.72 22.50
C LEU WA 112 -44.81 10.53 21.22
N LYS WA 113 -43.88 11.44 20.89
CA LYS WA 113 -42.93 11.13 19.83
C LYS WA 113 -41.90 10.12 20.31
N GLN WA 114 -41.69 10.01 21.63
CA GLN WA 114 -40.82 8.97 22.16
C GLN WA 114 -41.56 7.64 22.26
N GLU WA 115 -42.84 7.66 22.64
CA GLU WA 115 -43.63 6.43 22.70
C GLU WA 115 -43.97 5.95 21.29
N LEU WA 116 -44.73 6.74 20.55
CA LEU WA 116 -45.07 6.42 19.17
C LEU WA 116 -43.94 6.85 18.23
N GLY WA 117 -43.49 5.91 17.40
CA GLY WA 117 -42.53 6.22 16.36
C GLY WA 117 -41.14 6.55 16.85
N GLU WA 118 -40.44 5.58 17.42
CA GLU WA 118 -39.08 5.79 17.88
C GLU WA 118 -38.12 5.85 16.69
N MET XA 1 -16.61 -72.41 -21.15
CA MET XA 1 -15.49 -72.91 -21.96
C MET XA 1 -15.06 -71.87 -22.97
N GLY XA 2 -13.82 -71.41 -22.85
CA GLY XA 2 -13.29 -70.42 -23.76
C GLY XA 2 -12.15 -69.65 -23.11
N ILE XA 3 -11.54 -68.79 -23.90
CA ILE XA 3 -10.45 -67.95 -23.41
C ILE XA 3 -11.03 -66.84 -22.54
N PRO XA 4 -10.54 -66.67 -21.31
CA PRO XA 4 -11.17 -65.71 -20.38
C PRO XA 4 -10.86 -64.27 -20.75
N ILE XA 5 -11.91 -63.53 -21.11
CA ILE XA 5 -11.82 -62.10 -21.40
C ILE XA 5 -12.62 -61.35 -20.35
N LEU XA 6 -11.99 -60.39 -19.70
CA LEU XA 6 -12.65 -59.50 -18.74
C LEU XA 6 -12.69 -58.09 -19.31
N LYS XA 7 -13.21 -57.17 -18.51
CA LYS XA 7 -13.20 -55.76 -18.86
C LYS XA 7 -12.74 -54.95 -17.66
N LEU XA 8 -12.19 -53.78 -17.95
CA LEU XA 8 -11.77 -52.84 -16.92
C LEU XA 8 -12.46 -51.52 -17.23
N GLY XA 9 -12.08 -50.44 -16.56
CA GLY XA 9 -12.68 -49.15 -16.84
C GLY XA 9 -12.34 -48.63 -18.23
N GLU XA 10 -13.31 -48.73 -19.14
CA GLU XA 10 -13.22 -48.32 -20.55
C GLU XA 10 -12.05 -48.98 -21.29
N CYS XA 11 -11.67 -50.18 -20.86
CA CYS XA 11 -10.61 -50.94 -21.51
C CYS XA 11 -10.94 -52.42 -21.41
N LEU XA 12 -10.33 -53.21 -22.28
CA LEU XA 12 -10.48 -54.66 -22.27
C LEU XA 12 -9.12 -55.30 -22.05
N LEU XA 13 -9.05 -56.25 -21.12
CA LEU XA 13 -7.80 -56.94 -20.78
C LEU XA 13 -7.98 -58.42 -21.06
N ILE XA 14 -7.72 -58.82 -22.30
CA ILE XA 14 -7.77 -60.22 -22.69
C ILE XA 14 -6.42 -60.86 -22.38
N SER XA 15 -6.46 -62.01 -21.73
CA SER XA 15 -5.26 -62.77 -21.41
C SER XA 15 -5.35 -64.15 -22.03
N ILE XA 16 -4.22 -64.64 -22.56
CA ILE XA 16 -4.15 -65.93 -23.22
C ILE XA 16 -3.29 -66.86 -22.38
N GLN XA 17 -3.83 -68.03 -22.06
CA GLN XA 17 -3.06 -69.04 -21.32
C GLN XA 17 -2.38 -70.02 -22.27
N SER XA 18 -3.19 -70.75 -23.04
CA SER XA 18 -2.68 -71.63 -24.09
C SER XA 18 -3.82 -71.91 -25.04
N GLU XA 19 -3.49 -72.51 -26.18
CA GLU XA 19 -4.46 -72.79 -27.24
C GLU XA 19 -4.44 -74.27 -27.58
N LEU XA 20 -5.24 -74.64 -28.57
CA LEU XA 20 -5.23 -75.99 -29.13
C LEU XA 20 -4.84 -76.01 -30.59
N ASP XA 21 -5.54 -75.25 -31.44
CA ASP XA 21 -5.32 -75.23 -32.87
C ASP XA 21 -5.94 -73.97 -33.45
N ASP XA 22 -6.07 -73.93 -34.78
CA ASP XA 22 -6.76 -72.83 -35.44
C ASP XA 22 -8.24 -72.78 -35.12
N HIS XA 23 -8.85 -73.90 -34.73
CA HIS XA 23 -10.26 -73.92 -34.38
C HIS XA 23 -10.53 -73.13 -33.10
N THR XA 24 -9.60 -73.19 -32.14
CA THR XA 24 -9.69 -72.32 -30.98
C THR XA 24 -9.29 -70.89 -31.33
N ALA XA 25 -8.51 -70.70 -32.39
CA ALA XA 25 -8.10 -69.36 -32.79
C ALA XA 25 -9.24 -68.60 -33.47
N VAL XA 26 -10.03 -69.28 -34.30
CA VAL XA 26 -11.17 -68.62 -34.91
C VAL XA 26 -12.30 -68.45 -33.90
N GLU XA 27 -12.39 -69.34 -32.91
CA GLU XA 27 -13.37 -69.18 -31.85
C GLU XA 27 -13.03 -68.02 -30.93
N PHE XA 28 -11.74 -67.78 -30.71
CA PHE XA 28 -11.32 -66.61 -29.93
C PHE XA 28 -11.49 -65.34 -30.76
N GLN XA 29 -11.25 -65.44 -32.07
CA GLN XA 29 -11.43 -64.30 -32.96
C GLN XA 29 -12.89 -63.86 -33.03
N GLU XA 30 -13.80 -64.83 -33.04
CA GLU XA 30 -15.22 -64.52 -32.96
C GLU XA 30 -15.61 -64.03 -31.57
N ASP XA 31 -14.83 -64.34 -30.55
CA ASP XA 31 -15.18 -63.95 -29.18
C ASP XA 31 -14.89 -62.47 -28.93
N LEU XA 32 -13.69 -62.01 -29.31
CA LEU XA 32 -13.27 -60.66 -28.94
C LEU XA 32 -14.00 -59.60 -29.75
N LEU XA 33 -14.12 -59.81 -31.06
CA LEU XA 33 -14.75 -58.81 -31.91
C LEU XA 33 -16.26 -58.71 -31.67
N ALA XA 34 -16.87 -59.79 -31.19
CA ALA XA 34 -18.29 -59.70 -30.82
C ALA XA 34 -18.44 -58.96 -29.49
N LYS XA 35 -17.53 -59.21 -28.54
CA LYS XA 35 -17.64 -58.61 -27.22
C LYS XA 35 -17.38 -57.11 -27.27
N ILE XA 36 -16.47 -56.67 -28.13
CA ILE XA 36 -16.18 -55.25 -28.28
C ILE XA 36 -17.32 -54.48 -28.95
N HIS XA 37 -18.28 -55.17 -29.56
CA HIS XA 37 -19.54 -54.56 -29.96
C HIS XA 37 -20.69 -54.93 -29.04
N GLU XA 38 -20.54 -56.00 -28.24
CA GLU XA 38 -21.54 -56.32 -27.24
C GLU XA 38 -21.56 -55.28 -26.13
N THR XA 39 -20.41 -54.64 -25.87
CA THR XA 39 -20.37 -53.45 -25.03
C THR XA 39 -19.59 -52.37 -25.76
N SER XA 40 -19.29 -51.28 -25.08
CA SER XA 40 -18.44 -50.23 -25.64
C SER XA 40 -17.04 -50.33 -25.06
N ALA XA 41 -16.05 -50.00 -25.89
CA ALA XA 41 -14.65 -50.08 -25.49
C ALA XA 41 -13.84 -49.15 -26.36
N ARG XA 42 -12.63 -48.86 -25.90
CA ARG XA 42 -11.69 -48.06 -26.68
C ARG XA 42 -10.28 -48.60 -26.70
N GLY XA 43 -9.93 -49.57 -25.86
CA GLY XA 43 -8.58 -50.08 -25.83
C GLY XA 43 -8.48 -51.53 -25.41
N VAL XA 44 -7.80 -52.34 -26.22
CA VAL XA 44 -7.64 -53.77 -25.96
C VAL XA 44 -6.18 -54.01 -25.57
N VAL XA 45 -5.97 -54.75 -24.49
CA VAL XA 45 -4.65 -55.14 -24.04
C VAL XA 45 -4.56 -56.66 -24.16
N ILE XA 46 -3.87 -57.13 -25.17
CA ILE XA 46 -3.71 -58.57 -25.40
C ILE XA 46 -2.46 -59.04 -24.65
N ASP XA 47 -2.63 -60.04 -23.80
CA ASP XA 47 -1.55 -60.60 -22.99
C ASP XA 47 -1.18 -61.96 -23.55
N ILE XA 48 0.05 -62.08 -24.05
CA ILE XA 48 0.50 -63.34 -24.64
C ILE XA 48 1.81 -63.78 -24.01
N THR XA 49 2.01 -63.45 -22.73
CA THR XA 49 3.25 -63.82 -22.05
C THR XA 49 3.38 -65.31 -21.80
N SER XA 50 2.28 -66.06 -21.82
CA SER XA 50 2.29 -67.46 -21.46
C SER XA 50 2.44 -68.39 -22.66
N ILE XA 51 2.80 -67.88 -23.83
CA ILE XA 51 2.92 -68.68 -25.05
C ILE XA 51 4.38 -68.66 -25.50
N ASP XA 52 4.93 -69.84 -25.77
CA ASP XA 52 6.32 -69.98 -26.17
C ASP XA 52 6.48 -70.49 -27.59
N PHE XA 53 5.39 -70.79 -28.29
CA PHE XA 53 5.48 -71.35 -29.64
C PHE XA 53 4.18 -71.07 -30.36
N ILE XA 54 4.27 -70.47 -31.55
CA ILE XA 54 3.10 -70.10 -32.34
C ILE XA 54 3.36 -70.49 -33.80
N ASP XA 55 2.44 -71.25 -34.36
CA ASP XA 55 2.49 -71.67 -35.75
C ASP XA 55 2.07 -70.51 -36.67
N SER XA 56 2.57 -70.54 -37.91
CA SER XA 56 2.22 -69.54 -38.92
C SER XA 56 0.73 -69.47 -39.22
N PHE XA 57 0.00 -70.57 -39.03
CA PHE XA 57 -1.45 -70.55 -39.15
C PHE XA 57 -2.14 -69.87 -37.98
N ILE XA 58 -1.41 -69.59 -36.89
CA ILE XA 58 -1.96 -68.91 -35.73
C ILE XA 58 -1.55 -67.45 -35.67
N ALA XA 59 -0.34 -67.11 -36.12
CA ALA XA 59 0.13 -65.74 -36.04
C ALA XA 59 -0.64 -64.80 -36.97
N LYS XA 60 -1.26 -65.35 -38.02
CA LYS XA 60 -2.15 -64.54 -38.84
C LYS XA 60 -3.47 -64.27 -38.12
N ILE XA 61 -3.88 -65.17 -37.22
CA ILE XA 61 -5.08 -64.92 -36.44
C ILE XA 61 -4.81 -63.87 -35.36
N LEU XA 62 -3.60 -63.84 -34.83
CA LEU XA 62 -3.14 -62.70 -34.04
C LEU XA 62 -2.58 -61.58 -34.91
N GLY XA 63 -2.61 -61.76 -36.23
CA GLY XA 63 -2.35 -60.68 -37.16
C GLY XA 63 -3.66 -60.10 -37.63
N ASP XA 64 -4.74 -60.88 -37.48
CA ASP XA 64 -6.07 -60.42 -37.85
C ASP XA 64 -6.63 -59.46 -36.81
N VAL XA 65 -6.78 -59.93 -35.57
CA VAL XA 65 -7.43 -59.14 -34.53
C VAL XA 65 -6.58 -57.97 -34.06
N VAL XA 66 -5.29 -57.94 -34.42
CA VAL XA 66 -4.48 -56.76 -34.12
C VAL XA 66 -4.74 -55.67 -35.17
N SER XA 67 -5.36 -56.02 -36.30
CA SER XA 67 -5.71 -55.05 -37.31
C SER XA 67 -7.19 -55.00 -37.65
N MET XA 68 -7.95 -56.04 -37.30
CA MET XA 68 -9.40 -55.96 -37.46
C MET XA 68 -10.06 -55.17 -36.34
N SER XA 69 -9.36 -55.00 -35.21
CA SER XA 69 -9.92 -54.24 -34.10
C SER XA 69 -9.67 -52.74 -34.28
N LYS XA 70 -8.62 -52.37 -35.01
CA LYS XA 70 -8.38 -50.95 -35.29
C LYS XA 70 -9.46 -50.40 -36.21
N LEU XA 71 -9.86 -51.17 -37.22
CA LEU XA 71 -10.96 -50.76 -38.08
C LEU XA 71 -12.29 -50.84 -37.35
N MET XA 72 -12.38 -51.68 -36.32
CA MET XA 72 -13.60 -51.81 -35.54
C MET XA 72 -13.87 -50.55 -34.72
N GLY XA 73 -12.82 -49.86 -34.29
CA GLY XA 73 -13.02 -48.63 -33.55
C GLY XA 73 -12.35 -48.56 -32.20
N ALA XA 74 -11.27 -49.32 -32.03
CA ALA XA 74 -10.51 -49.28 -30.79
C ALA XA 74 -9.05 -49.57 -31.07
N LYS XA 75 -8.17 -48.88 -30.36
CA LYS XA 75 -6.74 -49.10 -30.50
C LYS XA 75 -6.32 -50.30 -29.66
N VAL XA 76 -5.29 -51.00 -30.13
CA VAL XA 76 -4.92 -52.28 -29.56
C VAL XA 76 -3.44 -52.24 -29.15
N VAL XA 77 -3.08 -53.08 -28.19
CA VAL XA 77 -1.71 -53.23 -27.75
C VAL XA 77 -1.49 -54.67 -27.29
N VAL XA 78 -0.43 -55.30 -27.81
CA VAL XA 78 -0.16 -56.70 -27.51
C VAL XA 78 1.06 -56.80 -26.62
N THR XA 79 0.86 -56.76 -25.30
CA THR XA 79 1.99 -56.67 -24.39
C THR XA 79 2.62 -58.03 -24.13
N GLY XA 80 3.91 -58.00 -23.80
CA GLY XA 80 4.63 -59.16 -23.31
C GLY XA 80 4.83 -60.29 -24.30
N ILE XA 81 5.61 -60.05 -25.33
CA ILE XA 81 5.96 -61.09 -26.29
C ILE XA 81 7.20 -61.81 -25.79
N GLN XA 82 7.14 -63.14 -25.74
CA GLN XA 82 8.27 -63.94 -25.31
C GLN XA 82 9.39 -63.89 -26.37
N PRO XA 83 10.65 -64.06 -25.96
CA PRO XA 83 11.74 -64.01 -26.93
C PRO XA 83 11.78 -65.19 -27.88
N ALA XA 84 11.23 -66.34 -27.49
CA ALA XA 84 11.20 -67.49 -28.40
C ALA XA 84 10.18 -67.28 -29.50
N VAL XA 85 9.00 -66.78 -29.17
CA VAL XA 85 7.98 -66.56 -30.18
C VAL XA 85 8.31 -65.33 -31.03
N ALA XA 86 9.03 -64.36 -30.46
CA ALA XA 86 9.38 -63.16 -31.20
C ALA XA 86 10.36 -63.41 -32.34
N ILE XA 87 11.10 -64.52 -32.30
CA ILE XA 87 12.00 -64.85 -33.40
C ILE XA 87 11.20 -65.21 -34.64
N THR XA 88 10.29 -66.18 -34.51
CA THR XA 88 9.56 -66.70 -35.67
C THR XA 88 8.48 -65.76 -36.17
N LEU XA 89 8.17 -64.68 -35.45
CA LEU XA 89 7.25 -63.68 -35.96
C LEU XA 89 7.85 -62.94 -37.16
N ILE XA 90 9.09 -62.46 -37.03
CA ILE XA 90 9.71 -61.71 -38.11
C ILE XA 90 10.63 -62.61 -38.96
N GLU XA 91 10.96 -63.81 -38.47
CA GLU XA 91 11.50 -64.84 -39.37
C GLU XA 91 10.47 -65.20 -40.44
N LEU XA 92 9.20 -65.26 -40.05
CA LEU XA 92 8.11 -65.16 -41.02
C LEU XA 92 8.16 -63.80 -41.71
N GLY XA 93 7.98 -62.74 -40.95
CA GLY XA 93 8.06 -61.37 -41.41
C GLY XA 93 6.69 -60.75 -41.57
N ILE XA 94 6.23 -60.10 -40.51
CA ILE XA 94 5.00 -59.32 -40.46
C ILE XA 94 5.21 -58.17 -39.48
N THR XA 95 5.21 -56.95 -39.99
CA THR XA 95 5.46 -55.79 -39.14
C THR XA 95 4.22 -55.46 -38.31
N PHE XA 96 4.42 -55.26 -37.02
CA PHE XA 96 3.36 -54.82 -36.13
C PHE XA 96 3.44 -53.30 -35.93
N SER XA 97 3.24 -52.58 -37.02
CA SER XA 97 3.26 -51.13 -36.99
C SER XA 97 1.89 -50.60 -36.60
N GLY XA 98 1.88 -49.55 -35.80
CA GLY XA 98 0.64 -49.06 -35.22
C GLY XA 98 0.17 -49.84 -34.01
N VAL XA 99 0.96 -50.80 -33.55
CA VAL XA 99 0.56 -51.68 -32.46
C VAL XA 99 1.10 -51.18 -31.12
N LEU XA 100 2.36 -50.76 -31.11
CA LEU XA 100 3.06 -50.14 -29.97
C LEU XA 100 2.99 -51.02 -28.72
N SER XA 101 3.58 -52.21 -28.85
CA SER XA 101 3.57 -53.21 -27.78
C SER XA 101 4.46 -52.78 -26.62
N ALA XA 102 4.37 -53.52 -25.52
CA ALA XA 102 5.13 -53.23 -24.31
C ALA XA 102 5.69 -54.53 -23.77
N MET XA 103 6.22 -54.48 -22.54
CA MET XA 103 6.91 -55.61 -21.93
C MET XA 103 6.04 -56.40 -20.94
N ASP XA 104 5.14 -55.74 -20.24
CA ASP XA 104 4.32 -56.40 -19.24
C ASP XA 104 3.01 -55.64 -19.09
N LEU XA 105 2.02 -56.32 -18.50
CA LEU XA 105 0.64 -55.83 -18.51
C LEU XA 105 0.45 -54.57 -17.66
N GLU XA 106 1.33 -54.32 -16.69
CA GLU XA 106 1.28 -53.05 -15.99
C GLU XA 106 1.75 -51.92 -16.90
N SER XA 107 2.90 -52.07 -17.53
CA SER XA 107 3.41 -51.03 -18.41
C SER XA 107 2.68 -50.97 -19.74
N GLY XA 108 1.95 -52.02 -20.10
CA GLY XA 108 1.13 -51.97 -21.31
C GLY XA 108 -0.02 -51.00 -21.17
N LEU XA 109 -0.63 -50.95 -19.99
CA LEU XA 109 -1.73 -50.04 -19.72
C LEU XA 109 -1.28 -48.62 -19.43
N GLU XA 110 0.02 -48.36 -19.36
CA GLU XA 110 0.50 -47.00 -19.15
C GLU XA 110 0.30 -46.15 -20.39
N LYS XA 111 0.69 -46.67 -21.56
CA LYS XA 111 0.61 -45.90 -22.79
C LYS XA 111 -0.81 -45.78 -23.30
N LEU XA 112 -1.59 -46.86 -23.21
CA LEU XA 112 -2.93 -46.88 -23.80
C LEU XA 112 -3.89 -45.99 -23.02
N LYS XA 113 -3.79 -45.98 -21.69
CA LYS XA 113 -4.60 -45.05 -20.90
C LYS XA 113 -4.14 -43.61 -21.10
N GLN XA 114 -2.86 -43.41 -21.42
CA GLN XA 114 -2.36 -42.07 -21.66
C GLN XA 114 -2.82 -41.54 -23.01
N GLU XA 115 -2.72 -42.37 -24.06
CA GLU XA 115 -2.85 -41.90 -25.43
C GLU XA 115 -4.29 -41.52 -25.75
N LEU XA 116 -5.22 -42.45 -25.59
CA LEU XA 116 -6.63 -42.21 -25.88
C LEU XA 116 -7.38 -42.09 -24.55
N GLY XA 117 -8.05 -40.95 -24.35
CA GLY XA 117 -8.71 -40.70 -23.09
C GLY XA 117 -7.75 -40.45 -21.96
N GLU XA 118 -7.04 -39.32 -22.02
CA GLU XA 118 -6.08 -38.95 -20.99
C GLU XA 118 -6.76 -38.67 -19.65
N MET YA 1 12.34 20.83 70.41
CA MET YA 1 11.98 21.63 71.57
C MET YA 1 10.70 22.42 71.30
N GLY YA 2 9.57 21.86 71.72
CA GLY YA 2 8.30 22.53 71.57
C GLY YA 2 7.75 22.50 70.15
N ILE YA 3 8.40 23.21 69.25
CA ILE YA 3 8.00 23.26 67.84
C ILE YA 3 8.70 22.12 67.12
N PRO YA 4 7.98 21.20 66.49
CA PRO YA 4 8.58 19.95 66.03
C PRO YA 4 9.44 20.11 64.79
N ILE YA 5 10.36 19.15 64.62
CA ILE YA 5 11.18 19.05 63.42
C ILE YA 5 10.28 18.69 62.24
N LEU YA 6 10.63 19.20 61.06
CA LEU YA 6 9.59 19.51 60.08
C LEU YA 6 9.88 19.13 58.63
N LYS YA 7 11.12 18.92 58.20
CA LYS YA 7 11.45 18.96 56.78
C LYS YA 7 10.93 17.73 56.02
N LEU YA 8 10.53 17.97 54.76
CA LEU YA 8 10.13 16.88 53.87
C LEU YA 8 10.27 17.35 52.41
N GLY YA 9 11.36 16.94 51.76
CA GLY YA 9 11.51 16.95 50.30
C GLY YA 9 11.14 18.19 49.50
N GLU YA 10 11.93 19.26 49.63
CA GLU YA 10 11.80 20.59 49.04
C GLU YA 10 10.67 21.41 49.65
N CYS YA 11 9.88 20.85 50.56
CA CYS YA 11 8.87 21.58 51.30
C CYS YA 11 9.09 21.34 52.79
N LEU YA 12 8.34 22.06 53.61
CA LEU YA 12 8.39 21.88 55.05
C LEU YA 12 6.98 21.74 55.58
N LEU YA 13 6.82 20.93 56.63
CA LEU YA 13 5.53 20.70 57.27
C LEU YA 13 5.67 21.05 58.75
N ILE YA 14 5.48 22.32 59.07
CA ILE YA 14 5.57 22.77 60.46
C ILE YA 14 4.22 22.55 61.12
N SER YA 15 4.19 21.72 62.15
CA SER YA 15 3.01 21.64 62.98
C SER YA 15 3.17 22.59 64.16
N ILE YA 16 2.04 22.89 64.81
CA ILE YA 16 2.00 23.83 65.92
C ILE YA 16 1.01 23.29 66.94
N GLN YA 17 1.44 23.16 68.19
CA GLN YA 17 0.55 22.83 69.28
C GLN YA 17 0.30 24.08 70.12
N SER YA 18 -0.46 23.92 71.20
CA SER YA 18 -1.09 25.05 71.90
C SER YA 18 -0.03 25.85 72.66
N GLU YA 19 0.38 26.97 72.07
CA GLU YA 19 1.24 27.95 72.73
C GLU YA 19 0.41 29.16 73.11
N LEU YA 20 0.86 29.87 74.14
CA LEU YA 20 0.03 30.89 74.78
C LEU YA 20 0.55 32.31 74.58
N ASP YA 21 1.79 32.59 74.95
CA ASP YA 21 2.29 33.96 74.95
C ASP YA 21 3.12 34.24 73.71
N ASP YA 22 3.40 35.53 73.48
CA ASP YA 22 4.25 35.94 72.38
C ASP YA 22 5.70 35.50 72.61
N HIS YA 23 6.20 35.66 73.84
CA HIS YA 23 7.56 35.24 74.14
C HIS YA 23 7.71 33.73 74.10
N THR YA 24 6.64 33.00 74.39
CA THR YA 24 6.65 31.55 74.18
C THR YA 24 6.60 31.22 72.69
N ALA YA 25 6.16 32.13 71.84
CA ALA YA 25 6.10 31.93 70.41
C ALA YA 25 7.13 32.76 69.65
N VAL YA 26 7.95 33.55 70.34
CA VAL YA 26 9.01 34.26 69.65
C VAL YA 26 10.18 33.34 69.33
N GLU YA 27 10.27 32.20 70.03
CA GLU YA 27 11.21 31.16 69.63
C GLU YA 27 10.79 30.48 68.35
N PHE YA 28 9.49 30.51 68.02
CA PHE YA 28 9.00 29.85 66.83
C PHE YA 28 9.36 30.63 65.57
N GLN YA 29 9.34 31.96 65.64
CA GLN YA 29 9.67 32.78 64.48
C GLN YA 29 11.15 32.67 64.12
N GLU YA 30 12.00 32.39 65.10
CA GLU YA 30 13.40 32.11 64.80
C GLU YA 30 13.56 30.74 64.15
N ASP YA 31 12.87 29.73 64.70
CA ASP YA 31 13.09 28.36 64.25
C ASP YA 31 12.48 28.10 62.88
N LEU YA 32 11.49 28.88 62.48
CA LEU YA 32 10.97 28.78 61.11
C LEU YA 32 11.98 29.36 60.12
N LEU YA 33 12.57 30.50 60.46
CA LEU YA 33 13.47 31.18 59.52
C LEU YA 33 14.86 30.56 59.52
N ALA YA 34 15.31 30.02 60.66
CA ALA YA 34 16.61 29.36 60.68
C ALA YA 34 16.56 28.04 59.91
N LYS YA 35 15.44 27.32 59.98
CA LYS YA 35 15.33 26.07 59.24
C LYS YA 35 15.13 26.31 57.75
N ILE YA 36 14.45 27.40 57.39
CA ILE YA 36 14.26 27.71 55.97
C ILE YA 36 15.53 28.31 55.37
N HIS YA 37 16.46 28.78 56.19
CA HIS YA 37 17.74 29.28 55.69
C HIS YA 37 18.76 28.15 55.56
N GLU YA 38 18.79 27.24 56.54
CA GLU YA 38 19.68 26.10 56.48
C GLU YA 38 19.34 25.19 55.30
N THR YA 39 18.10 24.77 55.19
CA THR YA 39 17.68 23.99 54.05
C THR YA 39 17.47 24.91 52.84
N SER YA 40 17.42 24.31 51.67
CA SER YA 40 17.06 25.01 50.45
C SER YA 40 15.56 24.88 50.17
N ALA YA 41 14.76 25.24 51.16
CA ALA YA 41 13.32 25.03 51.09
C ALA YA 41 12.67 25.99 50.11
N ARG YA 42 11.50 25.59 49.62
CA ARG YA 42 10.74 26.40 48.67
C ARG YA 42 9.30 26.65 49.10
N GLY YA 43 8.76 25.88 50.02
CA GLY YA 43 7.41 26.11 50.51
C GLY YA 43 7.30 25.72 51.97
N VAL YA 44 6.30 26.29 52.63
CA VAL YA 44 6.07 26.05 54.05
C VAL YA 44 4.57 25.87 54.25
N VAL YA 45 4.18 24.75 54.84
CA VAL YA 45 2.78 24.50 55.15
C VAL YA 45 2.59 24.55 56.67
N ILE YA 46 2.27 25.74 57.18
CA ILE YA 46 2.03 25.91 58.60
C ILE YA 46 0.66 25.36 58.94
N ASP YA 47 0.58 24.52 59.97
CA ASP YA 47 -0.69 23.97 60.43
C ASP YA 47 -1.02 24.56 61.80
N ILE YA 48 -2.25 25.04 61.96
CA ILE YA 48 -2.70 25.61 63.22
C ILE YA 48 -3.97 24.91 63.69
N THR YA 49 -4.11 23.63 63.34
CA THR YA 49 -5.28 22.84 63.71
C THR YA 49 -5.36 22.65 65.23
N SER YA 50 -4.22 22.60 65.91
CA SER YA 50 -4.18 22.33 67.33
C SER YA 50 -4.27 23.60 68.18
N ILE YA 51 -4.86 24.67 67.66
CA ILE YA 51 -5.16 25.86 68.44
C ILE YA 51 -6.66 26.12 68.32
N ASP YA 52 -7.29 26.46 69.43
CA ASP YA 52 -8.71 26.82 69.42
C ASP YA 52 -8.99 28.19 70.01
N PHE YA 53 -7.96 28.91 70.48
CA PHE YA 53 -8.13 30.26 70.98
C PHE YA 53 -6.85 31.04 70.70
N ILE YA 54 -6.99 32.23 70.13
CA ILE YA 54 -5.84 33.01 69.69
C ILE YA 54 -6.02 34.44 70.17
N ASP YA 55 -5.00 34.94 70.88
CA ASP YA 55 -4.95 36.32 71.31
C ASP YA 55 -4.52 37.21 70.15
N SER YA 56 -4.90 38.50 70.23
CA SER YA 56 -4.49 39.48 69.24
C SER YA 56 -2.98 39.72 69.24
N PHE YA 57 -2.31 39.42 70.35
CA PHE YA 57 -0.85 39.48 70.37
C PHE YA 57 -0.22 38.36 69.56
N ILE YA 58 -0.86 37.18 69.53
CA ILE YA 58 -0.34 36.07 68.75
C ILE YA 58 -0.56 36.30 67.27
N ALA YA 59 -1.59 37.08 66.91
CA ALA YA 59 -1.87 37.37 65.51
C ALA YA 59 -0.86 38.32 64.89
N LYS YA 60 0.02 38.93 65.68
CA LYS YA 60 1.13 39.69 65.11
C LYS YA 60 2.21 38.76 64.58
N ILE YA 61 2.35 37.57 65.16
CA ILE YA 61 3.33 36.61 64.66
C ILE YA 61 2.80 35.89 63.43
N LEU YA 62 1.63 35.25 63.56
CA LEU YA 62 1.09 34.47 62.45
C LEU YA 62 0.50 35.33 61.34
N GLY YA 63 0.33 36.62 61.56
CA GLY YA 63 0.01 37.54 60.50
C GLY YA 63 1.21 38.13 59.81
N ASP YA 64 2.42 37.78 60.26
CA ASP YA 64 3.65 38.29 59.67
C ASP YA 64 4.53 37.22 59.06
N VAL YA 65 4.43 35.96 59.52
CA VAL YA 65 5.25 34.89 58.97
C VAL YA 65 4.84 34.56 57.55
N VAL YA 66 3.60 34.85 57.17
CA VAL YA 66 3.19 34.71 55.78
C VAL YA 66 3.78 35.83 54.92
N SER YA 67 4.24 36.91 55.53
CA SER YA 67 4.94 37.96 54.81
C SER YA 67 6.44 37.92 55.03
N MET YA 68 6.89 37.41 56.17
CA MET YA 68 8.32 37.27 56.41
C MET YA 68 8.92 36.16 55.56
N SER YA 69 8.33 34.97 55.61
CA SER YA 69 8.86 33.85 54.84
C SER YA 69 8.58 33.98 53.35
N LYS YA 70 7.71 34.90 52.93
CA LYS YA 70 7.57 35.18 51.51
C LYS YA 70 8.79 35.90 50.98
N LEU YA 71 9.27 36.90 51.71
CA LEU YA 71 10.44 37.67 51.28
C LEU YA 71 11.70 36.83 51.37
N MET YA 72 11.73 35.84 52.26
CA MET YA 72 12.85 34.92 52.37
C MET YA 72 12.98 34.03 51.13
N GLY YA 73 11.90 33.85 50.38
CA GLY YA 73 11.98 33.10 49.14
C GLY YA 73 11.16 31.83 49.10
N ALA YA 74 10.01 31.81 49.78
CA ALA YA 74 9.17 30.63 49.78
C ALA YA 74 7.70 31.02 49.91
N LYS YA 75 6.86 30.36 49.12
CA LYS YA 75 5.43 30.50 49.30
C LYS YA 75 5.00 29.82 50.60
N VAL YA 76 3.92 30.32 51.20
CA VAL YA 76 3.47 29.85 52.51
C VAL YA 76 1.96 29.64 52.44
N VAL YA 77 1.51 28.46 52.84
CA VAL YA 77 0.09 28.16 52.98
C VAL YA 77 -0.18 27.80 54.43
N VAL YA 78 -1.31 28.28 54.95
CA VAL YA 78 -1.70 28.06 56.34
C VAL YA 78 -2.95 27.21 56.33
N THR YA 79 -2.80 25.91 56.60
CA THR YA 79 -3.93 24.98 56.54
C THR YA 79 -4.44 24.66 57.93
N GLY YA 80 -5.69 24.18 57.96
CA GLY YA 80 -6.30 23.74 59.19
C GLY YA 80 -6.64 24.86 60.15
N ILE YA 81 -7.57 25.73 59.75
CA ILE YA 81 -8.02 26.82 60.60
C ILE YA 81 -9.33 26.41 61.26
N GLN YA 82 -9.40 26.55 62.58
CA GLN YA 82 -10.58 26.23 63.35
C GLN YA 82 -11.65 27.31 63.17
N PRO YA 83 -12.92 27.03 63.54
CA PRO YA 83 -13.95 28.09 63.43
C PRO YA 83 -13.72 29.25 64.38
N ALA YA 84 -13.50 28.96 65.66
CA ALA YA 84 -13.45 30.00 66.69
C ALA YA 84 -12.24 30.91 66.57
N VAL YA 85 -11.17 30.46 65.91
CA VAL YA 85 -10.07 31.35 65.61
C VAL YA 85 -10.38 32.18 64.36
N ALA YA 86 -11.18 31.64 63.44
CA ALA YA 86 -11.54 32.39 62.24
C ALA YA 86 -12.51 33.53 62.56
N ILE YA 87 -13.33 33.38 63.61
CA ILE YA 87 -14.24 34.45 64.01
C ILE YA 87 -13.47 35.61 64.62
N THR YA 88 -12.48 35.31 65.46
CA THR YA 88 -11.77 36.34 66.21
C THR YA 88 -10.64 36.99 65.42
N LEU YA 89 -10.64 36.87 64.10
CA LEU YA 89 -9.73 37.65 63.25
C LEU YA 89 -10.37 38.95 62.77
N ILE YA 90 -11.30 39.49 63.56
CA ILE YA 90 -11.81 40.83 63.31
C ILE YA 90 -10.71 41.87 63.58
N GLU YA 91 -9.94 41.67 64.65
CA GLU YA 91 -8.96 42.66 65.08
C GLU YA 91 -7.77 42.73 64.14
N LEU YA 92 -7.46 41.64 63.44
CA LEU YA 92 -6.43 41.67 62.42
C LEU YA 92 -6.99 42.45 61.23
N GLY YA 93 -6.62 43.73 61.15
CA GLY YA 93 -7.31 44.66 60.27
C GLY YA 93 -6.78 44.75 58.86
N ILE YA 94 -6.33 43.62 58.31
CA ILE YA 94 -5.93 43.55 56.90
C ILE YA 94 -6.46 42.24 56.32
N THR YA 95 -7.11 42.34 55.17
CA THR YA 95 -7.49 41.14 54.43
C THR YA 95 -6.24 40.46 53.88
N PHE YA 96 -6.20 39.13 53.98
CA PHE YA 96 -4.99 38.39 53.67
C PHE YA 96 -4.69 38.39 52.18
N SER YA 97 -3.42 38.14 51.87
CA SER YA 97 -2.92 38.19 50.50
C SER YA 97 -1.91 37.08 50.31
N GLY YA 98 -2.18 36.18 49.36
CA GLY YA 98 -1.27 35.09 49.09
C GLY YA 98 -1.21 34.03 50.17
N VAL YA 99 -2.25 33.90 50.98
CA VAL YA 99 -2.22 32.91 52.05
C VAL YA 99 -2.60 31.54 51.52
N LEU YA 100 -3.72 31.45 50.80
CA LEU YA 100 -4.21 30.23 50.13
C LEU YA 100 -4.43 29.09 51.14
N SER YA 101 -5.37 29.31 52.05
CA SER YA 101 -5.59 28.37 53.14
C SER YA 101 -6.26 27.09 52.65
N ALA YA 102 -6.35 26.12 53.54
CA ALA YA 102 -7.02 24.86 53.27
C ALA YA 102 -7.56 24.32 54.59
N MET YA 103 -7.96 23.04 54.59
CA MET YA 103 -8.48 22.42 55.79
C MET YA 103 -7.59 21.34 56.38
N ASP YA 104 -6.66 20.80 55.59
CA ASP YA 104 -5.86 19.67 56.04
C ASP YA 104 -4.56 19.62 55.25
N LEU YA 105 -3.61 18.86 55.77
CA LEU YA 105 -2.29 18.78 55.17
C LEU YA 105 -2.27 18.01 53.85
N GLU YA 106 -3.26 17.16 53.61
CA GLU YA 106 -3.27 16.40 52.36
C GLU YA 106 -3.61 17.29 51.17
N SER YA 107 -4.60 18.19 51.33
CA SER YA 107 -4.93 19.12 50.26
C SER YA 107 -3.98 20.31 50.22
N GLY YA 108 -3.29 20.58 51.33
CA GLY YA 108 -2.32 21.67 51.33
C GLY YA 108 -1.11 21.38 50.46
N LEU YA 109 -0.64 20.13 50.47
CA LEU YA 109 0.48 19.77 49.62
C LEU YA 109 0.07 19.68 48.15
N GLU YA 110 -1.18 19.33 47.88
CA GLU YA 110 -1.66 19.24 46.50
C GLU YA 110 -1.68 20.60 45.83
N LYS YA 111 -1.93 21.66 46.60
CA LYS YA 111 -1.68 23.01 46.09
C LYS YA 111 -0.20 23.24 45.87
N LEU YA 112 0.61 22.97 46.91
CA LEU YA 112 2.01 23.37 46.89
C LEU YA 112 2.85 22.50 45.95
N LYS YA 113 2.42 21.26 45.67
CA LYS YA 113 3.11 20.52 44.62
C LYS YA 113 2.76 21.04 43.24
N GLN YA 114 1.63 21.74 43.10
CA GLN YA 114 1.19 22.28 41.82
C GLN YA 114 1.64 23.70 41.59
N GLU YA 115 1.47 24.59 42.57
CA GLU YA 115 1.86 25.99 42.43
C GLU YA 115 3.33 26.24 42.69
N LEU YA 116 4.16 25.20 42.74
CA LEU YA 116 5.57 25.35 43.07
C LEU YA 116 6.32 24.14 42.52
N GLY YA 117 7.46 24.40 41.89
CA GLY YA 117 8.21 23.34 41.26
C GLY YA 117 7.68 22.97 39.90
N GLU YA 118 6.50 22.36 39.87
CA GLU YA 118 5.85 22.01 38.61
C GLU YA 118 5.23 23.27 38.01
N MET ZA 1 -4.43 -73.49 -16.52
CA MET ZA 1 -5.02 -74.01 -17.75
C MET ZA 1 -6.48 -73.58 -17.86
N GLY ZA 2 -6.73 -72.30 -17.60
CA GLY ZA 2 -8.08 -71.77 -17.65
C GLY ZA 2 -8.33 -70.72 -16.58
N ILE ZA 3 -7.42 -70.61 -15.62
CA ILE ZA 3 -7.48 -69.63 -14.56
C ILE ZA 3 -6.27 -68.71 -14.67
N PRO ZA 4 -6.43 -67.51 -15.22
CA PRO ZA 4 -5.30 -66.61 -15.39
C PRO ZA 4 -5.08 -65.69 -14.21
N ILE ZA 5 -3.86 -65.15 -14.13
CA ILE ZA 5 -3.51 -64.13 -13.15
C ILE ZA 5 -2.73 -63.05 -13.89
N LEU ZA 6 -3.19 -61.80 -13.78
CA LEU ZA 6 -2.76 -60.72 -14.65
C LEU ZA 6 -2.47 -59.46 -13.80
N LYS ZA 7 -1.58 -59.62 -12.81
CA LYS ZA 7 -1.27 -58.61 -11.79
C LYS ZA 7 -0.97 -57.24 -12.38
N LEU ZA 8 -1.44 -56.21 -11.67
CA LEU ZA 8 -1.56 -54.86 -12.21
C LEU ZA 8 -1.16 -53.85 -11.13
N GLY ZA 9 0.13 -53.52 -11.08
CA GLY ZA 9 0.67 -52.55 -10.13
C GLY ZA 9 0.37 -52.85 -8.67
N GLU ZA 10 0.96 -53.93 -8.16
CA GLU ZA 10 0.76 -54.55 -6.83
C GLU ZA 10 -0.71 -54.89 -6.53
N CYS ZA 11 -1.59 -54.88 -7.52
CA CYS ZA 11 -2.99 -55.28 -7.35
C CYS ZA 11 -3.28 -56.39 -8.35
N LEU ZA 12 -3.53 -57.59 -7.85
CA LEU ZA 12 -3.76 -58.73 -8.72
C LEU ZA 12 -5.19 -58.71 -9.25
N LEU ZA 13 -5.48 -59.66 -10.15
CA LEU ZA 13 -6.83 -59.89 -10.64
C LEU ZA 13 -7.02 -61.37 -10.83
N ILE ZA 14 -8.29 -61.81 -10.81
CA ILE ZA 14 -8.65 -63.21 -10.95
C ILE ZA 14 -9.90 -63.29 -11.80
N SER ZA 15 -9.82 -64.01 -12.92
CA SER ZA 15 -11.00 -64.42 -13.67
C SER ZA 15 -11.31 -65.87 -13.36
N ILE ZA 16 -12.60 -66.19 -13.26
CA ILE ZA 16 -13.04 -67.56 -13.00
C ILE ZA 16 -14.20 -67.87 -13.94
N GLN ZA 17 -14.04 -68.90 -14.77
CA GLN ZA 17 -15.07 -69.35 -15.69
C GLN ZA 17 -15.93 -70.42 -15.01
N SER ZA 18 -16.73 -71.13 -15.81
CA SER ZA 18 -17.63 -72.15 -15.28
C SER ZA 18 -16.84 -73.37 -14.83
N GLU ZA 19 -16.89 -73.66 -13.53
CA GLU ZA 19 -16.28 -74.86 -12.97
C GLU ZA 19 -17.33 -75.95 -12.82
N LEU ZA 20 -16.84 -77.19 -12.65
CA LEU ZA 20 -17.71 -78.35 -12.50
C LEU ZA 20 -17.34 -79.26 -11.34
N ASP ZA 21 -16.17 -79.10 -10.72
CA ASP ZA 21 -15.76 -79.99 -9.64
C ASP ZA 21 -14.79 -79.26 -8.72
N ASP ZA 22 -14.63 -79.81 -7.52
CA ASP ZA 22 -13.67 -79.26 -6.57
C ASP ZA 22 -12.25 -79.76 -6.80
N HIS ZA 23 -12.06 -80.72 -7.70
CA HIS ZA 23 -10.71 -81.12 -8.08
C HIS ZA 23 -10.02 -80.04 -8.89
N THR ZA 24 -10.78 -79.19 -9.57
CA THR ZA 24 -10.21 -78.02 -10.23
C THR ZA 24 -9.71 -77.02 -9.20
N ALA ZA 25 -10.45 -76.83 -8.12
CA ALA ZA 25 -10.16 -75.75 -7.17
C ALA ZA 25 -8.92 -76.04 -6.34
N VAL ZA 26 -8.65 -77.31 -6.03
CA VAL ZA 26 -7.49 -77.65 -5.21
C VAL ZA 26 -6.20 -77.42 -6.01
N GLU ZA 27 -6.25 -77.65 -7.31
CA GLU ZA 27 -5.14 -77.24 -8.17
C GLU ZA 27 -5.08 -75.73 -8.34
N PHE ZA 28 -6.20 -75.04 -8.13
CA PHE ZA 28 -6.29 -73.60 -8.25
C PHE ZA 28 -5.91 -72.88 -6.96
N GLN ZA 29 -6.26 -73.47 -5.81
CA GLN ZA 29 -6.03 -72.84 -4.52
C GLN ZA 29 -4.55 -72.66 -4.22
N GLU ZA 30 -3.72 -73.60 -4.66
CA GLU ZA 30 -2.28 -73.43 -4.52
C GLU ZA 30 -1.73 -72.42 -5.51
N ASP ZA 31 -2.40 -72.20 -6.64
CA ASP ZA 31 -1.86 -71.32 -7.67
C ASP ZA 31 -2.01 -69.85 -7.31
N LEU ZA 32 -3.04 -69.49 -6.55
CA LEU ZA 32 -3.21 -68.10 -6.15
C LEU ZA 32 -2.16 -67.69 -5.13
N LEU ZA 33 -1.90 -68.55 -4.14
CA LEU ZA 33 -0.91 -68.23 -3.12
C LEU ZA 33 0.51 -68.33 -3.64
N ALA ZA 34 0.74 -69.17 -4.65
CA ALA ZA 34 2.07 -69.23 -5.27
C ALA ZA 34 2.36 -67.97 -6.07
N LYS ZA 35 1.33 -67.27 -6.54
CA LYS ZA 35 1.56 -66.00 -7.21
C LYS ZA 35 1.81 -64.89 -6.21
N ILE ZA 36 1.08 -64.89 -5.09
CA ILE ZA 36 1.23 -63.83 -4.09
C ILE ZA 36 2.51 -63.95 -3.29
N HIS ZA 37 3.21 -65.07 -3.41
CA HIS ZA 37 4.60 -65.14 -2.93
C HIS ZA 37 5.56 -64.52 -3.95
N GLU ZA 38 5.34 -64.79 -5.23
CA GLU ZA 38 6.28 -64.36 -6.27
C GLU ZA 38 6.25 -62.84 -6.46
N THR ZA 39 5.09 -62.22 -6.26
CA THR ZA 39 4.99 -60.76 -6.35
C THR ZA 39 4.37 -60.22 -5.08
N SER ZA 40 4.70 -58.95 -4.79
CA SER ZA 40 4.02 -58.26 -3.72
C SER ZA 40 2.59 -57.93 -4.13
N ALA ZA 41 1.72 -57.77 -3.14
CA ALA ZA 41 0.32 -57.51 -3.43
C ALA ZA 41 -0.29 -56.68 -2.32
N ARG ZA 42 -1.38 -56.03 -2.65
CA ARG ZA 42 -2.17 -55.27 -1.69
C ARG ZA 42 -3.63 -55.68 -1.69
N GLY ZA 43 -4.18 -56.04 -2.85
CA GLY ZA 43 -5.50 -56.63 -2.89
C GLY ZA 43 -5.73 -57.49 -4.11
N VAL ZA 44 -6.14 -58.72 -3.91
CA VAL ZA 44 -6.57 -59.56 -5.03
C VAL ZA 44 -8.06 -59.32 -5.24
N VAL ZA 45 -8.51 -59.43 -6.47
CA VAL ZA 45 -9.90 -59.15 -6.84
C VAL ZA 45 -10.44 -60.40 -7.53
N ILE ZA 46 -11.14 -61.24 -6.77
CA ILE ZA 46 -11.75 -62.44 -7.33
C ILE ZA 46 -13.04 -62.06 -8.03
N ASP ZA 47 -13.21 -62.53 -9.28
CA ASP ZA 47 -14.40 -62.27 -10.07
C ASP ZA 47 -15.09 -63.59 -10.36
N ILE ZA 48 -16.33 -63.73 -9.88
CA ILE ZA 48 -17.09 -64.97 -10.04
C ILE ZA 48 -18.40 -64.70 -10.78
N THR ZA 49 -18.37 -63.74 -11.71
CA THR ZA 49 -19.58 -63.33 -12.42
C THR ZA 49 -20.14 -64.43 -13.31
N SER ZA 50 -19.28 -65.31 -13.82
CA SER ZA 50 -19.68 -66.32 -14.80
C SER ZA 50 -20.07 -67.65 -14.16
N ILE ZA 51 -20.64 -67.63 -12.96
CA ILE ZA 51 -21.02 -68.85 -12.25
C ILE ZA 51 -22.48 -68.71 -11.83
N ASP ZA 52 -23.31 -69.68 -12.22
CA ASP ZA 52 -24.72 -69.68 -11.87
C ASP ZA 52 -25.09 -70.73 -10.84
N PHE ZA 53 -24.22 -71.69 -10.57
CA PHE ZA 53 -24.48 -72.69 -9.53
C PHE ZA 53 -23.16 -73.07 -8.89
N ILE ZA 54 -23.21 -73.43 -7.61
CA ILE ZA 54 -22.01 -73.64 -6.82
C ILE ZA 54 -22.17 -74.90 -5.97
N ASP ZA 55 -21.18 -75.79 -6.05
CA ASP ZA 55 -21.11 -76.93 -5.15
C ASP ZA 55 -20.84 -76.46 -3.73
N SER ZA 56 -21.44 -77.15 -2.75
CA SER ZA 56 -21.33 -76.74 -1.35
C SER ZA 56 -19.90 -76.90 -0.83
N PHE ZA 57 -19.13 -77.84 -1.37
CA PHE ZA 57 -17.72 -77.92 -1.01
C PHE ZA 57 -16.90 -76.85 -1.71
N ILE ZA 58 -17.34 -76.38 -2.89
CA ILE ZA 58 -16.65 -75.29 -3.57
C ILE ZA 58 -16.87 -73.99 -2.82
N ALA ZA 59 -18.05 -73.81 -2.22
CA ALA ZA 59 -18.29 -72.66 -1.35
C ALA ZA 59 -17.41 -72.70 -0.11
N LYS ZA 60 -17.03 -73.89 0.34
CA LYS ZA 60 -16.01 -73.99 1.38
C LYS ZA 60 -14.64 -73.59 0.87
N ILE ZA 61 -14.38 -73.77 -0.42
CA ILE ZA 61 -13.08 -73.40 -0.98
C ILE ZA 61 -13.03 -71.90 -1.25
N LEU ZA 62 -14.06 -71.36 -1.90
CA LEU ZA 62 -14.11 -69.92 -2.18
C LEU ZA 62 -14.31 -69.11 -0.91
N GLY ZA 63 -14.91 -69.69 0.13
CA GLY ZA 63 -14.89 -69.07 1.42
C GLY ZA 63 -13.58 -69.20 2.16
N ASP ZA 64 -12.68 -70.06 1.68
CA ASP ZA 64 -11.38 -70.25 2.31
C ASP ZA 64 -10.31 -69.37 1.68
N VAL ZA 65 -10.32 -69.22 0.36
CA VAL ZA 65 -9.32 -68.40 -0.33
C VAL ZA 65 -9.42 -66.92 0.00
N VAL ZA 66 -10.52 -66.49 0.60
CA VAL ZA 66 -10.52 -65.23 1.33
C VAL ZA 66 -9.48 -65.27 2.44
N SER ZA 67 -9.64 -66.22 3.37
CA SER ZA 67 -8.77 -66.28 4.53
C SER ZA 67 -7.39 -66.86 4.24
N MET ZA 68 -7.21 -67.50 3.09
CA MET ZA 68 -5.86 -67.85 2.69
C MET ZA 68 -5.09 -66.64 2.22
N SER ZA 69 -5.79 -65.63 1.68
CA SER ZA 69 -5.16 -64.46 1.13
C SER ZA 69 -5.20 -63.26 2.07
N LYS ZA 70 -5.93 -63.35 3.19
CA LYS ZA 70 -5.84 -62.29 4.19
C LYS ZA 70 -4.52 -62.36 4.94
N LEU ZA 71 -4.07 -63.58 5.25
CA LEU ZA 71 -2.86 -63.75 6.07
C LEU ZA 71 -1.61 -63.37 5.32
N MET ZA 72 -1.63 -63.44 3.99
CA MET ZA 72 -0.47 -63.03 3.21
C MET ZA 72 -0.23 -61.54 3.21
N GLY ZA 73 -1.25 -60.75 3.54
CA GLY ZA 73 -1.08 -59.31 3.63
C GLY ZA 73 -2.10 -58.56 2.81
N ALA ZA 74 -2.54 -59.16 1.71
CA ALA ZA 74 -3.44 -58.50 0.79
C ALA ZA 74 -4.88 -58.58 1.27
N LYS ZA 75 -5.69 -57.63 0.80
CA LYS ZA 75 -7.13 -57.68 1.00
C LYS ZA 75 -7.76 -58.47 -0.14
N VAL ZA 76 -9.07 -58.71 -0.02
CA VAL ZA 76 -9.82 -59.43 -1.04
C VAL ZA 76 -11.05 -58.62 -1.39
N VAL ZA 77 -11.54 -58.82 -2.63
CA VAL ZA 77 -12.81 -58.27 -3.08
C VAL ZA 77 -13.47 -59.37 -3.89
N VAL ZA 78 -14.61 -59.85 -3.42
CA VAL ZA 78 -15.38 -60.87 -4.14
C VAL ZA 78 -16.43 -60.11 -4.94
N THR ZA 79 -16.05 -59.68 -6.13
CA THR ZA 79 -16.91 -58.81 -6.93
C THR ZA 79 -17.84 -59.60 -7.83
N GLY ZA 80 -18.97 -58.98 -8.18
CA GLY ZA 80 -19.89 -59.47 -9.18
C GLY ZA 80 -20.55 -60.80 -8.89
N ILE ZA 81 -21.05 -61.00 -7.68
CA ILE ZA 81 -21.74 -62.24 -7.35
C ILE ZA 81 -23.14 -62.19 -7.93
N GLN ZA 82 -23.54 -63.27 -8.60
CA GLN ZA 82 -24.83 -63.35 -9.25
C GLN ZA 82 -25.93 -63.58 -8.21
N PRO ZA 83 -27.21 -63.39 -8.58
CA PRO ZA 83 -28.29 -63.70 -7.63
C PRO ZA 83 -28.37 -65.16 -7.20
N ALA ZA 84 -28.50 -66.08 -8.17
CA ALA ZA 84 -28.88 -67.46 -7.87
C ALA ZA 84 -27.79 -68.22 -7.11
N VAL ZA 85 -26.53 -67.82 -7.26
CA VAL ZA 85 -25.49 -68.35 -6.39
C VAL ZA 85 -25.64 -67.80 -4.98
N ALA ZA 86 -26.04 -66.54 -4.85
CA ALA ZA 86 -25.98 -65.87 -3.56
C ALA ZA 86 -27.21 -66.10 -2.70
N ILE ZA 87 -28.40 -66.27 -3.30
CA ILE ZA 87 -29.64 -66.09 -2.56
C ILE ZA 87 -29.89 -67.25 -1.60
N THR ZA 88 -29.76 -68.49 -2.09
CA THR ZA 88 -30.11 -69.66 -1.28
C THR ZA 88 -28.94 -70.61 -1.06
N LEU ZA 89 -27.73 -70.25 -1.50
CA LEU ZA 89 -26.59 -71.14 -1.33
C LEU ZA 89 -25.46 -70.55 -0.50
N ILE ZA 90 -25.39 -69.24 -0.36
CA ILE ZA 90 -24.43 -68.62 0.54
C ILE ZA 90 -25.10 -68.30 1.88
N GLU ZA 91 -26.28 -68.87 2.11
CA GLU ZA 91 -26.88 -68.94 3.44
C GLU ZA 91 -26.32 -70.09 4.25
N LEU ZA 92 -25.39 -70.85 3.71
CA LEU ZA 92 -24.74 -71.95 4.42
C LEU ZA 92 -23.76 -71.40 5.46
N GLY ZA 93 -22.97 -72.29 6.05
CA GLY ZA 93 -22.15 -71.93 7.19
C GLY ZA 93 -20.95 -71.04 6.91
N ILE ZA 94 -21.19 -69.89 6.30
CA ILE ZA 94 -20.17 -68.89 6.06
C ILE ZA 94 -20.10 -67.94 7.25
N THR ZA 95 -19.00 -67.19 7.31
CA THR ZA 95 -18.82 -66.10 8.26
C THR ZA 95 -18.27 -64.88 7.53
N PHE ZA 96 -18.92 -64.52 6.41
CA PHE ZA 96 -18.42 -63.48 5.51
C PHE ZA 96 -18.53 -62.12 6.17
N SER ZA 97 -17.41 -61.64 6.72
CA SER ZA 97 -17.33 -60.30 7.27
C SER ZA 97 -15.93 -59.77 6.99
N GLY ZA 98 -15.83 -58.47 6.73
CA GLY ZA 98 -14.57 -57.91 6.27
C GLY ZA 98 -14.18 -58.40 4.90
N VAL ZA 99 -15.16 -58.65 4.04
CA VAL ZA 99 -14.92 -59.24 2.73
C VAL ZA 99 -14.85 -58.18 1.64
N LEU ZA 100 -15.55 -57.05 1.81
CA LEU ZA 100 -15.57 -55.91 0.88
C LEU ZA 100 -16.02 -56.32 -0.52
N SER ZA 101 -17.27 -56.78 -0.60
CA SER ZA 101 -17.85 -57.17 -1.87
C SER ZA 101 -18.10 -55.96 -2.75
N ALA ZA 102 -18.23 -56.21 -4.06
CA ALA ZA 102 -18.44 -55.15 -5.03
C ALA ZA 102 -19.53 -55.54 -6.01
N MET ZA 103 -19.73 -54.73 -7.05
CA MET ZA 103 -20.76 -54.97 -8.04
C MET ZA 103 -20.22 -55.43 -9.38
N ASP ZA 104 -19.13 -54.83 -9.86
CA ASP ZA 104 -18.52 -55.22 -11.13
C ASP ZA 104 -17.05 -54.83 -11.08
N LEU ZA 105 -16.28 -55.41 -12.02
CA LEU ZA 105 -14.82 -55.36 -11.94
C LEU ZA 105 -14.27 -53.95 -12.13
N GLU ZA 106 -14.97 -53.09 -12.87
CA GLU ZA 106 -14.54 -51.71 -12.98
C GLU ZA 106 -14.70 -50.98 -11.66
N SER ZA 107 -15.89 -51.06 -11.05
CA SER ZA 107 -16.10 -50.45 -9.75
C SER ZA 107 -15.46 -51.24 -8.62
N GLY ZA 108 -15.12 -52.52 -8.87
CA GLY ZA 108 -14.47 -53.31 -7.85
C GLY ZA 108 -13.07 -52.86 -7.53
N LEU ZA 109 -12.39 -52.25 -8.51
CA LEU ZA 109 -11.07 -51.69 -8.25
C LEU ZA 109 -11.16 -50.44 -7.38
N GLU ZA 110 -12.09 -49.56 -7.70
CA GLU ZA 110 -12.21 -48.30 -6.99
C GLU ZA 110 -12.93 -48.43 -5.65
N LYS ZA 111 -13.39 -49.62 -5.28
CA LYS ZA 111 -13.73 -49.89 -3.89
C LYS ZA 111 -12.57 -50.48 -3.12
N LEU ZA 112 -11.44 -50.74 -3.79
CA LEU ZA 112 -10.22 -51.21 -3.16
C LEU ZA 112 -9.12 -50.16 -3.14
N LYS ZA 113 -8.93 -49.44 -4.25
CA LYS ZA 113 -7.97 -48.34 -4.27
C LYS ZA 113 -8.42 -47.16 -3.42
N GLN ZA 114 -9.73 -47.05 -3.17
CA GLN ZA 114 -10.21 -46.05 -2.22
C GLN ZA 114 -9.85 -46.41 -0.79
N GLU ZA 115 -9.62 -47.69 -0.51
CA GLU ZA 115 -9.31 -48.16 0.83
C GLU ZA 115 -7.81 -48.39 1.02
N LEU ZA 116 -7.21 -49.24 0.19
CA LEU ZA 116 -5.81 -49.60 0.34
C LEU ZA 116 -5.04 -49.24 -0.93
N GLY ZA 117 -3.74 -49.05 -0.77
CA GLY ZA 117 -2.86 -48.76 -1.88
C GLY ZA 117 -2.88 -47.33 -2.37
N GLU ZA 118 -3.76 -46.49 -1.86
CA GLU ZA 118 -3.84 -45.09 -2.29
C GLU ZA 118 -4.48 -44.23 -1.20
N MET AB 1 1.97 20.04 74.41
CA MET AB 1 1.97 18.95 75.37
C MET AB 1 1.98 17.60 74.67
N GLY AB 2 1.11 17.45 73.67
CA GLY AB 2 0.98 16.19 72.99
C GLY AB 2 2.07 15.93 71.98
N ILE AB 3 2.16 14.67 71.58
CA ILE AB 3 3.08 14.26 70.50
C ILE AB 3 2.55 14.81 69.17
N PRO AB 4 3.41 15.34 68.29
CA PRO AB 4 2.96 16.19 67.17
C PRO AB 4 2.03 15.51 66.17
N ILE AB 5 1.16 16.33 65.58
CA ILE AB 5 0.10 15.87 64.70
C ILE AB 5 0.71 15.45 63.37
N LEU AB 6 0.12 14.42 62.76
CA LEU AB 6 0.85 13.59 61.82
C LEU AB 6 0.09 13.16 60.56
N LYS AB 7 -1.15 13.59 60.36
CA LYS AB 7 -1.98 13.06 59.28
C LYS AB 7 -1.55 13.62 57.93
N LEU AB 8 -1.29 12.73 56.97
CA LEU AB 8 -0.92 13.15 55.62
C LEU AB 8 -1.59 12.27 54.56
N GLY AB 9 -2.88 11.98 54.72
CA GLY AB 9 -3.60 11.29 53.66
C GLY AB 9 -3.23 9.82 53.48
N GLU AB 10 -3.69 8.98 54.41
CA GLU AB 10 -3.41 7.52 54.54
C GLU AB 10 -1.91 7.20 54.57
N CYS AB 11 -1.10 8.18 54.95
CA CYS AB 11 0.28 7.97 55.39
C CYS AB 11 0.50 8.92 56.55
N LEU AB 12 1.26 8.47 57.55
CA LEU AB 12 1.45 9.24 58.77
C LEU AB 12 2.92 9.62 58.91
N LEU AB 13 3.16 10.85 59.35
CA LEU AB 13 4.51 11.35 59.59
C LEU AB 13 4.57 11.79 61.04
N ILE AB 14 4.81 10.85 61.94
CA ILE AB 14 4.99 11.15 63.35
C ILE AB 14 6.45 11.47 63.61
N SER AB 15 6.70 12.57 64.31
CA SER AB 15 8.04 12.95 64.70
C SER AB 15 8.17 12.88 66.21
N ILE AB 16 9.41 12.91 66.69
CA ILE AB 16 9.72 12.83 68.11
C ILE AB 16 10.83 13.82 68.40
N GLN AB 17 10.57 14.76 69.31
CA GLN AB 17 11.56 15.76 69.68
C GLN AB 17 12.44 15.21 70.80
N SER AB 18 13.20 16.09 71.46
CA SER AB 18 14.14 15.67 72.49
C SER AB 18 13.37 15.33 73.77
N GLU AB 19 12.80 14.14 73.77
CA GLU AB 19 12.04 13.61 74.91
C GLU AB 19 12.59 12.22 75.21
N LEU AB 20 13.21 12.08 76.38
CA LEU AB 20 13.84 10.82 76.75
C LEU AB 20 13.19 10.18 77.98
N ASP AB 21 12.02 10.65 78.38
CA ASP AB 21 11.32 10.11 79.54
C ASP AB 21 10.32 9.04 79.09
N ASP AB 22 10.40 7.87 79.73
CA ASP AB 22 9.47 6.79 79.43
C ASP AB 22 8.14 6.94 80.15
N HIS AB 23 8.01 7.94 81.03
CA HIS AB 23 6.71 8.23 81.63
C HIS AB 23 5.74 8.78 80.59
N THR AB 24 6.22 9.69 79.74
CA THR AB 24 5.41 10.22 78.65
C THR AB 24 5.24 9.20 77.51
N ALA AB 25 6.15 8.23 77.41
CA ALA AB 25 6.16 7.33 76.26
C ALA AB 25 4.97 6.38 76.26
N VAL AB 26 4.52 5.94 77.44
CA VAL AB 26 3.34 5.08 77.50
C VAL AB 26 2.09 5.90 77.20
N GLU AB 27 2.08 7.17 77.63
CA GLU AB 27 1.04 8.10 77.21
C GLU AB 27 1.15 8.38 75.71
N PHE AB 28 2.38 8.44 75.19
CA PHE AB 28 2.60 8.56 73.76
C PHE AB 28 2.14 7.31 73.01
N GLN AB 29 2.32 6.13 73.62
CA GLN AB 29 2.02 4.87 72.95
C GLN AB 29 0.52 4.72 72.69
N GLU AB 30 -0.32 5.23 73.59
CA GLU AB 30 -1.76 5.19 73.35
C GLU AB 30 -2.18 6.20 72.30
N ASP AB 31 -1.42 7.28 72.12
CA ASP AB 31 -1.84 8.32 71.19
C ASP AB 31 -1.61 7.89 69.74
N LEU AB 32 -0.46 7.27 69.45
CA LEU AB 32 -0.20 6.79 68.10
C LEU AB 32 -1.10 5.61 67.76
N LEU AB 33 -1.28 4.68 68.71
CA LEU AB 33 -2.07 3.49 68.44
C LEU AB 33 -3.55 3.79 68.28
N ALA AB 34 -4.06 4.82 68.95
CA ALA AB 34 -5.45 5.20 68.73
C ALA AB 34 -5.62 5.94 67.42
N LYS AB 35 -4.63 6.75 67.03
CA LYS AB 35 -4.75 7.57 65.81
C LYS AB 35 -4.76 6.70 64.56
N ILE AB 36 -4.11 5.55 64.60
CA ILE AB 36 -4.19 4.60 63.50
C ILE AB 36 -5.52 3.85 63.50
N HIS AB 37 -6.30 3.93 64.57
CA HIS AB 37 -7.64 3.38 64.59
C HIS AB 37 -8.69 4.40 64.19
N GLU AB 38 -8.49 5.68 64.53
CA GLU AB 38 -9.40 6.72 64.06
C GLU AB 38 -9.23 6.91 62.56
N THR AB 39 -8.03 7.31 62.12
CA THR AB 39 -7.72 7.37 60.71
C THR AB 39 -7.25 5.99 60.27
N SER AB 40 -7.98 5.38 59.34
CA SER AB 40 -7.59 4.09 58.79
C SER AB 40 -6.43 4.30 57.84
N ALA AB 41 -5.23 4.35 58.40
CA ALA AB 41 -4.01 4.66 57.67
C ALA AB 41 -3.19 3.40 57.45
N ARG AB 42 -2.45 3.38 56.34
CA ARG AB 42 -1.71 2.20 55.96
C ARG AB 42 -0.22 2.50 55.86
N GLY AB 43 0.32 3.20 56.85
CA GLY AB 43 1.74 3.48 56.89
C GLY AB 43 2.09 4.53 57.92
N VAL AB 44 3.17 4.30 58.66
CA VAL AB 44 3.61 5.21 59.72
C VAL AB 44 5.11 5.43 59.56
N VAL AB 45 5.51 6.69 59.46
CA VAL AB 45 6.91 7.04 59.28
C VAL AB 45 7.45 7.70 60.54
N ILE AB 46 8.06 6.91 61.41
CA ILE AB 46 8.59 7.42 62.68
C ILE AB 46 9.92 8.13 62.42
N ASP AB 47 10.03 9.36 62.89
CA ASP AB 47 11.26 10.14 62.81
C ASP AB 47 11.84 10.27 64.21
N ILE AB 48 13.10 9.85 64.38
CA ILE AB 48 13.78 9.96 65.66
C ILE AB 48 15.13 10.64 65.50
N THR AB 49 15.23 11.56 64.54
CA THR AB 49 16.50 12.21 64.22
C THR AB 49 17.05 13.06 65.37
N SER AB 50 16.16 13.64 66.17
CA SER AB 50 16.57 14.58 67.22
C SER AB 50 16.82 13.92 68.55
N ILE AB 51 17.25 12.66 68.57
CA ILE AB 51 17.57 11.95 69.80
C ILE AB 51 19.02 11.47 69.69
N ASP AB 52 19.87 11.93 70.61
CA ASP AB 52 21.28 11.57 70.61
C ASP AB 52 21.67 10.57 71.68
N PHE AB 53 20.75 10.22 72.58
CA PHE AB 53 21.01 9.22 73.60
C PHE AB 53 19.68 8.60 74.01
N ILE AB 54 19.71 7.30 74.30
CA ILE AB 54 18.49 6.57 74.62
C ILE AB 54 18.59 6.02 76.03
N ASP AB 55 17.43 5.76 76.63
CA ASP AB 55 17.31 4.98 77.83
C ASP AB 55 16.96 3.55 77.44
N SER AB 56 17.29 2.60 78.33
CA SER AB 56 17.03 1.19 78.03
C SER AB 56 15.54 0.85 78.06
N PHE AB 57 14.72 1.67 78.72
CA PHE AB 57 13.28 1.44 78.70
C PHE AB 57 12.66 1.85 77.38
N ILE AB 58 13.27 2.81 76.68
CA ILE AB 58 12.69 3.31 75.44
C ILE AB 58 12.85 2.28 74.33
N ALA AB 59 13.96 1.55 74.32
CA ALA AB 59 14.18 0.53 73.31
C ALA AB 59 13.26 -0.67 73.49
N LYS AB 60 12.70 -0.87 74.68
CA LYS AB 60 11.65 -1.85 74.89
C LYS AB 60 10.27 -1.33 74.49
N ILE AB 61 10.19 -0.08 74.07
CA ILE AB 61 8.93 0.54 73.67
C ILE AB 61 8.96 0.92 72.19
N LEU AB 62 10.06 1.57 71.75
CA LEU AB 62 10.21 1.86 70.33
C LEU AB 62 10.43 0.59 69.51
N GLY AB 63 11.00 -0.45 70.12
CA GLY AB 63 11.04 -1.75 69.52
C GLY AB 63 9.80 -2.58 69.73
N ASP AB 64 8.74 -1.97 70.24
CA ASP AB 64 7.48 -2.65 70.51
C ASP AB 64 6.31 -2.09 69.70
N VAL AB 65 6.22 -0.77 69.53
CA VAL AB 65 5.17 -0.21 68.69
C VAL AB 65 5.45 -0.44 67.21
N VAL AB 66 6.67 -0.84 66.84
CA VAL AB 66 6.93 -1.25 65.48
C VAL AB 66 6.35 -2.63 65.19
N SER AB 67 6.02 -3.39 66.23
CA SER AB 67 5.31 -4.65 66.07
C SER AB 67 3.81 -4.47 66.20
N MET AB 68 3.38 -3.59 67.10
CA MET AB 68 1.94 -3.35 67.30
C MET AB 68 1.32 -2.67 66.08
N SER AB 69 2.02 -1.68 65.50
CA SER AB 69 1.54 -1.08 64.26
C SER AB 69 1.62 -2.07 63.12
N LYS AB 70 2.61 -2.96 63.13
CA LYS AB 70 2.65 -4.06 62.16
C LYS AB 70 1.57 -5.09 62.45
N LEU AB 71 1.08 -5.16 63.69
CA LEU AB 71 -0.05 -6.04 63.99
C LEU AB 71 -1.37 -5.37 63.69
N MET AB 72 -1.46 -4.05 63.85
CA MET AB 72 -2.69 -3.33 63.55
C MET AB 72 -2.95 -3.29 62.05
N GLY AB 73 -1.90 -3.33 61.24
CA GLY AB 73 -2.11 -3.47 59.81
C GLY AB 73 -1.17 -2.67 58.92
N ALA AB 74 -0.50 -1.67 59.47
CA ALA AB 74 0.28 -0.73 58.69
C ALA AB 74 1.78 -1.00 58.83
N LYS AB 75 2.49 -0.99 57.71
CA LYS AB 75 3.94 -1.11 57.73
C LYS AB 75 4.54 0.17 58.30
N VAL AB 76 5.58 -0.01 59.12
CA VAL AB 76 6.24 1.12 59.76
C VAL AB 76 7.65 1.24 59.18
N VAL AB 77 8.17 2.46 59.17
CA VAL AB 77 9.52 2.77 58.70
C VAL AB 77 10.16 3.74 59.68
N VAL AB 78 11.35 3.38 60.16
CA VAL AB 78 12.10 4.20 61.11
C VAL AB 78 13.19 4.93 60.35
N THR AB 79 13.22 6.27 60.48
CA THR AB 79 14.10 7.11 59.67
C THR AB 79 15.07 7.88 60.56
N GLY AB 80 16.33 7.90 60.13
CA GLY AB 80 17.32 8.82 60.65
C GLY AB 80 17.80 8.52 62.05
N ILE AB 81 18.15 7.27 62.30
CA ILE AB 81 18.74 6.91 63.58
C ILE AB 81 20.18 7.43 63.63
N GLN AB 82 20.53 8.09 64.73
CA GLN AB 82 21.88 8.61 64.91
C GLN AB 82 22.85 7.46 65.17
N PRO AB 83 24.15 7.68 64.93
CA PRO AB 83 25.12 6.59 65.19
C PRO AB 83 25.29 6.23 66.65
N ALA AB 84 25.21 7.20 67.56
CA ALA AB 84 25.42 6.90 68.97
C ALA AB 84 24.25 6.14 69.57
N VAL AB 85 23.02 6.49 69.18
CA VAL AB 85 21.85 5.76 69.67
C VAL AB 85 21.76 4.39 69.01
N ALA AB 86 22.25 4.24 67.78
CA ALA AB 86 22.22 2.93 67.12
C ALA AB 86 23.29 2.00 67.64
N ILE AB 87 24.25 2.48 68.43
CA ILE AB 87 25.24 1.59 69.02
C ILE AB 87 24.60 0.76 70.11
N THR AB 88 23.82 1.38 70.98
CA THR AB 88 23.21 0.72 72.13
C THR AB 88 21.89 0.03 71.80
N LEU AB 89 21.53 -0.04 70.53
CA LEU AB 89 20.30 -0.72 70.13
C LEU AB 89 20.50 -2.19 69.79
N ILE AB 90 21.73 -2.70 69.91
CA ILE AB 90 22.01 -4.09 69.57
C ILE AB 90 22.57 -4.84 70.77
N GLU AB 91 23.22 -4.12 71.70
CA GLU AB 91 23.59 -4.77 72.96
C GLU AB 91 22.37 -5.01 73.82
N LEU AB 92 21.40 -4.10 73.77
CA LEU AB 92 20.02 -4.47 74.05
C LEU AB 92 19.55 -5.33 72.87
N GLY AB 93 19.34 -6.62 73.13
CA GLY AB 93 19.22 -7.59 72.05
C GLY AB 93 17.94 -7.52 71.24
N ILE AB 94 17.77 -6.43 70.48
CA ILE AB 94 16.65 -6.28 69.58
C ILE AB 94 17.21 -6.12 68.16
N THR AB 95 17.37 -7.24 67.47
CA THR AB 95 17.79 -7.25 66.08
C THR AB 95 16.57 -6.90 65.24
N PHE AB 96 16.55 -5.67 64.72
CA PHE AB 96 15.38 -5.14 64.04
C PHE AB 96 15.23 -5.82 62.67
N SER AB 97 14.26 -6.72 62.56
CA SER AB 97 13.97 -7.44 61.34
C SER AB 97 12.54 -7.17 60.90
N GLY AB 98 12.38 -6.93 59.59
CA GLY AB 98 11.08 -6.54 59.07
C GLY AB 98 10.63 -5.16 59.51
N VAL AB 99 11.57 -4.28 59.84
CA VAL AB 99 11.24 -2.96 60.36
C VAL AB 99 11.43 -1.89 59.29
N LEU AB 100 12.21 -2.15 58.24
CA LEU AB 100 12.38 -1.31 57.05
C LEU AB 100 12.91 0.08 57.43
N SER AB 101 14.13 0.10 57.94
CA SER AB 101 14.76 1.36 58.29
C SER AB 101 15.15 2.14 57.04
N ALA AB 102 15.30 3.45 57.21
CA ALA AB 102 15.62 4.35 56.10
C ALA AB 102 16.70 5.31 56.56
N MET AB 103 16.92 6.36 55.77
CA MET AB 103 18.02 7.29 56.00
C MET AB 103 17.55 8.65 56.50
N ASP AB 104 16.48 9.19 55.95
CA ASP AB 104 15.93 10.48 56.35
C ASP AB 104 14.46 10.51 55.94
N LEU AB 105 13.76 11.56 56.38
CA LEU AB 105 12.31 11.60 56.24
C LEU AB 105 11.88 11.80 54.79
N GLU AB 106 12.75 12.33 53.93
CA GLU AB 106 12.44 12.38 52.51
C GLU AB 106 12.45 10.98 51.90
N SER AB 107 13.51 10.22 52.17
CA SER AB 107 13.61 8.86 51.65
C SER AB 107 12.68 7.89 52.34
N GLY AB 108 12.11 8.26 53.49
CA GLY AB 108 11.11 7.41 54.12
C GLY AB 108 9.85 7.27 53.28
N LEU AB 109 9.38 8.38 52.71
CA LEU AB 109 8.22 8.33 51.82
C LEU AB 109 8.55 7.71 50.47
N GLU AB 110 9.83 7.58 50.12
CA GLU AB 110 10.20 6.83 48.92
C GLU AB 110 9.89 5.35 49.11
N LYS AB 111 10.33 4.77 50.23
CA LYS AB 111 10.13 3.35 50.46
C LYS AB 111 8.68 3.01 50.80
N LEU AB 112 8.00 3.90 51.53
CA LEU AB 112 6.65 3.58 51.99
C LEU AB 112 5.64 3.68 50.85
N LYS AB 113 5.82 4.63 49.93
CA LYS AB 113 4.96 4.68 48.77
C LYS AB 113 5.30 3.61 47.75
N GLN AB 114 6.48 3.00 47.86
CA GLN AB 114 6.77 1.81 47.07
C GLN AB 114 6.03 0.60 47.60
N GLU AB 115 5.89 0.50 48.93
CA GLU AB 115 5.22 -0.65 49.53
C GLU AB 115 3.72 -0.62 49.32
N LEU AB 116 3.11 0.56 49.39
CA LEU AB 116 1.66 0.66 49.24
C LEU AB 116 1.34 2.06 48.73
N GLY AB 117 0.32 2.15 47.88
CA GLY AB 117 0.01 3.36 47.15
C GLY AB 117 0.46 3.34 45.70
N GLU AB 118 1.10 2.26 45.27
CA GLU AB 118 1.56 2.11 43.90
C GLU AB 118 1.67 0.62 43.55
N MET BB 1 44.94 43.73 -42.81
CA MET BB 1 43.92 44.51 -43.51
C MET BB 1 43.27 45.51 -42.56
N GLY BB 2 43.37 45.23 -41.26
CA GLY BB 2 42.76 46.08 -40.25
C GLY BB 2 41.32 45.77 -39.95
N ILE BB 3 40.64 45.01 -40.79
CA ILE BB 3 39.23 44.66 -40.65
C ILE BB 3 39.09 43.14 -40.54
N PRO BB 4 39.42 42.55 -39.38
CA PRO BB 4 39.56 41.10 -39.31
C PRO BB 4 38.22 40.37 -39.35
N ILE BB 5 38.26 39.18 -39.95
CA ILE BB 5 37.06 38.36 -40.09
C ILE BB 5 36.62 37.87 -38.72
N LEU BB 6 35.31 37.84 -38.52
CA LEU BB 6 34.77 37.89 -37.16
C LEU BB 6 33.61 36.94 -36.86
N LYS BB 7 32.98 36.30 -37.84
CA LYS BB 7 31.72 35.62 -37.61
C LYS BB 7 31.92 34.33 -36.83
N LEU BB 8 31.20 34.19 -35.71
CA LEU BB 8 31.33 33.02 -34.85
C LEU BB 8 30.01 32.80 -34.10
N GLY BB 9 29.18 31.91 -34.64
CA GLY BB 9 28.02 31.37 -33.96
C GLY BB 9 26.98 32.35 -33.43
N GLU BB 10 26.31 33.08 -34.33
CA GLU BB 10 25.27 34.07 -34.04
C GLU BB 10 25.77 35.22 -33.17
N CYS BB 11 27.08 35.42 -33.12
CA CYS BB 11 27.72 36.55 -32.45
C CYS BB 11 28.93 36.94 -33.28
N LEU BB 12 29.37 38.18 -33.13
CA LEU BB 12 30.53 38.67 -33.86
C LEU BB 12 31.61 39.08 -32.87
N LEU BB 13 32.83 38.62 -33.11
CA LEU BB 13 33.97 38.93 -32.26
C LEU BB 13 35.03 39.55 -33.13
N ILE BB 14 35.15 40.87 -33.07
CA ILE BB 14 36.03 41.63 -33.95
C ILE BB 14 37.17 42.20 -33.12
N SER BB 15 38.39 41.80 -33.43
CA SER BB 15 39.57 42.31 -32.76
C SER BB 15 40.02 43.60 -33.41
N ILE BB 16 40.87 44.35 -32.70
CA ILE BB 16 41.44 45.58 -33.23
C ILE BB 16 42.92 45.63 -32.84
N GLN BB 17 43.80 45.70 -33.83
CA GLN BB 17 45.24 45.82 -33.62
C GLN BB 17 45.60 47.28 -33.33
N SER BB 18 46.89 47.59 -33.39
CA SER BB 18 47.32 48.97 -33.23
C SER BB 18 46.89 49.80 -34.43
N GLU BB 19 46.02 50.77 -34.20
CA GLU BB 19 45.48 51.62 -35.25
C GLU BB 19 45.23 53.00 -34.67
N LEU BB 20 45.71 54.04 -35.36
CA LEU BB 20 45.82 55.37 -34.78
C LEU BB 20 44.94 56.41 -35.46
N ASP BB 21 44.95 56.51 -36.79
CA ASP BB 21 44.29 57.62 -37.46
C ASP BB 21 42.85 57.26 -37.81
N ASP BB 22 41.99 58.27 -37.85
CA ASP BB 22 40.58 58.05 -38.14
C ASP BB 22 40.30 57.88 -39.63
N HIS BB 23 41.29 58.08 -40.50
CA HIS BB 23 41.15 57.65 -41.89
C HIS BB 23 41.06 56.14 -41.99
N THR BB 24 41.72 55.43 -41.07
CA THR BB 24 41.49 54.00 -40.93
C THR BB 24 40.09 53.73 -40.40
N ALA BB 25 39.59 54.60 -39.52
CA ALA BB 25 38.32 54.33 -38.83
C ALA BB 25 37.11 54.47 -39.74
N VAL BB 26 37.15 55.39 -40.71
CA VAL BB 26 36.08 55.45 -41.70
C VAL BB 26 36.20 54.27 -42.66
N GLU BB 27 37.42 53.81 -42.91
CA GLU BB 27 37.64 52.57 -43.64
C GLU BB 27 37.32 51.34 -42.80
N PHE BB 28 37.08 51.53 -41.50
CA PHE BB 28 36.83 50.42 -40.58
C PHE BB 28 35.34 50.18 -40.38
N GLN BB 29 34.58 51.24 -40.09
CA GLN BB 29 33.21 51.09 -39.63
C GLN BB 29 32.25 50.66 -40.74
N GLU BB 30 32.63 50.82 -42.00
CA GLU BB 30 31.80 50.30 -43.09
C GLU BB 30 31.79 48.78 -43.09
N ASP BB 31 32.92 48.16 -42.75
CA ASP BB 31 32.98 46.72 -42.61
C ASP BB 31 32.40 46.24 -41.29
N LEU BB 32 32.30 47.12 -40.30
CA LEU BB 32 31.61 46.78 -39.07
C LEU BB 32 30.11 46.69 -39.29
N LEU BB 33 29.58 47.53 -40.18
CA LEU BB 33 28.16 47.54 -40.47
C LEU BB 33 27.77 46.57 -41.56
N ALA BB 34 28.69 46.26 -42.49
CA ALA BB 34 28.38 45.34 -43.58
C ALA BB 34 28.21 43.92 -43.07
N LYS BB 35 29.15 43.46 -42.23
CA LYS BB 35 29.08 42.11 -41.69
C LYS BB 35 27.93 41.96 -40.72
N ILE BB 36 27.61 43.02 -39.97
CA ILE BB 36 26.47 42.96 -39.06
C ILE BB 36 25.15 43.03 -39.81
N HIS BB 37 25.16 43.50 -41.06
CA HIS BB 37 23.99 43.45 -41.92
C HIS BB 37 23.90 42.16 -42.71
N GLU BB 38 25.03 41.50 -42.95
CA GLU BB 38 25.06 40.31 -43.78
C GLU BB 38 24.39 39.13 -43.08
N THR BB 39 24.81 38.84 -41.86
CA THR BB 39 24.13 37.87 -41.04
C THR BB 39 23.17 38.56 -40.08
N SER BB 40 22.36 37.76 -39.41
CA SER BB 40 21.47 38.26 -38.36
C SER BB 40 22.21 38.29 -37.02
N ALA BB 41 23.25 39.12 -36.97
CA ALA BB 41 24.12 39.19 -35.80
C ALA BB 41 23.40 39.89 -34.67
N ARG BB 42 23.29 39.21 -33.54
CA ARG BB 42 22.52 39.70 -32.42
C ARG BB 42 23.38 40.31 -31.32
N GLY BB 43 24.70 40.28 -31.48
CA GLY BB 43 25.59 40.99 -30.59
C GLY BB 43 27.02 41.00 -31.07
N VAL BB 44 27.61 42.18 -31.13
CA VAL BB 44 28.99 42.33 -31.57
C VAL BB 44 29.88 42.47 -30.34
N VAL BB 45 31.14 42.06 -30.47
CA VAL BB 45 32.12 42.14 -29.38
C VAL BB 45 33.31 42.91 -29.92
N ILE BB 46 33.35 44.22 -29.68
CA ILE BB 46 34.51 45.01 -30.05
C ILE BB 46 35.58 44.84 -28.98
N ASP BB 47 36.77 44.42 -29.39
CA ASP BB 47 37.87 44.14 -28.48
C ASP BB 47 39.01 45.09 -28.79
N ILE BB 48 39.34 45.98 -27.85
CA ILE BB 48 40.36 47.00 -28.06
C ILE BB 48 41.48 46.85 -27.04
N THR BB 49 41.75 45.60 -26.64
CA THR BB 49 42.74 45.33 -25.61
C THR BB 49 44.16 45.64 -26.08
N SER BB 50 44.42 45.49 -27.38
CA SER BB 50 45.77 45.65 -27.91
C SER BB 50 46.17 47.10 -28.11
N ILE BB 51 45.23 48.05 -28.08
CA ILE BB 51 45.52 49.42 -28.43
C ILE BB 51 46.32 50.10 -27.32
N ASP BB 52 47.44 50.72 -27.69
CA ASP BB 52 48.17 51.55 -26.75
C ASP BB 52 47.42 52.84 -26.43
N PHE BB 53 47.08 53.63 -27.45
CA PHE BB 53 46.51 54.95 -27.22
C PHE BB 53 45.48 55.28 -28.29
N ILE BB 54 44.46 56.04 -27.88
CA ILE BB 54 43.43 56.58 -28.75
C ILE BB 54 43.28 58.06 -28.44
N ASP BB 55 43.33 58.90 -29.46
CA ASP BB 55 43.15 60.33 -29.30
C ASP BB 55 41.67 60.69 -29.41
N SER BB 56 41.37 61.98 -29.21
CA SER BB 56 39.98 62.43 -29.11
C SER BB 56 39.24 62.38 -30.43
N PHE BB 57 39.93 62.36 -31.56
CA PHE BB 57 39.27 62.32 -32.86
C PHE BB 57 38.83 60.91 -33.26
N ILE BB 58 39.10 59.91 -32.44
CA ILE BB 58 38.71 58.54 -32.74
C ILE BB 58 37.62 58.03 -31.80
N ALA BB 59 37.60 58.48 -30.55
CA ALA BB 59 36.56 58.08 -29.60
C ALA BB 59 35.18 58.58 -30.00
N LYS BB 60 35.09 59.65 -30.81
CA LYS BB 60 33.82 59.99 -31.45
C LYS BB 60 33.40 58.90 -32.43
N ILE BB 61 34.35 58.39 -33.21
CA ILE BB 61 34.05 57.34 -34.19
C ILE BB 61 33.78 56.03 -33.48
N LEU BB 62 34.48 55.77 -32.37
CA LEU BB 62 34.18 54.58 -31.58
C LEU BB 62 32.90 54.75 -30.78
N GLY BB 63 32.59 55.97 -30.35
CA GLY BB 63 31.33 56.22 -29.69
C GLY BB 63 30.13 56.15 -30.60
N ASP BB 64 30.35 56.32 -31.91
CA ASP BB 64 29.25 56.21 -32.86
C ASP BB 64 28.90 54.75 -33.16
N VAL BB 65 29.92 53.92 -33.40
CA VAL BB 65 29.69 52.54 -33.79
C VAL BB 65 29.17 51.67 -32.66
N VAL BB 66 29.22 52.14 -31.42
CA VAL BB 66 28.63 51.44 -30.30
C VAL BB 66 27.23 51.99 -30.06
N SER BB 67 26.76 52.83 -30.97
CA SER BB 67 25.38 53.30 -30.99
C SER BB 67 24.68 53.03 -32.30
N MET BB 68 25.42 53.01 -33.42
CA MET BB 68 24.83 52.65 -34.69
C MET BB 68 24.46 51.17 -34.73
N SER BB 69 25.37 50.31 -34.27
CA SER BB 69 25.06 48.89 -34.20
C SER BB 69 24.07 48.60 -33.08
N LYS BB 70 24.00 49.47 -32.07
CA LYS BB 70 22.93 49.37 -31.08
C LYS BB 70 21.58 49.74 -31.69
N LEU BB 71 21.59 50.55 -32.75
CA LEU BB 71 20.37 50.87 -33.47
C LEU BB 71 20.12 49.88 -34.60
N MET BB 72 21.18 49.25 -35.11
CA MET BB 72 21.03 48.21 -36.12
C MET BB 72 20.34 46.97 -35.53
N GLY BB 73 20.55 46.70 -34.25
CA GLY BB 73 19.86 45.60 -33.60
C GLY BB 73 20.77 44.58 -32.95
N ALA BB 74 21.98 44.99 -32.56
CA ALA BB 74 22.90 44.10 -31.87
C ALA BB 74 23.57 44.87 -30.74
N LYS BB 75 23.43 44.34 -29.52
CA LYS BB 75 24.02 44.99 -28.36
C LYS BB 75 25.54 44.87 -28.41
N VAL BB 76 26.21 45.99 -28.15
CA VAL BB 76 27.67 46.07 -28.23
C VAL BB 76 28.25 45.81 -26.85
N VAL BB 77 29.36 45.09 -26.81
CA VAL BB 77 30.19 44.99 -25.61
C VAL BB 77 31.61 45.42 -25.99
N VAL BB 78 32.20 46.25 -25.14
CA VAL BB 78 33.55 46.75 -25.38
C VAL BB 78 34.46 46.18 -24.29
N THR BB 79 35.08 45.05 -24.55
CA THR BB 79 35.75 44.29 -23.52
C THR BB 79 37.22 44.66 -23.42
N GLY BB 80 37.69 44.84 -22.18
CA GLY BB 80 39.10 44.95 -21.89
C GLY BB 80 39.77 46.22 -22.37
N ILE BB 81 39.25 47.38 -21.97
CA ILE BB 81 39.90 48.63 -22.31
C ILE BB 81 41.18 48.77 -21.49
N GLN BB 82 42.23 49.29 -22.12
CA GLN BB 82 43.47 49.54 -21.42
C GLN BB 82 43.27 50.66 -20.39
N PRO BB 83 44.01 50.63 -19.27
CA PRO BB 83 43.78 51.65 -18.24
C PRO BB 83 44.24 53.03 -18.65
N ALA BB 84 45.36 53.14 -19.35
CA ALA BB 84 45.86 54.46 -19.73
C ALA BB 84 45.02 55.10 -20.83
N VAL BB 85 44.36 54.29 -21.66
CA VAL BB 85 43.45 54.83 -22.66
C VAL BB 85 42.06 55.06 -22.08
N ALA BB 86 41.75 54.44 -20.95
CA ALA BB 86 40.54 54.81 -20.23
C ALA BB 86 40.72 56.12 -19.47
N ILE BB 87 41.96 56.50 -19.16
CA ILE BB 87 42.25 57.75 -18.49
C ILE BB 87 41.88 58.94 -19.36
N THR BB 88 42.13 58.83 -20.66
CA THR BB 88 41.85 59.93 -21.58
C THR BB 88 40.39 59.97 -22.06
N LEU BB 89 39.48 59.33 -21.33
CA LEU BB 89 38.04 59.54 -21.49
C LEU BB 89 37.50 60.44 -20.39
N ILE BB 90 38.32 61.40 -19.96
CA ILE BB 90 37.87 62.44 -19.05
C ILE BB 90 37.32 63.64 -19.81
N GLU BB 91 37.93 64.00 -20.93
CA GLU BB 91 37.42 65.08 -21.76
C GLU BB 91 36.24 64.66 -22.63
N LEU BB 92 35.91 63.38 -22.65
CA LEU BB 92 34.73 62.93 -23.38
C LEU BB 92 33.47 63.32 -22.62
N GLY BB 93 32.43 63.67 -23.37
CA GLY BB 93 31.15 64.01 -22.80
C GLY BB 93 30.38 62.75 -22.45
N ILE BB 94 30.71 62.15 -21.31
CA ILE BB 94 30.27 60.81 -20.94
C ILE BB 94 28.76 60.74 -20.74
N THR BB 95 28.07 60.12 -21.68
CA THR BB 95 26.69 59.68 -21.55
C THR BB 95 26.64 58.17 -21.74
N PHE BB 96 27.60 57.46 -21.13
CA PHE BB 96 27.84 56.05 -21.37
C PHE BB 96 26.75 55.23 -20.69
N SER BB 97 25.61 55.12 -21.37
CA SER BB 97 24.48 54.34 -20.90
C SER BB 97 24.25 53.20 -21.89
N GLY BB 98 24.21 51.98 -21.38
CA GLY BB 98 24.00 50.82 -22.22
C GLY BB 98 25.16 50.50 -23.12
N VAL BB 99 26.37 50.56 -22.56
CA VAL BB 99 27.58 50.23 -23.31
C VAL BB 99 28.09 48.84 -22.96
N LEU BB 100 27.97 48.42 -21.69
CA LEU BB 100 28.20 47.04 -21.24
C LEU BB 100 29.62 46.55 -21.51
N SER BB 101 30.57 47.22 -20.89
CA SER BB 101 31.96 46.79 -21.01
C SER BB 101 32.21 45.55 -20.16
N ALA BB 102 33.09 44.69 -20.64
CA ALA BB 102 33.48 43.48 -19.93
C ALA BB 102 34.97 43.53 -19.61
N MET BB 103 35.42 42.54 -18.83
CA MET BB 103 36.78 42.57 -18.32
C MET BB 103 37.77 42.08 -19.37
N ASP BB 104 37.45 40.99 -20.06
CA ASP BB 104 38.31 40.45 -21.12
C ASP BB 104 37.43 39.65 -22.08
N LEU BB 105 38.05 39.17 -23.16
CA LEU BB 105 37.30 38.48 -24.20
C LEU BB 105 36.81 37.11 -23.75
N GLU BB 106 37.46 36.51 -22.75
CA GLU BB 106 36.97 35.24 -22.21
C GLU BB 106 35.66 35.44 -21.46
N SER BB 107 35.61 36.44 -20.58
CA SER BB 107 34.38 36.76 -19.84
C SER BB 107 33.45 37.66 -20.62
N GLY BB 108 33.81 38.06 -21.84
CA GLY BB 108 32.91 38.88 -22.63
C GLY BB 108 31.74 38.10 -23.18
N LEU BB 109 32.02 36.94 -23.78
CA LEU BB 109 30.97 36.08 -24.31
C LEU BB 109 30.12 35.45 -23.21
N GLU BB 110 30.66 35.33 -21.99
CA GLU BB 110 29.87 34.90 -20.85
C GLU BB 110 28.76 35.90 -20.54
N LYS BB 111 29.03 37.19 -20.72
CA LYS BB 111 28.03 38.21 -20.45
C LYS BB 111 26.95 38.25 -21.52
N LEU BB 112 27.36 38.17 -22.79
CA LEU BB 112 26.39 38.30 -23.89
C LEU BB 112 25.50 37.08 -24.01
N LYS BB 113 26.02 35.89 -23.72
CA LYS BB 113 25.19 34.69 -23.85
C LYS BB 113 24.17 34.58 -22.73
N GLN BB 114 24.36 35.30 -21.63
CA GLN BB 114 23.26 35.53 -20.70
C GLN BB 114 22.34 36.63 -21.23
N GLU BB 115 22.92 37.69 -21.78
CA GLU BB 115 22.14 38.83 -22.27
C GLU BB 115 21.30 38.48 -23.48
N LEU BB 116 21.73 37.50 -24.28
CA LEU BB 116 20.96 37.08 -25.45
C LEU BB 116 21.38 35.65 -25.79
N GLY BB 117 20.40 34.81 -26.11
CA GLY BB 117 20.66 33.45 -26.52
C GLY BB 117 20.26 32.39 -25.53
N GLU BB 118 19.65 32.75 -24.42
CA GLU BB 118 19.17 31.77 -23.45
C GLU BB 118 17.98 32.33 -22.67
N MET CB 1 51.24 43.40 -34.90
CA MET CB 1 51.32 43.71 -36.33
C MET CB 1 50.73 42.58 -37.17
N GLY CB 2 49.63 42.87 -37.85
CA GLY CB 2 49.03 41.93 -38.77
C GLY CB 2 48.24 40.81 -38.13
N ILE CB 3 48.92 39.93 -37.40
CA ILE CB 3 48.29 38.78 -36.78
C ILE CB 3 47.71 39.22 -35.44
N PRO CB 4 46.40 39.14 -35.24
CA PRO CB 4 45.76 39.90 -34.16
C PRO CB 4 45.67 39.16 -32.83
N ILE CB 5 45.09 39.86 -31.84
CA ILE CB 5 44.81 39.26 -30.54
C ILE CB 5 43.78 38.14 -30.71
N LEU CB 6 44.03 37.02 -30.03
CA LEU CB 6 43.38 35.76 -30.39
C LEU CB 6 42.80 34.93 -29.25
N LYS CB 7 43.05 35.26 -27.99
CA LYS CB 7 42.67 34.38 -26.89
C LYS CB 7 41.16 34.44 -26.62
N LEU CB 8 40.53 33.28 -26.48
CA LEU CB 8 39.09 33.21 -26.21
C LEU CB 8 38.77 31.86 -25.58
N GLY CB 9 38.28 31.88 -24.34
CA GLY CB 9 37.61 30.79 -23.65
C GLY CB 9 38.22 29.40 -23.71
N GLU CB 10 39.42 29.24 -23.14
CA GLU CB 10 40.20 27.98 -23.12
C GLU CB 10 40.52 27.45 -24.51
N CYS CB 11 40.49 28.30 -25.53
CA CYS CB 11 40.83 27.95 -26.90
C CYS CB 11 41.52 29.15 -27.53
N LEU CB 12 41.85 29.02 -28.81
CA LEU CB 12 42.49 30.09 -29.55
C LEU CB 12 41.83 30.22 -30.91
N LEU CB 13 41.98 31.39 -31.53
CA LEU CB 13 41.52 31.64 -32.91
C LEU CB 13 42.56 32.53 -33.57
N ILE CB 14 43.54 31.92 -34.22
CA ILE CB 14 44.56 32.68 -34.92
C ILE CB 14 44.04 33.01 -36.31
N SER CB 15 43.32 34.11 -36.44
CA SER CB 15 42.77 34.51 -37.72
C SER CB 15 43.85 35.09 -38.62
N ILE CB 16 43.85 34.69 -39.88
CA ILE CB 16 44.87 35.07 -40.84
C ILE CB 16 44.21 35.83 -41.97
N GLN CB 17 44.83 36.95 -42.38
CA GLN CB 17 44.31 37.69 -43.52
C GLN CB 17 45.46 38.33 -44.29
N SER CB 18 45.51 38.03 -45.59
CA SER CB 18 46.35 38.71 -46.58
C SER CB 18 47.84 38.60 -46.23
N GLU CB 19 48.33 37.36 -46.19
CA GLU CB 19 49.76 37.14 -46.01
C GLU CB 19 50.48 37.43 -47.32
N LEU CB 20 51.78 37.65 -47.22
CA LEU CB 20 52.58 38.00 -48.40
C LEU CB 20 53.70 37.02 -48.68
N ASP CB 21 54.47 36.59 -47.67
CA ASP CB 21 55.59 35.70 -47.91
C ASP CB 21 55.85 34.86 -46.66
N ASP CB 22 56.87 34.00 -46.76
CA ASP CB 22 57.16 33.04 -45.69
C ASP CB 22 57.81 33.71 -44.48
N HIS CB 23 58.52 34.82 -44.70
CA HIS CB 23 59.10 35.58 -43.59
C HIS CB 23 58.03 36.12 -42.65
N THR CB 24 56.93 36.61 -43.21
CA THR CB 24 55.77 36.94 -42.40
C THR CB 24 55.17 35.70 -41.76
N ALA CB 25 55.11 34.60 -42.52
CA ALA CB 25 54.53 33.35 -42.01
C ALA CB 25 55.40 32.74 -40.91
N VAL CB 26 56.73 32.80 -41.07
CA VAL CB 26 57.60 32.28 -40.01
C VAL CB 26 57.62 33.23 -38.82
N GLU CB 27 57.27 34.51 -39.03
CA GLU CB 27 57.03 35.39 -37.89
C GLU CB 27 55.67 35.13 -37.27
N PHE CB 28 54.69 34.73 -38.08
CA PHE CB 28 53.39 34.35 -37.57
C PHE CB 28 53.47 33.03 -36.80
N GLN CB 29 54.20 32.06 -37.34
CA GLN CB 29 54.35 30.76 -36.68
C GLN CB 29 55.11 30.90 -35.37
N GLU CB 30 56.12 31.78 -35.34
CA GLU CB 30 56.79 32.11 -34.09
C GLU CB 30 55.85 32.83 -33.13
N ASP CB 31 54.95 33.67 -33.66
CA ASP CB 31 53.99 34.35 -32.79
C ASP CB 31 52.92 33.40 -32.27
N LEU CB 32 52.62 32.34 -33.02
CA LEU CB 32 51.63 31.37 -32.57
C LEU CB 32 52.14 30.54 -31.41
N LEU CB 33 53.37 30.04 -31.52
CA LEU CB 33 53.96 29.25 -30.45
C LEU CB 33 54.37 30.09 -29.26
N ALA CB 34 54.48 31.40 -29.42
CA ALA CB 34 54.83 32.26 -28.30
C ALA CB 34 53.64 32.43 -27.35
N LYS CB 35 52.47 32.74 -27.90
CA LYS CB 35 51.30 33.02 -27.08
C LYS CB 35 50.65 31.77 -26.51
N ILE CB 36 51.03 30.58 -26.98
CA ILE CB 36 50.39 29.35 -26.52
C ILE CB 36 50.88 28.94 -25.14
N HIS CB 37 51.97 29.52 -24.65
CA HIS CB 37 52.40 29.26 -23.28
C HIS CB 37 51.56 30.03 -22.28
N GLU CB 38 51.49 31.35 -22.46
CA GLU CB 38 50.85 32.23 -21.48
C GLU CB 38 49.33 32.01 -21.44
N THR CB 39 48.75 31.60 -22.56
CA THR CB 39 47.39 31.07 -22.59
C THR CB 39 47.51 29.58 -22.85
N SER CB 40 47.48 28.79 -21.78
CA SER CB 40 47.72 27.35 -21.88
C SER CB 40 46.54 26.70 -22.58
N ALA CB 41 46.64 26.54 -23.90
CA ALA CB 41 45.52 26.17 -24.74
C ALA CB 41 45.31 24.66 -24.75
N ARG CB 42 44.15 24.27 -25.27
CA ARG CB 42 43.85 22.88 -25.54
C ARG CB 42 43.34 22.68 -26.96
N GLY CB 43 43.22 23.75 -27.73
CA GLY CB 43 42.85 23.68 -29.13
C GLY CB 43 43.00 25.03 -29.80
N VAL CB 44 43.67 25.06 -30.95
CA VAL CB 44 43.96 26.29 -31.66
C VAL CB 44 43.30 26.23 -33.02
N VAL CB 45 42.37 27.16 -33.27
CA VAL CB 45 41.59 27.19 -34.50
C VAL CB 45 42.28 28.17 -35.44
N ILE CB 46 43.17 27.65 -36.28
CA ILE CB 46 43.74 28.48 -37.35
C ILE CB 46 42.67 28.69 -38.42
N ASP CB 47 42.39 29.95 -38.73
CA ASP CB 47 41.40 30.31 -39.74
C ASP CB 47 42.11 30.87 -40.96
N ILE CB 48 41.81 30.31 -42.13
CA ILE CB 48 42.47 30.71 -43.36
C ILE CB 48 41.44 31.08 -44.42
N THR CB 49 40.29 31.61 -43.98
CA THR CB 49 39.15 31.83 -44.87
C THR CB 49 39.42 32.92 -45.90
N SER CB 50 40.18 33.94 -45.54
CA SER CB 50 40.44 35.05 -46.45
C SER CB 50 41.74 34.90 -47.24
N ILE CB 51 42.44 33.79 -47.09
CA ILE CB 51 43.67 33.55 -47.84
C ILE CB 51 43.32 33.19 -49.27
N ASP CB 52 43.99 33.82 -50.24
CA ASP CB 52 43.75 33.60 -51.65
C ASP CB 52 44.87 32.82 -52.32
N PHE CB 53 46.11 33.28 -52.22
CA PHE CB 53 47.25 32.64 -52.83
C PHE CB 53 47.96 31.73 -51.84
N ILE CB 54 48.86 30.89 -52.38
CA ILE CB 54 49.67 29.99 -51.57
C ILE CB 54 50.90 29.61 -52.38
N ASP CB 55 51.93 29.13 -51.70
CA ASP CB 55 53.15 28.70 -52.36
C ASP CB 55 53.75 27.53 -51.57
N SER CB 56 54.60 26.76 -52.25
CA SER CB 56 55.20 25.60 -51.62
C SER CB 56 56.24 25.97 -50.57
N PHE CB 57 56.78 27.18 -50.63
CA PHE CB 57 57.62 27.70 -49.55
C PHE CB 57 56.80 28.29 -48.41
N ILE CB 58 55.48 28.30 -48.53
CA ILE CB 58 54.59 28.83 -47.52
C ILE CB 58 53.64 27.76 -46.97
N ALA CB 59 53.08 26.94 -47.85
CA ALA CB 59 52.13 25.91 -47.44
C ALA CB 59 52.78 24.78 -46.67
N LYS CB 60 54.11 24.65 -46.70
CA LYS CB 60 54.77 23.70 -45.83
C LYS CB 60 54.78 24.18 -44.39
N ILE CB 61 54.76 25.50 -44.18
CA ILE CB 61 54.71 26.05 -42.83
C ILE CB 61 53.33 25.82 -42.22
N LEU CB 62 52.28 26.04 -43.01
CA LEU CB 62 50.92 25.75 -42.54
C LEU CB 62 50.70 24.26 -42.33
N GLY CB 63 51.43 23.41 -43.07
CA GLY CB 63 51.45 22.00 -42.74
C GLY CB 63 52.29 21.69 -41.52
N ASP CB 64 53.32 22.49 -41.27
CA ASP CB 64 54.20 22.24 -40.14
C ASP CB 64 53.58 22.66 -38.81
N VAL CB 65 52.83 23.77 -38.81
CA VAL CB 65 52.23 24.26 -37.57
C VAL CB 65 51.14 23.33 -37.07
N VAL CB 66 50.58 22.48 -37.93
CA VAL CB 66 49.77 21.37 -37.47
C VAL CB 66 50.60 20.41 -36.64
N SER CB 67 51.81 20.11 -37.10
CA SER CB 67 52.70 19.23 -36.33
C SER CB 67 53.39 19.97 -35.20
N MET CB 68 53.58 21.29 -35.33
CA MET CB 68 54.25 22.07 -34.29
C MET CB 68 53.38 22.15 -33.04
N SER CB 69 52.16 22.66 -33.19
CA SER CB 69 51.25 22.82 -32.06
C SER CB 69 50.76 21.48 -31.52
N LYS CB 70 50.77 20.42 -32.33
CA LYS CB 70 50.45 19.09 -31.81
C LYS CB 70 51.52 18.64 -30.82
N LEU CB 71 52.79 18.75 -31.22
CA LEU CB 71 53.88 18.40 -30.31
C LEU CB 71 53.96 19.39 -29.15
N MET CB 72 53.53 20.62 -29.37
CA MET CB 72 53.41 21.58 -28.28
C MET CB 72 52.31 21.17 -27.30
N GLY CB 73 51.25 20.54 -27.78
CA GLY CB 73 50.20 20.07 -26.90
C GLY CB 73 48.85 20.71 -27.13
N ALA CB 74 48.54 21.04 -28.38
CA ALA CB 74 47.26 21.64 -28.69
C ALA CB 74 46.81 21.18 -30.08
N LYS CB 75 45.60 20.64 -30.16
CA LYS CB 75 45.07 20.18 -31.44
C LYS CB 75 44.71 21.37 -32.32
N VAL CB 76 44.98 21.23 -33.62
CA VAL CB 76 44.75 22.29 -34.59
C VAL CB 76 43.55 21.89 -35.43
N VAL CB 77 42.70 22.86 -35.77
CA VAL CB 77 41.60 22.67 -36.71
C VAL CB 77 41.70 23.76 -37.76
N VAL CB 78 42.33 23.44 -38.89
CA VAL CB 78 42.53 24.41 -39.96
C VAL CB 78 41.20 24.55 -40.68
N THR CB 79 40.45 25.59 -40.35
CA THR CB 79 39.09 25.77 -40.85
C THR CB 79 39.04 26.74 -42.02
N GLY CB 80 37.99 26.60 -42.82
CA GLY CB 80 37.72 27.52 -43.91
C GLY CB 80 38.73 27.52 -45.03
N ILE CB 81 39.15 26.34 -45.47
CA ILE CB 81 40.07 26.25 -46.60
C ILE CB 81 39.33 26.62 -47.88
N GLN CB 82 39.90 27.54 -48.65
CA GLN CB 82 39.27 28.02 -49.87
C GLN CB 82 39.32 26.96 -50.96
N PRO CB 83 38.40 27.02 -51.93
CA PRO CB 83 38.46 26.06 -53.04
C PRO CB 83 39.67 26.22 -53.94
N ALA CB 84 40.25 27.42 -54.03
CA ALA CB 84 41.40 27.62 -54.91
C ALA CB 84 42.67 27.04 -54.30
N VAL CB 85 42.88 27.26 -53.00
CA VAL CB 85 44.08 26.77 -52.34
C VAL CB 85 44.04 25.25 -52.18
N ALA CB 86 42.84 24.67 -52.14
CA ALA CB 86 42.69 23.25 -51.85
C ALA CB 86 43.20 22.37 -53.00
N ILE CB 87 43.10 22.85 -54.25
CA ILE CB 87 43.67 22.10 -55.37
C ILE CB 87 45.19 22.17 -55.31
N THR CB 88 45.74 23.36 -55.13
CA THR CB 88 47.18 23.54 -55.07
C THR CB 88 47.77 23.30 -53.69
N LEU CB 89 47.05 22.62 -52.80
CA LEU CB 89 47.64 22.13 -51.57
C LEU CB 89 48.09 20.68 -51.69
N ILE CB 90 47.55 19.94 -52.66
CA ILE CB 90 47.98 18.57 -52.89
C ILE CB 90 48.65 18.53 -54.25
N GLU CB 91 49.30 19.64 -54.64
CA GLU CB 91 50.20 19.58 -55.77
C GLU CB 91 51.42 18.73 -55.43
N LEU CB 92 51.89 18.82 -54.18
CA LEU CB 92 52.67 17.78 -53.53
C LEU CB 92 52.34 17.93 -52.05
N GLY CB 93 51.32 17.20 -51.60
CA GLY CB 93 50.77 17.45 -50.29
C GLY CB 93 50.43 16.21 -49.50
N ILE CB 94 51.21 15.15 -49.65
CA ILE CB 94 50.94 13.91 -48.90
C ILE CB 94 51.69 14.06 -47.56
N THR CB 95 51.09 14.85 -46.69
CA THR CB 95 51.44 14.93 -45.28
C THR CB 95 50.20 15.03 -44.39
N PHE CB 96 49.08 15.52 -44.91
CA PHE CB 96 47.96 15.95 -44.10
C PHE CB 96 47.13 14.74 -43.67
N SER CB 97 47.23 14.39 -42.40
CA SER CB 97 46.42 13.36 -41.79
C SER CB 97 46.31 13.66 -40.30
N GLY CB 98 45.11 13.51 -39.75
CA GLY CB 98 44.88 13.95 -38.39
C GLY CB 98 44.92 15.46 -38.23
N VAL CB 99 44.48 16.19 -39.26
CA VAL CB 99 44.55 17.64 -39.25
C VAL CB 99 43.22 18.26 -38.83
N LEU CB 100 42.10 17.55 -39.01
CA LEU CB 100 40.75 17.92 -38.56
C LEU CB 100 40.30 19.25 -39.18
N SER CB 101 40.14 19.24 -40.49
CA SER CB 101 39.62 20.39 -41.20
C SER CB 101 38.12 20.55 -40.93
N ALA CB 102 37.60 21.73 -41.27
CA ALA CB 102 36.21 22.05 -41.02
C ALA CB 102 35.73 23.07 -42.05
N MET CB 103 34.41 23.20 -42.15
CA MET CB 103 33.82 24.06 -43.18
C MET CB 103 33.89 25.53 -42.81
N ASP CB 104 33.46 25.88 -41.59
CA ASP CB 104 33.40 27.27 -41.19
C ASP CB 104 33.82 27.41 -39.73
N LEU CB 105 33.94 28.66 -39.29
CA LEU CB 105 34.42 28.94 -37.95
C LEU CB 105 33.40 28.55 -36.88
N GLU CB 106 32.12 28.53 -37.21
CA GLU CB 106 31.10 28.15 -36.24
C GLU CB 106 31.12 26.65 -35.99
N SER CB 107 30.89 25.85 -37.03
CA SER CB 107 30.87 24.40 -36.88
C SER CB 107 32.26 23.83 -36.62
N GLY CB 108 33.32 24.56 -36.94
CA GLY CB 108 34.64 24.17 -36.50
C GLY CB 108 34.81 24.27 -34.99
N LEU CB 109 34.15 25.25 -34.37
CA LEU CB 109 34.28 25.43 -32.94
C LEU CB 109 33.57 24.33 -32.17
N GLU CB 110 32.46 23.81 -32.71
CA GLU CB 110 31.78 22.70 -32.04
C GLU CB 110 32.58 21.41 -32.15
N LYS CB 111 33.45 21.30 -33.16
CA LYS CB 111 34.34 20.14 -33.25
C LYS CB 111 35.42 20.15 -32.18
N LEU CB 112 35.67 21.29 -31.54
CA LEU CB 112 36.55 21.35 -30.37
C LEU CB 112 35.81 21.52 -29.05
N LYS CB 113 34.62 22.13 -29.07
CA LYS CB 113 33.83 22.28 -27.85
C LYS CB 113 33.31 20.93 -27.38
N GLN CB 114 32.95 20.04 -28.31
CA GLN CB 114 32.41 18.73 -27.95
C GLN CB 114 33.50 17.67 -27.85
N GLU CB 115 34.28 17.50 -28.91
CA GLU CB 115 35.26 16.41 -28.96
C GLU CB 115 36.46 16.66 -28.05
N LEU CB 116 36.70 17.91 -27.65
CA LEU CB 116 37.70 18.23 -26.64
C LEU CB 116 37.06 19.13 -25.61
N GLY CB 117 37.86 19.55 -24.63
CA GLY CB 117 37.35 20.35 -23.53
C GLY CB 117 36.36 19.63 -22.65
N GLU CB 118 36.37 18.29 -22.65
CA GLU CB 118 35.37 17.50 -21.95
C GLU CB 118 35.91 16.10 -21.70
N MET DB 1 2.41 77.01 18.68
CA MET DB 1 2.60 75.61 18.30
C MET DB 1 3.22 74.82 19.44
N GLY DB 2 2.84 73.54 19.54
CA GLY DB 2 3.26 72.74 20.66
C GLY DB 2 4.13 71.54 20.31
N ILE DB 3 3.53 70.35 20.37
CA ILE DB 3 4.26 69.09 20.33
C ILE DB 3 3.68 68.23 19.21
N PRO DB 4 4.52 67.70 18.32
CA PRO DB 4 3.99 67.00 17.14
C PRO DB 4 3.57 65.57 17.43
N ILE DB 5 2.54 65.13 16.72
CA ILE DB 5 1.98 63.78 16.85
C ILE DB 5 2.13 63.07 15.51
N LEU DB 6 2.45 61.78 15.55
CA LEU DB 6 2.67 60.98 14.35
C LEU DB 6 1.92 59.67 14.49
N LYS DB 7 0.86 59.49 13.71
CA LYS DB 7 0.13 58.24 13.74
C LYS DB 7 0.86 57.18 12.92
N LEU DB 8 0.59 55.91 13.24
CA LEU DB 8 1.32 54.82 12.62
C LEU DB 8 0.44 53.59 12.35
N GLY DB 9 -0.83 53.79 12.01
CA GLY DB 9 -1.71 52.65 11.82
C GLY DB 9 -2.11 51.97 13.11
N GLU DB 10 -2.99 52.61 13.87
CA GLU DB 10 -3.50 52.22 15.20
C GLU DB 10 -2.42 52.25 16.27
N CYS DB 11 -1.39 53.05 16.08
CA CYS DB 11 -0.44 53.36 17.13
C CYS DB 11 -0.04 54.82 16.99
N LEU DB 12 0.08 55.51 18.11
CA LEU DB 12 0.55 56.89 18.13
C LEU DB 12 1.98 56.95 18.64
N LEU DB 13 2.81 57.68 17.92
CA LEU DB 13 4.14 58.03 18.38
C LEU DB 13 4.13 59.51 18.74
N ILE DB 14 4.63 59.84 19.91
CA ILE DB 14 4.66 61.22 20.40
C ILE DB 14 6.01 61.47 21.05
N SER DB 15 6.69 62.51 20.59
CA SER DB 15 8.02 62.84 21.09
C SER DB 15 7.97 64.16 21.84
N ILE DB 16 8.62 64.19 23.00
CA ILE DB 16 8.72 65.38 23.82
C ILE DB 16 10.18 65.73 23.94
N GLN DB 17 10.56 66.88 23.39
CA GLN DB 17 11.94 67.34 23.43
C GLN DB 17 12.23 67.98 24.79
N SER DB 18 13.39 68.64 24.92
CA SER DB 18 13.77 69.28 26.18
C SER DB 18 12.90 70.51 26.37
N GLU DB 19 11.78 70.34 27.07
CA GLU DB 19 10.81 71.40 27.24
C GLU DB 19 10.61 71.66 28.73
N LEU DB 20 10.04 72.83 29.03
CA LEU DB 20 10.34 73.47 30.31
C LEU DB 20 9.35 73.14 31.45
N ASP DB 21 8.07 73.46 31.29
CA ASP DB 21 7.20 73.43 32.46
C ASP DB 21 5.77 73.10 32.05
N ASP DB 22 4.86 73.22 33.01
CA ASP DB 22 3.47 72.87 32.81
C ASP DB 22 2.73 73.87 31.92
N HIS DB 23 3.22 75.10 31.82
CA HIS DB 23 2.58 76.09 30.95
C HIS DB 23 2.80 75.78 29.47
N THR DB 24 3.75 74.92 29.14
CA THR DB 24 3.74 74.24 27.85
C THR DB 24 2.80 73.04 27.89
N ALA DB 25 2.81 72.30 29.00
CA ALA DB 25 2.05 71.07 29.08
C ALA DB 25 0.55 71.32 29.19
N VAL DB 26 0.13 72.44 29.79
CA VAL DB 26 -1.29 72.76 29.82
C VAL DB 26 -1.77 73.20 28.45
N GLU DB 27 -0.85 73.63 27.58
CA GLU DB 27 -1.15 73.84 26.18
C GLU DB 27 -1.02 72.57 25.37
N PHE DB 28 -0.48 71.51 25.96
CA PHE DB 28 -0.13 70.28 25.27
C PHE DB 28 -1.11 69.14 25.51
N GLN DB 29 -1.73 69.08 26.69
CA GLN DB 29 -2.57 67.93 27.06
C GLN DB 29 -3.80 67.81 26.16
N GLU DB 30 -4.37 68.95 25.76
CA GLU DB 30 -5.51 68.91 24.85
C GLU DB 30 -5.11 68.53 23.43
N ASP DB 31 -3.84 68.72 23.06
CA ASP DB 31 -3.40 68.29 21.73
C ASP DB 31 -3.42 66.78 21.60
N LEU DB 32 -3.06 66.07 22.67
CA LEU DB 32 -3.05 64.62 22.63
C LEU DB 32 -4.47 64.05 22.66
N LEU DB 33 -5.31 64.56 23.55
CA LEU DB 33 -6.63 63.97 23.76
C LEU DB 33 -7.57 64.28 22.59
N ALA DB 34 -7.46 65.47 21.99
CA ALA DB 34 -8.31 65.77 20.83
C ALA DB 34 -7.85 65.01 19.60
N LYS DB 35 -6.55 64.73 19.48
CA LYS DB 35 -6.06 63.93 18.37
C LYS DB 35 -6.49 62.48 18.52
N ILE DB 36 -6.43 61.96 19.74
CA ILE DB 36 -6.90 60.59 20.00
C ILE DB 36 -8.42 60.51 19.99
N HIS DB 37 -9.11 61.64 20.07
CA HIS DB 37 -10.55 61.67 19.84
C HIS DB 37 -10.85 61.77 18.34
N GLU DB 38 -9.99 62.47 17.60
CA GLU DB 38 -10.16 62.59 16.16
C GLU DB 38 -9.91 61.26 15.47
N THR DB 39 -8.74 60.68 15.66
CA THR DB 39 -8.47 59.35 15.15
C THR DB 39 -9.10 58.30 16.07
N SER DB 40 -9.20 57.08 15.56
CA SER DB 40 -9.53 55.94 16.40
C SER DB 40 -8.28 55.22 16.88
N ALA DB 41 -7.37 55.97 17.51
CA ALA DB 41 -6.07 55.46 17.88
C ALA DB 41 -6.18 54.49 19.05
N ARG DB 42 -5.12 53.70 19.25
CA ARG DB 42 -5.21 52.56 20.13
C ARG DB 42 -4.13 52.56 21.20
N GLY DB 43 -2.96 53.12 20.91
CA GLY DB 43 -1.89 53.14 21.89
C GLY DB 43 -0.94 54.31 21.74
N VAL DB 44 -0.74 55.04 22.83
CA VAL DB 44 0.15 56.20 22.82
C VAL DB 44 1.52 55.77 23.34
N VAL DB 45 2.56 56.04 22.56
CA VAL DB 45 3.93 55.69 22.90
C VAL DB 45 4.67 56.99 23.17
N ILE DB 46 4.83 57.33 24.45
CA ILE DB 46 5.42 58.61 24.85
C ILE DB 46 6.94 58.50 24.81
N ASP DB 47 7.58 59.43 24.10
CA ASP DB 47 9.04 59.49 24.02
C ASP DB 47 9.48 60.67 24.89
N ILE DB 48 10.08 60.37 26.03
CA ILE DB 48 10.68 61.41 26.87
C ILE DB 48 12.15 61.10 27.09
N THR DB 49 12.79 60.46 26.10
CA THR DB 49 14.20 60.09 26.20
C THR DB 49 15.15 61.28 26.18
N SER DB 50 14.68 62.47 25.81
CA SER DB 50 15.52 63.65 25.69
C SER DB 50 15.13 64.71 26.72
N ILE DB 51 14.87 64.29 27.96
CA ILE DB 51 14.52 65.19 29.04
C ILE DB 51 15.41 64.89 30.23
N ASP DB 52 16.14 65.91 30.69
CA ASP DB 52 16.89 65.83 31.94
C ASP DB 52 16.52 66.98 32.88
N PHE DB 53 15.47 67.71 32.57
CA PHE DB 53 14.98 68.79 33.44
C PHE DB 53 14.33 68.17 34.66
N ILE DB 54 15.07 68.18 35.77
CA ILE DB 54 14.54 67.68 37.04
C ILE DB 54 13.49 68.67 37.53
N ASP DB 55 12.22 68.27 37.45
CA ASP DB 55 11.12 69.17 37.78
C ASP DB 55 10.01 68.37 38.42
N SER DB 56 9.29 69.01 39.34
CA SER DB 56 8.17 68.40 40.02
C SER DB 56 6.82 68.83 39.46
N PHE DB 57 6.75 70.01 38.84
CA PHE DB 57 5.47 70.52 38.37
C PHE DB 57 4.99 69.81 37.12
N ILE DB 58 5.91 69.26 36.32
CA ILE DB 58 5.51 68.55 35.11
C ILE DB 58 4.94 67.17 35.43
N ALA DB 59 5.25 66.62 36.59
CA ALA DB 59 4.78 65.29 36.96
C ALA DB 59 3.28 65.23 37.24
N LYS DB 60 2.61 66.37 37.38
CA LYS DB 60 1.16 66.38 37.48
C LYS DB 60 0.47 66.30 36.14
N ILE DB 61 1.23 66.34 35.04
CA ILE DB 61 0.64 66.22 33.70
C ILE DB 61 0.88 64.80 33.20
N LEU DB 62 2.14 64.37 33.20
CA LEU DB 62 2.46 63.00 32.80
C LEU DB 62 2.03 61.97 33.84
N GLY DB 63 1.70 62.39 35.05
CA GLY DB 63 1.04 61.54 36.01
C GLY DB 63 -0.46 61.55 35.91
N ASP DB 64 -1.02 62.26 34.95
CA ASP DB 64 -2.46 62.27 34.75
C ASP DB 64 -2.87 61.91 33.33
N VAL DB 65 -2.06 62.26 32.33
CA VAL DB 65 -2.34 61.80 30.97
C VAL DB 65 -2.01 60.32 30.79
N VAL DB 66 -1.28 59.73 31.74
CA VAL DB 66 -1.13 58.28 31.79
C VAL DB 66 -2.48 57.63 32.14
N SER DB 67 -3.32 58.33 32.90
CA SER DB 67 -4.63 57.82 33.27
C SER DB 67 -5.73 58.26 32.32
N MET DB 68 -5.68 59.52 31.88
CA MET DB 68 -6.74 60.06 31.02
C MET DB 68 -6.76 59.38 29.66
N SER DB 69 -5.58 59.14 29.08
CA SER DB 69 -5.53 58.40 27.83
C SER DB 69 -5.85 56.94 28.04
N LYS DB 70 -5.63 56.41 29.25
CA LYS DB 70 -6.06 55.05 29.56
C LYS DB 70 -7.55 54.98 29.80
N LEU DB 71 -8.12 56.02 30.41
CA LEU DB 71 -9.56 56.07 30.59
C LEU DB 71 -10.27 56.38 29.28
N MET DB 72 -9.58 57.05 28.36
CA MET DB 72 -10.12 57.24 27.01
C MET DB 72 -10.26 55.93 26.28
N GLY DB 73 -9.37 54.97 26.53
CA GLY DB 73 -9.43 53.70 25.87
C GLY DB 73 -8.19 53.35 25.08
N ALA DB 74 -7.04 53.86 25.53
CA ALA DB 74 -5.78 53.58 24.88
C ALA DB 74 -4.72 53.27 25.92
N LYS DB 75 -4.17 52.06 25.88
CA LYS DB 75 -3.10 51.67 26.78
C LYS DB 75 -1.83 52.44 26.44
N VAL DB 76 -1.32 53.18 27.41
CA VAL DB 76 -0.21 54.10 27.18
C VAL DB 76 1.05 53.49 27.77
N VAL DB 77 2.19 53.80 27.14
CA VAL DB 77 3.50 53.39 27.62
C VAL DB 77 4.40 54.61 27.68
N VAL DB 78 5.38 54.57 28.58
CA VAL DB 78 6.31 55.66 28.79
C VAL DB 78 7.70 55.12 28.50
N THR DB 79 8.30 55.57 27.40
CA THR DB 79 9.56 55.01 26.92
C THR DB 79 10.75 55.86 27.34
N GLY DB 80 11.71 55.22 27.98
CA GLY DB 80 13.01 55.83 28.23
C GLY DB 80 13.01 56.94 29.25
N ILE DB 81 12.59 56.63 30.48
CA ILE DB 81 12.75 57.58 31.56
C ILE DB 81 14.23 57.69 31.90
N GLN DB 82 14.73 58.92 31.97
CA GLN DB 82 16.13 59.12 32.28
C GLN DB 82 16.38 58.89 33.78
N PRO DB 83 17.59 58.45 34.16
CA PRO DB 83 17.82 58.12 35.57
C PRO DB 83 17.78 59.32 36.52
N ALA DB 84 18.09 60.52 36.03
CA ALA DB 84 17.97 61.69 36.91
C ALA DB 84 16.51 62.04 37.15
N VAL DB 85 15.67 61.99 36.12
CA VAL DB 85 14.25 62.27 36.27
C VAL DB 85 13.49 61.05 36.78
N ALA DB 86 14.14 59.90 36.88
CA ALA DB 86 13.48 58.75 37.49
C ALA DB 86 13.36 58.91 39.00
N ILE DB 87 14.35 59.53 39.64
CA ILE DB 87 14.35 59.61 41.09
C ILE DB 87 13.32 60.63 41.59
N THR DB 88 13.07 61.70 40.84
CA THR DB 88 12.07 62.67 41.26
C THR DB 88 10.64 62.16 41.08
N LEU DB 89 10.45 61.05 40.36
CA LEU DB 89 9.15 60.39 40.32
C LEU DB 89 8.96 59.41 41.46
N ILE DB 90 9.99 59.17 42.27
CA ILE DB 90 9.83 58.35 43.47
C ILE DB 90 9.31 59.18 44.63
N GLU DB 91 9.79 60.41 44.75
CA GLU DB 91 9.34 61.30 45.82
C GLU DB 91 7.88 61.68 45.65
N LEU DB 92 7.41 61.79 44.42
CA LEU DB 92 5.98 61.97 44.18
C LEU DB 92 5.30 60.61 44.23
N GLY DB 93 4.08 60.60 44.77
CA GLY DB 93 3.29 59.39 44.85
C GLY DB 93 2.64 59.09 43.52
N ILE DB 94 3.44 58.58 42.58
CA ILE DB 94 2.98 58.42 41.20
C ILE DB 94 1.96 57.28 41.09
N THR DB 95 1.09 57.39 40.09
CA THR DB 95 0.15 56.36 39.74
C THR DB 95 0.70 55.38 38.71
N PHE DB 96 2.01 55.36 38.50
CA PHE DB 96 2.61 54.50 37.49
C PHE DB 96 2.58 53.06 37.95
N SER DB 97 1.47 52.38 37.70
CA SER DB 97 1.30 50.97 38.02
C SER DB 97 0.62 50.32 36.82
N GLY DB 98 1.32 49.38 36.19
CA GLY DB 98 0.82 48.79 34.96
C GLY DB 98 0.91 49.79 33.82
N VAL DB 99 2.09 50.35 33.60
CA VAL DB 99 2.30 51.36 32.56
C VAL DB 99 3.25 50.89 31.48
N LEU DB 100 3.98 49.79 31.70
CA LEU DB 100 4.74 49.06 30.68
C LEU DB 100 5.83 49.92 30.05
N SER DB 101 6.74 50.40 30.89
CA SER DB 101 7.82 51.25 30.43
C SER DB 101 8.85 50.47 29.62
N ALA DB 102 9.69 51.19 28.90
CA ALA DB 102 10.72 50.58 28.06
C ALA DB 102 11.92 51.51 27.97
N MET DB 103 13.07 50.93 27.61
CA MET DB 103 14.31 51.69 27.55
C MET DB 103 14.37 52.57 26.31
N ASP DB 104 13.70 52.18 25.24
CA ASP DB 104 13.86 52.82 23.95
C ASP DB 104 12.62 52.59 23.11
N LEU DB 105 12.45 53.42 22.08
CA LEU DB 105 11.22 53.44 21.32
C LEU DB 105 11.00 52.19 20.48
N GLU DB 106 12.07 51.46 20.16
CA GLU DB 106 11.89 50.22 19.40
C GLU DB 106 11.31 49.13 20.27
N SER DB 107 11.84 48.96 21.49
CA SER DB 107 11.33 47.95 22.39
C SER DB 107 9.96 48.34 22.97
N GLY DB 108 9.61 49.62 22.91
CA GLY DB 108 8.26 50.01 23.28
C GLY DB 108 7.23 49.52 22.27
N LEU DB 109 7.48 49.77 20.99
CA LEU DB 109 6.58 49.32 19.93
C LEU DB 109 6.58 47.81 19.75
N GLU DB 110 7.67 47.14 20.17
CA GLU DB 110 7.69 45.68 20.16
C GLU DB 110 6.69 45.10 21.14
N LYS DB 111 6.44 45.80 22.25
CA LYS DB 111 5.52 45.30 23.26
C LYS DB 111 4.06 45.59 22.92
N LEU DB 112 3.81 46.61 22.10
CA LEU DB 112 2.42 47.04 21.86
C LEU DB 112 1.66 46.11 20.94
N LYS DB 113 2.34 45.28 20.13
CA LYS DB 113 1.62 44.28 19.38
C LYS DB 113 1.13 43.16 20.28
N GLN DB 114 1.87 42.87 21.36
CA GLN DB 114 1.45 41.83 22.30
C GLN DB 114 0.28 42.29 23.15
N GLU DB 115 0.40 43.48 23.75
CA GLU DB 115 -0.60 43.99 24.67
C GLU DB 115 -1.83 44.56 23.97
N LEU DB 116 -1.83 44.65 22.64
CA LEU DB 116 -2.90 45.34 21.93
C LEU DB 116 -2.91 44.85 20.49
N GLY DB 117 -3.99 44.15 20.12
CA GLY DB 117 -4.18 43.70 18.75
C GLY DB 117 -3.16 42.68 18.27
N GLU DB 118 -3.21 41.47 18.81
CA GLU DB 118 -2.29 40.42 18.39
C GLU DB 118 -2.63 39.96 16.97
N GLU EB 1 -32.95 -20.87 82.52
CA GLU EB 1 -31.78 -21.49 83.14
C GLU EB 1 -30.57 -21.36 82.23
N LYS EB 2 -29.81 -22.44 82.12
CA LYS EB 2 -28.68 -22.51 81.19
C LYS EB 2 -29.06 -23.09 79.84
N THR EB 3 -30.37 -23.31 79.61
CA THR EB 3 -30.84 -23.63 78.27
C THR EB 3 -30.69 -22.45 77.32
N VAL EB 4 -30.63 -21.23 77.85
CA VAL EB 4 -30.22 -20.09 77.03
C VAL EB 4 -28.73 -20.16 76.76
N SER EB 5 -27.95 -20.70 77.69
CA SER EB 5 -26.50 -20.77 77.51
C SER EB 5 -26.11 -21.86 76.52
N ILE EB 6 -26.93 -22.92 76.38
CA ILE EB 6 -26.67 -23.90 75.33
C ILE EB 6 -27.17 -23.39 73.99
N GLN EB 7 -28.04 -22.38 73.99
CA GLN EB 7 -28.33 -21.63 72.77
C GLN EB 7 -27.24 -20.60 72.49
N LYS EB 8 -26.61 -20.08 73.55
CA LYS EB 8 -25.56 -19.08 73.41
C LYS EB 8 -24.31 -19.65 72.72
N SER EB 9 -24.06 -20.95 72.86
CA SER EB 9 -22.88 -21.56 72.28
C SER EB 9 -22.95 -21.62 70.76
N ALA EB 10 -24.15 -21.71 70.19
CA ALA EB 10 -24.29 -21.86 68.75
C ALA EB 10 -24.45 -20.53 68.03
N LEU EB 11 -23.57 -19.57 68.31
CA LEU EB 11 -23.51 -18.33 67.54
C LEU EB 11 -22.07 -17.98 67.20
N GLN EB 12 -21.31 -18.97 66.73
CA GLN EB 12 -19.94 -18.78 66.27
C GLN EB 12 -19.83 -19.25 64.83
N GLU EB 13 -20.76 -18.76 64.01
CA GLU EB 13 -21.03 -19.21 62.65
C GLU EB 13 -19.88 -18.89 61.70
N LEU EB 14 -20.01 -19.37 60.47
CA LEU EB 14 -19.25 -18.88 59.34
C LEU EB 14 -20.16 -18.78 58.13
N SER EB 15 -20.02 -17.69 57.36
CA SER EB 15 -20.75 -17.54 56.12
C SER EB 15 -19.95 -18.16 54.98
N ALA EB 16 -20.37 -17.93 53.74
CA ALA EB 16 -19.71 -18.53 52.59
C ALA EB 16 -19.93 -17.73 51.31
N PRO EB 17 -19.01 -16.79 50.98
CA PRO EB 17 -18.89 -16.34 49.58
C PRO EB 17 -18.01 -17.29 48.74
N LEU EB 18 -17.71 -18.44 49.34
CA LEU EB 18 -17.28 -19.73 48.78
C LEU EB 18 -15.83 -19.82 48.33
N LEU EB 19 -15.15 -18.72 48.03
CA LEU EB 19 -13.72 -18.80 48.25
C LEU EB 19 -13.32 -18.14 49.58
N PRO EB 20 -13.73 -16.87 49.89
CA PRO EB 20 -13.35 -16.36 51.23
C PRO EB 20 -14.37 -16.75 52.30
N ILE EB 21 -14.35 -18.03 52.68
CA ILE EB 21 -15.24 -18.53 53.71
C ILE EB 21 -14.78 -18.01 55.06
N PHE EB 22 -15.53 -17.07 55.62
CA PHE EB 22 -15.04 -16.22 56.70
C PHE EB 22 -16.05 -16.22 57.84
N GLU EB 23 -15.69 -15.54 58.92
CA GLU EB 23 -16.30 -15.75 60.22
C GLU EB 23 -16.40 -14.44 60.97
N LYS EB 24 -17.57 -14.18 61.55
CA LYS EB 24 -17.74 -13.07 62.46
C LYS EB 24 -17.59 -13.53 63.91
N ILE EB 25 -16.89 -12.71 64.70
CA ILE EB 25 -16.72 -12.94 66.13
C ILE EB 25 -17.08 -11.63 66.83
N SER EB 26 -18.24 -11.62 67.48
CA SER EB 26 -18.65 -10.47 68.27
C SER EB 26 -18.06 -10.61 69.68
N VAL EB 27 -18.54 -9.78 70.61
CA VAL EB 27 -17.95 -9.74 71.95
C VAL EB 27 -18.37 -11.00 72.71
N MET EB 28 -17.42 -11.90 72.92
CA MET EB 28 -17.55 -13.06 73.78
C MET EB 28 -16.17 -13.47 74.30
N PRO EB 29 -15.45 -12.57 74.99
CA PRO EB 29 -14.01 -12.76 75.24
C PRO EB 29 -13.66 -13.58 76.48
N LEU EB 30 -13.69 -14.90 76.34
CA LEU EB 30 -13.37 -15.78 77.46
C LEU EB 30 -12.55 -16.96 76.97
N ILE EB 31 -12.13 -17.79 77.93
CA ILE EB 31 -11.36 -18.98 77.64
C ILE EB 31 -12.25 -20.21 77.46
N GLY EB 32 -13.42 -20.24 78.09
CA GLY EB 32 -14.31 -21.39 78.06
C GLY EB 32 -14.93 -21.70 76.71
N THR EB 33 -14.77 -20.82 75.72
CA THR EB 33 -15.21 -21.07 74.35
C THR EB 33 -13.99 -21.50 73.54
N ILE EB 34 -13.74 -22.81 73.50
CA ILE EB 34 -12.79 -23.38 72.54
C ILE EB 34 -13.46 -23.67 71.22
N ASP EB 35 -14.77 -23.43 71.13
CA ASP EB 35 -15.53 -23.69 69.90
C ASP EB 35 -15.12 -22.75 68.77
N THR EB 36 -14.71 -21.52 69.10
CA THR EB 36 -14.39 -20.52 68.08
C THR EB 36 -13.16 -20.85 67.25
N GLU EB 37 -12.37 -21.85 67.65
CA GLU EB 37 -11.35 -22.43 66.79
C GLU EB 37 -11.61 -23.91 66.54
N ARG EB 38 -12.73 -24.44 67.01
CA ARG EB 38 -13.15 -25.81 66.73
C ARG EB 38 -14.39 -25.87 65.85
N ALA EB 39 -15.38 -25.01 66.08
CA ALA EB 39 -16.52 -24.91 65.18
C ALA EB 39 -16.23 -24.12 63.92
N LYS EB 40 -14.98 -23.70 63.72
CA LYS EB 40 -14.49 -23.21 62.43
C LYS EB 40 -13.72 -24.29 61.69
N LEU EB 41 -12.81 -24.97 62.41
CA LEU EB 41 -12.01 -26.05 61.82
C LEU EB 41 -12.86 -27.22 61.36
N ILE EB 42 -13.95 -27.53 62.07
CA ILE EB 42 -14.80 -28.64 61.65
C ILE EB 42 -15.62 -28.29 60.41
N ILE EB 43 -15.78 -27.01 60.11
CA ILE EB 43 -16.50 -26.60 58.91
C ILE EB 43 -15.55 -26.03 57.85
N GLU EB 44 -14.31 -25.71 58.21
CA GLU EB 44 -13.33 -25.29 57.20
C GLU EB 44 -12.99 -26.42 56.23
N ASN EB 45 -12.90 -27.65 56.74
CA ASN EB 45 -12.68 -28.80 55.88
C ASN EB 45 -13.96 -29.42 55.38
N LEU EB 46 -15.12 -28.92 55.82
CA LEU EB 46 -16.40 -29.41 55.34
C LEU EB 46 -16.61 -28.93 53.91
N LEU EB 47 -16.67 -27.62 53.74
CA LEU EB 47 -16.72 -27.01 52.41
C LEU EB 47 -15.40 -26.31 52.13
N ILE EB 48 -14.92 -26.46 50.90
CA ILE EB 48 -13.54 -26.15 50.54
C ILE EB 48 -13.37 -24.64 50.45
N GLY EB 49 -12.53 -24.07 51.31
CA GLY EB 49 -12.22 -22.66 51.27
C GLY EB 49 -10.75 -22.41 51.47
N VAL EB 50 -10.24 -21.37 50.81
CA VAL EB 50 -8.81 -21.06 50.84
C VAL EB 50 -8.52 -20.07 51.97
N VAL EB 51 -9.11 -18.89 51.91
CA VAL EB 51 -8.86 -17.84 52.89
C VAL EB 51 -10.02 -17.81 53.89
N LYS EB 52 -9.69 -17.62 55.16
CA LYS EB 52 -10.67 -17.48 56.21
C LYS EB 52 -10.34 -16.27 57.06
N ASN EB 53 -11.37 -15.49 57.40
CA ASN EB 53 -11.19 -14.27 58.18
C ASN EB 53 -11.85 -14.45 59.54
N ARG EB 54 -11.04 -14.44 60.59
CA ARG EB 54 -11.59 -14.60 61.93
C ARG EB 54 -12.28 -13.33 62.40
N SER EB 55 -11.67 -12.17 62.11
CA SER EB 55 -12.33 -10.85 62.06
C SER EB 55 -12.96 -10.44 63.40
N GLU EB 56 -12.09 -10.24 64.39
CA GLU EB 56 -12.54 -9.65 65.66
C GLU EB 56 -12.80 -8.17 65.44
N VAL EB 57 -13.99 -7.85 64.94
CA VAL EB 57 -14.31 -6.46 64.66
C VAL EB 57 -14.62 -5.72 65.97
N VAL EB 58 -15.14 -6.44 66.98
CA VAL EB 58 -15.15 -5.93 68.35
C VAL EB 58 -14.98 -7.10 69.32
N LEU EB 59 -13.86 -7.08 70.04
CA LEU EB 59 -13.57 -8.08 71.06
C LEU EB 59 -12.51 -7.45 71.95
N ILE EB 60 -12.89 -7.12 73.19
CA ILE EB 60 -11.96 -6.52 74.14
C ILE EB 60 -12.26 -7.09 75.52
N ASP EB 61 -11.33 -7.89 76.07
CA ASP EB 61 -10.09 -8.31 75.40
C ASP EB 61 -9.84 -9.78 75.70
N ILE EB 62 -8.80 -10.34 75.07
CA ILE EB 62 -8.37 -11.69 75.43
C ILE EB 62 -7.74 -11.65 76.83
N THR EB 63 -7.87 -12.76 77.56
CA THR EB 63 -7.55 -12.72 78.99
C THR EB 63 -6.05 -12.83 79.22
N GLY EB 64 -5.46 -13.98 78.90
CA GLY EB 64 -4.02 -14.13 78.95
C GLY EB 64 -3.52 -15.11 77.92
N VAL EB 65 -4.41 -15.59 77.07
CA VAL EB 65 -4.13 -16.75 76.23
C VAL EB 65 -4.38 -16.45 74.76
N PRO EB 66 -3.38 -15.93 74.04
CA PRO EB 66 -3.46 -15.87 72.58
C PRO EB 66 -2.94 -17.12 71.90
N VAL EB 67 -2.42 -18.09 72.67
CA VAL EB 67 -1.93 -19.35 72.13
C VAL EB 67 -3.08 -20.16 71.53
N VAL EB 68 -4.30 -19.97 72.03
CA VAL EB 68 -5.48 -20.62 71.47
C VAL EB 68 -6.10 -19.74 70.41
N ASP EB 69 -5.41 -18.65 70.04
CA ASP EB 69 -5.90 -17.80 68.96
C ASP EB 69 -4.83 -17.34 67.97
N THR EB 70 -3.55 -17.50 68.27
CA THR EB 70 -2.49 -17.11 67.34
C THR EB 70 -1.53 -18.24 67.01
N MET EB 71 -1.22 -19.10 67.98
CA MET EB 71 -0.47 -20.32 67.67
C MET EB 71 -1.33 -21.26 66.82
N VAL EB 72 -2.64 -21.32 67.11
CA VAL EB 72 -3.55 -22.13 66.30
C VAL EB 72 -3.88 -21.48 64.96
N ALA EB 73 -3.42 -20.25 64.72
CA ALA EB 73 -3.51 -19.65 63.39
C ALA EB 73 -2.47 -20.22 62.42
N HIS EB 74 -1.53 -21.02 62.90
CA HIS EB 74 -0.69 -21.82 62.03
C HIS EB 74 -1.25 -23.22 61.83
N HIS EB 75 -2.01 -23.73 62.80
CA HIS EB 75 -2.58 -25.06 62.66
C HIS EB 75 -3.79 -25.09 61.72
N ILE EB 76 -4.39 -23.92 61.45
CA ILE EB 76 -5.41 -23.84 60.42
C ILE EB 76 -4.80 -23.89 59.03
N ILE EB 77 -3.54 -23.45 58.90
CA ILE EB 77 -2.83 -23.52 57.62
C ILE EB 77 -2.60 -24.97 57.23
N GLN EB 78 -2.52 -25.87 58.22
CA GLN EB 78 -2.50 -27.31 57.94
C GLN EB 78 -3.76 -27.76 57.22
N ALA EB 79 -4.90 -27.12 57.50
CA ALA EB 79 -6.13 -27.53 56.81
C ALA EB 79 -6.14 -26.98 55.39
N SER EB 80 -6.24 -25.65 55.22
CA SER EB 80 -6.04 -25.07 53.91
C SER EB 80 -4.94 -24.02 53.88
N GLU EB 81 -5.15 -22.83 54.46
CA GLU EB 81 -4.33 -21.68 54.09
C GLU EB 81 -4.53 -20.43 54.95
N ALA EB 82 -3.45 -19.97 55.60
CA ALA EB 82 -3.11 -18.56 55.91
C ALA EB 82 -4.25 -17.61 56.28
N VAL EB 83 -4.91 -17.84 57.42
CA VAL EB 83 -6.02 -16.98 57.84
C VAL EB 83 -5.55 -15.56 58.16
N ARG EB 84 -6.51 -14.65 58.25
CA ARG EB 84 -6.25 -13.24 58.50
C ARG EB 84 -7.05 -12.77 59.71
N LEU EB 85 -6.42 -11.91 60.50
CA LEU EB 85 -7.06 -11.26 61.63
C LEU EB 85 -7.47 -9.86 61.18
N VAL EB 86 -8.77 -9.66 61.00
CA VAL EB 86 -9.29 -8.45 60.36
C VAL EB 86 -9.64 -7.42 61.41
N GLY EB 87 -8.84 -6.37 61.51
CA GLY EB 87 -9.21 -5.19 62.28
C GLY EB 87 -9.25 -5.37 63.78
N CYS EB 88 -8.08 -5.56 64.39
CA CYS EB 88 -8.01 -5.69 65.84
C CYS EB 88 -8.29 -4.34 66.51
N GLN EB 89 -8.49 -4.40 67.82
CA GLN EB 89 -8.80 -3.21 68.61
C GLN EB 89 -7.52 -2.42 68.89
N ALA EB 90 -7.63 -1.39 69.71
CA ALA EB 90 -6.45 -0.63 70.12
C ALA EB 90 -5.86 -1.18 71.42
N MET EB 91 -6.71 -1.38 72.43
CA MET EB 91 -6.26 -1.90 73.72
C MET EB 91 -5.85 -3.37 73.60
N LEU EB 92 -6.52 -4.13 72.73
CA LEU EB 92 -6.31 -5.57 72.63
C LEU EB 92 -4.91 -5.90 72.12
N VAL EB 93 -4.43 -5.18 71.11
CA VAL EB 93 -3.05 -5.37 70.66
C VAL EB 93 -2.05 -4.68 71.57
N GLY EB 94 -2.50 -3.89 72.54
CA GLY EB 94 -1.61 -3.27 73.50
C GLY EB 94 -0.94 -4.23 74.46
N ILE EB 95 -1.39 -5.48 74.51
CA ILE EB 95 -0.79 -6.52 75.34
C ILE EB 95 -0.08 -7.49 74.42
N ARG EB 96 1.23 -7.30 74.24
CA ARG EB 96 2.05 -8.19 73.41
C ARG EB 96 3.33 -8.52 74.16
N PRO EB 97 3.31 -9.58 74.98
CA PRO EB 97 4.57 -10.05 75.59
C PRO EB 97 5.45 -10.77 74.58
N GLU EB 98 4.85 -11.64 73.77
CA GLU EB 98 5.61 -12.41 72.78
C GLU EB 98 5.89 -11.58 71.53
N GLN EB 99 4.95 -13.46 60.67
CA GLN EB 99 3.97 -14.11 61.54
C GLN EB 99 2.76 -14.46 60.69
N ILE EB 100 1.64 -13.77 60.86
CA ILE EB 100 0.47 -13.93 60.00
C ILE EB 100 0.14 -12.57 59.39
N ILE EB 101 -0.85 -12.57 58.50
CA ILE EB 101 -1.22 -11.39 57.73
C ILE EB 101 -2.48 -10.78 58.33
N THR EB 102 -2.38 -9.55 58.80
CA THR EB 102 -3.53 -8.83 59.33
C THR EB 102 -3.93 -7.70 58.39
N THR EB 103 -5.13 -7.17 58.60
CA THR EB 103 -5.64 -6.06 57.81
C THR EB 103 -6.41 -5.13 58.74
N ASN EB 104 -6.33 -3.83 58.47
CA ASN EB 104 -6.94 -2.84 59.34
C ASN EB 104 -8.46 -2.83 59.24
N THR EB 105 -9.01 -3.13 58.07
CA THR EB 105 -10.46 -3.11 57.91
C THR EB 105 -10.87 -4.17 56.89
N MET EB 106 -12.16 -4.47 56.86
CA MET EB 106 -12.65 -5.61 56.08
C MET EB 106 -12.72 -5.30 54.59
N LYS EB 107 -13.14 -4.10 54.21
CA LYS EB 107 -13.21 -3.78 52.79
C LYS EB 107 -11.85 -3.46 52.18
N LYS EB 108 -10.78 -3.44 52.98
CA LYS EB 108 -9.42 -3.56 52.48
C LYS EB 108 -8.87 -4.95 52.72
N GLY EB 109 -9.61 -5.81 53.40
CA GLY EB 109 -9.22 -7.19 53.58
C GLY EB 109 -9.66 -8.03 52.40
N MET EB 110 -10.91 -7.85 51.97
CA MET EB 110 -11.44 -8.58 50.82
C MET EB 110 -10.81 -8.12 49.51
N GLU EB 111 -10.13 -6.98 49.50
CA GLU EB 111 -9.34 -6.60 48.34
C GLU EB 111 -8.11 -7.48 48.20
N ARG EB 112 -7.37 -7.68 49.30
CA ARG EB 112 -6.15 -8.48 49.24
C ARG EB 112 -6.39 -9.96 49.47
N ALA EB 113 -7.50 -10.34 50.10
CA ALA EB 113 -7.80 -11.77 50.21
C ALA EB 113 -8.25 -12.34 48.88
N LEU EB 114 -8.85 -11.52 48.03
CA LEU EB 114 -9.15 -11.94 46.67
C LEU EB 114 -7.93 -11.95 45.78
N ALA EB 115 -6.85 -11.27 46.20
CA ALA EB 115 -5.59 -11.34 45.47
C ALA EB 115 -4.85 -12.64 45.68
N LEU EB 116 -5.18 -13.39 46.74
CA LEU EB 116 -4.58 -14.71 46.93
C LEU EB 116 -5.14 -15.73 45.96
N THR EB 117 -6.31 -15.48 45.37
CA THR EB 117 -6.84 -16.31 44.30
C THR EB 117 -6.78 -15.58 42.96
N ASN EB 118 -6.16 -14.39 42.93
CA ASN EB 118 -5.98 -13.55 41.74
C ASN EB 118 -7.32 -13.20 41.09
N ARG EB 119 -8.15 -12.47 41.83
CA ARG EB 119 -9.36 -11.89 41.28
C ARG EB 119 -9.49 -10.47 41.80
N GLU EB 120 -9.93 -9.58 40.94
CA GLU EB 120 -10.11 -8.17 41.28
C GLU EB 120 -11.58 -7.80 41.09
N ILE EB 121 -11.90 -6.54 41.37
CA ILE EB 121 -13.22 -6.00 41.09
C ILE EB 121 -13.13 -5.13 39.86
N VAL EB 122 -14.08 -5.31 38.94
CA VAL EB 122 -14.02 -4.71 37.61
C VAL EB 122 -15.30 -3.92 37.38
N GLU EB 123 -15.15 -2.71 36.83
CA GLU EB 123 -16.24 -1.88 36.30
C GLU EB 123 -17.22 -1.44 37.37
N GLU FB 1 -26.14 -16.11 85.76
CA GLU FB 1 -27.52 -16.01 86.22
C GLU FB 1 -28.37 -15.26 85.20
N LYS FB 2 -28.23 -13.94 85.15
CA LYS FB 2 -28.96 -13.11 84.22
C LYS FB 2 -28.05 -12.20 83.42
N THR FB 3 -26.74 -12.42 83.44
CA THR FB 3 -25.84 -11.75 82.52
C THR FB 3 -25.76 -12.46 81.17
N VAL FB 4 -26.39 -13.63 81.05
CA VAL FB 4 -26.47 -14.31 79.77
C VAL FB 4 -27.37 -13.54 78.81
N SER FB 5 -28.56 -13.17 79.26
CA SER FB 5 -29.50 -12.42 78.42
C SER FB 5 -29.11 -10.97 78.23
N ILE FB 6 -28.12 -10.48 78.98
CA ILE FB 6 -27.60 -9.13 78.73
C ILE FB 6 -26.70 -9.13 77.50
N GLN FB 7 -25.70 -10.01 77.49
CA GLN FB 7 -24.73 -10.05 76.40
C GLN FB 7 -25.35 -10.57 75.10
N LYS FB 8 -26.36 -11.44 75.21
CA LYS FB 8 -26.97 -12.08 74.04
C LYS FB 8 -27.70 -11.09 73.14
N SER FB 9 -28.04 -9.90 73.65
CA SER FB 9 -28.58 -8.86 72.79
C SER FB 9 -27.57 -8.37 71.78
N ALA FB 10 -26.29 -8.37 72.13
CA ALA FB 10 -25.24 -7.87 71.24
C ALA FB 10 -24.61 -8.99 70.42
N LEU FB 11 -25.44 -9.81 69.77
CA LEU FB 11 -24.94 -10.78 68.80
C LEU FB 11 -25.80 -10.75 67.54
N GLN FB 12 -26.13 -9.54 67.09
CA GLN FB 12 -26.74 -9.29 65.78
C GLN FB 12 -25.97 -8.10 65.23
N GLU FB 13 -25.22 -8.31 64.15
CA GLU FB 13 -23.95 -7.63 64.00
C GLU FB 13 -23.89 -6.73 62.76
N LEU FB 14 -22.69 -6.24 62.49
CA LEU FB 14 -22.43 -5.04 61.71
C LEU FB 14 -21.48 -5.41 60.58
N SER FB 15 -21.81 -6.46 59.85
CA SER FB 15 -20.89 -7.03 58.86
C SER FB 15 -20.74 -6.07 57.68
N ALA FB 16 -19.52 -5.61 57.45
CA ALA FB 16 -19.23 -4.62 56.41
C ALA FB 16 -18.10 -5.12 55.52
N PRO FB 17 -18.41 -5.94 54.50
CA PRO FB 17 -17.43 -6.23 53.44
C PRO FB 17 -17.26 -5.06 52.48
N LEU FB 18 -16.67 -5.35 51.30
CA LEU FB 18 -16.81 -4.46 50.16
C LEU FB 18 -18.29 -4.12 49.94
N LEU FB 19 -18.52 -2.89 49.46
CA LEU FB 19 -19.63 -1.97 49.74
C LEU FB 19 -21.03 -2.55 49.99
N PRO FB 20 -21.55 -3.56 49.25
CA PRO FB 20 -22.79 -4.22 49.71
C PRO FB 20 -22.63 -4.89 51.07
N ILE FB 21 -23.61 -4.68 51.92
CA ILE FB 21 -23.48 -4.95 53.35
C ILE FB 21 -23.93 -6.37 53.66
N PHE FB 22 -23.08 -7.13 54.33
CA PHE FB 22 -23.44 -8.46 54.78
C PHE FB 22 -24.18 -8.39 56.12
N GLU FB 23 -24.89 -9.47 56.43
CA GLU FB 23 -25.53 -9.64 57.72
C GLU FB 23 -25.71 -11.13 57.94
N LYS FB 24 -25.96 -11.52 59.18
CA LYS FB 24 -26.10 -12.93 59.47
C LYS FB 24 -27.01 -13.07 60.68
N ILE FB 25 -28.00 -13.95 60.58
CA ILE FB 25 -28.89 -14.26 61.69
C ILE FB 25 -28.81 -15.76 61.95
N SER FB 26 -28.37 -16.13 63.15
CA SER FB 26 -28.40 -17.51 63.59
C SER FB 26 -29.79 -17.82 64.14
N VAL FB 27 -29.95 -18.95 64.82
CA VAL FB 27 -31.26 -19.31 65.35
C VAL FB 27 -31.57 -18.45 66.58
N MET FB 28 -32.62 -17.63 66.44
CA MET FB 28 -33.19 -16.82 67.50
C MET FB 28 -34.63 -16.49 67.13
N PRO FB 29 -35.52 -17.50 67.13
CA PRO FB 29 -36.86 -17.34 66.52
C PRO FB 29 -37.94 -16.87 67.48
N LEU FB 30 -37.92 -15.58 67.84
CA LEU FB 30 -38.93 -15.08 68.75
C LEU FB 30 -39.27 -13.63 68.43
N ILE FB 31 -40.52 -13.26 68.71
CA ILE FB 31 -40.98 -11.88 68.58
C ILE FB 31 -40.36 -11.00 69.66
N GLY FB 32 -39.96 -11.59 70.80
CA GLY FB 32 -39.40 -10.86 71.93
C GLY FB 32 -38.12 -10.11 71.62
N THR FB 33 -37.39 -10.51 70.59
CA THR FB 33 -36.29 -9.71 70.08
C THR FB 33 -36.76 -8.89 68.88
N ILE FB 34 -36.33 -7.63 68.84
CA ILE FB 34 -36.59 -6.75 67.71
C ILE FB 34 -35.30 -6.14 67.17
N ASP FB 35 -34.17 -6.40 67.82
CA ASP FB 35 -32.86 -5.94 67.36
C ASP FB 35 -32.38 -6.65 66.10
N THR FB 36 -33.10 -7.68 65.64
CA THR FB 36 -32.84 -8.27 64.34
C THR FB 36 -33.05 -7.30 63.19
N GLU FB 37 -33.82 -6.22 63.39
CA GLU FB 37 -34.03 -5.27 62.31
C GLU FB 37 -33.71 -3.84 62.71
N ARG FB 38 -33.94 -3.46 63.97
CA ARG FB 38 -33.79 -2.05 64.33
C ARG FB 38 -32.33 -1.66 64.48
N ALA FB 39 -31.47 -2.60 64.89
CA ALA FB 39 -30.03 -2.33 64.90
C ALA FB 39 -29.49 -2.28 63.48
N LYS FB 40 -30.07 -3.07 62.58
CA LYS FB 40 -29.67 -3.07 61.19
C LYS FB 40 -29.98 -1.75 60.49
N LEU FB 41 -31.04 -1.06 60.92
CA LEU FB 41 -31.33 0.26 60.39
C LEU FB 41 -30.30 1.28 60.84
N ILE FB 42 -29.68 1.07 62.01
CA ILE FB 42 -28.64 1.97 62.45
C ILE FB 42 -27.35 1.75 61.66
N ILE FB 43 -27.00 0.49 61.40
CA ILE FB 43 -25.80 0.22 60.61
C ILE FB 43 -26.02 0.50 59.13
N GLU FB 44 -27.27 0.64 58.71
CA GLU FB 44 -27.57 1.04 57.34
C GLU FB 44 -27.19 2.49 57.09
N ASN FB 45 -27.20 3.31 58.14
CA ASN FB 45 -26.80 4.71 58.04
C ASN FB 45 -25.48 5.03 58.70
N LEU FB 46 -25.01 4.22 59.67
CA LEU FB 46 -23.72 4.49 60.29
C LEU FB 46 -22.58 4.24 59.31
N LEU FB 47 -22.79 3.34 58.36
CA LEU FB 47 -21.98 3.26 57.16
C LEU FB 47 -22.91 3.48 55.98
N ILE FB 48 -22.32 3.59 54.78
CA ILE FB 48 -23.10 3.95 53.59
C ILE FB 48 -23.89 2.72 53.14
N GLY FB 49 -25.21 2.81 53.20
CA GLY FB 49 -26.05 1.67 52.94
C GLY FB 49 -26.47 1.49 51.50
N VAL FB 50 -26.11 0.34 50.93
CA VAL FB 50 -26.47 -0.07 49.58
C VAL FB 50 -27.08 -1.46 49.85
N VAL FB 51 -27.28 -2.26 48.79
CA VAL FB 51 -27.96 -3.57 48.88
C VAL FB 51 -27.34 -4.46 49.95
N LYS FB 52 -28.20 -5.26 50.60
CA LYS FB 52 -27.84 -5.91 51.85
C LYS FB 52 -28.43 -7.32 51.87
N ASN FB 53 -27.61 -8.28 52.28
CA ASN FB 53 -28.00 -9.69 52.37
C ASN FB 53 -28.17 -10.06 53.84
N ARG FB 54 -29.35 -10.58 54.18
CA ARG FB 54 -29.62 -10.93 55.57
C ARG FB 54 -28.97 -12.26 55.96
N SER FB 55 -29.00 -13.25 55.06
CA SER FB 55 -28.32 -14.55 55.19
C SER FB 55 -28.76 -15.31 56.44
N GLU FB 56 -30.03 -15.72 56.41
CA GLU FB 56 -30.66 -16.42 57.53
C GLU FB 56 -30.80 -17.93 57.27
N VAL FB 57 -29.77 -18.53 56.67
CA VAL FB 57 -29.85 -19.92 56.22
C VAL FB 57 -29.90 -20.91 57.38
N VAL FB 58 -29.43 -20.52 58.56
CA VAL FB 58 -29.59 -21.37 59.74
C VAL FB 58 -30.58 -20.70 60.69
N LEU FB 59 -31.86 -21.01 60.52
CA LEU FB 59 -32.92 -20.36 61.29
C LEU FB 59 -34.18 -21.21 61.18
N ILE FB 60 -34.74 -21.60 62.33
CA ILE FB 60 -35.97 -22.36 62.35
C ILE FB 60 -36.69 -22.10 63.68
N ASP FB 61 -37.95 -21.64 63.64
CA ASP FB 61 -38.61 -21.02 62.50
C ASP FB 61 -39.36 -19.80 63.05
N ILE FB 62 -39.70 -18.83 62.17
CA ILE FB 62 -40.52 -17.71 62.61
C ILE FB 62 -41.93 -18.21 62.90
N THR FB 63 -42.52 -17.74 64.00
CA THR FB 63 -43.74 -18.37 64.49
C THR FB 63 -45.00 -17.76 63.87
N GLY FB 64 -45.22 -16.48 64.11
CA GLY FB 64 -46.40 -15.83 63.59
C GLY FB 64 -46.16 -14.38 63.22
N VAL FB 65 -44.90 -13.97 63.21
CA VAL FB 65 -44.57 -12.57 62.94
C VAL FB 65 -43.61 -12.44 61.76
N PRO FB 66 -44.09 -12.54 60.51
CA PRO FB 66 -43.27 -12.15 59.37
C PRO FB 66 -43.33 -10.66 59.08
N VAL FB 67 -44.29 -9.93 59.67
CA VAL FB 67 -44.39 -8.49 59.48
C VAL FB 67 -43.31 -7.71 60.23
N VAL FB 68 -42.48 -8.40 61.03
CA VAL FB 68 -41.28 -7.79 61.57
C VAL FB 68 -40.08 -8.18 60.71
N ASP FB 69 -40.21 -9.18 59.85
CA ASP FB 69 -39.11 -9.69 59.05
C ASP FB 69 -39.30 -9.53 57.54
N THR FB 70 -40.54 -9.50 57.05
CA THR FB 70 -40.80 -9.32 55.63
C THR FB 70 -41.40 -7.97 55.29
N MET FB 71 -42.20 -7.40 56.20
CA MET FB 71 -42.68 -6.03 56.00
C MET FB 71 -41.55 -5.03 56.21
N VAL FB 72 -40.48 -5.42 56.91
CA VAL FB 72 -39.32 -4.55 57.04
C VAL FB 72 -38.56 -4.44 55.71
N ALA FB 73 -38.74 -5.40 54.80
CA ALA FB 73 -38.00 -5.38 53.54
C ALA FB 73 -38.48 -4.28 52.60
N HIS FB 74 -39.66 -3.71 52.85
CA HIS FB 74 -40.03 -2.47 52.20
C HIS FB 74 -39.70 -1.26 53.05
N HIS FB 75 -39.56 -1.44 54.36
CA HIS FB 75 -39.17 -0.36 55.25
C HIS FB 75 -37.66 -0.22 55.40
N ILE FB 76 -36.89 -0.96 54.61
CA ILE FB 76 -35.47 -0.69 54.47
C ILE FB 76 -35.22 0.24 53.29
N ILE FB 77 -35.89 -0.02 52.17
CA ILE FB 77 -35.59 0.64 50.91
C ILE FB 77 -35.90 2.13 50.89
N GLN FB 78 -36.62 2.64 51.89
CA GLN FB 78 -36.75 4.09 52.01
C GLN FB 78 -35.42 4.72 52.42
N ALA FB 79 -34.61 4.03 53.22
CA ALA FB 79 -33.34 4.56 53.65
C ALA FB 79 -32.20 4.24 52.70
N SER FB 80 -32.23 3.08 52.03
CA SER FB 80 -31.09 2.61 51.26
C SER FB 80 -31.60 1.79 50.08
N GLU FB 81 -30.74 0.96 49.52
CA GLU FB 81 -31.09 0.10 48.40
C GLU FB 81 -31.88 -1.11 48.90
N ALA FB 82 -32.13 -2.06 48.00
CA ALA FB 82 -33.01 -3.19 48.28
C ALA FB 82 -32.32 -4.20 49.20
N VAL FB 83 -33.06 -5.24 49.58
CA VAL FB 83 -32.56 -6.31 50.43
C VAL FB 83 -32.98 -7.65 49.86
N ARG FB 84 -32.27 -8.70 50.27
CA ARG FB 84 -32.54 -10.04 49.77
C ARG FB 84 -32.55 -11.03 50.93
N LEU FB 85 -33.66 -11.76 51.04
CA LEU FB 85 -33.66 -12.98 51.85
C LEU FB 85 -32.77 -14.01 51.19
N VAL FB 86 -31.85 -14.60 51.95
CA VAL FB 86 -30.85 -15.49 51.39
C VAL FB 86 -31.04 -16.87 51.99
N GLY FB 87 -31.59 -17.79 51.20
CA GLY FB 87 -31.63 -19.19 51.56
C GLY FB 87 -32.55 -19.56 52.70
N CYS FB 88 -33.86 -19.39 52.51
CA CYS FB 88 -34.81 -19.84 53.51
C CYS FB 88 -34.87 -21.37 53.49
N GLN FB 89 -35.15 -21.94 54.65
CA GLN FB 89 -35.27 -23.39 54.72
C GLN FB 89 -36.62 -23.83 54.16
N ALA FB 90 -36.73 -25.14 53.88
CA ALA FB 90 -37.95 -25.66 53.29
C ALA FB 90 -39.10 -25.68 54.29
N MET FB 91 -38.79 -25.89 55.57
CA MET FB 91 -39.81 -25.84 56.60
C MET FB 91 -40.28 -24.41 56.88
N LEU FB 92 -39.41 -23.42 56.64
CA LEU FB 92 -39.79 -22.03 56.91
C LEU FB 92 -40.75 -21.50 55.86
N VAL FB 93 -40.50 -21.80 54.58
CA VAL FB 93 -41.31 -21.25 53.50
C VAL FB 93 -42.71 -21.86 53.42
N GLY FB 94 -42.97 -22.94 54.15
CA GLY FB 94 -44.33 -23.43 54.28
C GLY FB 94 -45.26 -22.47 55.00
N ILE FB 95 -44.70 -21.56 55.79
CA ILE FB 95 -45.48 -20.51 56.44
C ILE FB 95 -45.63 -19.35 55.47
N ARG FB 96 -46.64 -19.42 54.60
CA ARG FB 96 -47.02 -18.32 53.71
C ARG FB 96 -48.53 -18.18 53.72
N PRO FB 97 -49.10 -17.55 54.75
CA PRO FB 97 -50.55 -17.31 54.76
C PRO FB 97 -50.97 -15.99 54.14
N GLU FB 98 -50.10 -15.33 53.39
CA GLU FB 98 -50.43 -14.06 52.74
C GLU FB 98 -49.67 -13.89 51.43
N GLN FB 112 -42.61 -8.40 44.17
CA GLN FB 112 -42.52 -8.61 45.60
C GLN FB 112 -41.04 -8.48 46.01
N ILE FB 113 -40.64 -9.17 47.07
CA ILE FB 113 -39.26 -9.10 47.57
C ILE FB 113 -38.37 -10.01 46.73
N ILE FB 114 -37.06 -9.87 46.89
CA ILE FB 114 -36.08 -10.61 46.09
C ILE FB 114 -35.44 -11.66 46.99
N THR FB 115 -35.25 -12.86 46.45
CA THR FB 115 -34.65 -13.97 47.19
C THR FB 115 -33.54 -14.62 46.37
N THR FB 116 -32.85 -15.57 47.00
CA THR FB 116 -31.64 -16.16 46.42
C THR FB 116 -31.38 -17.48 47.16
N ASN FB 117 -31.14 -18.56 46.40
CA ASN FB 117 -31.01 -19.89 47.00
C ASN FB 117 -29.73 -20.02 47.82
N THR FB 118 -28.58 -19.96 47.17
CA THR FB 118 -27.32 -20.17 47.87
C THR FB 118 -26.82 -18.84 48.41
N MET FB 119 -25.59 -18.82 48.91
CA MET FB 119 -25.03 -17.58 49.43
C MET FB 119 -24.17 -16.85 48.40
N LYS FB 120 -23.40 -17.59 47.59
CA LYS FB 120 -22.52 -16.97 46.63
C LYS FB 120 -23.27 -16.32 45.47
N LYS FB 121 -24.51 -16.73 45.21
CA LYS FB 121 -25.31 -16.05 44.20
C LYS FB 121 -25.76 -14.69 44.71
N GLY FB 122 -25.96 -14.56 46.03
CA GLY FB 122 -26.33 -13.27 46.58
C GLY FB 122 -25.21 -12.26 46.48
N MET FB 123 -23.99 -12.68 46.81
CA MET FB 123 -22.83 -11.80 46.70
C MET FB 123 -22.46 -11.54 45.25
N GLU FB 124 -22.85 -12.42 44.32
CA GLU FB 124 -22.58 -12.18 42.92
C GLU FB 124 -23.45 -11.05 42.37
N ARG FB 125 -24.78 -11.20 42.47
CA ARG FB 125 -25.68 -10.21 41.91
C ARG FB 125 -25.90 -9.01 42.84
N ALA FB 126 -25.27 -8.98 44.01
CA ALA FB 126 -25.18 -7.72 44.74
C ALA FB 126 -24.30 -6.74 43.99
N LEU FB 127 -23.15 -7.21 43.50
CA LEU FB 127 -22.24 -6.37 42.74
C LEU FB 127 -22.81 -6.00 41.37
N ALA FB 128 -23.73 -6.79 40.84
CA ALA FB 128 -24.38 -6.45 39.58
C ALA FB 128 -25.30 -5.24 39.74
N LEU FB 129 -26.01 -5.17 40.87
CA LEU FB 129 -26.87 -4.02 41.12
C LEU FB 129 -26.07 -2.79 41.53
N THR FB 130 -24.84 -2.96 41.98
CA THR FB 130 -23.93 -1.84 42.20
C THR FB 130 -22.95 -1.70 41.05
N ASN FB 131 -23.17 -2.44 39.96
CA ASN FB 131 -22.42 -2.36 38.70
C ASN FB 131 -20.93 -2.65 38.90
N ARG FB 132 -20.66 -3.85 39.43
CA ARG FB 132 -19.30 -4.34 39.60
C ARG FB 132 -19.31 -5.84 39.32
N GLU FB 133 -18.14 -6.37 38.96
CA GLU FB 133 -18.02 -7.77 38.58
C GLU FB 133 -16.69 -8.31 39.10
N ILE FB 134 -16.49 -9.61 38.90
CA ILE FB 134 -15.26 -10.28 39.30
C ILE FB 134 -14.81 -11.21 38.18
N VAL FB 135 -13.59 -11.01 37.68
CA VAL FB 135 -13.00 -11.85 36.64
C VAL FB 135 -11.57 -12.20 37.04
N GLU FB 136 -10.86 -12.87 36.12
CA GLU FB 136 -9.49 -13.37 36.30
C GLU FB 136 -9.39 -14.32 37.50
N GLU GB 1 23.24 -86.45 18.28
CA GLU GB 1 23.74 -85.32 17.51
C GLU GB 1 23.77 -85.63 16.02
N LYS GB 2 22.66 -86.19 15.52
CA LYS GB 2 22.57 -86.57 14.12
C LYS GB 2 22.25 -85.37 13.23
N THR GB 3 21.10 -84.73 13.46
CA THR GB 3 20.67 -83.60 12.64
C THR GB 3 20.45 -82.33 13.46
N VAL GB 4 20.64 -82.37 14.77
CA VAL GB 4 20.46 -81.16 15.57
C VAL GB 4 21.66 -80.23 15.41
N SER GB 5 22.88 -80.78 15.34
CA SER GB 5 24.08 -79.96 15.24
C SER GB 5 24.35 -79.48 13.82
N ILE GB 6 23.53 -79.87 12.85
CA ILE GB 6 23.64 -79.35 11.50
C ILE GB 6 22.48 -78.43 11.15
N GLN GB 7 21.30 -78.64 11.76
CA GLN GB 7 20.22 -77.67 11.65
C GLN GB 7 20.58 -76.37 12.37
N LYS GB 8 21.31 -76.49 13.49
CA LYS GB 8 21.78 -75.31 14.21
C LYS GB 8 22.96 -74.64 13.54
N SER GB 9 23.45 -75.16 12.42
CA SER GB 9 24.33 -74.39 11.56
C SER GB 9 23.54 -73.47 10.64
N ALA GB 10 22.25 -73.78 10.42
CA ALA GB 10 21.35 -72.87 9.72
C ALA GB 10 20.61 -71.97 10.72
N LEU GB 11 21.37 -71.33 11.60
CA LEU GB 11 20.84 -70.40 12.58
C LEU GB 11 21.74 -69.18 12.72
N GLN GB 12 22.20 -68.65 11.59
CA GLN GB 12 22.93 -67.39 11.54
C GLN GB 12 22.12 -66.54 10.57
N GLU GB 13 21.10 -65.90 11.09
CA GLU GB 13 20.03 -65.35 10.26
C GLU GB 13 20.43 -64.01 9.68
N LEU GB 14 19.62 -63.53 8.75
CA LEU GB 14 19.74 -62.19 8.19
C LEU GB 14 18.32 -61.68 7.93
N SER GB 15 17.74 -61.01 8.92
CA SER GB 15 16.43 -60.42 8.73
C SER GB 15 16.55 -59.17 7.87
N ALA GB 16 15.48 -58.86 7.14
CA ALA GB 16 15.50 -57.82 6.11
C ALA GB 16 14.50 -56.72 6.43
N PRO GB 17 14.87 -55.76 7.28
CA PRO GB 17 14.03 -54.57 7.50
C PRO GB 17 14.13 -53.58 6.35
N LEU GB 18 13.75 -52.33 6.63
CA LEU GB 18 14.07 -51.15 5.82
C LEU GB 18 15.54 -51.17 5.38
N LEU GB 19 15.82 -50.58 4.21
CA LEU GB 19 16.92 -50.82 3.27
C LEU GB 19 18.29 -51.18 3.86
N PRO GB 20 18.77 -50.58 5.00
CA PRO GB 20 19.89 -51.22 5.71
C PRO GB 20 19.53 -52.55 6.34
N ILE GB 21 20.07 -53.64 5.80
CA ILE GB 21 19.74 -54.98 6.28
C ILE GB 21 20.61 -55.30 7.48
N PHE GB 22 20.00 -55.60 8.62
CA PHE GB 22 20.75 -55.86 9.84
C PHE GB 22 20.71 -57.34 10.22
N GLU GB 23 21.73 -57.75 10.95
CA GLU GB 23 21.96 -59.14 11.34
C GLU GB 23 21.81 -59.25 12.86
N LYS GB 24 21.72 -60.47 13.37
CA LYS GB 24 21.62 -60.70 14.81
C LYS GB 24 22.42 -61.96 15.14
N ILE GB 25 23.66 -61.76 15.60
CA ILE GB 25 24.56 -62.86 15.94
C ILE GB 25 24.42 -63.12 17.44
N SER GB 26 23.77 -64.23 17.80
CA SER GB 26 23.62 -64.52 19.23
C SER GB 26 24.81 -65.28 19.80
N VAL GB 27 24.93 -66.58 19.49
CA VAL GB 27 26.05 -67.39 19.98
C VAL GB 27 26.48 -68.36 18.88
N MET GB 28 27.57 -68.04 18.17
CA MET GB 28 28.34 -68.98 17.38
C MET GB 28 29.80 -68.51 17.25
N PRO GB 29 30.53 -68.37 18.36
CA PRO GB 29 31.79 -67.63 18.33
C PRO GB 29 33.04 -68.44 17.96
N LEU GB 30 32.93 -69.74 17.71
CA LEU GB 30 34.14 -70.52 17.50
C LEU GB 30 34.62 -70.39 16.05
N ILE GB 31 35.83 -70.92 15.80
CA ILE GB 31 36.45 -70.82 14.49
C ILE GB 31 35.76 -71.71 13.47
N GLY GB 32 35.11 -72.80 13.91
CA GLY GB 32 34.39 -73.67 13.00
C GLY GB 32 33.17 -73.04 12.36
N THR GB 33 32.65 -71.95 12.94
CA THR GB 33 31.56 -71.19 12.33
C THR GB 33 32.15 -70.04 11.51
N ILE GB 34 32.73 -70.43 10.38
CA ILE GB 34 33.23 -69.45 9.42
C ILE GB 34 32.07 -68.83 8.65
N ASP GB 35 30.94 -69.55 8.57
CA ASP GB 35 29.80 -69.18 7.72
C ASP GB 35 28.99 -68.00 8.26
N THR GB 36 29.35 -67.41 9.40
CA THR GB 36 28.65 -66.22 9.86
C THR GB 36 28.85 -65.02 8.95
N GLU GB 37 29.92 -65.01 8.16
CA GLU GB 37 30.09 -64.03 7.09
C GLU GB 37 29.84 -64.61 5.71
N ARG GB 38 30.07 -65.92 5.53
CA ARG GB 38 29.81 -66.54 4.23
C ARG GB 38 28.32 -66.61 3.93
N ALA GB 39 27.50 -66.86 4.94
CA ALA GB 39 26.05 -66.75 4.77
C ALA GB 39 25.57 -65.32 4.99
N LYS GB 40 26.47 -64.34 4.98
CA LYS GB 40 26.12 -62.93 4.87
C LYS GB 40 26.46 -62.36 3.51
N LEU GB 41 27.71 -62.52 3.07
CA LEU GB 41 28.18 -61.91 1.83
C LEU GB 41 27.53 -62.52 0.60
N ILE GB 42 27.12 -63.79 0.68
CA ILE GB 42 26.43 -64.43 -0.44
C ILE GB 42 25.03 -63.85 -0.58
N ILE GB 43 24.35 -63.66 0.54
CA ILE GB 43 22.94 -63.24 0.55
C ILE GB 43 22.89 -61.72 0.69
N GLU GB 44 24.07 -61.08 0.70
CA GLU GB 44 24.12 -59.62 0.74
C GLU GB 44 23.59 -59.01 -0.55
N ASN GB 45 24.23 -59.34 -1.67
CA ASN GB 45 23.81 -58.84 -2.97
C ASN GB 45 22.57 -59.53 -3.51
N LEU GB 46 22.08 -60.58 -2.85
CA LEU GB 46 20.90 -61.31 -3.32
C LEU GB 46 19.67 -60.41 -3.29
N LEU GB 47 19.36 -59.86 -2.13
CA LEU GB 47 18.43 -58.75 -2.11
C LEU GB 47 19.19 -57.46 -2.37
N ILE GB 48 18.44 -56.36 -2.52
CA ILE GB 48 19.05 -55.06 -2.74
C ILE GB 48 19.73 -54.62 -1.44
N GLY GB 49 21.05 -54.50 -1.47
CA GLY GB 49 21.81 -54.35 -0.26
C GLY GB 49 22.56 -53.05 -0.11
N VAL GB 50 22.43 -52.44 1.06
CA VAL GB 50 23.20 -51.26 1.46
C VAL GB 50 23.74 -51.61 2.84
N VAL GB 51 24.36 -50.64 3.53
CA VAL GB 51 25.06 -50.73 4.81
C VAL GB 51 24.39 -51.64 5.85
N LYS GB 52 25.17 -52.58 6.39
CA LYS GB 52 24.65 -53.70 7.16
C LYS GB 52 25.21 -53.69 8.58
N ASN GB 53 24.32 -53.76 9.56
CA ASN GB 53 24.75 -53.92 10.94
C ASN GB 53 25.18 -55.37 11.20
N ARG GB 54 25.66 -55.61 12.41
CA ARG GB 54 25.93 -56.98 12.85
C ARG GB 54 25.18 -57.33 14.12
N SER GB 55 25.15 -56.40 15.10
CA SER GB 55 24.38 -56.50 16.34
C SER GB 55 24.72 -57.78 17.13
N GLU GB 56 25.97 -57.84 17.58
CA GLU GB 56 26.46 -58.94 18.41
C GLU GB 56 26.43 -58.59 19.89
N VAL GB 57 25.41 -57.82 20.31
CA VAL GB 57 25.37 -57.20 21.63
C VAL GB 57 25.25 -58.21 22.76
N VAL GB 58 24.82 -59.44 22.47
CA VAL GB 58 24.87 -60.50 23.47
C VAL GB 58 25.69 -61.67 22.94
N LEU GB 59 26.98 -61.62 23.21
CA LEU GB 59 27.95 -62.59 22.69
C LEU GB 59 29.23 -62.47 23.48
N ILE GB 60 29.68 -63.57 24.06
CA ILE GB 60 30.96 -63.60 24.76
C ILE GB 60 31.59 -64.99 24.67
N ASP GB 61 32.78 -65.11 24.09
CA ASP GB 61 33.51 -64.06 23.37
C ASP GB 61 34.18 -64.67 22.14
N ILE GB 62 34.69 -63.84 21.23
CA ILE GB 62 35.57 -64.36 20.20
C ILE GB 62 36.91 -64.70 20.84
N THR GB 63 37.46 -65.86 20.47
CA THR GB 63 38.56 -66.42 21.27
C THR GB 63 39.90 -65.78 20.93
N GLY GB 64 40.39 -66.00 19.72
CA GLY GB 64 41.66 -65.45 19.32
C GLY GB 64 41.69 -65.13 17.85
N VAL GB 65 40.56 -65.26 17.18
CA VAL GB 65 40.51 -65.10 15.73
C VAL GB 65 39.41 -64.11 15.34
N PRO GB 66 39.72 -62.81 15.34
CA PRO GB 66 38.84 -61.83 14.70
C PRO GB 66 39.10 -61.65 13.21
N VAL GB 67 39.99 -62.47 12.64
CA VAL GB 67 40.23 -62.48 11.20
C VAL GB 67 38.95 -62.83 10.44
N VAL GB 68 38.18 -63.77 10.96
CA VAL GB 68 36.91 -64.12 10.33
C VAL GB 68 35.83 -63.09 10.66
N ASP GB 69 36.04 -62.24 11.67
CA ASP GB 69 35.00 -61.31 12.10
C ASP GB 69 35.29 -59.86 11.73
N THR GB 70 36.44 -59.33 12.16
CA THR GB 70 36.70 -57.90 11.97
C THR GB 70 37.65 -57.57 10.83
N MET GB 71 38.38 -58.56 10.30
CA MET GB 71 39.14 -58.30 9.08
C MET GB 71 38.19 -58.26 7.89
N VAL GB 72 37.19 -59.13 7.88
CA VAL GB 72 36.21 -59.17 6.81
C VAL GB 72 35.24 -57.98 6.85
N ALA GB 73 35.27 -57.17 7.91
CA ALA GB 73 34.48 -55.95 7.94
C ALA GB 73 34.97 -54.95 6.90
N HIS GB 74 36.25 -55.01 6.52
CA HIS GB 74 36.74 -54.29 5.37
C HIS GB 74 36.33 -54.96 4.05
N HIS GB 75 35.85 -56.20 4.08
CA HIS GB 75 35.47 -56.88 2.86
C HIS GB 75 34.00 -56.71 2.50
N ILE GB 76 33.17 -56.15 3.38
CA ILE GB 76 31.83 -55.78 2.92
C ILE GB 76 31.82 -54.29 2.55
N ILE GB 77 32.97 -53.68 2.32
CA ILE GB 77 32.97 -52.44 1.57
C ILE GB 77 32.94 -52.75 0.08
N GLN GB 78 33.23 -54.00 -0.28
CA GLN GB 78 33.30 -54.38 -1.69
C GLN GB 78 31.92 -54.51 -2.30
N ALA GB 79 31.11 -55.45 -1.80
CA ALA GB 79 29.78 -55.66 -2.36
C ALA GB 79 28.80 -54.61 -1.84
N SER GB 80 28.79 -54.39 -0.54
CA SER GB 80 27.89 -53.47 0.15
C SER GB 80 28.69 -52.26 0.63
N GLU GB 81 28.06 -51.45 1.46
CA GLU GB 81 28.70 -50.25 1.97
C GLU GB 81 29.20 -50.48 3.40
N ALA GB 82 29.68 -49.39 4.01
CA ALA GB 82 30.54 -49.46 5.20
C ALA GB 82 29.76 -49.94 6.42
N VAL GB 83 30.04 -51.19 6.82
CA VAL GB 83 29.29 -51.85 7.88
C VAL GB 83 29.65 -51.26 9.24
N ARG GB 84 28.73 -51.39 10.18
CA ARG GB 84 28.93 -50.99 11.56
C ARG GB 84 29.20 -52.21 12.42
N LEU GB 85 29.32 -51.98 13.73
CA LEU GB 85 29.55 -53.06 14.68
C LEU GB 85 28.93 -52.62 16.00
N VAL GB 86 27.74 -53.14 16.29
CA VAL GB 86 26.86 -52.55 17.29
C VAL GB 86 27.07 -53.22 18.64
N GLY GB 87 27.47 -52.43 19.63
CA GLY GB 87 27.41 -52.81 21.03
C GLY GB 87 28.31 -53.96 21.46
N CYS GB 88 29.62 -53.77 21.43
CA CYS GB 88 30.52 -54.77 21.97
C CYS GB 88 30.39 -54.81 23.49
N GLN GB 89 30.58 -56.01 24.05
CA GLN GB 89 30.57 -56.13 25.49
C GLN GB 89 31.89 -55.64 26.07
N ALA GB 90 31.89 -55.43 27.40
CA ALA GB 90 33.08 -54.90 28.06
C ALA GB 90 34.20 -55.92 28.11
N MET GB 91 33.87 -57.20 28.25
CA MET GB 91 34.89 -58.25 28.22
C MET GB 91 35.39 -58.52 26.82
N LEU GB 92 34.65 -58.11 25.80
CA LEU GB 92 35.05 -58.37 24.42
C LEU GB 92 36.11 -57.38 23.96
N VAL GB 93 35.92 -56.10 24.28
CA VAL GB 93 36.88 -55.07 23.86
C VAL GB 93 38.17 -55.10 24.65
N GLY GB 94 38.22 -55.85 25.76
CA GLY GB 94 39.49 -56.06 26.43
C GLY GB 94 40.45 -56.92 25.62
N ILE GB 95 39.94 -57.72 24.69
CA ILE GB 95 40.77 -58.64 23.91
C ILE GB 95 41.26 -57.84 22.70
N ARG GB 96 42.35 -57.10 22.90
CA ARG GB 96 42.98 -56.32 21.84
C ARG GB 96 44.49 -56.50 21.88
N PRO GB 97 45.01 -57.58 21.27
CA PRO GB 97 46.44 -57.59 20.97
C PRO GB 97 46.78 -56.61 19.87
N GLU GB 98 45.94 -56.54 18.84
CA GLU GB 98 46.05 -55.55 17.79
C GLU GB 98 45.24 -54.31 18.17
N GLN GB 112 39.21 -46.67 11.28
CA GLN GB 112 39.03 -48.11 11.36
C GLN GB 112 37.63 -48.49 10.87
N ILE GB 113 36.78 -48.94 11.79
CA ILE GB 113 35.41 -49.33 11.48
C ILE GB 113 34.46 -48.57 12.40
N ILE GB 114 33.28 -48.26 11.89
CA ILE GB 114 32.29 -47.52 12.65
C ILE GB 114 31.64 -48.46 13.65
N THR GB 115 31.44 -47.97 14.88
CA THR GB 115 30.76 -48.77 15.89
C THR GB 115 29.71 -47.91 16.58
N THR GB 116 28.86 -48.57 17.36
CA THR GB 116 27.73 -47.91 18.01
C THR GB 116 27.52 -48.56 19.37
N ASN GB 117 27.09 -47.77 20.35
CA ASN GB 117 26.95 -48.26 21.72
C ASN GB 117 25.77 -49.21 21.86
N THR GB 118 24.64 -48.91 21.23
CA THR GB 118 23.43 -49.71 21.39
C THR GB 118 22.74 -49.90 20.06
N MET GB 119 21.67 -50.69 20.08
CA MET GB 119 21.05 -51.17 18.85
C MET GB 119 20.20 -50.10 18.18
N LYS GB 120 19.47 -49.30 18.97
CA LYS GB 120 18.62 -48.28 18.37
C LYS GB 120 19.41 -47.08 17.88
N LYS GB 121 20.59 -46.83 18.45
CA LYS GB 121 21.42 -45.72 18.00
C LYS GB 121 22.11 -46.03 16.69
N GLY GB 122 22.30 -47.31 16.36
CA GLY GB 122 22.82 -47.66 15.05
C GLY GB 122 21.86 -47.33 13.94
N MET GB 123 20.56 -47.56 14.18
CA MET GB 123 19.55 -47.15 13.22
C MET GB 123 19.34 -45.64 13.21
N GLU GB 124 19.81 -44.93 14.23
CA GLU GB 124 19.75 -43.48 14.21
C GLU GB 124 20.78 -42.91 13.24
N ARG GB 125 21.92 -43.57 13.08
CA ARG GB 125 22.94 -43.15 12.13
C ARG GB 125 22.97 -44.02 10.88
N ALA GB 126 22.13 -45.05 10.82
CA ALA GB 126 21.92 -45.75 9.55
C ALA GB 126 21.26 -44.84 8.53
N LEU GB 127 20.20 -44.15 8.95
CA LEU GB 127 19.47 -43.25 8.07
C LEU GB 127 20.18 -41.92 7.88
N ALA GB 128 21.16 -41.61 8.73
CA ALA GB 128 22.00 -40.44 8.48
C ALA GB 128 22.96 -40.69 7.32
N LEU GB 129 23.33 -41.94 7.09
CA LEU GB 129 24.16 -42.29 5.93
C LEU GB 129 23.36 -42.14 4.63
N THR GB 130 22.20 -42.80 4.56
CA THR GB 130 21.38 -42.80 3.36
C THR GB 130 20.36 -41.65 3.33
N ASN GB 131 20.57 -40.62 4.17
CA ASN GB 131 19.82 -39.37 4.17
C ASN GB 131 18.33 -39.59 4.42
N ARG GB 132 18.01 -40.10 5.61
CA ARG GB 132 16.64 -40.16 6.09
C ARG GB 132 16.63 -39.79 7.57
N GLU GB 133 15.43 -39.47 8.08
CA GLU GB 133 15.25 -39.07 9.46
C GLU GB 133 13.99 -39.74 10.01
N ILE GB 134 13.71 -39.48 11.29
CA ILE GB 134 12.51 -39.96 11.95
C ILE GB 134 11.65 -38.74 12.29
N VAL GB 135 10.57 -38.56 11.55
CA VAL GB 135 9.74 -37.36 11.66
C VAL GB 135 8.41 -37.80 12.29
N GLU GB 136 7.67 -36.82 12.83
CA GLU GB 136 6.33 -36.98 13.41
C GLU GB 136 6.34 -37.92 14.61
N GLU HB 1 28.93 -83.85 26.23
CA GLU HB 1 28.32 -84.65 25.18
C GLU HB 1 27.11 -83.95 24.57
N LYS HB 2 26.17 -83.57 25.42
CA LYS HB 2 24.90 -83.00 24.98
C LYS HB 2 24.84 -81.48 25.17
N THR HB 3 25.94 -80.79 24.89
CA THR HB 3 25.94 -79.33 24.88
C THR HB 3 25.29 -78.74 23.63
N VAL HB 4 24.81 -79.58 22.71
CA VAL HB 4 24.05 -79.09 21.57
C VAL HB 4 22.64 -78.68 21.99
N SER HB 5 22.05 -79.44 22.92
CA SER HB 5 20.68 -79.16 23.34
C SER HB 5 20.58 -77.90 24.18
N ILE HB 6 21.65 -77.57 24.91
CA ILE HB 6 21.75 -76.25 25.53
C ILE HB 6 22.30 -75.29 24.46
N GLN HB 7 21.87 -74.03 24.55
CA GLN HB 7 21.98 -73.04 23.47
C GLN HB 7 21.39 -73.58 22.17
N LYS HB 8 20.25 -74.24 22.27
CA LYS HB 8 19.33 -74.46 21.17
C LYS HB 8 18.01 -73.74 21.44
N SER HB 9 17.66 -73.62 22.72
CA SER HB 9 16.48 -72.87 23.12
C SER HB 9 16.69 -71.37 22.93
N ALA HB 10 17.82 -70.85 23.39
CA ALA HB 10 18.06 -69.40 23.43
C ALA HB 10 18.67 -68.89 22.13
N LEU HB 11 17.95 -69.12 21.04
CA LEU HB 11 18.25 -68.52 19.74
C LEU HB 11 16.99 -67.90 19.16
N GLN HB 12 16.28 -67.13 19.99
CA GLN HB 12 15.13 -66.34 19.59
C GLN HB 12 15.44 -64.91 20.04
N GLU HB 13 16.12 -64.17 19.17
CA GLU HB 13 16.66 -62.87 19.56
C GLU HB 13 15.56 -61.82 19.63
N LEU HB 14 15.83 -60.75 20.38
CA LEU HB 14 14.88 -59.65 20.56
C LEU HB 14 15.58 -58.32 20.41
N SER HB 15 16.32 -58.14 19.31
CA SER HB 15 16.97 -56.87 19.01
C SER HB 15 15.94 -55.75 18.87
N ALA HB 16 16.34 -54.54 19.28
CA ALA HB 16 15.47 -53.36 19.28
C ALA HB 16 15.92 -52.37 18.21
N PRO HB 17 15.36 -52.46 16.98
CA PRO HB 17 15.88 -51.64 15.88
C PRO HB 17 15.58 -50.15 15.98
N LEU HB 18 14.32 -49.79 16.15
CA LEU HB 18 13.90 -48.39 16.21
C LEU HB 18 13.02 -48.15 17.43
N LEU HB 19 13.11 -49.07 18.40
CA LEU HB 19 12.31 -49.34 19.60
C LEU HB 19 10.81 -49.56 19.42
N PRO HB 20 10.29 -50.33 18.41
CA PRO HB 20 9.12 -51.12 18.75
C PRO HB 20 9.51 -52.37 19.51
N ILE HB 21 9.97 -53.39 18.76
CA ILE HB 21 10.88 -54.50 19.06
C ILE HB 21 10.99 -55.27 17.75
N PHE HB 22 12.05 -56.05 17.56
CA PHE HB 22 12.08 -56.98 16.46
C PHE HB 22 12.32 -58.40 16.96
N GLU HB 23 12.05 -59.36 16.08
CA GLU HB 23 12.25 -60.78 16.36
C GLU HB 23 12.41 -61.50 15.03
N LYS HB 24 12.96 -62.71 15.09
CA LYS HB 24 13.02 -63.59 13.92
C LYS HB 24 13.10 -65.03 14.39
N ILE HB 25 12.39 -65.91 13.70
CA ILE HB 25 12.35 -67.33 14.02
C ILE HB 25 12.81 -68.11 12.79
N SER HB 26 13.50 -69.22 13.02
CA SER HB 26 13.90 -70.17 12.00
C SER HB 26 12.98 -71.38 12.09
N VAL HB 27 13.31 -72.42 11.33
CA VAL HB 27 12.41 -73.58 11.23
C VAL HB 27 12.65 -74.52 12.40
N MET HB 28 12.01 -74.22 13.52
CA MET HB 28 11.91 -75.13 14.66
C MET HB 28 10.61 -74.97 15.45
N PRO HB 29 9.43 -75.00 14.79
CA PRO HB 29 8.21 -74.64 15.52
C PRO HB 29 7.54 -75.81 16.20
N LEU HB 30 8.32 -76.64 16.90
CA LEU HB 30 7.74 -77.80 17.55
C LEU HB 30 7.16 -77.42 18.92
N ILE HB 31 6.31 -78.31 19.44
CA ILE HB 31 5.57 -78.04 20.66
C ILE HB 31 6.48 -78.01 21.89
N GLY HB 32 7.66 -78.64 21.80
CA GLY HB 32 8.62 -78.57 22.89
C GLY HB 32 9.22 -77.19 23.12
N THR HB 33 9.17 -76.33 22.11
CA THR HB 33 9.69 -74.96 22.23
C THR HB 33 8.51 -74.04 22.57
N ILE HB 34 8.09 -74.08 23.83
CA ILE HB 34 7.16 -73.08 24.36
C ILE HB 34 7.84 -71.76 24.64
N ASP HB 35 9.17 -71.73 24.60
CA ASP HB 35 9.95 -70.50 24.77
C ASP HB 35 9.97 -69.63 23.53
N THR HB 36 9.25 -70.01 22.47
CA THR HB 36 9.05 -69.12 21.33
C THR HB 36 8.17 -67.94 21.67
N GLU HB 37 7.40 -68.01 22.76
CA GLU HB 37 6.53 -66.91 23.17
C GLU HB 37 6.78 -66.50 24.61
N ARG HB 38 7.14 -67.45 25.48
CA ARG HB 38 7.36 -67.08 26.86
C ARG HB 38 8.73 -66.48 27.11
N ALA HB 39 9.63 -66.53 26.14
CA ALA HB 39 10.89 -65.80 26.23
C ALA HB 39 10.86 -64.50 25.45
N LYS HB 40 9.83 -64.26 24.65
CA LYS HB 40 9.59 -62.95 24.07
C LYS HB 40 8.67 -62.10 24.92
N LEU HB 41 7.99 -62.71 25.90
CA LEU HB 41 7.05 -61.99 26.73
C LEU HB 41 7.72 -61.47 28.00
N ILE HB 42 8.68 -62.23 28.55
CA ILE HB 42 9.42 -61.80 29.73
C ILE HB 42 10.31 -60.61 29.42
N ILE HB 43 10.69 -60.43 28.17
CA ILE HB 43 11.48 -59.28 27.76
C ILE HB 43 10.59 -58.15 27.25
N GLU HB 44 9.32 -58.44 26.90
CA GLU HB 44 8.44 -57.45 26.30
C GLU HB 44 8.08 -56.36 27.29
N ASN HB 45 7.81 -56.72 28.54
CA ASN HB 45 7.61 -55.72 29.57
C ASN HB 45 8.91 -55.12 30.07
N LEU HB 46 10.04 -55.77 29.81
CA LEU HB 46 11.33 -55.25 30.28
C LEU HB 46 11.71 -54.00 29.49
N LEU HB 47 11.74 -54.11 28.18
CA LEU HB 47 11.94 -52.95 27.32
C LEU HB 47 10.58 -52.33 26.99
N ILE HB 48 10.53 -51.44 26.01
CA ILE HB 48 9.31 -50.68 25.71
C ILE HB 48 8.25 -51.60 25.10
N GLY HB 49 6.99 -51.35 25.46
CA GLY HB 49 5.90 -52.24 25.15
C GLY HB 49 5.19 -52.04 23.83
N VAL HB 50 5.69 -51.20 22.95
CA VAL HB 50 5.02 -50.95 21.68
C VAL HB 50 5.27 -52.14 20.74
N VAL HB 51 4.59 -52.12 19.59
CA VAL HB 51 4.27 -53.24 18.69
C VAL HB 51 5.41 -54.21 18.42
N LYS HB 52 5.11 -55.51 18.41
CA LYS HB 52 6.10 -56.53 18.15
C LYS HB 52 6.03 -57.00 16.71
N ASN HB 53 7.19 -57.35 16.14
CA ASN HB 53 7.28 -57.95 14.82
C ASN HB 53 7.96 -59.30 14.96
N ARG HB 54 7.24 -60.36 14.59
CA ARG HB 54 7.77 -61.70 14.78
C ARG HB 54 8.66 -62.15 13.62
N SER HB 55 8.23 -61.89 12.39
CA SER HB 55 9.00 -62.10 11.15
C SER HB 55 9.45 -63.55 11.01
N GLU HB 56 8.45 -64.42 10.85
CA GLU HB 56 8.67 -65.86 10.76
C GLU HB 56 8.69 -66.32 9.31
N VAL HB 57 9.32 -65.51 8.44
CA VAL HB 57 9.32 -65.74 7.00
C VAL HB 57 10.05 -67.02 6.59
N VAL HB 58 10.95 -67.53 7.41
CA VAL HB 58 11.56 -68.85 7.19
C VAL HB 58 11.10 -69.72 8.35
N LEU HB 59 9.96 -70.38 8.17
CA LEU HB 59 9.44 -71.36 9.12
C LEU HB 59 8.47 -72.23 8.34
N ILE HB 60 8.93 -73.41 7.89
CA ILE HB 60 8.14 -74.30 7.06
C ILE HB 60 8.24 -75.69 7.68
N ASP HB 61 7.22 -76.11 8.44
CA ASP HB 61 6.02 -75.34 8.79
C ASP HB 61 5.63 -75.70 10.22
N ILE HB 62 4.66 -75.01 10.80
CA ILE HB 62 4.16 -75.41 12.11
C ILE HB 62 3.35 -76.70 11.93
N THR HB 63 3.36 -77.55 12.97
CA THR HB 63 2.90 -78.92 12.77
C THR HB 63 1.38 -79.02 12.85
N GLY HB 64 0.83 -78.87 14.05
CA GLY HB 64 -0.61 -78.85 14.19
C GLY HB 64 -1.07 -78.00 15.36
N VAL HB 65 -0.14 -77.33 16.03
CA VAL HB 65 -0.46 -76.57 17.24
C VAL HB 65 -0.10 -75.11 17.03
N PRO HB 66 -0.97 -74.29 16.45
CA PRO HB 66 -0.77 -72.85 16.45
C PRO HB 66 -1.41 -72.15 17.64
N VAL HB 67 -2.02 -72.91 18.56
CA VAL HB 67 -2.70 -72.32 19.71
C VAL HB 67 -1.72 -72.02 20.83
N VAL HB 68 -0.42 -72.25 20.61
CA VAL HB 68 0.62 -71.63 21.41
C VAL HB 68 1.24 -70.45 20.67
N ASP HB 69 1.02 -70.35 19.36
CA ASP HB 69 1.59 -69.27 18.55
C ASP HB 69 0.57 -68.24 18.10
N THR HB 70 -0.72 -68.57 18.06
CA THR HB 70 -1.77 -67.61 17.69
C THR HB 70 -2.73 -67.34 18.83
N MET HB 71 -2.51 -67.91 20.01
CA MET HB 71 -3.17 -67.42 21.21
C MET HB 71 -2.41 -66.29 21.84
N VAL HB 72 -1.09 -66.24 21.64
CA VAL HB 72 -0.31 -65.12 22.16
C VAL HB 72 -0.56 -63.84 21.38
N ALA HB 73 -0.99 -63.93 20.12
CA ALA HB 73 -1.33 -62.72 19.38
C ALA HB 73 -2.57 -62.05 19.93
N HIS HB 74 -3.45 -62.82 20.55
CA HIS HB 74 -4.53 -62.28 21.38
C HIS HB 74 -4.12 -62.17 22.84
N HIS HB 75 -2.83 -62.27 23.15
CA HIS HB 75 -2.36 -62.17 24.52
C HIS HB 75 -1.19 -61.21 24.71
N ILE HB 76 -0.60 -60.69 23.64
CA ILE HB 76 0.23 -59.50 23.73
C ILE HB 76 -0.61 -58.24 23.50
N ILE HB 77 -1.93 -58.38 23.49
CA ILE HB 77 -2.75 -57.23 23.85
C ILE HB 77 -2.48 -56.90 25.32
N GLN HB 78 -2.31 -57.92 26.17
CA GLN HB 78 -1.88 -57.70 27.54
C GLN HB 78 -0.43 -57.21 27.57
N ALA HB 79 -0.16 -56.28 28.49
CA ALA HB 79 1.16 -55.74 28.82
C ALA HB 79 1.84 -55.00 27.68
N SER HB 80 1.15 -54.77 26.56
CA SER HB 80 1.78 -54.14 25.41
C SER HB 80 0.88 -53.17 24.66
N GLU HB 81 -0.31 -52.86 25.18
CA GLU HB 81 -1.20 -51.95 24.48
C GLU HB 81 -1.15 -50.54 25.07
N ALA HB 82 1.12 -53.69 21.39
CA ALA HB 82 0.20 -54.45 20.55
C ALA HB 82 0.95 -55.45 19.70
N VAL HB 83 0.21 -56.25 18.94
CA VAL HB 83 0.79 -57.14 17.94
C VAL HB 83 -0.06 -57.06 16.69
N ARG HB 84 2.78 -57.56 15.21
CA ARG HB 84 2.10 -58.14 14.06
C ARG HB 84 2.58 -59.56 13.80
N LEU HB 85 2.45 -60.01 12.56
CA LEU HB 85 2.85 -61.36 12.16
C LEU HB 85 3.23 -61.28 10.69
N VAL HB 86 4.52 -61.35 10.41
CA VAL HB 86 5.07 -60.87 9.15
C VAL HB 86 5.45 -62.06 8.27
N GLY HB 87 4.80 -62.15 7.12
CA GLY HB 87 5.24 -63.03 6.05
C GLY HB 87 5.08 -64.53 6.28
N CYS HB 88 3.85 -65.01 6.31
CA CYS HB 88 3.62 -66.44 6.40
C CYS HB 88 3.91 -67.12 5.06
N GLN HB 89 3.93 -68.44 5.07
CA GLN HB 89 4.16 -69.22 3.86
C GLN HB 89 2.86 -69.84 3.37
N ALA HB 90 2.93 -70.49 2.20
CA ALA HB 90 1.72 -71.00 1.58
C ALA HB 90 1.29 -72.32 2.19
N MET HB 91 2.22 -73.25 2.39
CA MET HB 91 1.91 -74.48 3.10
C MET HB 91 1.72 -74.24 4.59
N LEU HB 92 2.24 -73.11 5.11
CA LEU HB 92 1.99 -72.75 6.49
C LEU HB 92 0.54 -72.32 6.70
N VAL HB 93 0.04 -71.43 5.81
CA VAL HB 93 -1.37 -71.06 5.86
C VAL HB 93 -2.28 -72.10 5.23
N GLY HB 94 -1.71 -73.16 4.64
CA GLY HB 94 -2.52 -74.32 4.32
C GLY HB 94 -3.09 -74.99 5.55
N ILE HB 95 -2.43 -74.84 6.70
CA ILE HB 95 -2.98 -75.29 7.97
C ILE HB 95 -3.95 -74.25 8.47
N ARG HB 96 -5.22 -74.38 8.09
CA ARG HB 96 -6.31 -73.58 8.65
C ARG HB 96 -7.52 -74.48 8.87
N PRO HB 97 -7.53 -75.25 9.96
CA PRO HB 97 -8.77 -75.94 10.33
C PRO HB 97 -9.82 -74.98 10.85
N GLU HB 98 -9.41 -73.89 11.49
CA GLU HB 98 -10.33 -72.87 11.98
C GLU HB 98 -10.39 -71.70 11.00
N GLN HB 112 -9.40 -59.37 13.93
CA GLN HB 112 -8.47 -60.39 14.40
C GLN HB 112 -7.12 -59.76 14.74
N ILE HB 113 -6.06 -60.29 14.14
CA ILE HB 113 -4.70 -59.80 14.36
C ILE HB 113 -4.18 -59.21 13.05
N ILE HB 114 -3.06 -58.51 13.15
CA ILE HB 114 -2.50 -57.78 12.02
C ILE HB 114 -1.40 -58.63 11.37
N THR HB 115 -1.41 -58.67 10.04
CA THR HB 115 -0.39 -59.39 9.28
C THR HB 115 0.08 -58.52 8.11
N THR HB 116 1.25 -58.84 7.59
CA THR HB 116 1.88 -58.04 6.55
C THR HB 116 2.70 -58.98 5.66
N ASN HB 117 2.87 -58.59 4.40
CA ASN HB 117 3.65 -59.37 3.45
C ASN HB 117 5.13 -59.44 3.83
N THR HB 118 5.74 -58.28 4.09
CA THR HB 118 7.17 -58.26 4.37
C THR HB 118 7.47 -57.18 5.41
N MET HB 119 8.74 -57.17 5.85
CA MET HB 119 9.13 -56.31 6.96
C MET HB 119 9.20 -54.84 6.55
N LYS HB 120 9.68 -54.55 5.34
CA LYS HB 120 9.78 -53.17 4.90
C LYS HB 120 8.43 -52.54 4.58
N LYS HB 121 7.37 -53.35 4.46
CA LYS HB 121 6.00 -52.85 4.53
C LYS HB 121 5.40 -53.03 5.91
N GLY HB 122 5.97 -53.92 6.73
CA GLY HB 122 5.56 -54.00 8.12
C GLY HB 122 6.02 -52.80 8.91
N MET HB 123 7.27 -52.38 8.70
CA MET HB 123 7.86 -51.28 9.46
C MET HB 123 7.24 -49.93 9.12
N GLU HB 124 6.53 -49.83 8.00
CA GLU HB 124 5.79 -48.60 7.71
C GLU HB 124 4.63 -48.43 8.66
N ARG HB 125 3.70 -49.40 8.68
CA ARG HB 125 2.56 -49.32 9.57
C ARG HB 125 2.90 -49.65 11.01
N ALA HB 126 4.08 -50.23 11.28
CA ALA HB 126 4.53 -50.33 12.66
C ALA HB 126 4.86 -48.97 13.24
N LEU HB 127 5.36 -48.05 12.41
CA LEU HB 127 5.59 -46.69 12.85
C LEU HB 127 4.33 -45.84 12.78
N ALA HB 128 3.24 -46.36 12.21
CA ALA HB 128 1.97 -45.66 12.29
C ALA HB 128 1.38 -45.75 13.69
N LEU HB 129 1.55 -46.90 14.36
CA LEU HB 129 1.02 -47.06 15.71
C LEU HB 129 1.84 -46.27 16.72
N THR HB 130 3.15 -46.18 16.51
CA THR HB 130 3.97 -45.29 17.32
C THR HB 130 4.01 -43.87 16.78
N ASN HB 131 3.24 -43.59 15.71
CA ASN HB 131 2.93 -42.25 15.23
C ASN HB 131 4.18 -41.51 14.75
N ARG HB 132 4.92 -42.16 13.86
CA ARG HB 132 6.16 -41.59 13.34
C ARG HB 132 6.29 -41.92 11.86
N GLU HB 133 7.03 -41.08 11.15
CA GLU HB 133 7.26 -41.24 9.72
C GLU HB 133 8.72 -41.55 9.43
N ILE HB 134 8.95 -42.11 8.25
CA ILE HB 134 10.28 -42.31 7.69
C ILE HB 134 10.27 -41.74 6.28
N VAL HB 135 10.79 -40.53 6.13
CA VAL HB 135 10.74 -39.77 4.88
C VAL HB 135 12.12 -39.17 4.61
N GLU HB 136 12.18 -38.38 3.53
CA GLU HB 136 13.38 -37.72 3.01
C GLU HB 136 14.52 -38.71 2.72
#